data_5NSM
#
_entry.id   5NSM
#
_cell.length_a   87.368
_cell.length_b   143.760
_cell.length_c   270.085
_cell.angle_alpha   90.00
_cell.angle_beta   95.47
_cell.angle_gamma   90.00
#
_symmetry.space_group_name_H-M   'P 1 21 1'
#
loop_
_entity.id
_entity.type
_entity.pdbx_description
1 polymer 'Aminopeptidase, putative'
2 non-polymer 'BICARBONATE ION'
3 non-polymer 'MANGANESE (II) ION'
4 water water
#
_entity_poly.entity_id   1
_entity_poly.type   'polypeptide(L)'
_entity_poly.pdbx_seq_one_letter_code
;MPTLPKAEAKELSAFVQSCVEYKTNVCFTDVAAYESNQKGVLSSGLAVLVGTHKQLRDPAVQRLPFYNPAVAEAIERVKE
GGTYGVLVEGLANAAGSKFVRVVVGEVPTKASRNNCPARPDVVTALVTAALDEVKEPNTTVDVFVLSNAVLPIAAAVARC
GKHNFSAKDGAAAAAYNSGKVSRLQVVFPEPPAIPPKDLEAVATSTQLCQRLVDAPPNLLTTATFTEIAQGYAKALGFDV
DVICGDDLCERGYGGIYSVGKAAFEAPRLVTLLYTPKGTPVKKVSLVGKGIVYDCGGLALKPADYMKLMKHDMGGAAAVF
CGFLTAVRLQQPVQLSCTLCLAENAIGPKSYRNDDIIVMKSGKTVEVINTDAEGRIVLGDGVFHATNELSFTPDVVIDMA
TLTGAQGIATGRHHAGLYVNEEGAEAAMLRAGRESGETCFPVLYCPEYHEPEFKSNHADMTNLMERRDNAGVSCAGYFIT
THLSPKFTGAHIHVDLAYPVFNSNGATGFGPALLTEYFRKL
;
_entity_poly.pdbx_strand_id   A,B,C,D,E,F,G,H,I,J,K,L
#
loop_
_chem_comp.id
_chem_comp.type
_chem_comp.name
_chem_comp.formula
BCT non-polymer 'BICARBONATE ION' 'C H O3 -1'
MN non-polymer 'MANGANESE (II) ION' 'Mn 2'
#
# COMPACT_ATOMS: atom_id res chain seq x y z
N THR A 3 -7.95 -54.61 15.35
CA THR A 3 -6.87 -54.26 16.32
C THR A 3 -7.46 -53.58 17.57
N LEU A 4 -7.42 -54.33 18.68
CA LEU A 4 -7.84 -53.81 20.00
C LEU A 4 -6.66 -53.24 20.76
N PRO A 5 -6.90 -52.33 21.72
CA PRO A 5 -5.82 -51.94 22.62
C PRO A 5 -5.24 -53.14 23.40
N LYS A 6 -3.93 -53.09 23.64
CA LYS A 6 -3.19 -54.17 24.36
C LYS A 6 -3.82 -54.52 25.73
N ALA A 7 -4.23 -53.51 26.48
CA ALA A 7 -4.87 -53.70 27.83
C ALA A 7 -6.23 -54.42 27.76
N GLU A 8 -6.98 -54.13 26.71
CA GLU A 8 -8.28 -54.81 26.46
C GLU A 8 -8.08 -56.28 26.05
N ALA A 9 -7.12 -56.52 25.18
CA ALA A 9 -6.75 -57.91 24.74
C ALA A 9 -6.28 -58.81 25.89
N LYS A 10 -5.47 -58.26 26.77
CA LYS A 10 -5.02 -58.98 28.00
C LYS A 10 -6.23 -59.34 28.89
N GLU A 11 -7.12 -58.39 29.07
CA GLU A 11 -8.37 -58.60 29.85
C GLU A 11 -9.26 -59.71 29.23
N LEU A 12 -9.37 -59.70 27.91
CA LEU A 12 -10.14 -60.73 27.18
C LEU A 12 -9.54 -62.13 27.34
N SER A 13 -8.22 -62.24 27.16
CA SER A 13 -7.48 -63.53 27.38
C SER A 13 -7.66 -64.08 28.78
N ALA A 14 -7.55 -63.21 29.76
CA ALA A 14 -7.75 -63.60 31.17
C ALA A 14 -9.19 -64.05 31.42
N PHE A 15 -10.14 -63.36 30.80
CA PHE A 15 -11.56 -63.76 30.92
C PHE A 15 -11.84 -65.11 30.27
N VAL A 16 -11.23 -65.32 29.12
CA VAL A 16 -11.32 -66.63 28.43
C VAL A 16 -10.84 -67.75 29.35
N GLN A 17 -9.65 -67.57 29.88
CA GLN A 17 -9.02 -68.55 30.78
C GLN A 17 -9.94 -68.83 31.99
N SER A 18 -10.51 -67.77 32.56
CA SER A 18 -11.45 -67.90 33.73
C SER A 18 -12.61 -68.83 33.40
N CYS A 19 -13.07 -68.77 32.16
CA CYS A 19 -14.22 -69.61 31.72
C CYS A 19 -13.78 -71.03 31.42
N VAL A 20 -12.68 -71.16 30.68
CA VAL A 20 -12.09 -72.49 30.35
C VAL A 20 -11.70 -73.33 31.61
N GLU A 21 -11.20 -72.65 32.63
CA GLU A 21 -10.75 -73.31 33.87
CA GLU A 21 -10.75 -73.31 33.87
C GLU A 21 -11.78 -73.23 34.99
N TYR A 22 -13.00 -72.84 34.65
CA TYR A 22 -14.04 -72.66 35.67
C TYR A 22 -14.29 -73.95 36.46
N LYS A 23 -14.25 -73.84 37.78
CA LYS A 23 -14.55 -74.96 38.69
C LYS A 23 -15.67 -74.52 39.64
N THR A 24 -16.58 -75.43 39.89
CA THR A 24 -17.73 -75.13 40.76
C THR A 24 -17.38 -74.92 42.23
N ASN A 25 -18.21 -74.14 42.90
CA ASN A 25 -18.11 -73.92 44.37
C ASN A 25 -18.88 -74.95 45.20
N VAL A 26 -19.56 -75.84 44.50
CA VAL A 26 -20.48 -76.82 45.14
C VAL A 26 -19.89 -78.23 45.14
N CYS A 27 -20.04 -78.90 46.27
CA CYS A 27 -19.81 -80.36 46.31
C CYS A 27 -21.01 -81.05 46.96
N PHE A 28 -21.10 -82.35 46.73
CA PHE A 28 -22.23 -83.15 47.21
C PHE A 28 -21.81 -84.35 48.06
N THR A 29 -22.61 -84.61 49.09
CA THR A 29 -22.41 -85.77 49.95
C THR A 29 -23.72 -86.13 50.61
N ASP A 30 -23.66 -86.97 51.62
CA ASP A 30 -24.85 -87.45 52.35
C ASP A 30 -24.59 -87.50 53.86
N VAL A 31 -25.66 -87.61 54.63
CA VAL A 31 -25.61 -87.48 56.09
C VAL A 31 -24.59 -88.43 56.75
N ALA A 32 -24.65 -89.70 56.38
CA ALA A 32 -23.75 -90.72 56.98
C ALA A 32 -22.27 -90.43 56.63
N ALA A 33 -22.03 -90.10 55.37
CA ALA A 33 -20.65 -89.77 54.91
C ALA A 33 -20.12 -88.51 55.61
N TYR A 34 -21.03 -87.60 55.87
CA TYR A 34 -20.73 -86.32 56.54
C TYR A 34 -20.41 -86.53 58.04
N GLU A 35 -21.25 -87.33 58.70
CA GLU A 35 -21.03 -87.76 60.11
C GLU A 35 -19.66 -88.44 60.25
N SER A 36 -19.36 -89.30 59.30
CA SER A 36 -18.09 -90.06 59.27
C SER A 36 -16.84 -89.18 59.00
N ASN A 37 -16.93 -88.28 58.04
CA ASN A 37 -15.77 -87.42 57.64
C ASN A 37 -15.55 -86.21 58.54
N GLN A 38 -16.62 -85.66 59.08
CA GLN A 38 -16.55 -84.39 59.86
C GLN A 38 -16.85 -84.55 61.34
N LYS A 39 -17.36 -85.71 61.70
CA LYS A 39 -17.48 -86.10 63.15
C LYS A 39 -18.32 -85.12 63.99
N GLY A 40 -19.35 -84.56 63.37
CA GLY A 40 -20.25 -83.59 64.03
C GLY A 40 -19.70 -82.16 64.16
N VAL A 41 -18.60 -81.87 63.48
CA VAL A 41 -18.03 -80.51 63.40
C VAL A 41 -18.54 -79.84 62.11
N LEU A 42 -19.28 -78.75 62.29
CA LEU A 42 -19.80 -77.98 61.13
C LEU A 42 -18.65 -77.32 60.39
N SER A 43 -18.85 -77.13 59.10
CA SER A 43 -17.83 -76.54 58.23
C SER A 43 -17.56 -75.06 58.56
N SER A 44 -18.57 -74.38 59.07
CA SER A 44 -18.49 -72.94 59.35
C SER A 44 -19.57 -72.51 60.32
N GLY A 45 -19.63 -71.20 60.58
CA GLY A 45 -20.64 -70.59 61.47
C GLY A 45 -22.04 -70.43 60.90
N LEU A 46 -22.26 -71.00 59.72
CA LEU A 46 -23.61 -71.02 59.11
C LEU A 46 -23.96 -72.41 58.61
N ALA A 47 -25.17 -72.83 58.95
CA ALA A 47 -25.75 -74.05 58.40
C ALA A 47 -27.16 -73.80 57.90
N VAL A 48 -27.52 -74.52 56.85
CA VAL A 48 -28.84 -74.36 56.20
C VAL A 48 -29.59 -75.66 56.16
N LEU A 49 -30.86 -75.56 56.54
CA LEU A 49 -31.74 -76.73 56.55
C LEU A 49 -32.99 -76.45 55.72
N VAL A 50 -33.14 -77.22 54.66
CA VAL A 50 -34.21 -77.01 53.66
C VAL A 50 -35.05 -78.26 53.33
N GLY A 51 -36.35 -78.14 53.51
CA GLY A 51 -37.25 -79.25 53.25
C GLY A 51 -38.71 -78.84 53.35
N THR A 52 -39.60 -79.78 53.06
CA THR A 52 -41.04 -79.57 53.17
C THR A 52 -41.47 -79.60 54.63
N HIS A 53 -42.68 -79.11 54.86
CA HIS A 53 -43.31 -79.09 56.21
C HIS A 53 -43.23 -80.47 56.86
N LYS A 54 -43.62 -81.49 56.09
CA LYS A 54 -43.55 -82.91 56.55
C LYS A 54 -42.12 -83.40 56.74
N GLN A 55 -41.25 -83.13 55.76
CA GLN A 55 -39.83 -83.58 55.88
C GLN A 55 -39.12 -82.99 57.11
N LEU A 56 -39.41 -81.73 57.40
CA LEU A 56 -38.77 -80.98 58.53
C LEU A 56 -39.17 -81.57 59.91
N ARG A 57 -40.27 -82.30 59.92
CA ARG A 57 -40.79 -82.97 61.12
C ARG A 57 -40.52 -84.47 61.19
N ASP A 58 -39.76 -84.97 60.22
CA ASP A 58 -39.25 -86.35 60.27
C ASP A 58 -38.32 -86.51 61.51
N PRO A 59 -38.43 -87.62 62.24
CA PRO A 59 -37.56 -87.85 63.42
C PRO A 59 -36.06 -87.87 63.09
N ALA A 60 -35.72 -88.28 61.88
CA ALA A 60 -34.30 -88.27 61.40
C ALA A 60 -33.65 -86.87 61.45
N VAL A 61 -34.47 -85.84 61.35
CA VAL A 61 -34.00 -84.42 61.45
C VAL A 61 -33.35 -84.17 62.82
N GLN A 62 -33.89 -84.81 63.85
CA GLN A 62 -33.35 -84.65 65.24
C GLN A 62 -31.95 -85.21 65.44
N ARG A 63 -31.54 -86.10 64.57
CA ARG A 63 -30.17 -86.68 64.59
C ARG A 63 -29.12 -85.81 63.87
N LEU A 64 -29.57 -84.72 63.26
CA LEU A 64 -28.65 -83.79 62.59
C LEU A 64 -27.82 -83.05 63.65
N PRO A 65 -26.50 -82.86 63.39
CA PRO A 65 -25.54 -82.36 64.40
C PRO A 65 -25.82 -80.98 64.98
N PHE A 66 -26.57 -80.17 64.27
CA PHE A 66 -26.93 -78.80 64.71
C PHE A 66 -28.30 -78.72 65.41
N TYR A 67 -29.02 -79.82 65.43
CA TYR A 67 -30.39 -79.82 65.97
C TYR A 67 -30.41 -79.55 67.47
N ASN A 68 -31.31 -78.67 67.87
CA ASN A 68 -31.58 -78.38 69.30
C ASN A 68 -32.99 -77.74 69.45
N PRO A 69 -33.41 -77.40 70.67
CA PRO A 69 -34.79 -76.88 70.81
C PRO A 69 -35.07 -75.57 70.06
N ALA A 70 -34.02 -74.79 69.82
CA ALA A 70 -34.18 -73.50 69.09
C ALA A 70 -34.48 -73.78 67.61
N VAL A 71 -33.77 -74.75 67.08
CA VAL A 71 -33.96 -75.21 65.68
C VAL A 71 -35.36 -75.79 65.53
N ALA A 72 -35.80 -76.50 66.55
CA ALA A 72 -37.19 -77.06 66.60
C ALA A 72 -38.23 -75.96 66.57
N GLU A 73 -37.96 -74.92 67.33
CA GLU A 73 -38.80 -73.72 67.30
C GLU A 73 -38.77 -72.99 65.91
N ALA A 74 -37.61 -72.93 65.30
CA ALA A 74 -37.44 -72.36 63.95
C ALA A 74 -38.37 -73.09 62.93
N ILE A 75 -38.39 -74.41 63.03
CA ILE A 75 -39.26 -75.26 62.20
C ILE A 75 -40.74 -74.94 62.42
N GLU A 76 -41.10 -74.60 63.65
CA GLU A 76 -42.50 -74.19 63.98
C GLU A 76 -42.89 -72.80 63.48
N ARG A 77 -41.94 -71.88 63.50
CA ARG A 77 -42.21 -70.47 63.16
C ARG A 77 -42.01 -70.10 61.67
N VAL A 78 -41.26 -70.90 60.95
CA VAL A 78 -40.91 -70.63 59.54
C VAL A 78 -42.19 -70.66 58.69
N LYS A 79 -42.29 -69.72 57.76
CA LYS A 79 -43.42 -69.64 56.84
C LYS A 79 -43.12 -70.46 55.60
N GLU A 80 -44.16 -71.03 55.02
CA GLU A 80 -44.05 -71.74 53.72
C GLU A 80 -43.45 -70.78 52.66
N GLY A 81 -42.38 -71.23 52.00
CA GLY A 81 -41.63 -70.38 51.05
C GLY A 81 -40.67 -69.38 51.67
N GLY A 82 -40.58 -69.40 52.98
CA GLY A 82 -39.74 -68.44 53.72
C GLY A 82 -38.66 -69.11 54.54
N THR A 83 -37.86 -68.29 55.18
CA THR A 83 -36.75 -68.75 56.01
C THR A 83 -36.92 -68.24 57.43
N TYR A 84 -36.20 -68.89 58.33
CA TYR A 84 -36.17 -68.50 59.76
C TYR A 84 -34.85 -68.94 60.37
N GLY A 85 -34.14 -67.98 60.94
CA GLY A 85 -32.79 -68.19 61.47
C GLY A 85 -32.74 -68.20 62.98
N VAL A 86 -31.90 -69.07 63.53
CA VAL A 86 -31.60 -69.12 64.99
C VAL A 86 -30.13 -69.35 65.28
N LEU A 87 -29.69 -68.78 66.39
CA LEU A 87 -28.33 -69.00 66.87
C LEU A 87 -28.29 -70.23 67.77
N VAL A 88 -27.26 -71.03 67.56
CA VAL A 88 -26.95 -72.18 68.45
C VAL A 88 -25.60 -71.94 69.11
N GLU A 89 -25.61 -71.84 70.42
CA GLU A 89 -24.38 -71.55 71.19
C GLU A 89 -23.55 -72.80 71.43
N GLY A 90 -22.24 -72.62 71.33
CA GLY A 90 -21.25 -73.69 71.66
C GLY A 90 -21.37 -74.95 70.81
N LEU A 91 -21.65 -74.74 69.54
CA LEU A 91 -21.71 -75.85 68.58
C LEU A 91 -20.39 -75.90 67.83
N ALA A 92 -19.79 -77.07 67.82
CA ALA A 92 -18.46 -77.24 67.20
C ALA A 92 -18.50 -76.90 65.74
N ASN A 93 -17.58 -76.04 65.34
CA ASN A 93 -17.43 -75.70 63.90
C ASN A 93 -15.99 -75.34 63.56
N ALA A 94 -15.64 -75.56 62.31
CA ALA A 94 -14.24 -75.37 61.83
C ALA A 94 -13.77 -73.92 61.79
N ALA A 95 -14.70 -72.98 61.77
CA ALA A 95 -14.36 -71.53 61.81
C ALA A 95 -14.14 -71.01 63.23
N GLY A 96 -14.42 -71.85 64.20
CA GLY A 96 -14.25 -71.49 65.62
C GLY A 96 -15.16 -70.34 66.05
N SER A 97 -16.30 -70.25 65.40
CA SER A 97 -17.32 -69.26 65.75
C SER A 97 -18.05 -69.66 67.05
N LYS A 98 -18.30 -68.68 67.92
CA LYS A 98 -18.94 -68.92 69.24
C LYS A 98 -20.37 -69.42 69.07
N PHE A 99 -21.07 -68.75 68.17
CA PHE A 99 -22.44 -69.13 67.80
C PHE A 99 -22.47 -69.63 66.37
N VAL A 100 -23.27 -70.64 66.14
CA VAL A 100 -23.57 -71.10 64.77
C VAL A 100 -24.96 -70.63 64.41
N ARG A 101 -25.07 -70.03 63.24
CA ARG A 101 -26.41 -69.60 62.73
C ARG A 101 -26.99 -70.73 61.91
N VAL A 102 -28.16 -71.16 62.31
CA VAL A 102 -28.90 -72.20 61.58
C VAL A 102 -30.14 -71.58 60.93
N VAL A 103 -30.19 -71.63 59.60
CA VAL A 103 -31.31 -71.07 58.82
C VAL A 103 -32.16 -72.18 58.25
N VAL A 104 -33.39 -72.22 58.71
CA VAL A 104 -34.39 -73.20 58.25
C VAL A 104 -35.21 -72.58 57.09
N GLY A 105 -35.45 -73.38 56.07
CA GLY A 105 -36.27 -72.97 54.93
C GLY A 105 -37.32 -74.02 54.58
N GLU A 106 -38.57 -73.59 54.49
CA GLU A 106 -39.69 -74.48 54.16
C GLU A 106 -40.09 -74.42 52.67
N VAL A 107 -40.02 -75.60 52.04
CA VAL A 107 -40.37 -75.81 50.64
C VAL A 107 -41.83 -76.25 50.53
N PRO A 108 -42.64 -75.61 49.65
CA PRO A 108 -44.01 -76.05 49.49
C PRO A 108 -44.09 -77.46 48.89
N THR A 109 -45.20 -78.13 49.13
CA THR A 109 -45.51 -79.40 48.43
C THR A 109 -46.41 -79.20 47.20
N LYS A 110 -47.15 -78.09 47.20
CA LYS A 110 -48.00 -77.69 46.07
C LYS A 110 -47.15 -77.68 44.81
N ALA A 111 -47.60 -78.41 43.81
CA ALA A 111 -46.93 -78.48 42.51
C ALA A 111 -47.92 -78.93 41.44
N SER A 112 -48.09 -78.13 40.40
CA SER A 112 -49.04 -78.40 39.34
C SER A 112 -48.47 -79.46 38.46
N ARG A 113 -49.31 -80.04 37.63
CA ARG A 113 -48.89 -81.11 36.66
C ARG A 113 -47.83 -80.67 35.63
N ASN A 114 -47.63 -79.37 35.53
CA ASN A 114 -46.59 -78.81 34.63
C ASN A 114 -45.32 -78.37 35.34
N ASN A 115 -45.22 -78.73 36.62
CA ASN A 115 -44.08 -78.33 37.45
C ASN A 115 -43.29 -79.54 37.97
N CYS A 116 -42.09 -79.25 38.45
CA CYS A 116 -41.25 -80.23 39.16
C CYS A 116 -41.79 -80.39 40.58
N PRO A 117 -42.26 -81.61 40.97
CA PRO A 117 -42.81 -81.88 42.33
C PRO A 117 -41.92 -81.45 43.51
N ALA A 118 -40.63 -81.50 43.30
CA ALA A 118 -39.66 -81.12 44.34
C ALA A 118 -39.47 -79.58 44.52
N ARG A 119 -40.08 -78.81 43.63
CA ARG A 119 -40.07 -77.35 43.67
C ARG A 119 -38.68 -76.74 43.89
N PRO A 120 -37.73 -77.08 43.00
CA PRO A 120 -36.37 -76.57 43.11
C PRO A 120 -36.28 -75.05 42.98
N ASP A 121 -37.27 -74.48 42.31
CA ASP A 121 -37.40 -73.00 42.24
C ASP A 121 -37.37 -72.37 43.65
N VAL A 122 -38.07 -72.98 44.58
CA VAL A 122 -38.12 -72.46 45.96
C VAL A 122 -36.85 -72.79 46.72
N VAL A 123 -36.34 -73.98 46.47
CA VAL A 123 -35.06 -74.38 47.05
C VAL A 123 -33.99 -73.31 46.74
N THR A 124 -33.88 -72.95 45.48
CA THR A 124 -32.93 -71.91 45.04
C THR A 124 -33.10 -70.61 45.83
N ALA A 125 -34.34 -70.15 45.93
CA ALA A 125 -34.65 -68.87 46.63
C ALA A 125 -34.34 -68.94 48.14
N LEU A 126 -34.64 -70.09 48.73
CA LEU A 126 -34.38 -70.32 50.17
C LEU A 126 -32.88 -70.29 50.52
N VAL A 127 -32.09 -71.01 49.73
CA VAL A 127 -30.66 -71.06 49.96
C VAL A 127 -30.03 -69.67 49.69
N THR A 128 -30.50 -69.02 48.65
CA THR A 128 -30.03 -67.65 48.32
C THR A 128 -30.24 -66.71 49.50
N ALA A 129 -31.45 -66.71 50.05
CA ALA A 129 -31.81 -65.88 51.21
C ALA A 129 -30.94 -66.22 52.45
N ALA A 130 -30.76 -67.52 52.68
CA ALA A 130 -29.92 -68.00 53.79
C ALA A 130 -28.44 -67.60 53.66
N LEU A 131 -27.91 -67.67 52.45
CA LEU A 131 -26.50 -67.27 52.18
C LEU A 131 -26.23 -65.78 52.28
N ASP A 132 -27.29 -64.99 52.30
CA ASP A 132 -27.17 -63.53 52.52
C ASP A 132 -26.80 -63.22 53.99
N GLU A 133 -26.96 -64.21 54.85
CA GLU A 133 -26.53 -64.11 56.29
C GLU A 133 -25.10 -64.61 56.54
N VAL A 134 -24.31 -64.70 55.49
CA VAL A 134 -22.91 -65.13 55.60
C VAL A 134 -22.07 -63.98 56.16
N LYS A 135 -21.30 -64.29 57.21
CA LYS A 135 -20.41 -63.29 57.91
C LYS A 135 -19.12 -63.02 57.12
N GLU A 136 -18.29 -64.05 57.04
CA GLU A 136 -16.94 -63.98 56.41
C GLU A 136 -16.92 -64.46 54.92
N PRO A 137 -15.80 -64.25 54.20
CA PRO A 137 -15.73 -64.50 52.73
C PRO A 137 -15.62 -65.94 52.18
N ASN A 138 -14.51 -66.56 52.53
CA ASN A 138 -14.07 -67.89 51.98
C ASN A 138 -14.44 -69.06 52.87
N THR A 139 -15.67 -69.05 53.34
CA THR A 139 -16.17 -70.14 54.20
C THR A 139 -16.84 -71.24 53.38
N THR A 140 -16.98 -72.39 54.00
CA THR A 140 -17.79 -73.49 53.47
C THR A 140 -19.11 -73.54 54.27
N VAL A 141 -20.22 -73.55 53.55
CA VAL A 141 -21.56 -73.60 54.18
C VAL A 141 -22.20 -74.96 53.96
N ASP A 142 -22.59 -75.59 55.05
CA ASP A 142 -23.24 -76.91 54.99
C ASP A 142 -24.70 -76.68 54.70
N VAL A 143 -25.16 -77.24 53.61
CA VAL A 143 -26.57 -77.14 53.19
C VAL A 143 -27.21 -78.52 53.26
N PHE A 144 -28.01 -78.70 54.29
CA PHE A 144 -28.70 -79.97 54.53
C PHE A 144 -30.03 -79.94 53.83
N VAL A 145 -30.22 -80.82 52.86
CA VAL A 145 -31.49 -80.88 52.09
C VAL A 145 -32.18 -82.18 52.40
N LEU A 146 -33.45 -82.10 52.70
CA LEU A 146 -34.26 -83.27 53.12
C LEU A 146 -34.88 -84.04 51.95
N SER A 147 -34.83 -83.45 50.77
CA SER A 147 -35.27 -84.11 49.54
C SER A 147 -34.17 -85.01 48.98
N ASN A 148 -34.58 -86.09 48.34
CA ASN A 148 -33.66 -86.98 47.58
C ASN A 148 -33.78 -86.83 46.06
N ALA A 149 -34.44 -85.78 45.61
CA ALA A 149 -34.50 -85.47 44.16
C ALA A 149 -33.20 -84.80 43.70
N VAL A 150 -32.18 -85.61 43.52
CA VAL A 150 -30.78 -85.11 43.50
C VAL A 150 -30.41 -84.23 42.33
N LEU A 151 -30.91 -84.55 41.16
CA LEU A 151 -30.61 -83.75 39.95
C LEU A 151 -31.20 -82.34 40.01
N PRO A 152 -32.52 -82.22 40.24
CA PRO A 152 -33.06 -80.87 40.37
C PRO A 152 -32.49 -80.02 41.50
N ILE A 153 -32.23 -80.66 42.63
CA ILE A 153 -31.60 -79.94 43.76
C ILE A 153 -30.17 -79.49 43.41
N ALA A 154 -29.43 -80.36 42.73
CA ALA A 154 -28.04 -80.01 42.35
C ALA A 154 -27.97 -78.75 41.51
N ALA A 155 -28.81 -78.70 40.50
CA ALA A 155 -28.92 -77.52 39.63
C ALA A 155 -29.48 -76.29 40.36
N ALA A 156 -30.45 -76.52 41.23
CA ALA A 156 -31.07 -75.46 42.04
C ALA A 156 -30.08 -74.73 42.96
N VAL A 157 -29.25 -75.52 43.62
CA VAL A 157 -28.18 -74.98 44.49
C VAL A 157 -27.03 -74.32 43.66
N ALA A 158 -26.67 -74.92 42.55
CA ALA A 158 -25.65 -74.34 41.64
C ALA A 158 -26.04 -72.93 41.17
N ARG A 159 -27.34 -72.76 40.98
CA ARG A 159 -28.01 -71.48 40.57
C ARG A 159 -28.07 -70.40 41.60
N CYS A 160 -28.00 -70.81 42.84
CA CYS A 160 -28.43 -69.94 43.92
C CYS A 160 -27.32 -69.03 44.35
N GLY A 161 -27.68 -68.08 45.20
CA GLY A 161 -26.69 -67.20 45.89
C GLY A 161 -26.00 -66.23 44.94
N LYS A 162 -24.87 -65.71 45.37
CA LYS A 162 -24.07 -64.79 44.57
C LYS A 162 -23.43 -65.48 43.38
N HIS A 163 -23.32 -64.74 42.29
CA HIS A 163 -22.91 -65.30 41.01
C HIS A 163 -21.41 -65.30 40.91
N ASN A 164 -20.88 -66.34 40.28
CA ASN A 164 -19.43 -66.46 40.06
C ASN A 164 -18.85 -65.33 39.19
N PHE A 165 -19.67 -64.83 38.27
CA PHE A 165 -19.29 -63.61 37.53
C PHE A 165 -19.49 -62.36 38.38
N SER A 166 -18.42 -61.59 38.55
CA SER A 166 -18.51 -60.29 39.24
C SER A 166 -17.45 -59.30 38.78
N ALA A 167 -17.86 -58.05 38.73
CA ALA A 167 -16.94 -56.90 38.51
C ALA A 167 -16.86 -55.96 39.71
N LYS A 168 -17.48 -56.37 40.80
CA LYS A 168 -17.48 -55.55 42.02
C LYS A 168 -16.13 -55.59 42.74
N ASP A 169 -15.79 -54.50 43.42
CA ASP A 169 -14.67 -54.45 44.41
C ASP A 169 -13.35 -55.06 43.92
N GLY A 170 -12.91 -54.61 42.75
CA GLY A 170 -11.60 -55.01 42.19
C GLY A 170 -11.55 -56.36 41.52
N ALA A 171 -12.68 -57.06 41.48
CA ALA A 171 -12.77 -58.38 40.80
C ALA A 171 -12.36 -58.37 39.31
N ALA A 172 -12.48 -57.22 38.66
CA ALA A 172 -11.99 -57.07 37.24
C ALA A 172 -10.51 -57.42 37.08
N ALA A 173 -9.74 -57.14 38.12
CA ALA A 173 -8.28 -57.49 38.15
C ALA A 173 -8.02 -58.98 38.40
N ALA A 174 -9.05 -59.68 38.87
CA ALA A 174 -9.00 -61.15 39.08
C ALA A 174 -9.83 -61.91 38.02
N ALA A 175 -9.80 -61.40 36.79
CA ALA A 175 -10.52 -62.01 35.64
C ALA A 175 -12.04 -62.18 35.86
N TYR A 176 -12.60 -61.29 36.67
CA TYR A 176 -14.06 -61.24 36.94
C TYR A 176 -14.57 -62.51 37.64
N ASN A 177 -13.68 -63.11 38.42
CA ASN A 177 -14.06 -64.19 39.36
C ASN A 177 -14.49 -63.53 40.64
N SER A 178 -15.72 -63.80 41.05
CA SER A 178 -16.21 -63.24 42.32
C SER A 178 -15.41 -63.74 43.52
N GLY A 179 -15.13 -62.84 44.45
CA GLY A 179 -14.55 -63.18 45.76
C GLY A 179 -15.61 -63.35 46.86
N LYS A 180 -16.86 -63.16 46.47
CA LYS A 180 -18.04 -63.18 47.39
C LYS A 180 -18.83 -64.49 47.45
N VAL A 181 -18.37 -65.48 46.71
CA VAL A 181 -19.06 -66.77 46.61
C VAL A 181 -18.60 -67.67 47.73
N SER A 182 -19.57 -68.29 48.40
CA SER A 182 -19.29 -69.28 49.45
C SER A 182 -19.17 -70.69 48.85
N ARG A 183 -18.20 -71.47 49.32
CA ARG A 183 -18.15 -72.91 49.00
C ARG A 183 -19.42 -73.52 49.68
N LEU A 184 -20.14 -74.36 48.95
CA LEU A 184 -21.38 -74.98 49.46
C LEU A 184 -21.28 -76.51 49.48
N GLN A 185 -21.45 -77.07 50.66
CA GLN A 185 -21.50 -78.55 50.80
C GLN A 185 -22.94 -79.00 50.99
N VAL A 186 -23.46 -79.62 49.94
CA VAL A 186 -24.84 -80.10 49.92
C VAL A 186 -24.86 -81.51 50.50
N VAL A 187 -25.69 -81.67 51.52
CA VAL A 187 -25.77 -82.90 52.25
C VAL A 187 -27.15 -83.54 52.11
N PHE A 188 -27.23 -84.56 51.27
CA PHE A 188 -28.47 -85.29 51.03
C PHE A 188 -28.75 -86.28 52.17
N PRO A 189 -30.02 -86.68 52.35
CA PRO A 189 -30.33 -87.67 53.41
C PRO A 189 -29.69 -89.04 53.16
N GLU A 190 -29.72 -89.48 51.91
CA GLU A 190 -29.13 -90.76 51.51
C GLU A 190 -28.03 -90.55 50.48
N PRO A 191 -27.15 -91.52 50.31
CA PRO A 191 -26.20 -91.44 49.21
C PRO A 191 -26.94 -91.18 47.90
N PRO A 192 -26.49 -90.20 47.14
CA PRO A 192 -27.27 -89.81 45.97
C PRO A 192 -27.32 -90.89 44.88
N ALA A 193 -28.49 -91.06 44.30
CA ALA A 193 -28.70 -92.03 43.18
C ALA A 193 -27.79 -91.74 41.98
N ILE A 194 -27.40 -90.48 41.85
CA ILE A 194 -26.41 -90.04 40.86
C ILE A 194 -25.13 -89.74 41.63
N PRO A 195 -23.99 -90.28 41.19
CA PRO A 195 -22.75 -90.06 41.96
C PRO A 195 -22.40 -88.59 42.17
N PRO A 196 -21.82 -88.24 43.33
CA PRO A 196 -21.40 -86.85 43.62
C PRO A 196 -20.58 -86.16 42.53
N LYS A 197 -19.64 -86.90 41.93
CA LYS A 197 -18.75 -86.31 40.89
C LYS A 197 -19.54 -85.94 39.61
N ASP A 198 -20.58 -86.72 39.32
CA ASP A 198 -21.52 -86.44 38.22
C ASP A 198 -22.41 -85.22 38.52
N LEU A 199 -22.90 -85.16 39.74
CA LEU A 199 -23.65 -83.98 40.18
C LEU A 199 -22.80 -82.70 40.12
N GLU A 200 -21.53 -82.84 40.45
CA GLU A 200 -20.57 -81.72 40.36
C GLU A 200 -20.45 -81.21 38.93
N ALA A 201 -20.33 -82.14 38.01
CA ALA A 201 -20.20 -81.80 36.58
C ALA A 201 -21.44 -81.00 36.08
N VAL A 202 -22.62 -81.44 36.52
CA VAL A 202 -23.90 -80.77 36.24
C VAL A 202 -23.92 -79.35 36.83
N ALA A 203 -23.57 -79.24 38.09
CA ALA A 203 -23.51 -77.94 38.78
C ALA A 203 -22.54 -76.99 38.10
N THR A 204 -21.43 -77.54 37.67
CA THR A 204 -20.35 -76.81 36.96
C THR A 204 -20.86 -76.24 35.64
N SER A 205 -21.58 -77.08 34.91
CA SER A 205 -22.20 -76.66 33.66
C SER A 205 -23.32 -75.57 33.84
N THR A 206 -24.13 -75.72 34.87
CA THR A 206 -25.11 -74.71 35.21
C THR A 206 -24.43 -73.36 35.47
N GLN A 207 -23.36 -73.40 36.23
CA GLN A 207 -22.67 -72.17 36.66
C GLN A 207 -21.83 -71.54 35.56
N LEU A 208 -21.23 -72.37 34.74
CA LEU A 208 -20.48 -71.87 33.56
C LEU A 208 -21.43 -71.20 32.57
N CYS A 209 -22.54 -71.85 32.32
CA CYS A 209 -23.62 -71.29 31.53
C CYS A 209 -24.04 -69.91 32.07
N GLN A 210 -24.24 -69.87 33.37
CA GLN A 210 -24.61 -68.64 34.07
C GLN A 210 -23.53 -67.55 33.87
N ARG A 211 -22.28 -67.97 33.96
CA ARG A 211 -21.13 -67.06 33.78
C ARG A 211 -21.12 -66.43 32.38
N LEU A 212 -21.32 -67.27 31.39
CA LEU A 212 -21.30 -66.85 29.97
C LEU A 212 -22.45 -65.87 29.67
N VAL A 213 -23.58 -66.14 30.27
CA VAL A 213 -24.78 -65.32 30.09
C VAL A 213 -24.68 -63.96 30.84
N ASP A 214 -24.20 -64.03 32.07
CA ASP A 214 -24.02 -62.83 32.92
C ASP A 214 -23.00 -61.89 32.36
N ALA A 215 -22.02 -62.44 31.69
CA ALA A 215 -20.87 -61.62 31.22
C ALA A 215 -21.33 -60.53 30.25
N PRO A 216 -20.81 -59.32 30.41
CA PRO A 216 -21.15 -58.26 29.49
C PRO A 216 -20.54 -58.52 28.12
N PRO A 217 -21.15 -57.97 27.06
CA PRO A 217 -20.63 -58.20 25.74
C PRO A 217 -19.24 -57.64 25.41
N ASN A 218 -18.75 -56.70 26.22
CA ASN A 218 -17.37 -56.25 26.04
C ASN A 218 -16.37 -57.37 26.44
N LEU A 219 -16.86 -58.35 27.18
CA LEU A 219 -16.04 -59.55 27.58
C LEU A 219 -16.36 -60.81 26.80
N LEU A 220 -17.64 -61.11 26.74
CA LEU A 220 -18.09 -62.26 25.94
C LEU A 220 -18.50 -61.81 24.54
N THR A 221 -17.54 -61.96 23.63
CA THR A 221 -17.71 -61.62 22.23
C THR A 221 -17.82 -62.89 21.37
N THR A 222 -18.03 -62.70 20.08
CA THR A 222 -18.05 -63.85 19.18
C THR A 222 -16.68 -64.55 19.20
N ALA A 223 -15.63 -63.74 19.34
CA ALA A 223 -14.25 -64.24 19.37
C ALA A 223 -13.93 -64.98 20.68
N THR A 224 -14.23 -64.35 21.81
CA THR A 224 -13.93 -64.98 23.12
C THR A 224 -14.76 -66.23 23.36
N PHE A 225 -15.99 -66.22 22.89
CA PHE A 225 -16.88 -67.42 23.02
C PHE A 225 -16.25 -68.57 22.23
N THR A 226 -15.79 -68.24 21.04
CA THR A 226 -15.10 -69.22 20.18
C THR A 226 -13.84 -69.79 20.85
N GLU A 227 -13.02 -68.90 21.39
CA GLU A 227 -11.77 -69.31 22.10
C GLU A 227 -12.06 -70.21 23.28
N ILE A 228 -13.13 -69.90 23.98
CA ILE A 228 -13.57 -70.71 25.15
C ILE A 228 -13.92 -72.12 24.70
N ALA A 229 -14.67 -72.20 23.63
CA ALA A 229 -15.02 -73.51 23.04
C ALA A 229 -13.78 -74.28 22.60
N GLN A 230 -12.84 -73.58 21.98
CA GLN A 230 -11.56 -74.19 21.54
C GLN A 230 -10.73 -74.69 22.73
N GLY A 231 -10.70 -73.89 23.80
CA GLY A 231 -9.99 -74.27 25.03
C GLY A 231 -10.52 -75.59 25.59
N TYR A 232 -11.84 -75.71 25.65
CA TYR A 232 -12.50 -76.92 26.20
C TYR A 232 -12.25 -78.11 25.27
N ALA A 233 -12.21 -77.83 23.97
CA ALA A 233 -11.89 -78.87 22.98
C ALA A 233 -10.47 -79.46 23.16
N LYS A 234 -9.47 -78.59 23.35
CA LYS A 234 -8.08 -79.03 23.68
C LYS A 234 -8.09 -79.88 24.96
N ALA A 235 -8.70 -79.34 26.00
CA ALA A 235 -8.66 -79.99 27.35
C ALA A 235 -9.39 -81.33 27.42
N LEU A 236 -10.54 -81.41 26.76
CA LEU A 236 -11.42 -82.63 26.84
C LEU A 236 -11.29 -83.56 25.63
N GLY A 237 -10.64 -83.08 24.60
CA GLY A 237 -10.35 -83.89 23.41
C GLY A 237 -11.56 -84.18 22.55
N PHE A 238 -12.33 -83.13 22.27
CA PHE A 238 -13.41 -83.23 21.23
C PHE A 238 -13.04 -82.35 20.03
N ASP A 239 -13.68 -82.61 18.90
CA ASP A 239 -13.39 -81.87 17.65
C ASP A 239 -14.13 -80.54 17.58
N VAL A 240 -13.47 -79.56 16.97
CA VAL A 240 -14.00 -78.23 16.81
C VAL A 240 -13.76 -77.75 15.39
N ASP A 241 -14.84 -77.29 14.77
CA ASP A 241 -14.84 -76.71 13.41
C ASP A 241 -15.37 -75.28 13.51
N VAL A 242 -14.63 -74.35 12.93
CA VAL A 242 -14.96 -72.94 12.95
C VAL A 242 -15.01 -72.38 11.55
N ILE A 243 -16.16 -71.84 11.19
CA ILE A 243 -16.30 -71.08 9.94
C ILE A 243 -16.47 -69.60 10.33
N CYS A 244 -15.50 -68.79 9.93
CA CYS A 244 -15.30 -67.42 10.45
C CYS A 244 -15.52 -66.36 9.37
N GLY A 245 -16.27 -65.33 9.74
CA GLY A 245 -16.34 -64.05 8.97
C GLY A 245 -16.72 -64.16 7.50
N ASP A 246 -15.85 -63.64 6.64
CA ASP A 246 -16.11 -63.63 5.18
C ASP A 246 -16.21 -65.04 4.56
N ASP A 247 -15.58 -66.02 5.19
CA ASP A 247 -15.72 -67.45 4.74
C ASP A 247 -17.16 -67.94 4.82
N LEU A 248 -17.92 -67.39 5.75
CA LEU A 248 -19.35 -67.70 5.85
C LEU A 248 -20.07 -67.30 4.57
N CYS A 249 -19.77 -66.10 4.09
CA CYS A 249 -20.33 -65.61 2.81
C CYS A 249 -19.87 -66.46 1.63
N GLU A 250 -18.57 -66.72 1.54
CA GLU A 250 -18.00 -67.54 0.42
C GLU A 250 -18.61 -68.94 0.36
N ARG A 251 -18.91 -69.49 1.52
CA ARG A 251 -19.47 -70.86 1.63
C ARG A 251 -21.00 -70.95 1.64
N GLY A 252 -21.65 -69.84 1.37
CA GLY A 252 -23.15 -69.79 1.22
C GLY A 252 -23.98 -69.63 2.50
N TYR A 253 -23.32 -69.38 3.63
CA TYR A 253 -24.03 -69.14 4.90
C TYR A 253 -24.48 -67.67 5.00
N GLY A 254 -25.39 -67.29 4.10
CA GLY A 254 -25.85 -65.89 3.95
C GLY A 254 -26.62 -65.32 5.15
N GLY A 255 -27.28 -66.21 5.88
CA GLY A 255 -28.09 -65.81 7.05
C GLY A 255 -27.23 -65.32 8.22
N ILE A 256 -26.40 -66.21 8.74
CA ILE A 256 -25.49 -65.83 9.83
C ILE A 256 -24.49 -64.73 9.41
N TYR A 257 -23.99 -64.82 8.19
CA TYR A 257 -23.08 -63.79 7.68
C TYR A 257 -23.76 -62.42 7.70
N SER A 258 -24.96 -62.33 7.14
CA SER A 258 -25.66 -61.02 6.99
C SER A 258 -26.02 -60.41 8.35
N VAL A 259 -26.46 -61.24 9.27
CA VAL A 259 -26.79 -60.77 10.62
C VAL A 259 -25.57 -60.18 11.32
N GLY A 260 -24.45 -60.88 11.21
CA GLY A 260 -23.20 -60.54 11.99
C GLY A 260 -22.18 -59.62 11.37
N LYS A 261 -22.34 -59.33 10.10
CA LYS A 261 -21.29 -58.61 9.34
C LYS A 261 -21.04 -57.16 9.70
N ALA A 262 -21.99 -56.53 10.36
CA ALA A 262 -21.83 -55.11 10.73
C ALA A 262 -20.94 -54.94 11.93
N ALA A 263 -20.75 -56.01 12.67
CA ALA A 263 -20.12 -55.94 13.99
C ALA A 263 -18.60 -55.78 13.89
N PHE A 264 -18.06 -55.30 14.99
CA PHE A 264 -16.61 -55.19 15.15
C PHE A 264 -15.94 -56.57 15.08
N GLU A 265 -16.51 -57.51 15.81
CA GLU A 265 -16.02 -58.92 15.82
C GLU A 265 -16.88 -59.74 14.86
N ALA A 266 -16.21 -60.46 13.98
CA ALA A 266 -16.89 -61.22 12.92
C ALA A 266 -17.76 -62.34 13.47
N PRO A 267 -18.79 -62.73 12.71
CA PRO A 267 -19.59 -63.86 13.10
C PRO A 267 -18.87 -65.18 12.87
N ARG A 268 -19.33 -66.21 13.56
CA ARG A 268 -18.72 -67.53 13.47
C ARG A 268 -19.75 -68.60 13.64
N LEU A 269 -19.63 -69.61 12.79
CA LEU A 269 -20.39 -70.87 12.95
C LEU A 269 -19.42 -71.91 13.53
N VAL A 270 -19.65 -72.26 14.78
CA VAL A 270 -18.73 -73.10 15.54
C VAL A 270 -19.41 -74.42 15.78
N THR A 271 -18.86 -75.48 15.24
CA THR A 271 -19.43 -76.82 15.44
C THR A 271 -18.48 -77.72 16.25
N LEU A 272 -19.04 -78.29 17.30
CA LEU A 272 -18.32 -79.21 18.18
C LEU A 272 -18.87 -80.64 17.99
N LEU A 273 -17.96 -81.63 17.96
CA LEU A 273 -18.32 -83.05 17.76
C LEU A 273 -17.84 -83.94 18.90
N TYR A 274 -18.74 -84.78 19.37
CA TYR A 274 -18.45 -85.80 20.37
C TYR A 274 -19.08 -87.12 19.95
N THR A 275 -18.24 -88.13 19.86
CA THR A 275 -18.67 -89.49 19.56
C THR A 275 -18.24 -90.40 20.71
N PRO A 276 -19.21 -91.07 21.38
CA PRO A 276 -18.86 -91.89 22.55
C PRO A 276 -18.13 -93.17 22.14
N LYS A 277 -17.41 -93.76 23.11
CA LYS A 277 -16.62 -95.00 22.87
C LYS A 277 -17.48 -96.16 22.40
N GLY A 278 -18.66 -96.30 22.97
CA GLY A 278 -19.54 -97.42 22.60
C GLY A 278 -20.35 -97.14 21.35
N THR A 279 -21.31 -98.02 21.09
CA THR A 279 -22.41 -97.77 20.10
C THR A 279 -23.42 -96.75 20.72
N PRO A 280 -23.73 -95.64 20.01
CA PRO A 280 -24.55 -94.58 20.61
C PRO A 280 -26.03 -94.90 20.57
N VAL A 281 -26.74 -94.48 21.62
CA VAL A 281 -28.21 -94.71 21.72
C VAL A 281 -29.01 -93.85 20.73
N LYS A 282 -28.47 -92.67 20.41
CA LYS A 282 -29.05 -91.71 19.43
C LYS A 282 -27.96 -90.82 18.89
N LYS A 283 -28.20 -90.31 17.69
CA LYS A 283 -27.41 -89.19 17.14
C LYS A 283 -28.25 -87.89 17.24
N VAL A 284 -27.71 -86.92 17.96
CA VAL A 284 -28.43 -85.69 18.29
C VAL A 284 -27.58 -84.50 17.89
N SER A 285 -28.19 -83.59 17.15
CA SER A 285 -27.54 -82.31 16.75
C SER A 285 -28.15 -81.17 17.53
N LEU A 286 -27.32 -80.50 18.29
CA LEU A 286 -27.71 -79.31 19.02
C LEU A 286 -27.35 -78.06 18.22
N VAL A 287 -28.24 -77.08 18.26
CA VAL A 287 -28.03 -75.79 17.58
C VAL A 287 -28.46 -74.66 18.50
N GLY A 288 -27.55 -73.72 18.75
CA GLY A 288 -27.83 -72.63 19.70
C GLY A 288 -27.68 -71.23 19.13
N LYS A 289 -28.64 -70.39 19.48
CA LYS A 289 -28.62 -68.94 19.11
C LYS A 289 -27.59 -68.27 19.98
N GLY A 290 -26.49 -67.88 19.37
CA GLY A 290 -25.40 -67.20 20.08
C GLY A 290 -25.28 -65.72 19.71
N ILE A 291 -26.36 -65.00 19.89
CA ILE A 291 -26.36 -63.55 19.65
C ILE A 291 -25.81 -62.89 20.91
N VAL A 292 -24.54 -62.61 20.78
CA VAL A 292 -23.69 -62.07 21.85
C VAL A 292 -24.19 -60.71 22.37
N TYR A 293 -24.76 -59.96 21.45
CA TYR A 293 -25.54 -58.76 21.79
C TYR A 293 -26.51 -58.43 20.64
N ASP A 294 -27.78 -58.18 21.01
CA ASP A 294 -28.90 -57.93 20.06
C ASP A 294 -29.28 -56.48 20.25
N CYS A 295 -28.64 -55.60 19.51
CA CYS A 295 -29.06 -54.17 19.52
C CYS A 295 -30.31 -53.94 18.65
N GLY A 296 -30.63 -54.93 17.86
CA GLY A 296 -31.76 -54.87 16.92
C GLY A 296 -31.35 -54.65 15.46
N GLY A 297 -30.11 -54.28 15.27
CA GLY A 297 -29.61 -53.84 13.96
C GLY A 297 -30.25 -52.52 13.57
N LEU A 298 -30.49 -52.33 12.29
CA LEU A 298 -31.13 -51.11 11.77
C LEU A 298 -32.53 -50.89 12.39
N ALA A 299 -33.19 -52.00 12.73
CA ALA A 299 -34.44 -51.98 13.54
C ALA A 299 -34.07 -51.85 15.02
N LEU A 300 -33.48 -50.72 15.32
CA LEU A 300 -32.85 -50.45 16.62
C LEU A 300 -33.83 -50.52 17.76
N LYS A 301 -33.46 -51.27 18.77
CA LYS A 301 -34.26 -51.33 20.00
C LYS A 301 -34.18 -50.04 20.76
N PRO A 302 -35.30 -49.60 21.35
CA PRO A 302 -35.18 -48.56 22.38
C PRO A 302 -34.35 -49.06 23.58
N ALA A 303 -33.79 -48.12 24.32
CA ALA A 303 -32.85 -48.43 25.42
C ALA A 303 -33.39 -49.37 26.48
N ASP A 304 -34.62 -49.13 26.91
CA ASP A 304 -35.36 -50.03 27.88
C ASP A 304 -35.32 -51.51 27.46
N TYR A 305 -35.53 -51.73 26.17
CA TYR A 305 -35.59 -53.07 25.57
C TYR A 305 -34.22 -53.65 25.24
N MET A 306 -33.23 -52.78 25.11
CA MET A 306 -31.86 -53.19 24.71
C MET A 306 -31.05 -53.66 25.93
N LYS A 307 -31.41 -53.16 27.10
CA LYS A 307 -30.80 -53.61 28.38
C LYS A 307 -31.05 -55.14 28.52
N LEU A 308 -30.04 -55.83 29.02
CA LEU A 308 -30.07 -57.32 29.17
C LEU A 308 -30.05 -58.14 27.86
N MET A 309 -29.75 -57.49 26.74
CA MET A 309 -29.62 -58.20 25.45
C MET A 309 -28.27 -58.93 25.30
N LYS A 310 -27.40 -58.77 26.28
CA LYS A 310 -26.24 -59.68 26.50
C LYS A 310 -26.70 -61.14 26.77
N HIS A 311 -27.90 -61.29 27.28
CA HIS A 311 -28.50 -62.62 27.51
C HIS A 311 -28.92 -63.33 26.23
N ASP A 312 -28.80 -62.65 25.09
CA ASP A 312 -29.33 -63.20 23.80
C ASP A 312 -28.48 -64.37 23.24
N MET A 313 -27.45 -64.75 23.98
CA MET A 313 -26.64 -65.92 23.64
C MET A 313 -26.92 -67.10 24.59
N GLY A 314 -28.00 -66.99 25.34
CA GLY A 314 -28.34 -67.97 26.37
C GLY A 314 -28.60 -69.36 25.84
N GLY A 315 -29.10 -69.43 24.62
CA GLY A 315 -29.34 -70.70 23.92
C GLY A 315 -28.03 -71.39 23.50
N ALA A 316 -27.08 -70.61 23.01
CA ALA A 316 -25.74 -71.11 22.68
C ALA A 316 -24.96 -71.57 23.94
N ALA A 317 -25.10 -70.81 25.02
CA ALA A 317 -24.50 -71.21 26.28
C ALA A 317 -25.10 -72.56 26.77
N ALA A 318 -26.41 -72.67 26.68
CA ALA A 318 -27.15 -73.83 27.21
C ALA A 318 -26.75 -75.13 26.50
N VAL A 319 -26.75 -75.02 25.22
CA VAL A 319 -26.38 -76.08 24.31
C VAL A 319 -24.86 -76.43 24.45
N PHE A 320 -24.04 -75.40 24.59
CA PHE A 320 -22.59 -75.60 24.78
C PHE A 320 -22.31 -76.37 26.08
N CYS A 321 -22.95 -75.95 27.15
CA CYS A 321 -22.68 -76.53 28.48
C CYS A 321 -23.34 -77.89 28.65
N GLY A 322 -24.43 -78.10 27.97
CA GLY A 322 -25.07 -79.44 27.90
C GLY A 322 -24.14 -80.43 27.21
N PHE A 323 -23.55 -79.97 26.13
CA PHE A 323 -22.52 -80.71 25.39
C PHE A 323 -21.29 -81.06 26.28
N LEU A 324 -20.79 -80.07 27.02
CA LEU A 324 -19.67 -80.28 27.97
C LEU A 324 -19.97 -81.35 28.99
N THR A 325 -21.16 -81.29 29.53
CA THR A 325 -21.60 -82.25 30.54
C THR A 325 -21.61 -83.65 29.94
N ALA A 326 -22.13 -83.77 28.73
CA ALA A 326 -22.19 -85.08 28.04
C ALA A 326 -20.79 -85.68 27.83
N VAL A 327 -19.83 -84.81 27.50
CA VAL A 327 -18.44 -85.24 27.30
C VAL A 327 -17.80 -85.64 28.65
N ARG A 328 -17.96 -84.79 29.64
CA ARG A 328 -17.40 -85.05 30.97
C ARG A 328 -17.95 -86.33 31.63
N LEU A 329 -19.25 -86.58 31.46
CA LEU A 329 -19.92 -87.80 32.01
C LEU A 329 -19.91 -88.97 31.05
N GLN A 330 -19.33 -88.76 29.87
CA GLN A 330 -19.23 -89.81 28.81
C GLN A 330 -20.62 -90.40 28.52
N GLN A 331 -21.62 -89.54 28.37
CA GLN A 331 -23.00 -90.00 28.08
C GLN A 331 -22.99 -90.66 26.71
N PRO A 332 -23.76 -91.76 26.54
CA PRO A 332 -23.68 -92.57 25.31
C PRO A 332 -24.50 -92.04 24.13
N VAL A 333 -24.36 -90.74 23.90
CA VAL A 333 -25.08 -90.05 22.81
C VAL A 333 -24.06 -89.45 21.91
N GLN A 334 -24.22 -89.67 20.63
CA GLN A 334 -23.39 -88.99 19.64
C GLN A 334 -23.94 -87.58 19.43
N LEU A 335 -23.09 -86.59 19.58
CA LEU A 335 -23.52 -85.17 19.57
C LEU A 335 -22.76 -84.31 18.60
N SER A 336 -23.51 -83.43 17.95
CA SER A 336 -22.93 -82.21 17.36
C SER A 336 -23.53 -81.04 18.10
N CYS A 337 -22.76 -79.98 18.20
CA CYS A 337 -23.20 -78.76 18.90
C CYS A 337 -22.74 -77.59 18.05
N THR A 338 -23.70 -76.97 17.38
CA THR A 338 -23.43 -75.85 16.49
C THR A 338 -23.82 -74.51 17.15
N LEU A 339 -22.84 -73.66 17.34
CA LEU A 339 -23.03 -72.37 17.96
C LEU A 339 -23.13 -71.34 16.85
N CYS A 340 -24.26 -70.66 16.82
CA CYS A 340 -24.51 -69.60 15.81
C CYS A 340 -24.15 -68.24 16.40
N LEU A 341 -22.90 -67.85 16.21
CA LEU A 341 -22.31 -66.68 16.94
C LEU A 341 -22.25 -65.44 16.10
N ALA A 342 -22.91 -64.42 16.59
CA ALA A 342 -22.91 -63.13 15.91
C ALA A 342 -23.31 -62.04 16.87
N GLU A 343 -22.84 -60.83 16.59
CA GLU A 343 -23.41 -59.63 17.22
C GLU A 343 -24.32 -59.01 16.19
N ASN A 344 -25.54 -58.71 16.61
CA ASN A 344 -26.48 -57.96 15.79
C ASN A 344 -26.25 -56.48 16.05
N ALA A 345 -25.39 -55.91 15.20
CA ALA A 345 -24.88 -54.53 15.38
C ALA A 345 -25.46 -53.56 14.38
N ILE A 346 -25.24 -52.29 14.65
CA ILE A 346 -25.74 -51.22 13.78
C ILE A 346 -24.55 -50.44 13.22
N GLY A 347 -24.58 -50.24 11.91
CA GLY A 347 -23.52 -49.47 11.23
C GLY A 347 -23.68 -49.47 9.73
N PRO A 348 -22.65 -48.98 9.01
CA PRO A 348 -22.70 -48.93 7.57
C PRO A 348 -22.85 -50.29 6.86
N LYS A 349 -22.37 -51.37 7.47
CA LYS A 349 -22.46 -52.71 6.84
C LYS A 349 -23.67 -53.52 7.27
N SER A 350 -24.50 -52.90 8.10
CA SER A 350 -25.74 -53.51 8.62
C SER A 350 -26.58 -54.08 7.50
N TYR A 351 -27.05 -55.30 7.71
CA TYR A 351 -28.08 -55.86 6.83
C TYR A 351 -29.38 -55.06 7.06
N ARG A 352 -30.16 -54.95 6.01
CA ARG A 352 -31.23 -53.98 5.98
C ARG A 352 -32.59 -54.57 6.00
N ASN A 353 -33.53 -53.74 6.45
CA ASN A 353 -34.97 -54.01 6.31
C ASN A 353 -35.34 -53.75 4.86
N ASP A 354 -35.32 -54.81 4.09
CA ASP A 354 -35.49 -54.87 2.57
C ASP A 354 -34.49 -55.81 1.90
N ASP A 355 -33.37 -56.06 2.57
CA ASP A 355 -32.33 -56.92 1.99
C ASP A 355 -32.94 -58.31 1.79
N ILE A 356 -32.44 -58.98 0.77
CA ILE A 356 -32.81 -60.37 0.49
C ILE A 356 -31.57 -61.26 0.68
N ILE A 357 -31.74 -62.25 1.53
CA ILE A 357 -30.68 -63.15 1.95
C ILE A 357 -30.81 -64.48 1.23
N VAL A 358 -29.69 -64.99 0.74
CA VAL A 358 -29.61 -66.38 0.22
C VAL A 358 -29.07 -67.28 1.34
N MET A 359 -29.97 -68.05 1.93
CA MET A 359 -29.63 -68.90 3.08
C MET A 359 -28.82 -70.08 2.60
N LYS A 360 -28.12 -70.72 3.53
CA LYS A 360 -27.35 -71.92 3.21
C LYS A 360 -28.22 -72.97 2.58
N SER A 361 -29.45 -73.05 3.08
CA SER A 361 -30.48 -73.98 2.52
C SER A 361 -30.83 -73.76 1.04
N GLY A 362 -30.40 -72.65 0.47
CA GLY A 362 -30.80 -72.27 -0.90
C GLY A 362 -32.07 -71.42 -1.00
N LYS A 363 -32.81 -71.37 0.09
CA LYS A 363 -33.99 -70.52 0.18
C LYS A 363 -33.66 -69.06 0.47
N THR A 364 -34.47 -68.20 -0.14
CA THR A 364 -34.27 -66.74 -0.04
C THR A 364 -35.23 -66.16 1.00
N VAL A 365 -34.69 -65.21 1.77
CA VAL A 365 -35.39 -64.58 2.87
C VAL A 365 -35.36 -63.05 2.70
N GLU A 366 -36.55 -62.49 2.64
CA GLU A 366 -36.71 -61.05 2.62
C GLU A 366 -36.74 -60.56 4.06
N VAL A 367 -35.82 -59.66 4.39
CA VAL A 367 -35.71 -59.14 5.74
C VAL A 367 -36.68 -57.99 5.93
N ILE A 368 -37.73 -58.26 6.67
CA ILE A 368 -38.75 -57.26 7.04
C ILE A 368 -38.30 -56.46 8.26
N ASN A 369 -37.67 -57.16 9.18
CA ASN A 369 -37.21 -56.59 10.44
C ASN A 369 -35.91 -57.25 10.90
N THR A 370 -34.87 -56.47 10.99
CA THR A 370 -33.52 -56.95 11.33
C THR A 370 -33.39 -57.44 12.77
N ASP A 371 -34.37 -57.11 13.59
CA ASP A 371 -34.39 -57.48 15.01
C ASP A 371 -34.97 -58.88 15.28
N ALA A 372 -35.50 -59.45 14.21
CA ALA A 372 -35.83 -60.90 14.09
C ALA A 372 -34.66 -61.65 13.42
N GLU A 373 -33.52 -61.52 14.07
CA GLU A 373 -32.22 -62.04 13.60
C GLU A 373 -31.96 -63.51 13.98
N GLY A 374 -32.55 -63.92 15.09
CA GLY A 374 -32.27 -65.21 15.70
C GLY A 374 -32.72 -66.36 14.84
N ARG A 375 -33.92 -66.23 14.29
CA ARG A 375 -34.47 -67.27 13.40
C ARG A 375 -33.59 -67.42 12.17
N ILE A 376 -33.00 -66.33 11.74
CA ILE A 376 -32.13 -66.34 10.56
C ILE A 376 -30.84 -67.10 10.83
N VAL A 377 -30.15 -66.77 11.92
CA VAL A 377 -28.87 -67.45 12.21
C VAL A 377 -29.16 -68.95 12.47
N LEU A 378 -30.28 -69.23 13.11
CA LEU A 378 -30.67 -70.61 13.44
C LEU A 378 -31.04 -71.41 12.20
N GLY A 379 -31.59 -70.73 11.23
CA GLY A 379 -31.87 -71.34 9.93
C GLY A 379 -30.62 -71.93 9.27
N ASP A 380 -29.55 -71.14 9.27
CA ASP A 380 -28.23 -71.61 8.77
C ASP A 380 -27.65 -72.73 9.67
N GLY A 381 -27.84 -72.56 10.97
CA GLY A 381 -27.37 -73.54 11.96
C GLY A 381 -27.98 -74.93 11.77
N VAL A 382 -29.31 -74.99 11.64
CA VAL A 382 -30.00 -76.27 11.51
C VAL A 382 -29.74 -76.93 10.16
N PHE A 383 -29.57 -76.12 9.13
CA PHE A 383 -29.24 -76.67 7.79
C PHE A 383 -27.83 -77.26 7.82
N HIS A 384 -26.93 -76.54 8.47
CA HIS A 384 -25.58 -77.05 8.72
C HIS A 384 -25.64 -78.42 9.40
N ALA A 385 -26.37 -78.46 10.50
CA ALA A 385 -26.44 -79.70 11.32
C ALA A 385 -27.04 -80.86 10.57
N THR A 386 -28.01 -80.57 9.73
CA THR A 386 -28.80 -81.61 9.03
C THR A 386 -28.31 -81.95 7.63
N ASN A 387 -27.40 -81.14 7.12
CA ASN A 387 -26.85 -81.36 5.75
C ASN A 387 -25.31 -81.50 5.62
N GLU A 388 -24.57 -80.87 6.52
CA GLU A 388 -23.13 -80.65 6.30
C GLU A 388 -22.19 -81.48 7.17
N LEU A 389 -22.75 -82.25 8.09
CA LEU A 389 -21.93 -83.07 8.99
C LEU A 389 -21.68 -84.47 8.43
N SER A 390 -20.79 -85.19 9.11
CA SER A 390 -20.40 -86.58 8.69
C SER A 390 -21.46 -87.62 9.04
N PHE A 391 -22.44 -87.23 9.83
CA PHE A 391 -23.65 -88.06 10.08
C PHE A 391 -24.91 -87.22 9.90
N THR A 392 -26.03 -87.90 9.85
CA THR A 392 -27.36 -87.28 9.84
C THR A 392 -28.00 -87.53 11.19
N PRO A 393 -28.43 -86.47 11.89
CA PRO A 393 -28.97 -86.70 13.22
C PRO A 393 -30.35 -87.31 13.19
N ASP A 394 -30.64 -88.01 14.28
CA ASP A 394 -31.98 -88.55 14.53
C ASP A 394 -32.90 -87.48 15.11
N VAL A 395 -32.28 -86.58 15.86
CA VAL A 395 -32.96 -85.50 16.58
C VAL A 395 -32.15 -84.23 16.46
N VAL A 396 -32.85 -83.15 16.15
CA VAL A 396 -32.26 -81.82 16.17
C VAL A 396 -32.93 -81.04 17.29
N ILE A 397 -32.12 -80.47 18.15
CA ILE A 397 -32.61 -79.62 19.22
C ILE A 397 -32.01 -78.23 19.05
N ASP A 398 -32.86 -77.24 18.83
CA ASP A 398 -32.34 -75.87 18.79
C ASP A 398 -32.82 -75.13 20.01
N MET A 399 -31.93 -74.39 20.61
CA MET A 399 -32.25 -73.63 21.83
C MET A 399 -31.91 -72.16 21.60
N ALA A 400 -32.84 -71.30 21.94
CA ALA A 400 -32.71 -69.90 21.60
C ALA A 400 -33.54 -68.99 22.48
N THR A 401 -32.95 -67.87 22.84
CA THR A 401 -33.68 -66.75 23.49
C THR A 401 -34.36 -65.96 22.38
N LEU A 402 -35.44 -66.50 21.88
CA LEU A 402 -35.93 -66.12 20.53
C LEU A 402 -36.97 -65.01 20.42
N THR A 403 -38.01 -65.07 21.24
CA THR A 403 -39.13 -64.15 21.15
C THR A 403 -39.65 -63.63 22.47
N GLY A 404 -40.13 -62.40 22.44
CA GLY A 404 -40.89 -61.78 23.55
C GLY A 404 -42.22 -62.49 23.78
N ALA A 405 -42.78 -62.97 22.69
CA ALA A 405 -44.02 -63.77 22.74
C ALA A 405 -43.92 -64.98 23.70
N GLN A 406 -42.73 -65.54 23.81
CA GLN A 406 -42.49 -66.69 24.71
C GLN A 406 -42.89 -66.42 26.15
N GLY A 407 -42.53 -65.25 26.64
CA GLY A 407 -42.89 -64.85 28.01
C GLY A 407 -44.39 -64.71 28.19
N ILE A 408 -44.99 -64.05 27.21
CA ILE A 408 -46.46 -63.83 27.18
C ILE A 408 -47.20 -65.19 27.14
N ALA A 409 -46.65 -66.10 26.37
CA ALA A 409 -47.28 -67.42 26.15
C ALA A 409 -47.10 -68.41 27.32
N THR A 410 -45.85 -68.67 27.66
CA THR A 410 -45.51 -69.70 28.67
C THR A 410 -44.80 -69.21 29.94
N GLY A 411 -44.45 -67.93 29.96
CA GLY A 411 -44.00 -67.29 31.19
C GLY A 411 -42.52 -67.40 31.49
N ARG A 412 -42.17 -66.98 32.68
CA ARG A 412 -40.75 -66.82 33.04
C ARG A 412 -40.02 -68.05 33.45
N HIS A 413 -40.76 -69.08 33.81
CA HIS A 413 -40.17 -70.33 34.32
C HIS A 413 -40.29 -71.50 33.39
N HIS A 414 -41.05 -71.36 32.31
CA HIS A 414 -41.28 -72.45 31.37
C HIS A 414 -40.83 -72.07 29.98
N ALA A 415 -39.83 -72.76 29.47
CA ALA A 415 -39.40 -72.58 28.07
C ALA A 415 -40.49 -73.13 27.14
N GLY A 416 -40.70 -72.45 26.02
CA GLY A 416 -41.72 -72.85 25.06
C GLY A 416 -41.17 -73.89 24.12
N LEU A 417 -41.95 -74.95 23.90
CA LEU A 417 -41.55 -76.07 23.01
C LEU A 417 -42.41 -76.15 21.74
N TYR A 418 -41.74 -76.05 20.61
CA TYR A 418 -42.34 -76.20 19.31
C TYR A 418 -41.72 -77.44 18.70
N VAL A 419 -42.51 -78.47 18.54
CA VAL A 419 -42.00 -79.82 18.22
C VAL A 419 -42.82 -80.52 17.16
N ASN A 420 -42.13 -81.09 16.19
CA ASN A 420 -42.81 -81.78 15.07
C ASN A 420 -43.37 -83.19 15.38
N GLU A 421 -42.99 -83.77 16.52
CA GLU A 421 -43.48 -85.10 16.95
C GLU A 421 -43.97 -85.09 18.36
N GLU A 422 -45.10 -85.71 18.58
CA GLU A 422 -45.69 -85.85 19.93
C GLU A 422 -44.70 -86.53 20.93
N GLY A 423 -44.04 -87.59 20.48
CA GLY A 423 -43.12 -88.41 21.34
C GLY A 423 -41.92 -87.67 21.89
N ALA A 424 -41.28 -86.94 21.00
CA ALA A 424 -40.11 -86.13 21.35
C ALA A 424 -40.49 -85.00 22.30
N GLU A 425 -41.67 -84.47 22.06
CA GLU A 425 -42.22 -83.40 22.90
C GLU A 425 -42.46 -83.87 24.32
N ALA A 426 -43.17 -84.96 24.44
CA ALA A 426 -43.48 -85.58 25.76
C ALA A 426 -42.21 -85.91 26.54
N ALA A 427 -41.20 -86.40 25.82
CA ALA A 427 -39.90 -86.71 26.45
C ALA A 427 -39.16 -85.46 26.94
N MET A 428 -39.20 -84.38 26.17
CA MET A 428 -38.56 -83.13 26.59
C MET A 428 -39.30 -82.53 27.79
N LEU A 429 -40.62 -82.61 27.75
CA LEU A 429 -41.47 -82.17 28.90
C LEU A 429 -41.18 -82.94 30.18
N ARG A 430 -41.08 -84.24 30.05
CA ARG A 430 -40.64 -85.12 31.17
C ARG A 430 -39.26 -84.72 31.74
N ALA A 431 -38.33 -84.47 30.83
CA ALA A 431 -36.97 -84.06 31.21
C ALA A 431 -36.95 -82.72 31.95
N GLY A 432 -37.81 -81.83 31.53
CA GLY A 432 -38.02 -80.55 32.21
C GLY A 432 -38.55 -80.70 33.62
N ARG A 433 -39.52 -81.59 33.79
CA ARG A 433 -40.13 -81.84 35.11
C ARG A 433 -39.17 -82.57 36.07
N GLU A 434 -38.32 -83.41 35.52
CA GLU A 434 -37.33 -84.15 36.32
C GLU A 434 -36.15 -83.29 36.69
N SER A 435 -35.72 -82.49 35.74
CA SER A 435 -34.56 -81.59 35.91
C SER A 435 -34.88 -80.33 36.70
N GLY A 436 -36.15 -79.95 36.72
CA GLY A 436 -36.57 -78.64 37.28
C GLY A 436 -36.53 -77.50 36.27
N GLU A 437 -35.90 -77.75 35.13
CA GLU A 437 -35.77 -76.76 34.04
C GLU A 437 -36.96 -76.96 33.11
N THR A 438 -38.10 -76.51 33.65
CA THR A 438 -39.42 -76.82 33.09
C THR A 438 -39.69 -76.16 31.73
N CYS A 439 -40.51 -76.85 30.98
CA CYS A 439 -40.93 -76.48 29.63
C CYS A 439 -42.44 -76.59 29.48
N PHE A 440 -42.96 -76.00 28.42
CA PHE A 440 -44.41 -76.13 28.10
C PHE A 440 -44.60 -75.99 26.60
N PRO A 441 -45.48 -76.82 25.99
CA PRO A 441 -45.61 -76.73 24.55
C PRO A 441 -46.33 -75.48 24.03
N VAL A 442 -45.89 -75.04 22.89
CA VAL A 442 -46.65 -74.05 22.13
C VAL A 442 -47.24 -74.75 20.91
N LEU A 443 -48.25 -74.12 20.35
CA LEU A 443 -48.97 -74.63 19.17
C LEU A 443 -48.03 -75.04 18.04
N TYR A 444 -48.17 -76.31 17.63
CA TYR A 444 -47.55 -76.83 16.39
C TYR A 444 -48.65 -76.97 15.33
N CYS A 445 -48.60 -76.11 14.34
CA CYS A 445 -49.62 -76.08 13.26
C CYS A 445 -49.08 -75.37 12.02
N PRO A 446 -48.10 -76.00 11.34
CA PRO A 446 -47.41 -75.40 10.20
C PRO A 446 -48.32 -74.82 9.11
N GLU A 447 -49.43 -75.48 8.85
CA GLU A 447 -50.38 -74.99 7.83
C GLU A 447 -50.93 -73.59 8.17
N TYR A 448 -51.02 -73.26 9.45
CA TYR A 448 -51.42 -71.91 9.86
C TYR A 448 -50.26 -70.92 10.00
N HIS A 449 -49.05 -71.41 10.20
CA HIS A 449 -47.87 -70.53 10.38
C HIS A 449 -47.33 -70.06 9.05
N GLU A 450 -47.33 -70.98 8.10
CA GLU A 450 -46.75 -70.77 6.74
C GLU A 450 -47.21 -69.49 6.00
N PRO A 451 -48.53 -69.18 6.00
CA PRO A 451 -49.01 -67.97 5.30
C PRO A 451 -48.58 -66.62 5.90
N GLU A 452 -48.12 -66.64 7.15
CA GLU A 452 -47.60 -65.41 7.79
C GLU A 452 -46.28 -64.90 7.19
N PHE A 453 -45.61 -65.76 6.44
CA PHE A 453 -44.28 -65.45 5.90
C PHE A 453 -44.25 -65.26 4.41
N LYS A 454 -45.41 -65.02 3.81
CA LYS A 454 -45.50 -64.82 2.36
C LYS A 454 -44.73 -63.54 1.92
N SER A 455 -43.96 -63.68 0.85
CA SER A 455 -43.16 -62.60 0.29
C SER A 455 -43.45 -62.40 -1.20
N ASN A 456 -43.39 -61.16 -1.62
CA ASN A 456 -43.55 -60.80 -3.06
C ASN A 456 -42.42 -61.31 -3.93
N HIS A 457 -41.21 -61.17 -3.43
CA HIS A 457 -40.01 -61.41 -4.27
C HIS A 457 -39.07 -62.51 -3.83
N ALA A 458 -39.14 -62.87 -2.57
CA ALA A 458 -38.31 -63.94 -2.04
C ALA A 458 -39.18 -65.16 -1.67
N ASP A 459 -38.54 -66.27 -1.33
CA ASP A 459 -39.29 -67.48 -0.90
C ASP A 459 -40.11 -67.23 0.34
N MET A 460 -39.56 -66.39 1.23
CA MET A 460 -40.22 -66.07 2.50
C MET A 460 -39.71 -64.74 3.08
N THR A 461 -40.47 -64.20 4.00
CA THR A 461 -40.00 -63.12 4.85
C THR A 461 -39.43 -63.73 6.12
N ASN A 462 -38.84 -62.87 6.96
CA ASN A 462 -38.41 -63.25 8.31
C ASN A 462 -39.32 -62.79 9.46
N LEU A 463 -40.48 -62.30 9.14
CA LEU A 463 -41.39 -61.73 10.16
C LEU A 463 -42.81 -62.00 9.78
N MET A 464 -43.58 -62.38 10.78
CA MET A 464 -45.01 -62.59 10.61
C MET A 464 -45.69 -61.28 10.22
N GLU A 465 -46.57 -61.41 9.24
CA GLU A 465 -47.43 -60.33 8.81
C GLU A 465 -48.35 -59.84 9.94
N ARG A 466 -48.91 -60.80 10.64
CA ARG A 466 -49.80 -60.55 11.81
C ARG A 466 -49.10 -61.11 13.06
N ARG A 467 -48.61 -60.21 13.89
CA ARG A 467 -47.82 -60.57 15.09
C ARG A 467 -48.64 -61.37 16.09
N ASP A 468 -49.95 -61.21 16.05
CA ASP A 468 -50.87 -61.87 17.03
C ASP A 468 -51.45 -63.21 16.53
N ASN A 469 -50.62 -63.99 15.86
CA ASN A 469 -50.98 -65.30 15.32
C ASN A 469 -49.96 -66.38 15.66
N ALA A 470 -49.82 -66.62 16.96
CA ALA A 470 -48.92 -67.69 17.53
C ALA A 470 -47.47 -67.35 17.25
N GLY A 471 -46.99 -66.36 17.99
CA GLY A 471 -45.67 -65.79 17.78
C GLY A 471 -44.49 -66.67 18.16
N VAL A 472 -44.69 -67.54 19.12
CA VAL A 472 -43.61 -68.49 19.52
C VAL A 472 -43.49 -69.54 18.43
N SER A 473 -44.64 -69.97 17.97
CA SER A 473 -44.76 -71.07 16.98
C SER A 473 -44.24 -70.68 15.61
N CYS A 474 -44.60 -69.49 15.18
CA CYS A 474 -44.18 -68.99 13.85
C CYS A 474 -42.67 -68.86 13.70
N ALA A 475 -42.01 -68.41 14.76
CA ALA A 475 -40.52 -68.32 14.75
C ALA A 475 -39.90 -69.73 14.64
N GLY A 476 -40.49 -70.66 15.34
CA GLY A 476 -40.13 -72.07 15.22
C GLY A 476 -40.33 -72.58 13.79
N TYR A 477 -41.52 -72.29 13.25
CA TYR A 477 -41.82 -72.69 11.86
C TYR A 477 -40.76 -72.20 10.86
N PHE A 478 -40.38 -70.93 10.98
CA PHE A 478 -39.39 -70.31 10.08
C PHE A 478 -38.12 -71.18 10.04
N ILE A 479 -37.65 -71.55 11.21
CA ILE A 479 -36.44 -72.32 11.35
C ILE A 479 -36.57 -73.66 10.63
N THR A 480 -37.73 -74.29 10.76
CA THR A 480 -37.95 -75.62 10.14
C THR A 480 -37.91 -75.59 8.62
N THR A 481 -38.22 -74.44 8.04
CA THR A 481 -38.15 -74.31 6.56
C THR A 481 -36.72 -74.49 6.00
N HIS A 482 -35.74 -74.35 6.88
CA HIS A 482 -34.30 -74.49 6.52
C HIS A 482 -33.65 -75.79 6.94
N LEU A 483 -34.46 -76.71 7.45
CA LEU A 483 -34.01 -78.09 7.69
C LEU A 483 -33.71 -78.75 6.33
N SER A 484 -32.60 -79.46 6.27
CA SER A 484 -32.26 -80.25 5.06
C SER A 484 -33.33 -81.29 4.74
N PRO A 485 -33.64 -81.51 3.44
CA PRO A 485 -34.52 -82.64 3.03
C PRO A 485 -33.99 -84.05 3.39
N LYS A 486 -32.68 -84.16 3.55
CA LYS A 486 -32.03 -85.37 4.10
C LYS A 486 -32.49 -85.75 5.51
N PHE A 487 -33.03 -84.78 6.24
CA PHE A 487 -33.46 -84.98 7.62
C PHE A 487 -34.94 -85.38 7.69
N THR A 488 -35.20 -86.47 8.38
CA THR A 488 -36.56 -87.01 8.55
C THR A 488 -36.96 -87.29 10.01
N GLY A 489 -36.16 -86.80 10.92
CA GLY A 489 -36.31 -87.14 12.35
C GLY A 489 -37.02 -86.06 13.15
N ALA A 490 -36.84 -86.11 14.46
CA ALA A 490 -37.55 -85.23 15.40
C ALA A 490 -36.84 -83.88 15.53
N HIS A 491 -37.63 -82.83 15.45
CA HIS A 491 -37.10 -81.48 15.63
C HIS A 491 -37.73 -80.82 16.84
N ILE A 492 -36.89 -80.49 17.82
CA ILE A 492 -37.34 -79.85 19.07
C ILE A 492 -36.81 -78.41 19.10
N HIS A 493 -37.70 -77.45 18.97
CA HIS A 493 -37.36 -76.03 19.15
C HIS A 493 -37.70 -75.56 20.56
N VAL A 494 -36.69 -75.06 21.24
CA VAL A 494 -36.81 -74.59 22.64
C VAL A 494 -36.59 -73.08 22.73
N ASP A 495 -37.66 -72.38 23.04
CA ASP A 495 -37.62 -70.94 23.18
C ASP A 495 -37.49 -70.63 24.65
N LEU A 496 -36.30 -70.18 25.03
CA LEU A 496 -35.98 -69.94 26.45
C LEU A 496 -35.62 -68.46 26.72
N ALA A 497 -36.31 -67.58 26.03
CA ALA A 497 -36.09 -66.14 26.14
C ALA A 497 -36.05 -65.65 27.62
N TYR A 498 -37.08 -66.01 28.37
CA TYR A 498 -37.22 -65.59 29.77
C TYR A 498 -36.60 -66.51 30.84
N PRO A 499 -36.71 -67.83 30.68
CA PRO A 499 -36.18 -68.71 31.72
C PRO A 499 -34.68 -68.64 31.96
N VAL A 500 -33.94 -68.08 31.01
CA VAL A 500 -32.47 -67.93 31.17
C VAL A 500 -32.03 -66.84 32.16
N PHE A 501 -32.96 -66.06 32.68
CA PHE A 501 -32.61 -64.99 33.61
C PHE A 501 -33.70 -64.72 34.61
N ASN A 502 -33.30 -64.14 35.72
CA ASN A 502 -34.23 -63.52 36.64
C ASN A 502 -33.68 -62.16 37.07
N SER A 503 -34.26 -61.57 38.09
CA SER A 503 -33.83 -60.23 38.54
C SER A 503 -32.39 -60.18 39.12
N ASN A 504 -31.85 -61.33 39.49
CA ASN A 504 -30.44 -61.42 39.91
C ASN A 504 -29.44 -61.69 38.79
N GLY A 505 -29.96 -61.89 37.58
CA GLY A 505 -29.10 -62.24 36.43
C GLY A 505 -29.37 -63.62 35.88
N ALA A 506 -28.37 -64.20 35.25
CA ALA A 506 -28.51 -65.50 34.56
C ALA A 506 -28.88 -66.62 35.53
N THR A 507 -29.68 -67.54 35.03
CA THR A 507 -30.14 -68.73 35.82
C THR A 507 -29.36 -70.01 35.47
N GLY A 508 -28.66 -70.00 34.35
CA GLY A 508 -28.01 -71.20 33.83
C GLY A 508 -28.98 -72.27 33.36
N PHE A 509 -30.15 -71.84 32.93
CA PHE A 509 -31.22 -72.73 32.45
C PHE A 509 -30.83 -73.32 31.12
N GLY A 510 -31.00 -74.63 31.01
CA GLY A 510 -30.83 -75.36 29.74
C GLY A 510 -29.96 -76.61 29.75
N PRO A 511 -28.76 -76.51 30.31
CA PRO A 511 -27.83 -77.65 30.32
C PRO A 511 -28.37 -78.87 31.04
N ALA A 512 -28.91 -78.69 32.21
CA ALA A 512 -29.46 -79.81 33.00
C ALA A 512 -30.66 -80.45 32.32
N LEU A 513 -31.49 -79.60 31.71
CA LEU A 513 -32.59 -80.08 30.89
C LEU A 513 -32.09 -81.09 29.84
N LEU A 514 -31.05 -80.69 29.13
CA LEU A 514 -30.40 -81.55 28.09
C LEU A 514 -29.79 -82.84 28.65
N THR A 515 -29.07 -82.71 29.74
CA THR A 515 -28.47 -83.87 30.43
C THR A 515 -29.56 -84.90 30.76
N GLU A 516 -30.62 -84.43 31.39
CA GLU A 516 -31.77 -85.32 31.74
C GLU A 516 -32.42 -85.94 30.49
N TYR A 517 -32.56 -85.14 29.44
CA TYR A 517 -33.17 -85.63 28.19
C TYR A 517 -32.32 -86.77 27.60
N PHE A 518 -31.01 -86.53 27.52
CA PHE A 518 -30.03 -87.53 27.01
C PHE A 518 -30.03 -88.83 27.83
N ARG A 519 -30.10 -88.65 29.13
CA ARG A 519 -30.12 -89.75 30.12
C ARG A 519 -31.25 -90.75 29.89
N LYS A 520 -32.37 -90.25 29.39
CA LYS A 520 -33.60 -91.08 29.15
C LYS A 520 -33.81 -91.59 27.73
N LEU A 521 -32.84 -91.36 26.86
N LEU A 521 -32.84 -91.36 26.86
CA LEU A 521 -33.00 -91.67 25.43
CA LEU A 521 -33.00 -91.67 25.43
C LEU A 521 -33.03 -93.19 25.11
C LEU A 521 -33.03 -93.19 25.11
N THR B 3 -8.40 -39.96 7.88
CA THR B 3 -8.11 -39.17 6.65
C THR B 3 -9.37 -38.44 6.16
N LEU B 4 -9.37 -37.12 6.35
CA LEU B 4 -10.45 -36.22 5.86
C LEU B 4 -10.11 -35.70 4.45
N PRO B 5 -11.13 -35.28 3.67
CA PRO B 5 -10.84 -34.58 2.42
C PRO B 5 -10.05 -33.29 2.66
N LYS B 6 -9.15 -32.97 1.73
CA LYS B 6 -8.25 -31.77 1.82
C LYS B 6 -9.04 -30.46 2.07
N ALA B 7 -10.17 -30.32 1.37
CA ALA B 7 -11.04 -29.12 1.52
C ALA B 7 -11.66 -28.97 2.91
N GLU B 8 -12.02 -30.10 3.50
CA GLU B 8 -12.57 -30.14 4.88
C GLU B 8 -11.50 -29.82 5.93
N ALA B 9 -10.32 -30.39 5.76
CA ALA B 9 -9.16 -30.08 6.66
C ALA B 9 -8.74 -28.58 6.64
N LYS B 10 -8.73 -27.98 5.45
CA LYS B 10 -8.43 -26.51 5.30
C LYS B 10 -9.48 -25.65 6.02
N GLU B 11 -10.74 -26.02 5.85
CA GLU B 11 -11.86 -25.38 6.57
C GLU B 11 -11.71 -25.50 8.11
N LEU B 12 -11.31 -26.67 8.58
CA LEU B 12 -11.12 -26.92 10.04
C LEU B 12 -9.98 -26.09 10.62
N SER B 13 -8.86 -26.06 9.91
CA SER B 13 -7.70 -25.18 10.30
C SER B 13 -8.06 -23.71 10.40
N ALA B 14 -8.80 -23.25 9.40
CA ALA B 14 -9.23 -21.85 9.37
C ALA B 14 -10.20 -21.55 10.51
N PHE B 15 -11.06 -22.52 10.80
CA PHE B 15 -12.01 -22.37 11.94
C PHE B 15 -11.26 -22.33 13.28
N VAL B 16 -10.27 -23.21 13.41
CA VAL B 16 -9.41 -23.22 14.62
C VAL B 16 -8.78 -21.82 14.83
N GLN B 17 -8.15 -21.32 13.78
CA GLN B 17 -7.48 -20.01 13.80
C GLN B 17 -8.48 -18.90 14.20
N SER B 18 -9.67 -18.95 13.61
CA SER B 18 -10.76 -17.96 13.97
C SER B 18 -11.08 -17.96 15.45
N CYS B 19 -11.02 -19.12 16.08
CA CYS B 19 -11.29 -19.21 17.54
C CYS B 19 -10.10 -18.75 18.37
N VAL B 20 -8.91 -19.21 17.96
CA VAL B 20 -7.62 -18.83 18.67
C VAL B 20 -7.36 -17.30 18.64
N GLU B 21 -7.69 -16.69 17.52
CA GLU B 21 -7.45 -15.25 17.31
C GLU B 21 -8.69 -14.40 17.57
N TYR B 22 -9.72 -15.00 18.16
CA TYR B 22 -10.99 -14.28 18.37
C TYR B 22 -10.75 -13.01 19.21
N LYS B 23 -11.27 -11.91 18.71
CA LYS B 23 -11.25 -10.61 19.40
C LYS B 23 -12.69 -10.06 19.53
N THR B 24 -13.00 -9.50 20.68
CA THR B 24 -14.36 -9.00 20.93
C THR B 24 -14.74 -7.77 20.09
N ASN B 25 -16.03 -7.63 19.84
CA ASN B 25 -16.61 -6.43 19.19
C ASN B 25 -16.95 -5.31 20.18
N VAL B 26 -16.76 -5.57 21.46
CA VAL B 26 -17.21 -4.62 22.52
C VAL B 26 -16.02 -3.89 23.16
N CYS B 27 -16.18 -2.61 23.37
CA CYS B 27 -15.26 -1.85 24.26
C CYS B 27 -16.07 -1.06 25.29
N PHE B 28 -15.39 -0.69 26.36
CA PHE B 28 -16.01 -0.02 27.51
C PHE B 28 -15.37 1.33 27.88
N THR B 29 -16.21 2.26 28.27
CA THR B 29 -15.78 3.57 28.71
C THR B 29 -16.84 4.18 29.60
N ASP B 30 -16.71 5.48 29.85
CA ASP B 30 -17.67 6.21 30.71
C ASP B 30 -17.99 7.59 30.13
N VAL B 31 -19.03 8.22 30.66
CA VAL B 31 -19.61 9.44 30.04
C VAL B 31 -18.57 10.54 29.88
N ALA B 32 -17.81 10.80 30.95
CA ALA B 32 -16.82 11.90 30.94
C ALA B 32 -15.71 11.62 29.91
N ALA B 33 -15.24 10.39 29.88
CA ALA B 33 -14.16 9.98 28.96
C ALA B 33 -14.67 10.04 27.53
N TYR B 34 -15.96 9.75 27.36
CA TYR B 34 -16.63 9.79 26.01
C TYR B 34 -16.82 11.24 25.52
N GLU B 35 -17.31 12.09 26.41
CA GLU B 35 -17.42 13.55 26.15
C GLU B 35 -16.06 14.10 25.70
N SER B 36 -15.02 13.69 26.42
CA SER B 36 -13.63 14.18 26.20
C SER B 36 -13.02 13.66 24.89
N ASN B 37 -13.22 12.40 24.59
CA ASN B 37 -12.63 11.78 23.37
C ASN B 37 -13.42 12.01 22.10
N GLN B 38 -14.74 12.10 22.21
CA GLN B 38 -15.64 12.23 21.03
C GLN B 38 -16.37 13.58 20.89
N LYS B 39 -16.29 14.40 21.93
CA LYS B 39 -16.67 15.84 21.86
C LYS B 39 -18.14 16.04 21.45
N GLY B 40 -19.00 15.13 21.88
CA GLY B 40 -20.46 15.15 21.53
C GLY B 40 -20.83 14.61 20.16
N VAL B 41 -19.90 13.99 19.47
CA VAL B 41 -20.17 13.41 18.14
C VAL B 41 -20.39 11.90 18.33
N LEU B 42 -21.59 11.47 17.97
CA LEU B 42 -21.96 10.05 18.07
C LEU B 42 -21.11 9.21 17.10
N SER B 43 -20.88 7.96 17.50
CA SER B 43 -20.09 7.02 16.69
C SER B 43 -20.78 6.61 15.36
N SER B 44 -22.11 6.63 15.35
CA SER B 44 -22.89 6.27 14.15
C SER B 44 -24.31 6.86 14.21
N GLY B 45 -25.13 6.45 13.25
CA GLY B 45 -26.55 6.84 13.17
C GLY B 45 -27.51 6.11 14.10
N LEU B 46 -26.95 5.31 15.02
CA LEU B 46 -27.75 4.65 16.06
C LEU B 46 -27.12 4.85 17.42
N ALA B 47 -27.96 5.21 18.38
CA ALA B 47 -27.58 5.22 19.80
C ALA B 47 -28.62 4.50 20.67
N VAL B 48 -28.13 3.86 21.73
CA VAL B 48 -28.99 3.11 22.62
C VAL B 48 -28.88 3.61 24.03
N LEU B 49 -30.05 3.77 24.64
CA LEU B 49 -30.12 4.22 26.04
C LEU B 49 -30.91 3.21 26.87
N VAL B 50 -30.24 2.63 27.83
CA VAL B 50 -30.82 1.55 28.67
C VAL B 50 -30.70 1.78 30.19
N GLY B 51 -31.83 1.76 30.86
CA GLY B 51 -31.85 1.92 32.33
C GLY B 51 -33.22 1.67 32.92
N THR B 52 -33.30 1.79 34.23
CA THR B 52 -34.58 1.62 34.95
C THR B 52 -35.44 2.84 34.76
N HIS B 53 -36.70 2.69 35.11
CA HIS B 53 -37.69 3.81 35.11
C HIS B 53 -37.14 5.06 35.85
N LYS B 54 -36.63 4.83 37.05
CA LYS B 54 -36.03 5.89 37.88
C LYS B 54 -34.72 6.40 37.26
N GLN B 55 -33.83 5.51 36.86
CA GLN B 55 -32.54 5.96 36.23
C GLN B 55 -32.74 6.85 34.99
N LEU B 56 -33.73 6.48 34.18
CA LEU B 56 -34.05 7.20 32.90
C LEU B 56 -34.54 8.64 33.14
N ARG B 57 -35.01 8.89 34.34
CA ARG B 57 -35.52 10.21 34.78
C ARG B 57 -34.54 11.01 35.67
N ASP B 58 -33.34 10.48 35.84
CA ASP B 58 -32.26 11.20 36.51
C ASP B 58 -31.91 12.45 35.68
N PRO B 59 -31.66 13.60 36.34
CA PRO B 59 -31.29 14.84 35.59
C PRO B 59 -30.00 14.72 34.76
N ALA B 60 -29.08 13.87 35.20
CA ALA B 60 -27.84 13.57 34.44
C ALA B 60 -28.11 13.05 33.01
N VAL B 61 -29.25 12.40 32.83
CA VAL B 61 -29.66 11.87 31.48
C VAL B 61 -29.81 13.01 30.45
N GLN B 62 -30.29 14.15 30.93
CA GLN B 62 -30.45 15.34 30.07
C GLN B 62 -29.15 15.92 29.51
N ARG B 63 -28.03 15.60 30.16
CA ARG B 63 -26.70 16.06 29.70
C ARG B 63 -26.07 15.12 28.66
N LEU B 64 -26.75 14.03 28.36
CA LEU B 64 -26.28 13.10 27.32
C LEU B 64 -26.45 13.75 25.95
N PRO B 65 -25.45 13.56 25.07
CA PRO B 65 -25.33 14.34 23.83
C PRO B 65 -26.45 14.18 22.81
N PHE B 66 -27.19 13.08 22.91
CA PHE B 66 -28.33 12.81 22.00
C PHE B 66 -29.70 13.22 22.61
N TYR B 67 -29.69 13.68 23.85
CA TYR B 67 -30.94 14.02 24.52
C TYR B 67 -31.64 15.21 23.84
N ASN B 68 -32.93 15.08 23.69
CA ASN B 68 -33.82 16.18 23.24
C ASN B 68 -35.29 15.86 23.61
N PRO B 69 -36.24 16.74 23.27
CA PRO B 69 -37.62 16.48 23.71
C PRO B 69 -38.27 15.18 23.17
N ALA B 70 -37.80 14.72 22.01
CA ALA B 70 -38.30 13.44 21.41
C ALA B 70 -37.84 12.21 22.21
N VAL B 71 -36.58 12.26 22.62
CA VAL B 71 -36.00 11.24 23.52
C VAL B 71 -36.73 11.26 24.87
N ALA B 72 -37.04 12.44 25.36
CA ALA B 72 -37.82 12.59 26.63
C ALA B 72 -39.17 11.92 26.51
N GLU B 73 -39.79 12.14 25.35
CA GLU B 73 -41.09 11.49 25.04
C GLU B 73 -40.95 9.96 24.92
N ALA B 74 -39.85 9.51 24.35
CA ALA B 74 -39.54 8.07 24.26
C ALA B 74 -39.49 7.43 25.67
N ILE B 75 -38.85 8.13 26.58
CA ILE B 75 -38.75 7.71 27.98
C ILE B 75 -40.14 7.58 28.62
N GLU B 76 -41.05 8.48 28.25
CA GLU B 76 -42.45 8.44 28.75
C GLU B 76 -43.26 7.27 28.16
N ARG B 77 -43.00 6.97 26.89
CA ARG B 77 -43.85 5.99 26.14
C ARG B 77 -43.35 4.55 26.20
N VAL B 78 -42.08 4.38 26.51
CA VAL B 78 -41.46 3.06 26.51
C VAL B 78 -42.13 2.18 27.61
N LYS B 79 -42.33 0.92 27.27
CA LYS B 79 -42.90 -0.03 28.24
C LYS B 79 -41.79 -0.71 29.01
N GLU B 80 -42.09 -1.06 30.25
CA GLU B 80 -41.16 -1.86 31.07
C GLU B 80 -40.83 -3.18 30.34
N GLY B 81 -39.53 -3.46 30.22
CA GLY B 81 -39.04 -4.60 29.42
C GLY B 81 -39.04 -4.41 27.91
N GLY B 82 -39.44 -3.23 27.46
CA GLY B 82 -39.57 -2.96 26.02
C GLY B 82 -38.65 -1.84 25.56
N THR B 83 -38.68 -1.60 24.26
CA THR B 83 -37.90 -0.53 23.64
C THR B 83 -38.84 0.46 22.93
N TYR B 84 -38.28 1.64 22.65
CA TYR B 84 -38.99 2.71 21.92
C TYR B 84 -37.97 3.58 21.22
N GLY B 85 -38.13 3.68 19.92
CA GLY B 85 -37.18 4.38 19.06
C GLY B 85 -37.71 5.71 18.51
N VAL B 86 -36.81 6.68 18.44
CA VAL B 86 -37.11 8.03 17.87
C VAL B 86 -35.97 8.51 16.99
N LEU B 87 -36.33 9.26 15.96
CA LEU B 87 -35.34 9.99 15.14
C LEU B 87 -35.01 11.38 15.70
N VAL B 88 -33.72 11.68 15.72
CA VAL B 88 -33.23 13.00 16.11
C VAL B 88 -32.56 13.60 14.89
N GLU B 89 -33.10 14.72 14.43
CA GLU B 89 -32.57 15.43 13.26
C GLU B 89 -31.37 16.31 13.60
N GLY B 90 -30.40 16.28 12.69
CA GLY B 90 -29.20 17.18 12.74
C GLY B 90 -28.36 16.98 13.99
N LEU B 91 -28.19 15.73 14.38
CA LEU B 91 -27.32 15.38 15.51
C LEU B 91 -25.98 14.88 14.97
N ALA B 92 -24.91 15.49 15.45
CA ALA B 92 -23.56 15.19 14.91
C ALA B 92 -23.23 13.74 15.12
N ASN B 93 -22.78 13.10 14.06
CA ASN B 93 -22.32 11.72 14.15
C ASN B 93 -21.25 11.41 13.09
N ALA B 94 -20.40 10.45 13.40
CA ALA B 94 -19.25 10.10 12.53
C ALA B 94 -19.65 9.48 11.18
N ALA B 95 -20.85 8.95 11.10
CA ALA B 95 -21.35 8.34 9.83
C ALA B 95 -21.94 9.37 8.89
N GLY B 96 -22.07 10.58 9.38
CA GLY B 96 -22.66 11.69 8.61
C GLY B 96 -24.13 11.49 8.25
N SER B 97 -24.81 10.74 9.07
CA SER B 97 -26.24 10.44 8.85
C SER B 97 -27.06 11.69 9.19
N LYS B 98 -28.07 11.99 8.38
CA LYS B 98 -28.93 13.19 8.60
C LYS B 98 -29.76 13.06 9.88
N PHE B 99 -30.33 11.86 10.07
CA PHE B 99 -31.06 11.52 11.31
C PHE B 99 -30.31 10.49 12.12
N VAL B 100 -30.33 10.67 13.42
CA VAL B 100 -29.80 9.66 14.35
C VAL B 100 -31.01 8.98 14.95
N ARG B 101 -30.97 7.65 14.97
CA ARG B 101 -32.00 6.85 15.67
C ARG B 101 -31.56 6.61 17.11
N VAL B 102 -32.40 7.01 18.03
CA VAL B 102 -32.16 6.79 19.47
C VAL B 102 -33.19 5.80 19.98
N VAL B 103 -32.72 4.66 20.47
CA VAL B 103 -33.58 3.61 21.03
C VAL B 103 -33.43 3.55 22.53
N VAL B 104 -34.54 3.84 23.18
CA VAL B 104 -34.63 3.77 24.64
C VAL B 104 -35.16 2.40 25.08
N GLY B 105 -34.56 1.85 26.13
CA GLY B 105 -34.99 0.57 26.70
C GLY B 105 -35.10 0.65 28.21
N GLU B 106 -36.24 0.23 28.73
CA GLU B 106 -36.53 0.26 30.18
C GLU B 106 -36.34 -1.12 30.85
N VAL B 107 -35.46 -1.12 31.83
CA VAL B 107 -35.10 -2.29 32.63
C VAL B 107 -35.97 -2.31 33.87
N PRO B 108 -36.60 -3.46 34.17
CA PRO B 108 -37.34 -3.54 35.43
C PRO B 108 -36.45 -3.42 36.66
N THR B 109 -37.05 -3.01 37.76
CA THR B 109 -36.35 -3.06 39.08
C THR B 109 -36.69 -4.34 39.85
N LYS B 110 -37.86 -4.93 39.55
CA LYS B 110 -38.30 -6.19 40.16
C LYS B 110 -37.18 -7.22 40.00
N ALA B 111 -36.79 -7.80 41.12
CA ALA B 111 -35.75 -8.83 41.14
C ALA B 111 -35.89 -9.63 42.42
N SER B 112 -36.06 -10.93 42.26
CA SER B 112 -36.25 -11.83 43.41
C SER B 112 -34.90 -12.03 44.07
N ARG B 113 -34.93 -12.55 45.30
CA ARG B 113 -33.70 -12.85 46.05
C ARG B 113 -32.75 -13.86 45.37
N ASN B 114 -33.23 -14.56 44.37
CA ASN B 114 -32.40 -15.52 43.60
C ASN B 114 -31.93 -15.00 42.27
N ASN B 115 -32.14 -13.70 42.06
CA ASN B 115 -31.76 -13.04 40.80
C ASN B 115 -30.71 -11.93 41.01
N CYS B 116 -30.12 -11.52 39.89
CA CYS B 116 -29.19 -10.36 39.84
C CYS B 116 -30.02 -9.08 39.84
N PRO B 117 -29.89 -8.22 40.88
CA PRO B 117 -30.72 -6.98 41.02
C PRO B 117 -30.70 -6.05 39.80
N ALA B 118 -29.60 -6.09 39.07
CA ALA B 118 -29.44 -5.24 37.88
C ALA B 118 -30.14 -5.81 36.61
N ARG B 119 -30.70 -7.01 36.73
CA ARG B 119 -31.49 -7.66 35.67
C ARG B 119 -30.80 -7.60 34.29
N PRO B 120 -29.54 -8.08 34.22
CA PRO B 120 -28.82 -8.12 32.95
C PRO B 120 -29.49 -8.97 31.87
N ASP B 121 -30.31 -9.92 32.28
CA ASP B 121 -31.16 -10.68 31.33
C ASP B 121 -31.99 -9.72 30.42
N VAL B 122 -32.57 -8.68 31.00
CA VAL B 122 -33.39 -7.74 30.23
C VAL B 122 -32.50 -6.77 29.45
N VAL B 123 -31.41 -6.39 30.06
CA VAL B 123 -30.39 -5.55 29.35
C VAL B 123 -30.02 -6.22 28.02
N THR B 124 -29.67 -7.48 28.08
CA THR B 124 -29.33 -8.25 26.87
C THR B 124 -30.44 -8.17 25.81
N ALA B 125 -31.65 -8.43 26.22
CA ALA B 125 -32.79 -8.46 25.27
C ALA B 125 -33.09 -7.07 24.68
N LEU B 126 -32.95 -6.04 25.49
CA LEU B 126 -33.16 -4.65 25.04
C LEU B 126 -32.14 -4.22 24.00
N VAL B 127 -30.89 -4.50 24.26
CA VAL B 127 -29.84 -4.11 23.31
C VAL B 127 -29.97 -4.93 22.03
N THR B 128 -30.26 -6.23 22.17
CA THR B 128 -30.51 -7.10 21.01
C THR B 128 -31.59 -6.52 20.09
N ALA B 129 -32.70 -6.15 20.71
CA ALA B 129 -33.85 -5.54 19.97
C ALA B 129 -33.46 -4.21 19.29
N ALA B 130 -32.73 -3.38 20.02
CA ALA B 130 -32.25 -2.07 19.49
C ALA B 130 -31.29 -2.27 18.31
N LEU B 131 -30.42 -3.26 18.39
CA LEU B 131 -29.42 -3.52 17.32
C LEU B 131 -30.01 -4.11 16.06
N ASP B 132 -31.24 -4.57 16.15
CA ASP B 132 -32.01 -5.06 14.97
C ASP B 132 -32.41 -3.88 14.05
N GLU B 133 -32.34 -2.66 14.58
CA GLU B 133 -32.59 -1.41 13.80
C GLU B 133 -31.33 -0.82 13.14
N VAL B 134 -30.28 -1.63 13.04
CA VAL B 134 -29.00 -1.16 12.47
C VAL B 134 -29.15 -1.12 10.95
N LYS B 135 -28.79 0.03 10.37
CA LYS B 135 -28.89 0.27 8.91
C LYS B 135 -27.74 -0.44 8.16
N GLU B 136 -26.54 0.07 8.39
CA GLU B 136 -25.33 -0.37 7.67
C GLU B 136 -24.53 -1.46 8.43
N PRO B 137 -23.55 -2.13 7.75
CA PRO B 137 -22.63 -3.05 8.39
C PRO B 137 -21.45 -2.26 8.98
N ASN B 138 -20.54 -2.93 9.66
CA ASN B 138 -19.31 -2.32 10.26
C ASN B 138 -19.40 -0.89 10.90
N THR B 139 -20.55 -0.55 11.47
CA THR B 139 -20.69 0.68 12.28
C THR B 139 -20.35 0.41 13.74
N THR B 140 -20.07 1.48 14.46
CA THR B 140 -19.90 1.45 15.90
C THR B 140 -21.17 2.05 16.54
N VAL B 141 -21.77 1.31 17.47
CA VAL B 141 -23.01 1.74 18.13
C VAL B 141 -22.72 2.11 19.57
N ASP B 142 -23.09 3.32 19.93
CA ASP B 142 -22.89 3.78 21.30
C ASP B 142 -24.04 3.25 22.13
N VAL B 143 -23.69 2.54 23.20
CA VAL B 143 -24.68 1.99 24.11
C VAL B 143 -24.51 2.61 25.49
N PHE B 144 -25.42 3.51 25.82
CA PHE B 144 -25.35 4.24 27.09
C PHE B 144 -26.14 3.46 28.09
N VAL B 145 -25.48 3.00 29.13
CA VAL B 145 -26.13 2.25 30.20
C VAL B 145 -26.11 3.11 31.48
N LEU B 146 -27.25 3.18 32.13
CA LEU B 146 -27.43 3.98 33.36
C LEU B 146 -27.10 3.26 34.66
N SER B 147 -26.93 1.94 34.56
CA SER B 147 -26.45 1.12 35.69
C SER B 147 -24.92 1.15 35.80
N ASN B 148 -24.43 1.05 37.04
CA ASN B 148 -22.97 0.91 37.33
C ASN B 148 -22.55 -0.51 37.75
N ALA B 149 -23.44 -1.46 37.50
CA ALA B 149 -23.13 -2.88 37.81
C ALA B 149 -22.32 -3.47 36.66
N VAL B 150 -21.05 -3.14 36.65
CA VAL B 150 -20.22 -3.24 35.40
C VAL B 150 -19.98 -4.64 34.90
N LEU B 151 -19.77 -5.56 35.81
CA LEU B 151 -19.50 -6.97 35.42
C LEU B 151 -20.73 -7.61 34.75
N PRO B 152 -21.89 -7.59 35.43
CA PRO B 152 -23.04 -8.20 34.78
C PRO B 152 -23.43 -7.55 33.47
N ILE B 153 -23.32 -6.23 33.41
CA ILE B 153 -23.62 -5.52 32.15
C ILE B 153 -22.64 -5.88 31.08
N ALA B 154 -21.38 -6.01 31.43
CA ALA B 154 -20.34 -6.36 30.40
C ALA B 154 -20.66 -7.66 29.69
N ALA B 155 -20.97 -8.65 30.51
CA ALA B 155 -21.32 -10.00 30.00
C ALA B 155 -22.68 -9.97 29.24
N ALA B 156 -23.62 -9.18 29.75
CA ALA B 156 -24.95 -9.04 29.14
C ALA B 156 -24.89 -8.49 27.72
N VAL B 157 -24.07 -7.46 27.56
CA VAL B 157 -23.85 -6.84 26.23
C VAL B 157 -22.99 -7.72 25.31
N ALA B 158 -22.00 -8.36 25.86
CA ALA B 158 -21.20 -9.35 25.07
C ALA B 158 -22.10 -10.46 24.43
N ARG B 159 -23.10 -10.86 25.21
CA ARG B 159 -24.12 -11.92 24.85
C ARG B 159 -25.12 -11.49 23.78
N CYS B 160 -25.30 -10.18 23.64
CA CYS B 160 -26.50 -9.67 22.98
C CYS B 160 -26.26 -9.59 21.50
N GLY B 161 -27.33 -9.35 20.78
CA GLY B 161 -27.29 -9.08 19.31
C GLY B 161 -26.92 -10.28 18.49
N LYS B 162 -26.49 -10.03 17.25
CA LYS B 162 -26.05 -11.09 16.34
C LYS B 162 -24.76 -11.75 16.81
N HIS B 163 -24.69 -13.04 16.56
CA HIS B 163 -23.61 -13.88 17.09
C HIS B 163 -22.40 -13.84 16.19
N ASN B 164 -21.22 -13.88 16.79
CA ASN B 164 -19.95 -13.83 16.01
C ASN B 164 -19.81 -15.04 15.09
N PHE B 165 -20.38 -16.15 15.53
CA PHE B 165 -20.44 -17.35 14.65
C PHE B 165 -21.55 -17.18 13.64
N SER B 166 -21.19 -17.30 12.37
CA SER B 166 -22.19 -17.30 11.29
C SER B 166 -21.74 -18.07 10.07
N ALA B 167 -22.70 -18.71 9.43
CA ALA B 167 -22.52 -19.37 8.11
C ALA B 167 -23.38 -18.76 7.02
N LYS B 168 -24.04 -17.67 7.35
CA LYS B 168 -24.91 -16.97 6.38
C LYS B 168 -24.10 -16.19 5.35
N ASP B 169 -24.65 -16.08 4.15
CA ASP B 169 -24.19 -15.13 3.09
C ASP B 169 -22.67 -15.16 2.81
N GLY B 170 -22.15 -16.35 2.57
CA GLY B 170 -20.71 -16.54 2.24
C GLY B 170 -19.73 -16.53 3.41
N ALA B 171 -20.22 -16.34 4.64
CA ALA B 171 -19.34 -16.30 5.85
C ALA B 171 -18.50 -17.57 6.05
N ALA B 172 -18.95 -18.69 5.50
CA ALA B 172 -18.14 -19.93 5.48
C ALA B 172 -16.74 -19.77 4.84
N ALA B 173 -16.67 -18.90 3.86
CA ALA B 173 -15.39 -18.57 3.19
C ALA B 173 -14.49 -17.63 4.02
N ALA B 174 -15.08 -16.99 5.01
CA ALA B 174 -14.34 -16.14 5.98
C ALA B 174 -14.20 -16.79 7.35
N ALA B 175 -14.00 -18.11 7.35
CA ALA B 175 -13.83 -18.91 8.58
C ALA B 175 -14.99 -18.77 9.60
N TYR B 176 -16.18 -18.53 9.07
CA TYR B 176 -17.43 -18.43 9.86
C TYR B 176 -17.44 -17.28 10.85
N ASN B 177 -16.72 -16.23 10.48
CA ASN B 177 -16.76 -14.96 11.22
C ASN B 177 -17.88 -14.18 10.64
N SER B 178 -18.82 -13.81 11.46
CA SER B 178 -19.99 -13.04 10.98
C SER B 178 -19.55 -11.64 10.47
N GLY B 179 -20.14 -11.23 9.36
CA GLY B 179 -19.98 -9.85 8.85
C GLY B 179 -21.10 -8.91 9.31
N LYS B 180 -22.01 -9.44 10.09
CA LYS B 180 -23.26 -8.73 10.54
C LYS B 180 -23.21 -8.18 11.96
N VAL B 181 -22.07 -8.35 12.61
CA VAL B 181 -21.90 -7.88 14.00
C VAL B 181 -21.49 -6.40 14.01
N SER B 182 -22.15 -5.63 14.85
CA SER B 182 -21.80 -4.22 15.05
C SER B 182 -20.76 -4.09 16.17
N ARG B 183 -19.79 -3.20 15.98
CA ARG B 183 -18.88 -2.80 17.08
C ARG B 183 -19.78 -2.08 18.10
N LEU B 184 -19.61 -2.39 19.36
CA LEU B 184 -20.43 -1.76 20.43
C LEU B 184 -19.58 -1.03 21.46
N GLN B 185 -19.85 0.26 21.62
CA GLN B 185 -19.19 1.06 22.67
C GLN B 185 -20.14 1.25 23.82
N VAL B 186 -19.83 0.58 24.92
CA VAL B 186 -20.61 0.65 26.14
C VAL B 186 -20.12 1.81 27.01
N VAL B 187 -21.04 2.68 27.35
CA VAL B 187 -20.73 3.91 28.06
C VAL B 187 -21.43 3.91 29.41
N PHE B 188 -20.64 3.63 30.43
CA PHE B 188 -21.13 3.67 31.81
C PHE B 188 -21.26 5.12 32.33
N PRO B 189 -22.10 5.34 33.36
CA PRO B 189 -22.19 6.68 33.96
C PRO B 189 -20.88 7.17 34.61
N GLU B 190 -20.23 6.27 35.34
CA GLU B 190 -18.96 6.58 36.03
C GLU B 190 -17.85 5.68 35.50
N PRO B 191 -16.57 6.09 35.73
CA PRO B 191 -15.48 5.19 35.38
C PRO B 191 -15.69 3.85 36.06
N PRO B 192 -15.55 2.75 35.30
CA PRO B 192 -15.95 1.46 35.85
C PRO B 192 -15.03 1.01 36.97
N ALA B 193 -15.64 0.46 38.01
CA ALA B 193 -14.88 -0.10 39.16
C ALA B 193 -13.88 -1.20 38.75
N ILE B 194 -14.19 -1.86 37.65
CA ILE B 194 -13.29 -2.83 37.00
C ILE B 194 -12.75 -2.17 35.74
N PRO B 195 -11.42 -2.23 35.51
CA PRO B 195 -10.86 -1.49 34.38
C PRO B 195 -11.43 -1.96 33.05
N PRO B 196 -11.58 -1.04 32.07
CA PRO B 196 -12.11 -1.39 30.74
C PRO B 196 -11.43 -2.57 30.06
N LYS B 197 -10.12 -2.67 30.19
CA LYS B 197 -9.34 -3.77 29.52
C LYS B 197 -9.69 -5.13 30.12
N ASP B 198 -9.98 -5.13 31.42
CA ASP B 198 -10.45 -6.34 32.16
C ASP B 198 -11.88 -6.74 31.75
N LEU B 199 -12.74 -5.75 31.64
CA LEU B 199 -14.11 -5.98 31.14
C LEU B 199 -14.10 -6.52 29.73
N GLU B 200 -13.17 -6.02 28.92
CA GLU B 200 -12.97 -6.56 27.54
C GLU B 200 -12.60 -8.02 27.53
N ALA B 201 -11.68 -8.40 28.40
CA ALA B 201 -11.26 -9.83 28.50
C ALA B 201 -12.45 -10.76 28.87
N VAL B 202 -13.29 -10.28 29.79
CA VAL B 202 -14.52 -10.97 30.21
C VAL B 202 -15.50 -11.13 29.04
N ALA B 203 -15.76 -10.03 28.36
CA ALA B 203 -16.65 -10.02 27.18
C ALA B 203 -16.14 -10.97 26.12
N THR B 204 -14.83 -10.98 25.96
CA THR B 204 -14.14 -11.82 24.94
C THR B 204 -14.38 -13.29 25.24
N SER B 205 -14.25 -13.62 26.50
CA SER B 205 -14.46 -15.01 26.97
C SER B 205 -15.92 -15.45 26.83
N THR B 206 -16.85 -14.56 27.15
CA THR B 206 -18.28 -14.82 26.96
C THR B 206 -18.55 -15.13 25.50
N GLN B 207 -17.97 -14.33 24.62
CA GLN B 207 -18.23 -14.46 23.17
C GLN B 207 -17.51 -15.64 22.52
N LEU B 208 -16.32 -15.94 23.00
CA LEU B 208 -15.58 -17.14 22.53
C LEU B 208 -16.32 -18.42 22.94
N CYS B 209 -16.74 -18.43 24.19
CA CYS B 209 -17.57 -19.50 24.73
C CYS B 209 -18.81 -19.71 23.82
N GLN B 210 -19.46 -18.60 23.50
CA GLN B 210 -20.62 -18.60 22.64
C GLN B 210 -20.31 -19.18 21.27
N ARG B 211 -19.15 -18.80 20.76
CA ARG B 211 -18.69 -19.25 19.45
C ARG B 211 -18.50 -20.78 19.42
N LEU B 212 -17.87 -21.29 20.44
CA LEU B 212 -17.57 -22.72 20.54
C LEU B 212 -18.85 -23.54 20.65
N VAL B 213 -19.80 -23.02 21.38
CA VAL B 213 -21.10 -23.68 21.60
C VAL B 213 -22.01 -23.62 20.36
N ASP B 214 -22.08 -22.46 19.74
CA ASP B 214 -22.83 -22.28 18.51
C ASP B 214 -22.32 -23.14 17.40
N ALA B 215 -21.03 -23.38 17.36
CA ALA B 215 -20.40 -24.03 16.19
C ALA B 215 -20.93 -25.45 15.99
N PRO B 216 -21.26 -25.80 14.74
CA PRO B 216 -21.76 -27.14 14.49
C PRO B 216 -20.66 -28.17 14.67
N PRO B 217 -21.03 -29.44 14.90
CA PRO B 217 -20.02 -30.44 15.25
C PRO B 217 -19.15 -30.85 14.09
N ASN B 218 -19.53 -30.50 12.88
CA ASN B 218 -18.62 -30.71 11.73
C ASN B 218 -17.41 -29.76 11.80
N LEU B 219 -17.54 -28.68 12.58
CA LEU B 219 -16.45 -27.69 12.78
C LEU B 219 -15.76 -27.83 14.13
N LEU B 220 -16.56 -27.89 15.17
CA LEU B 220 -16.02 -28.09 16.51
C LEU B 220 -16.08 -29.59 16.87
N THR B 221 -14.95 -30.24 16.64
CA THR B 221 -14.75 -31.63 16.95
C THR B 221 -13.82 -31.79 18.16
N THR B 222 -13.58 -33.05 18.55
CA THR B 222 -12.68 -33.31 19.67
C THR B 222 -11.27 -32.86 19.30
N ALA B 223 -10.95 -33.01 18.04
CA ALA B 223 -9.65 -32.57 17.49
C ALA B 223 -9.47 -31.06 17.40
N THR B 224 -10.44 -30.38 16.82
CA THR B 224 -10.36 -28.90 16.71
C THR B 224 -10.45 -28.17 18.06
N PHE B 225 -11.26 -28.70 18.96
CA PHE B 225 -11.35 -28.13 20.32
C PHE B 225 -9.97 -28.25 20.99
N THR B 226 -9.36 -29.41 20.85
CA THR B 226 -7.98 -29.64 21.37
C THR B 226 -6.95 -28.65 20.76
N GLU B 227 -6.98 -28.52 19.44
CA GLU B 227 -6.06 -27.58 18.74
C GLU B 227 -6.24 -26.14 19.20
N ILE B 228 -7.48 -25.77 19.44
CA ILE B 228 -7.82 -24.41 19.95
C ILE B 228 -7.19 -24.17 21.31
N ALA B 229 -7.34 -25.14 22.18
CA ALA B 229 -6.71 -25.10 23.51
C ALA B 229 -5.18 -25.02 23.41
N GLN B 230 -4.60 -25.80 22.51
CA GLN B 230 -3.13 -25.78 22.23
C GLN B 230 -2.66 -24.42 21.69
N GLY B 231 -3.42 -23.85 20.79
CA GLY B 231 -3.14 -22.52 20.24
C GLY B 231 -3.08 -21.44 21.33
N TYR B 232 -4.08 -21.45 22.22
CA TYR B 232 -4.14 -20.49 23.35
C TYR B 232 -2.99 -20.74 24.36
N ALA B 233 -2.63 -22.00 24.52
CA ALA B 233 -1.45 -22.37 25.37
C ALA B 233 -0.12 -21.77 24.83
N LYS B 234 0.12 -21.91 23.52
CA LYS B 234 1.31 -21.30 22.87
C LYS B 234 1.27 -19.78 23.08
N ALA B 235 0.15 -19.16 22.76
CA ALA B 235 0.01 -17.66 22.78
C ALA B 235 0.10 -17.03 24.17
N LEU B 236 -0.47 -17.69 25.16
CA LEU B 236 -0.51 -17.15 26.54
C LEU B 236 0.53 -17.77 27.50
N GLY B 237 1.17 -18.84 27.06
CA GLY B 237 2.22 -19.48 27.84
C GLY B 237 1.75 -20.24 29.07
N PHE B 238 0.71 -21.06 28.88
CA PHE B 238 0.30 -22.02 29.94
C PHE B 238 0.53 -23.46 29.43
N ASP B 239 0.60 -24.40 30.38
CA ASP B 239 0.89 -25.82 30.04
C ASP B 239 -0.35 -26.55 29.56
N VAL B 240 -0.13 -27.46 28.65
CA VAL B 240 -1.20 -28.29 28.10
C VAL B 240 -0.76 -29.75 28.04
N ASP B 241 -1.61 -30.61 28.57
CA ASP B 241 -1.40 -32.08 28.60
C ASP B 241 -2.59 -32.71 27.88
N VAL B 242 -2.29 -33.59 26.94
CA VAL B 242 -3.31 -34.26 26.11
C VAL B 242 -3.14 -35.77 26.18
N ILE B 243 -4.17 -36.46 26.64
CA ILE B 243 -4.22 -37.94 26.57
C ILE B 243 -5.26 -38.32 25.51
N CYS B 244 -4.80 -38.93 24.45
CA CYS B 244 -5.55 -39.07 23.19
C CYS B 244 -5.89 -40.53 22.89
N GLY B 245 -7.14 -40.77 22.53
CA GLY B 245 -7.58 -42.05 21.89
C GLY B 245 -7.28 -43.31 22.64
N ASP B 246 -6.58 -44.23 21.99
CA ASP B 246 -6.27 -45.54 22.60
C ASP B 246 -5.39 -45.44 23.87
N ASP B 247 -4.60 -44.37 23.98
CA ASP B 247 -3.79 -44.12 25.20
C ASP B 247 -4.68 -43.95 26.45
N LEU B 248 -5.88 -43.45 26.25
CA LEU B 248 -6.88 -43.37 27.35
C LEU B 248 -7.17 -44.76 27.91
N CYS B 249 -7.39 -45.70 27.01
CA CYS B 249 -7.61 -47.13 27.39
C CYS B 249 -6.39 -47.74 28.08
N GLU B 250 -5.22 -47.57 27.47
CA GLU B 250 -3.93 -48.12 28.05
C GLU B 250 -3.64 -47.57 29.46
N ARG B 251 -4.02 -46.31 29.68
CA ARG B 251 -3.77 -45.63 30.97
C ARG B 251 -4.93 -45.71 31.96
N GLY B 252 -5.94 -46.52 31.64
CA GLY B 252 -7.05 -46.87 32.59
C GLY B 252 -8.23 -45.91 32.62
N TYR B 253 -8.26 -44.98 31.67
CA TYR B 253 -9.39 -44.01 31.57
C TYR B 253 -10.57 -44.62 30.81
N GLY B 254 -11.14 -45.67 31.38
CA GLY B 254 -12.17 -46.53 30.72
C GLY B 254 -13.50 -45.83 30.43
N GLY B 255 -13.81 -44.83 31.25
CA GLY B 255 -15.04 -44.07 31.13
C GLY B 255 -15.04 -43.20 29.87
N ILE B 256 -14.13 -42.24 29.81
CA ILE B 256 -14.04 -41.34 28.63
C ILE B 256 -13.68 -42.12 27.36
N TYR B 257 -12.82 -43.11 27.49
CA TYR B 257 -12.45 -43.96 26.33
C TYR B 257 -13.72 -44.66 25.75
N SER B 258 -14.49 -45.31 26.62
CA SER B 258 -15.65 -46.12 26.18
C SER B 258 -16.76 -45.26 25.56
N VAL B 259 -17.01 -44.10 26.15
CA VAL B 259 -17.97 -43.15 25.61
C VAL B 259 -17.58 -42.69 24.21
N GLY B 260 -16.32 -42.32 24.03
CA GLY B 260 -15.83 -41.69 22.78
C GLY B 260 -15.31 -42.58 21.67
N LYS B 261 -15.13 -43.85 21.96
CA LYS B 261 -14.40 -44.76 20.99
C LYS B 261 -15.10 -45.12 19.68
N ALA B 262 -16.40 -44.94 19.63
CA ALA B 262 -17.17 -45.22 18.39
C ALA B 262 -17.03 -44.13 17.36
N ALA B 263 -16.63 -42.95 17.81
CA ALA B 263 -16.61 -41.76 16.94
C ALA B 263 -15.49 -41.79 15.88
N PHE B 264 -15.71 -40.99 14.85
CA PHE B 264 -14.71 -40.75 13.82
C PHE B 264 -13.43 -40.11 14.43
N GLU B 265 -13.63 -39.12 15.27
CA GLU B 265 -12.52 -38.40 15.92
C GLU B 265 -12.41 -38.94 17.33
N ALA B 266 -11.19 -39.32 17.69
CA ALA B 266 -10.91 -39.96 18.99
C ALA B 266 -11.19 -39.02 20.19
N PRO B 267 -11.51 -39.61 21.34
CA PRO B 267 -11.69 -38.82 22.53
C PRO B 267 -10.37 -38.34 23.09
N ARG B 268 -10.43 -37.28 23.88
CA ARG B 268 -9.24 -36.69 24.48
C ARG B 268 -9.53 -36.16 25.87
N LEU B 269 -8.60 -36.43 26.76
CA LEU B 269 -8.58 -35.77 28.07
C LEU B 269 -7.50 -34.67 28.01
N VAL B 270 -7.93 -33.43 28.04
CA VAL B 270 -7.05 -32.29 27.83
C VAL B 270 -6.98 -31.51 29.12
N THR B 271 -5.79 -31.42 29.69
CA THR B 271 -5.60 -30.69 30.97
C THR B 271 -4.67 -29.49 30.81
N LEU B 272 -5.16 -28.34 31.24
CA LEU B 272 -4.44 -27.06 31.14
C LEU B 272 -4.06 -26.61 32.54
N LEU B 273 -2.85 -26.06 32.68
CA LEU B 273 -2.32 -25.64 34.00
C LEU B 273 -1.86 -24.18 33.98
N TYR B 274 -2.31 -23.47 34.99
CA TYR B 274 -1.91 -22.10 35.21
C TYR B 274 -1.54 -21.92 36.67
N THR B 275 -0.34 -21.40 36.88
CA THR B 275 0.15 -21.07 38.24
C THR B 275 0.51 -19.62 38.25
N PRO B 276 -0.14 -18.80 39.10
CA PRO B 276 0.17 -17.38 39.14
C PRO B 276 1.58 -17.09 39.71
N LYS B 277 2.09 -15.90 39.40
CA LYS B 277 3.43 -15.46 39.87
C LYS B 277 3.54 -15.40 41.39
N GLY B 278 2.50 -14.92 42.05
CA GLY B 278 2.52 -14.83 43.51
C GLY B 278 2.16 -16.14 44.19
N THR B 279 1.96 -16.04 45.50
CA THR B 279 1.30 -17.15 46.25
C THR B 279 -0.16 -17.17 45.95
N PRO B 280 -0.72 -18.35 45.59
CA PRO B 280 -2.13 -18.42 45.23
C PRO B 280 -3.10 -18.46 46.42
N VAL B 281 -4.23 -17.80 46.24
CA VAL B 281 -5.26 -17.74 47.31
C VAL B 281 -5.98 -19.07 47.52
N LYS B 282 -6.05 -19.84 46.44
CA LYS B 282 -6.64 -21.22 46.42
C LYS B 282 -6.08 -22.00 45.26
N LYS B 283 -6.10 -23.30 45.42
CA LYS B 283 -5.89 -24.22 44.28
C LYS B 283 -7.25 -24.81 43.84
N VAL B 284 -7.60 -24.57 42.60
CA VAL B 284 -8.92 -24.94 42.07
C VAL B 284 -8.73 -25.76 40.83
N SER B 285 -9.41 -26.91 40.80
CA SER B 285 -9.45 -27.78 39.58
C SER B 285 -10.81 -27.67 38.89
N LEU B 286 -10.79 -27.22 37.66
CA LEU B 286 -11.98 -27.19 36.82
C LEU B 286 -12.07 -28.44 35.97
N VAL B 287 -13.28 -28.95 35.82
CA VAL B 287 -13.54 -30.13 34.96
C VAL B 287 -14.80 -29.90 34.14
N GLY B 288 -14.71 -30.06 32.84
CA GLY B 288 -15.84 -29.72 31.94
C GLY B 288 -16.25 -30.86 31.02
N LYS B 289 -17.55 -31.05 30.92
CA LYS B 289 -18.15 -32.02 29.99
C LYS B 289 -18.01 -31.44 28.59
N GLY B 290 -17.17 -32.08 27.81
CA GLY B 290 -16.95 -31.68 26.43
C GLY B 290 -17.49 -32.71 25.44
N ILE B 291 -18.78 -32.97 25.52
CA ILE B 291 -19.43 -33.84 24.54
C ILE B 291 -19.79 -33.00 23.32
N VAL B 292 -18.90 -33.11 22.34
CA VAL B 292 -18.92 -32.31 21.07
C VAL B 292 -20.23 -32.56 20.29
N TYR B 293 -20.73 -33.78 20.39
CA TYR B 293 -22.09 -34.13 19.96
C TYR B 293 -22.59 -35.39 20.71
N ASP B 294 -23.81 -35.30 21.24
CA ASP B 294 -24.48 -36.35 22.03
C ASP B 294 -25.61 -36.89 21.14
N CYS B 295 -25.32 -37.89 20.34
CA CYS B 295 -26.41 -38.60 19.59
C CYS B 295 -27.18 -39.57 20.48
N GLY B 296 -26.64 -39.84 21.66
CA GLY B 296 -27.17 -40.83 22.60
C GLY B 296 -26.45 -42.17 22.63
N GLY B 297 -25.63 -42.39 21.63
CA GLY B 297 -24.99 -43.69 21.42
C GLY B 297 -26.03 -44.72 20.98
N LEU B 298 -25.83 -45.97 21.37
CA LEU B 298 -26.80 -47.06 21.07
C LEU B 298 -28.21 -46.75 21.61
N ALA B 299 -28.27 -46.03 22.72
CA ALA B 299 -29.54 -45.42 23.24
C ALA B 299 -29.83 -44.14 22.46
N LEU B 300 -30.12 -44.34 21.19
CA LEU B 300 -30.22 -43.26 20.22
C LEU B 300 -31.36 -42.31 20.55
N LYS B 301 -31.05 -41.02 20.54
CA LYS B 301 -32.05 -39.98 20.71
C LYS B 301 -32.96 -39.93 19.49
N PRO B 302 -34.28 -39.74 19.70
CA PRO B 302 -35.11 -39.29 18.57
C PRO B 302 -34.63 -37.93 18.05
N ALA B 303 -34.95 -37.66 16.79
CA ALA B 303 -34.44 -36.47 16.08
C ALA B 303 -34.75 -35.14 16.75
N ASP B 304 -35.99 -35.00 17.23
CA ASP B 304 -36.44 -33.80 18.02
C ASP B 304 -35.50 -33.47 19.19
N TYR B 305 -35.09 -34.53 19.88
CA TYR B 305 -34.18 -34.42 21.05
C TYR B 305 -32.71 -34.32 20.71
N MET B 306 -32.34 -34.76 19.52
CA MET B 306 -30.94 -34.76 19.05
C MET B 306 -30.51 -33.39 18.50
N LYS B 307 -31.48 -32.62 18.02
CA LYS B 307 -31.18 -31.24 17.56
C LYS B 307 -30.61 -30.47 18.79
N LEU B 308 -29.67 -29.59 18.50
CA LEU B 308 -28.99 -28.74 19.52
C LEU B 308 -28.08 -29.50 20.48
N MET B 309 -27.80 -30.74 20.17
CA MET B 309 -26.87 -31.54 20.99
C MET B 309 -25.39 -31.19 20.72
N LYS B 310 -25.16 -30.34 19.74
CA LYS B 310 -23.86 -29.60 19.61
C LYS B 310 -23.55 -28.73 20.83
N HIS B 311 -24.57 -28.34 21.55
CA HIS B 311 -24.43 -27.58 22.80
C HIS B 311 -23.92 -28.41 23.98
N ASP B 312 -23.76 -29.72 23.78
CA ASP B 312 -23.41 -30.66 24.89
C ASP B 312 -21.95 -30.52 25.36
N MET B 313 -21.24 -29.58 24.76
CA MET B 313 -19.86 -29.25 25.17
C MET B 313 -19.80 -27.89 25.86
N GLY B 314 -20.97 -27.40 26.25
CA GLY B 314 -21.09 -26.06 26.89
C GLY B 314 -20.33 -25.92 28.21
N GLY B 315 -20.22 -27.02 28.92
CA GLY B 315 -19.51 -27.06 30.21
C GLY B 315 -18.00 -27.00 30.03
N ALA B 316 -17.50 -27.69 29.03
CA ALA B 316 -16.09 -27.58 28.63
C ALA B 316 -15.74 -26.18 28.11
N ALA B 317 -16.62 -25.58 27.32
CA ALA B 317 -16.41 -24.22 26.82
C ALA B 317 -16.35 -23.21 27.97
N ALA B 318 -17.27 -23.36 28.90
CA ALA B 318 -17.41 -22.45 30.05
C ALA B 318 -16.14 -22.43 30.93
N VAL B 319 -15.72 -23.62 31.24
CA VAL B 319 -14.55 -23.90 32.06
C VAL B 319 -13.25 -23.47 31.32
N PHE B 320 -13.21 -23.73 30.03
CA PHE B 320 -12.06 -23.33 29.20
C PHE B 320 -11.90 -21.83 29.14
N CYS B 321 -13.00 -21.14 28.89
CA CYS B 321 -12.99 -19.66 28.76
C CYS B 321 -12.87 -18.93 30.11
N GLY B 322 -13.37 -19.54 31.17
CA GLY B 322 -13.12 -19.03 32.55
C GLY B 322 -11.63 -19.11 32.91
N PHE B 323 -11.02 -20.20 32.50
CA PHE B 323 -9.55 -20.42 32.60
C PHE B 323 -8.77 -19.35 31.82
N LEU B 324 -9.18 -19.10 30.59
CA LEU B 324 -8.52 -18.08 29.74
C LEU B 324 -8.58 -16.71 30.39
N THR B 325 -9.73 -16.37 30.91
CA THR B 325 -9.91 -15.07 31.55
C THR B 325 -8.94 -14.96 32.74
N ALA B 326 -8.85 -16.01 33.52
CA ALA B 326 -7.97 -16.03 34.72
C ALA B 326 -6.48 -15.80 34.34
N VAL B 327 -6.08 -16.41 33.23
CA VAL B 327 -4.71 -16.23 32.70
C VAL B 327 -4.52 -14.81 32.17
N ARG B 328 -5.48 -14.33 31.38
CA ARG B 328 -5.39 -12.97 30.80
C ARG B 328 -5.39 -11.86 31.85
N LEU B 329 -6.18 -12.03 32.89
CA LEU B 329 -6.24 -11.06 34.01
C LEU B 329 -5.27 -11.35 35.13
N GLN B 330 -4.51 -12.43 34.97
CA GLN B 330 -3.54 -12.86 36.00
C GLN B 330 -4.19 -12.95 37.38
N GLN B 331 -5.34 -13.59 37.44
CA GLN B 331 -6.03 -13.77 38.72
C GLN B 331 -5.16 -14.67 39.62
N PRO B 332 -5.11 -14.39 40.95
CA PRO B 332 -4.19 -15.09 41.84
C PRO B 332 -4.69 -16.46 42.33
N VAL B 333 -5.16 -17.25 41.40
CA VAL B 333 -5.69 -18.61 41.69
C VAL B 333 -4.89 -19.59 40.88
N GLN B 334 -4.44 -20.65 41.54
CA GLN B 334 -3.78 -21.73 40.82
C GLN B 334 -4.88 -22.64 40.25
N LEU B 335 -4.80 -22.88 38.95
CA LEU B 335 -5.86 -23.59 38.20
C LEU B 335 -5.38 -24.76 37.42
N SER B 336 -6.16 -25.82 37.47
CA SER B 336 -6.16 -26.84 36.40
C SER B 336 -7.51 -26.76 35.71
N CYS B 337 -7.51 -27.09 34.43
CA CYS B 337 -8.73 -27.12 33.64
C CYS B 337 -8.69 -28.36 32.79
N THR B 338 -9.52 -29.32 33.16
CA THR B 338 -9.58 -30.61 32.44
C THR B 338 -10.84 -30.68 31.53
N LEU B 339 -10.60 -30.82 30.25
CA LEU B 339 -11.65 -30.91 29.25
C LEU B 339 -11.86 -32.37 28.89
N CYS B 340 -13.08 -32.85 29.14
CA CYS B 340 -13.46 -34.24 28.86
C CYS B 340 -14.12 -34.31 27.49
N LEU B 341 -13.30 -34.52 26.48
CA LEU B 341 -13.72 -34.37 25.10
C LEU B 341 -14.02 -35.69 24.44
N ALA B 342 -15.25 -35.81 23.96
CA ALA B 342 -15.65 -37.00 23.23
C ALA B 342 -16.89 -36.70 22.40
N GLU B 343 -17.05 -37.44 21.34
CA GLU B 343 -18.34 -37.50 20.63
C GLU B 343 -19.02 -38.83 21.03
N ASN B 344 -20.28 -38.74 21.46
CA ASN B 344 -21.11 -39.92 21.80
C ASN B 344 -21.81 -40.40 20.56
N ALA B 345 -21.15 -41.29 19.87
CA ALA B 345 -21.50 -41.67 18.51
C ALA B 345 -22.08 -43.09 18.47
N ILE B 346 -22.67 -43.41 17.33
CA ILE B 346 -23.31 -44.71 17.14
C ILE B 346 -22.62 -45.44 16.01
N GLY B 347 -22.27 -46.70 16.28
CA GLY B 347 -21.60 -47.54 15.28
C GLY B 347 -21.16 -48.86 15.84
N PRO B 348 -20.35 -49.62 15.09
CA PRO B 348 -19.92 -50.94 15.53
C PRO B 348 -19.06 -50.95 16.80
N LYS B 349 -18.35 -49.87 17.07
CA LYS B 349 -17.46 -49.78 18.28
C LYS B 349 -18.15 -49.18 19.49
N SER B 350 -19.43 -48.86 19.32
CA SER B 350 -20.25 -48.22 20.39
C SER B 350 -20.22 -48.99 21.68
N TYR B 351 -19.99 -48.29 22.77
CA TYR B 351 -20.16 -48.90 24.07
C TYR B 351 -21.65 -49.20 24.24
N ARG B 352 -21.93 -50.27 24.97
CA ARG B 352 -23.27 -50.85 24.96
C ARG B 352 -24.02 -50.69 26.24
N ASN B 353 -25.34 -50.75 26.10
CA ASN B 353 -26.26 -50.87 27.23
C ASN B 353 -26.14 -52.31 27.72
N ASP B 354 -25.30 -52.50 28.73
CA ASP B 354 -24.87 -53.84 29.32
C ASP B 354 -23.36 -53.93 29.53
N ASP B 355 -22.61 -53.11 28.80
CA ASP B 355 -21.16 -53.09 28.97
C ASP B 355 -20.84 -52.70 30.42
N ILE B 356 -19.73 -53.25 30.91
CA ILE B 356 -19.17 -52.86 32.23
C ILE B 356 -17.83 -52.14 32.00
N ILE B 357 -17.75 -50.94 32.54
CA ILE B 357 -16.60 -50.04 32.39
C ILE B 357 -15.76 -50.07 33.65
N VAL B 358 -14.45 -50.17 33.46
CA VAL B 358 -13.47 -49.94 34.55
C VAL B 358 -13.02 -48.49 34.48
N MET B 359 -13.52 -47.72 35.41
CA MET B 359 -13.19 -46.27 35.48
C MET B 359 -11.75 -46.06 35.96
N LYS B 360 -11.21 -44.88 35.69
CA LYS B 360 -9.87 -44.54 36.17
C LYS B 360 -9.79 -44.69 37.67
N SER B 361 -10.88 -44.36 38.34
CA SER B 361 -10.97 -44.48 39.81
C SER B 361 -10.82 -45.93 40.33
N GLY B 362 -10.84 -46.90 39.44
CA GLY B 362 -10.86 -48.33 39.82
C GLY B 362 -12.26 -48.93 40.02
N LYS B 363 -13.25 -48.06 40.13
CA LYS B 363 -14.64 -48.49 40.27
C LYS B 363 -15.26 -48.91 38.94
N THR B 364 -16.10 -49.93 39.02
CA THR B 364 -16.76 -50.48 37.82
C THR B 364 -18.18 -49.92 37.69
N VAL B 365 -18.52 -49.64 36.46
CA VAL B 365 -19.80 -49.03 36.09
C VAL B 365 -20.50 -49.88 35.05
N GLU B 366 -21.68 -50.34 35.43
CA GLU B 366 -22.59 -51.04 34.50
C GLU B 366 -23.39 -50.02 33.72
N VAL B 367 -23.27 -50.07 32.42
CA VAL B 367 -23.94 -49.07 31.54
C VAL B 367 -25.37 -49.54 31.27
N ILE B 368 -26.31 -48.86 31.90
CA ILE B 368 -27.74 -49.11 31.71
C ILE B 368 -28.25 -48.38 30.47
N ASN B 369 -27.72 -47.17 30.28
CA ASN B 369 -28.12 -46.28 29.22
C ASN B 369 -26.93 -45.44 28.74
N THR B 370 -26.57 -45.62 27.49
CA THR B 370 -25.41 -44.96 26.88
C THR B 370 -25.57 -43.46 26.69
N ASP B 371 -26.81 -42.99 26.82
CA ASP B 371 -27.13 -41.54 26.67
C ASP B 371 -26.93 -40.72 27.95
N ALA B 372 -26.65 -41.44 29.01
CA ALA B 372 -26.11 -40.89 30.32
C ALA B 372 -24.59 -41.01 30.33
N GLU B 373 -24.00 -40.38 29.32
CA GLU B 373 -22.56 -40.44 28.97
C GLU B 373 -21.72 -39.39 29.70
N GLY B 374 -22.38 -38.30 30.04
CA GLY B 374 -21.69 -37.14 30.65
C GLY B 374 -21.12 -37.43 32.02
N ARG B 375 -21.93 -38.07 32.85
CA ARG B 375 -21.50 -38.40 34.20
C ARG B 375 -20.29 -39.36 34.15
N ILE B 376 -20.25 -40.17 33.12
CA ILE B 376 -19.15 -41.12 32.94
C ILE B 376 -17.84 -40.39 32.60
N VAL B 377 -17.88 -39.53 31.60
CA VAL B 377 -16.63 -38.81 31.18
C VAL B 377 -16.16 -37.91 32.34
N LEU B 378 -17.10 -37.34 33.05
CA LEU B 378 -16.79 -36.47 34.18
C LEU B 378 -16.18 -37.23 35.33
N GLY B 379 -16.63 -38.45 35.50
CA GLY B 379 -16.09 -39.33 36.57
C GLY B 379 -14.59 -39.52 36.39
N ASP B 380 -14.18 -39.77 35.17
CA ASP B 380 -12.74 -39.86 34.81
C ASP B 380 -12.02 -38.49 34.96
N GLY B 381 -12.71 -37.44 34.56
CA GLY B 381 -12.18 -36.08 34.68
C GLY B 381 -11.85 -35.69 36.10
N VAL B 382 -12.80 -35.88 37.01
CA VAL B 382 -12.63 -35.44 38.39
C VAL B 382 -11.61 -36.32 39.13
N PHE B 383 -11.52 -37.59 38.77
CA PHE B 383 -10.49 -38.46 39.36
C PHE B 383 -9.13 -37.98 38.88
N HIS B 384 -9.02 -37.68 37.60
CA HIS B 384 -7.78 -37.13 37.04
C HIS B 384 -7.34 -35.87 37.82
N ALA B 385 -8.27 -34.95 37.98
CA ALA B 385 -8.01 -33.68 38.65
C ALA B 385 -7.58 -33.89 40.11
N THR B 386 -8.20 -34.85 40.77
CA THR B 386 -8.01 -35.04 42.23
C THR B 386 -6.93 -36.05 42.59
N ASN B 387 -6.45 -36.78 41.60
CA ASN B 387 -5.44 -37.83 41.83
C ASN B 387 -4.14 -37.72 41.03
N GLU B 388 -4.21 -37.16 39.84
CA GLU B 388 -3.13 -37.34 38.83
C GLU B 388 -2.29 -36.10 38.57
N LEU B 389 -2.65 -35.00 39.18
CA LEU B 389 -1.93 -33.72 38.96
C LEU B 389 -0.78 -33.53 39.97
N SER B 390 0.04 -32.53 39.69
CA SER B 390 1.21 -32.19 40.57
C SER B 390 0.82 -31.52 41.88
N PHE B 391 -0.43 -31.09 41.97
CA PHE B 391 -1.03 -30.63 43.24
C PHE B 391 -2.39 -31.28 43.50
N THR B 392 -2.86 -31.13 44.71
CA THR B 392 -4.21 -31.55 45.11
C THR B 392 -5.05 -30.29 45.27
N PRO B 393 -6.20 -30.20 44.56
CA PRO B 393 -6.99 -29.00 44.66
C PRO B 393 -7.74 -28.87 45.98
N ASP B 394 -7.97 -27.63 46.35
CA ASP B 394 -8.81 -27.29 47.51
C ASP B 394 -10.29 -27.34 47.13
N VAL B 395 -10.55 -27.04 45.86
CA VAL B 395 -11.89 -26.98 45.32
C VAL B 395 -11.89 -27.61 43.94
N VAL B 396 -12.87 -28.45 43.69
CA VAL B 396 -13.13 -29.00 42.35
C VAL B 396 -14.45 -28.42 41.88
N ILE B 397 -14.44 -27.82 40.71
CA ILE B 397 -15.66 -27.34 40.07
C ILE B 397 -15.86 -28.10 38.78
N ASP B 398 -16.94 -28.83 38.68
CA ASP B 398 -17.26 -29.44 37.37
C ASP B 398 -18.46 -28.76 36.79
N MET B 399 -18.37 -28.48 35.51
CA MET B 399 -19.47 -27.82 34.80
C MET B 399 -19.89 -28.69 33.64
N ALA B 400 -21.19 -28.86 33.50
CA ALA B 400 -21.71 -29.80 32.47
C ALA B 400 -23.15 -29.52 32.08
N THR B 401 -23.42 -29.64 30.79
CA THR B 401 -24.79 -29.66 30.26
C THR B 401 -25.32 -31.07 30.46
N LEU B 402 -25.69 -31.38 31.69
CA LEU B 402 -25.78 -32.80 32.11
C LEU B 402 -27.13 -33.51 31.99
N THR B 403 -28.19 -32.87 32.46
CA THR B 403 -29.51 -33.51 32.57
C THR B 403 -30.66 -32.63 32.10
N GLY B 404 -31.66 -33.28 31.50
CA GLY B 404 -32.97 -32.66 31.22
C GLY B 404 -33.71 -32.28 32.49
N ALA B 405 -33.49 -33.06 33.53
CA ALA B 405 -34.02 -32.75 34.88
C ALA B 405 -33.66 -31.31 35.37
N GLN B 406 -32.51 -30.83 34.95
CA GLN B 406 -32.04 -29.47 35.34
C GLN B 406 -33.02 -28.38 34.98
N GLY B 407 -33.54 -28.46 33.78
CA GLY B 407 -34.54 -27.48 33.29
C GLY B 407 -35.82 -27.55 34.09
N ILE B 408 -36.29 -28.76 34.31
CA ILE B 408 -37.50 -29.01 35.11
C ILE B 408 -37.36 -28.50 36.55
N ALA B 409 -36.18 -28.74 37.11
CA ALA B 409 -35.88 -28.37 38.50
C ALA B 409 -35.65 -26.85 38.72
N THR B 410 -34.66 -26.31 38.03
CA THR B 410 -34.21 -24.90 38.25
C THR B 410 -34.42 -23.94 37.06
N GLY B 411 -34.83 -24.49 35.93
CA GLY B 411 -35.26 -23.66 34.80
C GLY B 411 -34.18 -23.25 33.82
N ARG B 412 -34.57 -22.37 32.93
CA ARG B 412 -33.67 -21.96 31.82
C ARG B 412 -32.62 -20.92 32.12
N HIS B 413 -32.78 -20.19 33.21
CA HIS B 413 -31.83 -19.11 33.57
C HIS B 413 -30.94 -19.41 34.76
N HIS B 414 -31.22 -20.49 35.46
CA HIS B 414 -30.50 -20.84 36.69
C HIS B 414 -29.87 -22.20 36.57
N ALA B 415 -28.55 -22.23 36.57
CA ALA B 415 -27.79 -23.51 36.61
C ALA B 415 -28.02 -24.17 37.97
N GLY B 416 -28.13 -25.48 37.96
CA GLY B 416 -28.35 -26.22 39.21
C GLY B 416 -27.03 -26.52 39.89
N LEU B 417 -27.00 -26.30 41.19
CA LEU B 417 -25.80 -26.56 42.00
C LEU B 417 -25.98 -27.73 42.94
N TYR B 418 -25.11 -28.69 42.78
CA TYR B 418 -25.00 -29.84 43.71
C TYR B 418 -23.63 -29.73 44.41
N VAL B 419 -23.64 -29.46 45.70
CA VAL B 419 -22.42 -29.04 46.43
C VAL B 419 -22.31 -29.73 47.77
N ASN B 420 -21.13 -30.28 48.04
CA ASN B 420 -20.87 -31.00 49.31
C ASN B 420 -20.66 -30.13 50.56
N GLU B 421 -20.48 -28.83 50.40
CA GLU B 421 -20.32 -27.88 51.53
C GLU B 421 -21.20 -26.66 51.40
N GLU B 422 -21.86 -26.30 52.50
CA GLU B 422 -22.72 -25.10 52.54
C GLU B 422 -21.96 -23.81 52.11
N GLY B 423 -20.74 -23.65 52.59
CA GLY B 423 -19.92 -22.44 52.33
C GLY B 423 -19.59 -22.18 50.87
N ALA B 424 -19.14 -23.23 50.21
CA ALA B 424 -18.77 -23.18 48.78
C ALA B 424 -20.01 -22.93 47.90
N GLU B 425 -21.10 -23.50 48.33
CA GLU B 425 -22.39 -23.30 47.67
C GLU B 425 -22.85 -21.84 47.74
N ALA B 426 -22.86 -21.29 48.94
CA ALA B 426 -23.26 -19.87 49.19
C ALA B 426 -22.41 -18.92 48.37
N ALA B 427 -21.12 -19.24 48.30
CA ALA B 427 -20.17 -18.40 47.52
C ALA B 427 -20.45 -18.47 46.02
N MET B 428 -20.76 -19.66 45.51
CA MET B 428 -21.06 -19.80 44.06
C MET B 428 -22.40 -19.11 43.73
N LEU B 429 -23.35 -19.23 44.63
CA LEU B 429 -24.63 -18.49 44.51
C LEU B 429 -24.45 -16.99 44.46
N ARG B 430 -23.65 -16.47 45.39
CA ARG B 430 -23.28 -15.03 45.43
C ARG B 430 -22.60 -14.60 44.10
N ALA B 431 -21.67 -15.42 43.62
CA ALA B 431 -20.98 -15.16 42.32
C ALA B 431 -21.96 -15.14 41.13
N GLY B 432 -22.95 -16.01 41.17
CA GLY B 432 -24.03 -16.01 40.17
C GLY B 432 -24.89 -14.75 40.18
N ARG B 433 -25.23 -14.29 41.37
CA ARG B 433 -26.03 -13.05 41.53
C ARG B 433 -25.26 -11.78 41.14
N GLU B 434 -23.97 -11.80 41.36
CA GLU B 434 -23.12 -10.64 41.03
C GLU B 434 -22.83 -10.61 39.57
N SER B 435 -22.56 -11.78 39.02
CA SER B 435 -22.18 -11.92 37.60
C SER B 435 -23.37 -11.88 36.64
N GLY B 436 -24.55 -12.15 37.17
CA GLY B 436 -25.77 -12.30 36.32
C GLY B 436 -25.98 -13.72 35.82
N GLU B 437 -24.96 -14.55 35.95
CA GLU B 437 -24.98 -15.98 35.48
C GLU B 437 -25.45 -16.84 36.64
N THR B 438 -26.73 -16.70 36.88
CA THR B 438 -27.38 -17.14 38.13
C THR B 438 -27.48 -18.67 38.24
N CYS B 439 -27.50 -19.09 39.48
CA CYS B 439 -27.50 -20.48 39.88
C CYS B 439 -28.56 -20.70 40.94
N PHE B 440 -28.90 -21.96 41.18
CA PHE B 440 -29.79 -22.31 42.29
C PHE B 440 -29.46 -23.69 42.77
N PRO B 441 -29.49 -23.91 44.09
CA PRO B 441 -29.13 -25.26 44.54
C PRO B 441 -30.14 -26.36 44.23
N VAL B 442 -29.61 -27.55 44.00
CA VAL B 442 -30.43 -28.76 44.05
C VAL B 442 -30.08 -29.58 45.28
N LEU B 443 -31.00 -30.45 45.65
CA LEU B 443 -30.87 -31.30 46.83
C LEU B 443 -29.51 -32.00 46.90
N TYR B 444 -28.81 -31.81 48.03
CA TYR B 444 -27.62 -32.59 48.37
C TYR B 444 -27.99 -33.57 49.47
N CYS B 445 -28.05 -34.85 49.12
CA CYS B 445 -28.45 -35.91 50.08
C CYS B 445 -27.96 -37.27 49.62
N PRO B 446 -26.63 -37.48 49.64
CA PRO B 446 -26.00 -38.71 49.15
C PRO B 446 -26.60 -40.02 49.64
N GLU B 447 -27.02 -40.04 50.91
CA GLU B 447 -27.66 -41.24 51.47
C GLU B 447 -28.94 -41.65 50.69
N TYR B 448 -29.63 -40.69 50.10
CA TYR B 448 -30.81 -40.99 49.28
C TYR B 448 -30.53 -41.19 47.80
N HIS B 449 -29.41 -40.71 47.34
CA HIS B 449 -29.02 -40.86 45.91
C HIS B 449 -28.36 -42.20 45.64
N GLU B 450 -27.54 -42.61 46.59
CA GLU B 450 -26.71 -43.84 46.50
C GLU B 450 -27.46 -45.13 46.10
N PRO B 451 -28.65 -45.41 46.70
CA PRO B 451 -29.39 -46.63 46.35
C PRO B 451 -29.96 -46.68 44.93
N GLU B 452 -30.05 -45.53 44.28
CA GLU B 452 -30.54 -45.49 42.89
C GLU B 452 -29.60 -46.12 41.88
N PHE B 453 -28.36 -46.32 42.27
CA PHE B 453 -27.31 -46.81 41.36
C PHE B 453 -26.85 -48.23 41.67
N LYS B 454 -27.66 -48.98 42.43
CA LYS B 454 -27.33 -50.38 42.81
C LYS B 454 -27.27 -51.29 41.56
N SER B 455 -26.21 -52.09 41.50
CA SER B 455 -25.93 -52.99 40.38
C SER B 455 -25.74 -54.42 40.86
N ASN B 456 -26.19 -55.35 40.06
CA ASN B 456 -26.00 -56.78 40.33
C ASN B 456 -24.55 -57.24 40.24
N HIS B 457 -23.85 -56.77 39.23
CA HIS B 457 -22.50 -57.25 38.90
C HIS B 457 -21.33 -56.26 38.97
N ALA B 458 -21.64 -54.98 38.92
CA ALA B 458 -20.62 -53.93 39.00
C ALA B 458 -20.78 -53.13 40.30
N ASP B 459 -19.83 -52.24 40.58
CA ASP B 459 -19.93 -51.37 41.78
C ASP B 459 -21.13 -50.46 41.75
N MET B 460 -21.46 -50.02 40.54
CA MET B 460 -22.62 -49.14 40.33
C MET B 460 -23.13 -49.20 38.89
N THR B 461 -24.34 -48.73 38.69
CA THR B 461 -24.87 -48.44 37.34
C THR B 461 -24.57 -46.97 37.01
N ASN B 462 -24.87 -46.57 35.78
CA ASN B 462 -24.82 -45.15 35.36
C ASN B 462 -26.17 -44.47 35.21
N LEU B 463 -27.23 -45.12 35.67
CA LEU B 463 -28.55 -44.54 35.58
C LEU B 463 -29.40 -44.87 36.79
N MET B 464 -30.16 -43.87 37.25
CA MET B 464 -31.07 -44.05 38.38
C MET B 464 -32.15 -45.06 38.00
N GLU B 465 -32.39 -45.95 38.93
CA GLU B 465 -33.47 -46.93 38.86
C GLU B 465 -34.84 -46.24 38.74
N ARG B 466 -35.03 -45.21 39.56
CA ARG B 466 -36.26 -44.40 39.59
C ARG B 466 -35.91 -42.97 39.18
N ARG B 467 -36.30 -42.59 37.97
CA ARG B 467 -35.94 -41.32 37.32
C ARG B 467 -36.50 -40.14 38.08
N ASP B 468 -37.55 -40.38 38.83
CA ASP B 468 -38.27 -39.31 39.57
C ASP B 468 -37.82 -39.19 41.05
N ASN B 469 -36.53 -39.32 41.27
CA ASN B 469 -35.93 -39.21 42.62
C ASN B 469 -34.69 -38.29 42.67
N ALA B 470 -34.91 -37.03 42.33
CA ALA B 470 -33.87 -35.95 42.36
C ALA B 470 -32.83 -36.19 41.28
N GLY B 471 -33.28 -36.00 40.06
CA GLY B 471 -32.47 -36.32 38.87
C GLY B 471 -31.25 -35.44 38.60
N VAL B 472 -31.29 -34.20 39.02
CA VAL B 472 -30.09 -33.34 38.93
C VAL B 472 -29.06 -33.82 39.96
N SER B 473 -29.56 -34.08 41.15
CA SER B 473 -28.71 -34.45 42.28
C SER B 473 -28.03 -35.81 42.08
N CYS B 474 -28.78 -36.78 41.60
CA CYS B 474 -28.24 -38.14 41.40
C CYS B 474 -27.10 -38.22 40.39
N ALA B 475 -27.19 -37.41 39.34
CA ALA B 475 -26.09 -37.32 38.36
C ALA B 475 -24.84 -36.72 39.01
N GLY B 476 -25.07 -35.72 39.84
CA GLY B 476 -23.99 -35.14 40.64
C GLY B 476 -23.37 -36.18 41.55
N TYR B 477 -24.22 -36.89 42.26
CA TYR B 477 -23.76 -37.97 43.18
C TYR B 477 -22.84 -38.98 42.46
N PHE B 478 -23.25 -39.41 41.28
CA PHE B 478 -22.48 -40.39 40.48
C PHE B 478 -21.04 -39.92 40.30
N ILE B 479 -20.92 -38.65 39.91
CA ILE B 479 -19.60 -38.03 39.67
C ILE B 479 -18.73 -38.06 40.94
N THR B 480 -19.35 -37.79 42.08
CA THR B 480 -18.61 -37.75 43.36
C THR B 480 -18.05 -39.09 43.80
N THR B 481 -18.68 -40.17 43.36
CA THR B 481 -18.16 -41.52 43.66
C THR B 481 -16.77 -41.78 43.05
N HIS B 482 -16.39 -40.98 42.07
CA HIS B 482 -15.09 -41.11 41.38
C HIS B 482 -14.04 -40.06 41.79
N LEU B 483 -14.37 -39.27 42.80
CA LEU B 483 -13.37 -38.36 43.40
C LEU B 483 -12.32 -39.22 44.08
N SER B 484 -11.05 -38.85 43.91
CA SER B 484 -9.94 -39.51 44.65
C SER B 484 -10.14 -39.40 46.17
N PRO B 485 -9.82 -40.46 46.92
CA PRO B 485 -9.75 -40.39 48.40
C PRO B 485 -8.73 -39.36 48.96
N LYS B 486 -7.73 -39.04 48.15
CA LYS B 486 -6.75 -37.94 48.45
C LYS B 486 -7.42 -36.58 48.61
N PHE B 487 -8.60 -36.44 48.03
CA PHE B 487 -9.32 -35.16 48.00
C PHE B 487 -10.28 -35.04 49.19
N THR B 488 -10.13 -33.95 49.92
CA THR B 488 -10.95 -33.69 51.13
C THR B 488 -11.64 -32.34 51.11
N GLY B 489 -11.62 -31.69 49.97
CA GLY B 489 -12.08 -30.30 49.86
C GLY B 489 -13.49 -30.15 49.33
N ALA B 490 -13.78 -28.95 48.85
CA ALA B 490 -15.14 -28.60 48.38
C ALA B 490 -15.36 -29.03 46.93
N HIS B 491 -16.49 -29.65 46.68
CA HIS B 491 -16.85 -30.08 45.31
C HIS B 491 -18.13 -29.40 44.87
N ILE B 492 -18.01 -28.63 43.81
CA ILE B 492 -19.14 -27.86 43.25
C ILE B 492 -19.50 -28.43 41.89
N HIS B 493 -20.66 -29.07 41.82
CA HIS B 493 -21.19 -29.56 40.52
C HIS B 493 -22.21 -28.58 39.96
N VAL B 494 -21.94 -28.13 38.75
CA VAL B 494 -22.75 -27.11 38.08
C VAL B 494 -23.40 -27.73 36.85
N ASP B 495 -24.71 -27.90 36.94
CA ASP B 495 -25.51 -28.44 35.80
C ASP B 495 -26.11 -27.26 35.06
N LEU B 496 -25.56 -27.00 33.90
CA LEU B 496 -25.97 -25.82 33.09
C LEU B 496 -26.57 -26.23 31.73
N ALA B 497 -27.33 -27.31 31.75
CA ALA B 497 -27.96 -27.89 30.51
C ALA B 497 -28.74 -26.83 29.69
N TYR B 498 -29.61 -26.10 30.38
CA TYR B 498 -30.42 -25.06 29.73
C TYR B 498 -29.86 -23.60 29.70
N PRO B 499 -29.21 -23.13 30.77
CA PRO B 499 -28.66 -21.77 30.73
C PRO B 499 -27.61 -21.45 29.65
N VAL B 500 -26.98 -22.46 29.08
CA VAL B 500 -26.01 -22.26 27.98
C VAL B 500 -26.61 -21.88 26.62
N PHE B 501 -27.92 -21.91 26.48
CA PHE B 501 -28.53 -21.54 25.21
C PHE B 501 -29.90 -20.91 25.38
N ASN B 502 -30.30 -20.17 24.37
CA ASN B 502 -31.68 -19.69 24.27
C ASN B 502 -32.14 -19.88 22.81
N SER B 503 -33.27 -19.32 22.44
CA SER B 503 -33.80 -19.49 21.07
C SER B 503 -32.94 -18.83 19.96
N ASN B 504 -32.06 -17.90 20.34
CA ASN B 504 -31.03 -17.36 19.40
C ASN B 504 -29.71 -18.13 19.33
N GLY B 505 -29.54 -19.15 20.16
CA GLY B 505 -28.31 -19.95 20.19
C GLY B 505 -27.60 -19.84 21.52
N ALA B 506 -26.30 -20.05 21.49
CA ALA B 506 -25.50 -20.03 22.72
C ALA B 506 -25.57 -18.67 23.47
N THR B 507 -25.51 -18.75 24.78
CA THR B 507 -25.50 -17.58 25.64
C THR B 507 -24.10 -17.21 26.17
N GLY B 508 -23.15 -18.12 26.07
CA GLY B 508 -21.83 -17.94 26.68
C GLY B 508 -21.86 -17.92 28.21
N PHE B 509 -22.83 -18.61 28.77
CA PHE B 509 -23.02 -18.75 30.22
C PHE B 509 -21.92 -19.62 30.82
N GLY B 510 -21.33 -19.12 31.88
CA GLY B 510 -20.34 -19.89 32.70
C GLY B 510 -19.02 -19.20 33.02
N PRO B 511 -18.33 -18.69 32.02
CA PRO B 511 -17.04 -18.04 32.24
C PRO B 511 -17.08 -16.89 33.24
N ALA B 512 -18.03 -15.99 33.08
CA ALA B 512 -18.15 -14.81 34.00
C ALA B 512 -18.51 -15.23 35.43
N LEU B 513 -19.34 -16.24 35.54
CA LEU B 513 -19.63 -16.88 36.83
C LEU B 513 -18.32 -17.25 37.52
N LEU B 514 -17.46 -17.94 36.79
CA LEU B 514 -16.16 -18.41 37.33
C LEU B 514 -15.23 -17.25 37.74
N THR B 515 -15.14 -16.28 36.85
CA THR B 515 -14.32 -15.09 37.08
C THR B 515 -14.73 -14.41 38.38
N GLU B 516 -16.02 -14.16 38.54
CA GLU B 516 -16.55 -13.58 39.79
C GLU B 516 -16.28 -14.45 41.02
N TYR B 517 -16.45 -15.76 40.85
CA TYR B 517 -16.18 -16.71 41.96
C TYR B 517 -14.70 -16.61 42.42
N PHE B 518 -13.80 -16.65 41.45
CA PHE B 518 -12.34 -16.56 41.71
C PHE B 518 -11.93 -15.24 42.38
N ARG B 519 -12.55 -14.17 41.89
CA ARG B 519 -12.37 -12.80 42.39
C ARG B 519 -12.64 -12.67 43.90
N LYS B 520 -13.57 -13.45 44.40
CA LYS B 520 -14.01 -13.39 45.83
C LYS B 520 -13.40 -14.42 46.75
N LEU B 521 -12.45 -15.19 46.24
CA LEU B 521 -11.90 -16.33 47.03
C LEU B 521 -11.04 -15.87 48.23
N THR C 3 -9.00 61.80 35.42
CA THR C 3 -8.35 61.74 36.77
C THR C 3 -6.89 61.29 36.63
N LEU C 4 -5.99 62.23 36.86
CA LEU C 4 -4.53 61.96 36.87
C LEU C 4 -4.06 61.65 38.30
N PRO C 5 -2.92 60.95 38.44
CA PRO C 5 -2.32 60.83 39.78
C PRO C 5 -1.96 62.21 40.38
N LYS C 6 -2.10 62.31 41.69
CA LYS C 6 -1.85 63.57 42.45
C LYS C 6 -0.45 64.16 42.19
N ALA C 7 0.56 63.29 42.15
CA ALA C 7 1.97 63.70 41.86
C ALA C 7 2.16 64.30 40.44
N GLU C 8 1.46 63.74 39.47
CA GLU C 8 1.48 64.24 38.07
C GLU C 8 0.77 65.61 37.95
N ALA C 9 -0.37 65.73 38.60
CA ALA C 9 -1.13 67.02 38.64
C ALA C 9 -0.33 68.18 39.29
N LYS C 10 0.37 67.89 40.40
CA LYS C 10 1.25 68.87 41.06
C LYS C 10 2.38 69.30 40.11
N GLU C 11 2.97 68.34 39.44
CA GLU C 11 4.03 68.61 38.43
C GLU C 11 3.51 69.51 37.27
N LEU C 12 2.29 69.23 36.81
CA LEU C 12 1.67 70.01 35.73
C LEU C 12 1.41 71.47 36.16
N SER C 13 0.86 71.65 37.35
CA SER C 13 0.61 73.00 37.91
C SER C 13 1.87 73.81 38.05
N ALA C 14 2.92 73.16 38.55
CA ALA C 14 4.23 73.84 38.70
C ALA C 14 4.81 74.21 37.33
N PHE C 15 4.61 73.33 36.34
CA PHE C 15 5.10 73.61 34.96
C PHE C 15 4.34 74.75 34.32
N VAL C 16 3.03 74.76 34.53
CA VAL C 16 2.18 75.91 34.08
C VAL C 16 2.70 77.24 34.65
N GLN C 17 2.91 77.25 35.97
CA GLN C 17 3.41 78.45 36.68
C GLN C 17 4.77 78.90 36.11
N SER C 18 5.64 77.95 35.87
CA SER C 18 6.99 78.22 35.27
C SER C 18 6.87 78.95 33.91
N CYS C 19 5.85 78.59 33.14
CA CYS C 19 5.64 79.22 31.82
C CYS C 19 4.98 80.61 31.95
N VAL C 20 3.97 80.68 32.80
CA VAL C 20 3.26 81.97 33.07
C VAL C 20 4.17 83.06 33.66
N GLU C 21 5.08 82.66 34.52
CA GLU C 21 6.02 83.60 35.22
CA GLU C 21 6.01 83.60 35.22
C GLU C 21 7.40 83.68 34.55
N TYR C 22 7.50 83.13 33.35
CA TYR C 22 8.80 83.05 32.70
C TYR C 22 9.36 84.46 32.51
N LYS C 23 10.60 84.61 32.92
CA LYS C 23 11.36 85.86 32.71
C LYS C 23 12.67 85.55 31.96
N THR C 24 13.04 86.42 31.03
CA THR C 24 14.24 86.20 30.23
C THR C 24 15.53 86.32 31.02
N ASN C 25 16.53 85.62 30.53
CA ASN C 25 17.92 85.73 31.08
C ASN C 25 18.75 86.84 30.40
N VAL C 26 18.17 87.51 29.42
CA VAL C 26 18.89 88.49 28.60
C VAL C 26 18.50 89.93 28.95
N CYS C 27 19.50 90.80 29.03
CA CYS C 27 19.23 92.26 29.07
C CYS C 27 20.12 92.99 28.05
N PHE C 28 19.72 94.20 27.70
CA PHE C 28 20.35 94.96 26.63
C PHE C 28 20.81 96.35 27.07
N THR C 29 21.96 96.75 26.57
CA THR C 29 22.49 98.08 26.80
C THR C 29 23.44 98.44 25.68
N ASP C 30 24.24 99.48 25.91
CA ASP C 30 25.22 99.94 24.90
C ASP C 30 26.55 100.31 25.56
N VAL C 31 27.57 100.49 24.73
CA VAL C 31 28.97 100.66 25.21
C VAL C 31 29.12 101.82 26.20
N ALA C 32 28.58 102.99 25.85
CA ALA C 32 28.72 104.19 26.72
C ALA C 32 27.98 103.97 28.07
N ALA C 33 26.78 103.44 28.00
CA ALA C 33 25.99 103.16 29.23
C ALA C 33 26.67 102.11 30.10
N TYR C 34 27.31 101.17 29.45
CA TYR C 34 28.09 100.09 30.15
C TYR C 34 29.37 100.63 30.82
N GLU C 35 30.11 101.45 30.08
CA GLU C 35 31.32 102.20 30.61
C GLU C 35 30.93 103.02 31.86
N SER C 36 29.79 103.69 31.74
CA SER C 36 29.25 104.54 32.82
C SER C 36 28.75 103.77 34.07
N ASN C 37 28.02 102.68 33.85
CA ASN C 37 27.45 101.86 34.97
C ASN C 37 28.40 100.88 35.62
N GLN C 38 29.32 100.35 34.83
CA GLN C 38 30.27 99.27 35.30
C GLN C 38 31.74 99.68 35.41
N LYS C 39 32.05 100.85 34.85
CA LYS C 39 33.36 101.52 35.09
C LYS C 39 34.56 100.67 34.68
N GLY C 40 34.38 99.89 33.61
CA GLY C 40 35.44 98.99 33.10
C GLY C 40 35.64 97.67 33.88
N VAL C 41 34.71 97.36 34.78
CA VAL C 41 34.69 96.07 35.51
C VAL C 41 33.74 95.11 34.75
N LEU C 42 34.31 94.02 34.23
CA LEU C 42 33.51 92.97 33.57
C LEU C 42 32.56 92.32 34.55
N SER C 43 31.44 91.85 34.03
CA SER C 43 30.40 91.17 34.86
C SER C 43 30.88 89.83 35.43
N SER C 44 31.79 89.18 34.72
CA SER C 44 32.27 87.84 35.09
C SER C 44 33.60 87.52 34.42
N GLY C 45 34.04 86.28 34.62
CA GLY C 45 35.28 85.76 33.99
C GLY C 45 35.20 85.36 32.52
N LEU C 46 34.08 85.66 31.89
CA LEU C 46 33.92 85.42 30.44
C LEU C 46 33.32 86.63 29.75
N ALA C 47 33.93 86.99 28.63
CA ALA C 47 33.39 88.01 27.75
C ALA C 47 33.38 87.53 26.32
N VAL C 48 32.37 87.97 25.56
CA VAL C 48 32.22 87.56 24.18
C VAL C 48 32.21 88.78 23.25
N LEU C 49 32.96 88.65 22.16
CA LEU C 49 33.05 89.69 21.16
C LEU C 49 32.68 89.13 19.79
N VAL C 50 31.61 89.68 19.23
CA VAL C 50 31.03 89.17 17.96
C VAL C 50 30.82 90.26 16.93
N GLY C 51 31.39 90.05 15.75
CA GLY C 51 31.18 90.97 14.62
C GLY C 51 31.77 90.45 13.34
N THR C 52 31.59 91.21 12.28
CA THR C 52 32.18 90.88 10.97
C THR C 52 33.68 91.12 10.99
N HIS C 53 34.35 90.58 9.98
CA HIS C 53 35.80 90.81 9.74
C HIS C 53 36.16 92.33 9.82
N LYS C 54 35.38 93.13 9.09
CA LYS C 54 35.57 94.61 9.06
C LYS C 54 35.24 95.25 10.41
N GLN C 55 34.10 94.86 11.01
CA GLN C 55 33.69 95.44 12.30
C GLN C 55 34.69 95.19 13.44
N LEU C 56 35.25 93.99 13.42
CA LEU C 56 36.28 93.58 14.43
C LEU C 56 37.59 94.41 14.35
N ARG C 57 37.83 95.02 13.20
CA ARG C 57 39.02 95.87 12.95
C ARG C 57 38.74 97.37 12.99
N ASP C 58 37.54 97.71 13.39
CA ASP C 58 37.19 99.11 13.67
C ASP C 58 38.03 99.61 14.86
N PRO C 59 38.56 100.85 14.78
CA PRO C 59 39.34 101.41 15.90
C PRO C 59 38.58 101.48 17.24
N ALA C 60 37.27 101.65 17.18
CA ALA C 60 36.40 101.66 18.39
C ALA C 60 36.49 100.38 19.23
N VAL C 61 36.83 99.29 18.58
CA VAL C 61 37.04 97.97 19.25
C VAL C 61 38.18 98.05 20.29
N GLN C 62 39.20 98.84 19.97
CA GLN C 62 40.36 99.03 20.88
C GLN C 62 40.02 99.76 22.19
N ARG C 63 38.91 100.48 22.20
CA ARG C 63 38.41 101.16 23.42
C ARG C 63 37.60 100.25 24.36
N LEU C 64 37.36 99.03 23.92
CA LEU C 64 36.60 98.07 24.74
C LEU C 64 37.47 97.63 25.93
N PRO C 65 36.86 97.50 27.12
CA PRO C 65 37.58 97.33 28.39
C PRO C 65 38.44 96.09 28.51
N PHE C 66 38.15 95.08 27.70
CA PHE C 66 38.92 93.80 27.72
C PHE C 66 40.02 93.75 26.66
N TYR C 67 40.08 94.76 25.82
CA TYR C 67 40.98 94.72 24.64
C TYR C 67 42.42 94.76 25.08
N ASN C 68 43.23 93.92 24.45
CA ASN C 68 44.69 93.92 24.64
C ASN C 68 45.35 93.18 23.47
N PRO C 69 46.69 93.04 23.47
CA PRO C 69 47.34 92.43 22.28
C PRO C 69 46.98 90.97 21.99
N ALA C 70 46.59 90.24 23.03
CA ALA C 70 46.09 88.84 22.86
C ALA C 70 44.72 88.78 22.13
N VAL C 71 43.84 89.69 22.50
CA VAL C 71 42.53 89.85 21.84
C VAL C 71 42.72 90.25 20.39
N ALA C 72 43.69 91.12 20.16
CA ALA C 72 44.05 91.54 18.79
C ALA C 72 44.50 90.35 17.95
N GLU C 73 45.29 89.50 18.57
CA GLU C 73 45.75 88.26 17.93
C GLU C 73 44.57 87.28 17.69
N ALA C 74 43.63 87.24 18.63
CA ALA C 74 42.41 86.42 18.46
C ALA C 74 41.62 86.82 17.22
N ILE C 75 41.51 88.12 17.04
CA ILE C 75 40.86 88.71 15.84
C ILE C 75 41.55 88.30 14.54
N GLU C 76 42.87 88.20 14.59
CA GLU C 76 43.66 87.73 13.41
C GLU C 76 43.52 86.23 13.11
N ARG C 77 43.40 85.43 14.17
CA ARG C 77 43.41 83.95 14.04
C ARG C 77 42.04 83.29 13.89
N VAL C 78 41.00 84.01 14.29
CA VAL C 78 39.62 83.49 14.22
C VAL C 78 39.21 83.24 12.76
N LYS C 79 38.53 82.13 12.54
CA LYS C 79 38.00 81.79 11.20
C LYS C 79 36.61 82.37 11.03
N GLU C 80 36.27 82.71 9.79
CA GLU C 80 34.89 83.14 9.43
C GLU C 80 33.89 82.04 9.81
N GLY C 81 32.87 82.42 10.56
CA GLY C 81 31.90 81.47 11.14
C GLY C 81 32.38 80.70 12.37
N GLY C 82 33.58 81.00 12.83
CA GLY C 82 34.19 80.31 13.99
C GLY C 82 34.52 81.23 15.15
N THR C 83 34.97 80.62 16.23
CA THR C 83 35.34 81.35 17.45
C THR C 83 36.81 81.09 17.77
N TYR C 84 37.34 81.97 18.62
CA TYR C 84 38.73 81.89 19.09
C TYR C 84 38.84 82.56 20.44
N GLY C 85 39.35 81.81 21.39
CA GLY C 85 39.39 82.27 22.81
C GLY C 85 40.79 82.56 23.30
N VAL C 86 40.90 83.62 24.08
CA VAL C 86 42.17 83.99 24.76
C VAL C 86 41.96 84.38 26.24
N LEU C 87 42.96 84.08 27.05
CA LEU C 87 42.97 84.54 28.46
C LEU C 87 43.60 85.92 28.59
N VAL C 88 42.96 86.74 29.39
CA VAL C 88 43.51 88.06 29.75
C VAL C 88 43.74 88.09 31.25
N GLU C 89 44.99 88.26 31.63
CA GLU C 89 45.39 88.25 33.06
C GLU C 89 45.16 89.62 33.72
N GLY C 90 44.69 89.55 34.96
CA GLY C 90 44.52 90.76 35.84
C GLY C 90 43.56 91.79 35.27
N LEU C 91 42.48 91.32 34.69
CA LEU C 91 41.42 92.20 34.19
C LEU C 91 40.31 92.22 35.23
N ALA C 92 39.94 93.42 35.63
CA ALA C 92 38.92 93.60 36.67
C ALA C 92 37.60 92.96 36.26
N ASN C 93 37.06 92.16 37.15
CA ASN C 93 35.73 91.56 36.94
C ASN C 93 35.03 91.29 38.25
N ALA C 94 33.71 91.31 38.20
CA ALA C 94 32.87 91.14 39.43
C ALA C 94 32.92 89.75 40.08
N ALA C 95 33.34 88.73 39.33
CA ALA C 95 33.52 87.36 39.89
C ALA C 95 34.86 87.17 40.60
N GLY C 96 35.73 88.16 40.47
CA GLY C 96 37.09 88.11 41.07
C GLY C 96 37.97 87.00 40.49
N SER C 97 37.71 86.67 39.24
CA SER C 97 38.49 85.64 38.54
C SER C 97 39.86 86.21 38.13
N LYS C 98 40.89 85.40 38.29
CA LYS C 98 42.30 85.83 38.04
C LYS C 98 42.51 86.13 36.57
N PHE C 99 41.99 85.23 35.75
CA PHE C 99 42.00 85.41 34.30
C PHE C 99 40.58 85.64 33.79
N VAL C 100 40.44 86.50 32.81
CA VAL C 100 39.18 86.63 32.06
C VAL C 100 39.38 85.94 30.73
N ARG C 101 38.41 85.11 30.36
CA ARG C 101 38.40 84.47 29.03
C ARG C 101 37.62 85.35 28.07
N VAL C 102 38.26 85.68 26.97
CA VAL C 102 37.62 86.51 25.92
C VAL C 102 37.50 85.69 24.67
N VAL C 103 36.26 85.49 24.23
CA VAL C 103 35.98 84.68 23.03
C VAL C 103 35.52 85.56 21.92
N VAL C 104 36.30 85.56 20.85
CA VAL C 104 35.99 86.35 19.65
C VAL C 104 35.26 85.45 18.64
N GLY C 105 34.24 86.00 17.99
CA GLY C 105 33.50 85.28 16.95
C GLY C 105 33.30 86.12 15.73
N GLU C 106 33.63 85.56 14.58
CA GLU C 106 33.51 86.27 13.30
C GLU C 106 32.26 85.88 12.52
N VAL C 107 31.45 86.90 12.24
CA VAL C 107 30.21 86.79 11.45
C VAL C 107 30.52 87.04 9.97
N PRO C 108 30.06 86.15 9.07
CA PRO C 108 30.19 86.46 7.63
C PRO C 108 29.39 87.68 7.17
N THR C 109 29.84 88.27 6.09
CA THR C 109 29.07 89.37 5.45
C THR C 109 28.22 88.83 4.30
N LYS C 110 28.63 87.70 3.73
CA LYS C 110 27.89 87.02 2.64
C LYS C 110 26.44 86.80 3.08
N ALA C 111 25.52 87.27 2.26
CA ALA C 111 24.09 87.16 2.54
C ALA C 111 23.33 87.33 1.23
N SER C 112 22.55 86.32 0.86
CA SER C 112 21.75 86.33 -0.38
C SER C 112 20.55 87.25 -0.19
N ARG C 113 19.92 87.59 -1.30
CA ARG C 113 18.70 88.46 -1.30
C ARG C 113 17.51 87.92 -0.50
N ASN C 114 17.54 86.64 -0.18
CA ASN C 114 16.49 86.00 0.64
C ASN C 114 16.84 85.82 2.08
N ASN C 115 17.93 86.44 2.50
CA ASN C 115 18.45 86.30 3.87
C ASN C 115 18.49 87.65 4.59
N CYS C 116 18.61 87.57 5.89
CA CYS C 116 18.89 88.72 6.75
C CYS C 116 20.38 89.11 6.63
N PRO C 117 20.69 90.34 6.17
CA PRO C 117 22.09 90.80 5.95
C PRO C 117 23.01 90.70 7.17
N ALA C 118 22.41 90.82 8.34
CA ALA C 118 23.17 90.75 9.58
C ALA C 118 23.51 89.31 10.05
N ARG C 119 23.01 88.32 9.30
CA ARG C 119 23.31 86.90 9.53
C ARG C 119 23.20 86.49 11.00
N PRO C 120 22.03 86.75 11.63
CA PRO C 120 21.81 86.39 13.02
C PRO C 120 21.87 84.88 13.28
N ASP C 121 21.63 84.09 12.25
CA ASP C 121 21.87 82.64 12.32
C ASP C 121 23.31 82.30 12.82
N VAL C 122 24.32 83.01 12.31
CA VAL C 122 25.70 82.76 12.74
C VAL C 122 25.96 83.38 14.12
N VAL C 123 25.37 84.53 14.36
CA VAL C 123 25.47 85.17 15.69
C VAL C 123 25.06 84.16 16.76
N THR C 124 23.90 83.57 16.55
CA THR C 124 23.37 82.53 17.50
C THR C 124 24.38 81.41 17.75
N ALA C 125 24.93 80.89 16.68
CA ALA C 125 25.89 79.73 16.77
C ALA C 125 27.22 80.14 17.45
N LEU C 126 27.70 81.34 17.14
CA LEU C 126 28.91 81.89 17.79
C LEU C 126 28.75 82.06 19.32
N VAL C 127 27.66 82.66 19.73
CA VAL C 127 27.46 82.91 21.16
C VAL C 127 27.22 81.58 21.89
N THR C 128 26.49 80.69 21.23
CA THR C 128 26.27 79.32 21.79
C THR C 128 27.60 78.62 22.05
N ALA C 129 28.47 78.62 21.06
CA ALA C 129 29.82 78.03 21.19
C ALA C 129 30.67 78.70 22.30
N ALA C 130 30.60 80.03 22.37
CA ALA C 130 31.34 80.81 23.40
C ALA C 130 30.82 80.53 24.80
N LEU C 131 29.52 80.40 24.94
CA LEU C 131 28.89 80.06 26.28
C LEU C 131 29.15 78.64 26.78
N ASP C 132 29.63 77.78 25.91
CA ASP C 132 30.06 76.42 26.28
C ASP C 132 31.37 76.46 27.11
N GLU C 133 32.07 77.58 27.06
CA GLU C 133 33.30 77.82 27.88
C GLU C 133 33.02 78.50 29.24
N VAL C 134 31.78 78.44 29.69
CA VAL C 134 31.39 79.01 30.99
C VAL C 134 31.85 78.07 32.11
N LYS C 135 32.55 78.66 33.07
CA LYS C 135 33.09 77.93 34.25
C LYS C 135 31.99 77.64 35.30
N GLU C 136 31.49 78.71 35.91
CA GLU C 136 30.52 78.65 37.04
C GLU C 136 29.05 78.80 36.57
N PRO C 137 28.06 78.55 37.47
CA PRO C 137 26.62 78.50 37.07
C PRO C 137 25.82 79.80 36.79
N ASN C 138 25.71 80.59 37.84
CA ASN C 138 24.83 81.81 37.89
C ASN C 138 25.64 83.08 37.65
N THR C 139 26.46 83.07 36.62
CA THR C 139 27.23 84.26 36.23
C THR C 139 26.47 85.08 35.19
N THR C 140 26.91 86.32 35.06
CA THR C 140 26.45 87.23 34.00
C THR C 140 27.58 87.32 32.97
N VAL C 141 27.26 87.08 31.69
CA VAL C 141 28.24 87.11 30.61
C VAL C 141 27.99 88.35 29.74
N ASP C 142 29.04 89.17 29.60
CA ASP C 142 28.97 90.34 28.77
C ASP C 142 29.17 89.90 27.33
N VAL C 143 28.19 90.20 26.49
CA VAL C 143 28.25 89.90 25.06
C VAL C 143 28.27 91.19 24.27
N PHE C 144 29.45 91.51 23.75
CA PHE C 144 29.67 92.73 22.98
C PHE C 144 29.42 92.42 21.54
N VAL C 145 28.42 93.06 20.96
CA VAL C 145 28.08 92.86 19.55
C VAL C 145 28.37 94.14 18.77
N LEU C 146 29.03 93.99 17.65
CA LEU C 146 29.46 95.12 16.83
C LEU C 146 28.43 95.57 15.80
N SER C 147 27.41 94.76 15.61
CA SER C 147 26.28 95.11 14.74
C SER C 147 25.28 95.97 15.49
N ASN C 148 24.63 96.86 14.76
CA ASN C 148 23.47 97.68 15.30
C ASN C 148 22.10 97.22 14.81
N ALA C 149 22.05 96.04 14.22
CA ALA C 149 20.77 95.44 13.77
C ALA C 149 20.07 94.81 14.98
N VAL C 150 19.46 95.66 15.78
CA VAL C 150 19.09 95.31 17.16
C VAL C 150 18.03 94.24 17.32
N LEU C 151 17.03 94.28 16.46
CA LEU C 151 15.93 93.28 16.54
C LEU C 151 16.42 91.86 16.21
N PRO C 152 17.05 91.67 15.05
CA PRO C 152 17.54 90.31 14.74
C PRO C 152 18.58 89.78 15.73
N ILE C 153 19.45 90.66 16.21
CA ILE C 153 20.44 90.25 17.24
C ILE C 153 19.75 89.88 18.54
N ALA C 154 18.72 90.64 18.91
CA ALA C 154 18.02 90.36 20.19
C ALA C 154 17.44 88.95 20.22
N ALA C 155 16.74 88.63 19.15
CA ALA C 155 16.15 87.31 18.96
C ALA C 155 17.22 86.19 18.83
N ALA C 156 18.31 86.51 18.13
CA ALA C 156 19.41 85.58 17.90
C ALA C 156 20.08 85.14 19.21
N VAL C 157 20.30 86.11 20.08
CA VAL C 157 20.89 85.86 21.41
C VAL C 157 19.90 85.18 22.36
N ALA C 158 18.66 85.57 22.29
CA ALA C 158 17.58 84.89 23.08
C ALA C 158 17.51 83.39 22.78
N ARG C 159 17.74 83.07 21.52
CA ARG C 159 17.74 81.68 20.95
C ARG C 159 18.93 80.83 21.36
N CYS C 160 20.00 81.49 21.70
CA CYS C 160 21.32 80.82 21.72
C CYS C 160 21.54 80.14 23.05
N GLY C 161 22.59 79.37 23.10
CA GLY C 161 23.06 78.73 24.33
C GLY C 161 22.13 77.65 24.85
N LYS C 162 22.30 77.30 26.12
CA LYS C 162 21.46 76.31 26.78
C LYS C 162 20.04 76.80 26.94
N HIS C 163 19.12 75.88 26.83
CA HIS C 163 17.69 76.18 26.78
C HIS C 163 17.11 76.27 28.18
N ASN C 164 16.16 77.17 28.34
CA ASN C 164 15.54 77.42 29.66
C ASN C 164 14.77 76.20 30.12
N PHE C 165 14.24 75.45 29.16
CA PHE C 165 13.65 74.16 29.49
C PHE C 165 14.73 73.10 29.71
N SER C 166 14.70 72.46 30.85
CA SER C 166 15.60 71.35 31.15
C SER C 166 15.04 70.38 32.17
N ALA C 167 15.32 69.11 31.95
CA ALA C 167 15.02 68.03 32.91
C ALA C 167 16.29 67.36 33.47
N LYS C 168 17.44 67.94 33.16
CA LYS C 168 18.71 67.37 33.63
C LYS C 168 18.93 67.67 35.11
N ASP C 169 19.65 66.76 35.77
CA ASP C 169 20.26 67.01 37.10
C ASP C 169 19.31 67.60 38.14
N GLY C 170 18.17 66.96 38.31
CA GLY C 170 17.17 67.36 39.32
C GLY C 170 16.28 68.55 38.97
N ALA C 171 16.47 69.12 37.80
CA ALA C 171 15.65 70.27 37.32
C ALA C 171 14.12 70.01 37.28
N ALA C 172 13.74 68.76 37.14
CA ALA C 172 12.31 68.36 37.26
C ALA C 172 11.64 68.80 38.59
N ALA C 173 12.44 68.84 39.65
CA ALA C 173 11.98 69.30 40.99
C ALA C 173 11.89 70.81 41.09
N ALA C 174 12.51 71.49 40.16
CA ALA C 174 12.44 72.97 40.03
C ALA C 174 11.57 73.42 38.84
N ALA C 175 10.50 72.67 38.59
CA ALA C 175 9.54 72.96 37.51
C ALA C 175 10.18 73.04 36.10
N TYR C 176 11.25 72.28 35.92
CA TYR C 176 11.95 72.17 34.62
C TYR C 176 12.55 73.50 34.15
N ASN C 177 12.90 74.33 35.12
CA ASN C 177 13.69 75.55 34.87
C ASN C 177 15.14 75.16 34.94
N SER C 178 15.85 75.42 33.86
CA SER C 178 17.27 75.04 33.82
C SER C 178 18.06 75.83 34.85
N GLY C 179 18.98 75.16 35.52
CA GLY C 179 20.00 75.83 36.37
C GLY C 179 21.32 76.13 35.66
N LYS C 180 21.37 75.78 34.38
CA LYS C 180 22.58 75.88 33.53
C LYS C 180 22.64 77.10 32.61
N VAL C 181 21.62 77.94 32.70
CA VAL C 181 21.53 79.13 31.83
C VAL C 181 22.30 80.28 32.46
N SER C 182 23.12 80.93 31.66
CA SER C 182 23.85 82.14 32.08
C SER C 182 23.00 83.38 31.82
N ARG C 183 23.02 84.33 32.76
CA ARG C 183 22.47 85.68 32.47
C ARG C 183 23.37 86.29 31.37
N LEU C 184 22.78 86.93 30.38
CA LEU C 184 23.53 87.53 29.26
C LEU C 184 23.27 89.01 29.15
N GLN C 185 24.34 89.78 29.22
CA GLN C 185 24.24 91.23 28.96
C GLN C 185 24.75 91.56 27.59
N VAL C 186 23.82 91.90 26.72
CA VAL C 186 24.15 92.26 25.35
C VAL C 186 24.48 93.75 25.28
N VAL C 187 25.65 94.05 24.74
CA VAL C 187 26.19 95.41 24.68
C VAL C 187 26.36 95.87 23.24
N PHE C 188 25.42 96.68 22.79
CA PHE C 188 25.45 97.24 21.43
C PHE C 188 26.45 98.39 21.34
N PRO C 189 26.94 98.70 20.14
CA PRO C 189 27.85 99.86 19.99
C PRO C 189 27.20 101.19 20.30
N GLU C 190 25.97 101.38 19.85
CA GLU C 190 25.19 102.60 20.09
C GLU C 190 23.94 102.30 20.88
N PRO C 191 23.33 103.33 21.51
CA PRO C 191 22.02 103.11 22.14
C PRO C 191 21.05 102.51 21.12
N PRO C 192 20.36 101.42 21.48
CA PRO C 192 19.58 100.74 20.47
C PRO C 192 18.40 101.58 19.96
N ALA C 193 18.18 101.51 18.67
CA ALA C 193 17.02 102.18 18.02
C ALA C 193 15.66 101.75 18.60
N ILE C 194 15.64 100.54 19.13
CA ILE C 194 14.48 100.00 19.84
C ILE C 194 14.86 100.00 21.31
N PRO C 195 14.00 100.53 22.19
CA PRO C 195 14.39 100.57 23.61
C PRO C 195 14.72 99.19 24.21
N PRO C 196 15.69 99.15 25.16
CA PRO C 196 16.07 97.90 25.81
C PRO C 196 14.91 97.09 26.40
N LYS C 197 13.95 97.76 27.00
CA LYS C 197 12.81 97.05 27.65
C LYS C 197 11.92 96.35 26.61
N ASP C 198 11.83 96.96 25.43
CA ASP C 198 11.11 96.39 24.29
C ASP C 198 11.85 95.17 23.70
N LEU C 199 13.16 95.31 23.58
CA LEU C 199 14.01 94.17 23.15
C LEU C 199 13.93 93.01 24.14
N GLU C 200 13.84 93.34 25.42
CA GLU C 200 13.62 92.31 26.49
C GLU C 200 12.32 91.54 26.31
N ALA C 201 11.25 92.26 25.99
CA ALA C 201 9.94 91.62 25.76
C ALA C 201 9.97 90.65 24.56
N VAL C 202 10.67 91.06 23.52
CA VAL C 202 10.92 90.22 22.31
C VAL C 202 11.69 88.94 22.66
N ALA C 203 12.79 89.14 23.35
CA ALA C 203 13.65 88.02 23.76
C ALA C 203 12.87 87.04 24.65
N THR C 204 12.05 87.60 25.51
CA THR C 204 11.21 86.82 26.44
C THR C 204 10.23 85.93 25.65
N SER C 205 9.63 86.52 24.64
CA SER C 205 8.68 85.80 23.80
C SER C 205 9.36 84.69 22.95
N THR C 206 10.54 84.98 22.42
CA THR C 206 11.34 83.98 21.73
C THR C 206 11.63 82.79 22.64
N GLN C 207 12.01 83.10 23.86
CA GLN C 207 12.39 82.05 24.81
C GLN C 207 11.21 81.28 25.38
N LEU C 208 10.10 81.97 25.60
CA LEU C 208 8.87 81.29 26.08
C LEU C 208 8.34 80.34 24.98
N CYS C 209 8.36 80.83 23.76
CA CYS C 209 8.01 80.03 22.58
C CYS C 209 8.86 78.77 22.52
N GLN C 210 10.15 78.97 22.72
CA GLN C 210 11.13 77.87 22.78
C GLN C 210 10.84 76.87 23.89
N ARG C 211 10.45 77.41 25.03
CA ARG C 211 10.07 76.58 26.22
C ARG C 211 8.86 75.69 25.95
N LEU C 212 7.85 76.29 25.36
CA LEU C 212 6.60 75.58 25.02
C LEU C 212 6.84 74.45 23.98
N VAL C 213 7.68 74.74 23.02
CA VAL C 213 8.01 73.79 21.93
C VAL C 213 8.94 72.65 22.41
N ASP C 214 9.94 72.99 23.20
CA ASP C 214 10.87 72.02 23.79
C ASP C 214 10.14 71.06 24.71
N ALA C 215 9.10 71.52 25.39
CA ALA C 215 8.51 70.77 26.49
C ALA C 215 7.90 69.49 25.96
N PRO C 216 8.11 68.37 26.68
CA PRO C 216 7.54 67.12 26.23
C PRO C 216 6.04 67.13 26.42
N PRO C 217 5.31 66.31 25.66
CA PRO C 217 3.86 66.35 25.70
C PRO C 217 3.25 65.85 27.00
N ASN C 218 4.03 65.14 27.81
CA ASN C 218 3.54 64.80 29.15
C ASN C 218 3.41 66.06 30.06
N LEU C 219 4.10 67.14 29.67
CA LEU C 219 4.03 68.46 30.40
C LEU C 219 3.19 69.51 29.70
N LEU C 220 3.44 69.66 28.41
CA LEU C 220 2.63 70.55 27.60
C LEU C 220 1.51 69.77 26.90
N THR C 221 0.36 69.81 27.54
CA THR C 221 -0.88 69.19 27.02
C THR C 221 -1.84 70.23 26.50
N THR C 222 -2.96 69.78 25.95
CA THR C 222 -4.02 70.72 25.54
C THR C 222 -4.55 71.51 26.74
N ALA C 223 -4.63 70.84 27.87
CA ALA C 223 -5.06 71.47 29.15
C ALA C 223 -4.03 72.48 29.71
N THR C 224 -2.76 72.07 29.81
CA THR C 224 -1.72 72.99 30.40
C THR C 224 -1.44 74.19 29.47
N PHE C 225 -1.49 73.97 28.16
CA PHE C 225 -1.33 75.08 27.20
C PHE C 225 -2.48 76.10 27.43
N THR C 226 -3.68 75.58 27.58
CA THR C 226 -4.85 76.43 27.86
C THR C 226 -4.69 77.23 29.19
N GLU C 227 -4.31 76.54 30.25
CA GLU C 227 -4.07 77.18 31.55
C GLU C 227 -3.02 78.28 31.47
N ILE C 228 -1.98 78.03 30.71
CA ILE C 228 -0.89 79.01 30.49
C ILE C 228 -1.45 80.28 29.82
N ALA C 229 -2.26 80.08 28.80
CA ALA C 229 -2.93 81.20 28.12
C ALA C 229 -3.84 81.98 29.08
N GLN C 230 -4.57 81.25 29.90
CA GLN C 230 -5.45 81.86 30.93
C GLN C 230 -4.68 82.67 31.95
N GLY C 231 -3.56 82.11 32.39
CA GLY C 231 -2.68 82.79 33.37
C GLY C 231 -2.20 84.15 32.83
N TYR C 232 -1.77 84.16 31.56
CA TYR C 232 -1.28 85.38 30.91
C TYR C 232 -2.44 86.38 30.71
N ALA C 233 -3.61 85.85 30.46
CA ALA C 233 -4.84 86.68 30.32
C ALA C 233 -5.17 87.42 31.63
N LYS C 234 -5.13 86.70 32.74
CA LYS C 234 -5.32 87.32 34.08
C LYS C 234 -4.27 88.41 34.32
N ALA C 235 -3.01 88.06 34.13
CA ALA C 235 -1.87 88.97 34.44
C ALA C 235 -1.82 90.23 33.56
N LEU C 236 -2.09 90.08 32.29
CA LEU C 236 -1.98 91.21 31.32
C LEU C 236 -3.31 91.87 30.97
N GLY C 237 -4.42 91.24 31.37
CA GLY C 237 -5.76 91.82 31.19
C GLY C 237 -6.27 91.80 29.77
N PHE C 238 -6.11 90.67 29.11
CA PHE C 238 -6.76 90.44 27.78
C PHE C 238 -7.82 89.35 27.93
N ASP C 239 -8.73 89.31 26.98
CA ASP C 239 -9.88 88.37 27.03
C ASP C 239 -9.48 86.99 26.54
N VAL C 240 -10.10 85.98 27.13
CA VAL C 240 -9.86 84.60 26.74
C VAL C 240 -11.19 83.86 26.64
N ASP C 241 -11.37 83.19 25.52
CA ASP C 241 -12.55 82.37 25.23
C ASP C 241 -12.06 80.95 24.96
N VAL C 242 -12.67 79.99 25.63
CA VAL C 242 -12.31 78.58 25.50
C VAL C 242 -13.54 77.75 25.15
N ILE C 243 -13.47 77.06 24.03
CA ILE C 243 -14.46 76.04 23.65
C ILE C 243 -13.80 74.67 23.81
N CYS C 244 -14.32 73.89 24.74
CA CYS C 244 -13.65 72.67 25.27
C CYS C 244 -14.41 71.39 24.91
N GLY C 245 -13.67 70.40 24.45
CA GLY C 245 -14.16 68.99 24.34
C GLY C 245 -15.45 68.77 23.57
N ASP C 246 -16.43 68.17 24.23
CA ASP C 246 -17.71 67.84 23.57
C ASP C 246 -18.50 69.07 23.11
N ASP C 247 -18.29 70.21 23.77
CA ASP C 247 -18.91 71.49 23.31
C ASP C 247 -18.50 71.85 21.87
N LEU C 248 -17.29 71.43 21.48
CA LEU C 248 -16.81 71.65 20.08
C LEU C 248 -17.73 70.93 19.10
N CYS C 249 -18.08 69.70 19.44
CA CYS C 249 -19.04 68.90 18.64
C CYS C 249 -20.45 69.53 18.62
N GLU C 250 -20.96 69.90 19.80
CA GLU C 250 -22.32 70.51 19.93
C GLU C 250 -22.42 71.82 19.14
N ARG C 251 -21.32 72.57 19.09
CA ARG C 251 -21.28 73.88 18.39
C ARG C 251 -20.83 73.83 16.92
N GLY C 252 -20.68 72.63 16.38
CA GLY C 252 -20.40 72.41 14.93
C GLY C 252 -18.93 72.45 14.51
N TYR C 253 -18.03 72.48 15.48
CA TYR C 253 -16.58 72.45 15.19
C TYR C 253 -16.10 71.01 14.99
N GLY C 254 -16.59 70.39 13.93
CA GLY C 254 -16.36 68.95 13.64
C GLY C 254 -14.92 68.55 13.29
N GLY C 255 -14.19 69.51 12.75
CA GLY C 255 -12.80 69.30 12.38
C GLY C 255 -11.90 69.13 13.59
N ILE C 256 -11.79 70.18 14.40
CA ILE C 256 -10.94 70.09 15.61
C ILE C 256 -11.43 69.02 16.58
N TYR C 257 -12.74 68.91 16.69
CA TYR C 257 -13.33 67.87 17.60
C TYR C 257 -12.89 66.46 17.16
N SER C 258 -13.07 66.16 15.88
CA SER C 258 -12.76 64.80 15.34
C SER C 258 -11.28 64.45 15.43
N VAL C 259 -10.42 65.43 15.15
CA VAL C 259 -8.96 65.23 15.29
C VAL C 259 -8.57 64.90 16.73
N GLY C 260 -9.11 65.69 17.66
CA GLY C 260 -8.68 65.60 19.11
C GLY C 260 -9.41 64.63 20.05
N LYS C 261 -10.52 64.07 19.59
CA LYS C 261 -11.43 63.30 20.49
C LYS C 261 -10.94 61.98 21.00
N ALA C 262 -9.93 61.42 20.37
CA ALA C 262 -9.35 60.15 20.84
C ALA C 262 -8.44 60.31 22.04
N ALA C 263 -7.96 61.52 22.25
CA ALA C 263 -6.92 61.79 23.24
C ALA C 263 -7.44 61.74 24.67
N PHE C 264 -6.50 61.54 25.57
CA PHE C 264 -6.77 61.57 27.01
C PHE C 264 -7.27 62.97 27.44
N GLU C 265 -6.58 64.00 26.96
CA GLU C 265 -6.95 65.41 27.23
C GLU C 265 -7.74 65.94 26.05
N ALA C 266 -8.88 66.54 26.34
CA ALA C 266 -9.82 67.00 25.30
C ALA C 266 -9.26 68.15 24.47
N PRO C 267 -9.76 68.31 23.23
CA PRO C 267 -9.30 69.38 22.39
C PRO C 267 -9.98 70.68 22.80
N ARG C 268 -9.35 71.79 22.44
CA ARG C 268 -9.82 73.11 22.82
C ARG C 268 -9.54 74.11 21.72
N LEU C 269 -10.54 74.92 21.46
CA LEU C 269 -10.38 76.09 20.62
C LEU C 269 -10.30 77.28 21.60
N VAL C 270 -9.11 77.85 21.67
CA VAL C 270 -8.81 78.93 22.61
C VAL C 270 -8.60 80.23 21.83
N THR C 271 -9.45 81.22 22.07
CA THR C 271 -9.34 82.50 21.38
C THR C 271 -9.02 83.64 22.38
N LEU C 272 -7.98 84.39 22.05
CA LEU C 272 -7.49 85.51 22.85
C LEU C 272 -7.75 86.80 22.08
N LEU C 273 -8.20 87.83 22.80
CA LEU C 273 -8.52 89.15 22.19
C LEU C 273 -7.74 90.28 22.84
N TYR C 274 -7.15 91.09 21.99
CA TYR C 274 -6.48 92.32 22.42
C TYR C 274 -6.92 93.47 21.52
N THR C 275 -7.41 94.52 22.15
CA THR C 275 -7.80 95.75 21.44
C THR C 275 -6.97 96.88 22.04
N PRO C 276 -6.12 97.53 21.23
CA PRO C 276 -5.34 98.65 21.74
C PRO C 276 -6.17 99.87 22.14
N LYS C 277 -5.58 100.71 22.99
CA LYS C 277 -6.23 101.96 23.48
C LYS C 277 -6.65 102.90 22.35
N GLY C 278 -5.77 103.07 21.37
CA GLY C 278 -6.07 104.02 20.30
C GLY C 278 -6.97 103.43 19.22
N THR C 279 -7.09 104.15 18.11
CA THR C 279 -7.65 103.60 16.85
C THR C 279 -6.57 102.64 16.20
N PRO C 280 -6.94 101.37 15.89
CA PRO C 280 -5.95 100.39 15.40
C PRO C 280 -5.61 100.54 13.92
N VAL C 281 -4.35 100.29 13.60
CA VAL C 281 -3.86 100.43 12.20
C VAL C 281 -4.40 99.33 11.27
N LYS C 282 -4.67 98.17 11.87
CA LYS C 282 -5.25 97.00 11.22
C LYS C 282 -5.93 96.10 12.24
N LYS C 283 -6.86 95.33 11.74
CA LYS C 283 -7.42 94.19 12.50
C LYS C 283 -6.87 92.88 11.93
N VAL C 284 -6.18 92.14 12.77
CA VAL C 284 -5.47 90.94 12.35
C VAL C 284 -5.91 89.77 13.24
N SER C 285 -6.27 88.69 12.59
CA SER C 285 -6.61 87.43 13.25
C SER C 285 -5.49 86.40 13.06
N LEU C 286 -4.92 85.97 14.16
CA LEU C 286 -3.91 84.92 14.15
C LEU C 286 -4.58 83.58 14.43
N VAL C 287 -4.12 82.55 13.75
CA VAL C 287 -4.59 81.17 13.96
C VAL C 287 -3.40 80.22 13.97
N GLY C 288 -3.27 79.44 15.01
CA GLY C 288 -2.11 78.56 15.17
C GLY C 288 -2.45 77.07 15.35
N LYS C 289 -1.71 76.22 14.62
CA LYS C 289 -1.83 74.75 14.75
C LYS C 289 -1.20 74.37 16.07
N GLY C 290 -2.02 73.94 16.99
CA GLY C 290 -1.56 73.53 18.33
C GLY C 290 -1.71 72.05 18.54
N ILE C 291 -1.08 71.28 17.67
CA ILE C 291 -1.06 69.82 17.81
C ILE C 291 0.05 69.51 18.77
N VAL C 292 -0.38 69.31 19.98
CA VAL C 292 0.47 69.05 21.16
C VAL C 292 1.35 67.79 21.02
N TYR C 293 0.79 66.80 20.34
CA TYR C 293 1.53 65.64 19.84
C TYR C 293 0.78 65.01 18.66
N ASP C 294 1.53 64.74 17.60
CA ASP C 294 1.02 64.22 16.28
C ASP C 294 1.56 62.78 16.17
N CYS C 295 0.83 61.82 16.71
CA CYS C 295 1.19 60.40 16.51
C CYS C 295 0.80 59.89 15.11
N GLY C 296 -0.02 60.67 14.43
CA GLY C 296 -0.57 60.32 13.10
C GLY C 296 -2.01 59.83 13.11
N GLY C 297 -2.49 59.54 14.30
CA GLY C 297 -3.78 58.90 14.48
C GLY C 297 -3.72 57.47 13.97
N LEU C 298 -4.84 57.00 13.45
CA LEU C 298 -4.92 55.66 12.85
C LEU C 298 -3.91 55.44 11.71
N ALA C 299 -3.59 56.54 11.02
CA ALA C 299 -2.43 56.61 10.05
C ALA C 299 -1.16 56.82 10.85
N LEU C 300 -0.85 55.84 11.66
CA LEU C 300 0.22 55.90 12.62
C LEU C 300 1.58 56.13 11.95
N LYS C 301 2.32 57.08 12.49
CA LYS C 301 3.69 57.32 12.07
C LYS C 301 4.60 56.22 12.53
N PRO C 302 5.57 55.85 11.70
CA PRO C 302 6.67 55.05 12.23
C PRO C 302 7.45 55.84 13.27
N ALA C 303 8.15 55.11 14.13
CA ALA C 303 8.86 55.72 15.29
C ALA C 303 9.87 56.80 14.96
N ASP C 304 10.68 56.56 13.93
CA ASP C 304 11.65 57.56 13.39
C ASP C 304 10.98 58.92 13.11
N TYR C 305 9.81 58.86 12.51
CA TYR C 305 9.03 60.05 12.12
C TYR C 305 8.21 60.66 13.26
N MET C 306 7.93 59.86 14.28
CA MET C 306 7.09 60.31 15.41
C MET C 306 7.91 61.07 16.44
N LYS C 307 9.20 60.80 16.47
CA LYS C 307 10.14 61.53 17.33
C LYS C 307 10.08 63.02 16.94
N LEU C 308 10.16 63.87 17.95
CA LEU C 308 10.06 65.36 17.77
C LEU C 308 8.67 65.88 17.31
N MET C 309 7.65 65.05 17.40
CA MET C 309 6.27 65.52 17.07
C MET C 309 5.62 66.33 18.20
N LYS C 310 6.32 66.43 19.32
CA LYS C 310 6.02 67.45 20.36
C LYS C 310 6.17 68.88 19.82
N HIS C 311 6.97 69.04 18.77
CA HIS C 311 7.12 70.30 18.08
C HIS C 311 5.93 70.68 17.20
N ASP C 312 4.93 69.81 17.10
CA ASP C 312 3.78 70.03 16.18
C ASP C 312 2.79 71.13 16.68
N MET C 313 3.11 71.73 17.83
CA MET C 313 2.38 72.87 18.36
C MET C 313 3.18 74.20 18.19
N GLY C 314 4.21 74.16 17.35
CA GLY C 314 5.12 75.31 17.16
C GLY C 314 4.45 76.53 16.56
N GLY C 315 3.44 76.29 15.76
CA GLY C 315 2.63 77.39 15.17
C GLY C 315 1.74 78.09 16.20
N ALA C 316 1.15 77.31 17.08
CA ALA C 316 0.35 77.86 18.20
C ALA C 316 1.23 78.64 19.19
N ALA C 317 2.42 78.14 19.45
CA ALA C 317 3.35 78.81 20.33
C ALA C 317 3.77 80.15 19.73
N ALA C 318 4.08 80.12 18.45
CA ALA C 318 4.56 81.29 17.72
C ALA C 318 3.56 82.45 17.75
N VAL C 319 2.34 82.08 17.44
CA VAL C 319 1.19 82.97 17.35
C VAL C 319 0.82 83.48 18.77
N PHE C 320 0.87 82.58 19.74
CA PHE C 320 0.61 82.93 21.13
C PHE C 320 1.59 83.96 21.66
N CYS C 321 2.87 83.73 21.41
CA CYS C 321 3.95 84.60 21.95
C CYS C 321 4.06 85.92 21.18
N GLY C 322 3.71 85.89 19.90
CA GLY C 322 3.65 87.11 19.09
C GLY C 322 2.55 88.01 19.64
N PHE C 323 1.43 87.38 20.01
CA PHE C 323 0.29 88.03 20.68
C PHE C 323 0.71 88.66 22.01
N LEU C 324 1.42 87.89 22.82
CA LEU C 324 1.93 88.40 24.10
C LEU C 324 2.81 89.62 23.92
N THR C 325 3.71 89.57 22.93
CA THR C 325 4.63 90.68 22.68
C THR C 325 3.82 91.92 22.31
N ALA C 326 2.83 91.74 21.46
CA ALA C 326 1.96 92.87 21.03
C ALA C 326 1.23 93.53 22.24
N VAL C 327 0.77 92.71 23.17
CA VAL C 327 0.12 93.20 24.39
C VAL C 327 1.14 93.92 25.30
N ARG C 328 2.27 93.28 25.52
CA ARG C 328 3.31 93.88 26.39
C ARG C 328 3.88 95.20 25.86
N LEU C 329 4.06 95.29 24.55
CA LEU C 329 4.54 96.52 23.91
C LEU C 329 3.44 97.48 23.46
N GLN C 330 2.20 97.08 23.72
CA GLN C 330 1.01 97.90 23.39
C GLN C 330 1.06 98.30 21.89
N GLN C 331 1.36 97.32 21.03
CA GLN C 331 1.40 97.59 19.58
C GLN C 331 -0.01 97.95 19.10
N PRO C 332 -0.13 98.91 18.15
CA PRO C 332 -1.46 99.46 17.79
C PRO C 332 -2.21 98.63 16.77
N VAL C 333 -2.24 97.34 17.02
CA VAL C 333 -2.93 96.38 16.14
C VAL C 333 -3.98 95.66 16.95
N GLN C 334 -5.18 95.60 16.41
CA GLN C 334 -6.24 94.84 17.06
C GLN C 334 -6.06 93.39 16.67
N LEU C 335 -5.98 92.54 17.66
CA LEU C 335 -5.64 91.12 17.46
C LEU C 335 -6.66 90.15 18.03
N SER C 336 -6.92 89.11 17.27
CA SER C 336 -7.42 87.83 17.83
C SER C 336 -6.31 86.78 17.63
N CYS C 337 -6.24 85.84 18.55
CA CYS C 337 -5.27 84.76 18.50
C CYS C 337 -5.97 83.46 18.87
N THR C 338 -6.19 82.63 17.86
CA THR C 338 -6.97 81.39 18.03
C THR C 338 -6.02 80.19 18.01
N LEU C 339 -5.99 79.48 19.12
CA LEU C 339 -5.13 78.34 19.29
C LEU C 339 -5.95 77.08 19.06
N CYS C 340 -5.56 76.32 18.05
CA CYS C 340 -6.27 75.09 17.68
C CYS C 340 -5.56 73.93 18.37
N LEU C 341 -6.03 73.63 19.57
CA LEU C 341 -5.34 72.69 20.47
C LEU C 341 -5.95 71.30 20.44
N ALA C 342 -5.13 70.34 20.07
CA ALA C 342 -5.54 68.92 20.09
C ALA C 342 -4.34 68.01 20.11
N GLU C 343 -4.51 66.83 20.67
CA GLU C 343 -3.53 65.75 20.49
C GLU C 343 -4.12 64.81 19.46
N ASN C 344 -3.32 64.50 18.45
CA ASN C 344 -3.71 63.54 17.39
C ASN C 344 -3.31 62.15 17.85
N ALA C 345 -4.23 61.50 18.51
CA ALA C 345 -3.97 60.28 19.28
C ALA C 345 -4.59 59.06 18.60
N ILE C 346 -4.20 57.91 19.07
CA ILE C 346 -4.66 56.63 18.51
C ILE C 346 -5.39 55.83 19.59
N GLY C 347 -6.56 55.38 19.24
CA GLY C 347 -7.39 54.63 20.18
C GLY C 347 -8.78 54.35 19.64
N PRO C 348 -9.68 53.87 20.52
CA PRO C 348 -11.02 53.47 20.05
C PRO C 348 -11.89 54.60 19.55
N LYS C 349 -11.64 55.81 20.01
CA LYS C 349 -12.41 56.98 19.54
C LYS C 349 -11.77 57.75 18.39
N SER C 350 -10.66 57.22 17.89
CA SER C 350 -9.92 57.82 16.76
C SER C 350 -10.82 58.08 15.57
N TYR C 351 -10.70 59.29 15.01
CA TYR C 351 -11.31 59.56 13.73
C TYR C 351 -10.57 58.73 12.67
N ARG C 352 -11.32 58.32 11.67
CA ARG C 352 -10.86 57.26 10.77
C ARG C 352 -10.53 57.73 9.37
N ASN C 353 -9.69 56.93 8.73
CA ASN C 353 -9.44 57.04 7.29
C ASN C 353 -10.65 56.46 6.58
N ASP C 354 -11.56 57.35 6.23
CA ASP C 354 -12.93 57.08 5.66
C ASP C 354 -14.04 57.92 6.31
N ASP C 355 -13.80 58.38 7.52
CA ASP C 355 -14.79 59.23 8.21
C ASP C 355 -15.05 60.49 7.38
N ILE C 356 -16.28 60.96 7.45
CA ILE C 356 -16.67 62.23 6.85
C ILE C 356 -16.99 63.24 7.96
N ILE C 357 -16.31 64.38 7.90
CA ILE C 357 -16.38 65.44 8.92
C ILE C 357 -17.24 66.57 8.39
N VAL C 358 -18.14 67.06 9.24
CA VAL C 358 -18.85 68.31 8.98
C VAL C 358 -18.07 69.44 9.68
N MET C 359 -17.40 70.25 8.87
CA MET C 359 -16.59 71.35 9.41
C MET C 359 -17.48 72.48 9.90
N LYS C 360 -16.92 73.34 10.74
CA LYS C 360 -17.65 74.54 11.20
C LYS C 360 -18.16 75.36 10.03
N SER C 361 -17.36 75.42 8.97
CA SER C 361 -17.73 76.14 7.73
C SER C 361 -18.97 75.59 7.01
N GLY C 362 -19.44 74.44 7.44
CA GLY C 362 -20.56 73.74 6.75
C GLY C 362 -20.11 72.73 5.68
N LYS C 363 -18.85 72.84 5.28
CA LYS C 363 -18.29 71.97 4.26
C LYS C 363 -17.89 70.64 4.84
N THR C 364 -18.10 69.61 4.02
CA THR C 364 -17.79 68.23 4.44
C THR C 364 -16.44 67.77 3.88
N VAL C 365 -15.72 67.07 4.73
CA VAL C 365 -14.37 66.61 4.47
C VAL C 365 -14.29 65.12 4.67
N GLU C 366 -13.93 64.44 3.58
CA GLU C 366 -13.62 63.01 3.63
C GLU C 366 -12.18 62.81 4.07
N VAL C 367 -11.98 62.09 5.15
CA VAL C 367 -10.64 61.88 5.71
C VAL C 367 -9.99 60.71 4.99
N ILE C 368 -9.03 61.02 4.12
CA ILE C 368 -8.21 60.04 3.41
C ILE C 368 -7.06 59.55 4.30
N ASN C 369 -6.49 60.47 5.06
CA ASN C 369 -5.35 60.21 5.93
C ASN C 369 -5.40 61.06 7.18
N THR C 370 -5.50 60.41 8.32
CA THR C 370 -5.64 61.07 9.61
C THR C 370 -4.42 61.87 10.04
N ASP C 371 -3.30 61.63 9.39
CA ASP C 371 -2.01 62.28 9.73
C ASP C 371 -1.83 63.63 9.06
N ALA C 372 -2.78 63.92 8.20
CA ALA C 372 -3.05 65.28 7.65
C ALA C 372 -4.14 66.00 8.48
N GLU C 373 -3.85 66.13 9.76
CA GLU C 373 -4.77 66.60 10.79
C GLU C 373 -4.72 68.12 10.93
N GLY C 374 -3.58 68.70 10.62
CA GLY C 374 -3.32 70.11 10.88
C GLY C 374 -4.21 71.02 10.05
N ARG C 375 -4.32 70.71 8.77
CA ARG C 375 -5.15 71.48 7.86
C ARG C 375 -6.62 71.45 8.32
N ILE C 376 -7.01 70.32 8.92
CA ILE C 376 -8.41 70.18 9.44
C ILE C 376 -8.66 71.10 10.65
N VAL C 377 -7.80 71.03 11.65
CA VAL C 377 -7.98 71.88 12.83
C VAL C 377 -7.91 73.39 12.45
N LEU C 378 -7.01 73.69 11.52
CA LEU C 378 -6.84 75.06 11.03
C LEU C 378 -8.03 75.54 10.23
N GLY C 379 -8.65 74.64 9.52
CA GLY C 379 -9.90 74.95 8.78
C GLY C 379 -11.02 75.47 9.70
N ASP C 380 -11.20 74.79 10.82
CA ASP C 380 -12.12 75.30 11.88
C ASP C 380 -11.62 76.63 12.51
N GLY C 381 -10.32 76.71 12.74
CA GLY C 381 -9.70 77.91 13.33
C GLY C 381 -9.93 79.15 12.51
N VAL C 382 -9.68 79.05 11.22
CA VAL C 382 -9.79 80.24 10.31
C VAL C 382 -11.25 80.61 10.06
N PHE C 383 -12.14 79.63 10.09
CA PHE C 383 -13.58 79.93 9.97
C PHE C 383 -14.08 80.64 11.25
N HIS C 384 -13.64 80.14 12.38
CA HIS C 384 -13.89 80.80 13.66
C HIS C 384 -13.45 82.29 13.59
N ALA C 385 -12.21 82.50 13.21
CA ALA C 385 -11.60 83.86 13.19
C ALA C 385 -12.33 84.78 12.24
N THR C 386 -12.78 84.24 11.12
CA THR C 386 -13.38 85.05 10.04
C THR C 386 -14.92 85.14 10.08
N ASN C 387 -15.54 84.34 10.92
CA ASN C 387 -17.01 84.33 11.02
C ASN C 387 -17.61 84.58 12.41
N GLU C 388 -16.90 84.22 13.46
CA GLU C 388 -17.50 84.08 14.80
C GLU C 388 -17.11 85.14 15.81
N LEU C 389 -16.20 86.02 15.42
CA LEU C 389 -15.71 87.08 16.35
C LEU C 389 -16.56 88.34 16.26
N SER C 390 -16.32 89.25 17.21
CA SER C 390 -17.04 90.56 17.24
C SER C 390 -16.58 91.53 16.15
N PHE C 391 -15.49 91.22 15.50
CA PHE C 391 -15.02 91.98 14.31
C PHE C 391 -14.67 91.02 13.18
N THR C 392 -14.51 91.58 12.01
CA THR C 392 -14.01 90.86 10.84
C THR C 392 -12.58 91.32 10.57
N PRO C 393 -11.62 90.39 10.53
CA PRO C 393 -10.25 90.83 10.32
C PRO C 393 -9.96 91.31 8.91
N ASP C 394 -8.98 92.18 8.81
CA ASP C 394 -8.45 92.63 7.53
C ASP C 394 -7.44 91.62 6.98
N VAL C 395 -6.77 90.96 7.91
CA VAL C 395 -5.71 90.01 7.61
C VAL C 395 -5.87 88.81 8.53
N VAL C 396 -5.78 87.64 7.93
CA VAL C 396 -5.70 86.36 8.67
C VAL C 396 -4.31 85.78 8.45
N ILE C 397 -3.63 85.48 9.54
CA ILE C 397 -2.32 84.83 9.51
C ILE C 397 -2.43 83.50 10.22
N ASP C 398 -2.24 82.41 9.48
CA ASP C 398 -2.18 81.12 10.17
C ASP C 398 -0.76 80.58 10.14
N MET C 399 -0.33 80.06 11.26
CA MET C 399 1.02 79.56 11.40
C MET C 399 0.95 78.12 11.87
N ALA C 400 1.71 77.27 11.21
CA ALA C 400 1.59 75.82 11.43
C ALA C 400 2.81 75.04 11.00
N THR C 401 3.19 74.10 11.83
CA THR C 401 4.19 73.08 11.48
C THR C 401 3.49 72.03 10.62
N LEU C 402 3.21 72.37 9.38
CA LEU C 402 2.16 71.68 8.62
C LEU C 402 2.57 70.46 7.75
N THR C 403 3.64 70.62 6.97
CA THR C 403 4.03 69.60 5.99
C THR C 403 5.51 69.32 5.95
N GLY C 404 5.83 68.05 5.66
CA GLY C 404 7.19 67.62 5.29
C GLY C 404 7.68 68.25 3.99
N ALA C 405 6.75 68.47 3.10
CA ALA C 405 7.02 69.14 1.83
C ALA C 405 7.71 70.51 2.03
N GLN C 406 7.39 71.17 3.13
CA GLN C 406 7.95 72.50 3.43
C GLN C 406 9.47 72.48 3.43
N GLY C 407 10.02 71.47 4.07
CA GLY C 407 11.48 71.34 4.17
C GLY C 407 12.11 71.11 2.82
N ILE C 408 11.51 70.22 2.08
CA ILE C 408 11.92 69.90 0.71
C ILE C 408 11.86 71.13 -0.20
N ALA C 409 10.82 71.91 -0.02
CA ALA C 409 10.58 73.12 -0.85
C ALA C 409 11.47 74.32 -0.48
N THR C 410 11.36 74.74 0.76
CA THR C 410 12.04 76.02 1.23
C THR C 410 13.11 75.83 2.32
N GLY C 411 13.23 74.63 2.82
CA GLY C 411 14.37 74.29 3.69
C GLY C 411 14.19 74.58 5.16
N ARG C 412 15.28 74.41 5.89
CA ARG C 412 15.24 74.44 7.36
C ARG C 412 15.20 75.80 7.99
N HIS C 413 15.58 76.80 7.24
CA HIS C 413 15.69 78.19 7.78
C HIS C 413 14.63 79.14 7.26
N HIS C 414 13.87 78.70 6.27
CA HIS C 414 12.88 79.57 5.63
C HIS C 414 11.50 78.95 5.71
N ALA C 415 10.60 79.62 6.42
CA ALA C 415 9.21 79.19 6.47
C ALA C 415 8.59 79.42 5.09
N GLY C 416 7.72 78.53 4.69
CA GLY C 416 7.03 78.67 3.41
C GLY C 416 5.81 79.56 3.53
N LEU C 417 5.65 80.47 2.59
CA LEU C 417 4.49 81.37 2.55
C LEU C 417 3.55 81.06 1.38
N TYR C 418 2.30 80.79 1.71
CA TYR C 418 1.22 80.67 0.73
C TYR C 418 0.24 81.83 0.99
N VAL C 419 0.17 82.75 0.06
CA VAL C 419 -0.49 84.03 0.29
C VAL C 419 -1.37 84.44 -0.89
N ASN C 420 -2.58 84.86 -0.58
CA ASN C 420 -3.56 85.26 -1.65
C ASN C 420 -3.35 86.66 -2.28
N GLU C 421 -2.52 87.47 -1.68
CA GLU C 421 -2.18 88.83 -2.20
C GLU C 421 -0.68 89.09 -2.26
N GLU C 422 -0.24 89.62 -3.39
CA GLU C 422 1.19 89.94 -3.59
C GLU C 422 1.71 90.88 -2.47
N GLY C 423 0.90 91.87 -2.10
CA GLY C 423 1.31 92.93 -1.15
C GLY C 423 1.59 92.39 0.26
N ALA C 424 0.68 91.58 0.75
CA ALA C 424 0.80 90.99 2.09
C ALA C 424 2.00 90.01 2.16
N GLU C 425 2.21 89.34 1.03
CA GLU C 425 3.34 88.43 0.88
C GLU C 425 4.70 89.16 0.95
N ALA C 426 4.83 90.19 0.14
CA ALA C 426 6.03 91.04 0.14
C ALA C 426 6.34 91.60 1.55
N ALA C 427 5.29 92.00 2.24
CA ALA C 427 5.45 92.59 3.59
C ALA C 427 5.90 91.55 4.61
N MET C 428 5.36 90.35 4.52
CA MET C 428 5.80 89.23 5.41
C MET C 428 7.24 88.78 5.10
N LEU C 429 7.57 88.74 3.83
CA LEU C 429 8.97 88.54 3.41
C LEU C 429 9.98 89.57 3.98
N ARG C 430 9.63 90.84 3.83
CA ARG C 430 10.43 91.97 4.39
C ARG C 430 10.58 91.80 5.92
N ALA C 431 9.48 91.45 6.57
CA ALA C 431 9.51 91.23 8.04
C ALA C 431 10.45 90.07 8.45
N GLY C 432 10.45 89.03 7.64
CA GLY C 432 11.38 87.90 7.82
C GLY C 432 12.84 88.25 7.67
N ARG C 433 13.14 89.08 6.66
CA ARG C 433 14.53 89.57 6.45
C ARG C 433 15.00 90.55 7.51
N GLU C 434 14.09 91.33 8.05
CA GLU C 434 14.43 92.32 9.11
C GLU C 434 14.59 91.64 10.44
N SER C 435 13.70 90.70 10.71
CA SER C 435 13.66 89.97 12.01
C SER C 435 14.69 88.86 12.12
N GLY C 436 15.15 88.39 10.96
CA GLY C 436 16.03 87.20 10.91
C GLY C 436 15.25 85.87 10.82
N GLU C 437 13.95 85.93 11.05
CA GLU C 437 13.04 84.75 11.00
C GLU C 437 12.48 84.61 9.58
N THR C 438 13.36 84.18 8.72
CA THR C 438 13.20 84.30 7.28
C THR C 438 12.15 83.35 6.70
N CYS C 439 11.58 83.79 5.61
CA CYS C 439 10.48 83.15 4.90
C CYS C 439 10.77 83.10 3.42
N PHE C 440 10.01 82.26 2.71
CA PHE C 440 10.09 82.23 1.24
C PHE C 440 8.77 81.77 0.65
N PRO C 441 8.35 82.34 -0.48
CA PRO C 441 7.04 81.96 -0.95
C PRO C 441 6.98 80.58 -1.57
N VAL C 442 5.84 79.95 -1.43
CA VAL C 442 5.49 78.80 -2.25
C VAL C 442 4.36 79.17 -3.24
N LEU C 443 4.24 78.34 -4.27
CA LEU C 443 3.26 78.56 -5.37
C LEU C 443 1.84 78.82 -4.89
N TYR C 444 1.29 79.95 -5.31
CA TYR C 444 -0.13 80.26 -5.12
C TYR C 444 -0.82 80.14 -6.45
N CYS C 445 -1.62 79.10 -6.56
CA CYS C 445 -2.33 78.76 -7.84
C CYS C 445 -3.56 77.86 -7.57
N PRO C 446 -4.61 78.43 -6.93
CA PRO C 446 -5.75 77.67 -6.46
C PRO C 446 -6.41 76.82 -7.55
N GLU C 447 -6.44 77.33 -8.75
CA GLU C 447 -7.03 76.57 -9.88
C GLU C 447 -6.31 75.23 -10.15
N TYR C 448 -5.04 75.15 -9.82
CA TYR C 448 -4.31 73.85 -9.91
C TYR C 448 -4.34 73.02 -8.63
N HIS C 449 -4.60 73.63 -7.49
CA HIS C 449 -4.63 72.91 -6.21
C HIS C 449 -5.97 72.22 -6.01
N GLU C 450 -7.01 72.91 -6.41
CA GLU C 450 -8.43 72.51 -6.17
C GLU C 450 -8.78 71.08 -6.63
N PRO C 451 -8.35 70.66 -7.82
CA PRO C 451 -8.65 69.29 -8.29
C PRO C 451 -8.00 68.14 -7.50
N GLU C 452 -6.97 68.45 -6.74
CA GLU C 452 -6.30 67.43 -5.93
C GLU C 452 -7.15 66.92 -4.77
N PHE C 453 -8.18 67.66 -4.43
CA PHE C 453 -9.03 67.34 -3.27
C PHE C 453 -10.46 66.89 -3.66
N LYS C 454 -10.64 66.45 -4.90
CA LYS C 454 -11.93 65.90 -5.35
C LYS C 454 -12.31 64.63 -4.58
N SER C 455 -13.57 64.60 -4.16
CA SER C 455 -14.15 63.48 -3.38
C SER C 455 -15.42 62.94 -4.04
N ASN C 456 -15.62 61.63 -3.92
CA ASN C 456 -16.86 61.00 -4.41
C ASN C 456 -18.12 61.42 -3.63
N HIS C 457 -18.00 61.49 -2.33
CA HIS C 457 -19.17 61.65 -1.44
C HIS C 457 -19.23 62.91 -0.57
N ALA C 458 -18.09 63.53 -0.34
CA ALA C 458 -18.02 64.77 0.46
C ALA C 458 -17.63 65.94 -0.44
N ASP C 459 -17.68 67.15 0.11
CA ASP C 459 -17.26 68.34 -0.65
C ASP C 459 -15.78 68.29 -1.07
N MET C 460 -14.97 67.71 -0.21
CA MET C 460 -13.55 67.57 -0.45
C MET C 460 -12.94 66.44 0.35
N THR C 461 -11.76 66.02 -0.06
CA THR C 461 -10.88 65.18 0.80
C THR C 461 -9.93 66.09 1.60
N ASN C 462 -9.19 65.49 2.53
CA ASN C 462 -8.11 66.18 3.28
C ASN C 462 -6.69 65.85 2.81
N LEU C 463 -6.57 65.18 1.68
CA LEU C 463 -5.26 64.79 1.16
C LEU C 463 -5.22 64.86 -0.34
N MET C 464 -4.13 65.40 -0.86
CA MET C 464 -3.91 65.47 -2.32
C MET C 464 -3.84 64.04 -2.90
N GLU C 465 -4.54 63.89 -4.00
CA GLU C 465 -4.53 62.67 -4.80
C GLU C 465 -3.11 62.36 -5.32
N ARG C 466 -2.43 63.39 -5.80
CA ARG C 466 -1.05 63.32 -6.26
C ARG C 466 -0.16 64.18 -5.35
N ARG C 467 0.64 63.51 -4.55
CA ARG C 467 1.46 64.15 -3.50
C ARG C 467 2.52 65.08 -4.11
N ASP C 468 2.88 64.80 -5.35
CA ASP C 468 3.96 65.56 -6.04
C ASP C 468 3.44 66.73 -6.91
N ASN C 469 2.44 67.43 -6.38
CA ASN C 469 1.80 68.58 -7.08
C ASN C 469 1.64 69.80 -6.19
N ALA C 470 2.79 70.28 -5.69
CA ALA C 470 2.88 71.52 -4.84
C ALA C 470 2.25 71.23 -3.48
N GLY C 471 2.97 70.45 -2.70
CA GLY C 471 2.49 69.97 -1.40
C GLY C 471 2.36 70.99 -0.29
N VAL C 472 3.19 72.02 -0.31
CA VAL C 472 3.07 73.10 0.69
C VAL C 472 1.83 73.94 0.34
N SER C 473 1.68 74.18 -0.95
CA SER C 473 0.60 75.03 -1.47
C SER C 473 -0.77 74.41 -1.30
N CYS C 474 -0.86 73.14 -1.61
CA CYS C 474 -2.16 72.43 -1.50
C CYS C 474 -2.73 72.40 -0.07
N ALA C 475 -1.86 72.24 0.91
CA ALA C 475 -2.31 72.24 2.31
C ALA C 475 -2.84 73.63 2.64
N GLY C 476 -2.17 74.63 2.12
CA GLY C 476 -2.63 76.02 2.29
C GLY C 476 -3.99 76.19 1.66
N TYR C 477 -4.10 75.71 0.43
CA TYR C 477 -5.37 75.80 -0.32
C TYR C 477 -6.54 75.21 0.48
N PHE C 478 -6.31 74.04 1.05
CA PHE C 478 -7.34 73.33 1.84
C PHE C 478 -7.92 74.26 2.93
N ILE C 479 -7.01 74.89 3.64
CA ILE C 479 -7.36 75.81 4.74
C ILE C 479 -8.22 76.98 4.21
N THR C 480 -7.86 77.51 3.06
CA THR C 480 -8.60 78.65 2.48
C THR C 480 -10.05 78.32 2.09
N THR C 481 -10.33 77.05 1.78
CA THR C 481 -11.73 76.61 1.47
C THR C 481 -12.70 76.78 2.66
N HIS C 482 -12.15 76.94 3.86
CA HIS C 482 -12.94 77.13 5.09
C HIS C 482 -12.99 78.56 5.63
N LEU C 483 -12.40 79.48 4.88
CA LEU C 483 -12.53 80.92 5.21
C LEU C 483 -13.98 81.31 5.04
N SER C 484 -14.51 82.08 5.97
CA SER C 484 -15.88 82.63 5.84
C SER C 484 -16.02 83.50 4.59
N PRO C 485 -17.17 83.43 3.90
CA PRO C 485 -17.49 84.36 2.79
C PRO C 485 -17.55 85.86 3.20
N LYS C 486 -17.80 86.10 4.47
CA LYS C 486 -17.70 87.46 5.08
C LYS C 486 -16.29 88.09 4.97
N PHE C 487 -15.29 87.22 4.79
CA PHE C 487 -13.89 87.66 4.74
C PHE C 487 -13.45 87.95 3.31
N THR C 488 -12.91 89.14 3.10
CA THR C 488 -12.46 89.59 1.77
C THR C 488 -11.02 90.11 1.76
N GLY C 489 -10.29 89.89 2.85
CA GLY C 489 -8.96 90.48 3.05
C GLY C 489 -7.82 89.53 2.72
N ALA C 490 -6.66 89.86 3.25
CA ALA C 490 -5.43 89.10 2.96
C ALA C 490 -5.30 87.88 3.84
N HIS C 491 -4.93 86.78 3.23
CA HIS C 491 -4.69 85.53 3.99
C HIS C 491 -3.25 85.05 3.81
N ILE C 492 -2.54 84.99 4.92
CA ILE C 492 -1.14 84.59 4.94
C ILE C 492 -0.99 83.27 5.66
N HIS C 493 -0.64 82.23 4.90
CA HIS C 493 -0.37 80.89 5.48
C HIS C 493 1.13 80.67 5.60
N VAL C 494 1.56 80.42 6.80
CA VAL C 494 2.99 80.26 7.16
C VAL C 494 3.26 78.83 7.61
N ASP C 495 3.97 78.10 6.76
CA ASP C 495 4.33 76.73 7.04
C ASP C 495 5.72 76.77 7.63
N LEU C 496 5.81 76.52 8.91
CA LEU C 496 7.11 76.58 9.63
C LEU C 496 7.53 75.25 10.25
N ALA C 497 7.24 74.19 9.52
CA ALA C 497 7.52 72.81 9.98
C ALA C 497 8.95 72.64 10.47
N TYR C 498 9.89 73.04 9.64
CA TYR C 498 11.34 72.91 9.97
C TYR C 498 12.03 74.09 10.72
N PRO C 499 11.66 75.34 10.43
CA PRO C 499 12.33 76.46 11.11
C PRO C 499 12.13 76.56 12.62
N VAL C 500 11.11 75.89 13.14
CA VAL C 500 10.85 75.87 14.59
C VAL C 500 11.78 75.03 15.41
N PHE C 501 12.67 74.28 14.77
CA PHE C 501 13.64 73.49 15.55
C PHE C 501 14.97 73.32 14.81
N ASN C 502 16.00 73.01 15.60
CA ASN C 502 17.27 72.56 15.04
C ASN C 502 17.76 71.37 15.88
N SER C 503 19.01 70.97 15.70
CA SER C 503 19.54 69.80 16.43
C SER C 503 19.69 70.01 17.95
N ASN C 504 19.65 71.25 18.40
CA ASN C 504 19.58 71.57 19.86
C ASN C 504 18.16 71.70 20.43
N GLY C 505 17.15 71.60 19.57
CA GLY C 505 15.76 71.72 20.03
C GLY C 505 15.03 72.90 19.40
N ALA C 506 14.05 73.42 20.11
CA ALA C 506 13.26 74.56 19.62
C ALA C 506 14.12 75.83 19.39
N THR C 507 13.73 76.57 18.37
CA THR C 507 14.39 77.84 17.99
C THR C 507 13.65 79.07 18.48
N GLY C 508 12.39 78.91 18.84
CA GLY C 508 11.48 80.03 19.12
C GLY C 508 11.14 80.88 17.92
N PHE C 509 11.17 80.27 16.75
CA PHE C 509 10.89 80.94 15.46
C PHE C 509 9.41 81.29 15.38
N GLY C 510 9.14 82.50 14.98
CA GLY C 510 7.77 82.97 14.68
C GLY C 510 7.31 84.28 15.36
N PRO C 511 7.45 84.39 16.67
CA PRO C 511 7.02 85.60 17.40
C PRO C 511 7.65 86.89 16.92
N ALA C 512 8.97 86.88 16.76
CA ALA C 512 9.68 88.10 16.29
C ALA C 512 9.28 88.47 14.86
N LEU C 513 9.10 87.45 14.03
CA LEU C 513 8.56 87.65 12.66
C LEU C 513 7.27 88.43 12.72
N LEU C 514 6.36 87.99 13.57
CA LEU C 514 5.06 88.69 13.78
C LEU C 514 5.21 90.14 14.31
N THR C 515 6.04 90.30 15.33
CA THR C 515 6.29 91.61 15.92
C THR C 515 6.76 92.61 14.85
N GLU C 516 7.73 92.19 14.06
CA GLU C 516 8.25 92.99 12.96
C GLU C 516 7.15 93.29 11.90
N TYR C 517 6.35 92.28 11.58
CA TYR C 517 5.26 92.45 10.59
C TYR C 517 4.24 93.51 11.07
N PHE C 518 3.83 93.37 12.31
CA PHE C 518 2.89 94.34 12.96
C PHE C 518 3.44 95.77 13.00
N ARG C 519 4.73 95.86 13.31
CA ARG C 519 5.48 97.12 13.41
C ARG C 519 5.43 97.94 12.12
N LYS C 520 5.37 97.25 11.00
CA LYS C 520 5.38 97.88 9.65
C LYS C 520 3.99 98.06 8.96
N LEU C 521 2.94 97.77 9.69
N LEU C 521 2.94 97.77 9.69
CA LEU C 521 1.58 97.79 9.11
CA LEU C 521 1.58 97.79 9.11
C LEU C 521 1.05 99.20 8.79
C LEU C 521 1.05 99.20 8.79
N THR D 3 -13.68 -53.49 0.18
CA THR D 3 -13.41 -54.91 -0.18
C THR D 3 -14.60 -55.79 0.23
N LEU D 4 -15.34 -56.26 -0.77
CA LEU D 4 -16.46 -57.23 -0.58
C LEU D 4 -15.97 -58.67 -0.73
N PRO D 5 -16.70 -59.65 -0.14
CA PRO D 5 -16.40 -61.05 -0.44
C PRO D 5 -16.55 -61.36 -1.94
N LYS D 6 -15.69 -62.25 -2.44
CA LYS D 6 -15.67 -62.62 -3.89
C LYS D 6 -17.04 -63.09 -4.40
N ALA D 7 -17.73 -63.89 -3.57
CA ALA D 7 -19.09 -64.43 -3.94
C ALA D 7 -20.16 -63.32 -4.07
N GLU D 8 -20.07 -62.30 -3.22
CA GLU D 8 -20.96 -61.12 -3.30
C GLU D 8 -20.67 -60.27 -4.54
N ALA D 9 -19.40 -60.04 -4.82
CA ALA D 9 -18.97 -59.27 -6.04
C ALA D 9 -19.40 -59.94 -7.36
N LYS D 10 -19.27 -61.26 -7.44
CA LYS D 10 -19.76 -62.03 -8.64
C LYS D 10 -21.28 -61.86 -8.81
N GLU D 11 -22.00 -61.95 -7.69
CA GLU D 11 -23.47 -61.76 -7.68
C GLU D 11 -23.87 -60.35 -8.15
N LEU D 12 -23.13 -59.36 -7.69
CA LEU D 12 -23.37 -57.96 -8.10
C LEU D 12 -23.11 -57.74 -9.60
N SER D 13 -22.01 -58.29 -10.11
CA SER D 13 -21.70 -58.21 -11.56
C SER D 13 -22.76 -58.86 -12.43
N ALA D 14 -23.21 -60.03 -12.01
CA ALA D 14 -24.27 -60.75 -12.73
C ALA D 14 -25.60 -59.96 -12.70
N PHE D 15 -25.88 -59.33 -11.56
CA PHE D 15 -27.09 -58.49 -11.42
C PHE D 15 -27.01 -57.25 -12.32
N VAL D 16 -25.84 -56.64 -12.35
CA VAL D 16 -25.58 -55.49 -13.28
C VAL D 16 -25.88 -55.88 -14.74
N GLN D 17 -25.29 -56.98 -15.16
CA GLN D 17 -25.47 -57.52 -16.50
C GLN D 17 -26.96 -57.79 -16.80
N SER D 18 -27.66 -58.39 -15.85
CA SER D 18 -29.12 -58.65 -15.99
C SER D 18 -29.92 -57.37 -16.25
N CYS D 19 -29.50 -56.28 -15.64
CA CYS D 19 -30.16 -54.97 -15.86
C CYS D 19 -29.78 -54.33 -17.21
N VAL D 20 -28.49 -54.36 -17.51
CA VAL D 20 -27.95 -53.77 -18.78
C VAL D 20 -28.50 -54.49 -20.03
N GLU D 21 -28.68 -55.79 -19.92
CA GLU D 21 -29.18 -56.62 -21.05
C GLU D 21 -30.67 -56.92 -20.98
N TYR D 22 -31.36 -56.23 -20.08
CA TYR D 22 -32.81 -56.49 -19.86
C TYR D 22 -33.59 -56.32 -21.17
N LYS D 23 -34.38 -57.33 -21.49
CA LYS D 23 -35.29 -57.31 -22.67
C LYS D 23 -36.72 -57.64 -22.20
N THR D 24 -37.68 -56.93 -22.76
CA THR D 24 -39.07 -57.06 -22.32
C THR D 24 -39.69 -58.39 -22.70
N ASN D 25 -40.68 -58.78 -21.95
CA ASN D 25 -41.53 -59.97 -22.27
C ASN D 25 -42.74 -59.67 -23.15
N VAL D 26 -42.94 -58.41 -23.48
CA VAL D 26 -44.15 -57.95 -24.20
C VAL D 26 -43.83 -57.59 -25.66
N CYS D 27 -44.71 -58.01 -26.55
CA CYS D 27 -44.68 -57.51 -27.93
C CYS D 27 -46.09 -57.10 -28.36
N PHE D 28 -46.14 -56.29 -29.42
CA PHE D 28 -47.38 -55.65 -29.82
C PHE D 28 -47.70 -55.91 -31.28
N THR D 29 -48.97 -56.09 -31.55
CA THR D 29 -49.48 -56.22 -32.89
C THR D 29 -50.96 -55.82 -32.93
N ASP D 30 -51.63 -56.18 -34.02
CA ASP D 30 -53.06 -55.85 -34.24
C ASP D 30 -53.83 -57.03 -34.85
N VAL D 31 -55.14 -56.95 -34.83
CA VAL D 31 -56.01 -58.09 -35.13
C VAL D 31 -55.74 -58.66 -36.55
N ALA D 32 -55.66 -57.78 -37.53
CA ALA D 32 -55.45 -58.20 -38.96
C ALA D 32 -54.07 -58.86 -39.14
N ALA D 33 -53.06 -58.23 -38.56
CA ALA D 33 -51.68 -58.79 -38.60
C ALA D 33 -51.60 -60.14 -37.89
N TYR D 34 -52.37 -60.27 -36.83
CA TYR D 34 -52.44 -61.53 -36.02
C TYR D 34 -53.17 -62.67 -36.79
N GLU D 35 -54.31 -62.31 -37.39
CA GLU D 35 -55.07 -63.24 -38.28
C GLU D 35 -54.17 -63.76 -39.42
N SER D 36 -53.43 -62.84 -40.00
CA SER D 36 -52.50 -63.12 -41.11
C SER D 36 -51.29 -63.99 -40.71
N ASN D 37 -50.66 -63.68 -39.59
CA ASN D 37 -49.45 -64.41 -39.13
C ASN D 37 -49.71 -65.73 -38.42
N GLN D 38 -50.83 -65.82 -37.72
CA GLN D 38 -51.15 -67.00 -36.87
C GLN D 38 -52.32 -67.82 -37.35
N LYS D 39 -53.06 -67.28 -38.30
CA LYS D 39 -54.10 -68.04 -39.04
C LYS D 39 -55.20 -68.65 -38.15
N GLY D 40 -55.53 -67.92 -37.09
CA GLY D 40 -56.54 -68.39 -36.10
C GLY D 40 -56.07 -69.45 -35.08
N VAL D 41 -54.76 -69.65 -35.02
CA VAL D 41 -54.14 -70.54 -33.99
C VAL D 41 -53.68 -69.64 -32.82
N LEU D 42 -54.25 -69.88 -31.65
CA LEU D 42 -53.83 -69.17 -30.43
C LEU D 42 -52.40 -69.54 -30.04
N SER D 43 -51.72 -68.59 -29.40
CA SER D 43 -50.32 -68.80 -28.99
C SER D 43 -50.17 -69.89 -27.91
N SER D 44 -51.22 -70.05 -27.12
CA SER D 44 -51.19 -70.95 -25.95
C SER D 44 -52.58 -71.29 -25.49
N GLY D 45 -52.65 -72.01 -24.38
CA GLY D 45 -53.94 -72.39 -23.75
C GLY D 45 -54.65 -71.33 -22.92
N LEU D 46 -54.14 -70.11 -22.97
CA LEU D 46 -54.79 -68.96 -22.30
C LEU D 46 -54.90 -67.78 -23.24
N ALA D 47 -56.08 -67.20 -23.28
CA ALA D 47 -56.29 -65.92 -23.99
C ALA D 47 -57.04 -64.94 -23.11
N VAL D 48 -56.70 -63.67 -23.28
CA VAL D 48 -57.31 -62.60 -22.44
C VAL D 48 -58.00 -61.58 -23.31
N LEU D 49 -59.20 -61.23 -22.90
CA LEU D 49 -60.01 -60.23 -23.60
C LEU D 49 -60.40 -59.09 -22.65
N VAL D 50 -59.91 -57.90 -22.92
CA VAL D 50 -60.13 -56.71 -22.04
C VAL D 50 -60.70 -55.53 -22.81
N GLY D 51 -61.81 -55.03 -22.29
CA GLY D 51 -62.41 -53.80 -22.79
C GLY D 51 -63.55 -53.31 -21.94
N THR D 52 -64.12 -52.20 -22.36
CA THR D 52 -65.29 -51.61 -21.66
C THR D 52 -66.53 -52.42 -21.95
N HIS D 53 -67.56 -52.18 -21.15
CA HIS D 53 -68.89 -52.80 -21.34
C HIS D 53 -69.36 -52.68 -22.79
N LYS D 54 -69.28 -51.47 -23.31
CA LYS D 54 -69.65 -51.16 -24.70
C LYS D 54 -68.71 -51.83 -25.72
N GLN D 55 -67.41 -51.72 -25.50
CA GLN D 55 -66.42 -52.31 -26.45
C GLN D 55 -66.60 -53.84 -26.58
N LEU D 56 -66.92 -54.48 -25.46
CA LEU D 56 -67.06 -55.95 -25.38
C LEU D 56 -68.28 -56.45 -26.18
N ARG D 57 -69.18 -55.54 -26.42
CA ARG D 57 -70.43 -55.82 -27.19
C ARG D 57 -70.41 -55.32 -28.65
N ASP D 58 -69.26 -54.81 -29.07
CA ASP D 58 -69.04 -54.44 -30.46
C ASP D 58 -69.14 -55.73 -31.30
N PRO D 59 -69.81 -55.67 -32.47
CA PRO D 59 -69.87 -56.85 -33.37
C PRO D 59 -68.50 -57.40 -33.83
N ALA D 60 -67.52 -56.53 -33.93
CA ALA D 60 -66.14 -56.95 -34.28
C ALA D 60 -65.55 -58.02 -33.30
N VAL D 61 -66.02 -58.00 -32.07
CA VAL D 61 -65.57 -58.96 -31.03
C VAL D 61 -65.92 -60.40 -31.45
N GLN D 62 -67.04 -60.54 -32.13
CA GLN D 62 -67.48 -61.86 -32.63
C GLN D 62 -66.58 -62.49 -33.71
N ARG D 63 -65.78 -61.67 -34.35
CA ARG D 63 -64.80 -62.14 -35.37
C ARG D 63 -63.49 -62.61 -34.75
N LEU D 64 -63.35 -62.43 -33.45
CA LEU D 64 -62.10 -62.87 -32.76
C LEU D 64 -62.08 -64.41 -32.75
N PRO D 65 -60.89 -65.00 -32.99
CA PRO D 65 -60.73 -66.44 -33.19
C PRO D 65 -61.17 -67.35 -32.05
N PHE D 66 -61.22 -66.83 -30.84
CA PHE D 66 -61.65 -67.63 -29.64
C PHE D 66 -63.13 -67.47 -29.30
N TYR D 67 -63.83 -66.60 -30.04
CA TYR D 67 -65.21 -66.25 -29.68
C TYR D 67 -66.14 -67.41 -29.89
N ASN D 68 -67.03 -67.60 -28.94
CA ASN D 68 -68.10 -68.61 -29.02
C ASN D 68 -69.18 -68.30 -27.99
N PRO D 69 -70.23 -69.12 -27.88
CA PRO D 69 -71.36 -68.75 -26.95
C PRO D 69 -71.00 -68.70 -25.48
N ALA D 70 -69.98 -69.44 -25.09
CA ALA D 70 -69.46 -69.40 -23.70
C ALA D 70 -68.77 -68.05 -23.39
N VAL D 71 -67.96 -67.59 -24.34
CA VAL D 71 -67.30 -66.28 -24.25
C VAL D 71 -68.35 -65.15 -24.21
N ALA D 72 -69.40 -65.32 -24.99
CA ALA D 72 -70.55 -64.37 -24.98
C ALA D 72 -71.21 -64.30 -23.62
N GLU D 73 -71.38 -65.45 -23.02
CA GLU D 73 -71.91 -65.55 -21.65
C GLU D 73 -70.96 -64.92 -20.60
N ALA D 74 -69.67 -65.10 -20.80
CA ALA D 74 -68.65 -64.51 -19.93
C ALA D 74 -68.78 -62.97 -19.92
N ILE D 75 -68.98 -62.43 -21.10
CA ILE D 75 -69.20 -60.99 -21.29
C ILE D 75 -70.44 -60.50 -20.54
N GLU D 76 -71.46 -61.33 -20.49
CA GLU D 76 -72.71 -61.02 -19.74
C GLU D 76 -72.54 -61.11 -18.23
N ARG D 77 -71.72 -62.04 -17.77
CA ARG D 77 -71.59 -62.32 -16.31
C ARG D 77 -70.47 -61.54 -15.59
N VAL D 78 -69.52 -61.05 -16.36
CA VAL D 78 -68.35 -60.34 -15.80
C VAL D 78 -68.79 -59.07 -15.12
N LYS D 79 -68.19 -58.80 -13.97
CA LYS D 79 -68.48 -57.56 -13.23
C LYS D 79 -67.53 -56.44 -13.68
N GLU D 80 -68.02 -55.22 -13.64
CA GLU D 80 -67.18 -54.03 -13.87
C GLU D 80 -65.98 -54.02 -12.90
N GLY D 81 -64.80 -53.89 -13.47
CA GLY D 81 -63.54 -54.02 -12.71
C GLY D 81 -63.09 -55.43 -12.37
N GLY D 82 -63.85 -56.42 -12.83
CA GLY D 82 -63.57 -57.84 -12.52
C GLY D 82 -63.29 -58.67 -13.75
N THR D 83 -62.98 -59.93 -13.51
CA THR D 83 -62.72 -60.91 -14.57
C THR D 83 -63.69 -62.06 -14.49
N TYR D 84 -63.76 -62.79 -15.59
CA TYR D 84 -64.60 -64.00 -15.71
C TYR D 84 -64.03 -64.93 -16.76
N GLY D 85 -63.76 -66.15 -16.36
CA GLY D 85 -63.06 -67.13 -17.19
C GLY D 85 -63.98 -68.26 -17.67
N VAL D 86 -63.75 -68.68 -18.91
CA VAL D 86 -64.46 -69.84 -19.51
C VAL D 86 -63.53 -70.71 -20.34
N LEU D 87 -63.83 -72.01 -20.33
CA LEU D 87 -63.11 -72.98 -21.17
C LEU D 87 -63.77 -73.12 -22.53
N VAL D 88 -62.93 -73.12 -23.55
CA VAL D 88 -63.37 -73.35 -24.94
C VAL D 88 -62.69 -74.65 -25.41
N GLU D 89 -63.51 -75.64 -25.71
CA GLU D 89 -63.01 -76.95 -26.15
C GLU D 89 -62.66 -76.97 -27.63
N GLY D 90 -61.56 -77.66 -27.92
CA GLY D 90 -61.10 -77.91 -29.32
C GLY D 90 -60.78 -76.67 -30.12
N LEU D 91 -60.17 -75.71 -29.46
CA LEU D 91 -59.76 -74.48 -30.12
C LEU D 91 -58.28 -74.63 -30.42
N ALA D 92 -57.94 -74.42 -31.67
CA ALA D 92 -56.54 -74.56 -32.12
C ALA D 92 -55.60 -73.62 -31.33
N ASN D 93 -54.54 -74.20 -30.80
CA ASN D 93 -53.50 -73.43 -30.14
C ASN D 93 -52.14 -74.10 -30.21
N ALA D 94 -51.10 -73.29 -30.17
CA ALA D 94 -49.70 -73.77 -30.37
C ALA D 94 -49.16 -74.66 -29.25
N ALA D 95 -49.79 -74.62 -28.08
CA ALA D 95 -49.41 -75.49 -26.94
C ALA D 95 -50.08 -76.86 -27.00
N GLY D 96 -50.98 -77.01 -27.95
CA GLY D 96 -51.73 -78.29 -28.12
C GLY D 96 -52.60 -78.64 -26.92
N SER D 97 -53.06 -77.63 -26.23
CA SER D 97 -53.94 -77.79 -25.07
C SER D 97 -55.35 -78.15 -25.54
N LYS D 98 -55.98 -79.08 -24.84
CA LYS D 98 -57.32 -79.58 -25.21
C LYS D 98 -58.37 -78.48 -25.08
N PHE D 99 -58.28 -77.77 -23.97
CA PHE D 99 -59.14 -76.63 -23.72
C PHE D 99 -58.31 -75.40 -23.75
N VAL D 100 -58.89 -74.34 -24.27
CA VAL D 100 -58.32 -72.98 -24.12
C VAL D 100 -59.13 -72.24 -23.08
N ARG D 101 -58.43 -71.62 -22.15
CA ARG D 101 -59.08 -70.77 -21.17
C ARG D 101 -59.12 -69.33 -21.73
N VAL D 102 -60.32 -68.77 -21.76
CA VAL D 102 -60.54 -67.37 -22.17
C VAL D 102 -61.03 -66.55 -20.99
N VAL D 103 -60.23 -65.55 -20.62
CA VAL D 103 -60.56 -64.68 -19.47
C VAL D 103 -60.97 -63.34 -20.00
N VAL D 104 -62.21 -63.00 -19.73
CA VAL D 104 -62.75 -61.67 -20.06
C VAL D 104 -62.59 -60.70 -18.85
N GLY D 105 -62.22 -59.48 -19.15
CA GLY D 105 -62.08 -58.42 -18.13
C GLY D 105 -62.77 -57.14 -18.57
N GLU D 106 -63.63 -56.61 -17.72
CA GLU D 106 -64.38 -55.37 -17.99
C GLU D 106 -63.74 -54.13 -17.33
N VAL D 107 -63.39 -53.18 -18.19
CA VAL D 107 -62.77 -51.88 -17.83
C VAL D 107 -63.88 -50.80 -17.66
N PRO D 108 -63.85 -50.05 -16.55
CA PRO D 108 -64.87 -49.03 -16.38
C PRO D 108 -64.70 -47.92 -17.39
N THR D 109 -65.79 -47.20 -17.68
CA THR D 109 -65.70 -45.94 -18.49
C THR D 109 -65.60 -44.71 -17.58
N LYS D 110 -66.08 -44.81 -16.34
CA LYS D 110 -65.99 -43.74 -15.33
C LYS D 110 -64.54 -43.29 -15.22
N ALA D 111 -64.34 -42.01 -15.39
CA ALA D 111 -62.99 -41.41 -15.32
C ALA D 111 -63.14 -39.92 -15.05
N SER D 112 -62.57 -39.45 -13.96
CA SER D 112 -62.66 -38.06 -13.55
C SER D 112 -61.77 -37.26 -14.47
N ARG D 113 -61.95 -35.95 -14.43
CA ARG D 113 -61.09 -35.01 -15.19
C ARG D 113 -59.59 -35.06 -14.87
N ASN D 114 -59.24 -35.65 -13.72
CA ASN D 114 -57.83 -35.81 -13.35
C ASN D 114 -57.23 -37.17 -13.65
N ASN D 115 -57.99 -37.97 -14.38
CA ASN D 115 -57.61 -39.35 -14.68
C ASN D 115 -57.46 -39.61 -16.18
N CYS D 116 -56.81 -40.72 -16.49
CA CYS D 116 -56.66 -41.20 -17.88
C CYS D 116 -57.99 -41.86 -18.27
N PRO D 117 -58.72 -41.33 -19.30
CA PRO D 117 -60.00 -41.87 -19.74
C PRO D 117 -60.05 -43.38 -20.03
N ALA D 118 -58.91 -43.89 -20.48
CA ALA D 118 -58.79 -45.31 -20.83
C ALA D 118 -58.60 -46.24 -19.61
N ARG D 119 -58.43 -45.65 -18.45
CA ARG D 119 -58.32 -46.39 -17.16
C ARG D 119 -57.33 -47.55 -17.23
N PRO D 120 -56.10 -47.27 -17.64
CA PRO D 120 -55.06 -48.28 -17.65
C PRO D 120 -54.72 -48.91 -16.28
N ASP D 121 -55.02 -48.19 -15.22
CA ASP D 121 -54.95 -48.76 -13.86
C ASP D 121 -55.75 -50.08 -13.73
N VAL D 122 -56.94 -50.10 -14.30
CA VAL D 122 -57.80 -51.30 -14.24
C VAL D 122 -57.32 -52.36 -15.25
N VAL D 123 -56.88 -51.90 -16.40
CA VAL D 123 -56.30 -52.79 -17.40
C VAL D 123 -55.17 -53.64 -16.77
N THR D 124 -54.25 -52.96 -16.11
CA THR D 124 -53.16 -53.64 -15.36
C THR D 124 -53.69 -54.71 -14.39
N ALA D 125 -54.65 -54.34 -13.56
CA ALA D 125 -55.20 -55.28 -12.54
C ALA D 125 -55.94 -56.48 -13.18
N LEU D 126 -56.65 -56.21 -14.26
CA LEU D 126 -57.38 -57.26 -15.01
C LEU D 126 -56.44 -58.32 -15.65
N VAL D 127 -55.42 -57.83 -16.33
CA VAL D 127 -54.45 -58.72 -16.95
C VAL D 127 -53.65 -59.50 -15.87
N THR D 128 -53.29 -58.81 -14.81
CA THR D 128 -52.61 -59.44 -13.67
C THR D 128 -53.43 -60.62 -13.17
N ALA D 129 -54.70 -60.37 -12.92
CA ALA D 129 -55.61 -61.42 -12.40
C ALA D 129 -55.75 -62.59 -13.37
N ALA D 130 -55.89 -62.25 -14.65
CA ALA D 130 -56.00 -63.27 -15.72
C ALA D 130 -54.74 -64.14 -15.85
N LEU D 131 -53.59 -63.51 -15.74
CA LEU D 131 -52.28 -64.23 -15.80
C LEU D 131 -51.98 -65.14 -14.61
N ASP D 132 -52.73 -64.97 -13.54
CA ASP D 132 -52.67 -65.86 -12.37
C ASP D 132 -53.25 -67.26 -12.69
N GLU D 133 -54.01 -67.34 -13.76
CA GLU D 133 -54.58 -68.63 -14.28
C GLU D 133 -53.70 -69.34 -15.31
N VAL D 134 -52.42 -68.97 -15.35
CA VAL D 134 -51.46 -69.57 -16.29
C VAL D 134 -51.06 -70.96 -15.75
N LYS D 135 -51.16 -71.95 -16.64
CA LYS D 135 -50.84 -73.36 -16.29
C LYS D 135 -49.33 -73.61 -16.29
N GLU D 136 -48.73 -73.52 -17.46
CA GLU D 136 -47.29 -73.81 -17.69
C GLU D 136 -46.38 -72.55 -17.63
N PRO D 137 -45.04 -72.74 -17.55
CA PRO D 137 -44.08 -71.65 -17.64
C PRO D 137 -43.78 -71.38 -19.12
N ASN D 138 -42.99 -70.38 -19.44
CA ASN D 138 -42.59 -70.04 -20.85
C ASN D 138 -43.61 -70.15 -22.01
N THR D 139 -44.86 -69.92 -21.71
CA THR D 139 -45.90 -69.79 -22.73
C THR D 139 -46.02 -68.33 -23.17
N THR D 140 -46.61 -68.17 -24.33
CA THR D 140 -47.00 -66.86 -24.86
C THR D 140 -48.51 -66.70 -24.68
N VAL D 141 -48.91 -65.61 -24.04
CA VAL D 141 -50.34 -65.34 -23.79
C VAL D 141 -50.81 -64.21 -24.73
N ASP D 142 -51.85 -64.52 -25.49
CA ASP D 142 -52.46 -63.52 -26.36
C ASP D 142 -53.38 -62.64 -25.52
N VAL D 143 -53.11 -61.35 -25.52
CA VAL D 143 -53.93 -60.36 -24.78
C VAL D 143 -54.60 -59.43 -25.77
N PHE D 144 -55.89 -59.66 -25.97
CA PHE D 144 -56.70 -58.87 -26.94
C PHE D 144 -57.29 -57.68 -26.19
N VAL D 145 -56.89 -56.48 -26.60
CA VAL D 145 -57.38 -55.26 -25.96
C VAL D 145 -58.25 -54.54 -26.98
N LEU D 146 -59.41 -54.11 -26.52
CA LEU D 146 -60.38 -53.42 -27.37
C LEU D 146 -60.18 -51.90 -27.46
N SER D 147 -59.34 -51.37 -26.61
CA SER D 147 -58.99 -49.94 -26.65
C SER D 147 -57.86 -49.72 -27.67
N ASN D 148 -57.87 -48.54 -28.27
CA ASN D 148 -56.76 -48.07 -29.16
C ASN D 148 -55.86 -47.01 -28.52
N ALA D 149 -55.97 -46.85 -27.21
CA ALA D 149 -55.11 -45.90 -26.48
C ALA D 149 -53.77 -46.58 -26.22
N VAL D 150 -52.94 -46.62 -27.24
CA VAL D 150 -51.80 -47.54 -27.29
C VAL D 150 -50.68 -47.31 -26.29
N LEU D 151 -50.36 -46.05 -26.04
CA LEU D 151 -49.30 -45.72 -25.08
C LEU D 151 -49.70 -46.14 -23.65
N PRO D 152 -50.86 -45.66 -23.13
CA PRO D 152 -51.20 -46.05 -21.76
C PRO D 152 -51.40 -47.56 -21.59
N ILE D 153 -51.96 -48.21 -22.61
CA ILE D 153 -52.11 -49.70 -22.56
C ILE D 153 -50.75 -50.42 -22.59
N ALA D 154 -49.83 -49.93 -23.40
CA ALA D 154 -48.50 -50.53 -23.45
C ALA D 154 -47.82 -50.57 -22.07
N ALA D 155 -47.82 -49.41 -21.43
CA ALA D 155 -47.22 -49.29 -20.09
C ALA D 155 -47.99 -50.11 -19.06
N ALA D 156 -49.31 -50.12 -19.19
CA ALA D 156 -50.20 -50.83 -18.26
C ALA D 156 -49.93 -52.34 -18.23
N VAL D 157 -49.77 -52.88 -19.42
CA VAL D 157 -49.45 -54.30 -19.60
C VAL D 157 -47.99 -54.64 -19.24
N ALA D 158 -47.08 -53.75 -19.53
CA ALA D 158 -45.70 -53.90 -19.08
C ALA D 158 -45.57 -54.04 -17.55
N ARG D 159 -46.43 -53.30 -16.87
CA ARG D 159 -46.54 -53.20 -15.35
C ARG D 159 -47.14 -54.44 -14.70
N CYS D 160 -47.90 -55.16 -15.49
CA CYS D 160 -48.84 -56.11 -14.93
C CYS D 160 -48.18 -57.45 -14.71
N GLY D 161 -48.89 -58.30 -14.00
CA GLY D 161 -48.46 -59.69 -13.74
C GLY D 161 -47.24 -59.80 -12.85
N LYS D 162 -46.62 -60.95 -12.91
CA LYS D 162 -45.39 -61.22 -12.12
C LYS D 162 -44.23 -60.38 -12.59
N HIS D 163 -43.40 -59.99 -11.64
CA HIS D 163 -42.33 -59.02 -11.87
C HIS D 163 -41.09 -59.74 -12.39
N ASN D 164 -40.39 -59.09 -13.29
CA ASN D 164 -39.16 -59.66 -13.85
C ASN D 164 -38.07 -59.88 -12.78
N PHE D 165 -38.07 -59.03 -11.76
CA PHE D 165 -37.19 -59.25 -10.60
C PHE D 165 -37.77 -60.33 -9.69
N SER D 166 -36.99 -61.37 -9.44
CA SER D 166 -37.38 -62.42 -8.50
C SER D 166 -36.21 -63.11 -7.86
N ALA D 167 -36.38 -63.45 -6.59
CA ALA D 167 -35.40 -64.28 -5.83
C ALA D 167 -36.00 -65.61 -5.43
N LYS D 168 -37.19 -65.89 -5.92
CA LYS D 168 -37.90 -67.14 -5.57
C LYS D 168 -37.31 -68.35 -6.32
N ASP D 169 -37.34 -69.50 -5.67
CA ASP D 169 -37.11 -70.82 -6.30
C ASP D 169 -35.83 -70.92 -7.13
N GLY D 170 -34.71 -70.53 -6.53
CA GLY D 170 -33.39 -70.60 -7.19
C GLY D 170 -33.05 -69.49 -8.19
N ALA D 171 -33.96 -68.56 -8.40
CA ALA D 171 -33.73 -67.41 -9.31
C ALA D 171 -32.50 -66.55 -8.98
N ALA D 172 -32.07 -66.55 -7.74
CA ALA D 172 -30.78 -65.89 -7.34
C ALA D 172 -29.54 -66.40 -8.13
N ALA D 173 -29.59 -67.68 -8.50
CA ALA D 173 -28.54 -68.30 -9.32
C ALA D 173 -28.63 -67.93 -10.81
N ALA D 174 -29.78 -67.39 -11.20
CA ALA D 174 -30.00 -66.87 -12.59
C ALA D 174 -30.05 -65.33 -12.62
N ALA D 175 -29.22 -64.72 -11.80
CA ALA D 175 -29.09 -63.23 -11.71
C ALA D 175 -30.44 -62.53 -11.42
N TYR D 176 -31.30 -63.22 -10.68
CA TYR D 176 -32.59 -62.67 -10.20
C TYR D 176 -33.55 -62.33 -11.35
N ASN D 177 -33.39 -63.05 -12.44
CA ASN D 177 -34.34 -63.01 -13.57
C ASN D 177 -35.43 -64.03 -13.29
N SER D 178 -36.66 -63.57 -13.23
CA SER D 178 -37.79 -64.46 -12.89
C SER D 178 -37.97 -65.49 -13.99
N GLY D 179 -38.26 -66.72 -13.59
CA GLY D 179 -38.67 -67.79 -14.53
C GLY D 179 -40.17 -67.98 -14.60
N LYS D 180 -40.88 -67.13 -13.86
CA LYS D 180 -42.37 -67.16 -13.75
C LYS D 180 -43.15 -66.18 -14.65
N VAL D 181 -42.41 -65.42 -15.44
CA VAL D 181 -43.02 -64.39 -16.29
C VAL D 181 -43.47 -65.05 -17.61
N SER D 182 -44.69 -64.76 -18.02
CA SER D 182 -45.21 -65.19 -19.34
C SER D 182 -44.88 -64.15 -20.43
N ARG D 183 -44.52 -64.64 -21.61
CA ARG D 183 -44.41 -63.75 -22.80
C ARG D 183 -45.86 -63.28 -23.09
N LEU D 184 -46.03 -62.00 -23.37
CA LEU D 184 -47.38 -61.43 -23.61
C LEU D 184 -47.45 -60.80 -25.00
N GLN D 185 -48.38 -61.29 -25.81
CA GLN D 185 -48.65 -60.67 -27.10
C GLN D 185 -49.92 -59.82 -27.02
N VAL D 186 -49.70 -58.50 -27.06
CA VAL D 186 -50.80 -57.53 -27.00
C VAL D 186 -51.32 -57.32 -28.42
N VAL D 187 -52.61 -57.55 -28.58
CA VAL D 187 -53.27 -57.44 -29.86
C VAL D 187 -54.31 -56.31 -29.87
N PHE D 188 -53.93 -55.19 -30.47
CA PHE D 188 -54.80 -54.01 -30.61
C PHE D 188 -55.83 -54.24 -31.73
N PRO D 189 -56.96 -53.51 -31.71
CA PRO D 189 -57.96 -53.65 -32.77
C PRO D 189 -57.42 -53.18 -34.12
N GLU D 190 -56.69 -52.08 -34.09
CA GLU D 190 -56.12 -51.47 -35.31
C GLU D 190 -54.61 -51.39 -35.21
N PRO D 191 -53.92 -51.25 -36.36
CA PRO D 191 -52.49 -51.04 -36.29
C PRO D 191 -52.20 -49.85 -35.39
N PRO D 192 -51.24 -49.99 -34.47
CA PRO D 192 -51.08 -48.94 -33.47
C PRO D 192 -50.54 -47.65 -34.06
N ALA D 193 -51.07 -46.53 -33.59
CA ALA D 193 -50.63 -45.19 -34.03
C ALA D 193 -49.14 -44.95 -33.75
N ILE D 194 -48.66 -45.64 -32.75
CA ILE D 194 -47.23 -45.65 -32.40
C ILE D 194 -46.70 -47.02 -32.85
N PRO D 195 -45.60 -47.05 -33.61
CA PRO D 195 -45.10 -48.36 -34.08
C PRO D 195 -44.81 -49.37 -32.95
N PRO D 196 -45.04 -50.67 -33.21
CA PRO D 196 -44.80 -51.73 -32.23
C PRO D 196 -43.42 -51.72 -31.58
N LYS D 197 -42.39 -51.44 -32.38
CA LYS D 197 -40.99 -51.43 -31.87
C LYS D 197 -40.76 -50.29 -30.86
N ASP D 198 -41.46 -49.18 -31.09
CA ASP D 198 -41.46 -48.00 -30.16
C ASP D 198 -42.21 -48.31 -28.86
N LEU D 199 -43.35 -48.96 -29.00
CA LEU D 199 -44.12 -49.42 -27.84
C LEU D 199 -43.30 -50.42 -27.00
N GLU D 200 -42.55 -51.27 -27.69
CA GLU D 200 -41.63 -52.21 -27.00
C GLU D 200 -40.60 -51.51 -26.15
N ALA D 201 -40.02 -50.47 -26.71
CA ALA D 201 -38.98 -49.69 -25.99
C ALA D 201 -39.56 -49.08 -24.71
N VAL D 202 -40.77 -48.58 -24.82
CA VAL D 202 -41.53 -47.99 -23.68
C VAL D 202 -41.78 -49.04 -22.59
N ALA D 203 -42.29 -50.18 -23.02
CA ALA D 203 -42.56 -51.30 -22.11
C ALA D 203 -41.30 -51.77 -21.42
N THR D 204 -40.23 -51.79 -22.19
CA THR D 204 -38.88 -52.20 -21.68
C THR D 204 -38.43 -51.25 -20.57
N SER D 205 -38.60 -49.97 -20.81
CA SER D 205 -38.21 -48.94 -19.84
C SER D 205 -39.07 -49.00 -18.56
N THR D 206 -40.35 -49.25 -18.72
CA THR D 206 -41.25 -49.42 -17.58
C THR D 206 -40.77 -50.59 -16.71
N GLN D 207 -40.43 -51.68 -17.37
CA GLN D 207 -40.05 -52.90 -16.67
C GLN D 207 -38.65 -52.82 -16.08
N LEU D 208 -37.75 -52.15 -16.76
CA LEU D 208 -36.39 -51.96 -16.24
C LEU D 208 -36.46 -51.09 -14.96
N CYS D 209 -37.24 -50.03 -15.07
CA CYS D 209 -37.49 -49.13 -13.94
C CYS D 209 -38.02 -49.91 -12.73
N GLN D 210 -38.99 -50.76 -13.03
CA GLN D 210 -39.57 -51.68 -12.04
C GLN D 210 -38.51 -52.59 -11.40
N ARG D 211 -37.63 -53.10 -12.23
CA ARG D 211 -36.55 -54.00 -11.81
C ARG D 211 -35.58 -53.33 -10.85
N LEU D 212 -35.19 -52.12 -11.22
CA LEU D 212 -34.30 -51.31 -10.38
C LEU D 212 -34.91 -50.97 -9.01
N VAL D 213 -36.19 -50.66 -9.02
CA VAL D 213 -36.91 -50.27 -7.81
C VAL D 213 -37.20 -51.45 -6.89
N ASP D 214 -37.60 -52.56 -7.49
CA ASP D 214 -37.87 -53.83 -6.77
C ASP D 214 -36.63 -54.39 -6.13
N ALA D 215 -35.49 -54.16 -6.75
CA ALA D 215 -34.25 -54.80 -6.30
C ALA D 215 -33.88 -54.37 -4.88
N PRO D 216 -33.48 -55.32 -4.03
CA PRO D 216 -33.07 -54.97 -2.70
C PRO D 216 -31.75 -54.21 -2.73
N PRO D 217 -31.48 -53.41 -1.70
CA PRO D 217 -30.29 -52.58 -1.69
C PRO D 217 -29.00 -53.36 -1.60
N ASN D 218 -29.05 -54.64 -1.22
CA ASN D 218 -27.82 -55.46 -1.26
C ASN D 218 -27.39 -55.74 -2.70
N LEU D 219 -28.32 -55.56 -3.63
CA LEU D 219 -28.04 -55.71 -5.08
C LEU D 219 -27.92 -54.39 -5.83
N LEU D 220 -28.91 -53.54 -5.64
CA LEU D 220 -28.86 -52.21 -6.23
C LEU D 220 -28.26 -51.18 -5.25
N THR D 221 -26.98 -50.96 -5.44
CA THR D 221 -26.17 -50.02 -4.65
C THR D 221 -25.82 -48.79 -5.46
N THR D 222 -25.13 -47.84 -4.82
CA THR D 222 -24.68 -46.64 -5.54
C THR D 222 -23.71 -47.04 -6.65
N ALA D 223 -22.91 -48.05 -6.35
CA ALA D 223 -21.92 -48.60 -7.31
C ALA D 223 -22.56 -49.36 -8.47
N THR D 224 -23.45 -50.29 -8.17
CA THR D 224 -24.11 -51.09 -9.25
C THR D 224 -25.02 -50.26 -10.13
N PHE D 225 -25.70 -49.29 -9.53
CA PHE D 225 -26.56 -48.37 -10.30
C PHE D 225 -25.67 -47.60 -11.30
N THR D 226 -24.56 -47.11 -10.81
CA THR D 226 -23.57 -46.41 -11.65
C THR D 226 -23.07 -47.32 -12.80
N GLU D 227 -22.67 -48.54 -12.47
CA GLU D 227 -22.18 -49.52 -13.50
C GLU D 227 -23.25 -49.81 -14.56
N ILE D 228 -24.49 -49.90 -14.13
CA ILE D 228 -25.63 -50.12 -15.04
C ILE D 228 -25.75 -48.95 -16.03
N ALA D 229 -25.66 -47.74 -15.50
CA ALA D 229 -25.69 -46.53 -16.34
C ALA D 229 -24.51 -46.51 -17.34
N GLN D 230 -23.34 -46.87 -16.86
CA GLN D 230 -22.10 -46.99 -17.71
C GLN D 230 -22.24 -48.04 -18.80
N GLY D 231 -22.84 -49.17 -18.45
CA GLY D 231 -23.11 -50.25 -19.42
C GLY D 231 -24.01 -49.79 -20.57
N TYR D 232 -25.08 -49.10 -20.22
CA TYR D 232 -26.04 -48.56 -21.22
C TYR D 232 -25.39 -47.45 -22.07
N ALA D 233 -24.52 -46.68 -21.46
CA ALA D 233 -23.73 -45.66 -22.17
C ALA D 233 -22.82 -46.29 -23.26
N LYS D 234 -22.09 -47.35 -22.90
CA LYS D 234 -21.24 -48.10 -23.88
C LYS D 234 -22.12 -48.61 -25.01
N ALA D 235 -23.20 -49.27 -24.66
CA ALA D 235 -24.07 -49.95 -25.66
C ALA D 235 -24.80 -49.01 -26.61
N LEU D 236 -25.29 -47.91 -26.08
CA LEU D 236 -26.11 -46.95 -26.87
C LEU D 236 -25.34 -45.73 -27.37
N GLY D 237 -24.14 -45.56 -26.86
CA GLY D 237 -23.25 -44.46 -27.29
C GLY D 237 -23.67 -43.06 -26.82
N PHE D 238 -23.98 -42.94 -25.54
CA PHE D 238 -24.19 -41.61 -24.92
C PHE D 238 -23.09 -41.35 -23.89
N ASP D 239 -22.89 -40.09 -23.55
CA ASP D 239 -21.81 -39.71 -22.61
CA ASP D 239 -21.80 -39.72 -22.62
C ASP D 239 -22.20 -39.91 -21.15
N VAL D 240 -21.22 -40.24 -20.34
CA VAL D 240 -21.42 -40.45 -18.92
C VAL D 240 -20.29 -39.80 -18.16
N ASP D 241 -20.69 -39.01 -17.17
CA ASP D 241 -19.78 -38.29 -16.25
C ASP D 241 -20.12 -38.75 -14.84
N VAL D 242 -19.10 -39.13 -14.09
CA VAL D 242 -19.25 -39.62 -12.72
C VAL D 242 -18.35 -38.84 -11.78
N ILE D 243 -18.97 -38.23 -10.78
CA ILE D 243 -18.22 -37.63 -9.67
C ILE D 243 -18.45 -38.50 -8.44
N CYS D 244 -17.38 -39.11 -7.95
CA CYS D 244 -17.42 -40.20 -6.97
C CYS D 244 -16.82 -39.79 -5.62
N GLY D 245 -17.54 -40.13 -4.56
CA GLY D 245 -16.98 -40.15 -3.16
C GLY D 245 -16.35 -38.87 -2.68
N ASP D 246 -15.10 -38.96 -2.27
CA ASP D 246 -14.38 -37.77 -1.71
C ASP D 246 -14.20 -36.62 -2.73
N ASP D 247 -14.19 -36.94 -4.01
CA ASP D 247 -14.16 -35.90 -5.09
C ASP D 247 -15.37 -34.96 -5.03
N LEU D 248 -16.49 -35.48 -4.55
CA LEU D 248 -17.70 -34.65 -4.34
C LEU D 248 -17.42 -33.55 -3.35
N CYS D 249 -16.77 -33.92 -2.26
CA CYS D 249 -16.35 -32.94 -1.23
C CYS D 249 -15.35 -31.92 -1.80
N GLU D 250 -14.31 -32.43 -2.48
CA GLU D 250 -13.22 -31.56 -3.03
C GLU D 250 -13.79 -30.53 -4.02
N ARG D 251 -14.81 -30.96 -4.75
CA ARG D 251 -15.45 -30.12 -5.79
C ARG D 251 -16.65 -29.29 -5.32
N GLY D 252 -16.88 -29.27 -4.03
CA GLY D 252 -17.91 -28.40 -3.39
C GLY D 252 -19.33 -28.94 -3.35
N TYR D 253 -19.51 -30.21 -3.69
CA TYR D 253 -20.84 -30.87 -3.64
C TYR D 253 -21.13 -31.38 -2.22
N GLY D 254 -21.25 -30.44 -1.30
CA GLY D 254 -21.37 -30.74 0.17
C GLY D 254 -22.66 -31.44 0.58
N GLY D 255 -23.70 -31.22 -0.18
CA GLY D 255 -25.00 -31.81 0.09
C GLY D 255 -25.02 -33.31 -0.14
N ILE D 256 -24.81 -33.71 -1.38
CA ILE D 256 -24.77 -35.16 -1.70
C ILE D 256 -23.63 -35.88 -0.99
N TYR D 257 -22.49 -35.23 -0.86
CA TYR D 257 -21.36 -35.82 -0.12
C TYR D 257 -21.76 -36.12 1.34
N SER D 258 -22.31 -35.13 2.01
CA SER D 258 -22.65 -35.24 3.44
C SER D 258 -23.73 -36.31 3.72
N VAL D 259 -24.72 -36.38 2.85
CA VAL D 259 -25.78 -37.38 2.95
C VAL D 259 -25.23 -38.79 2.83
N GLY D 260 -24.38 -38.98 1.83
CA GLY D 260 -23.87 -40.34 1.45
C GLY D 260 -22.60 -40.85 2.10
N LYS D 261 -21.88 -39.98 2.80
CA LYS D 261 -20.52 -40.32 3.28
C LYS D 261 -20.42 -41.40 4.39
N ALA D 262 -21.50 -41.65 5.09
CA ALA D 262 -21.50 -42.66 6.15
C ALA D 262 -21.56 -44.08 5.60
N ALA D 263 -22.02 -44.21 4.36
CA ALA D 263 -22.33 -45.50 3.76
C ALA D 263 -21.09 -46.28 3.39
N PHE D 264 -21.30 -47.58 3.28
CA PHE D 264 -20.25 -48.51 2.82
C PHE D 264 -19.82 -48.19 1.39
N GLU D 265 -20.80 -47.97 0.53
CA GLU D 265 -20.57 -47.59 -0.87
C GLU D 265 -20.71 -46.07 -1.00
N ALA D 266 -19.70 -45.45 -1.62
CA ALA D 266 -19.60 -43.98 -1.72
C ALA D 266 -20.74 -43.39 -2.58
N PRO D 267 -21.10 -42.14 -2.32
CA PRO D 267 -22.09 -41.49 -3.13
C PRO D 267 -21.50 -41.06 -4.47
N ARG D 268 -22.37 -40.85 -5.42
CA ARG D 268 -21.97 -40.52 -6.79
C ARG D 268 -22.98 -39.59 -7.43
N LEU D 269 -22.45 -38.57 -8.10
CA LEU D 269 -23.25 -37.73 -8.97
C LEU D 269 -22.95 -38.19 -10.39
N VAL D 270 -23.93 -38.80 -10.99
CA VAL D 270 -23.80 -39.41 -12.31
C VAL D 270 -24.61 -38.61 -13.32
N THR D 271 -23.94 -38.02 -14.29
CA THR D 271 -24.61 -37.25 -15.35
C THR D 271 -24.47 -37.91 -16.73
N LEU D 272 -25.60 -38.11 -17.37
CA LEU D 272 -25.69 -38.70 -18.70
C LEU D 272 -26.14 -37.64 -19.71
N LEU D 273 -25.54 -37.64 -20.89
CA LEU D 273 -25.81 -36.63 -21.94
C LEU D 273 -26.21 -37.29 -23.24
N TYR D 274 -27.30 -36.78 -23.79
CA TYR D 274 -27.78 -37.18 -25.11
C TYR D 274 -28.11 -35.94 -25.92
N THR D 275 -27.51 -35.88 -27.12
CA THR D 275 -27.79 -34.78 -28.06
C THR D 275 -28.28 -35.43 -29.34
N PRO D 276 -29.51 -35.10 -29.77
CA PRO D 276 -30.03 -35.70 -31.00
C PRO D 276 -29.32 -35.20 -32.27
N LYS D 277 -29.46 -36.00 -33.33
CA LYS D 277 -29.00 -35.65 -34.69
C LYS D 277 -29.94 -34.51 -35.08
N GLY D 278 -29.37 -33.46 -35.63
CA GLY D 278 -30.22 -32.30 -36.03
C GLY D 278 -30.65 -31.45 -34.84
N THR D 279 -31.50 -30.45 -35.12
CA THR D 279 -31.78 -29.34 -34.17
C THR D 279 -32.85 -29.76 -33.11
N PRO D 280 -32.54 -29.62 -31.79
CA PRO D 280 -33.45 -30.07 -30.76
C PRO D 280 -34.62 -29.11 -30.50
N VAL D 281 -35.77 -29.68 -30.19
CA VAL D 281 -37.00 -28.87 -29.89
C VAL D 281 -36.91 -28.15 -28.54
N LYS D 282 -36.16 -28.73 -27.62
CA LYS D 282 -35.92 -28.18 -26.30
C LYS D 282 -34.68 -28.81 -25.67
N LYS D 283 -34.07 -28.07 -24.77
CA LYS D 283 -33.00 -28.60 -23.91
C LYS D 283 -33.59 -28.83 -22.50
N VAL D 284 -33.54 -30.08 -22.07
CA VAL D 284 -34.16 -30.50 -20.82
C VAL D 284 -33.13 -31.19 -19.95
N SER D 285 -33.04 -30.75 -18.70
CA SER D 285 -32.20 -31.41 -17.70
C SER D 285 -33.08 -32.18 -16.72
N LEU D 286 -32.82 -33.47 -16.64
CA LEU D 286 -33.48 -34.36 -15.65
C LEU D 286 -32.59 -34.56 -14.44
N VAL D 287 -33.21 -34.57 -13.26
CA VAL D 287 -32.50 -34.78 -12.01
C VAL D 287 -33.30 -35.74 -11.15
N GLY D 288 -32.69 -36.82 -10.70
CA GLY D 288 -33.41 -37.86 -9.95
C GLY D 288 -32.80 -38.19 -8.60
N LYS D 289 -33.68 -38.30 -7.61
CA LYS D 289 -33.31 -38.70 -6.24
C LYS D 289 -32.99 -40.20 -6.31
N GLY D 290 -31.72 -40.52 -6.15
CA GLY D 290 -31.27 -41.92 -6.15
C GLY D 290 -30.81 -42.40 -4.78
N ILE D 291 -31.69 -42.27 -3.80
CA ILE D 291 -31.39 -42.76 -2.44
C ILE D 291 -31.69 -44.26 -2.45
N VAL D 292 -30.62 -44.96 -2.65
CA VAL D 292 -30.60 -46.41 -2.79
C VAL D 292 -31.19 -47.17 -1.57
N TYR D 293 -30.97 -46.57 -0.42
CA TYR D 293 -31.69 -46.92 0.81
C TYR D 293 -31.69 -45.71 1.76
N ASP D 294 -32.86 -45.41 2.30
CA ASP D 294 -33.11 -44.31 3.25
C ASP D 294 -33.39 -44.94 4.62
N CYS D 295 -32.34 -45.15 5.42
CA CYS D 295 -32.52 -45.58 6.82
C CYS D 295 -32.91 -44.41 7.73
N GLY D 296 -32.72 -43.20 7.23
CA GLY D 296 -33.00 -41.96 7.98
C GLY D 296 -31.78 -41.24 8.47
N GLY D 297 -30.67 -41.95 8.41
CA GLY D 297 -29.42 -41.49 9.03
C GLY D 297 -29.55 -41.50 10.56
N LEU D 298 -28.89 -40.55 11.20
CA LEU D 298 -28.97 -40.42 12.67
C LEU D 298 -30.42 -40.24 13.16
N ALA D 299 -31.25 -39.63 12.33
CA ALA D 299 -32.73 -39.54 12.54
C ALA D 299 -33.35 -40.82 12.05
N LEU D 300 -32.99 -41.86 12.74
CA LEU D 300 -33.27 -43.22 12.35
C LEU D 300 -34.77 -43.47 12.29
N LYS D 301 -35.18 -44.04 11.18
CA LYS D 301 -36.57 -44.49 11.02
C LYS D 301 -36.88 -45.68 11.91
N PRO D 302 -38.09 -45.74 12.49
CA PRO D 302 -38.54 -47.00 13.08
C PRO D 302 -38.71 -48.04 11.98
N ALA D 303 -38.63 -49.30 12.38
CA ALA D 303 -38.61 -50.45 11.42
C ALA D 303 -39.79 -50.54 10.45
N ASP D 304 -40.98 -50.27 10.96
CA ASP D 304 -42.24 -50.17 10.15
C ASP D 304 -42.09 -49.20 8.98
N TYR D 305 -41.48 -48.06 9.27
CA TYR D 305 -41.27 -46.99 8.27
C TYR D 305 -40.06 -47.22 7.36
N MET D 306 -39.11 -48.03 7.82
CA MET D 306 -37.85 -48.29 7.09
C MET D 306 -38.01 -49.36 6.04
N LYS D 307 -38.99 -50.22 6.24
CA LYS D 307 -39.39 -51.21 5.23
C LYS D 307 -39.81 -50.48 3.91
N LEU D 308 -39.43 -51.07 2.79
CA LEU D 308 -39.69 -50.48 1.42
C LEU D 308 -38.93 -49.16 1.11
N MET D 309 -37.93 -48.83 1.92
CA MET D 309 -37.07 -47.67 1.65
C MET D 309 -36.00 -47.95 0.55
N LYS D 310 -35.92 -49.18 0.10
CA LYS D 310 -35.26 -49.52 -1.18
C LYS D 310 -35.91 -48.83 -2.41
N HIS D 311 -37.18 -48.48 -2.27
CA HIS D 311 -37.88 -47.71 -3.30
C HIS D 311 -37.46 -46.23 -3.38
N ASP D 312 -36.60 -45.79 -2.48
CA ASP D 312 -36.25 -44.34 -2.37
C ASP D 312 -35.35 -43.85 -3.51
N MET D 313 -35.05 -44.75 -4.43
CA MET D 313 -34.34 -44.42 -5.67
C MET D 313 -35.27 -44.43 -6.90
N GLY D 314 -36.56 -44.44 -6.64
CA GLY D 314 -37.57 -44.52 -7.72
C GLY D 314 -37.56 -43.33 -8.70
N GLY D 315 -37.16 -42.18 -8.20
CA GLY D 315 -37.02 -40.97 -9.02
C GLY D 315 -35.82 -41.02 -9.98
N ALA D 316 -34.71 -41.53 -9.47
CA ALA D 316 -33.51 -41.79 -10.30
C ALA D 316 -33.76 -42.88 -11.37
N ALA D 317 -34.49 -43.92 -11.00
CA ALA D 317 -34.86 -44.98 -11.95
C ALA D 317 -35.76 -44.43 -13.06
N ALA D 318 -36.74 -43.64 -12.66
CA ALA D 318 -37.73 -43.06 -13.59
C ALA D 318 -37.06 -42.17 -14.65
N VAL D 319 -36.22 -41.30 -14.15
CA VAL D 319 -35.46 -40.32 -14.95
C VAL D 319 -34.41 -41.06 -15.85
N PHE D 320 -33.78 -42.06 -15.29
CA PHE D 320 -32.81 -42.86 -16.03
C PHE D 320 -33.46 -43.59 -17.19
N CYS D 321 -34.58 -44.22 -16.94
CA CYS D 321 -35.28 -45.03 -17.96
C CYS D 321 -36.03 -44.19 -18.98
N GLY D 322 -36.47 -43.03 -18.55
CA GLY D 322 -37.04 -42.04 -19.49
C GLY D 322 -35.97 -41.58 -20.50
N PHE D 323 -34.79 -41.35 -19.97
CA PHE D 323 -33.59 -40.99 -20.76
C PHE D 323 -33.24 -42.10 -21.76
N LEU D 324 -33.22 -43.34 -21.30
CA LEU D 324 -32.98 -44.49 -22.17
C LEU D 324 -33.98 -44.58 -23.31
N THR D 325 -35.24 -44.41 -22.99
CA THR D 325 -36.30 -44.44 -24.03
C THR D 325 -36.06 -43.35 -25.09
N ALA D 326 -35.70 -42.16 -24.63
CA ALA D 326 -35.43 -41.02 -25.54
C ALA D 326 -34.29 -41.35 -26.51
N VAL D 327 -33.27 -42.02 -25.99
CA VAL D 327 -32.09 -42.40 -26.80
C VAL D 327 -32.49 -43.48 -27.77
N ARG D 328 -33.18 -44.48 -27.29
CA ARG D 328 -33.59 -45.62 -28.14
C ARG D 328 -34.54 -45.22 -29.26
N LEU D 329 -35.46 -44.32 -28.96
CA LEU D 329 -36.43 -43.81 -29.96
C LEU D 329 -35.93 -42.56 -30.70
N GLN D 330 -34.73 -42.12 -30.37
CA GLN D 330 -34.11 -40.92 -30.98
C GLN D 330 -35.06 -39.71 -30.92
N GLN D 331 -35.64 -39.48 -29.75
CA GLN D 331 -36.56 -38.32 -29.57
C GLN D 331 -35.75 -37.04 -29.72
N PRO D 332 -36.34 -36.01 -30.35
CA PRO D 332 -35.56 -34.80 -30.73
C PRO D 332 -35.41 -33.78 -29.61
N VAL D 333 -35.05 -34.29 -28.44
CA VAL D 333 -34.84 -33.45 -27.26
C VAL D 333 -33.41 -33.63 -26.83
N GLN D 334 -32.75 -32.53 -26.57
CA GLN D 334 -31.42 -32.59 -25.95
C GLN D 334 -31.61 -32.78 -24.43
N LEU D 335 -30.96 -33.81 -23.90
CA LEU D 335 -31.14 -34.23 -22.50
C LEU D 335 -29.87 -34.34 -21.71
N SER D 336 -29.95 -33.89 -20.48
CA SER D 336 -29.02 -34.33 -19.43
C SER D 336 -29.85 -35.10 -18.43
N CYS D 337 -29.23 -36.08 -17.80
CA CYS D 337 -29.85 -36.88 -16.77
C CYS D 337 -28.87 -37.06 -15.64
N THR D 338 -29.14 -36.36 -14.55
CA THR D 338 -28.26 -36.38 -13.37
C THR D 338 -28.87 -37.26 -12.25
N LEU D 339 -28.15 -38.31 -11.93
CA LEU D 339 -28.57 -39.24 -10.89
C LEU D 339 -27.86 -38.89 -9.60
N CYS D 340 -28.64 -38.56 -8.58
CA CYS D 340 -28.11 -38.21 -7.25
C CYS D 340 -28.08 -39.45 -6.38
N LEU D 341 -26.97 -40.17 -6.43
CA LEU D 341 -26.86 -41.52 -5.85
C LEU D 341 -26.17 -41.48 -4.51
N ALA D 342 -26.91 -41.93 -3.52
CA ALA D 342 -26.35 -42.09 -2.16
C ALA D 342 -27.17 -43.08 -1.36
N GLU D 343 -26.52 -43.67 -0.37
CA GLU D 343 -27.24 -44.38 0.68
C GLU D 343 -27.22 -43.48 1.92
N ASN D 344 -28.38 -43.27 2.49
CA ASN D 344 -28.53 -42.52 3.74
C ASN D 344 -28.39 -43.51 4.87
N ALA D 345 -27.16 -43.63 5.32
CA ALA D 345 -26.75 -44.67 6.29
C ALA D 345 -26.46 -44.10 7.66
N ILE D 346 -26.35 -44.99 8.62
CA ILE D 346 -26.08 -44.61 10.01
C ILE D 346 -24.73 -45.20 10.43
N GLY D 347 -23.91 -44.35 11.03
CA GLY D 347 -22.59 -44.76 11.54
C GLY D 347 -21.76 -43.61 12.04
N PRO D 348 -20.48 -43.85 12.32
CA PRO D 348 -19.60 -42.81 12.85
C PRO D 348 -19.37 -41.60 11.92
N LYS D 349 -19.48 -41.80 10.63
CA LYS D 349 -19.29 -40.68 9.67
C LYS D 349 -20.58 -39.99 9.24
N SER D 350 -21.69 -40.43 9.83
CA SER D 350 -23.02 -39.84 9.58
C SER D 350 -23.03 -38.33 9.74
N TYR D 351 -23.63 -37.67 8.76
CA TYR D 351 -23.94 -36.24 8.93
C TYR D 351 -24.99 -36.10 10.02
N ARG D 352 -24.92 -34.99 10.72
CA ARG D 352 -25.65 -34.87 11.96
C ARG D 352 -26.79 -33.91 11.91
N ASN D 353 -27.71 -34.12 12.82
CA ASN D 353 -28.76 -33.15 13.18
C ASN D 353 -28.11 -32.00 13.99
N ASP D 354 -27.73 -30.95 13.28
CA ASP D 354 -26.89 -29.77 13.77
C ASP D 354 -25.77 -29.41 12.81
N ASP D 355 -25.34 -30.35 11.99
CA ASP D 355 -24.28 -30.08 11.01
C ASP D 355 -24.74 -28.98 10.05
N ILE D 356 -23.78 -28.19 9.60
CA ILE D 356 -24.03 -27.15 8.59
C ILE D 356 -23.29 -27.55 7.32
N ILE D 357 -24.04 -27.63 6.24
CA ILE D 357 -23.56 -28.06 4.93
C ILE D 357 -23.36 -26.87 4.00
N VAL D 358 -22.23 -26.88 3.30
CA VAL D 358 -21.98 -25.91 2.23
C VAL D 358 -22.36 -26.58 0.91
N MET D 359 -23.48 -26.17 0.36
CA MET D 359 -24.00 -26.78 -0.87
C MET D 359 -23.17 -26.31 -2.03
N LYS D 360 -23.29 -27.03 -3.13
CA LYS D 360 -22.60 -26.64 -4.37
C LYS D 360 -23.00 -25.23 -4.81
N SER D 361 -24.26 -24.89 -4.58
CA SER D 361 -24.78 -23.55 -4.86
C SER D 361 -24.14 -22.42 -4.07
N GLY D 362 -23.33 -22.75 -3.09
CA GLY D 362 -22.71 -21.73 -2.17
C GLY D 362 -23.55 -21.38 -0.96
N LYS D 363 -24.81 -21.80 -0.99
CA LYS D 363 -25.73 -21.64 0.17
C LYS D 363 -25.53 -22.70 1.25
N THR D 364 -25.66 -22.24 2.48
CA THR D 364 -25.44 -23.07 3.65
C THR D 364 -26.77 -23.57 4.21
N VAL D 365 -26.74 -24.82 4.62
CA VAL D 365 -27.91 -25.56 5.08
C VAL D 365 -27.62 -26.14 6.46
N GLU D 366 -28.41 -25.70 7.42
CA GLU D 366 -28.43 -26.28 8.76
C GLU D 366 -29.32 -27.54 8.74
N VAL D 367 -28.73 -28.67 9.09
CA VAL D 367 -29.45 -29.96 9.08
C VAL D 367 -30.21 -30.10 10.40
N ILE D 368 -31.52 -29.93 10.32
CA ILE D 368 -32.44 -30.14 11.44
C ILE D 368 -32.78 -31.63 11.63
N ASN D 369 -32.91 -32.31 10.50
CA ASN D 369 -33.31 -33.72 10.45
C ASN D 369 -32.67 -34.42 9.26
N THR D 370 -31.83 -35.38 9.55
CA THR D 370 -31.06 -36.11 8.53
C THR D 370 -31.92 -36.97 7.60
N ASP D 371 -33.17 -37.17 7.98
CA ASP D 371 -34.10 -38.03 7.19
C ASP D 371 -34.82 -37.28 6.08
N ALA D 372 -34.58 -35.99 6.09
CA ALA D 372 -34.93 -35.05 4.99
C ALA D 372 -33.72 -34.84 4.10
N GLU D 373 -33.26 -35.95 3.59
CA GLU D 373 -31.98 -36.06 2.84
C GLU D 373 -32.13 -35.80 1.34
N GLY D 374 -33.32 -36.10 0.86
CA GLY D 374 -33.62 -36.08 -0.58
C GLY D 374 -33.53 -34.68 -1.17
N ARG D 375 -34.11 -33.74 -0.47
CA ARG D 375 -34.06 -32.35 -0.89
C ARG D 375 -32.62 -31.85 -0.96
N ILE D 376 -31.79 -32.37 -0.08
CA ILE D 376 -30.37 -31.98 -0.02
C ILE D 376 -29.62 -32.48 -1.25
N VAL D 377 -29.75 -33.78 -1.54
CA VAL D 377 -29.01 -34.35 -2.71
C VAL D 377 -29.52 -33.73 -4.02
N LEU D 378 -30.82 -33.47 -4.06
CA LEU D 378 -31.46 -32.83 -5.22
C LEU D 378 -31.01 -31.37 -5.41
N GLY D 379 -30.77 -30.70 -4.30
CA GLY D 379 -30.25 -29.32 -4.34
C GLY D 379 -28.93 -29.24 -5.10
N ASP D 380 -28.04 -30.17 -4.80
CA ASP D 380 -26.76 -30.29 -5.52
C ASP D 380 -26.98 -30.70 -6.97
N GLY D 381 -27.91 -31.62 -7.17
CA GLY D 381 -28.27 -32.13 -8.52
C GLY D 381 -28.75 -31.05 -9.46
N VAL D 382 -29.70 -30.25 -9.00
CA VAL D 382 -30.28 -29.17 -9.83
C VAL D 382 -29.30 -28.01 -10.07
N PHE D 383 -28.42 -27.75 -9.10
CA PHE D 383 -27.38 -26.73 -9.32
C PHE D 383 -26.39 -27.23 -10.37
N HIS D 384 -26.01 -28.49 -10.24
CA HIS D 384 -25.15 -29.13 -11.25
C HIS D 384 -25.74 -28.99 -12.65
N ALA D 385 -27.00 -29.38 -12.79
CA ALA D 385 -27.67 -29.34 -14.08
C ALA D 385 -27.75 -27.93 -14.66
N THR D 386 -27.95 -26.96 -13.80
CA THR D 386 -28.24 -25.56 -14.24
C THR D 386 -27.01 -24.66 -14.32
N ASN D 387 -25.92 -25.14 -13.76
CA ASN D 387 -24.68 -24.33 -13.70
C ASN D 387 -23.44 -24.96 -14.32
N GLU D 388 -23.36 -26.27 -14.32
CA GLU D 388 -22.08 -26.99 -14.57
C GLU D 388 -21.97 -27.71 -15.91
N LEU D 389 -23.06 -27.72 -16.67
CA LEU D 389 -23.07 -28.44 -17.95
C LEU D 389 -22.62 -27.54 -19.12
N SER D 390 -22.42 -28.16 -20.27
CA SER D 390 -22.01 -27.45 -21.50
C SER D 390 -23.14 -26.64 -22.15
N PHE D 391 -24.36 -26.88 -21.68
CA PHE D 391 -25.53 -26.04 -22.05
C PHE D 391 -26.32 -25.63 -20.82
N THR D 392 -27.22 -24.69 -21.02
CA THR D 392 -28.18 -24.28 -19.98
C THR D 392 -29.55 -24.80 -20.39
N PRO D 393 -30.21 -25.59 -19.54
CA PRO D 393 -31.49 -26.12 -19.93
C PRO D 393 -32.61 -25.12 -19.95
N ASP D 394 -33.58 -25.41 -20.79
CA ASP D 394 -34.82 -24.64 -20.88
C ASP D 394 -35.79 -25.06 -19.80
N VAL D 395 -35.70 -26.33 -19.45
CA VAL D 395 -36.59 -26.98 -18.49
C VAL D 395 -35.77 -27.90 -17.62
N VAL D 396 -36.01 -27.82 -16.33
CA VAL D 396 -35.42 -28.75 -15.35
C VAL D 396 -36.59 -29.56 -14.78
N ILE D 397 -36.45 -30.88 -14.84
CA ILE D 397 -37.44 -31.79 -14.26
C ILE D 397 -36.74 -32.60 -13.19
N ASP D 398 -37.16 -32.44 -11.95
CA ASP D 398 -36.61 -33.33 -10.91
C ASP D 398 -37.69 -34.29 -10.45
N MET D 399 -37.30 -35.53 -10.33
CA MET D 399 -38.24 -36.58 -9.92
C MET D 399 -37.71 -37.28 -8.70
N ALA D 400 -38.56 -37.43 -7.72
CA ALA D 400 -38.11 -37.90 -6.38
C ALA D 400 -39.23 -38.52 -5.56
N THR D 401 -38.90 -39.62 -4.89
CA THR D 401 -39.76 -40.20 -3.84
C THR D 401 -39.52 -39.42 -2.56
N LEU D 402 -40.09 -38.23 -2.49
CA LEU D 402 -39.57 -37.19 -1.57
C LEU D 402 -40.20 -37.08 -0.20
N THR D 403 -41.52 -37.07 -0.14
CA THR D 403 -42.25 -36.86 1.12
C THR D 403 -43.40 -37.81 1.36
N GLY D 404 -43.63 -38.14 2.64
CA GLY D 404 -44.89 -38.76 3.10
C GLY D 404 -46.12 -37.89 2.86
N ALA D 405 -45.91 -36.58 2.95
CA ALA D 405 -46.97 -35.60 2.68
C ALA D 405 -47.61 -35.76 1.30
N GLN D 406 -46.83 -36.24 0.36
CA GLN D 406 -47.31 -36.48 -1.00
C GLN D 406 -48.52 -37.42 -1.06
N GLY D 407 -48.45 -38.50 -0.31
CA GLY D 407 -49.54 -39.47 -0.26
C GLY D 407 -50.80 -38.87 0.34
N ILE D 408 -50.61 -38.16 1.45
CA ILE D 408 -51.71 -37.46 2.13
C ILE D 408 -52.36 -36.44 1.21
N ALA D 409 -51.54 -35.76 0.45
CA ALA D 409 -51.99 -34.67 -0.41
C ALA D 409 -52.69 -35.14 -1.69
N THR D 410 -51.96 -35.90 -2.49
CA THR D 410 -52.41 -36.30 -3.83
C THR D 410 -52.63 -37.82 -4.04
N GLY D 411 -52.25 -38.60 -3.06
CA GLY D 411 -52.62 -40.03 -3.03
C GLY D 411 -51.65 -40.95 -3.71
N ARG D 412 -52.09 -42.19 -3.79
CA ARG D 412 -51.22 -43.27 -4.29
C ARG D 412 -51.04 -43.41 -5.79
N HIS D 413 -51.94 -42.79 -6.54
CA HIS D 413 -51.91 -42.89 -8.03
C HIS D 413 -51.48 -41.62 -8.74
N HIS D 414 -51.38 -40.52 -8.01
CA HIS D 414 -51.06 -39.20 -8.60
C HIS D 414 -49.82 -38.62 -7.98
N ALA D 415 -48.79 -38.46 -8.80
CA ALA D 415 -47.56 -37.78 -8.37
C ALA D 415 -47.88 -36.29 -8.17
N GLY D 416 -47.27 -35.69 -7.16
CA GLY D 416 -47.50 -34.27 -6.87
C GLY D 416 -46.59 -33.41 -7.71
N LEU D 417 -47.15 -32.38 -8.30
CA LEU D 417 -46.37 -31.41 -9.12
C LEU D 417 -46.25 -30.03 -8.48
N TYR D 418 -45.03 -29.63 -8.27
CA TYR D 418 -44.69 -28.30 -7.79
C TYR D 418 -43.93 -27.63 -8.93
N VAL D 419 -44.54 -26.63 -9.52
CA VAL D 419 -44.08 -26.05 -10.80
C VAL D 419 -44.12 -24.54 -10.81
N ASN D 420 -43.04 -23.95 -11.25
CA ASN D 420 -42.92 -22.46 -11.27
C ASN D 420 -43.68 -21.74 -12.39
N GLU D 421 -44.15 -22.48 -13.37
CA GLU D 421 -44.90 -21.91 -14.53
C GLU D 421 -46.17 -22.66 -14.83
N GLU D 422 -47.26 -21.94 -15.04
CA GLU D 422 -48.57 -22.55 -15.36
C GLU D 422 -48.45 -23.49 -16.60
N GLY D 423 -47.74 -23.04 -17.63
CA GLY D 423 -47.68 -23.71 -18.95
C GLY D 423 -46.99 -25.08 -18.89
N ALA D 424 -45.86 -25.13 -18.22
CA ALA D 424 -45.12 -26.37 -18.00
C ALA D 424 -45.90 -27.38 -17.13
N GLU D 425 -46.61 -26.84 -16.16
CA GLU D 425 -47.48 -27.63 -15.30
C GLU D 425 -48.60 -28.29 -16.09
N ALA D 426 -49.33 -27.50 -16.86
CA ALA D 426 -50.45 -27.98 -17.69
C ALA D 426 -49.99 -29.08 -18.66
N ALA D 427 -48.81 -28.88 -19.22
CA ALA D 427 -48.22 -29.84 -20.16
C ALA D 427 -47.85 -31.16 -19.47
N MET D 428 -47.28 -31.09 -18.29
CA MET D 428 -46.96 -32.32 -17.53
C MET D 428 -48.24 -33.05 -17.08
N LEU D 429 -49.24 -32.30 -16.66
CA LEU D 429 -50.57 -32.88 -16.34
C LEU D 429 -51.18 -33.61 -17.53
N ARG D 430 -51.15 -32.96 -18.69
CA ARG D 430 -51.65 -33.55 -19.97
C ARG D 430 -50.86 -34.84 -20.31
N ALA D 431 -49.56 -34.80 -20.14
CA ALA D 431 -48.70 -36.00 -20.34
C ALA D 431 -49.05 -37.16 -19.39
N GLY D 432 -49.37 -36.82 -18.16
CA GLY D 432 -49.85 -37.80 -17.17
C GLY D 432 -51.17 -38.46 -17.54
N ARG D 433 -52.11 -37.66 -18.01
CA ARG D 433 -53.44 -38.15 -18.45
C ARG D 433 -53.36 -38.99 -19.75
N GLU D 434 -52.45 -38.66 -20.63
CA GLU D 434 -52.23 -39.42 -21.89
C GLU D 434 -51.46 -40.70 -21.67
N SER D 435 -50.46 -40.63 -20.81
CA SER D 435 -49.60 -41.79 -20.49
C SER D 435 -50.24 -42.79 -19.52
N GLY D 436 -51.21 -42.32 -18.74
CA GLY D 436 -51.73 -43.10 -17.59
C GLY D 436 -50.96 -42.94 -16.26
N GLU D 437 -49.78 -42.33 -16.36
CA GLU D 437 -48.92 -42.05 -15.19
C GLU D 437 -49.27 -40.64 -14.65
N THR D 438 -50.44 -40.63 -14.01
CA THR D 438 -51.12 -39.41 -13.64
C THR D 438 -50.43 -38.61 -12.52
N CYS D 439 -50.67 -37.31 -12.59
CA CYS D 439 -50.10 -36.30 -11.71
C CYS D 439 -51.19 -35.37 -11.21
N PHE D 440 -50.87 -34.61 -10.19
CA PHE D 440 -51.77 -33.55 -9.72
C PHE D 440 -50.96 -32.43 -9.07
N PRO D 441 -51.37 -31.16 -9.27
CA PRO D 441 -50.55 -30.11 -8.70
C PRO D 441 -50.64 -29.99 -7.19
N VAL D 442 -49.54 -29.59 -6.60
CA VAL D 442 -49.56 -29.06 -5.24
C VAL D 442 -49.29 -27.55 -5.26
N LEU D 443 -49.68 -26.90 -4.17
CA LEU D 443 -49.55 -25.45 -4.01
C LEU D 443 -48.16 -24.95 -4.40
N TYR D 444 -48.13 -24.00 -5.31
CA TYR D 444 -46.92 -23.21 -5.59
C TYR D 444 -47.11 -21.80 -5.00
N CYS D 445 -46.37 -21.51 -3.94
CA CYS D 445 -46.49 -20.20 -3.22
C CYS D 445 -45.22 -19.93 -2.42
N PRO D 446 -44.10 -19.68 -3.11
CA PRO D 446 -42.79 -19.50 -2.47
C PRO D 446 -42.76 -18.49 -1.32
N GLU D 447 -43.52 -17.42 -1.43
CA GLU D 447 -43.56 -16.44 -0.34
C GLU D 447 -44.05 -17.06 1.00
N TYR D 448 -44.88 -18.08 0.93
CA TYR D 448 -45.36 -18.79 2.16
C TYR D 448 -44.49 -19.97 2.58
N HIS D 449 -43.71 -20.51 1.67
CA HIS D 449 -42.81 -21.64 1.97
C HIS D 449 -41.53 -21.18 2.60
N GLU D 450 -41.02 -20.08 2.09
CA GLU D 450 -39.69 -19.50 2.47
C GLU D 450 -39.46 -19.31 3.99
N PRO D 451 -40.45 -18.78 4.73
CA PRO D 451 -40.26 -18.60 6.19
C PRO D 451 -40.18 -19.87 7.03
N GLU D 452 -40.62 -20.99 6.47
CA GLU D 452 -40.52 -22.28 7.16
C GLU D 452 -39.07 -22.79 7.32
N PHE D 453 -38.15 -22.23 6.56
CA PHE D 453 -36.76 -22.69 6.55
C PHE D 453 -35.76 -21.71 7.19
N LYS D 454 -36.26 -20.80 8.00
CA LYS D 454 -35.41 -19.78 8.64
C LYS D 454 -34.44 -20.47 9.61
N SER D 455 -33.19 -20.03 9.55
CA SER D 455 -32.11 -20.55 10.40
C SER D 455 -31.38 -19.44 11.15
N ASN D 456 -30.97 -19.75 12.36
CA ASN D 456 -30.18 -18.82 13.17
C ASN D 456 -28.81 -18.54 12.58
N HIS D 457 -28.16 -19.59 12.10
CA HIS D 457 -26.75 -19.50 11.73
C HIS D 457 -26.39 -19.77 10.28
N ALA D 458 -27.27 -20.43 9.58
CA ALA D 458 -27.04 -20.79 8.17
C ALA D 458 -28.07 -20.12 7.33
N ASP D 459 -27.89 -20.19 6.02
CA ASP D 459 -28.84 -19.51 5.07
C ASP D 459 -30.23 -20.06 5.19
N MET D 460 -30.28 -21.37 5.45
CA MET D 460 -31.55 -22.08 5.59
C MET D 460 -31.40 -23.37 6.39
N THR D 461 -32.52 -23.86 6.88
CA THR D 461 -32.59 -25.23 7.43
C THR D 461 -33.01 -26.17 6.28
N ASN D 462 -33.00 -27.46 6.57
CA ASN D 462 -33.54 -28.49 5.64
C ASN D 462 -34.90 -29.06 6.02
N LEU D 463 -35.53 -28.45 7.02
CA LEU D 463 -36.83 -28.95 7.49
C LEU D 463 -37.74 -27.81 7.86
N MET D 464 -38.99 -27.94 7.49
CA MET D 464 -40.02 -26.96 7.85
C MET D 464 -40.16 -26.92 9.38
N GLU D 465 -40.21 -25.71 9.88
CA GLU D 465 -40.51 -25.44 11.27
C GLU D 465 -41.90 -26.01 11.66
N ARG D 466 -42.87 -25.78 10.80
CA ARG D 466 -44.25 -26.26 11.00
C ARG D 466 -44.58 -27.25 9.87
N ARG D 467 -44.65 -28.52 10.23
CA ARG D 467 -44.83 -29.61 9.24
C ARG D 467 -46.16 -29.54 8.53
N ASP D 468 -47.12 -28.89 9.16
CA ASP D 468 -48.50 -28.82 8.61
C ASP D 468 -48.78 -27.57 7.78
N ASN D 469 -47.79 -27.18 6.98
CA ASN D 469 -47.85 -25.98 6.12
C ASN D 469 -47.38 -26.23 4.69
N ALA D 470 -48.09 -27.14 4.03
CA ALA D 470 -47.87 -27.51 2.59
C ALA D 470 -46.54 -28.24 2.44
N GLY D 471 -46.55 -29.47 2.93
CA GLY D 471 -45.34 -30.29 3.04
C GLY D 471 -44.74 -30.78 1.73
N VAL D 472 -45.57 -30.96 0.73
CA VAL D 472 -45.06 -31.36 -0.59
C VAL D 472 -44.40 -30.15 -1.24
N SER D 473 -45.07 -29.02 -1.10
CA SER D 473 -44.63 -27.76 -1.69
C SER D 473 -43.30 -27.26 -1.09
N CYS D 474 -43.21 -27.31 0.23
CA CYS D 474 -42.01 -26.78 0.93
C CYS D 474 -40.73 -27.53 0.54
N ALA D 475 -40.85 -28.83 0.34
CA ALA D 475 -39.69 -29.62 -0.08
C ALA D 475 -39.27 -29.22 -1.49
N GLY D 476 -40.27 -28.99 -2.32
CA GLY D 476 -40.03 -28.44 -3.66
C GLY D 476 -39.34 -27.09 -3.60
N TYR D 477 -39.87 -26.22 -2.76
CA TYR D 477 -39.28 -24.88 -2.56
C TYR D 477 -37.80 -24.97 -2.22
N PHE D 478 -37.47 -25.85 -1.27
CA PHE D 478 -36.07 -26.00 -0.79
C PHE D 478 -35.12 -26.22 -1.99
N ILE D 479 -35.53 -27.13 -2.84
CA ILE D 479 -34.76 -27.52 -4.02
C ILE D 479 -34.55 -26.31 -4.94
N THR D 480 -35.58 -25.52 -5.11
CA THR D 480 -35.50 -24.34 -6.01
C THR D 480 -34.49 -23.27 -5.51
N THR D 481 -34.26 -23.20 -4.21
CA THR D 481 -33.28 -22.27 -3.67
C THR D 481 -31.85 -22.54 -4.16
N HIS D 482 -31.63 -23.74 -4.68
CA HIS D 482 -30.30 -24.16 -5.19
C HIS D 482 -30.18 -24.21 -6.71
N LEU D 483 -31.20 -23.75 -7.38
CA LEU D 483 -31.12 -23.49 -8.83
C LEU D 483 -30.11 -22.38 -9.10
N SER D 484 -29.28 -22.58 -10.11
CA SER D 484 -28.33 -21.52 -10.56
C SER D 484 -29.08 -20.25 -10.98
N PRO D 485 -28.53 -19.06 -10.67
CA PRO D 485 -29.06 -17.79 -11.22
C PRO D 485 -29.01 -17.69 -12.75
N LYS D 486 -28.11 -18.43 -13.36
CA LYS D 486 -28.05 -18.58 -14.85
C LYS D 486 -29.33 -19.16 -15.47
N PHE D 487 -30.11 -19.85 -14.64
CA PHE D 487 -31.32 -20.54 -15.08
C PHE D 487 -32.55 -19.64 -14.94
N THR D 488 -33.28 -19.49 -16.04
CA THR D 488 -34.47 -18.63 -16.08
C THR D 488 -35.70 -19.34 -16.64
N GLY D 489 -35.60 -20.64 -16.77
CA GLY D 489 -36.65 -21.44 -17.44
C GLY D 489 -37.63 -22.13 -16.50
N ALA D 490 -38.31 -23.13 -17.01
CA ALA D 490 -39.35 -23.85 -16.27
C ALA D 490 -38.78 -24.94 -15.37
N HIS D 491 -39.24 -24.96 -14.13
CA HIS D 491 -38.81 -26.00 -13.18
C HIS D 491 -40.00 -26.82 -12.73
N ILE D 492 -39.91 -28.10 -13.03
CA ILE D 492 -40.99 -29.07 -12.71
C ILE D 492 -40.49 -30.06 -11.66
N HIS D 493 -41.05 -29.95 -10.45
CA HIS D 493 -40.72 -30.89 -9.37
C HIS D 493 -41.82 -31.94 -9.30
N VAL D 494 -41.41 -33.19 -9.41
CA VAL D 494 -42.34 -34.35 -9.39
C VAL D 494 -42.10 -35.23 -8.17
N ASP D 495 -43.05 -35.19 -7.26
CA ASP D 495 -42.97 -35.98 -6.01
C ASP D 495 -43.78 -37.25 -6.25
N LEU D 496 -43.06 -38.35 -6.40
CA LEU D 496 -43.68 -39.64 -6.75
C LEU D 496 -43.45 -40.71 -5.67
N ALA D 497 -43.50 -40.26 -4.43
CA ALA D 497 -43.24 -41.12 -3.27
C ALA D 497 -44.09 -42.40 -3.32
N TYR D 498 -45.38 -42.24 -3.51
CA TYR D 498 -46.32 -43.37 -3.50
C TYR D 498 -46.61 -44.05 -4.86
N PRO D 499 -46.69 -43.25 -5.94
CA PRO D 499 -47.01 -43.87 -7.24
C PRO D 499 -46.00 -44.86 -7.80
N VAL D 500 -44.79 -44.84 -7.27
CA VAL D 500 -43.74 -45.80 -7.70
C VAL D 500 -43.92 -47.24 -7.19
N PHE D 501 -44.87 -47.48 -6.32
CA PHE D 501 -45.09 -48.83 -5.80
C PHE D 501 -46.54 -49.09 -5.47
N ASN D 502 -46.86 -50.35 -5.42
CA ASN D 502 -48.13 -50.80 -4.87
C ASN D 502 -47.87 -52.07 -4.06
N SER D 503 -48.91 -52.77 -3.64
CA SER D 503 -48.75 -53.92 -2.73
C SER D 503 -48.04 -55.12 -3.38
N ASN D 504 -47.98 -55.13 -4.70
CA ASN D 504 -47.12 -56.11 -5.46
C ASN D 504 -45.67 -55.68 -5.73
N GLY D 505 -45.32 -54.47 -5.34
CA GLY D 505 -43.95 -53.97 -5.56
C GLY D 505 -43.94 -52.81 -6.52
N ALA D 506 -42.82 -52.61 -7.18
CA ALA D 506 -42.62 -51.43 -8.01
C ALA D 506 -43.65 -51.39 -9.16
N THR D 507 -44.03 -50.19 -9.54
CA THR D 507 -44.96 -49.96 -10.68
C THR D 507 -44.26 -49.55 -11.98
N GLY D 508 -43.01 -49.13 -11.87
CA GLY D 508 -42.29 -48.55 -13.03
C GLY D 508 -42.87 -47.21 -13.49
N PHE D 509 -43.47 -46.50 -12.56
CA PHE D 509 -44.05 -45.15 -12.79
C PHE D 509 -42.94 -44.15 -13.05
N GLY D 510 -43.13 -43.38 -14.09
CA GLY D 510 -42.26 -42.20 -14.39
C GLY D 510 -41.69 -42.09 -15.81
N PRO D 511 -41.08 -43.15 -16.31
CA PRO D 511 -40.50 -43.14 -17.67
C PRO D 511 -41.48 -42.83 -18.78
N ALA D 512 -42.63 -43.46 -18.78
CA ALA D 512 -43.66 -43.21 -19.83
C ALA D 512 -44.24 -41.79 -19.76
N LEU D 513 -44.40 -41.32 -18.53
CA LEU D 513 -44.77 -39.91 -18.28
C LEU D 513 -43.83 -38.97 -19.02
N LEU D 514 -42.55 -39.20 -18.83
CA LEU D 514 -41.50 -38.39 -19.49
C LEU D 514 -41.53 -38.49 -21.03
N THR D 515 -41.64 -39.72 -21.50
CA THR D 515 -41.68 -40.00 -22.94
C THR D 515 -42.82 -39.20 -23.57
N GLU D 516 -44.00 -39.30 -23.00
CA GLU D 516 -45.17 -38.53 -23.46
C GLU D 516 -44.97 -37.01 -23.36
N TYR D 517 -44.33 -36.57 -22.29
CA TYR D 517 -44.03 -35.14 -22.12
C TYR D 517 -43.11 -34.64 -23.26
N PHE D 518 -42.04 -35.39 -23.49
CA PHE D 518 -41.04 -35.06 -24.55
C PHE D 518 -41.66 -35.04 -25.95
N ARG D 519 -42.51 -36.02 -26.17
CA ARG D 519 -43.26 -36.19 -27.42
C ARG D 519 -44.07 -34.94 -27.81
N LYS D 520 -44.57 -34.22 -26.83
CA LYS D 520 -45.46 -33.06 -27.04
C LYS D 520 -44.78 -31.69 -26.96
N LEU D 521 -43.48 -31.70 -26.84
CA LEU D 521 -42.75 -30.44 -26.63
C LEU D 521 -42.75 -29.51 -27.89
N THR E 3 -13.41 46.16 34.91
CA THR E 3 -14.52 45.16 34.96
C THR E 3 -14.48 44.24 33.74
N LEU E 4 -14.10 43.00 33.99
CA LEU E 4 -14.10 41.92 32.95
C LEU E 4 -15.43 41.17 32.96
N PRO E 5 -15.80 40.53 31.84
CA PRO E 5 -16.93 39.59 31.89
C PRO E 5 -16.71 38.46 32.90
N LYS E 6 -17.80 38.04 33.54
CA LYS E 6 -17.79 36.96 34.59
C LYS E 6 -17.12 35.65 34.10
N ALA E 7 -17.41 35.27 32.85
CA ALA E 7 -16.81 34.04 32.23
C ALA E 7 -15.27 34.12 32.02
N GLU E 8 -14.80 35.32 31.69
CA GLU E 8 -13.34 35.58 31.55
C GLU E 8 -12.63 35.56 32.91
N ALA E 9 -13.25 36.17 33.90
CA ALA E 9 -12.70 36.19 35.30
C ALA E 9 -12.59 34.78 35.93
N LYS E 10 -13.60 33.94 35.69
CA LYS E 10 -13.58 32.52 36.15
C LYS E 10 -12.42 31.78 35.48
N GLU E 11 -12.28 31.99 34.18
CA GLU E 11 -11.17 31.39 33.40
C GLU E 11 -9.77 31.83 33.93
N LEU E 12 -9.64 33.11 34.26
CA LEU E 12 -8.39 33.65 34.82
C LEU E 12 -8.05 33.05 36.18
N SER E 13 -9.04 32.97 37.06
CA SER E 13 -8.87 32.33 38.41
C SER E 13 -8.45 30.87 38.33
N ALA E 14 -9.08 30.15 37.42
CA ALA E 14 -8.74 28.73 37.20
C ALA E 14 -7.32 28.58 36.63
N PHE E 15 -6.95 29.50 35.74
CA PHE E 15 -5.58 29.49 35.20
C PHE E 15 -4.56 29.77 36.28
N VAL E 16 -4.88 30.72 37.14
CA VAL E 16 -3.98 31.08 38.27
C VAL E 16 -3.73 29.85 39.11
N GLN E 17 -4.82 29.21 39.48
CA GLN E 17 -4.76 27.98 40.32
C GLN E 17 -3.91 26.89 39.65
N SER E 18 -4.11 26.71 38.36
CA SER E 18 -3.31 25.73 37.54
C SER E 18 -1.80 26.00 37.63
N CYS E 19 -1.43 27.26 37.70
CA CYS E 19 0.00 27.62 37.85
C CYS E 19 0.52 27.46 39.29
N VAL E 20 -0.28 27.92 40.25
CA VAL E 20 0.06 27.81 41.68
C VAL E 20 0.20 26.34 42.15
N GLU E 21 -0.64 25.48 41.61
CA GLU E 21 -0.66 24.05 42.02
C GLU E 21 0.07 23.16 41.04
N TYR E 22 0.80 23.78 40.11
CA TYR E 22 1.52 23.01 39.09
C TYR E 22 2.45 21.97 39.72
N LYS E 23 2.29 20.74 39.26
CA LYS E 23 3.18 19.61 39.67
C LYS E 23 3.81 18.99 38.42
N THR E 24 5.07 18.64 38.51
CA THR E 24 5.80 18.11 37.36
C THR E 24 5.31 16.70 36.96
N ASN E 25 5.48 16.39 35.69
CA ASN E 25 5.23 15.04 35.13
C ASN E 25 6.44 14.11 35.25
N VAL E 26 7.55 14.62 35.76
CA VAL E 26 8.83 13.89 35.76
C VAL E 26 9.22 13.43 37.17
N CYS E 27 9.69 12.19 37.26
CA CYS E 27 10.37 11.73 38.48
C CYS E 27 11.70 11.05 38.13
N PHE E 28 12.55 10.95 39.13
CA PHE E 28 13.91 10.48 38.93
C PHE E 28 14.24 9.31 39.82
N THR E 29 14.99 8.39 39.26
CA THR E 29 15.55 7.27 40.01
C THR E 29 16.80 6.75 39.33
N ASP E 30 17.21 5.54 39.69
CA ASP E 30 18.42 4.92 39.14
C ASP E 30 18.19 3.44 38.87
N VAL E 31 19.11 2.85 38.14
CA VAL E 31 18.93 1.49 37.62
C VAL E 31 18.66 0.44 38.76
N ALA E 32 19.48 0.47 39.80
CA ALA E 32 19.34 -0.50 40.92
C ALA E 32 18.00 -0.33 41.66
N ALA E 33 17.66 0.91 41.96
CA ALA E 33 16.37 1.23 42.61
C ALA E 33 15.17 0.82 41.74
N TYR E 34 15.34 0.96 40.43
CA TYR E 34 14.30 0.61 39.43
C TYR E 34 14.12 -0.93 39.33
N GLU E 35 15.25 -1.63 39.24
CA GLU E 35 15.26 -3.13 39.26
C GLU E 35 14.55 -3.63 40.54
N SER E 36 14.87 -2.99 41.65
CA SER E 36 14.32 -3.37 42.98
C SER E 36 12.81 -3.07 43.14
N ASN E 37 12.38 -1.92 42.66
CA ASN E 37 10.95 -1.51 42.80
C ASN E 37 10.02 -2.07 41.75
N GLN E 38 10.53 -2.26 40.55
CA GLN E 38 9.70 -2.68 39.39
C GLN E 38 9.97 -4.09 38.89
N LYS E 39 11.05 -4.67 39.37
CA LYS E 39 11.34 -6.13 39.19
C LYS E 39 11.41 -6.56 37.69
N GLY E 40 11.93 -5.67 36.85
CA GLY E 40 12.02 -5.92 35.41
C GLY E 40 10.74 -5.77 34.59
N VAL E 41 9.72 -5.19 35.21
CA VAL E 41 8.47 -4.86 34.50
C VAL E 41 8.49 -3.36 34.11
N LEU E 42 8.43 -3.12 32.81
CA LEU E 42 8.42 -1.75 32.27
C LEU E 42 7.12 -1.04 32.67
N SER E 43 7.22 0.28 32.78
CA SER E 43 6.07 1.12 33.19
C SER E 43 4.97 1.16 32.13
N SER E 44 5.36 0.97 30.87
CA SER E 44 4.41 1.06 29.74
C SER E 44 4.97 0.40 28.51
N GLY E 45 4.24 0.53 27.42
CA GLY E 45 4.67 0.00 26.10
C GLY E 45 5.71 0.79 25.32
N LEU E 46 6.29 1.81 25.98
CA LEU E 46 7.39 2.58 25.40
C LEU E 46 8.52 2.75 26.39
N ALA E 47 9.72 2.53 25.91
CA ALA E 47 10.93 2.80 26.66
C ALA E 47 11.93 3.55 25.80
N VAL E 48 12.70 4.41 26.44
CA VAL E 48 13.67 5.25 25.73
C VAL E 48 15.05 5.03 26.30
N LEU E 49 15.99 4.91 25.40
CA LEU E 49 17.41 4.75 25.77
C LEU E 49 18.26 5.82 25.09
N VAL E 50 18.88 6.65 25.91
CA VAL E 50 19.64 7.82 25.41
C VAL E 50 21.08 7.93 25.97
N GLY E 51 22.05 7.99 25.08
CA GLY E 51 23.45 8.11 25.48
C GLY E 51 24.37 8.33 24.30
N THR E 52 25.64 8.52 24.60
CA THR E 52 26.67 8.68 23.57
C THR E 52 26.98 7.34 22.90
N HIS E 53 27.66 7.42 21.77
CA HIS E 53 28.09 6.25 20.98
C HIS E 53 28.79 5.26 21.91
N LYS E 54 29.72 5.77 22.68
CA LYS E 54 30.53 4.98 23.61
C LYS E 54 29.67 4.44 24.76
N GLN E 55 28.84 5.30 25.35
CA GLN E 55 27.95 4.88 26.49
C GLN E 55 26.97 3.77 26.11
N LEU E 56 26.43 3.89 24.91
CA LEU E 56 25.49 2.87 24.35
C LEU E 56 26.11 1.45 24.16
N ARG E 57 27.44 1.41 24.08
CA ARG E 57 28.22 0.16 23.92
C ARG E 57 28.92 -0.32 25.19
N ASP E 58 28.63 0.35 26.28
CA ASP E 58 29.04 -0.14 27.62
C ASP E 58 28.35 -1.50 27.91
N PRO E 59 29.09 -2.46 28.48
CA PRO E 59 28.47 -3.77 28.82
C PRO E 59 27.29 -3.69 29.79
N ALA E 60 27.30 -2.69 30.65
CA ALA E 60 26.18 -2.45 31.60
C ALA E 60 24.82 -2.26 30.90
N VAL E 61 24.88 -1.77 29.68
CA VAL E 61 23.64 -1.56 28.85
C VAL E 61 22.90 -2.91 28.62
N GLN E 62 23.68 -3.97 28.48
CA GLN E 62 23.12 -5.32 28.26
C GLN E 62 22.33 -5.88 29.44
N ARG E 63 22.56 -5.33 30.61
CA ARG E 63 21.81 -5.73 31.83
C ARG E 63 20.47 -4.96 32.01
N LEU E 64 20.20 -4.03 31.11
CA LEU E 64 18.92 -3.29 31.12
C LEU E 64 17.78 -4.24 30.70
N PRO E 65 16.64 -4.15 31.39
CA PRO E 65 15.53 -5.13 31.27
C PRO E 65 14.91 -5.30 29.90
N PHE E 66 15.06 -4.29 29.05
CA PHE E 66 14.48 -4.33 27.68
C PHE E 66 15.49 -4.77 26.63
N TYR E 67 16.74 -4.98 27.03
CA TYR E 67 17.82 -5.24 26.07
C TYR E 67 17.63 -6.59 25.42
N ASN E 68 17.85 -6.60 24.11
CA ASN E 68 17.82 -7.87 23.31
C ASN E 68 18.54 -7.61 21.97
N PRO E 69 18.62 -8.62 21.09
CA PRO E 69 19.42 -8.42 19.84
C PRO E 69 18.88 -7.35 18.91
N ALA E 70 17.58 -7.09 18.97
CA ALA E 70 16.97 -6.00 18.16
C ALA E 70 17.42 -4.58 18.63
N VAL E 71 17.45 -4.42 19.94
CA VAL E 71 17.93 -3.20 20.58
C VAL E 71 19.41 -3.02 20.27
N ALA E 72 20.15 -4.10 20.27
CA ALA E 72 21.61 -4.06 19.89
C ALA E 72 21.78 -3.56 18.46
N GLU E 73 20.90 -4.03 17.60
CA GLU E 73 20.89 -3.59 16.21
C GLU E 73 20.49 -2.10 16.08
N ALA E 74 19.55 -1.69 16.90
CA ALA E 74 19.12 -0.26 16.94
C ALA E 74 20.30 0.66 17.28
N ILE E 75 21.10 0.23 18.24
CA ILE E 75 22.35 0.91 18.64
C ILE E 75 23.34 1.02 17.46
N GLU E 76 23.38 -0.02 16.62
CA GLU E 76 24.26 -0.02 15.40
C GLU E 76 23.75 0.88 14.28
N ARG E 77 22.44 0.94 14.14
CA ARG E 77 21.81 1.70 13.01
C ARG E 77 21.48 3.18 13.28
N VAL E 78 21.39 3.53 14.55
CA VAL E 78 21.01 4.90 14.94
C VAL E 78 22.08 5.89 14.49
N LYS E 79 21.63 7.03 13.99
CA LYS E 79 22.53 8.12 13.57
C LYS E 79 22.81 9.04 14.74
N GLU E 80 24.01 9.60 14.74
CA GLU E 80 24.37 10.65 15.71
C GLU E 80 23.38 11.81 15.63
N GLY E 81 22.83 12.17 16.78
CA GLY E 81 21.73 13.17 16.86
C GLY E 81 20.35 12.70 16.46
N GLY E 82 20.23 11.42 16.15
CA GLY E 82 18.94 10.84 15.69
C GLY E 82 18.45 9.74 16.63
N THR E 83 17.26 9.25 16.29
CA THR E 83 16.65 8.16 17.00
C THR E 83 16.41 6.95 16.07
N TYR E 84 16.21 5.81 16.71
CA TYR E 84 15.92 4.53 16.00
C TYR E 84 15.09 3.62 16.91
N GLY E 85 13.93 3.24 16.42
CA GLY E 85 12.97 2.46 17.22
C GLY E 85 12.86 0.99 16.79
N VAL E 86 12.70 0.12 17.77
CA VAL E 86 12.46 -1.33 17.54
C VAL E 86 11.39 -1.89 18.48
N LEU E 87 10.65 -2.87 17.96
CA LEU E 87 9.65 -3.60 18.78
C LEU E 87 10.32 -4.80 19.49
N VAL E 88 9.99 -4.95 20.75
CA VAL E 88 10.40 -6.13 21.54
C VAL E 88 9.13 -6.88 21.96
N GLU E 89 9.02 -8.11 21.46
CA GLU E 89 7.84 -8.95 21.73
C GLU E 89 7.92 -9.62 23.11
N GLY E 90 6.77 -9.68 23.77
CA GLY E 90 6.59 -10.42 25.04
C GLY E 90 7.46 -9.92 26.18
N LEU E 91 7.61 -8.61 26.25
CA LEU E 91 8.39 -7.98 27.32
C LEU E 91 7.38 -7.50 28.34
N ALA E 92 7.60 -7.91 29.58
CA ALA E 92 6.67 -7.56 30.69
C ALA E 92 6.57 -6.04 30.86
N ASN E 93 5.34 -5.56 30.88
CA ASN E 93 5.06 -4.14 31.12
C ASN E 93 3.69 -3.92 31.76
N ALA E 94 3.59 -2.83 32.50
CA ALA E 94 2.37 -2.54 33.32
C ALA E 94 1.14 -2.19 32.52
N ALA E 95 1.33 -1.79 31.27
CA ALA E 95 0.18 -1.52 30.35
C ALA E 95 -0.36 -2.78 29.68
N GLY E 96 0.32 -3.90 29.88
CA GLY E 96 -0.07 -5.18 29.24
C GLY E 96 -0.03 -5.16 27.71
N SER E 97 0.86 -4.33 27.17
CA SER E 97 1.06 -4.22 25.71
C SER E 97 1.82 -5.45 25.20
N LYS E 98 1.41 -5.96 24.05
CA LYS E 98 1.99 -7.18 23.44
C LYS E 98 3.45 -6.96 23.06
N PHE E 99 3.64 -5.81 22.42
CA PHE E 99 4.99 -5.36 22.04
C PHE E 99 5.36 -4.15 22.87
N VAL E 100 6.62 -4.08 23.25
CA VAL E 100 7.19 -2.85 23.80
C VAL E 100 8.04 -2.19 22.72
N ARG E 101 7.83 -0.90 22.53
CA ARG E 101 8.64 -0.09 21.60
C ARG E 101 9.83 0.48 22.38
N VAL E 102 11.02 0.18 21.90
CA VAL E 102 12.25 0.72 22.49
C VAL E 102 12.89 1.68 21.51
N VAL E 103 13.00 2.94 21.92
CA VAL E 103 13.60 4.00 21.05
C VAL E 103 14.96 4.36 21.56
N VAL E 104 15.98 4.11 20.74
CA VAL E 104 17.36 4.47 21.08
C VAL E 104 17.67 5.86 20.49
N GLY E 105 18.39 6.67 21.26
CA GLY E 105 18.85 8.00 20.79
C GLY E 105 20.31 8.25 21.11
N GLU E 106 21.05 8.64 20.08
CA GLU E 106 22.52 8.86 20.21
C GLU E 106 22.85 10.36 20.37
N VAL E 107 23.52 10.64 21.48
CA VAL E 107 23.98 11.97 21.84
C VAL E 107 25.41 12.16 21.35
N PRO E 108 25.70 13.29 20.67
CA PRO E 108 27.08 13.54 20.27
C PRO E 108 28.00 13.76 21.46
N THR E 109 29.28 13.54 21.25
CA THR E 109 30.30 13.91 22.26
C THR E 109 30.93 15.29 21.94
N LYS E 110 30.87 15.68 20.66
CA LYS E 110 31.35 17.01 20.17
C LYS E 110 30.71 18.14 20.99
N ALA E 111 31.55 18.98 21.56
CA ALA E 111 31.11 20.08 22.42
C ALA E 111 32.21 21.08 22.51
N SER E 112 31.91 22.30 22.09
CA SER E 112 32.88 23.40 22.10
C SER E 112 33.07 23.89 23.56
N ARG E 113 34.13 24.64 23.77
CA ARG E 113 34.46 25.20 25.11
C ARG E 113 33.40 26.13 25.70
N ASN E 114 32.47 26.56 24.85
CA ASN E 114 31.32 27.38 25.29
C ASN E 114 30.02 26.64 25.49
N ASN E 115 30.10 25.32 25.47
CA ASN E 115 28.92 24.46 25.56
C ASN E 115 29.00 23.52 26.77
N CYS E 116 27.84 22.95 27.11
CA CYS E 116 27.71 21.89 28.12
C CYS E 116 28.18 20.56 27.51
N PRO E 117 29.26 19.95 28.05
CA PRO E 117 29.83 18.70 27.49
C PRO E 117 28.84 17.55 27.33
N ALA E 118 27.83 17.53 28.19
CA ALA E 118 26.81 16.48 28.15
C ALA E 118 25.74 16.69 27.05
N ARG E 119 25.81 17.83 26.38
CA ARG E 119 24.91 18.17 25.26
C ARG E 119 23.43 17.91 25.54
N PRO E 120 22.91 18.51 26.63
CA PRO E 120 21.50 18.33 27.00
C PRO E 120 20.52 18.86 25.94
N ASP E 121 20.98 19.80 25.13
CA ASP E 121 20.22 20.26 23.95
C ASP E 121 19.76 19.08 23.05
N VAL E 122 20.66 18.14 22.83
CA VAL E 122 20.33 16.96 21.97
C VAL E 122 19.49 15.95 22.76
N VAL E 123 19.80 15.80 24.03
CA VAL E 123 18.98 14.94 24.92
C VAL E 123 17.52 15.34 24.82
N THR E 124 17.27 16.62 24.99
CA THR E 124 15.89 17.14 24.85
C THR E 124 15.25 16.73 23.54
N ALA E 125 15.95 16.98 22.45
CA ALA E 125 15.38 16.72 21.09
C ALA E 125 15.14 15.20 20.85
N LEU E 126 16.04 14.39 21.37
CA LEU E 126 15.91 12.91 21.28
C LEU E 126 14.69 12.37 22.01
N VAL E 127 14.52 12.81 23.24
CA VAL E 127 13.38 12.35 24.06
C VAL E 127 12.07 12.89 23.49
N THR E 128 12.09 14.13 23.04
CA THR E 128 10.93 14.71 22.34
C THR E 128 10.49 13.84 21.18
N ALA E 129 11.44 13.52 20.31
CA ALA E 129 11.16 12.67 19.10
C ALA E 129 10.63 11.26 19.47
N ALA E 130 11.24 10.68 20.49
CA ALA E 130 10.83 9.36 21.02
C ALA E 130 9.42 9.40 21.60
N LEU E 131 9.09 10.46 22.32
CA LEU E 131 7.72 10.61 22.91
C LEU E 131 6.61 10.87 21.91
N ASP E 132 6.98 11.19 20.69
CA ASP E 132 6.02 11.33 19.60
C ASP E 132 5.46 9.97 19.14
N GLU E 133 6.14 8.91 19.54
CA GLU E 133 5.67 7.50 19.28
C GLU E 133 4.80 6.91 20.39
N VAL E 134 4.27 7.76 21.23
CA VAL E 134 3.42 7.33 22.35
C VAL E 134 2.04 6.97 21.81
N LYS E 135 1.58 5.77 22.18
CA LYS E 135 0.26 5.22 21.71
C LYS E 135 -0.91 5.83 22.49
N GLU E 136 -0.97 5.52 23.78
CA GLU E 136 -2.09 5.94 24.67
C GLU E 136 -1.78 7.24 25.48
N PRO E 137 -2.80 7.83 26.14
CA PRO E 137 -2.63 8.97 27.02
C PRO E 137 -2.28 8.45 28.41
N ASN E 138 -2.01 9.33 29.37
CA ASN E 138 -1.73 9.00 30.79
C ASN E 138 -0.88 7.70 31.09
N THR E 139 0.05 7.39 30.21
CA THR E 139 1.07 6.35 30.49
C THR E 139 2.30 6.95 31.16
N THR E 140 3.07 6.08 31.79
CA THR E 140 4.39 6.42 32.31
C THR E 140 5.46 5.85 31.36
N VAL E 141 6.38 6.70 30.91
CA VAL E 141 7.46 6.29 29.98
C VAL E 141 8.80 6.24 30.72
N ASP E 142 9.43 5.08 30.66
CA ASP E 142 10.74 4.90 31.29
C ASP E 142 11.80 5.46 30.35
N VAL E 143 12.56 6.43 30.84
CA VAL E 143 13.62 7.06 30.08
C VAL E 143 14.97 6.74 30.73
N PHE E 144 15.70 5.84 30.09
CA PHE E 144 17.00 5.38 30.62
C PHE E 144 18.06 6.26 30.01
N VAL E 145 18.79 6.96 30.87
CA VAL E 145 19.84 7.86 30.40
C VAL E 145 21.16 7.32 30.88
N LEU E 146 22.13 7.31 29.99
CA LEU E 146 23.46 6.73 30.30
C LEU E 146 24.45 7.72 30.88
N SER E 147 24.09 8.99 30.82
CA SER E 147 24.90 10.07 31.43
C SER E 147 24.56 10.20 32.90
N ASN E 148 25.57 10.57 33.69
CA ASN E 148 25.39 10.93 35.11
C ASN E 148 25.42 12.43 35.40
N ALA E 149 25.30 13.24 34.35
CA ALA E 149 25.28 14.71 34.51
C ALA E 149 23.85 15.13 34.87
N VAL E 150 23.53 14.92 36.13
CA VAL E 150 22.10 14.85 36.58
C VAL E 150 21.32 16.15 36.46
N LEU E 151 21.97 17.26 36.78
CA LEU E 151 21.28 18.56 36.71
C LEU E 151 20.91 18.93 35.27
N PRO E 152 21.88 18.95 34.35
CA PRO E 152 21.52 19.30 32.98
C PRO E 152 20.52 18.35 32.35
N ILE E 153 20.66 17.07 32.64
CA ILE E 153 19.67 16.10 32.11
C ILE E 153 18.28 16.33 32.71
N ALA E 154 18.23 16.65 33.99
CA ALA E 154 16.91 16.87 34.65
C ALA E 154 16.13 17.97 33.95
N ALA E 155 16.83 19.08 33.72
CA ALA E 155 16.23 20.24 33.05
C ALA E 155 15.91 19.93 31.60
N ALA E 156 16.80 19.19 30.96
CA ALA E 156 16.64 18.80 29.53
C ALA E 156 15.38 17.98 29.27
N VAL E 157 15.14 17.04 30.18
CA VAL E 157 13.93 16.18 30.11
C VAL E 157 12.67 16.94 30.53
N ALA E 158 12.80 17.79 31.52
CA ALA E 158 11.67 18.69 31.93
C ALA E 158 11.15 19.55 30.78
N ARG E 159 12.10 19.97 29.96
CA ARG E 159 11.88 20.80 28.73
C ARG E 159 11.23 20.09 27.56
N CYS E 160 11.39 18.79 27.55
CA CYS E 160 11.17 18.03 26.31
C CYS E 160 9.72 17.65 26.14
N GLY E 161 9.41 17.17 24.96
CA GLY E 161 8.07 16.63 24.65
C GLY E 161 6.99 17.68 24.60
N LYS E 162 5.75 17.23 24.69
CA LYS E 162 4.59 18.11 24.69
C LYS E 162 4.51 18.97 25.93
N HIS E 163 4.04 20.18 25.76
CA HIS E 163 4.09 21.22 26.81
C HIS E 163 2.89 21.10 27.70
N ASN E 164 3.12 21.36 28.99
CA ASN E 164 2.02 21.29 29.99
C ASN E 164 0.94 22.31 29.73
N PHE E 165 1.32 23.44 29.15
CA PHE E 165 0.32 24.39 28.65
C PHE E 165 -0.28 23.91 27.33
N SER E 166 -1.61 23.79 27.29
CA SER E 166 -2.32 23.49 26.04
C SER E 166 -3.75 24.01 26.03
N ALA E 167 -4.17 24.43 24.85
CA ALA E 167 -5.57 24.83 24.59
C ALA E 167 -6.22 23.94 23.55
N LYS E 168 -5.53 22.87 23.19
CA LYS E 168 -6.08 21.92 22.20
C LYS E 168 -7.17 21.03 22.80
N ASP E 169 -8.12 20.65 21.97
CA ASP E 169 -9.09 19.55 22.26
C ASP E 169 -9.78 19.67 23.64
N GLY E 170 -10.35 20.84 23.90
CA GLY E 170 -11.14 21.08 25.12
C GLY E 170 -10.35 21.40 26.38
N ALA E 171 -9.03 21.41 26.27
CA ALA E 171 -8.14 21.68 27.43
C ALA E 171 -8.40 23.04 28.11
N ALA E 172 -8.96 23.98 27.37
CA ALA E 172 -9.42 25.26 27.97
C ALA E 172 -10.39 25.10 29.14
N ALA E 173 -11.20 24.05 29.07
CA ALA E 173 -12.17 23.72 30.14
C ALA E 173 -11.50 23.06 31.35
N ALA E 174 -10.27 22.59 31.16
CA ALA E 174 -9.45 22.02 32.25
C ALA E 174 -8.31 22.94 32.65
N ALA E 175 -8.60 24.24 32.61
CA ALA E 175 -7.62 25.30 33.03
C ALA E 175 -6.29 25.24 32.22
N TYR E 176 -6.40 24.79 30.99
CA TYR E 176 -5.28 24.75 30.03
C TYR E 176 -4.15 23.85 30.48
N ASN E 177 -4.52 22.83 31.26
CA ASN E 177 -3.61 21.71 31.61
C ASN E 177 -3.69 20.67 30.50
N SER E 178 -2.55 20.38 29.87
CA SER E 178 -2.55 19.45 28.71
C SER E 178 -2.93 18.06 29.19
N GLY E 179 -3.75 17.38 28.40
CA GLY E 179 -4.05 15.95 28.61
C GLY E 179 -3.14 15.02 27.81
N LYS E 180 -2.21 15.61 27.07
CA LYS E 180 -1.31 14.89 26.11
C LYS E 180 0.08 14.60 26.65
N VAL E 181 0.32 15.00 27.88
CA VAL E 181 1.65 14.89 28.48
C VAL E 181 1.76 13.49 29.08
N SER E 182 2.89 12.84 28.82
CA SER E 182 3.22 11.56 29.44
C SER E 182 3.98 11.75 30.75
N ARG E 183 3.65 10.96 31.76
CA ARG E 183 4.51 10.89 32.97
C ARG E 183 5.86 10.28 32.51
N LEU E 184 6.96 10.82 32.99
CA LEU E 184 8.31 10.37 32.58
C LEU E 184 9.13 9.95 33.78
N GLN E 185 9.57 8.72 33.75
CA GLN E 185 10.49 8.22 34.77
C GLN E 185 11.91 8.16 34.21
N VAL E 186 12.73 9.06 34.70
CA VAL E 186 14.12 9.15 34.30
C VAL E 186 14.94 8.21 35.17
N VAL E 187 15.64 7.31 34.51
CA VAL E 187 16.46 6.30 35.20
C VAL E 187 17.97 6.49 34.93
N PHE E 188 18.66 7.05 35.91
CA PHE E 188 20.10 7.28 35.81
C PHE E 188 20.87 5.98 36.05
N PRO E 189 22.15 5.89 35.60
CA PRO E 189 22.92 4.68 35.84
C PRO E 189 23.23 4.47 37.32
N GLU E 190 23.58 5.55 38.01
CA GLU E 190 23.88 5.51 39.43
C GLU E 190 22.90 6.37 40.21
N PRO E 191 22.78 6.12 41.52
CA PRO E 191 22.01 7.07 42.34
C PRO E 191 22.51 8.51 42.10
N PRO E 192 21.59 9.44 41.85
CA PRO E 192 22.01 10.79 41.45
C PRO E 192 22.72 11.55 42.57
N ALA E 193 23.80 12.22 42.20
CA ALA E 193 24.59 13.07 43.13
C ALA E 193 23.73 14.14 43.80
N ILE E 194 22.68 14.53 43.11
CA ILE E 194 21.66 15.44 43.64
C ILE E 194 20.42 14.59 43.92
N PRO E 195 19.81 14.74 45.12
CA PRO E 195 18.68 13.84 45.44
C PRO E 195 17.53 13.98 44.46
N PRO E 196 16.82 12.87 44.17
CA PRO E 196 15.65 12.90 43.29
C PRO E 196 14.62 13.99 43.57
N LYS E 197 14.32 14.22 44.83
CA LYS E 197 13.28 15.22 45.23
C LYS E 197 13.73 16.65 44.87
N ASP E 198 15.03 16.88 44.96
CA ASP E 198 15.67 18.15 44.53
C ASP E 198 15.64 18.33 43.00
N LEU E 199 15.95 17.25 42.30
CA LEU E 199 15.84 17.24 40.82
C LEU E 199 14.41 17.48 40.37
N GLU E 200 13.47 16.93 41.11
CA GLU E 200 12.03 17.18 40.84
C GLU E 200 11.65 18.64 40.96
N ALA E 201 12.15 19.28 42.01
CA ALA E 201 11.88 20.71 42.24
C ALA E 201 12.42 21.56 41.06
N VAL E 202 13.60 21.18 40.59
CA VAL E 202 14.25 21.84 39.43
C VAL E 202 13.41 21.68 38.17
N ALA E 203 13.01 20.46 37.91
CA ALA E 203 12.19 20.14 36.74
C ALA E 203 10.87 20.88 36.77
N THR E 204 10.31 20.95 37.97
CA THR E 204 9.04 21.65 38.24
C THR E 204 9.16 23.13 37.88
N SER E 205 10.26 23.71 38.30
CA SER E 205 10.53 25.16 38.03
C SER E 205 10.76 25.42 36.53
N THR E 206 11.46 24.53 35.88
CA THR E 206 11.64 24.61 34.42
C THR E 206 10.30 24.59 33.72
N GLN E 207 9.46 23.69 34.13
CA GLN E 207 8.15 23.50 33.48
C GLN E 207 7.11 24.57 33.81
N LEU E 208 7.14 25.05 35.04
CA LEU E 208 6.31 26.20 35.44
C LEU E 208 6.71 27.49 34.65
N CYS E 209 8.00 27.72 34.59
CA CYS E 209 8.58 28.79 33.78
C CYS E 209 8.07 28.70 32.32
N GLN E 210 8.17 27.50 31.78
CA GLN E 210 7.66 27.20 30.44
C GLN E 210 6.19 27.50 30.29
N ARG E 211 5.43 27.13 31.29
CA ARG E 211 3.96 27.37 31.32
C ARG E 211 3.61 28.87 31.27
N LEU E 212 4.31 29.62 32.09
CA LEU E 212 4.10 31.08 32.19
C LEU E 212 4.45 31.77 30.89
N VAL E 213 5.51 31.31 30.26
CA VAL E 213 5.99 31.91 28.98
C VAL E 213 5.10 31.51 27.78
N ASP E 214 4.71 30.26 27.74
CA ASP E 214 3.82 29.73 26.68
C ASP E 214 2.46 30.39 26.72
N ALA E 215 2.01 30.74 27.91
CA ALA E 215 0.62 31.19 28.08
C ALA E 215 0.37 32.47 27.30
N PRO E 216 -0.76 32.54 26.61
CA PRO E 216 -1.08 33.73 25.90
C PRO E 216 -1.40 34.89 26.86
N PRO E 217 -1.24 36.13 26.40
CA PRO E 217 -1.41 37.27 27.30
C PRO E 217 -2.86 37.52 27.75
N ASN E 218 -3.85 36.93 27.06
CA ASN E 218 -5.22 36.99 27.59
C ASN E 218 -5.35 36.16 28.89
N LEU E 219 -4.40 35.27 29.15
CA LEU E 219 -4.36 34.47 30.39
C LEU E 219 -3.33 34.93 31.40
N LEU E 220 -2.11 35.09 30.92
CA LEU E 220 -1.04 35.61 31.77
C LEU E 220 -0.94 37.14 31.61
N THR E 221 -1.61 37.83 32.53
CA THR E 221 -1.62 39.29 32.60
C THR E 221 -0.79 39.78 33.79
N THR E 222 -0.68 41.10 33.92
CA THR E 222 0.07 41.65 35.05
C THR E 222 -0.60 41.22 36.34
N ALA E 223 -1.91 41.13 36.29
CA ALA E 223 -2.73 40.77 37.46
C ALA E 223 -2.59 39.29 37.83
N THR E 224 -2.76 38.42 36.83
CA THR E 224 -2.67 36.95 37.09
C THR E 224 -1.27 36.51 37.46
N PHE E 225 -0.28 37.13 36.88
CA PHE E 225 1.13 36.85 37.26
C PHE E 225 1.30 37.21 38.74
N THR E 226 0.79 38.37 39.11
CA THR E 226 0.87 38.84 40.51
C THR E 226 0.16 37.83 41.48
N GLU E 227 -1.06 37.44 41.12
CA GLU E 227 -1.83 36.47 41.92
C GLU E 227 -1.13 35.14 42.07
N ILE E 228 -0.47 34.71 41.00
CA ILE E 228 0.36 33.48 41.03
C ILE E 228 1.51 33.58 42.01
N ALA E 229 2.20 34.70 41.97
CA ALA E 229 3.28 35.00 42.95
C ALA E 229 2.75 35.01 44.41
N GLN E 230 1.58 35.61 44.59
CA GLN E 230 0.93 35.68 45.93
C GLN E 230 0.52 34.31 46.42
N GLY E 231 0.00 33.51 45.51
CA GLY E 231 -0.40 32.11 45.82
C GLY E 231 0.77 31.27 46.32
N TYR E 232 1.90 31.40 45.65
CA TYR E 232 3.13 30.69 46.06
C TYR E 232 3.67 31.22 47.39
N ALA E 233 3.53 32.52 47.60
CA ALA E 233 3.94 33.16 48.89
C ALA E 233 3.15 32.60 50.08
N LYS E 234 1.85 32.49 49.93
CA LYS E 234 0.96 31.88 50.95
C LYS E 234 1.40 30.44 51.22
N ALA E 235 1.52 29.67 50.16
CA ALA E 235 1.85 28.21 50.26
C ALA E 235 3.25 27.92 50.83
N LEU E 236 4.24 28.71 50.44
CA LEU E 236 5.67 28.44 50.85
C LEU E 236 6.16 29.32 51.98
N GLY E 237 5.39 30.34 52.30
CA GLY E 237 5.72 31.21 53.45
C GLY E 237 6.88 32.13 53.23
N PHE E 238 6.88 32.79 52.08
CA PHE E 238 7.82 33.93 51.83
C PHE E 238 7.05 35.24 51.70
N ASP E 239 7.75 36.34 51.86
CA ASP E 239 7.11 37.68 51.85
C ASP E 239 6.89 38.18 50.43
N VAL E 240 5.81 38.92 50.27
CA VAL E 240 5.45 39.50 48.98
C VAL E 240 5.01 40.95 49.18
N ASP E 241 5.60 41.82 48.38
CA ASP E 241 5.32 43.27 48.38
C ASP E 241 4.90 43.64 46.98
N VAL E 242 3.78 44.32 46.88
CA VAL E 242 3.20 44.71 45.60
C VAL E 242 2.94 46.21 45.57
N ILE E 243 3.55 46.89 44.60
CA ILE E 243 3.26 48.28 44.32
C ILE E 243 2.50 48.32 43.01
N CYS E 244 1.25 48.76 43.07
CA CYS E 244 0.27 48.60 41.98
C CYS E 244 -0.16 49.93 41.36
N GLY E 245 -0.18 49.98 40.03
CA GLY E 245 -0.85 51.05 39.26
C GLY E 245 -0.44 52.48 39.58
N ASP E 246 -1.41 53.30 39.93
CA ASP E 246 -1.16 54.73 40.23
C ASP E 246 -0.22 54.98 41.42
N ASP E 247 -0.17 54.02 42.34
CA ASP E 247 0.81 54.10 43.47
C ASP E 247 2.26 54.12 43.00
N LEU E 248 2.51 53.49 41.86
CA LEU E 248 3.86 53.53 41.23
C LEU E 248 4.24 54.97 40.88
N CYS E 249 3.29 55.69 40.31
CA CYS E 249 3.47 57.13 40.00
C CYS E 249 3.66 57.98 41.27
N GLU E 250 2.78 57.77 42.24
CA GLU E 250 2.84 58.54 43.54
C GLU E 250 4.16 58.32 44.28
N ARG E 251 4.68 57.10 44.17
CA ARG E 251 5.96 56.72 44.85
C ARG E 251 7.24 56.91 44.00
N GLY E 252 7.09 57.58 42.86
CA GLY E 252 8.26 58.00 42.01
C GLY E 252 8.79 56.95 41.02
N TYR E 253 8.09 55.84 40.88
CA TYR E 253 8.49 54.77 39.91
C TYR E 253 7.96 55.14 38.51
N GLY E 254 8.51 56.22 37.97
CA GLY E 254 8.05 56.79 36.69
C GLY E 254 8.29 55.92 35.45
N GLY E 255 9.33 55.11 35.52
CA GLY E 255 9.69 54.25 34.41
C GLY E 255 8.66 53.14 34.19
N ILE E 256 8.52 52.27 35.16
CA ILE E 256 7.51 51.17 35.06
C ILE E 256 6.07 51.69 34.96
N TYR E 257 5.78 52.77 35.66
CA TYR E 257 4.43 53.40 35.56
C TYR E 257 4.15 53.84 34.12
N SER E 258 5.08 54.58 33.55
CA SER E 258 4.87 55.17 32.19
C SER E 258 4.74 54.09 31.11
N VAL E 259 5.57 53.06 31.21
CA VAL E 259 5.53 51.93 30.25
C VAL E 259 4.18 51.22 30.28
N GLY E 260 3.71 50.97 31.49
CA GLY E 260 2.48 50.15 31.69
C GLY E 260 1.12 50.84 31.72
N LYS E 261 1.11 52.14 31.84
CA LYS E 261 -0.14 52.88 32.15
C LYS E 261 -1.23 52.88 31.09
N ALA E 262 -0.84 52.58 29.86
CA ALA E 262 -1.82 52.57 28.75
C ALA E 262 -2.67 51.31 28.76
N ALA E 263 -2.16 50.29 29.42
CA ALA E 263 -2.77 48.96 29.35
C ALA E 263 -4.11 48.88 30.11
N PHE E 264 -4.89 47.88 29.74
CA PHE E 264 -6.12 47.52 30.46
C PHE E 264 -5.84 47.10 31.92
N GLU E 265 -4.82 46.28 32.11
CA GLU E 265 -4.37 45.85 33.44
C GLU E 265 -3.15 46.65 33.88
N ALA E 266 -3.22 47.18 35.08
CA ALA E 266 -2.22 48.10 35.58
C ALA E 266 -0.85 47.43 35.77
N PRO E 267 0.22 48.21 35.73
CA PRO E 267 1.53 47.66 35.99
C PRO E 267 1.74 47.43 37.48
N ARG E 268 2.69 46.56 37.80
CA ARG E 268 3.00 46.21 39.18
C ARG E 268 4.45 45.94 39.36
N LEU E 269 4.98 46.44 40.46
CA LEU E 269 6.32 46.09 40.90
C LEU E 269 6.11 45.14 42.04
N VAL E 270 6.48 43.90 41.81
CA VAL E 270 6.25 42.80 42.78
C VAL E 270 7.59 42.34 43.31
N THR E 271 7.79 42.48 44.60
CA THR E 271 9.05 42.03 45.24
C THR E 271 8.79 40.88 46.24
N LEU E 272 9.55 39.82 46.05
CA LEU E 272 9.48 38.62 46.89
C LEU E 272 10.78 38.49 47.69
N LEU E 273 10.65 38.08 48.95
CA LEU E 273 11.80 38.00 49.88
C LEU E 273 11.90 36.64 50.51
N TYR E 274 13.12 36.12 50.50
CA TYR E 274 13.43 34.86 51.14
C TYR E 274 14.71 35.02 51.90
N THR E 275 14.64 34.68 53.18
CA THR E 275 15.83 34.67 54.06
C THR E 275 15.99 33.28 54.63
N PRO E 276 17.13 32.62 54.38
CA PRO E 276 17.31 31.26 54.88
C PRO E 276 17.48 31.22 56.40
N LYS E 277 17.25 30.05 56.99
CA LYS E 277 17.35 29.87 58.46
C LYS E 277 18.76 30.14 58.97
N GLY E 278 19.76 29.71 58.23
CA GLY E 278 21.15 29.89 58.69
C GLY E 278 21.67 31.28 58.37
N THR E 279 22.97 31.45 58.54
CA THR E 279 23.68 32.59 57.94
C THR E 279 23.82 32.40 56.44
N PRO E 280 23.48 33.43 55.65
CA PRO E 280 23.53 33.28 54.19
C PRO E 280 24.93 33.46 53.60
N VAL E 281 25.21 32.68 52.57
CA VAL E 281 26.53 32.74 51.87
C VAL E 281 26.70 34.03 51.03
N LYS E 282 25.57 34.54 50.55
CA LYS E 282 25.50 35.81 49.80
C LYS E 282 24.10 36.40 49.89
N LYS E 283 24.03 37.70 49.70
CA LYS E 283 22.75 38.39 49.49
C LYS E 283 22.65 38.75 48.00
N VAL E 284 21.62 38.23 47.36
CA VAL E 284 21.44 38.37 45.93
C VAL E 284 20.05 38.92 45.62
N SER E 285 20.03 39.97 44.82
CA SER E 285 18.79 40.56 44.35
C SER E 285 18.55 40.20 42.88
N LEU E 286 17.45 39.55 42.61
CA LEU E 286 17.03 39.23 41.26
C LEU E 286 16.03 40.26 40.76
N VAL E 287 16.14 40.61 39.49
CA VAL E 287 15.22 41.58 38.84
C VAL E 287 14.88 41.06 37.46
N GLY E 288 13.60 40.93 37.18
CA GLY E 288 13.14 40.36 35.93
C GLY E 288 12.22 41.25 35.13
N LYS E 289 12.47 41.30 33.82
CA LYS E 289 11.60 42.02 32.83
C LYS E 289 10.34 41.18 32.66
N GLY E 290 9.24 41.72 33.16
CA GLY E 290 7.92 41.04 33.07
C GLY E 290 6.99 41.76 32.15
N ILE E 291 7.42 41.94 30.91
CA ILE E 291 6.55 42.53 29.88
C ILE E 291 5.65 41.41 29.35
N VAL E 292 4.44 41.40 29.90
CA VAL E 292 3.40 40.38 29.63
C VAL E 292 3.07 40.35 28.15
N TYR E 293 3.10 41.52 27.53
CA TYR E 293 3.00 41.63 26.05
C TYR E 293 3.63 42.97 25.60
N ASP E 294 4.50 42.88 24.59
CA ASP E 294 5.26 44.01 24.02
C ASP E 294 4.68 44.26 22.63
N CYS E 295 3.67 45.10 22.54
CA CYS E 295 3.16 45.54 21.22
C CYS E 295 4.08 46.60 20.57
N GLY E 296 4.95 47.16 21.38
CA GLY E 296 5.84 48.27 20.98
C GLY E 296 5.41 49.65 21.49
N GLY E 297 4.19 49.74 21.96
CA GLY E 297 3.58 51.01 22.33
C GLY E 297 3.31 51.81 21.07
N LEU E 298 3.41 53.12 21.19
CA LEU E 298 3.22 54.02 20.03
C LEU E 298 4.19 53.71 18.88
N ALA E 299 5.38 53.26 19.24
CA ALA E 299 6.34 52.67 18.26
C ALA E 299 5.93 51.22 17.93
N LEU E 300 4.79 51.14 17.30
CA LEU E 300 4.07 49.88 17.09
C LEU E 300 4.87 48.90 16.22
N LYS E 301 5.00 47.68 16.70
CA LYS E 301 5.63 46.60 15.95
C LYS E 301 4.77 46.21 14.79
N PRO E 302 5.39 45.97 13.61
CA PRO E 302 4.64 45.24 12.57
C PRO E 302 4.23 43.84 13.08
N ALA E 303 3.18 43.30 12.49
CA ALA E 303 2.57 42.01 12.91
C ALA E 303 3.52 40.83 12.99
N ASP E 304 4.37 40.69 11.98
CA ASP E 304 5.44 39.64 11.95
C ASP E 304 6.31 39.65 13.21
N TYR E 305 6.66 40.85 13.63
CA TYR E 305 7.53 41.08 14.81
C TYR E 305 6.78 41.02 16.14
N MET E 306 5.47 41.23 16.09
CA MET E 306 4.64 41.27 17.30
C MET E 306 4.22 39.87 17.76
N LYS E 307 4.20 38.94 16.83
CA LYS E 307 3.93 37.52 17.15
C LYS E 307 5.02 37.04 18.11
N LEU E 308 4.60 36.22 19.07
CA LEU E 308 5.50 35.68 20.13
C LEU E 308 6.02 36.72 21.16
N MET E 309 5.44 37.91 21.15
CA MET E 309 5.80 38.93 22.18
C MET E 309 5.16 38.65 23.56
N LYS E 310 4.33 37.63 23.64
CA LYS E 310 3.94 37.01 24.94
C LYS E 310 5.14 36.44 25.71
N HIS E 311 6.19 36.11 24.98
CA HIS E 311 7.46 35.64 25.57
C HIS E 311 8.27 36.74 26.24
N ASP E 312 7.81 38.00 26.16
CA ASP E 312 8.58 39.16 26.67
C ASP E 312 8.62 39.25 28.18
N MET E 313 7.97 38.30 28.82
CA MET E 313 8.04 38.17 30.30
C MET E 313 8.93 37.00 30.75
N GLY E 314 9.73 36.49 29.82
CA GLY E 314 10.56 35.29 30.07
C GLY E 314 11.60 35.49 31.15
N GLY E 315 12.06 36.73 31.29
CA GLY E 315 13.05 37.08 32.32
C GLY E 315 12.44 37.09 33.72
N ALA E 316 11.23 37.59 33.82
CA ALA E 316 10.44 37.56 35.08
C ALA E 316 10.06 36.13 35.48
N ALA E 317 9.69 35.33 34.51
CA ALA E 317 9.40 33.92 34.77
C ALA E 317 10.65 33.20 35.28
N ALA E 318 11.76 33.44 34.62
CA ALA E 318 13.04 32.77 34.95
C ALA E 318 13.48 33.04 36.39
N VAL E 319 13.45 34.30 36.71
CA VAL E 319 13.85 34.82 38.01
C VAL E 319 12.86 34.34 39.09
N PHE E 320 11.59 34.34 38.75
CA PHE E 320 10.53 33.91 39.67
C PHE E 320 10.69 32.45 40.04
N CYS E 321 10.90 31.62 39.03
CA CYS E 321 11.00 30.16 39.21
C CYS E 321 12.35 29.75 39.81
N GLY E 322 13.38 30.52 39.54
CA GLY E 322 14.70 30.33 40.22
C GLY E 322 14.55 30.57 41.72
N PHE E 323 13.81 31.61 42.03
CA PHE E 323 13.47 31.98 43.43
C PHE E 323 12.69 30.86 44.13
N LEU E 324 11.68 30.35 43.43
CA LEU E 324 10.86 29.23 43.96
C LEU E 324 11.70 28.01 44.27
N THR E 325 12.59 27.67 43.36
CA THR E 325 13.50 26.54 43.58
C THR E 325 14.35 26.77 44.82
N ALA E 326 14.88 27.97 44.97
CA ALA E 326 15.74 28.30 46.13
C ALA E 326 14.98 28.13 47.45
N VAL E 327 13.72 28.51 47.45
CA VAL E 327 12.85 28.38 48.63
C VAL E 327 12.54 26.91 48.90
N ARG E 328 12.14 26.19 47.85
CA ARG E 328 11.80 24.75 47.98
C ARG E 328 12.96 23.89 48.43
N LEU E 329 14.15 24.19 47.94
CA LEU E 329 15.39 23.47 48.34
C LEU E 329 16.12 24.08 49.51
N GLN E 330 15.58 25.18 50.03
CA GLN E 330 16.19 25.90 51.17
C GLN E 330 17.66 26.21 50.92
N GLN E 331 17.94 26.74 49.74
CA GLN E 331 19.33 27.09 49.40
C GLN E 331 19.77 28.23 50.33
N PRO E 332 21.04 28.21 50.77
CA PRO E 332 21.50 29.17 51.80
C PRO E 332 21.88 30.56 51.25
N VAL E 333 21.03 31.09 50.41
CA VAL E 333 21.23 32.41 49.82
C VAL E 333 20.06 33.29 50.22
N GLN E 334 20.37 34.49 50.66
CA GLN E 334 19.31 35.46 50.93
C GLN E 334 18.94 36.10 49.59
N LEU E 335 17.66 36.09 49.28
CA LEU E 335 17.17 36.54 47.99
C LEU E 335 16.07 37.58 48.05
N SER E 336 16.15 38.53 47.14
CA SER E 336 14.98 39.31 46.73
C SER E 336 14.74 38.95 45.27
N CYS E 337 13.49 39.01 44.88
CA CYS E 337 13.09 38.79 43.50
C CYS E 337 12.05 39.82 43.09
N THR E 338 12.48 40.76 42.26
CA THR E 338 11.62 41.86 41.85
C THR E 338 11.13 41.65 40.43
N LEU E 339 9.81 41.56 40.29
CA LEU E 339 9.17 41.35 39.00
C LEU E 339 8.67 42.67 38.49
N CYS E 340 9.15 43.06 37.33
CA CYS E 340 8.78 44.33 36.69
C CYS E 340 7.68 44.04 35.69
N LEU E 341 6.46 44.13 36.15
CA LEU E 341 5.28 43.68 35.41
C LEU E 341 4.50 44.80 34.76
N ALA E 342 4.39 44.71 33.43
CA ALA E 342 3.64 45.67 32.67
C ALA E 342 3.29 45.11 31.31
N GLU E 343 2.21 45.62 30.74
CA GLU E 343 1.93 45.41 29.34
C GLU E 343 2.29 46.72 28.61
N ASN E 344 3.07 46.59 27.55
CA ASN E 344 3.42 47.73 26.70
C ASN E 344 2.36 47.86 25.61
N ALA E 345 1.36 48.67 25.91
CA ALA E 345 0.14 48.75 25.13
C ALA E 345 0.07 50.03 24.36
N ILE E 346 -0.88 50.07 23.43
CA ILE E 346 -1.10 51.23 22.60
C ILE E 346 -2.52 51.81 22.85
N GLY E 347 -2.58 53.11 23.11
CA GLY E 347 -3.84 53.78 23.36
C GLY E 347 -3.66 55.24 23.73
N PRO E 348 -4.75 55.90 24.19
CA PRO E 348 -4.70 57.33 24.53
C PRO E 348 -3.77 57.66 25.69
N LYS E 349 -3.52 56.72 26.57
CA LYS E 349 -2.62 56.97 27.74
C LYS E 349 -1.19 56.52 27.52
N SER E 350 -0.93 56.03 26.31
CA SER E 350 0.43 55.58 25.92
C SER E 350 1.50 56.63 26.18
N TYR E 351 2.59 56.19 26.78
CA TYR E 351 3.78 57.05 26.93
C TYR E 351 4.33 57.24 25.52
N ARG E 352 4.90 58.41 25.29
CA ARG E 352 5.17 58.84 23.94
C ARG E 352 6.63 58.84 23.59
N ASN E 353 6.88 58.77 22.30
CA ASN E 353 8.20 59.08 21.71
C ASN E 353 8.38 60.60 21.76
N ASP E 354 9.04 61.06 22.80
CA ASP E 354 9.26 62.51 23.20
C ASP E 354 9.02 62.75 24.68
N ASP E 355 8.24 61.88 25.32
CA ASP E 355 7.95 62.04 26.75
C ASP E 355 9.25 61.94 27.52
N ILE E 356 9.28 62.67 28.63
CA ILE E 356 10.42 62.63 29.56
C ILE E 356 9.95 62.02 30.87
N ILE E 357 10.66 60.99 31.27
CA ILE E 357 10.33 60.18 32.45
C ILE E 357 11.26 60.51 33.59
N VAL E 358 10.67 60.67 34.77
CA VAL E 358 11.45 60.79 36.02
C VAL E 358 11.52 59.41 36.63
N MET E 359 12.68 58.80 36.54
CA MET E 359 12.87 57.43 37.05
C MET E 359 12.91 57.46 38.57
N LYS E 360 12.71 56.30 39.16
CA LYS E 360 12.84 56.18 40.63
C LYS E 360 14.22 56.64 41.10
N SER E 361 15.23 56.37 40.28
CA SER E 361 16.62 56.79 40.59
C SER E 361 16.83 58.30 40.65
N GLY E 362 15.82 59.05 40.25
CA GLY E 362 15.93 60.53 40.16
C GLY E 362 16.41 61.01 38.80
N LYS E 363 16.95 60.10 38.01
CA LYS E 363 17.43 60.43 36.66
C LYS E 363 16.31 60.51 35.66
N THR E 364 16.46 61.45 34.74
CA THR E 364 15.43 61.68 33.71
C THR E 364 15.82 61.00 32.39
N VAL E 365 14.80 60.47 31.73
CA VAL E 365 14.94 59.68 30.53
C VAL E 365 14.03 60.20 29.45
N GLU E 366 14.64 60.63 28.37
CA GLU E 366 13.92 61.05 27.18
C GLU E 366 13.60 59.81 26.35
N VAL E 367 12.33 59.60 26.10
CA VAL E 367 11.88 58.43 25.37
C VAL E 367 11.98 58.72 23.86
N ILE E 368 12.95 58.10 23.23
CA ILE E 368 13.15 58.14 21.76
C ILE E 368 12.24 57.15 21.06
N ASN E 369 12.09 56.00 21.69
CA ASN E 369 11.37 54.84 21.13
C ASN E 369 10.73 54.00 22.22
N THR E 370 9.42 53.95 22.19
CA THR E 370 8.60 53.31 23.25
C THR E 370 8.73 51.78 23.26
N ASP E 371 9.32 51.24 22.19
CA ASP E 371 9.54 49.79 22.05
C ASP E 371 10.82 49.27 22.70
N ALA E 372 11.62 50.22 23.16
CA ALA E 372 12.75 50.01 24.09
C ALA E 372 12.30 50.24 25.56
N GLU E 373 11.29 49.47 25.92
CA GLU E 373 10.54 49.61 27.20
C GLU E 373 11.17 48.82 28.32
N GLY E 374 11.84 47.75 27.96
CA GLY E 374 12.37 46.82 28.93
C GLY E 374 13.43 47.44 29.81
N ARG E 375 14.34 48.14 29.18
CA ARG E 375 15.45 48.77 29.92
C ARG E 375 14.88 49.78 30.95
N ILE E 376 13.74 50.36 30.59
CA ILE E 376 13.11 51.37 31.43
C ILE E 376 12.52 50.71 32.68
N VAL E 377 11.74 49.66 32.49
CA VAL E 377 11.13 48.98 33.65
C VAL E 377 12.20 48.36 34.54
N LEU E 378 13.25 47.86 33.93
CA LEU E 378 14.41 47.29 34.66
C LEU E 378 15.20 48.32 35.44
N GLY E 379 15.30 49.50 34.87
CA GLY E 379 15.95 50.63 35.56
C GLY E 379 15.29 50.93 36.92
N ASP E 380 13.97 50.96 36.92
CA ASP E 380 13.23 51.10 38.18
C ASP E 380 13.40 49.86 39.09
N GLY E 381 13.38 48.68 38.48
CA GLY E 381 13.56 47.41 39.21
C GLY E 381 14.88 47.33 39.96
N VAL E 382 15.96 47.63 39.28
CA VAL E 382 17.29 47.54 39.90
C VAL E 382 17.53 48.64 40.96
N PHE E 383 16.93 49.81 40.76
CA PHE E 383 17.04 50.90 41.79
C PHE E 383 16.26 50.51 43.02
N HIS E 384 15.09 49.96 42.81
CA HIS E 384 14.31 49.34 43.90
C HIS E 384 15.14 48.33 44.70
N ALA E 385 15.72 47.39 43.98
CA ALA E 385 16.49 46.29 44.63
C ALA E 385 17.70 46.79 45.40
N THR E 386 18.33 47.81 44.85
CA THR E 386 19.61 48.32 45.40
C THR E 386 19.47 49.48 46.39
N ASN E 387 18.27 50.05 46.45
CA ASN E 387 18.00 51.23 47.32
C ASN E 387 16.88 51.07 48.35
N GLU E 388 15.88 50.28 48.03
CA GLU E 388 14.57 50.31 48.76
C GLU E 388 14.29 49.10 49.65
N LEU E 389 15.18 48.13 49.66
CA LEU E 389 14.99 46.94 50.48
C LEU E 389 15.64 47.05 51.86
N SER E 390 15.33 46.09 52.72
CA SER E 390 15.85 46.06 54.11
C SER E 390 17.33 45.64 54.19
N PHE E 391 17.85 45.14 53.08
CA PHE E 391 19.29 44.88 52.95
C PHE E 391 19.81 45.43 51.62
N THR E 392 21.13 45.49 51.52
CA THR E 392 21.82 45.85 50.30
C THR E 392 22.43 44.59 49.72
N PRO E 393 22.10 44.24 48.46
CA PRO E 393 22.64 43.03 47.91
C PRO E 393 24.11 43.10 47.58
N ASP E 394 24.75 41.94 47.63
CA ASP E 394 26.15 41.75 47.18
C ASP E 394 26.22 41.58 45.65
N VAL E 395 25.15 41.03 45.09
CA VAL E 395 25.03 40.74 43.67
C VAL E 395 23.63 41.05 43.20
N VAL E 396 23.55 41.74 42.08
CA VAL E 396 22.27 42.00 41.41
C VAL E 396 22.32 41.23 40.10
N ILE E 397 21.30 40.43 39.87
CA ILE E 397 21.14 39.71 38.62
C ILE E 397 19.86 40.13 37.96
N ASP E 398 19.95 40.74 36.80
CA ASP E 398 18.72 41.05 36.07
C ASP E 398 18.62 40.16 34.85
N MET E 399 17.44 39.65 34.59
CA MET E 399 17.22 38.76 33.48
C MET E 399 16.09 39.31 32.65
N ALA E 400 16.31 39.34 31.35
CA ALA E 400 15.36 40.00 30.46
C ALA E 400 15.45 39.51 29.02
N THR E 401 14.29 39.35 28.40
CA THR E 401 14.19 39.15 26.94
C THR E 401 14.31 40.51 26.26
N LEU E 402 15.52 41.03 26.22
CA LEU E 402 15.71 42.50 26.06
C LEU E 402 15.88 43.05 24.65
N THR E 403 16.74 42.42 23.88
CA THR E 403 17.08 42.93 22.55
C THR E 403 17.08 41.87 21.46
N GLY E 404 16.69 42.28 20.27
CA GLY E 404 16.98 41.53 19.02
C GLY E 404 18.47 41.36 18.72
N ALA E 405 19.26 42.35 19.10
CA ALA E 405 20.71 42.27 18.96
C ALA E 405 21.30 41.02 19.61
N GLN E 406 20.67 40.58 20.67
CA GLN E 406 21.15 39.38 21.44
C GLN E 406 21.29 38.13 20.54
N GLY E 407 20.28 37.93 19.69
CA GLY E 407 20.26 36.78 18.77
C GLY E 407 21.37 36.87 17.72
N ILE E 408 21.51 38.07 17.20
CA ILE E 408 22.57 38.40 16.23
C ILE E 408 23.96 38.22 16.84
N ALA E 409 24.10 38.63 18.08
CA ALA E 409 25.38 38.57 18.79
C ALA E 409 25.78 37.14 19.26
N THR E 410 24.92 36.57 20.10
CA THR E 410 25.25 35.29 20.81
C THR E 410 24.35 34.11 20.46
N GLY E 411 23.32 34.37 19.69
CA GLY E 411 22.54 33.30 19.08
C GLY E 411 21.39 32.75 19.93
N ARG E 412 20.80 31.67 19.45
CA ARG E 412 19.56 31.14 20.02
C ARG E 412 19.69 30.28 21.23
N HIS E 413 20.90 29.80 21.47
CA HIS E 413 21.16 28.92 22.63
C HIS E 413 21.98 29.52 23.76
N HIS E 414 22.53 30.71 23.53
CA HIS E 414 23.40 31.35 24.52
C HIS E 414 22.85 32.71 24.89
N ALA E 415 22.49 32.86 26.15
CA ALA E 415 22.11 34.18 26.68
C ALA E 415 23.34 35.06 26.74
N GLY E 416 23.15 36.32 26.42
CA GLY E 416 24.26 37.30 26.47
C GLY E 416 24.47 37.82 27.88
N LEU E 417 25.71 37.88 28.30
CA LEU E 417 26.08 38.42 29.63
C LEU E 417 26.85 39.73 29.56
N TYR E 418 26.29 40.73 30.22
CA TYR E 418 26.93 42.03 30.39
C TYR E 418 27.18 42.20 31.88
N VAL E 419 28.45 42.19 32.26
CA VAL E 419 28.83 42.05 33.66
C VAL E 419 29.95 42.98 34.06
N ASN E 420 29.77 43.65 35.19
CA ASN E 420 30.75 44.65 35.65
C ASN E 420 32.03 44.08 36.30
N GLU E 421 32.02 42.81 36.60
CA GLU E 421 33.19 42.13 37.21
C GLU E 421 33.53 40.83 36.50
N GLU E 422 34.82 40.62 36.25
CA GLU E 422 35.32 39.40 35.60
C GLU E 422 34.91 38.13 36.39
N GLY E 423 35.04 38.18 37.72
CA GLY E 423 34.78 37.03 38.60
C GLY E 423 33.34 36.51 38.57
N ALA E 424 32.42 37.45 38.67
CA ALA E 424 30.97 37.11 38.64
C ALA E 424 30.57 36.56 37.24
N GLU E 425 31.20 37.13 36.22
CA GLU E 425 30.97 36.72 34.84
C GLU E 425 31.41 35.25 34.62
N ALA E 426 32.63 34.97 35.05
CA ALA E 426 33.21 33.61 34.94
C ALA E 426 32.35 32.60 35.66
N ALA E 427 31.86 32.99 36.81
CA ALA E 427 30.99 32.10 37.63
C ALA E 427 29.63 31.84 36.97
N MET E 428 29.04 32.86 36.37
CA MET E 428 27.75 32.67 35.66
C MET E 428 27.95 31.81 34.40
N LEU E 429 29.06 32.03 33.71
CA LEU E 429 29.45 31.18 32.54
C LEU E 429 29.60 29.71 32.91
N ARG E 430 30.31 29.48 34.01
CA ARG E 430 30.47 28.12 34.57
C ARG E 430 29.11 27.48 34.92
N ALA E 431 28.25 28.26 35.55
CA ALA E 431 26.90 27.80 35.89
C ALA E 431 26.07 27.44 34.64
N GLY E 432 26.23 28.22 33.59
CA GLY E 432 25.60 27.92 32.30
C GLY E 432 26.06 26.61 31.66
N ARG E 433 27.35 26.38 31.73
CA ARG E 433 27.95 25.13 31.19
C ARG E 433 27.60 23.91 32.01
N GLU E 434 27.46 24.07 33.31
CA GLU E 434 27.07 22.96 34.21
C GLU E 434 25.58 22.65 34.09
N SER E 435 24.78 23.70 34.01
CA SER E 435 23.32 23.59 33.98
C SER E 435 22.78 23.22 32.61
N GLY E 436 23.57 23.49 31.58
CA GLY E 436 23.10 23.37 30.17
C GLY E 436 22.43 24.62 29.62
N GLU E 437 22.13 25.54 30.52
CA GLU E 437 21.46 26.83 30.16
C GLU E 437 22.57 27.84 29.90
N THR E 438 23.18 27.64 28.76
CA THR E 438 24.45 28.30 28.41
C THR E 438 24.31 29.80 28.15
N CYS E 439 25.43 30.46 28.38
CA CYS E 439 25.58 31.90 28.27
C CYS E 439 26.84 32.23 27.49
N PHE E 440 26.94 33.46 27.04
CA PHE E 440 28.20 33.97 26.48
C PHE E 440 28.32 35.48 26.74
N PRO E 441 29.54 35.97 27.06
CA PRO E 441 29.65 37.39 27.33
C PRO E 441 29.49 38.32 26.11
N VAL E 442 28.92 39.47 26.36
CA VAL E 442 28.99 40.59 25.44
C VAL E 442 29.90 41.66 26.00
N LEU E 443 30.36 42.53 25.09
CA LEU E 443 31.29 43.59 25.40
C LEU E 443 30.83 44.42 26.62
N TYR E 444 31.71 44.52 27.60
CA TYR E 444 31.56 45.46 28.73
C TYR E 444 32.55 46.59 28.54
N CYS E 445 32.02 47.74 28.19
CA CYS E 445 32.86 48.93 27.93
C CYS E 445 32.03 50.21 28.08
N PRO E 446 31.66 50.55 29.33
CA PRO E 446 30.79 51.71 29.62
C PRO E 446 31.22 53.03 28.99
N GLU E 447 32.53 53.26 28.93
CA GLU E 447 33.03 54.52 28.32
C GLU E 447 32.62 54.65 26.85
N TYR E 448 32.44 53.52 26.16
CA TYR E 448 31.94 53.54 24.76
C TYR E 448 30.43 53.47 24.61
N HIS E 449 29.75 52.99 25.63
CA HIS E 449 28.27 52.89 25.60
C HIS E 449 27.59 54.19 25.97
N GLU E 450 28.16 54.84 26.96
CA GLU E 450 27.64 56.10 27.53
C GLU E 450 27.27 57.21 26.51
N PRO E 451 28.11 57.50 25.51
CA PRO E 451 27.78 58.57 24.55
C PRO E 451 26.62 58.29 23.63
N GLU E 452 26.22 57.03 23.53
CA GLU E 452 25.07 56.64 22.68
C GLU E 452 23.74 57.13 23.21
N PHE E 453 23.73 57.51 24.48
CA PHE E 453 22.47 57.93 25.15
C PHE E 453 22.37 59.41 25.46
N LYS E 454 23.18 60.22 24.79
CA LYS E 454 23.21 61.68 25.05
C LYS E 454 21.86 62.30 24.67
N SER E 455 21.36 63.16 25.53
CA SER E 455 20.08 63.85 25.35
C SER E 455 20.20 65.36 25.49
N ASN E 456 19.42 66.07 24.71
CA ASN E 456 19.39 67.56 24.74
C ASN E 456 18.81 68.11 26.04
N HIS E 457 17.75 67.47 26.51
CA HIS E 457 16.97 68.01 27.62
C HIS E 457 16.86 67.16 28.86
N ALA E 458 17.11 65.87 28.73
CA ALA E 458 17.06 64.95 29.88
C ALA E 458 18.45 64.42 30.19
N ASP E 459 18.60 63.68 31.30
CA ASP E 459 19.90 63.09 31.66
C ASP E 459 20.39 62.08 30.64
N MET E 460 19.44 61.37 30.05
CA MET E 460 19.73 60.36 29.01
C MET E 460 18.51 60.09 28.13
N THR E 461 18.77 59.51 26.99
CA THR E 461 17.70 58.91 26.16
C THR E 461 17.54 57.44 26.58
N ASN E 462 16.56 56.77 26.01
CA ASN E 462 16.38 55.30 26.14
C ASN E 462 16.80 54.47 24.94
N LEU E 463 17.43 55.11 23.97
CA LEU E 463 17.81 54.42 22.71
C LEU E 463 19.13 54.92 22.22
N MET E 464 19.94 53.98 21.78
CA MET E 464 21.23 54.27 21.18
C MET E 464 21.00 55.13 19.90
N GLU E 465 21.78 56.17 19.81
CA GLU E 465 21.88 57.02 18.61
C GLU E 465 22.29 56.19 17.36
N ARG E 466 23.30 55.36 17.54
CA ARG E 466 23.79 54.46 16.49
C ARG E 466 23.52 53.02 16.96
N ARG E 467 22.56 52.38 16.30
CA ARG E 467 22.12 51.00 16.64
C ARG E 467 23.21 49.95 16.44
N ASP E 468 24.19 50.25 15.58
CA ASP E 468 25.27 49.32 15.28
C ASP E 468 26.56 49.53 16.10
N ASN E 469 26.37 49.83 17.38
CA ASN E 469 27.48 50.04 18.35
C ASN E 469 27.33 49.25 19.67
N ALA E 470 27.28 47.93 19.53
CA ALA E 470 27.19 46.98 20.67
C ALA E 470 25.81 47.09 21.36
N GLY E 471 24.82 46.57 20.65
CA GLY E 471 23.41 46.71 21.02
C GLY E 471 22.94 45.92 22.23
N VAL E 472 23.59 44.82 22.49
CA VAL E 472 23.28 44.06 23.74
C VAL E 472 23.88 44.80 24.94
N SER E 473 25.09 45.27 24.75
CA SER E 473 25.87 45.95 25.80
C SER E 473 25.26 47.30 26.22
N CYS E 474 24.86 48.07 25.22
CA CYS E 474 24.27 49.40 25.48
C CYS E 474 22.97 49.35 26.29
N ALA E 475 22.15 48.34 26.04
CA ALA E 475 20.91 48.15 26.83
C ALA E 475 21.25 47.80 28.29
N GLY E 476 22.28 46.99 28.45
CA GLY E 476 22.81 46.68 29.75
C GLY E 476 23.30 47.94 30.44
N TYR E 477 24.09 48.71 29.71
CA TYR E 477 24.64 49.99 30.25
C TYR E 477 23.51 50.88 30.81
N PHE E 478 22.46 51.04 30.03
CA PHE E 478 21.32 51.90 30.40
C PHE E 478 20.80 51.53 31.79
N ILE E 479 20.60 50.23 31.98
CA ILE E 479 20.12 49.68 33.27
C ILE E 479 21.06 50.03 34.42
N THR E 480 22.35 49.93 34.18
CA THR E 480 23.35 50.23 35.24
C THR E 480 23.33 51.69 35.70
N THR E 481 22.92 52.60 34.83
CA THR E 481 22.83 54.03 35.21
C THR E 481 21.82 54.30 36.35
N HIS E 482 20.92 53.34 36.54
CA HIS E 482 19.86 53.43 37.58
C HIS E 482 20.11 52.56 38.82
N LEU E 483 21.28 51.96 38.90
CA LEU E 483 21.74 51.34 40.14
C LEU E 483 21.92 52.42 41.21
N SER E 484 21.46 52.13 42.42
CA SER E 484 21.71 53.02 43.58
C SER E 484 23.22 53.19 43.84
N PRO E 485 23.65 54.40 44.23
CA PRO E 485 25.03 54.63 44.66
C PRO E 485 25.43 53.83 45.90
N LYS E 486 24.43 53.45 46.69
CA LYS E 486 24.62 52.53 47.86
C LYS E 486 25.18 51.15 47.48
N PHE E 487 25.00 50.80 46.21
CA PHE E 487 25.42 49.49 45.69
C PHE E 487 26.84 49.54 45.10
N THR E 488 27.67 48.65 45.61
CA THR E 488 29.08 48.58 45.19
C THR E 488 29.51 47.18 44.72
N GLY E 489 28.54 46.31 44.54
CA GLY E 489 28.82 44.89 44.27
C GLY E 489 28.76 44.51 42.79
N ALA E 490 28.60 43.21 42.55
CA ALA E 490 28.59 42.66 41.19
C ALA E 490 27.22 42.78 40.53
N HIS E 491 27.22 43.25 39.31
CA HIS E 491 25.97 43.35 38.54
C HIS E 491 26.05 42.46 37.29
N ILE E 492 25.13 41.52 37.23
CA ILE E 492 25.07 40.56 36.11
C ILE E 492 23.79 40.81 35.33
N HIS E 493 23.95 41.31 34.11
CA HIS E 493 22.83 41.46 33.18
C HIS E 493 22.76 40.31 32.20
N VAL E 494 21.62 39.65 32.19
CA VAL E 494 21.39 38.44 31.36
C VAL E 494 20.32 38.72 30.33
N ASP E 495 20.76 38.80 29.08
CA ASP E 495 19.85 39.02 27.95
C ASP E 495 19.52 37.65 27.36
N LEU E 496 18.30 37.22 27.58
CA LEU E 496 17.83 35.88 27.16
C LEU E 496 16.65 35.97 26.18
N ALA E 497 16.72 36.97 25.32
CA ALA E 497 15.67 37.18 24.29
C ALA E 497 15.31 35.91 23.50
N TYR E 498 16.31 35.25 22.96
CA TYR E 498 16.10 34.04 22.13
C TYR E 498 16.13 32.68 22.86
N PRO E 499 17.00 32.51 23.86
CA PRO E 499 17.07 31.21 24.52
C PRO E 499 15.82 30.76 25.26
N VAL E 500 14.92 31.68 25.53
CA VAL E 500 13.66 31.36 26.22
C VAL E 500 12.62 30.66 25.36
N PHE E 501 12.87 30.53 24.09
CA PHE E 501 11.92 29.84 23.20
C PHE E 501 12.60 29.13 22.04
N ASN E 502 11.90 28.16 21.48
CA ASN E 502 12.27 27.57 20.22
C ASN E 502 11.00 27.37 19.39
N SER E 503 11.08 26.65 18.28
CA SER E 503 9.92 26.52 17.37
C SER E 503 8.74 25.74 17.99
N ASN E 504 8.99 25.00 19.05
CA ASN E 504 7.91 24.38 19.84
C ASN E 504 7.32 25.24 20.98
N GLY E 505 7.86 26.44 21.19
CA GLY E 505 7.40 27.32 22.28
C GLY E 505 8.45 27.53 23.33
N ALA E 506 8.01 27.80 24.56
CA ALA E 506 8.93 28.14 25.63
C ALA E 506 9.86 26.99 25.97
N THR E 507 11.07 27.34 26.37
CA THR E 507 12.09 26.37 26.78
C THR E 507 12.21 26.22 28.30
N GLY E 508 11.68 27.17 29.04
CA GLY E 508 11.92 27.26 30.50
C GLY E 508 13.37 27.55 30.87
N PHE E 509 14.06 28.25 30.00
CA PHE E 509 15.46 28.67 30.21
C PHE E 509 15.55 29.73 31.30
N GLY E 510 16.48 29.51 32.22
CA GLY E 510 16.85 30.53 33.25
C GLY E 510 16.88 30.04 34.71
N PRO E 511 15.81 29.38 35.16
CA PRO E 511 15.75 28.91 36.55
C PRO E 511 16.89 28.00 36.95
N ALA E 512 17.18 27.03 36.10
CA ALA E 512 18.27 26.06 36.42
C ALA E 512 19.65 26.69 36.41
N LEU E 513 19.83 27.61 35.48
CA LEU E 513 21.03 28.47 35.46
C LEU E 513 21.23 29.11 36.85
N LEU E 514 20.16 29.70 37.38
CA LEU E 514 20.23 30.40 38.70
C LEU E 514 20.51 29.45 39.84
N THR E 515 19.81 28.32 39.82
CA THR E 515 19.98 27.29 40.85
C THR E 515 21.45 26.87 40.92
N GLU E 516 22.01 26.56 39.76
CA GLU E 516 23.45 26.17 39.67
C GLU E 516 24.40 27.30 40.11
N TYR E 517 24.09 28.52 39.71
CA TYR E 517 24.88 29.70 40.16
C TYR E 517 24.89 29.84 41.72
N PHE E 518 23.71 29.76 42.31
CA PHE E 518 23.53 29.83 43.78
C PHE E 518 24.25 28.72 44.54
N ARG E 519 24.17 27.52 43.96
CA ARG E 519 24.82 26.30 44.48
C ARG E 519 26.33 26.44 44.66
N LYS E 520 26.95 27.24 43.79
CA LYS E 520 28.42 27.42 43.78
C LYS E 520 28.94 28.68 44.46
N LEU E 521 28.05 29.41 45.10
CA LEU E 521 28.43 30.73 45.69
C LEU E 521 29.36 30.63 46.91
N THR F 3 -21.40 57.20 25.90
CA THR F 3 -22.04 58.54 25.83
C THR F 3 -21.45 59.37 24.68
N LEU F 4 -22.25 59.56 23.64
CA LEU F 4 -21.91 60.42 22.48
C LEU F 4 -22.44 61.84 22.69
N PRO F 5 -21.85 62.84 22.01
CA PRO F 5 -22.45 64.16 22.01
C PRO F 5 -23.87 64.16 21.41
N LYS F 6 -24.74 65.01 21.96
CA LYS F 6 -26.18 65.09 21.57
C LYS F 6 -26.33 65.29 20.06
N ALA F 7 -25.51 66.16 19.49
CA ALA F 7 -25.56 66.47 18.04
C ALA F 7 -25.19 65.26 17.15
N GLU F 8 -24.24 64.46 17.62
CA GLU F 8 -23.84 63.21 16.91
C GLU F 8 -24.93 62.13 16.98
N ALA F 9 -25.53 61.97 18.15
CA ALA F 9 -26.67 61.04 18.35
C ALA F 9 -27.91 61.37 17.48
N LYS F 10 -28.24 62.65 17.39
CA LYS F 10 -29.36 63.10 16.51
C LYS F 10 -29.05 62.77 15.04
N GLU F 11 -27.82 63.04 14.65
CA GLU F 11 -27.34 62.71 13.26
C GLU F 11 -27.43 61.19 12.95
N LEU F 12 -27.04 60.38 13.93
CA LEU F 12 -27.12 58.91 13.80
C LEU F 12 -28.56 58.41 13.66
N SER F 13 -29.46 58.93 14.49
CA SER F 13 -30.93 58.60 14.42
C SER F 13 -31.54 58.95 13.09
N ALA F 14 -31.20 60.13 12.62
CA ALA F 14 -31.68 60.58 11.30
C ALA F 14 -31.14 59.70 10.17
N PHE F 15 -29.87 59.30 10.31
CA PHE F 15 -29.26 58.42 9.28
C PHE F 15 -29.93 57.05 9.28
N VAL F 16 -30.18 56.54 10.47
CA VAL F 16 -30.90 55.25 10.64
C VAL F 16 -32.23 55.31 9.89
N GLN F 17 -33.00 56.35 10.20
CA GLN F 17 -34.31 56.55 9.57
C GLN F 17 -34.21 56.60 8.05
N SER F 18 -33.21 57.32 7.55
CA SER F 18 -32.95 57.43 6.07
C SER F 18 -32.75 56.06 5.41
N CYS F 19 -32.13 55.16 6.15
CA CYS F 19 -31.90 53.80 5.63
C CYS F 19 -33.14 52.91 5.74
N VAL F 20 -33.79 52.97 6.89
CA VAL F 20 -35.07 52.22 7.13
C VAL F 20 -36.19 52.61 6.16
N GLU F 21 -36.28 53.89 5.83
CA GLU F 21 -37.35 54.43 4.95
C GLU F 21 -36.88 54.60 3.49
N TYR F 22 -35.73 54.04 3.17
CA TYR F 22 -35.14 54.22 1.82
C TYR F 22 -36.12 53.71 0.75
N LYS F 23 -36.37 54.56 -0.23
CA LYS F 23 -37.18 54.23 -1.41
C LYS F 23 -36.37 54.49 -2.68
N THR F 24 -36.51 53.59 -3.65
CA THR F 24 -35.71 53.69 -4.89
C THR F 24 -36.13 54.87 -5.78
N ASN F 25 -35.18 55.35 -6.55
CA ASN F 25 -35.42 56.38 -7.59
C ASN F 25 -35.86 55.80 -8.93
N VAL F 26 -35.89 54.48 -9.03
CA VAL F 26 -36.10 53.77 -10.33
C VAL F 26 -37.51 53.15 -10.39
N CYS F 27 -38.16 53.32 -11.54
CA CYS F 27 -39.38 52.54 -11.82
C CYS F 27 -39.26 51.92 -13.21
N PHE F 28 -40.07 50.90 -13.43
CA PHE F 28 -39.98 50.07 -14.64
C PHE F 28 -41.30 49.97 -15.40
N THR F 29 -41.19 49.99 -16.72
CA THR F 29 -42.34 49.83 -17.59
C THR F 29 -41.88 49.33 -18.95
N ASP F 30 -42.76 49.42 -19.94
CA ASP F 30 -42.46 48.95 -21.31
C ASP F 30 -42.98 49.92 -22.36
N VAL F 31 -42.55 49.74 -23.59
CA VAL F 31 -42.82 50.72 -24.66
C VAL F 31 -44.33 50.99 -24.85
N ALA F 32 -45.11 49.92 -24.92
CA ALA F 32 -46.57 50.06 -25.19
C ALA F 32 -47.28 50.77 -24.04
N ALA F 33 -46.94 50.36 -22.82
CA ALA F 33 -47.50 51.01 -21.59
C ALA F 33 -47.09 52.49 -21.47
N TYR F 34 -45.89 52.78 -21.94
CA TYR F 34 -45.33 54.17 -21.95
C TYR F 34 -46.04 55.05 -23.02
N GLU F 35 -46.18 54.51 -24.23
CA GLU F 35 -46.94 55.16 -25.33
C GLU F 35 -48.38 55.48 -24.86
N SER F 36 -48.97 54.51 -24.17
CA SER F 36 -50.36 54.64 -23.64
C SER F 36 -50.51 55.65 -22.47
N ASN F 37 -49.59 55.62 -21.53
CA ASN F 37 -49.64 56.53 -20.33
C ASN F 37 -49.11 57.94 -20.55
N GLN F 38 -48.14 58.07 -21.44
CA GLN F 38 -47.45 59.39 -21.69
C GLN F 38 -47.71 60.02 -23.06
N LYS F 39 -48.29 59.23 -23.95
CA LYS F 39 -48.82 59.76 -25.24
C LYS F 39 -47.75 60.46 -26.10
N GLY F 40 -46.53 59.94 -26.04
CA GLY F 40 -45.38 60.50 -26.82
C GLY F 40 -44.75 61.77 -26.22
N VAL F 41 -45.12 62.09 -24.99
CA VAL F 41 -44.52 63.22 -24.24
C VAL F 41 -43.40 62.63 -23.35
N LEU F 42 -42.18 63.07 -23.60
CA LEU F 42 -41.02 62.65 -22.76
C LEU F 42 -41.16 63.22 -21.35
N SER F 43 -40.60 62.48 -20.40
CA SER F 43 -40.64 62.87 -18.97
C SER F 43 -39.82 64.15 -18.65
N SER F 44 -38.78 64.38 -19.45
CA SER F 44 -37.88 65.52 -19.24
C SER F 44 -37.07 65.82 -20.49
N GLY F 45 -36.15 66.77 -20.34
CA GLY F 45 -35.27 67.20 -21.47
C GLY F 45 -34.11 66.28 -21.78
N LEU F 46 -34.10 65.13 -21.14
CA LEU F 46 -33.08 64.11 -21.41
C LEU F 46 -33.73 62.73 -21.61
N ALA F 47 -33.32 62.07 -22.67
CA ALA F 47 -33.67 60.65 -22.90
C ALA F 47 -32.44 59.82 -23.25
N VAL F 48 -32.45 58.57 -22.81
CA VAL F 48 -31.33 57.67 -23.00
C VAL F 48 -31.77 56.44 -23.77
N LEU F 49 -30.95 56.08 -24.74
CA LEU F 49 -31.19 54.89 -25.54
C LEU F 49 -29.97 53.97 -25.50
N VAL F 50 -30.17 52.78 -24.93
CA VAL F 50 -29.07 51.79 -24.76
C VAL F 50 -29.38 50.42 -25.35
N GLY F 51 -28.47 49.95 -26.18
CA GLY F 51 -28.58 48.59 -26.75
C GLY F 51 -27.36 48.19 -27.52
N THR F 52 -27.38 46.98 -28.05
CA THR F 52 -26.30 46.48 -28.91
C THR F 52 -26.34 47.11 -30.27
N HIS F 53 -25.24 46.96 -31.01
CA HIS F 53 -25.11 47.45 -32.40
C HIS F 53 -26.30 46.99 -33.25
N LYS F 54 -26.59 45.71 -33.14
CA LYS F 54 -27.73 45.11 -33.84
C LYS F 54 -29.08 45.63 -33.32
N GLN F 55 -29.25 45.65 -32.00
CA GLN F 55 -30.55 46.12 -31.40
C GLN F 55 -30.89 47.56 -31.80
N LEU F 56 -29.86 48.39 -31.85
CA LEU F 56 -30.01 49.85 -32.18
C LEU F 56 -30.47 50.07 -33.63
N ARG F 57 -30.26 49.07 -34.47
CA ARG F 57 -30.67 49.09 -35.92
C ARG F 57 -31.95 48.31 -36.23
N ASP F 58 -32.58 47.80 -35.19
CA ASP F 58 -33.90 47.16 -35.31
C ASP F 58 -34.90 48.24 -35.81
N PRO F 59 -35.78 47.88 -36.76
CA PRO F 59 -36.82 48.85 -37.23
C PRO F 59 -37.75 49.39 -36.13
N ALA F 60 -37.99 48.59 -35.09
CA ALA F 60 -38.81 49.01 -33.92
C ALA F 60 -38.25 50.26 -33.19
N VAL F 61 -36.94 50.47 -33.31
CA VAL F 61 -36.26 51.67 -32.76
C VAL F 61 -36.80 52.97 -33.40
N GLN F 62 -37.12 52.89 -34.66
CA GLN F 62 -37.68 54.05 -35.39
C GLN F 62 -39.08 54.51 -34.91
N ARG F 63 -39.78 53.64 -34.22
CA ARG F 63 -41.11 53.97 -33.65
C ARG F 63 -41.02 54.65 -32.30
N LEU F 64 -39.81 54.77 -31.78
CA LEU F 64 -39.62 55.42 -30.45
C LEU F 64 -39.87 56.91 -30.62
N PRO F 65 -40.55 57.53 -29.64
CA PRO F 65 -41.08 58.91 -29.75
C PRO F 65 -40.04 59.99 -29.98
N PHE F 66 -38.78 59.71 -29.62
CA PHE F 66 -37.67 60.71 -29.78
C PHE F 66 -36.86 60.49 -31.06
N TYR F 67 -37.18 59.44 -31.80
CA TYR F 67 -36.38 59.08 -32.98
C TYR F 67 -36.51 60.13 -34.08
N ASN F 68 -35.38 60.44 -34.70
CA ASN F 68 -35.32 61.31 -35.90
C ASN F 68 -33.98 61.13 -36.61
N PRO F 69 -33.73 61.85 -37.71
CA PRO F 69 -32.45 61.62 -38.44
C PRO F 69 -31.16 61.90 -37.67
N ALA F 70 -31.21 62.80 -36.69
CA ALA F 70 -30.04 63.10 -35.82
C ALA F 70 -29.72 61.93 -34.88
N VAL F 71 -30.77 61.33 -34.32
CA VAL F 71 -30.64 60.13 -33.49
C VAL F 71 -30.09 58.97 -34.34
N ALA F 72 -30.55 58.88 -35.57
CA ALA F 72 -30.05 57.85 -36.52
C ALA F 72 -28.56 58.02 -36.77
N GLU F 73 -28.15 59.27 -36.93
CA GLU F 73 -26.72 59.61 -37.07
C GLU F 73 -25.92 59.29 -35.77
N ALA F 74 -26.53 59.53 -34.62
CA ALA F 74 -25.92 59.19 -33.31
C ALA F 74 -25.62 57.69 -33.23
N ILE F 75 -26.56 56.90 -33.69
CA ILE F 75 -26.42 55.41 -33.75
C ILE F 75 -25.25 55.01 -34.67
N GLU F 76 -25.05 55.77 -35.74
CA GLU F 76 -23.90 55.54 -36.66
C GLU F 76 -22.54 55.94 -36.07
N ARG F 77 -22.51 57.02 -35.31
CA ARG F 77 -21.25 57.61 -34.81
C ARG F 77 -20.78 57.08 -33.44
N VAL F 78 -21.71 56.51 -32.70
CA VAL F 78 -21.41 56.03 -31.34
C VAL F 78 -20.39 54.88 -31.41
N LYS F 79 -19.45 54.89 -30.47
CA LYS F 79 -18.45 53.79 -30.37
C LYS F 79 -18.97 52.70 -29.45
N GLU F 80 -18.56 51.48 -29.74
CA GLU F 80 -18.85 50.34 -28.86
C GLU F 80 -18.31 50.63 -27.44
N GLY F 81 -19.18 50.47 -26.46
CA GLY F 81 -18.85 50.83 -25.05
C GLY F 81 -18.89 52.32 -24.73
N GLY F 82 -19.24 53.13 -25.70
CA GLY F 82 -19.30 54.59 -25.53
C GLY F 82 -20.69 55.16 -25.73
N THR F 83 -20.77 56.47 -25.55
CA THR F 83 -22.04 57.22 -25.72
C THR F 83 -21.87 58.30 -26.79
N TYR F 84 -23.01 58.78 -27.26
CA TYR F 84 -23.08 59.88 -28.24
C TYR F 84 -24.39 60.60 -28.09
N GLY F 85 -24.31 61.91 -27.89
CA GLY F 85 -25.48 62.74 -27.62
C GLY F 85 -25.87 63.66 -28.78
N VAL F 86 -27.17 63.83 -28.98
CA VAL F 86 -27.72 64.80 -29.97
C VAL F 86 -28.93 65.55 -29.45
N LEU F 87 -29.06 66.79 -29.90
CA LEU F 87 -30.24 67.61 -29.57
C LEU F 87 -31.34 67.37 -30.58
N VAL F 88 -32.55 67.23 -30.06
CA VAL F 88 -33.79 67.14 -30.90
C VAL F 88 -34.68 68.34 -30.58
N GLU F 89 -34.90 69.16 -31.60
CA GLU F 89 -35.69 70.40 -31.42
C GLU F 89 -37.19 70.13 -31.49
N GLY F 90 -37.90 70.84 -30.62
CA GLY F 90 -39.39 70.83 -30.61
C GLY F 90 -40.00 69.45 -30.37
N LEU F 91 -39.38 68.72 -29.46
CA LEU F 91 -39.90 67.43 -29.06
C LEU F 91 -40.66 67.62 -27.76
N ALA F 92 -41.90 67.16 -27.74
CA ALA F 92 -42.78 67.32 -26.56
C ALA F 92 -42.17 66.65 -25.31
N ASN F 93 -42.10 67.41 -24.24
CA ASN F 93 -41.61 66.89 -22.95
C ASN F 93 -42.21 67.63 -21.77
N ALA F 94 -42.32 66.94 -20.66
CA ALA F 94 -43.00 67.48 -19.45
C ALA F 94 -42.27 68.62 -18.76
N ALA F 95 -40.99 68.76 -19.02
CA ALA F 95 -40.18 69.90 -18.47
C ALA F 95 -40.30 71.18 -19.31
N GLY F 96 -40.96 71.06 -20.45
CA GLY F 96 -41.12 72.22 -21.36
C GLY F 96 -39.80 72.76 -21.91
N SER F 97 -38.82 71.87 -22.02
CA SER F 97 -37.50 72.21 -22.60
C SER F 97 -37.60 72.33 -24.12
N LYS F 98 -36.93 73.34 -24.67
CA LYS F 98 -36.99 73.63 -26.12
C LYS F 98 -36.35 72.51 -26.92
N PHE F 99 -35.21 72.09 -26.42
CA PHE F 99 -34.48 70.96 -27.02
C PHE F 99 -34.52 69.79 -26.06
N VAL F 100 -34.63 68.61 -26.62
CA VAL F 100 -34.44 67.37 -25.83
C VAL F 100 -33.09 66.81 -26.20
N ARG F 101 -32.33 66.44 -25.19
CA ARG F 101 -31.05 65.76 -25.43
C ARG F 101 -31.31 64.27 -25.44
N VAL F 102 -30.88 63.64 -26.51
CA VAL F 102 -30.94 62.17 -26.61
C VAL F 102 -29.53 61.60 -26.62
N VAL F 103 -29.26 60.76 -25.64
CA VAL F 103 -27.94 60.10 -25.52
C VAL F 103 -28.05 58.62 -25.85
N VAL F 104 -27.34 58.25 -26.91
CA VAL F 104 -27.29 56.84 -27.36
C VAL F 104 -26.04 56.15 -26.77
N GLY F 105 -26.24 54.93 -26.33
CA GLY F 105 -25.12 54.11 -25.79
C GLY F 105 -25.11 52.71 -26.38
N GLU F 106 -23.95 52.31 -26.88
CA GLU F 106 -23.78 50.98 -27.50
C GLU F 106 -23.16 49.97 -26.54
N VAL F 107 -23.91 48.90 -26.33
CA VAL F 107 -23.50 47.76 -25.51
C VAL F 107 -22.80 46.70 -26.39
N PRO F 108 -21.60 46.22 -26.00
CA PRO F 108 -21.01 45.11 -26.73
C PRO F 108 -21.81 43.83 -26.69
N THR F 109 -21.58 42.99 -27.68
CA THR F 109 -22.20 41.67 -27.75
C THR F 109 -21.18 40.57 -27.23
N LYS F 110 -19.89 40.88 -27.33
CA LYS F 110 -18.82 40.02 -26.78
C LYS F 110 -19.11 39.71 -25.30
N ALA F 111 -19.10 38.44 -24.98
CA ALA F 111 -19.29 37.98 -23.61
C ALA F 111 -18.73 36.58 -23.49
N SER F 112 -17.80 36.40 -22.57
CA SER F 112 -17.15 35.10 -22.34
C SER F 112 -18.14 34.19 -21.60
N ARG F 113 -17.83 32.91 -21.60
CA ARG F 113 -18.66 31.91 -20.89
C ARG F 113 -18.83 32.13 -19.39
N ASN F 114 -17.98 32.98 -18.81
CA ASN F 114 -18.05 33.32 -17.35
C ASN F 114 -18.73 34.63 -17.05
N ASN F 115 -19.34 35.20 -18.08
CA ASN F 115 -19.95 36.52 -17.97
C ASN F 115 -21.47 36.46 -18.26
N CYS F 116 -22.16 37.55 -17.91
CA CYS F 116 -23.57 37.73 -18.24
C CYS F 116 -23.64 38.21 -19.70
N PRO F 117 -24.28 37.42 -20.61
CA PRO F 117 -24.40 37.76 -22.06
C PRO F 117 -24.96 39.15 -22.38
N ALA F 118 -25.81 39.64 -21.49
CA ALA F 118 -26.40 41.01 -21.65
C ALA F 118 -25.47 42.16 -21.25
N ARG F 119 -24.32 41.84 -20.70
CA ARG F 119 -23.28 42.80 -20.35
C ARG F 119 -23.85 44.01 -19.57
N PRO F 120 -24.57 43.74 -18.47
CA PRO F 120 -25.06 44.82 -17.61
C PRO F 120 -23.97 45.75 -17.01
N ASP F 121 -22.75 45.24 -16.89
CA ASP F 121 -21.58 46.09 -16.51
C ASP F 121 -21.45 47.33 -17.42
N VAL F 122 -21.63 47.14 -18.72
CA VAL F 122 -21.52 48.27 -19.67
C VAL F 122 -22.77 49.11 -19.63
N VAL F 123 -23.90 48.46 -19.47
CA VAL F 123 -25.20 49.19 -19.34
C VAL F 123 -25.07 50.25 -18.20
N THR F 124 -24.61 49.79 -17.05
CA THR F 124 -24.38 50.68 -15.90
C THR F 124 -23.51 51.88 -16.27
N ALA F 125 -22.37 51.62 -16.90
CA ALA F 125 -21.40 52.71 -17.27
C ALA F 125 -21.98 53.68 -18.30
N LEU F 126 -22.73 53.13 -19.25
CA LEU F 126 -23.40 53.98 -20.29
C LEU F 126 -24.44 54.93 -19.69
N VAL F 127 -25.28 54.39 -18.82
CA VAL F 127 -26.34 55.22 -18.23
C VAL F 127 -25.71 56.27 -17.28
N THR F 128 -24.68 55.84 -16.55
CA THR F 128 -23.95 56.74 -15.66
C THR F 128 -23.43 57.93 -16.45
N ALA F 129 -22.78 57.64 -17.56
CA ALA F 129 -22.21 58.70 -18.43
C ALA F 129 -23.28 59.62 -19.01
N ALA F 130 -24.37 59.02 -19.45
CA ALA F 130 -25.54 59.77 -19.99
C ALA F 130 -26.20 60.69 -18.93
N LEU F 131 -26.32 60.19 -17.72
CA LEU F 131 -26.90 60.99 -16.61
C LEU F 131 -26.02 62.16 -16.13
N ASP F 132 -24.76 62.16 -16.53
CA ASP F 132 -23.83 63.30 -16.26
C ASP F 132 -24.19 64.54 -17.09
N GLU F 133 -25.00 64.33 -18.12
CA GLU F 133 -25.54 65.43 -18.96
C GLU F 133 -26.91 65.97 -18.50
N VAL F 134 -27.27 65.68 -17.26
CA VAL F 134 -28.52 66.18 -16.67
C VAL F 134 -28.37 67.68 -16.34
N LYS F 135 -29.33 68.46 -16.81
CA LYS F 135 -29.37 69.93 -16.59
C LYS F 135 -29.87 70.28 -15.18
N GLU F 136 -31.14 69.99 -14.93
CA GLU F 136 -31.83 70.35 -13.67
C GLU F 136 -31.83 69.22 -12.63
N PRO F 137 -32.21 69.52 -11.37
CA PRO F 137 -32.38 68.52 -10.32
C PRO F 137 -33.80 67.98 -10.41
N ASN F 138 -34.15 66.99 -9.60
CA ASN F 138 -35.52 66.38 -9.55
C ASN F 138 -36.31 66.14 -10.84
N THR F 139 -35.61 65.89 -11.92
CA THR F 139 -36.26 65.48 -13.18
C THR F 139 -36.39 63.97 -13.22
N THR F 140 -37.27 63.52 -14.09
CA THR F 140 -37.42 62.08 -14.43
C THR F 140 -36.80 61.85 -15.79
N VAL F 141 -35.89 60.88 -15.86
CA VAL F 141 -35.18 60.57 -17.12
C VAL F 141 -35.68 59.24 -17.67
N ASP F 142 -36.10 59.29 -18.92
CA ASP F 142 -36.59 58.07 -19.61
C ASP F 142 -35.40 57.33 -20.16
N VAL F 143 -35.25 56.11 -19.71
CA VAL F 143 -34.13 55.23 -20.14
C VAL F 143 -34.70 54.04 -20.92
N PHE F 144 -34.53 54.12 -22.23
CA PHE F 144 -35.07 53.11 -23.16
C PHE F 144 -33.99 52.07 -23.35
N VAL F 145 -34.29 50.85 -22.94
CA VAL F 145 -33.32 49.75 -23.06
C VAL F 145 -33.87 48.77 -24.06
N LEU F 146 -33.02 48.36 -24.99
CA LEU F 146 -33.40 47.43 -26.08
C LEU F 146 -33.29 45.95 -25.72
N SER F 147 -32.66 45.67 -24.59
CA SER F 147 -32.55 44.29 -24.07
C SER F 147 -33.82 43.95 -23.26
N ASN F 148 -34.19 42.67 -23.28
CA ASN F 148 -35.25 42.11 -22.39
C ASN F 148 -34.74 41.29 -21.20
N ALA F 149 -33.44 41.38 -20.93
CA ALA F 149 -32.86 40.67 -19.79
C ALA F 149 -33.14 41.48 -18.52
N VAL F 150 -34.36 41.35 -18.03
CA VAL F 150 -34.92 42.36 -17.07
C VAL F 150 -34.26 42.43 -15.70
N LEU F 151 -33.90 41.28 -15.16
CA LEU F 151 -33.25 41.25 -13.81
C LEU F 151 -31.87 41.92 -13.83
N PRO F 152 -30.96 41.47 -14.71
CA PRO F 152 -29.66 42.12 -14.74
C PRO F 152 -29.71 43.61 -15.08
N ILE F 153 -30.59 43.99 -16.00
CA ILE F 153 -30.73 45.42 -16.33
C ILE F 153 -31.28 46.21 -15.12
N ALA F 154 -32.22 45.64 -14.40
CA ALA F 154 -32.80 46.33 -13.26
C ALA F 154 -31.73 46.70 -12.24
N ALA F 155 -30.92 45.72 -11.91
CA ALA F 155 -29.82 45.90 -10.95
C ALA F 155 -28.74 46.84 -11.51
N ALA F 156 -28.49 46.74 -12.80
CA ALA F 156 -27.47 47.56 -13.48
C ALA F 156 -27.80 49.06 -13.43
N VAL F 157 -29.06 49.35 -13.69
CA VAL F 157 -29.58 50.75 -13.64
C VAL F 157 -29.71 51.26 -12.19
N ALA F 158 -30.12 50.39 -11.29
CA ALA F 158 -30.13 50.74 -9.84
C ALA F 158 -28.75 51.19 -9.32
N ARG F 159 -27.73 50.53 -9.86
CA ARG F 159 -26.27 50.76 -9.56
C ARG F 159 -25.69 52.04 -10.11
N CYS F 160 -26.31 52.54 -11.16
CA CYS F 160 -25.66 53.52 -12.02
C CYS F 160 -25.88 54.91 -11.49
N GLY F 161 -25.16 55.85 -12.09
CA GLY F 161 -25.32 57.28 -11.81
C GLY F 161 -24.85 57.69 -10.44
N LYS F 162 -25.30 58.86 -10.01
CA LYS F 162 -24.96 59.39 -8.68
C LYS F 162 -25.61 58.56 -7.59
N HIS F 163 -24.87 58.44 -6.51
CA HIS F 163 -25.24 57.55 -5.40
C HIS F 163 -26.22 58.24 -4.46
N ASN F 164 -27.15 57.46 -3.93
CA ASN F 164 -28.16 58.01 -3.00
C ASN F 164 -27.51 58.54 -1.73
N PHE F 165 -26.42 57.92 -1.34
CA PHE F 165 -25.62 58.45 -0.21
C PHE F 165 -24.79 59.65 -0.66
N SER F 166 -24.97 60.78 0.02
CA SER F 166 -24.14 61.97 -0.24
C SER F 166 -24.01 62.86 0.94
N ALA F 167 -22.82 63.43 1.07
CA ALA F 167 -22.53 64.50 2.08
C ALA F 167 -22.18 65.84 1.43
N LYS F 168 -22.34 65.93 0.13
CA LYS F 168 -22.04 67.14 -0.59
C LYS F 168 -23.12 68.22 -0.38
N ASP F 169 -22.69 69.48 -0.43
CA ASP F 169 -23.59 70.64 -0.56
C ASP F 169 -24.80 70.65 0.41
N GLY F 170 -24.50 70.48 1.70
CA GLY F 170 -25.52 70.54 2.76
C GLY F 170 -26.34 69.28 2.98
N ALA F 171 -26.09 68.23 2.19
CA ALA F 171 -26.83 66.96 2.30
C ALA F 171 -26.75 66.29 3.67
N ALA F 172 -25.71 66.59 4.43
CA ALA F 172 -25.61 66.14 5.84
C ALA F 172 -26.81 66.57 6.71
N ALA F 173 -27.36 67.72 6.40
CA ALA F 173 -28.54 68.25 7.12
C ALA F 173 -29.84 67.57 6.70
N ALA F 174 -29.79 66.88 5.56
CA ALA F 174 -30.94 66.08 5.04
C ALA F 174 -30.71 64.58 5.19
N ALA F 175 -30.06 64.22 6.29
CA ALA F 175 -29.76 62.80 6.64
C ALA F 175 -28.95 62.05 5.53
N TYR F 176 -28.13 62.81 4.82
CA TYR F 176 -27.19 62.27 3.78
C TYR F 176 -27.93 61.62 2.63
N ASN F 177 -29.13 62.14 2.37
CA ASN F 177 -29.90 61.77 1.16
C ASN F 177 -29.49 62.70 0.07
N SER F 178 -28.99 62.15 -1.02
CA SER F 178 -28.50 63.00 -2.10
C SER F 178 -29.65 63.79 -2.72
N GLY F 179 -29.40 65.04 -3.05
CA GLY F 179 -30.34 65.85 -3.84
C GLY F 179 -30.02 65.85 -5.33
N LYS F 180 -28.98 65.12 -5.70
CA LYS F 180 -28.44 65.08 -7.09
C LYS F 180 -28.85 63.87 -7.92
N VAL F 181 -29.68 63.03 -7.34
CA VAL F 181 -30.15 61.81 -7.99
C VAL F 181 -31.35 62.13 -8.85
N SER F 182 -31.34 61.63 -10.07
CA SER F 182 -32.49 61.74 -10.98
C SER F 182 -33.43 60.54 -10.81
N ARG F 183 -34.73 60.80 -10.87
CA ARG F 183 -35.73 59.70 -10.99
C ARG F 183 -35.49 59.07 -12.37
N LEU F 184 -35.48 57.75 -12.43
CA LEU F 184 -35.20 57.03 -13.70
C LEU F 184 -36.36 56.11 -14.07
N GLN F 185 -36.90 56.34 -15.25
CA GLN F 185 -37.95 55.45 -15.81
C GLN F 185 -37.35 54.55 -16.86
N VAL F 186 -37.23 53.28 -16.50
CA VAL F 186 -36.65 52.27 -17.39
C VAL F 186 -37.78 51.71 -18.24
N VAL F 187 -37.59 51.80 -19.54
CA VAL F 187 -38.58 51.38 -20.51
C VAL F 187 -38.07 50.19 -21.34
N PHE F 188 -38.56 49.00 -20.98
CA PHE F 188 -38.22 47.76 -21.72
C PHE F 188 -38.99 47.67 -23.05
N PRO F 189 -38.48 46.90 -24.01
CA PRO F 189 -39.23 46.71 -25.27
C PRO F 189 -40.58 46.02 -25.08
N GLU F 190 -40.59 45.01 -24.23
CA GLU F 190 -41.80 44.19 -23.94
C GLU F 190 -42.14 44.25 -22.47
N PRO F 191 -43.40 43.89 -22.11
CA PRO F 191 -43.74 43.85 -20.70
C PRO F 191 -42.79 42.90 -20.01
N PRO F 192 -42.22 43.32 -18.88
CA PRO F 192 -41.16 42.52 -18.31
C PRO F 192 -41.64 41.19 -17.76
N ALA F 193 -40.84 40.15 -17.99
CA ALA F 193 -41.16 38.79 -17.49
C ALA F 193 -41.32 38.75 -15.98
N ILE F 194 -40.64 39.67 -15.34
CA ILE F 194 -40.73 39.85 -13.86
C ILE F 194 -41.54 41.12 -13.65
N PRO F 195 -42.55 41.11 -12.77
CA PRO F 195 -43.40 42.30 -12.66
C PRO F 195 -42.62 43.54 -12.21
N PRO F 196 -43.02 44.73 -12.70
CA PRO F 196 -42.35 45.99 -12.33
C PRO F 196 -42.16 46.21 -10.83
N LYS F 197 -43.17 45.86 -10.04
CA LYS F 197 -43.10 46.08 -8.55
C LYS F 197 -42.03 45.20 -7.92
N ASP F 198 -41.84 44.01 -8.49
CA ASP F 198 -40.76 43.08 -8.07
C ASP F 198 -39.37 43.59 -8.46
N LEU F 199 -39.27 44.07 -9.69
CA LEU F 199 -38.02 44.71 -10.15
C LEU F 199 -37.66 45.93 -9.28
N GLU F 200 -38.67 46.67 -8.86
CA GLU F 200 -38.48 47.80 -7.94
C GLU F 200 -37.88 47.37 -6.62
N ALA F 201 -38.40 46.28 -6.07
CA ALA F 201 -37.90 45.77 -4.79
C ALA F 201 -36.41 45.36 -4.88
N VAL F 202 -36.06 44.76 -6.02
CA VAL F 202 -34.66 44.37 -6.32
C VAL F 202 -33.74 45.60 -6.42
N ALA F 203 -34.18 46.57 -7.20
CA ALA F 203 -33.45 47.84 -7.36
C ALA F 203 -33.26 48.53 -6.01
N THR F 204 -34.31 48.50 -5.19
CA THR F 204 -34.30 49.12 -3.86
C THR F 204 -33.23 48.47 -3.00
N SER F 205 -33.18 47.17 -3.06
CA SER F 205 -32.19 46.39 -2.26
C SER F 205 -30.74 46.61 -2.73
N THR F 206 -30.55 46.70 -4.02
CA THR F 206 -29.25 47.03 -4.59
C THR F 206 -28.79 48.42 -4.08
N GLN F 207 -29.70 49.38 -4.11
CA GLN F 207 -29.39 50.75 -3.71
C GLN F 207 -29.23 50.92 -2.20
N LEU F 208 -30.02 50.20 -1.43
CA LEU F 208 -29.88 50.25 0.05
C LEU F 208 -28.54 49.64 0.46
N CYS F 209 -28.23 48.51 -0.16
CA CYS F 209 -26.92 47.85 0.01
C CYS F 209 -25.79 48.85 -0.27
N GLN F 210 -25.94 49.55 -1.38
CA GLN F 210 -24.98 50.57 -1.82
C GLN F 210 -24.83 51.71 -0.80
N ARG F 211 -25.97 52.11 -0.25
CA ARG F 211 -26.04 53.14 0.79
C ARG F 211 -25.30 52.75 2.06
N LEU F 212 -25.54 51.53 2.49
CA LEU F 212 -24.89 50.98 3.72
C LEU F 212 -23.35 50.87 3.56
N VAL F 213 -22.94 50.46 2.38
CA VAL F 213 -21.52 50.27 2.07
C VAL F 213 -20.76 51.62 1.86
N ASP F 214 -21.40 52.53 1.15
CA ASP F 214 -20.87 53.90 0.93
C ASP F 214 -20.72 54.67 2.22
N ALA F 215 -21.60 54.42 3.18
CA ALA F 215 -21.66 55.27 4.36
C ALA F 215 -20.37 55.18 5.13
N PRO F 216 -19.85 56.33 5.59
CA PRO F 216 -18.67 56.28 6.43
C PRO F 216 -18.94 55.65 7.79
N PRO F 217 -17.89 55.10 8.43
CA PRO F 217 -18.11 54.41 9.69
C PRO F 217 -18.54 55.29 10.86
N ASN F 218 -18.37 56.60 10.75
CA ASN F 218 -18.91 57.50 11.80
C ASN F 218 -20.45 57.49 11.76
N LEU F 219 -21.02 57.07 10.63
CA LEU F 219 -22.52 56.95 10.46
C LEU F 219 -23.05 55.51 10.56
N LEU F 220 -22.42 54.61 9.81
CA LEU F 220 -22.74 53.20 9.89
C LEU F 220 -21.82 52.50 10.87
N THR F 221 -22.33 52.36 12.08
CA THR F 221 -21.66 51.66 13.16
C THR F 221 -22.30 50.29 13.44
N THR F 222 -21.73 49.54 14.38
CA THR F 222 -22.36 48.30 14.80
C THR F 222 -23.74 48.57 15.37
N ALA F 223 -23.88 49.70 16.07
CA ALA F 223 -25.17 50.10 16.70
C ALA F 223 -26.19 50.53 15.67
N THR F 224 -25.81 51.39 14.76
CA THR F 224 -26.78 51.89 13.75
C THR F 224 -27.19 50.83 12.75
N PHE F 225 -26.26 49.96 12.39
CA PHE F 225 -26.57 48.84 11.50
C PHE F 225 -27.63 47.96 12.19
N THR F 226 -27.41 47.69 13.47
CA THR F 226 -28.37 46.92 14.27
C THR F 226 -29.77 47.60 14.31
N GLU F 227 -29.79 48.90 14.59
CA GLU F 227 -31.06 49.67 14.63
C GLU F 227 -31.80 49.63 13.30
N ILE F 228 -31.05 49.70 12.23
CA ILE F 228 -31.62 49.63 10.86
C ILE F 228 -32.30 48.27 10.63
N ALA F 229 -31.63 47.22 11.03
CA ALA F 229 -32.19 45.85 10.95
C ALA F 229 -33.47 45.73 11.80
N GLN F 230 -33.43 46.29 13.00
CA GLN F 230 -34.60 46.32 13.90
C GLN F 230 -35.79 47.10 13.30
N GLY F 231 -35.48 48.23 12.69
CA GLY F 231 -36.50 49.07 12.05
C GLY F 231 -37.23 48.30 10.95
N TYR F 232 -36.47 47.59 10.13
CA TYR F 232 -37.03 46.80 9.01
C TYR F 232 -37.84 45.61 9.58
N ALA F 233 -37.38 45.08 10.69
CA ALA F 233 -38.09 43.99 11.38
C ALA F 233 -39.48 44.43 11.86
N LYS F 234 -39.55 45.58 12.51
CA LYS F 234 -40.84 46.19 12.93
C LYS F 234 -41.74 46.39 11.70
N ALA F 235 -41.21 47.03 10.68
CA ALA F 235 -42.02 47.40 9.47
C ALA F 235 -42.52 46.22 8.65
N LEU F 236 -41.67 45.23 8.47
CA LEU F 236 -42.00 44.04 7.59
C LEU F 236 -42.45 42.79 8.37
N GLY F 237 -42.28 42.83 9.68
CA GLY F 237 -42.81 41.76 10.58
C GLY F 237 -42.03 40.47 10.50
N PHE F 238 -40.70 40.59 10.58
CA PHE F 238 -39.85 39.40 10.75
C PHE F 238 -39.18 39.46 12.12
N ASP F 239 -38.70 38.32 12.58
CA ASP F 239 -38.07 38.22 13.91
CA ASP F 239 -38.08 38.24 13.93
C ASP F 239 -36.60 38.68 13.92
N VAL F 240 -36.19 39.27 15.02
CA VAL F 240 -34.83 39.76 15.18
C VAL F 240 -34.31 39.36 16.55
N ASP F 241 -33.13 38.76 16.53
CA ASP F 241 -32.40 38.34 17.75
C ASP F 241 -31.04 39.04 17.78
N VAL F 242 -30.72 39.67 18.90
CA VAL F 242 -29.50 40.45 19.05
C VAL F 242 -28.73 39.99 20.28
N ILE F 243 -27.50 39.55 20.05
CA ILE F 243 -26.57 39.23 21.16
C ILE F 243 -25.48 40.32 21.16
N CYS F 244 -25.45 41.09 22.22
CA CYS F 244 -24.72 42.38 22.28
C CYS F 244 -23.56 42.34 23.28
N GLY F 245 -22.40 42.82 22.84
CA GLY F 245 -21.26 43.16 23.73
C GLY F 245 -20.76 42.05 24.64
N ASP F 246 -20.75 42.33 25.94
CA ASP F 246 -20.24 41.36 26.93
C ASP F 246 -21.04 40.05 26.99
N ASP F 247 -22.31 40.10 26.61
CA ASP F 247 -23.16 38.86 26.50
C ASP F 247 -22.61 37.85 25.49
N LEU F 248 -21.93 38.37 24.47
CA LEU F 248 -21.20 37.49 23.49
C LEU F 248 -20.13 36.65 24.20
N CYS F 249 -19.38 37.30 25.06
CA CYS F 249 -18.37 36.59 25.90
C CYS F 249 -19.02 35.57 26.85
N GLU F 250 -20.05 36.02 27.60
CA GLU F 250 -20.75 35.15 28.59
C GLU F 250 -21.37 33.92 27.94
N ARG F 251 -21.83 34.10 26.72
CA ARG F 251 -22.45 33.00 25.95
C ARG F 251 -21.49 32.17 25.04
N GLY F 252 -20.19 32.41 25.17
CA GLY F 252 -19.14 31.59 24.49
C GLY F 252 -18.78 32.00 23.06
N TYR F 253 -19.32 33.14 22.61
CA TYR F 253 -18.97 33.67 21.27
C TYR F 253 -17.63 34.46 21.31
N GLY F 254 -16.55 33.71 21.57
CA GLY F 254 -15.22 34.29 21.81
C GLY F 254 -14.60 34.96 20.58
N GLY F 255 -14.98 34.49 19.41
CA GLY F 255 -14.42 35.00 18.14
C GLY F 255 -14.88 36.42 17.86
N ILE F 256 -16.18 36.57 17.67
CA ILE F 256 -16.77 37.91 17.42
C ILE F 256 -16.56 38.88 18.61
N TYR F 257 -16.63 38.36 19.81
CA TYR F 257 -16.37 39.19 21.00
C TYR F 257 -14.94 39.75 20.97
N SER F 258 -13.96 38.86 20.77
CA SER F 258 -12.53 39.26 20.83
C SER F 258 -12.16 40.25 19.73
N VAL F 259 -12.68 40.02 18.53
CA VAL F 259 -12.45 40.93 17.40
C VAL F 259 -12.97 42.34 17.72
N GLY F 260 -14.20 42.41 18.24
CA GLY F 260 -14.94 43.69 18.40
C GLY F 260 -14.78 44.45 19.71
N LYS F 261 -14.19 43.80 20.70
CA LYS F 261 -14.19 44.37 22.08
C LYS F 261 -13.38 45.65 22.32
N ALA F 262 -12.44 45.94 21.45
CA ALA F 262 -11.61 47.15 21.60
C ALA F 262 -12.35 48.41 21.17
N ALA F 263 -13.40 48.23 20.38
CA ALA F 263 -14.09 49.33 19.75
C ALA F 263 -14.93 50.15 20.72
N PHE F 264 -15.21 51.37 20.30
CA PHE F 264 -16.12 52.26 21.03
C PHE F 264 -17.54 51.68 21.10
N GLU F 265 -18.01 51.20 19.96
CA GLU F 265 -19.33 50.56 19.86
C GLU F 265 -19.15 49.06 19.92
N ALA F 266 -19.90 48.43 20.81
CA ALA F 266 -19.78 46.97 21.08
C ALA F 266 -20.16 46.12 19.87
N PRO F 267 -19.60 44.90 19.79
CA PRO F 267 -19.96 44.01 18.71
C PRO F 267 -21.31 43.36 18.95
N ARG F 268 -21.90 42.90 17.89
CA ARG F 268 -23.25 42.32 17.95
C ARG F 268 -23.38 41.19 16.96
N LEU F 269 -24.00 40.12 17.42
CA LEU F 269 -24.45 39.02 16.52
C LEU F 269 -25.96 39.17 16.35
N VAL F 270 -26.35 39.55 15.17
CA VAL F 270 -27.75 39.91 14.87
C VAL F 270 -28.32 38.87 13.93
N THR F 271 -29.34 38.16 14.39
CA THR F 271 -29.98 37.12 13.56
C THR F 271 -31.42 37.46 13.24
N LEU F 272 -31.72 37.41 11.94
CA LEU F 272 -33.04 37.72 11.42
C LEU F 272 -33.66 36.43 10.88
N LEU F 273 -34.95 36.25 11.15
CA LEU F 273 -35.70 35.01 10.73
C LEU F 273 -36.92 35.34 9.90
N TYR F 274 -37.02 34.65 8.79
CA TYR F 274 -38.20 34.74 7.91
C TYR F 274 -38.65 33.33 7.55
N THR F 275 -39.91 33.06 7.81
CA THR F 275 -40.55 31.77 7.44
C THR F 275 -41.73 32.08 6.54
N PRO F 276 -41.71 31.56 5.30
CA PRO F 276 -42.81 31.88 4.38
C PRO F 276 -44.13 31.19 4.79
N LYS F 277 -45.22 31.73 4.25
CA LYS F 277 -46.56 31.15 4.37
C LYS F 277 -46.45 29.87 3.57
N GLY F 278 -46.95 28.78 4.13
CA GLY F 278 -46.91 27.48 3.39
C GLY F 278 -45.52 26.86 3.42
N THR F 279 -45.34 25.78 2.67
CA THR F 279 -44.17 24.88 2.80
C THR F 279 -42.94 25.42 1.99
N PRO F 280 -41.78 25.58 2.67
CA PRO F 280 -40.60 26.14 1.99
C PRO F 280 -39.86 25.17 1.07
N VAL F 281 -39.33 25.69 -0.04
CA VAL F 281 -38.55 24.86 -1.01
C VAL F 281 -37.17 24.44 -0.46
N LYS F 282 -36.62 25.26 0.43
CA LYS F 282 -35.35 24.99 1.13
C LYS F 282 -35.22 25.86 2.37
N LYS F 283 -34.43 25.38 3.30
CA LYS F 283 -34.03 26.17 4.47
C LYS F 283 -32.60 26.63 4.26
N VAL F 284 -32.43 27.95 4.23
CA VAL F 284 -31.13 28.56 3.93
C VAL F 284 -30.74 29.51 5.04
N SER F 285 -29.52 29.34 5.54
CA SER F 285 -28.93 30.25 6.53
C SER F 285 -27.87 31.17 5.86
N LEU F 286 -28.12 32.47 5.92
CA LEU F 286 -27.16 33.48 5.43
C LEU F 286 -26.31 33.99 6.60
N VAL F 287 -25.02 34.16 6.33
CA VAL F 287 -24.08 34.69 7.34
C VAL F 287 -23.21 35.75 6.65
N GLY F 288 -23.17 36.94 7.21
CA GLY F 288 -22.42 38.08 6.58
C GLY F 288 -21.38 38.72 7.48
N LYS F 289 -20.21 38.94 6.89
CA LYS F 289 -19.10 39.66 7.57
C LYS F 289 -19.51 41.12 7.64
N GLY F 290 -19.81 41.57 8.84
CA GLY F 290 -20.18 42.97 9.09
C GLY F 290 -19.11 43.74 9.84
N ILE F 291 -17.91 43.77 9.26
CA ILE F 291 -16.80 44.58 9.82
C ILE F 291 -16.97 46.01 9.34
N VAL F 292 -17.58 46.75 10.22
CA VAL F 292 -17.99 48.15 9.99
C VAL F 292 -16.81 49.08 9.67
N TYR F 293 -15.68 48.74 10.23
CA TYR F 293 -14.37 49.28 9.84
C TYR F 293 -13.26 48.32 10.28
N ASP F 294 -12.37 48.04 9.35
CA ASP F 294 -11.22 47.12 9.53
C ASP F 294 -9.96 47.99 9.56
N CYS F 295 -9.55 48.44 10.74
CA CYS F 295 -8.26 49.15 10.86
C CYS F 295 -7.06 48.17 10.89
N GLY F 296 -7.38 46.90 11.08
CA GLY F 296 -6.40 45.81 11.19
C GLY F 296 -6.18 45.33 12.61
N GLY F 297 -6.66 46.12 13.57
CA GLY F 297 -6.37 45.88 14.99
C GLY F 297 -4.90 46.18 15.28
N LEU F 298 -4.33 45.44 16.24
CA LEU F 298 -2.91 45.60 16.59
C LEU F 298 -1.99 45.42 15.37
N ALA F 299 -2.42 44.58 14.43
CA ALA F 299 -1.77 44.42 13.09
C ALA F 299 -2.29 45.52 12.20
N LEU F 300 -1.92 46.73 12.59
CA LEU F 300 -2.44 47.93 11.99
C LEU F 300 -2.11 48.01 10.49
N LYS F 301 -3.11 48.31 9.73
CA LYS F 301 -2.93 48.60 8.29
C LYS F 301 -2.21 49.92 8.08
N PRO F 302 -1.28 49.97 7.11
CA PRO F 302 -0.85 51.31 6.64
C PRO F 302 -2.01 52.09 6.03
N ALA F 303 -1.87 53.39 6.01
CA ALA F 303 -2.96 54.30 5.63
C ALA F 303 -3.54 54.06 4.23
N ASP F 304 -2.67 53.84 3.27
CA ASP F 304 -3.06 53.48 1.87
C ASP F 304 -4.05 52.29 1.82
N TYR F 305 -3.77 51.30 2.65
CA TYR F 305 -4.58 50.06 2.73
C TYR F 305 -5.81 50.19 3.61
N MET F 306 -5.79 51.16 4.52
CA MET F 306 -6.91 51.36 5.47
C MET F 306 -8.06 52.15 4.86
N LYS F 307 -7.73 52.92 3.87
CA LYS F 307 -8.72 53.68 3.11
C LYS F 307 -9.70 52.67 2.48
N LEU F 308 -10.97 53.06 2.43
CA LEU F 308 -12.09 52.18 1.89
C LEU F 308 -12.37 50.90 2.72
N MET F 309 -11.82 50.82 3.92
CA MET F 309 -12.14 49.71 4.82
C MET F 309 -13.52 49.85 5.50
N LYS F 310 -14.20 50.97 5.26
CA LYS F 310 -15.66 51.09 5.52
C LYS F 310 -16.51 50.10 4.69
N HIS F 311 -15.96 49.68 3.56
CA HIS F 311 -16.55 48.65 2.71
C HIS F 311 -16.49 47.22 3.30
N ASP F 312 -15.82 47.05 4.44
CA ASP F 312 -15.57 45.70 5.01
C ASP F 312 -16.83 45.08 5.61
N MET F 313 -17.93 45.79 5.51
CA MET F 313 -19.25 45.26 5.92
C MET F 313 -20.16 44.94 4.71
N GLY F 314 -19.54 44.88 3.55
CA GLY F 314 -20.27 44.64 2.29
C GLY F 314 -20.96 43.30 2.18
N GLY F 315 -20.40 42.32 2.86
CA GLY F 315 -21.01 40.96 2.94
C GLY F 315 -22.26 40.92 3.83
N ALA F 316 -22.20 41.60 4.94
CA ALA F 316 -23.39 41.78 5.83
C ALA F 316 -24.49 42.58 5.13
N ALA F 317 -24.11 43.62 4.40
CA ALA F 317 -25.10 44.42 3.67
C ALA F 317 -25.79 43.55 2.60
N ALA F 318 -24.98 42.79 1.89
CA ALA F 318 -25.46 41.97 0.74
C ALA F 318 -26.50 40.92 1.19
N VAL F 319 -26.13 40.27 2.25
CA VAL F 319 -26.92 39.23 2.90
C VAL F 319 -28.20 39.86 3.54
N PHE F 320 -28.03 41.02 4.16
CA PHE F 320 -29.17 41.74 4.78
C PHE F 320 -30.21 42.13 3.73
N CYS F 321 -29.73 42.68 2.63
CA CYS F 321 -30.62 43.22 1.60
C CYS F 321 -31.19 42.11 0.71
N GLY F 322 -30.46 41.02 0.56
CA GLY F 322 -31.02 39.82 -0.11
C GLY F 322 -32.19 39.24 0.71
N PHE F 323 -32.00 39.24 2.02
CA PHE F 323 -33.03 38.84 2.99
C PHE F 323 -34.26 39.74 2.87
N LEU F 324 -34.04 41.04 2.85
CA LEU F 324 -35.16 41.99 2.69
C LEU F 324 -35.95 41.72 1.43
N THR F 325 -35.26 41.51 0.35
CA THR F 325 -35.92 41.29 -0.94
C THR F 325 -36.78 40.03 -0.85
N ALA F 326 -36.24 38.99 -0.22
CA ALA F 326 -36.99 37.72 -0.05
C ALA F 326 -38.29 37.92 0.74
N VAL F 327 -38.22 38.77 1.78
CA VAL F 327 -39.39 39.09 2.61
C VAL F 327 -40.39 39.91 1.80
N ARG F 328 -39.89 40.92 1.10
CA ARG F 328 -40.77 41.81 0.34
C ARG F 328 -41.48 41.11 -0.82
N LEU F 329 -40.77 40.22 -1.50
CA LEU F 329 -41.34 39.43 -2.60
C LEU F 329 -41.97 38.11 -2.14
N GLN F 330 -41.93 37.87 -0.84
CA GLN F 330 -42.49 36.62 -0.25
C GLN F 330 -41.95 35.39 -0.98
N GLN F 331 -40.66 35.36 -1.19
CA GLN F 331 -40.02 34.19 -1.83
C GLN F 331 -40.21 32.97 -0.90
N PRO F 332 -40.47 31.78 -1.49
CA PRO F 332 -40.80 30.59 -0.69
C PRO F 332 -39.60 29.86 -0.09
N VAL F 333 -38.71 30.62 0.51
CA VAL F 333 -37.50 30.06 1.12
C VAL F 333 -37.54 30.44 2.59
N GLN F 334 -37.28 29.48 3.44
CA GLN F 334 -37.11 29.77 4.86
C GLN F 334 -35.67 30.25 5.10
N LEU F 335 -35.54 31.42 5.71
CA LEU F 335 -34.25 32.11 5.84
C LEU F 335 -33.91 32.47 7.25
N SER F 336 -32.64 32.27 7.57
CA SER F 336 -32.00 33.02 8.68
C SER F 336 -30.94 33.91 8.04
N CYS F 337 -30.72 35.06 8.65
CA CYS F 337 -29.70 36.01 8.22
C CYS F 337 -28.94 36.51 9.44
N THR F 338 -27.71 36.02 9.59
CA THR F 338 -26.89 36.36 10.74
C THR F 338 -25.83 37.40 10.33
N LEU F 339 -25.91 38.57 10.95
CA LEU F 339 -24.96 39.67 10.71
C LEU F 339 -23.89 39.65 11.81
N CYS F 340 -22.66 39.47 11.39
CA CYS F 340 -21.51 39.44 12.32
C CYS F 340 -20.91 40.84 12.39
N LEU F 341 -21.40 41.62 13.35
CA LEU F 341 -21.12 43.06 13.42
C LEU F 341 -20.05 43.37 14.42
N ALA F 342 -18.96 43.96 13.93
CA ALA F 342 -17.88 44.43 14.82
C ALA F 342 -17.04 45.46 14.11
N GLU F 343 -16.42 46.30 14.91
CA GLU F 343 -15.36 47.17 14.40
C GLU F 343 -14.06 46.56 14.87
N ASN F 344 -13.14 46.39 13.94
CA ASN F 344 -11.78 45.89 14.25
C ASN F 344 -10.90 47.08 14.59
N ALA F 345 -10.84 47.39 15.86
CA ALA F 345 -10.26 48.65 16.36
C ALA F 345 -8.96 48.42 17.08
N ILE F 346 -8.27 49.51 17.33
CA ILE F 346 -6.97 49.46 18.02
C ILE F 346 -7.04 50.22 19.32
N GLY F 347 -6.58 49.59 20.38
CA GLY F 347 -6.57 50.22 21.70
C GLY F 347 -6.15 49.27 22.80
N PRO F 348 -6.30 49.67 24.07
CA PRO F 348 -5.89 48.82 25.20
C PRO F 348 -6.59 47.48 25.31
N LYS F 349 -7.80 47.39 24.80
CA LYS F 349 -8.58 46.13 24.89
C LYS F 349 -8.49 45.27 23.65
N SER F 350 -7.69 45.71 22.71
CA SER F 350 -7.44 44.99 21.46
C SER F 350 -7.04 43.54 21.71
N TYR F 351 -7.67 42.64 20.97
CA TYR F 351 -7.19 41.24 20.94
C TYR F 351 -5.83 41.23 20.23
N ARG F 352 -4.98 40.33 20.68
CA ARG F 352 -3.57 40.38 20.34
C ARG F 352 -3.11 39.32 19.37
N ASN F 353 -2.01 39.64 18.71
CA ASN F 353 -1.23 38.67 17.95
C ASN F 353 -0.49 37.81 18.95
N ASP F 354 -1.08 36.66 19.27
CA ASP F 354 -0.65 35.70 20.34
C ASP F 354 -1.83 35.23 21.22
N ASP F 355 -2.88 36.01 21.27
CA ASP F 355 -4.05 35.62 22.08
C ASP F 355 -4.61 34.32 21.53
N ILE F 356 -5.19 33.56 22.43
CA ILE F 356 -5.90 32.31 22.07
C ILE F 356 -7.39 32.47 22.38
N ILE F 357 -8.18 32.27 21.34
CA ILE F 357 -9.62 32.46 21.38
C ILE F 357 -10.31 31.12 21.52
N VAL F 358 -11.31 31.06 22.42
CA VAL F 358 -12.26 29.94 22.50
C VAL F 358 -13.49 30.29 21.68
N MET F 359 -13.60 29.71 20.51
CA MET F 359 -14.70 29.99 19.59
C MET F 359 -15.98 29.35 20.12
N LYS F 360 -17.10 29.83 19.62
CA LYS F 360 -18.40 29.27 20.00
C LYS F 360 -18.42 27.77 19.71
N SER F 361 -17.78 27.37 18.61
CA SER F 361 -17.67 25.94 18.21
C SER F 361 -16.94 25.07 19.20
N GLY F 362 -16.31 25.67 20.19
CA GLY F 362 -15.48 24.91 21.17
C GLY F 362 -14.00 24.78 20.76
N LYS F 363 -13.73 25.07 19.50
CA LYS F 363 -12.36 25.07 18.98
C LYS F 363 -11.59 26.32 19.34
N THR F 364 -10.30 26.11 19.62
CA THR F 364 -9.42 27.18 20.01
C THR F 364 -8.62 27.67 18.79
N VAL F 365 -8.47 29.00 18.74
CA VAL F 365 -7.80 29.71 17.65
C VAL F 365 -6.67 30.59 18.20
N GLU F 366 -5.45 30.29 17.78
CA GLU F 366 -4.29 31.12 18.05
C GLU F 366 -4.27 32.27 17.03
N VAL F 367 -4.30 33.48 17.53
CA VAL F 367 -4.33 34.68 16.65
C VAL F 367 -2.91 35.01 16.23
N ILE F 368 -2.59 34.76 14.98
CA ILE F 368 -1.28 35.09 14.40
C ILE F 368 -1.26 36.55 13.92
N ASN F 369 -2.39 36.96 13.38
CA ASN F 369 -2.57 38.27 12.79
C ASN F 369 -4.00 38.77 12.98
N THR F 370 -4.12 39.87 13.71
CA THR F 370 -5.44 40.42 14.07
C THR F 370 -6.21 41.00 12.89
N ASP F 371 -5.53 41.17 11.77
CA ASP F 371 -6.14 41.76 10.55
C ASP F 371 -6.84 40.72 9.65
N ALA F 372 -6.65 39.47 10.05
CA ALA F 372 -7.44 38.31 9.57
C ALA F 372 -8.60 38.03 10.53
N GLU F 373 -9.40 39.05 10.68
CA GLU F 373 -10.49 39.12 11.67
C GLU F 373 -11.82 38.57 11.14
N GLY F 374 -11.98 38.66 9.85
CA GLY F 374 -13.24 38.29 9.19
C GLY F 374 -13.57 36.80 9.31
N ARG F 375 -12.58 35.97 9.07
CA ARG F 375 -12.75 34.54 9.18
C ARG F 375 -13.14 34.16 10.61
N ILE F 376 -12.67 34.93 11.57
CA ILE F 376 -12.98 34.66 12.98
C ILE F 376 -14.42 34.95 13.29
N VAL F 377 -14.87 36.13 12.92
CA VAL F 377 -16.28 36.53 13.22
C VAL F 377 -17.25 35.60 12.47
N LEU F 378 -16.89 35.25 11.25
CA LEU F 378 -17.69 34.33 10.42
C LEU F 378 -17.72 32.90 11.00
N GLY F 379 -16.63 32.50 11.60
CA GLY F 379 -16.58 31.21 12.32
C GLY F 379 -17.66 31.08 13.40
N ASP F 380 -17.80 32.12 14.21
CA ASP F 380 -18.89 32.20 15.22
C ASP F 380 -20.27 32.31 14.54
N GLY F 381 -20.33 33.08 13.47
CA GLY F 381 -21.58 33.24 12.68
C GLY F 381 -22.13 31.93 12.14
N VAL F 382 -21.28 31.16 11.49
CA VAL F 382 -21.72 29.91 10.83
C VAL F 382 -22.05 28.83 11.88
N PHE F 383 -21.36 28.85 13.01
CA PHE F 383 -21.65 27.89 14.07
C PHE F 383 -23.01 28.24 14.66
N HIS F 384 -23.23 29.53 14.88
CA HIS F 384 -24.53 30.01 15.33
C HIS F 384 -25.66 29.51 14.40
N ALA F 385 -25.48 29.76 13.12
CA ALA F 385 -26.51 29.41 12.11
C ALA F 385 -26.77 27.90 12.06
N THR F 386 -25.72 27.13 12.24
CA THR F 386 -25.79 25.65 12.06
C THR F 386 -26.04 24.87 13.36
N ASN F 387 -25.94 25.53 14.50
CA ASN F 387 -26.11 24.88 15.80
C ASN F 387 -27.18 25.48 16.73
N GLU F 388 -27.44 26.77 16.61
CA GLU F 388 -28.18 27.52 17.67
C GLU F 388 -29.61 27.95 17.28
N LEU F 389 -29.99 27.72 16.05
CA LEU F 389 -31.32 28.12 15.58
C LEU F 389 -32.39 27.03 15.82
N SER F 390 -33.66 27.42 15.63
CA SER F 390 -34.80 26.47 15.79
C SER F 390 -34.93 25.46 14.64
N PHE F 391 -34.20 25.69 13.56
CA PHE F 391 -34.05 24.69 12.47
C PHE F 391 -32.58 24.47 12.12
N THR F 392 -32.33 23.43 11.35
CA THR F 392 -31.00 23.17 10.76
C THR F 392 -31.07 23.48 9.27
N PRO F 393 -30.19 24.36 8.76
CA PRO F 393 -30.31 24.71 7.35
C PRO F 393 -29.85 23.61 6.44
N ASP F 394 -30.40 23.63 5.24
CA ASP F 394 -29.97 22.76 4.14
C ASP F 394 -28.74 23.33 3.44
N VAL F 395 -28.67 24.66 3.44
CA VAL F 395 -27.63 25.41 2.77
C VAL F 395 -27.21 26.55 3.66
N VAL F 396 -25.91 26.70 3.81
CA VAL F 396 -25.33 27.88 4.48
C VAL F 396 -24.61 28.68 3.40
N ILE F 397 -24.96 29.95 3.30
CA ILE F 397 -24.25 30.90 2.43
C ILE F 397 -23.59 31.98 3.29
N ASP F 398 -22.26 32.06 3.25
CA ASP F 398 -21.59 33.18 3.92
C ASP F 398 -21.01 34.10 2.88
N MET F 399 -21.23 35.39 3.10
CA MET F 399 -20.74 36.41 2.16
C MET F 399 -19.84 37.36 2.91
N ALA F 400 -18.68 37.64 2.35
CA ALA F 400 -17.68 38.43 3.08
C ALA F 400 -16.69 39.10 2.15
N THR F 401 -16.36 40.34 2.48
CA THR F 401 -15.24 41.05 1.84
C THR F 401 -13.98 40.58 2.54
N LEU F 402 -13.56 39.38 2.19
CA LEU F 402 -12.63 38.62 3.08
C LEU F 402 -11.13 38.75 2.85
N THR F 403 -10.70 38.68 1.60
CA THR F 403 -9.25 38.64 1.29
C THR F 403 -8.85 39.48 0.11
N GLY F 404 -7.65 40.03 0.20
CA GLY F 404 -6.96 40.66 -0.96
C GLY F 404 -6.67 39.64 -2.07
N ALA F 405 -6.40 38.41 -1.66
CA ALA F 405 -6.17 37.30 -2.58
C ALA F 405 -7.32 37.14 -3.60
N GLN F 406 -8.53 37.48 -3.18
CA GLN F 406 -9.72 37.39 -4.05
C GLN F 406 -9.56 38.18 -5.33
N GLY F 407 -9.06 39.38 -5.21
CA GLY F 407 -8.86 40.26 -6.39
C GLY F 407 -7.82 39.70 -7.35
N ILE F 408 -6.73 39.26 -6.76
CA ILE F 408 -5.62 38.64 -7.50
C ILE F 408 -6.12 37.38 -8.24
N ALA F 409 -6.98 36.63 -7.58
CA ALA F 409 -7.46 35.31 -8.09
C ALA F 409 -8.55 35.42 -9.16
N THR F 410 -9.64 36.05 -8.79
CA THR F 410 -10.83 36.17 -9.67
C THR F 410 -11.20 37.58 -10.14
N GLY F 411 -10.51 38.59 -9.63
CA GLY F 411 -10.64 39.96 -10.16
C GLY F 411 -11.75 40.82 -9.56
N ARG F 412 -11.93 41.96 -10.17
CA ARG F 412 -12.83 42.99 -9.63
C ARG F 412 -14.30 42.84 -9.91
N HIS F 413 -14.64 42.03 -10.89
CA HIS F 413 -16.06 41.79 -11.25
C HIS F 413 -16.62 40.41 -10.88
N HIS F 414 -15.77 39.51 -10.44
CA HIS F 414 -16.20 38.15 -10.08
C HIS F 414 -15.87 37.80 -8.65
N ALA F 415 -16.91 37.57 -7.87
CA ALA F 415 -16.74 37.10 -6.50
C ALA F 415 -16.20 35.67 -6.55
N GLY F 416 -15.34 35.34 -5.61
CA GLY F 416 -14.76 34.00 -5.54
C GLY F 416 -15.67 33.07 -4.78
N LEU F 417 -15.86 31.85 -5.30
CA LEU F 417 -16.71 30.81 -4.64
C LEU F 417 -15.92 29.60 -4.16
N TYR F 418 -16.02 29.37 -2.87
CA TYR F 418 -15.42 28.22 -2.23
C TYR F 418 -16.57 27.38 -1.72
N VAL F 419 -16.77 26.22 -2.34
CA VAL F 419 -18.03 25.46 -2.16
C VAL F 419 -17.76 23.98 -1.97
N ASN F 420 -18.38 23.40 -0.94
CA ASN F 420 -18.17 21.96 -0.62
C ASN F 420 -18.91 20.95 -1.56
N GLU F 421 -19.82 21.43 -2.39
CA GLU F 421 -20.58 20.57 -3.35
C GLU F 421 -20.63 21.13 -4.74
N GLU F 422 -20.40 20.28 -5.74
CA GLU F 422 -20.38 20.72 -7.18
C GLU F 422 -21.71 21.35 -7.56
N GLY F 423 -22.80 20.76 -7.07
CA GLY F 423 -24.18 21.18 -7.47
C GLY F 423 -24.56 22.59 -7.02
N ALA F 424 -24.28 22.86 -5.76
CA ALA F 424 -24.55 24.18 -5.15
C ALA F 424 -23.68 25.27 -5.83
N GLU F 425 -22.47 24.87 -6.17
CA GLU F 425 -21.54 25.75 -6.85
C GLU F 425 -22.05 26.13 -8.23
N ALA F 426 -22.42 25.12 -9.01
CA ALA F 426 -22.97 25.33 -10.40
C ALA F 426 -24.19 26.21 -10.40
N ALA F 427 -25.05 25.98 -9.40
CA ALA F 427 -26.27 26.82 -9.22
C ALA F 427 -25.97 28.30 -8.86
N MET F 428 -24.99 28.52 -7.99
CA MET F 428 -24.59 29.91 -7.62
C MET F 428 -23.94 30.61 -8.83
N LEU F 429 -23.14 29.85 -9.59
CA LEU F 429 -22.54 30.37 -10.84
C LEU F 429 -23.59 30.80 -11.85
N ARG F 430 -24.56 29.92 -12.05
CA ARG F 430 -25.72 30.19 -12.98
C ARG F 430 -26.50 31.45 -12.49
N ALA F 431 -26.73 31.56 -11.19
CA ALA F 431 -27.38 32.76 -10.60
C ALA F 431 -26.57 34.06 -10.83
N GLY F 432 -25.25 33.94 -10.75
CA GLY F 432 -24.35 35.08 -11.06
C GLY F 432 -24.45 35.54 -12.52
N ARG F 433 -24.51 34.56 -13.43
CA ARG F 433 -24.55 34.86 -14.89
C ARG F 433 -25.91 35.42 -15.29
N GLU F 434 -26.94 35.01 -14.59
CA GLU F 434 -28.33 35.50 -14.86
C GLU F 434 -28.55 36.89 -14.25
N SER F 435 -28.05 37.06 -13.05
CA SER F 435 -28.20 38.33 -12.29
C SER F 435 -27.25 39.43 -12.74
N GLY F 436 -26.14 39.04 -13.37
CA GLY F 436 -25.07 40.01 -13.70
C GLY F 436 -24.05 40.17 -12.60
N GLU F 437 -24.38 39.67 -11.42
CA GLU F 437 -23.51 39.70 -10.24
C GLU F 437 -22.67 38.43 -10.24
N THR F 438 -21.71 38.45 -11.15
CA THR F 438 -20.93 37.27 -11.54
C THR F 438 -19.95 36.76 -10.48
N CYS F 439 -19.72 35.46 -10.54
CA CYS F 439 -18.90 34.71 -9.60
C CYS F 439 -17.99 33.79 -10.36
N PHE F 440 -16.98 33.27 -9.67
CA PHE F 440 -16.08 32.29 -10.26
C PHE F 440 -15.50 31.42 -9.15
N PRO F 441 -15.33 30.12 -9.41
CA PRO F 441 -14.87 29.32 -8.32
C PRO F 441 -13.40 29.47 -7.99
N VAL F 442 -13.10 29.26 -6.73
CA VAL F 442 -11.72 29.04 -6.31
C VAL F 442 -11.54 27.59 -5.85
N LEU F 443 -10.30 27.16 -5.81
CA LEU F 443 -9.93 25.79 -5.43
C LEU F 443 -10.62 25.35 -4.14
N TYR F 444 -11.32 24.22 -4.21
CA TYR F 444 -11.80 23.49 -3.03
C TYR F 444 -10.96 22.22 -2.85
N CYS F 445 -10.15 22.21 -1.80
CA CYS F 445 -9.24 21.13 -1.53
C CYS F 445 -8.79 21.15 -0.06
N PRO F 446 -9.70 20.81 0.87
CA PRO F 446 -9.46 20.91 2.31
C PRO F 446 -8.23 20.20 2.80
N GLU F 447 -7.93 19.06 2.21
CA GLU F 447 -6.69 18.30 2.60
C GLU F 447 -5.39 19.13 2.39
N TYR F 448 -5.39 20.02 1.41
CA TYR F 448 -4.23 20.93 1.20
C TYR F 448 -4.29 22.24 1.97
N HIS F 449 -5.48 22.65 2.38
CA HIS F 449 -5.67 23.91 3.15
C HIS F 449 -5.39 23.72 4.64
N GLU F 450 -5.82 22.57 5.14
CA GLU F 450 -5.74 22.21 6.58
C GLU F 450 -4.35 22.36 7.23
N PRO F 451 -3.26 21.89 6.58
CA PRO F 451 -1.92 22.02 7.19
C PRO F 451 -1.37 23.46 7.33
N GLU F 452 -1.95 24.39 6.60
CA GLU F 452 -1.55 25.82 6.69
C GLU F 452 -1.89 26.47 8.04
N PHE F 453 -2.79 25.82 8.80
CA PHE F 453 -3.31 26.39 10.05
C PHE F 453 -2.85 25.64 11.28
N LYS F 454 -1.78 24.86 11.16
CA LYS F 454 -1.28 24.12 12.33
C LYS F 454 -0.75 25.09 13.42
N SER F 455 -1.07 24.76 14.66
CA SER F 455 -0.68 25.54 15.85
C SER F 455 -0.04 24.69 16.94
N ASN F 456 0.93 25.27 17.62
CA ASN F 456 1.63 24.59 18.71
C ASN F 456 0.74 24.34 19.89
N HIS F 457 -0.07 25.34 20.22
CA HIS F 457 -0.84 25.31 21.50
C HIS F 457 -2.35 25.33 21.39
N ALA F 458 -2.87 25.76 20.26
CA ALA F 458 -4.31 25.80 20.03
C ALA F 458 -4.69 24.83 18.94
N ASP F 459 -5.97 24.65 18.71
CA ASP F 459 -6.45 23.73 17.66
C ASP F 459 -6.01 24.17 16.29
N MET F 460 -5.98 25.47 16.12
CA MET F 460 -5.60 26.08 14.84
C MET F 460 -5.13 27.51 15.01
N THR F 461 -4.45 28.02 13.98
CA THR F 461 -4.15 29.45 13.88
C THR F 461 -5.25 30.09 13.05
N ASN F 462 -5.21 31.41 12.94
CA ASN F 462 -6.10 32.16 12.01
C ASN F 462 -5.44 32.67 10.73
N LEU F 463 -4.22 32.23 10.49
CA LEU F 463 -3.47 32.70 9.31
C LEU F 463 -2.64 31.60 8.71
N MET F 464 -2.66 31.54 7.40
CA MET F 464 -1.85 30.56 6.65
C MET F 464 -0.37 30.82 6.92
N GLU F 465 0.32 29.75 7.17
CA GLU F 465 1.77 29.74 7.31
C GLU F 465 2.43 30.25 6.02
N ARG F 466 1.94 29.77 4.90
CA ARG F 466 2.44 30.15 3.57
C ARG F 466 1.31 30.85 2.84
N ARG F 467 1.44 32.16 2.70
CA ARG F 467 0.42 33.05 2.12
C ARG F 467 0.15 32.72 0.64
N ASP F 468 1.11 32.11 -0.01
CA ASP F 468 1.00 31.80 -1.46
C ASP F 468 0.51 30.36 -1.78
N ASN F 469 -0.47 29.91 -1.01
CA ASN F 469 -1.02 28.55 -1.14
C ASN F 469 -2.54 28.54 -1.12
N ALA F 470 -3.11 29.22 -2.10
CA ALA F 470 -4.59 29.30 -2.32
C ALA F 470 -5.25 30.12 -1.21
N GLY F 471 -5.02 31.43 -1.26
CA GLY F 471 -5.40 32.34 -0.17
C GLY F 471 -6.90 32.62 -0.03
N VAL F 472 -7.62 32.54 -1.14
CA VAL F 472 -9.07 32.67 -1.08
C VAL F 472 -9.69 31.41 -0.47
N SER F 473 -9.15 30.28 -0.89
CA SER F 473 -9.63 28.96 -0.42
C SER F 473 -9.36 28.69 1.05
N CYS F 474 -8.14 29.01 1.48
CA CYS F 474 -7.75 28.77 2.90
C CYS F 474 -8.63 29.53 3.90
N ALA F 475 -9.01 30.75 3.55
CA ALA F 475 -9.88 31.55 4.44
C ALA F 475 -11.25 30.89 4.52
N GLY F 476 -11.69 30.40 3.38
CA GLY F 476 -12.94 29.61 3.31
C GLY F 476 -12.85 28.39 4.19
N TYR F 477 -11.75 27.65 4.02
CA TYR F 477 -11.50 26.44 4.84
C TYR F 477 -11.62 26.73 6.33
N PHE F 478 -10.99 27.81 6.78
CA PHE F 478 -10.96 28.19 8.23
C PHE F 478 -12.38 28.27 8.77
N ILE F 479 -13.22 28.94 8.00
CA ILE F 479 -14.64 29.12 8.34
C ILE F 479 -15.36 27.75 8.49
N THR F 480 -15.09 26.84 7.58
CA THR F 480 -15.76 25.51 7.58
C THR F 480 -15.41 24.69 8.82
N THR F 481 -14.22 24.92 9.41
CA THR F 481 -13.83 24.20 10.64
C THR F 481 -14.76 24.49 11.83
N HIS F 482 -15.51 25.57 11.74
CA HIS F 482 -16.46 26.00 12.81
C HIS F 482 -17.94 25.75 12.47
N LEU F 483 -18.19 25.08 11.35
CA LEU F 483 -19.54 24.54 11.08
C LEU F 483 -19.87 23.50 12.16
N SER F 484 -21.10 23.56 12.65
CA SER F 484 -21.61 22.50 13.59
C SER F 484 -21.59 21.11 12.94
N PRO F 485 -21.22 20.08 13.71
CA PRO F 485 -21.34 18.69 13.23
C PRO F 485 -22.78 18.25 12.85
N LYS F 486 -23.75 18.92 13.45
CA LYS F 486 -25.17 18.76 13.09
C LYS F 486 -25.47 19.05 11.62
N PHE F 487 -24.59 19.82 11.02
CA PHE F 487 -24.82 20.31 9.65
C PHE F 487 -24.16 19.36 8.64
N THR F 488 -24.95 18.92 7.67
CA THR F 488 -24.49 17.97 6.64
C THR F 488 -24.80 18.43 5.20
N GLY F 489 -25.18 19.68 5.07
CA GLY F 489 -25.65 20.22 3.78
C GLY F 489 -24.59 20.98 3.00
N ALA F 490 -25.05 21.78 2.06
CA ALA F 490 -24.17 22.55 1.17
C ALA F 490 -23.69 23.85 1.84
N HIS F 491 -22.40 24.10 1.71
CA HIS F 491 -21.82 25.37 2.23
C HIS F 491 -21.22 26.16 1.09
N ILE F 492 -21.75 27.35 0.89
CA ILE F 492 -21.26 28.26 -0.17
C ILE F 492 -20.58 29.48 0.47
N HIS F 493 -19.27 29.57 0.30
CA HIS F 493 -18.51 30.75 0.75
C HIS F 493 -18.28 31.68 -0.41
N VAL F 494 -18.73 32.91 -0.24
CA VAL F 494 -18.65 33.96 -1.28
C VAL F 494 -17.71 35.08 -0.82
N ASP F 495 -16.57 35.14 -1.47
CA ASP F 495 -15.58 36.20 -1.20
C ASP F 495 -15.80 37.31 -2.21
N LEU F 496 -16.35 38.41 -1.74
CA LEU F 496 -16.70 39.56 -2.62
C LEU F 496 -15.93 40.84 -2.23
N ALA F 497 -14.69 40.65 -1.83
CA ALA F 497 -13.82 41.77 -1.42
C ALA F 497 -13.84 42.93 -2.44
N TYR F 498 -13.61 42.63 -3.70
CA TYR F 498 -13.53 43.66 -4.74
C TYR F 498 -14.82 44.00 -5.49
N PRO F 499 -15.67 42.99 -5.78
CA PRO F 499 -16.91 43.29 -6.52
C PRO F 499 -17.90 44.23 -5.83
N VAL F 500 -17.77 44.41 -4.52
CA VAL F 500 -18.63 45.35 -3.78
C VAL F 500 -18.34 46.84 -3.99
N PHE F 501 -17.28 47.16 -4.69
CA PHE F 501 -16.99 48.59 -4.98
C PHE F 501 -16.31 48.79 -6.31
N ASN F 502 -16.41 49.99 -6.81
CA ASN F 502 -15.56 50.44 -7.92
C ASN F 502 -15.05 51.87 -7.60
N SER F 503 -14.47 52.55 -8.57
CA SER F 503 -13.86 53.90 -8.29
C SER F 503 -14.91 54.97 -7.94
N ASN F 504 -16.18 54.71 -8.25
CA ASN F 504 -17.30 55.58 -7.80
C ASN F 504 -17.90 55.24 -6.44
N GLY F 505 -17.42 54.18 -5.83
CA GLY F 505 -17.94 53.75 -4.51
C GLY F 505 -18.63 52.40 -4.59
N ALA F 506 -19.57 52.18 -3.68
CA ALA F 506 -20.25 50.88 -3.57
C ALA F 506 -21.01 50.53 -4.85
N THR F 507 -21.02 49.24 -5.17
CA THR F 507 -21.78 48.72 -6.32
C THR F 507 -23.13 48.10 -5.95
N GLY F 508 -23.34 47.81 -4.68
CA GLY F 508 -24.53 47.07 -4.21
C GLY F 508 -24.56 45.59 -4.67
N PHE F 509 -23.38 45.05 -4.88
CA PHE F 509 -23.21 43.65 -5.36
C PHE F 509 -23.60 42.70 -4.24
N GLY F 510 -24.41 41.72 -4.60
CA GLY F 510 -24.73 40.59 -3.69
C GLY F 510 -26.21 40.24 -3.54
N PRO F 511 -27.07 41.24 -3.25
CA PRO F 511 -28.49 40.97 -3.05
C PRO F 511 -29.16 40.33 -4.24
N ALA F 512 -28.93 40.86 -5.43
CA ALA F 512 -29.59 40.33 -6.65
C ALA F 512 -29.11 38.90 -6.98
N LEU F 513 -27.83 38.67 -6.75
CA LEU F 513 -27.26 37.34 -6.84
C LEU F 513 -28.08 36.36 -5.99
N LEU F 514 -28.31 36.72 -4.74
CA LEU F 514 -29.09 35.89 -3.79
C LEU F 514 -30.55 35.68 -4.24
N THR F 515 -31.19 36.76 -4.65
CA THR F 515 -32.57 36.72 -5.14
C THR F 515 -32.69 35.73 -6.29
N GLU F 516 -31.82 35.84 -7.28
CA GLU F 516 -31.78 34.90 -8.42
C GLU F 516 -31.50 33.44 -7.98
N TYR F 517 -30.57 33.27 -7.06
CA TYR F 517 -30.26 31.93 -6.52
C TYR F 517 -31.51 31.29 -5.86
N PHE F 518 -32.16 32.06 -5.00
CA PHE F 518 -33.40 31.62 -4.30
C PHE F 518 -34.53 31.28 -5.27
N ARG F 519 -34.67 32.13 -6.29
CA ARG F 519 -35.76 31.93 -7.29
C ARG F 519 -35.62 30.62 -8.08
N LYS F 520 -34.40 30.06 -8.18
CA LYS F 520 -34.14 28.79 -8.90
C LYS F 520 -34.02 27.54 -8.03
N LEU F 521 -34.29 27.69 -6.75
CA LEU F 521 -34.07 26.57 -5.81
C LEU F 521 -35.08 25.42 -6.04
N THR G 3 40.81 47.91 -21.73
CA THR G 3 41.40 49.17 -22.26
C THR G 3 40.75 50.40 -21.61
N LEU G 4 41.52 51.05 -20.75
CA LEU G 4 41.12 52.32 -20.10
C LEU G 4 41.58 53.52 -20.94
N PRO G 5 40.94 54.69 -20.76
CA PRO G 5 41.49 55.91 -21.36
C PRO G 5 42.89 56.22 -20.84
N LYS G 6 43.73 56.77 -21.71
CA LYS G 6 45.15 57.11 -21.39
C LYS G 6 45.26 57.99 -20.11
N ALA G 7 44.37 58.97 -19.99
CA ALA G 7 44.38 59.91 -18.83
C ALA G 7 44.08 59.21 -17.49
N GLU G 8 43.18 58.22 -17.56
CA GLU G 8 42.84 57.42 -16.36
C GLU G 8 43.98 56.50 -15.95
N ALA G 9 44.61 55.87 -16.94
CA ALA G 9 45.80 54.98 -16.71
C ALA G 9 47.00 55.73 -16.10
N LYS G 10 47.27 56.93 -16.57
CA LYS G 10 48.32 57.78 -15.98
C LYS G 10 48.01 58.12 -14.53
N GLU G 11 46.76 58.46 -14.26
CA GLU G 11 46.28 58.77 -12.88
C GLU G 11 46.43 57.55 -11.93
N LEU G 12 46.10 56.38 -12.44
CA LEU G 12 46.26 55.12 -11.70
C LEU G 12 47.73 54.77 -11.37
N SER G 13 48.60 54.89 -12.37
CA SER G 13 50.09 54.74 -12.15
C SER G 13 50.66 55.70 -11.10
N ALA G 14 50.26 56.96 -11.19
CA ALA G 14 50.72 57.97 -10.22
C ALA G 14 50.19 57.65 -8.80
N PHE G 15 48.96 57.17 -8.75
CA PHE G 15 48.36 56.78 -7.44
C PHE G 15 49.09 55.57 -6.83
N VAL G 16 49.39 54.60 -7.69
CA VAL G 16 50.19 53.42 -7.29
C VAL G 16 51.52 53.88 -6.65
N GLN G 17 52.22 54.73 -7.37
CA GLN G 17 53.51 55.27 -6.91
C GLN G 17 53.38 55.98 -5.57
N SER G 18 52.33 56.78 -5.44
CA SER G 18 52.06 57.51 -4.16
C SER G 18 51.94 56.57 -2.99
N CYS G 19 51.36 55.40 -3.23
CA CYS G 19 51.19 54.38 -2.16
C CYS G 19 52.50 53.60 -1.88
N VAL G 20 53.16 53.20 -2.96
CA VAL G 20 54.47 52.51 -2.88
C VAL G 20 55.59 53.36 -2.18
N GLU G 21 55.59 54.65 -2.43
CA GLU G 21 56.61 55.59 -1.88
C GLU G 21 56.09 56.37 -0.66
N TYR G 22 54.95 55.96 -0.12
CA TYR G 22 54.36 56.65 1.03
C TYR G 22 55.36 56.72 2.21
N LYS G 23 55.55 57.94 2.72
CA LYS G 23 56.36 58.20 3.92
C LYS G 23 55.53 58.96 4.97
N THR G 24 55.69 58.58 6.23
CA THR G 24 54.88 59.16 7.32
C THR G 24 55.23 60.62 7.61
N ASN G 25 54.25 61.34 8.13
CA ASN G 25 54.44 62.73 8.61
C ASN G 25 54.87 62.82 10.06
N VAL G 26 54.95 61.66 10.72
CA VAL G 26 55.22 61.60 12.19
C VAL G 26 56.65 61.14 12.49
N CYS G 27 57.29 61.82 13.45
CA CYS G 27 58.55 61.33 14.03
C CYS G 27 58.46 61.37 15.57
N PHE G 28 59.32 60.61 16.20
CA PHE G 28 59.25 60.38 17.65
C PHE G 28 60.56 60.69 18.37
N THR G 29 60.42 61.26 19.54
CA THR G 29 61.57 61.55 20.39
C THR G 29 61.10 61.67 21.84
N ASP G 30 61.96 62.21 22.69
CA ASP G 30 61.67 62.37 24.15
C ASP G 30 62.13 63.73 24.65
N VAL G 31 61.68 64.09 25.84
CA VAL G 31 61.89 65.43 26.40
C VAL G 31 63.38 65.83 26.45
N ALA G 32 64.23 64.94 26.96
CA ALA G 32 65.69 65.26 27.13
C ALA G 32 66.37 65.43 25.76
N ALA G 33 66.07 64.54 24.85
CA ALA G 33 66.61 64.60 23.47
C ALA G 33 66.14 65.86 22.75
N TYR G 34 64.90 66.26 23.05
CA TYR G 34 64.28 67.47 22.46
C TYR G 34 64.93 68.76 23.02
N GLU G 35 65.10 68.78 24.35
CA GLU G 35 65.81 69.88 25.05
C GLU G 35 67.22 70.05 24.44
N SER G 36 67.87 68.92 24.23
CA SER G 36 69.25 68.88 23.71
C SER G 36 69.37 69.31 22.25
N ASN G 37 68.47 68.83 21.41
CA ASN G 37 68.50 69.14 19.94
C ASN G 37 67.90 70.48 19.55
N GLN G 38 66.90 70.92 20.29
CA GLN G 38 66.14 72.17 19.96
C GLN G 38 66.35 73.33 20.93
N LYS G 39 66.96 73.05 22.07
CA LYS G 39 67.44 74.10 23.01
C LYS G 39 66.32 75.04 23.51
N GLY G 40 65.13 74.48 23.70
CA GLY G 40 63.95 75.26 24.15
C GLY G 40 63.26 76.09 23.08
N VAL G 41 63.63 75.88 21.82
CA VAL G 41 62.99 76.56 20.67
C VAL G 41 61.92 75.60 20.09
N LEU G 42 60.67 76.05 20.14
CA LEU G 42 59.54 75.26 19.56
C LEU G 42 59.66 75.18 18.04
N SER G 43 59.15 74.08 17.50
CA SER G 43 59.21 73.80 16.05
C SER G 43 58.34 74.76 15.22
N SER G 44 57.27 75.27 15.84
CA SER G 44 56.32 76.18 15.17
C SER G 44 55.49 76.95 16.18
N GLY G 45 54.52 77.70 15.66
CA GLY G 45 53.63 78.53 16.51
C GLY G 45 52.51 77.77 17.18
N LEU G 46 52.55 76.44 17.08
CA LEU G 46 51.59 75.58 17.78
C LEU G 46 52.30 74.48 18.53
N ALA G 47 51.90 74.30 19.78
CA ALA G 47 52.31 73.14 20.59
C ALA G 47 51.11 72.47 21.26
N VAL G 48 51.19 71.15 21.39
CA VAL G 48 50.10 70.36 21.96
C VAL G 48 50.56 69.57 23.18
N LEU G 49 49.75 69.62 24.21
CA LEU G 49 50.04 68.94 25.46
C LEU G 49 48.88 68.05 25.83
N VAL G 50 49.16 66.77 25.88
CA VAL G 50 48.11 65.74 26.10
C VAL G 50 48.48 64.75 27.23
N GLY G 51 47.58 64.65 28.20
CA GLY G 51 47.73 63.70 29.27
C GLY G 51 46.52 63.61 30.16
N THR G 52 46.60 62.74 31.15
CA THR G 52 45.51 62.58 32.13
C THR G 52 45.48 63.77 33.10
N HIS G 53 44.37 63.89 33.83
CA HIS G 53 44.20 64.92 34.86
C HIS G 53 45.42 64.92 35.82
N LYS G 54 45.79 63.73 36.28
CA LYS G 54 46.94 63.54 37.19
C LYS G 54 48.25 63.89 36.49
N GLN G 55 48.43 63.36 35.28
CA GLN G 55 49.73 63.56 34.54
C GLN G 55 50.01 65.03 34.25
N LEU G 56 48.95 65.74 33.95
CA LEU G 56 49.01 67.20 33.65
C LEU G 56 49.43 68.05 34.86
N ARG G 57 49.25 67.50 36.06
CA ARG G 57 49.63 68.17 37.35
C ARG G 57 50.92 67.64 37.98
N ASP G 58 51.60 66.78 37.24
CA ASP G 58 52.95 66.32 37.62
C ASP G 58 53.90 67.56 37.58
N PRO G 59 54.79 67.69 38.58
CA PRO G 59 55.76 68.82 38.60
C PRO G 59 56.69 68.88 37.39
N ALA G 60 56.97 67.72 36.80
CA ALA G 60 57.79 67.64 35.54
C ALA G 60 57.19 68.44 34.36
N VAL G 61 55.87 68.63 34.39
CA VAL G 61 55.15 69.42 33.35
C VAL G 61 55.62 70.89 33.35
N GLN G 62 55.94 71.38 34.53
CA GLN G 62 56.43 72.77 34.69
C GLN G 62 57.80 73.03 34.05
N ARG G 63 58.55 71.98 33.80
CA ARG G 63 59.86 72.07 33.13
C ARG G 63 59.76 72.13 31.62
N LEU G 64 58.56 71.96 31.12
CA LEU G 64 58.35 71.96 29.64
C LEU G 64 58.52 73.39 29.13
N PRO G 65 59.17 73.56 27.96
CA PRO G 65 59.64 74.85 27.50
C PRO G 65 58.57 75.88 27.25
N PHE G 66 57.34 75.43 27.06
CA PHE G 66 56.18 76.33 26.79
C PHE G 66 55.36 76.64 28.04
N TYR G 67 55.72 76.02 29.15
CA TYR G 67 54.92 76.18 30.38
C TYR G 67 54.98 77.59 30.93
N ASN G 68 53.82 78.09 31.36
CA ASN G 68 53.69 79.38 32.05
C ASN G 68 52.35 79.45 32.79
N PRO G 69 52.05 80.56 33.50
CA PRO G 69 50.78 80.60 34.25
C PRO G 69 49.48 80.45 33.43
N ALA G 70 49.54 80.85 32.16
CA ALA G 70 48.37 80.68 31.25
C ALA G 70 48.09 79.19 30.91
N VAL G 71 49.18 78.47 30.66
CA VAL G 71 49.12 77.03 30.42
C VAL G 71 48.62 76.33 31.68
N ALA G 72 49.06 76.79 32.83
CA ALA G 72 48.60 76.25 34.11
C ALA G 72 47.08 76.45 34.25
N GLU G 73 46.61 77.61 33.86
CA GLU G 73 45.17 77.91 33.87
C GLU G 73 44.39 77.04 32.83
N ALA G 74 45.00 76.81 31.68
CA ALA G 74 44.44 75.91 30.66
C ALA G 74 44.20 74.50 31.24
N ILE G 75 45.18 74.02 32.00
CA ILE G 75 45.11 72.72 32.67
C ILE G 75 43.92 72.69 33.66
N GLU G 76 43.66 73.84 34.30
CA GLU G 76 42.53 73.94 35.27
C GLU G 76 41.17 73.98 34.58
N ARG G 77 41.12 74.61 33.43
CA ARG G 77 39.82 74.86 32.72
C ARG G 77 39.41 73.80 31.69
N VAL G 78 40.36 73.01 31.25
CA VAL G 78 40.11 71.97 30.22
C VAL G 78 39.16 70.90 30.80
N LYS G 79 38.24 70.48 29.97
CA LYS G 79 37.28 69.42 30.34
C LYS G 79 37.85 68.04 29.99
N GLU G 80 37.49 67.05 30.76
CA GLU G 80 37.86 65.65 30.47
C GLU G 80 37.35 65.29 29.08
N GLY G 81 38.25 64.77 28.25
CA GLY G 81 37.94 64.47 26.83
C GLY G 81 37.95 65.67 25.89
N GLY G 82 38.26 66.83 26.41
CA GLY G 82 38.21 68.10 25.64
C GLY G 82 39.57 68.76 25.54
N THR G 83 39.60 69.84 24.79
CA THR G 83 40.80 70.66 24.63
C THR G 83 40.56 72.10 25.10
N TYR G 84 41.66 72.80 25.34
CA TYR G 84 41.66 74.21 25.79
C TYR G 84 42.97 74.87 25.35
N GLY G 85 42.83 75.95 24.60
CA GLY G 85 43.96 76.65 23.99
C GLY G 85 44.27 78.01 24.63
N VAL G 86 45.55 78.29 24.74
CA VAL G 86 46.04 79.60 25.24
C VAL G 86 47.24 80.11 24.44
N LEU G 87 47.31 81.44 24.33
CA LEU G 87 48.46 82.10 23.68
C LEU G 87 49.56 82.37 24.69
N VAL G 88 50.78 82.08 24.29
CA VAL G 88 51.99 82.41 25.07
C VAL G 88 52.85 83.41 24.29
N GLU G 89 53.02 84.59 24.88
CA GLU G 89 53.75 85.68 24.21
C GLU G 89 55.26 85.54 24.38
N GLY G 90 55.96 85.84 23.31
CA GLY G 90 57.44 85.89 23.29
C GLY G 90 58.11 84.59 23.66
N LEU G 91 57.56 83.52 23.13
CA LEU G 91 58.15 82.19 23.28
C LEU G 91 58.92 81.84 22.02
N ALA G 92 60.18 81.47 22.19
CA ALA G 92 61.05 81.17 21.05
C ALA G 92 60.50 80.02 20.21
N ASN G 93 60.41 80.24 18.91
CA ASN G 93 59.97 79.20 17.96
C ASN G 93 60.55 79.40 16.57
N ALA G 94 60.69 78.30 15.86
CA ALA G 94 61.38 78.30 14.53
C ALA G 94 60.60 79.03 13.43
N ALA G 95 59.30 79.21 13.62
CA ALA G 95 58.46 79.96 12.65
C ALA G 95 58.52 81.48 12.87
N GLY G 96 59.16 81.89 13.95
CA GLY G 96 59.28 83.32 14.32
C GLY G 96 57.96 84.00 14.65
N SER G 97 57.01 83.20 15.11
CA SER G 97 55.67 83.69 15.44
C SER G 97 55.76 84.47 16.76
N LYS G 98 55.04 85.58 16.85
CA LYS G 98 55.04 86.43 18.08
C LYS G 98 54.41 85.73 19.27
N PHE G 99 53.27 85.09 19.01
CA PHE G 99 52.57 84.26 20.00
C PHE G 99 52.68 82.80 19.59
N VAL G 100 52.86 81.97 20.58
CA VAL G 100 52.73 80.49 20.40
C VAL G 100 51.40 80.06 21.00
N ARG G 101 50.67 79.26 20.22
CA ARG G 101 49.41 78.69 20.71
C ARG G 101 49.72 77.35 21.35
N VAL G 102 49.30 77.23 22.59
CA VAL G 102 49.45 75.94 23.33
C VAL G 102 48.07 75.37 23.58
N VAL G 103 47.85 74.17 23.05
CA VAL G 103 46.55 73.45 23.23
C VAL G 103 46.72 72.28 24.15
N VAL G 104 46.01 72.35 25.25
CA VAL G 104 46.02 71.29 26.26
C VAL G 104 44.85 70.36 25.99
N GLY G 105 45.09 69.07 26.14
CA GLY G 105 44.03 68.05 26.04
C GLY G 105 44.07 67.06 27.19
N GLU G 106 42.92 66.84 27.81
CA GLU G 106 42.80 65.91 28.94
C GLU G 106 42.22 64.54 28.52
N VAL G 107 43.01 63.52 28.82
CA VAL G 107 42.70 62.12 28.57
C VAL G 107 42.05 61.50 29.82
N PRO G 108 40.91 60.80 29.66
CA PRO G 108 40.32 60.13 30.81
C PRO G 108 41.20 58.99 31.34
N THR G 109 41.03 58.66 32.60
CA THR G 109 41.70 57.46 33.18
C THR G 109 40.76 56.26 33.16
N LYS G 110 39.45 56.54 33.15
CA LYS G 110 38.41 55.49 33.07
C LYS G 110 38.74 54.58 31.89
N ALA G 111 38.82 53.30 32.17
CA ALA G 111 39.09 52.28 31.14
C ALA G 111 38.63 50.93 31.65
N SER G 112 37.71 50.32 30.91
CA SER G 112 37.14 49.01 31.28
C SER G 112 38.18 47.94 31.01
N ARG G 113 37.96 46.77 31.59
CA ARG G 113 38.86 45.60 31.37
C ARG G 113 39.02 45.13 29.90
N ASN G 114 38.12 45.60 29.03
CA ASN G 114 38.20 45.30 27.60
C ASN G 114 38.80 46.42 26.75
N ASN G 115 39.35 47.43 27.42
CA ASN G 115 39.90 48.59 26.73
C ASN G 115 41.40 48.75 27.00
N CYS G 116 42.03 49.60 26.20
CA CYS G 116 43.43 49.99 26.38
C CYS G 116 43.48 51.05 27.48
N PRO G 117 44.15 50.77 28.62
CA PRO G 117 44.21 51.71 29.77
C PRO G 117 44.65 53.14 29.43
N ALA G 118 45.50 53.25 28.41
CA ALA G 118 46.03 54.55 27.98
C ALA G 118 45.05 55.37 27.12
N ARG G 119 43.91 54.77 26.78
CA ARG G 119 42.80 55.45 26.04
C ARG G 119 43.30 56.24 24.81
N PRO G 120 44.04 55.57 23.91
CA PRO G 120 44.52 56.18 22.70
C PRO G 120 43.40 56.67 21.77
N ASP G 121 42.22 56.09 21.88
CA ASP G 121 41.03 56.62 21.20
C ASP G 121 40.81 58.14 21.48
N VAL G 122 40.98 58.54 22.73
CA VAL G 122 40.82 59.98 23.09
C VAL G 122 42.03 60.80 22.69
N VAL G 123 43.21 60.20 22.83
CA VAL G 123 44.46 60.83 22.37
C VAL G 123 44.29 61.28 20.90
N THR G 124 43.86 60.35 20.06
CA THR G 124 43.59 60.64 18.65
C THR G 124 42.65 61.84 18.45
N ALA G 125 41.52 61.82 19.12
CA ALA G 125 40.52 62.90 19.00
C ALA G 125 41.05 64.26 19.52
N LEU G 126 41.82 64.23 20.59
CA LEU G 126 42.43 65.47 21.16
C LEU G 126 43.43 66.13 20.22
N VAL G 127 44.32 65.32 19.67
CA VAL G 127 45.33 65.85 18.77
C VAL G 127 44.67 66.34 17.46
N THR G 128 43.67 65.58 16.99
CA THR G 128 42.89 65.97 15.81
C THR G 128 42.28 67.37 15.99
N ALA G 129 41.63 67.56 17.12
CA ALA G 129 41.01 68.86 17.46
C ALA G 129 42.05 70.02 17.57
N ALA G 130 43.17 69.71 18.22
CA ALA G 130 44.28 70.69 18.37
C ALA G 130 44.90 71.08 17.03
N LEU G 131 45.07 70.11 16.14
CA LEU G 131 45.62 70.37 14.78
C LEU G 131 44.69 71.15 13.84
N ASP G 132 43.43 71.26 14.21
CA ASP G 132 42.45 72.12 13.50
C ASP G 132 42.74 73.62 13.73
N GLU G 133 43.54 73.93 14.75
CA GLU G 133 44.02 75.33 15.02
C GLU G 133 45.35 75.69 14.35
N VAL G 134 45.74 74.92 13.35
CA VAL G 134 46.99 75.17 12.61
C VAL G 134 46.76 76.35 11.66
N LYS G 135 47.67 77.32 11.73
CA LYS G 135 47.62 78.54 10.89
C LYS G 135 48.11 78.25 9.44
N GLU G 136 49.40 77.94 9.32
CA GLU G 136 50.09 77.74 8.00
C GLU G 136 50.17 76.25 7.59
N PRO G 137 50.60 75.95 6.35
CA PRO G 137 50.54 74.56 5.81
C PRO G 137 51.58 73.50 6.25
N ASN G 138 52.82 73.79 5.91
CA ASN G 138 53.99 72.85 6.05
C ASN G 138 54.80 73.11 7.30
N THR G 139 54.10 73.25 8.42
CA THR G 139 54.75 73.43 9.72
C THR G 139 54.97 72.08 10.42
N THR G 140 55.86 72.10 11.41
CA THR G 140 56.09 70.98 12.31
C THR G 140 55.46 71.31 13.64
N VAL G 141 54.62 70.41 14.13
CA VAL G 141 53.89 70.64 15.41
C VAL G 141 54.43 69.72 16.47
N ASP G 142 54.86 70.30 17.57
CA ASP G 142 55.40 69.54 18.69
C ASP G 142 54.20 69.04 19.49
N VAL G 143 54.12 67.74 19.62
CA VAL G 143 53.06 67.09 20.41
C VAL G 143 53.67 66.38 21.64
N PHE G 144 53.49 67.01 22.78
CA PHE G 144 54.06 66.52 24.05
C PHE G 144 53.04 65.62 24.68
N VAL G 145 53.39 64.36 24.83
CA VAL G 145 52.48 63.37 25.43
C VAL G 145 53.05 62.94 26.77
N LEU G 146 52.20 62.90 27.78
CA LEU G 146 52.63 62.58 29.14
C LEU G 146 52.60 61.09 29.47
N SER G 147 51.99 60.33 28.59
CA SER G 147 51.96 58.86 28.71
C SER G 147 53.26 58.27 28.13
N ASN G 148 53.67 57.15 28.70
CA ASN G 148 54.79 56.32 28.14
C ASN G 148 54.34 55.03 27.42
N ALA G 149 53.05 54.94 27.16
CA ALA G 149 52.51 53.78 26.42
C ALA G 149 52.76 53.99 24.92
N VAL G 150 54.00 53.74 24.53
CA VAL G 150 54.51 54.25 23.24
C VAL G 150 53.84 53.68 21.98
N LEU G 151 53.55 52.39 21.99
CA LEU G 151 52.95 51.75 20.80
C LEU G 151 51.54 52.28 20.54
N PRO G 152 50.64 52.22 21.55
CA PRO G 152 49.30 52.73 21.30
C PRO G 152 49.25 54.21 20.96
N ILE G 153 50.09 55.00 21.61
CA ILE G 153 50.19 56.45 21.27
C ILE G 153 50.73 56.67 19.84
N ALA G 154 51.73 55.90 19.43
CA ALA G 154 52.29 56.04 18.08
C ALA G 154 51.20 55.88 17.01
N ALA G 155 50.44 54.82 17.16
CA ALA G 155 49.33 54.50 16.22
C ALA G 155 48.20 55.53 16.32
N ALA G 156 47.93 55.96 17.53
CA ALA G 156 46.87 56.95 17.79
C ALA G 156 47.13 58.27 17.07
N VAL G 157 48.39 58.71 17.16
CA VAL G 157 48.83 59.98 16.52
C VAL G 157 48.93 59.83 15.00
N ALA G 158 49.38 58.68 14.56
CA ALA G 158 49.41 58.36 13.10
C ALA G 158 48.01 58.47 12.45
N ARG G 159 47.03 58.06 13.23
CA ARG G 159 45.58 58.05 12.86
C ARG G 159 44.93 59.42 12.82
N CYS G 160 45.52 60.34 13.56
CA CYS G 160 44.81 61.58 13.90
C CYS G 160 44.95 62.60 12.81
N GLY G 161 44.17 63.65 12.93
CA GLY G 161 44.28 64.85 12.07
C GLY G 161 43.81 64.58 10.66
N LYS G 162 44.18 65.45 9.76
CA LYS G 162 43.81 65.33 8.35
C LYS G 162 44.51 64.15 7.70
N HIS G 163 43.79 63.54 6.78
CA HIS G 163 44.23 62.26 6.19
C HIS G 163 45.19 62.52 5.04
N ASN G 164 46.17 61.65 4.89
CA ASN G 164 47.15 61.77 3.80
C ASN G 164 46.50 61.64 2.42
N PHE G 165 45.44 60.83 2.35
CA PHE G 165 44.63 60.79 1.13
C PHE G 165 43.72 62.03 1.03
N SER G 166 43.86 62.76 -0.07
CA SER G 166 42.96 63.90 -0.35
C SER G 166 42.78 64.17 -1.82
N ALA G 167 41.56 64.55 -2.18
CA ALA G 167 41.25 65.04 -3.55
C ALA G 167 40.83 66.51 -3.56
N LYS G 168 40.98 67.16 -2.42
CA LYS G 168 40.60 68.56 -2.30
C LYS G 168 41.61 69.47 -2.99
N ASP G 169 41.12 70.59 -3.51
CA ASP G 169 41.96 71.77 -3.89
C ASP G 169 43.17 71.42 -4.77
N GLY G 170 42.90 70.68 -5.84
CA GLY G 170 43.91 70.32 -6.83
C GLY G 170 44.83 69.16 -6.48
N ALA G 171 44.62 68.56 -5.31
CA ALA G 171 45.44 67.40 -4.86
C ALA G 171 45.41 66.20 -5.81
N ALA G 172 44.36 66.09 -6.60
CA ALA G 172 44.29 65.04 -7.69
C ALA G 172 45.47 65.10 -8.68
N ALA G 173 45.96 66.31 -8.89
CA ALA G 173 47.12 66.52 -9.78
C ALA G 173 48.45 66.17 -9.11
N ALA G 174 48.41 66.05 -7.79
CA ALA G 174 49.60 65.63 -6.99
C ALA G 174 49.44 64.19 -6.46
N ALA G 175 48.84 63.34 -7.29
CA ALA G 175 48.61 61.90 -6.99
C ALA G 175 47.82 61.68 -5.66
N TYR G 176 46.94 62.62 -5.35
CA TYR G 176 46.04 62.54 -4.18
C TYR G 176 46.80 62.50 -2.85
N ASN G 177 47.97 63.13 -2.84
CA ASN G 177 48.73 63.39 -1.60
C ASN G 177 48.24 64.70 -1.04
N SER G 178 47.75 64.66 0.18
CA SER G 178 47.21 65.88 0.81
C SER G 178 48.32 66.90 1.02
N GLY G 179 48.01 68.16 0.77
CA GLY G 179 48.90 69.29 1.12
C GLY G 179 48.57 69.93 2.45
N LYS G 180 47.58 69.37 3.10
CA LYS G 180 47.01 69.91 4.38
C LYS G 180 47.51 69.23 5.67
N VAL G 181 48.39 68.27 5.50
CA VAL G 181 48.90 67.49 6.63
C VAL G 181 50.08 68.23 7.27
N SER G 182 50.08 68.33 8.59
CA SER G 182 51.21 68.87 9.36
C SER G 182 52.22 67.77 9.73
N ARG G 183 53.51 68.08 9.64
CA ARG G 183 54.55 67.20 10.22
C ARG G 183 54.33 67.24 11.74
N LEU G 184 54.38 66.08 12.36
CA LEU G 184 54.14 65.97 13.83
C LEU G 184 55.33 65.36 14.54
N GLN G 185 55.86 66.11 15.50
CA GLN G 185 56.94 65.61 16.39
C GLN G 185 56.36 65.23 17.74
N VAL G 186 56.29 63.92 17.95
CA VAL G 186 55.78 63.38 19.19
C VAL G 186 56.91 63.30 20.21
N VAL G 187 56.69 63.93 21.34
CA VAL G 187 57.71 64.03 22.39
C VAL G 187 57.27 63.29 23.66
N PHE G 188 57.81 62.09 23.85
CA PHE G 188 57.51 61.27 25.06
C PHE G 188 58.25 61.81 26.29
N PRO G 189 57.76 61.51 27.50
CA PRO G 189 58.49 61.91 28.71
C PRO G 189 59.88 61.25 28.84
N GLU G 190 59.94 59.98 28.52
CA GLU G 190 61.20 59.20 28.58
C GLU G 190 61.57 58.66 27.22
N PRO G 191 62.85 58.29 27.03
CA PRO G 191 63.22 57.61 25.77
C PRO G 191 62.31 56.39 25.58
N PRO G 192 61.73 56.25 24.37
CA PRO G 192 60.72 55.22 24.21
C PRO G 192 61.30 53.81 24.30
N ALA G 193 60.57 52.94 24.98
CA ALA G 193 60.95 51.52 25.12
C ALA G 193 61.10 50.82 23.76
N ILE G 194 60.38 51.33 22.78
CA ILE G 194 60.51 50.89 21.38
C ILE G 194 61.26 51.99 20.65
N PRO G 195 62.31 51.62 19.89
CA PRO G 195 63.06 52.69 19.22
C PRO G 195 62.22 53.59 18.28
N PRO G 196 62.54 54.89 18.19
CA PRO G 196 61.82 55.82 17.32
C PRO G 196 61.65 55.38 15.87
N LYS G 197 62.67 54.77 15.30
CA LYS G 197 62.61 54.31 13.88
C LYS G 197 61.60 53.17 13.68
N ASP G 198 61.47 52.34 14.70
CA ASP G 198 60.46 51.26 14.74
C ASP G 198 59.03 51.83 14.90
N LEU G 199 58.89 52.80 15.79
CA LEU G 199 57.60 53.51 15.96
C LEU G 199 57.19 54.20 14.65
N GLU G 200 58.17 54.74 13.93
CA GLU G 200 57.92 55.34 12.60
C GLU G 200 57.36 54.35 11.60
N ALA G 201 57.95 53.17 11.59
CA ALA G 201 57.49 52.11 10.66
C ALA G 201 56.03 51.72 10.93
N VAL G 202 55.70 51.67 12.23
CA VAL G 202 54.32 51.37 12.69
C VAL G 202 53.34 52.45 12.26
N ALA G 203 53.72 53.69 12.52
CA ALA G 203 52.92 54.85 12.11
C ALA G 203 52.69 54.88 10.60
N THR G 204 53.74 54.55 9.87
CA THR G 204 53.72 54.51 8.39
C THR G 204 52.70 53.48 7.89
N SER G 205 52.73 52.32 8.51
CA SER G 205 51.80 51.24 8.16
C SER G 205 50.35 51.57 8.52
N THR G 206 50.14 52.23 9.65
CA THR G 206 48.79 52.70 10.01
C THR G 206 48.26 53.66 8.94
N GLN G 207 49.13 54.56 8.51
CA GLN G 207 48.73 55.62 7.57
C GLN G 207 48.58 55.12 6.15
N LEU G 208 49.43 54.19 5.77
CA LEU G 208 49.30 53.56 4.43
C LEU G 208 48.00 52.76 4.35
N CYS G 209 47.73 52.01 5.41
CA CYS G 209 46.46 51.28 5.55
C CYS G 209 45.28 52.23 5.38
N GLN G 210 45.36 53.33 6.09
CA GLN G 210 44.34 54.39 6.03
C GLN G 210 44.17 54.94 4.60
N ARG G 211 45.28 55.13 3.92
CA ARG G 211 45.30 55.62 2.54
C ARG G 211 44.60 54.67 1.58
N LEU G 212 44.90 53.39 1.73
CA LEU G 212 44.31 52.34 0.87
C LEU G 212 42.80 52.21 1.09
N VAL G 213 42.39 52.34 2.33
CA VAL G 213 40.98 52.24 2.69
C VAL G 213 40.16 53.50 2.28
N ASP G 214 40.73 54.68 2.54
CA ASP G 214 40.11 55.96 2.15
C ASP G 214 39.96 56.10 0.64
N ALA G 215 40.87 55.51 -0.11
CA ALA G 215 40.89 55.72 -1.55
C ALA G 215 39.60 55.21 -2.21
N PRO G 216 39.05 55.99 -3.15
CA PRO G 216 37.86 55.54 -3.82
C PRO G 216 38.17 54.40 -4.75
N PRO G 217 37.18 53.56 -5.08
CA PRO G 217 37.43 52.41 -5.94
C PRO G 217 37.81 52.69 -7.38
N ASN G 218 37.59 53.92 -7.85
CA ASN G 218 38.12 54.30 -9.18
C ASN G 218 39.66 54.39 -9.16
N LEU G 219 40.24 54.52 -7.96
CA LEU G 219 41.74 54.57 -7.78
C LEU G 219 42.32 53.26 -7.26
N LEU G 220 41.71 52.75 -6.20
CA LEU G 220 42.13 51.47 -5.63
C LEU G 220 41.26 50.36 -6.17
N THR G 221 41.80 49.71 -7.19
CA THR G 221 41.19 48.60 -7.87
C THR G 221 41.91 47.31 -7.56
N THR G 222 41.40 46.21 -8.08
CA THR G 222 42.08 44.93 -7.90
C THR G 222 43.47 45.00 -8.52
N ALA G 223 43.56 45.72 -9.62
CA ALA G 223 44.83 45.86 -10.38
C ALA G 223 45.82 46.73 -9.66
N THR G 224 45.38 47.91 -9.24
CA THR G 224 46.29 48.85 -8.57
C THR G 224 46.75 48.34 -7.21
N PHE G 225 45.87 47.66 -6.51
CA PHE G 225 46.23 47.07 -5.21
C PHE G 225 47.34 46.03 -5.44
N THR G 226 47.15 45.21 -6.47
CA THR G 226 48.17 44.23 -6.89
C THR G 226 49.51 44.89 -7.22
N GLU G 227 49.46 45.93 -8.02
CA GLU G 227 50.69 46.68 -8.42
C GLU G 227 51.42 47.27 -7.20
N ILE G 228 50.65 47.76 -6.26
CA ILE G 228 51.19 48.34 -5.01
C ILE G 228 51.96 47.27 -4.25
N ALA G 229 51.35 46.11 -4.14
CA ALA G 229 51.99 44.97 -3.49
C ALA G 229 53.28 44.55 -4.20
N GLN G 230 53.22 44.51 -5.53
CA GLN G 230 54.42 44.22 -6.38
C GLN G 230 55.54 45.24 -6.21
N GLY G 231 55.17 46.51 -6.15
CA GLY G 231 56.14 47.61 -5.91
C GLY G 231 56.88 47.45 -4.61
N TYR G 232 56.15 47.12 -3.56
CA TYR G 232 56.75 46.90 -2.20
C TYR G 232 57.61 45.64 -2.18
N ALA G 233 57.20 44.65 -2.93
CA ALA G 233 57.98 43.41 -3.09
C ALA G 233 59.36 43.67 -3.75
N LYS G 234 59.37 44.44 -4.84
CA LYS G 234 60.64 44.86 -5.49
C LYS G 234 61.51 45.62 -4.48
N ALA G 235 60.92 46.61 -3.83
CA ALA G 235 61.69 47.52 -2.94
C ALA G 235 62.24 46.86 -1.67
N LEU G 236 61.46 45.98 -1.07
CA LEU G 236 61.84 45.33 0.21
C LEU G 236 62.37 43.91 0.04
N GLY G 237 62.23 43.36 -1.14
CA GLY G 237 62.81 42.05 -1.47
C GLY G 237 62.09 40.86 -0.85
N PHE G 238 60.76 40.86 -0.96
CA PHE G 238 59.97 39.67 -0.59
C PHE G 238 59.31 39.10 -1.82
N ASP G 239 58.90 37.85 -1.73
CA ASP G 239 58.28 37.16 -2.87
C ASP G 239 56.80 37.50 -3.04
N VAL G 240 56.37 37.51 -4.29
CA VAL G 240 54.98 37.80 -4.63
C VAL G 240 54.51 36.82 -5.71
N ASP G 241 53.37 36.22 -5.42
CA ASP G 241 52.70 35.26 -6.31
C ASP G 241 51.29 35.83 -6.62
N VAL G 242 50.95 35.87 -7.89
CA VAL G 242 49.68 36.40 -8.35
C VAL G 242 48.98 35.37 -9.23
N ILE G 243 47.77 35.01 -8.82
CA ILE G 243 46.86 34.20 -9.66
C ILE G 243 45.68 35.09 -10.13
N CYS G 244 45.61 35.31 -11.43
CA CYS G 244 44.83 36.42 -12.03
C CYS G 244 43.71 35.88 -12.89
N GLY G 245 42.52 36.45 -12.69
CA GLY G 245 41.38 36.32 -13.63
C GLY G 245 40.96 34.90 -13.96
N ASP G 246 40.93 34.58 -15.24
CA ASP G 246 40.50 33.23 -15.70
C ASP G 246 41.37 32.07 -15.18
N ASP G 247 42.64 32.33 -14.90
CA ASP G 247 43.54 31.33 -14.28
C ASP G 247 43.01 30.84 -12.93
N LEU G 248 42.29 31.70 -12.23
CA LEU G 248 41.62 31.31 -10.98
C LEU G 248 40.63 30.19 -11.22
N CYS G 249 39.84 30.34 -12.26
CA CYS G 249 38.87 29.30 -12.67
C CYS G 249 39.58 28.02 -13.10
N GLU G 250 40.59 28.14 -13.96
CA GLU G 250 41.34 26.97 -14.46
C GLU G 250 41.99 26.18 -13.33
N ARG G 251 42.42 26.90 -12.30
CA ARG G 251 43.14 26.28 -11.14
C ARG G 251 42.23 25.91 -9.95
N GLY G 252 40.92 25.99 -10.17
CA GLY G 252 39.89 25.50 -9.20
C GLY G 252 39.49 26.47 -8.10
N TYR G 253 39.94 27.72 -8.21
CA TYR G 253 39.57 28.76 -7.24
C TYR G 253 38.19 29.36 -7.58
N GLY G 254 37.16 28.53 -7.47
CA GLY G 254 35.78 28.88 -7.92
C GLY G 254 35.08 29.96 -7.12
N GLY G 255 35.47 30.07 -5.86
CA GLY G 255 34.90 31.05 -4.97
C GLY G 255 35.30 32.47 -5.36
N ILE G 256 36.58 32.76 -5.27
CA ILE G 256 37.07 34.11 -5.62
C ILE G 256 36.80 34.45 -7.10
N TYR G 257 36.93 33.45 -7.94
CA TYR G 257 36.65 33.66 -9.38
C TYR G 257 35.20 34.09 -9.59
N SER G 258 34.28 33.34 -9.02
CA SER G 258 32.82 33.59 -9.22
C SER G 258 32.37 34.94 -8.65
N VAL G 259 32.89 35.30 -7.51
CA VAL G 259 32.60 36.61 -6.90
C VAL G 259 33.05 37.75 -7.79
N GLY G 260 34.27 37.64 -8.27
CA GLY G 260 34.95 38.77 -9.00
C GLY G 260 34.75 38.86 -10.52
N LYS G 261 34.20 37.84 -11.12
CA LYS G 261 34.20 37.74 -12.61
C LYS G 261 33.32 38.69 -13.40
N ALA G 262 32.36 39.28 -12.74
CA ALA G 262 31.50 40.27 -13.37
C ALA G 262 32.16 41.62 -13.55
N ALA G 263 33.20 41.87 -12.79
CA ALA G 263 33.82 43.20 -12.71
C ALA G 263 34.64 43.55 -13.95
N PHE G 264 34.86 44.84 -14.10
CA PHE G 264 35.73 45.36 -15.16
C PHE G 264 37.18 44.88 -14.97
N GLU G 265 37.67 44.99 -13.75
CA GLU G 265 39.02 44.54 -13.38
C GLU G 265 38.90 43.15 -12.78
N ALA G 266 39.69 42.24 -13.29
CA ALA G 266 39.64 40.83 -12.91
C ALA G 266 40.04 40.62 -11.42
N PRO G 267 39.55 39.54 -10.82
CA PRO G 267 39.96 39.21 -9.48
C PRO G 267 41.35 38.60 -9.45
N ARG G 268 41.96 38.66 -8.28
CA ARG G 268 43.33 38.19 -8.10
C ARG G 268 43.51 37.63 -6.71
N LEU G 269 44.20 36.52 -6.65
CA LEU G 269 44.69 35.96 -5.40
C LEU G 269 46.17 36.27 -5.34
N VAL G 270 46.54 37.16 -4.44
CA VAL G 270 47.89 37.68 -4.34
C VAL G 270 48.51 37.17 -3.05
N THR G 271 49.58 36.40 -3.17
CA THR G 271 50.26 35.87 -1.97
C THR G 271 51.67 36.42 -1.85
N LEU G 272 51.95 36.95 -0.69
CA LEU G 272 53.28 37.53 -0.36
C LEU G 272 53.96 36.63 0.68
N LEU G 273 55.26 36.40 0.50
CA LEU G 273 56.06 35.54 1.39
C LEU G 273 57.26 36.26 1.99
N TYR G 274 57.40 36.12 3.29
CA TYR G 274 58.54 36.65 4.02
C TYR G 274 59.05 35.58 4.95
N THR G 275 60.33 35.29 4.81
CA THR G 275 61.03 34.36 5.70
C THR G 275 62.17 35.12 6.36
N PRO G 276 62.18 35.21 7.72
CA PRO G 276 63.26 35.91 8.41
C PRO G 276 64.60 35.19 8.32
N LYS G 277 65.68 35.94 8.54
CA LYS G 277 67.06 35.40 8.48
C LYS G 277 67.28 34.27 9.48
N GLY G 278 66.74 34.43 10.68
CA GLY G 278 66.99 33.44 11.72
C GLY G 278 66.02 32.25 11.61
N THR G 279 66.03 31.43 12.65
CA THR G 279 64.99 30.41 12.87
C THR G 279 63.69 31.15 13.37
N PRO G 280 62.53 30.94 12.71
CA PRO G 280 61.30 31.69 13.06
C PRO G 280 60.57 31.15 14.27
N VAL G 281 60.00 32.07 15.04
CA VAL G 281 59.30 31.71 16.30
C VAL G 281 57.97 30.99 16.01
N LYS G 282 57.38 31.35 14.88
CA LYS G 282 56.11 30.78 14.39
C LYS G 282 56.01 30.97 12.89
N LYS G 283 55.27 30.08 12.27
CA LYS G 283 54.82 30.25 10.89
C LYS G 283 53.34 30.68 10.89
N VAL G 284 53.09 31.86 10.35
CA VAL G 284 51.76 32.47 10.39
C VAL G 284 51.35 32.79 8.96
N SER G 285 50.15 32.35 8.61
CA SER G 285 49.51 32.74 7.35
C SER G 285 48.40 33.78 7.57
N LEU G 286 48.57 34.95 6.94
CA LEU G 286 47.55 35.99 6.95
C LEU G 286 46.69 35.89 5.69
N VAL G 287 45.42 36.12 5.86
CA VAL G 287 44.46 36.13 4.77
C VAL G 287 43.52 37.31 4.93
N GLY G 288 43.43 38.14 3.92
CA GLY G 288 42.60 39.37 3.98
C GLY G 288 41.51 39.51 2.89
N LYS G 289 40.31 39.90 3.31
CA LYS G 289 39.16 40.19 2.43
C LYS G 289 39.45 41.49 1.70
N GLY G 290 39.75 41.37 0.42
CA GLY G 290 40.09 42.55 -0.40
C GLY G 290 39.01 42.87 -1.41
N ILE G 291 37.80 43.06 -0.90
CA ILE G 291 36.67 43.45 -1.74
C ILE G 291 36.77 44.97 -1.92
N VAL G 292 37.38 45.27 -3.03
CA VAL G 292 37.69 46.65 -3.46
C VAL G 292 36.45 47.57 -3.61
N TYR G 293 35.34 46.95 -3.97
CA TYR G 293 33.99 47.54 -3.80
C TYR G 293 32.93 46.43 -3.77
N ASP G 294 32.03 46.54 -2.79
CA ASP G 294 30.93 45.56 -2.53
C ASP G 294 29.63 46.25 -2.92
N CYS G 295 29.23 46.12 -4.18
CA CYS G 295 27.88 46.62 -4.60
C CYS G 295 26.76 45.65 -4.19
N GLY G 296 27.16 44.45 -3.78
CA GLY G 296 26.22 43.39 -3.42
C GLY G 296 26.02 42.30 -4.47
N GLY G 297 26.50 42.60 -5.66
CA GLY G 297 26.25 41.75 -6.82
C GLY G 297 24.77 41.83 -7.21
N LEU G 298 24.25 40.73 -7.73
CA LEU G 298 22.82 40.64 -8.09
C LEU G 298 21.86 40.92 -6.91
N ALA G 299 22.31 40.57 -5.71
CA ALA G 299 21.68 41.00 -4.42
C ALA G 299 22.15 42.44 -4.11
N LEU G 300 21.70 43.33 -4.97
CA LEU G 300 22.15 44.71 -5.00
C LEU G 300 21.78 45.44 -3.69
N LYS G 301 22.77 46.08 -3.11
CA LYS G 301 22.56 46.95 -1.96
C LYS G 301 21.78 48.18 -2.33
N PRO G 302 20.86 48.63 -1.46
CA PRO G 302 20.32 49.99 -1.62
C PRO G 302 21.42 51.01 -1.45
N ALA G 303 21.21 52.18 -2.03
CA ALA G 303 22.26 53.25 -2.09
C ALA G 303 22.84 53.68 -0.73
N ASP G 304 21.97 53.83 0.25
CA ASP G 304 22.36 54.14 1.66
C ASP G 304 23.42 53.16 2.19
N TYR G 305 23.19 51.89 1.90
CA TYR G 305 24.05 50.79 2.37
C TYR G 305 25.28 50.56 1.49
N MET G 306 25.23 51.02 0.25
CA MET G 306 26.35 50.88 -0.71
C MET G 306 27.44 51.94 -0.52
N LYS G 307 27.06 53.09 0.01
CA LYS G 307 28.04 54.13 0.37
C LYS G 307 29.05 53.53 1.38
N LEU G 308 30.30 53.95 1.23
CA LEU G 308 31.44 53.49 2.10
C LEU G 308 31.80 52.01 1.91
N MET G 309 31.29 51.38 0.87
CA MET G 309 31.68 49.98 0.53
C MET G 309 33.06 49.88 -0.14
N LYS G 310 33.67 51.03 -0.42
CA LYS G 310 35.12 51.13 -0.70
C LYS G 310 36.00 50.66 0.47
N HIS G 311 35.44 50.75 1.68
CA HIS G 311 36.11 50.23 2.87
C HIS G 311 36.12 48.69 2.97
N ASP G 312 35.46 48.00 2.05
CA ASP G 312 35.29 46.53 2.13
C ASP G 312 36.60 45.76 1.84
N MET G 313 37.68 46.50 1.60
CA MET G 313 39.01 45.92 1.45
C MET G 313 39.91 46.18 2.70
N GLY G 314 39.29 46.60 3.78
CA GLY G 314 40.02 47.01 4.99
C GLY G 314 40.79 45.90 5.66
N GLY G 315 40.29 44.68 5.49
CA GLY G 315 40.97 43.48 6.00
C GLY G 315 42.23 43.15 5.21
N ALA G 316 42.16 43.30 3.90
CA ALA G 316 43.35 43.11 3.03
C ALA G 316 44.39 44.19 3.26
N ALA G 317 43.94 45.41 3.45
CA ALA G 317 44.85 46.51 3.78
C ALA G 317 45.60 46.25 5.12
N ALA G 318 44.83 45.82 6.10
CA ALA G 318 45.35 45.59 7.47
C ALA G 318 46.45 44.54 7.48
N VAL G 319 46.12 43.46 6.84
CA VAL G 319 46.96 42.28 6.72
C VAL G 319 48.22 42.60 5.83
N PHE G 320 48.01 43.36 4.78
CA PHE G 320 49.10 43.81 3.92
C PHE G 320 50.09 44.69 4.67
N CYS G 321 49.59 45.66 5.40
CA CYS G 321 50.44 46.62 6.10
C CYS G 321 51.09 46.04 7.34
N GLY G 322 50.42 45.08 7.94
CA GLY G 322 51.01 44.34 9.09
C GLY G 322 52.20 43.55 8.60
N PHE G 323 52.02 42.97 7.43
CA PHE G 323 53.09 42.24 6.70
C PHE G 323 54.28 43.15 6.39
N LEU G 324 53.99 44.33 5.86
CA LEU G 324 55.05 45.32 5.59
C LEU G 324 55.84 45.71 6.82
N THR G 325 55.13 45.96 7.91
CA THR G 325 55.79 46.31 9.17
C THR G 325 56.73 45.18 9.61
N ALA G 326 56.27 43.94 9.47
CA ALA G 326 57.07 42.78 9.87
C ALA G 326 58.37 42.67 9.06
N VAL G 327 58.26 42.97 7.78
CA VAL G 327 59.43 42.96 6.90
C VAL G 327 60.38 44.11 7.26
N ARG G 328 59.83 45.28 7.44
CA ARG G 328 60.66 46.48 7.73
C ARG G 328 61.38 46.40 9.05
N LEU G 329 60.71 45.85 10.04
CA LEU G 329 61.32 45.64 11.39
C LEU G 329 62.03 44.30 11.54
N GLN G 330 62.03 43.52 10.48
CA GLN G 330 62.67 42.17 10.47
C GLN G 330 62.18 41.35 11.67
N GLN G 331 60.87 41.33 11.88
CA GLN G 331 60.27 40.53 12.98
C GLN G 331 60.50 39.04 12.69
N PRO G 332 60.79 38.23 13.73
CA PRO G 332 61.24 36.85 13.53
C PRO G 332 60.11 35.87 13.33
N VAL G 333 59.18 36.24 12.49
CA VAL G 333 58.01 35.41 12.18
C VAL G 333 58.00 35.12 10.69
N GLN G 334 57.78 33.87 10.34
CA GLN G 334 57.65 33.49 8.94
C GLN G 334 56.21 33.75 8.54
N LEU G 335 56.04 34.53 7.48
CA LEU G 335 54.72 35.02 7.08
C LEU G 335 54.37 34.71 5.66
N SER G 336 53.13 34.31 5.47
CA SER G 336 52.45 34.46 4.16
C SER G 336 51.34 35.48 4.36
N CYS G 337 51.05 36.21 3.31
CA CYS G 337 49.97 37.21 3.30
C CYS G 337 49.19 37.09 1.99
N THR G 338 48.01 36.54 2.08
CA THR G 338 47.18 36.27 0.93
C THR G 338 46.04 37.29 0.85
N LEU G 339 46.05 38.06 -0.23
CA LEU G 339 45.08 39.09 -0.48
C LEU G 339 44.03 38.55 -1.44
N CYS G 340 42.81 38.51 -0.97
CA CYS G 340 41.68 37.99 -1.77
C CYS G 340 40.98 39.17 -2.45
N LEU G 341 41.45 39.49 -3.65
CA LEU G 341 41.10 40.75 -4.32
C LEU G 341 40.02 40.53 -5.36
N ALA G 342 38.91 41.22 -5.16
CA ALA G 342 37.82 41.19 -6.15
C ALA G 342 36.91 42.39 -5.98
N GLU G 343 36.25 42.75 -7.06
CA GLU G 343 35.14 43.68 -6.97
C GLU G 343 33.88 42.84 -7.12
N ASN G 344 32.94 43.04 -6.19
CA ASN G 344 31.65 42.39 -6.24
C ASN G 344 30.70 43.27 -7.04
N ALA G 345 30.63 42.97 -8.32
CA ALA G 345 29.99 43.82 -9.31
C ALA G 345 28.72 43.22 -9.84
N ILE G 346 27.95 44.05 -10.53
CA ILE G 346 26.68 43.64 -11.10
C ILE G 346 26.74 43.77 -12.63
N GLY G 347 26.35 42.71 -13.30
CA GLY G 347 26.31 42.69 -14.76
C GLY G 347 25.96 41.32 -15.32
N PRO G 348 26.14 41.13 -16.62
CA PRO G 348 25.75 39.87 -17.27
C PRO G 348 26.53 38.65 -16.81
N LYS G 349 27.75 38.86 -16.33
CA LYS G 349 28.58 37.73 -15.86
C LYS G 349 28.50 37.48 -14.36
N SER G 350 27.67 38.27 -13.70
CA SER G 350 27.44 38.15 -12.25
C SER G 350 27.11 36.72 -11.83
N TYR G 351 27.80 36.25 -10.79
CA TYR G 351 27.39 35.00 -10.14
C TYR G 351 26.02 35.24 -9.48
N ARG G 352 25.23 34.18 -9.43
CA ARG G 352 23.82 34.32 -9.17
C ARG G 352 23.39 33.76 -7.85
N ASN G 353 22.26 34.27 -7.41
CA ASN G 353 21.53 33.72 -6.26
C ASN G 353 20.84 32.44 -6.72
N ASP G 354 21.51 31.31 -6.52
CA ASP G 354 21.16 29.92 -7.07
C ASP G 354 22.35 29.22 -7.67
N ASP G 355 23.37 29.95 -8.07
CA ASP G 355 24.58 29.33 -8.63
C ASP G 355 25.22 28.43 -7.58
N ILE G 356 25.86 27.37 -8.06
CA ILE G 356 26.62 26.44 -7.20
C ILE G 356 28.09 26.52 -7.57
N ILE G 357 28.87 26.83 -6.57
CA ILE G 357 30.30 27.08 -6.71
C ILE G 357 31.08 25.85 -6.25
N VAL G 358 32.09 25.48 -7.01
CA VAL G 358 33.09 24.51 -6.60
C VAL G 358 34.28 25.26 -6.03
N MET G 359 34.41 25.23 -4.72
CA MET G 359 35.50 25.95 -4.04
C MET G 359 36.82 25.22 -4.28
N LYS G 360 37.90 25.94 -4.07
CA LYS G 360 39.25 25.33 -4.13
C LYS G 360 39.37 24.14 -3.21
N SER G 361 38.72 24.22 -2.06
CA SER G 361 38.66 23.09 -1.07
C SER G 361 37.99 21.80 -1.57
N GLY G 362 37.33 21.87 -2.71
CA GLY G 362 36.54 20.74 -3.25
C GLY G 362 35.09 20.72 -2.79
N LYS G 363 34.79 21.52 -1.78
CA LYS G 363 33.40 21.66 -1.28
C LYS G 363 32.58 22.60 -2.13
N THR G 364 31.32 22.23 -2.25
CA THR G 364 30.37 22.98 -3.07
C THR G 364 29.52 23.90 -2.20
N VAL G 365 29.32 25.08 -2.73
CA VAL G 365 28.58 26.16 -2.07
C VAL G 365 27.42 26.62 -2.96
N GLU G 366 26.21 26.48 -2.43
CA GLU G 366 25.01 27.06 -3.03
C GLU G 366 24.88 28.54 -2.61
N VAL G 367 24.85 29.41 -3.60
CA VAL G 367 24.81 30.87 -3.34
C VAL G 367 23.36 31.27 -3.11
N ILE G 368 23.02 31.56 -1.87
CA ILE G 368 21.70 32.06 -1.46
C ILE G 368 21.61 33.56 -1.66
N ASN G 369 22.72 34.21 -1.39
CA ASN G 369 22.83 35.69 -1.45
C ASN G 369 24.24 36.10 -1.86
N THR G 370 24.33 36.74 -2.99
CA THR G 370 25.62 37.20 -3.57
C THR G 370 26.34 38.28 -2.76
N ASP G 371 25.62 38.89 -1.83
CA ASP G 371 26.16 39.99 -1.01
C ASP G 371 26.92 39.49 0.22
N ALA G 372 26.82 38.18 0.40
CA ALA G 372 27.66 37.39 1.37
C ALA G 372 28.86 36.78 0.65
N GLU G 373 29.62 37.67 0.03
CA GLU G 373 30.70 37.37 -0.91
C GLU G 373 32.02 37.18 -0.19
N GLY G 374 32.16 37.85 0.94
CA GLY G 374 33.43 37.88 1.67
C GLY G 374 33.84 36.51 2.17
N ARG G 375 32.90 35.81 2.77
CA ARG G 375 33.16 34.48 3.31
C ARG G 375 33.58 33.52 2.21
N ILE G 376 33.05 33.74 1.01
CA ILE G 376 33.40 32.92 -0.16
C ILE G 376 34.83 33.16 -0.60
N VAL G 377 35.21 34.41 -0.78
CA VAL G 377 36.60 34.70 -1.23
C VAL G 377 37.60 34.25 -0.17
N LEU G 378 37.23 34.43 1.09
CA LEU G 378 38.10 34.04 2.25
C LEU G 378 38.24 32.52 2.36
N GLY G 379 37.18 31.82 2.00
CA GLY G 379 37.21 30.33 1.94
C GLY G 379 38.31 29.79 1.00
N ASP G 380 38.39 30.39 -0.17
CA ASP G 380 39.50 30.09 -1.11
C ASP G 380 40.85 30.53 -0.55
N GLY G 381 40.87 31.70 0.04
CA GLY G 381 42.11 32.28 0.63
C GLY G 381 42.71 31.39 1.69
N VAL G 382 41.89 30.95 2.64
CA VAL G 382 42.39 30.14 3.75
C VAL G 382 42.78 28.73 3.29
N PHE G 383 42.10 28.21 2.26
CA PHE G 383 42.48 26.88 1.70
C PHE G 383 43.82 27.00 1.00
N HIS G 384 43.97 28.09 0.26
CA HIS G 384 45.25 28.40 -0.38
C HIS G 384 46.38 28.42 0.66
N ALA G 385 46.17 29.20 1.72
CA ALA G 385 47.19 29.38 2.77
C ALA G 385 47.55 28.08 3.48
N THR G 386 46.56 27.25 3.69
CA THR G 386 46.71 26.01 4.46
C THR G 386 47.04 24.75 3.64
N ASN G 387 46.89 24.84 2.33
CA ASN G 387 47.13 23.67 1.42
C ASN G 387 48.18 23.86 0.31
N GLU G 388 48.38 25.08 -0.15
CA GLU G 388 49.09 25.32 -1.41
C GLU G 388 50.46 25.97 -1.30
N LEU G 389 50.84 26.34 -0.09
CA LEU G 389 52.14 27.00 0.12
C LEU G 389 53.26 25.99 0.38
N SER G 390 54.49 26.49 0.37
CA SER G 390 55.70 25.65 0.62
C SER G 390 55.89 25.25 2.09
N PHE G 391 55.11 25.87 2.97
CA PHE G 391 55.00 25.44 4.37
C PHE G 391 53.54 25.32 4.80
N THR G 392 53.35 24.71 5.94
CA THR G 392 52.04 24.67 6.60
C THR G 392 52.09 25.61 7.80
N PRO G 393 51.14 26.56 7.89
CA PRO G 393 51.20 27.50 9.02
C PRO G 393 50.79 26.89 10.34
N ASP G 394 51.35 27.47 11.40
CA ASP G 394 50.96 27.14 12.77
C ASP G 394 49.69 27.89 13.16
N VAL G 395 49.55 29.07 12.59
CA VAL G 395 48.43 29.97 12.88
C VAL G 395 47.96 30.57 11.56
N VAL G 396 46.64 30.59 11.39
CA VAL G 396 46.01 31.32 10.29
C VAL G 396 45.22 32.46 10.88
N ILE G 397 45.48 33.66 10.39
CA ILE G 397 44.74 34.83 10.81
C ILE G 397 44.03 35.37 9.57
N ASP G 398 42.70 35.40 9.59
CA ASP G 398 41.99 36.09 8.52
C ASP G 398 41.34 37.37 9.07
N MET G 399 41.49 38.43 8.31
CA MET G 399 40.94 39.73 8.70
C MET G 399 39.99 40.19 7.59
N ALA G 400 38.82 40.63 7.99
CA ALA G 400 37.78 40.98 7.02
C ALA G 400 36.75 41.92 7.57
N THR G 401 36.35 42.86 6.72
CA THR G 401 35.18 43.70 6.98
C THR G 401 33.95 42.90 6.58
N LEU G 402 33.56 41.98 7.43
CA LEU G 402 32.72 40.86 7.00
C LEU G 402 31.22 40.99 7.17
N THR G 403 30.76 41.43 8.33
CA THR G 403 29.31 41.45 8.64
C THR G 403 28.86 42.71 9.33
N GLY G 404 27.63 43.09 9.03
CA GLY G 404 26.88 44.10 9.80
C GLY G 404 26.59 43.69 11.24
N ALA G 405 26.42 42.39 11.42
CA ALA G 405 26.28 41.80 12.74
C ALA G 405 27.43 42.16 13.72
N GLN G 406 28.61 42.33 13.18
CA GLN G 406 29.79 42.68 13.98
C GLN G 406 29.59 43.97 14.80
N GLY G 407 29.02 44.96 14.16
CA GLY G 407 28.75 46.25 14.84
C GLY G 407 27.75 46.09 15.95
N ILE G 408 26.68 45.39 15.62
CA ILE G 408 25.61 45.10 16.57
C ILE G 408 26.14 44.31 17.78
N ALA G 409 27.05 43.41 17.51
CA ALA G 409 27.60 42.49 18.55
C ALA G 409 28.68 43.14 19.44
N THR G 410 29.75 43.59 18.82
CA THR G 410 30.90 44.12 19.51
C THR G 410 31.19 45.63 19.32
N GLY G 411 30.47 46.26 18.42
CA GLY G 411 30.51 47.72 18.30
C GLY G 411 31.56 48.30 17.38
N ARG G 412 31.67 49.61 17.44
CA ARG G 412 32.52 50.34 16.50
C ARG G 412 33.98 50.38 16.78
N HIS G 413 34.36 50.08 18.02
CA HIS G 413 35.79 50.13 18.45
C HIS G 413 36.43 48.79 18.68
N HIS G 414 35.64 47.74 18.67
CA HIS G 414 36.16 46.38 18.99
C HIS G 414 35.87 45.43 17.82
N ALA G 415 36.94 44.93 17.22
CA ALA G 415 36.81 43.89 16.22
C ALA G 415 36.35 42.60 16.90
N GLY G 416 35.50 41.85 16.22
CA GLY G 416 35.00 40.58 16.73
C GLY G 416 35.94 39.44 16.44
N LEU G 417 36.21 38.61 17.44
CA LEU G 417 37.14 37.46 17.30
C LEU G 417 36.41 36.14 17.39
N TYR G 418 36.54 35.36 16.35
CA TYR G 418 36.02 34.00 16.29
C TYR G 418 37.23 33.07 16.17
N VAL G 419 37.47 32.30 17.20
CA VAL G 419 38.76 31.63 17.37
C VAL G 419 38.57 30.20 17.85
N ASN G 420 39.27 29.28 17.20
CA ASN G 420 39.16 27.84 17.55
C ASN G 420 39.93 27.38 18.82
N GLU G 421 40.80 28.22 19.34
CA GLU G 421 41.60 27.91 20.57
C GLU G 421 41.58 29.05 21.57
N GLU G 422 41.37 28.71 22.84
CA GLU G 422 41.34 29.71 23.92
C GLU G 422 42.65 30.52 23.95
N GLY G 423 43.77 29.84 23.79
CA GLY G 423 45.13 30.45 23.95
C GLY G 423 45.46 31.53 22.92
N ALA G 424 45.16 31.21 21.68
CA ALA G 424 45.33 32.15 20.56
C ALA G 424 44.38 33.36 20.66
N GLU G 425 43.19 33.09 21.13
CA GLU G 425 42.20 34.14 21.41
C GLU G 425 42.69 35.14 22.50
N ALA G 426 43.10 34.60 23.63
CA ALA G 426 43.61 35.41 24.77
C ALA G 426 44.79 36.28 24.32
N ALA G 427 45.65 35.71 23.50
CA ALA G 427 46.84 36.43 23.01
C ALA G 427 46.48 37.57 22.06
N MET G 428 45.50 37.35 21.21
CA MET G 428 45.02 38.40 20.29
C MET G 428 44.31 39.51 21.06
N LEU G 429 43.54 39.12 22.05
CA LEU G 429 42.90 40.10 22.97
C LEU G 429 43.93 40.98 23.69
N ARG G 430 44.97 40.35 24.22
CA ARG G 430 46.11 41.08 24.88
C ARG G 430 46.73 42.07 23.90
N ALA G 431 46.98 41.59 22.70
CA ALA G 431 47.59 42.42 21.64
C ALA G 431 46.73 43.65 21.30
N GLY G 432 45.43 43.44 21.30
CA GLY G 432 44.46 44.53 21.11
C GLY G 432 44.50 45.58 22.20
N ARG G 433 44.59 45.13 23.44
CA ARG G 433 44.63 46.03 24.62
C ARG G 433 45.95 46.79 24.71
N GLU G 434 47.03 46.15 24.27
CA GLU G 434 48.36 46.78 24.27
C GLU G 434 48.49 47.77 23.13
N SER G 435 48.00 47.38 21.97
CA SER G 435 48.11 48.19 20.74
C SER G 435 47.12 49.33 20.68
N GLY G 436 46.02 49.20 21.42
CA GLY G 436 44.87 50.15 21.31
C GLY G 436 43.84 49.75 20.24
N GLU G 437 44.23 48.80 19.39
CA GLU G 437 43.36 48.26 18.33
C GLU G 437 42.58 47.05 18.91
N THR G 438 41.62 47.41 19.72
CA THR G 438 40.93 46.50 20.60
C THR G 438 40.02 45.53 19.86
N CYS G 439 39.86 44.36 20.49
CA CYS G 439 39.06 43.25 20.00
C CYS G 439 38.16 42.72 21.10
N PHE G 440 37.17 41.95 20.73
CA PHE G 440 36.31 41.25 21.71
C PHE G 440 35.80 39.93 21.11
N PRO G 441 35.71 38.87 21.92
CA PRO G 441 35.32 37.61 21.30
C PRO G 441 33.86 37.51 20.96
N VAL G 442 33.59 36.78 19.89
CA VAL G 442 32.22 36.31 19.61
C VAL G 442 32.14 34.79 19.78
N LEU G 443 30.92 34.32 19.97
CA LEU G 443 30.64 32.91 20.30
C LEU G 443 31.31 31.95 19.32
N TYR G 444 32.09 31.04 19.87
CA TYR G 444 32.66 29.91 19.14
C TYR G 444 31.90 28.65 19.55
N CYS G 445 31.09 28.16 18.64
CA CYS G 445 30.24 26.99 18.88
C CYS G 445 29.81 26.30 17.57
N PRO G 446 30.76 25.69 16.85
CA PRO G 446 30.55 25.11 15.53
C PRO G 446 29.36 24.16 15.42
N GLU G 447 29.11 23.39 16.46
CA GLU G 447 27.93 22.52 16.48
C GLU G 447 26.59 23.27 16.31
N TYR G 448 26.53 24.52 16.76
CA TYR G 448 25.32 25.33 16.58
C TYR G 448 25.33 26.16 15.30
N HIS G 449 26.50 26.40 14.73
CA HIS G 449 26.63 27.22 13.49
C HIS G 449 26.38 26.38 12.22
N GLU G 450 26.89 25.16 12.27
CA GLU G 450 26.82 24.19 11.16
C GLU G 450 25.42 23.94 10.52
N PRO G 451 24.37 23.75 11.33
CA PRO G 451 23.02 23.56 10.75
C PRO G 451 22.41 24.75 10.00
N GLU G 452 22.92 25.95 10.24
CA GLU G 452 22.43 27.16 9.54
C GLU G 452 22.77 27.17 8.05
N PHE G 453 23.70 26.34 7.64
CA PHE G 453 24.19 26.32 6.25
C PHE G 453 23.74 25.09 5.43
N LYS G 454 22.72 24.39 5.87
CA LYS G 454 22.26 23.14 5.21
C LYS G 454 21.69 23.49 3.83
N SER G 455 22.08 22.68 2.86
CA SER G 455 21.67 22.84 1.46
C SER G 455 21.08 21.56 0.90
N ASN G 456 20.10 21.73 0.03
CA ASN G 456 19.47 20.60 -0.66
C ASN G 456 20.38 19.89 -1.61
N HIS G 457 21.13 20.67 -2.35
CA HIS G 457 21.92 20.14 -3.50
C HIS G 457 23.43 20.27 -3.43
N ALA G 458 23.90 21.19 -2.62
CA ALA G 458 25.34 21.41 -2.45
C ALA G 458 25.76 21.03 -1.04
N ASP G 459 27.06 21.01 -0.78
CA ASP G 459 27.58 20.71 0.58
C ASP G 459 27.11 21.71 1.63
N MET G 460 27.00 22.97 1.20
CA MET G 460 26.57 24.05 2.07
C MET G 460 26.01 25.23 1.28
N THR G 461 25.26 26.08 1.97
CA THR G 461 24.91 27.40 1.45
C THR G 461 25.97 28.39 1.92
N ASN G 462 25.84 29.62 1.44
CA ASN G 462 26.67 30.75 1.89
C ASN G 462 25.97 31.74 2.84
N LEU G 463 24.78 31.39 3.27
CA LEU G 463 23.99 32.30 4.12
C LEU G 463 23.21 31.52 5.16
N MET G 464 23.22 32.04 6.36
CA MET G 464 22.49 31.44 7.46
C MET G 464 20.98 31.46 7.11
N GLU G 465 20.35 30.35 7.37
CA GLU G 465 18.90 30.19 7.29
C GLU G 465 18.15 31.16 8.25
N ARG G 466 18.64 31.25 9.47
CA ARG G 466 18.11 32.17 10.50
C ARG G 466 19.19 33.19 10.85
N ARG G 467 18.98 34.43 10.41
CA ARG G 467 19.96 35.52 10.52
C ARG G 467 20.24 35.89 12.00
N ASP G 468 19.29 35.57 12.85
CA ASP G 468 19.38 35.91 14.28
C ASP G 468 19.92 34.75 15.15
N ASN G 469 20.94 34.06 14.63
CA ASN G 469 21.61 32.98 15.36
C ASN G 469 23.14 33.09 15.32
N ALA G 470 23.67 34.17 15.89
CA ALA G 470 25.11 34.42 16.04
C ALA G 470 25.71 34.66 14.63
N GLY G 471 25.41 35.84 14.12
CA GLY G 471 25.80 36.24 12.76
C GLY G 471 27.28 36.50 12.51
N VAL G 472 28.01 36.93 13.54
CA VAL G 472 29.46 37.13 13.38
C VAL G 472 30.12 35.74 13.37
N SER G 473 29.65 34.90 14.24
CA SER G 473 30.20 33.54 14.44
C SER G 473 29.97 32.62 13.22
N CYS G 474 28.77 32.66 12.70
CA CYS G 474 28.40 31.81 11.53
C CYS G 474 29.21 32.10 10.27
N ALA G 475 29.51 33.38 10.04
CA ALA G 475 30.37 33.75 8.92
C ALA G 475 31.80 33.22 9.13
N GLY G 476 32.26 33.31 10.35
CA GLY G 476 33.53 32.69 10.75
C GLY G 476 33.52 31.18 10.51
N TYR G 477 32.46 30.54 10.98
CA TYR G 477 32.30 29.08 10.80
C TYR G 477 32.43 28.69 9.32
N PHE G 478 31.74 29.42 8.45
CA PHE G 478 31.72 29.15 6.99
C PHE G 478 33.15 29.05 6.44
N ILE G 479 33.95 30.03 6.84
CA ILE G 479 35.35 30.11 6.43
C ILE G 479 36.13 28.88 6.89
N THR G 480 35.89 28.44 8.10
CA THR G 480 36.63 27.29 8.65
C THR G 480 36.36 25.97 7.93
N THR G 481 35.18 25.85 7.33
CA THR G 481 34.84 24.64 6.55
C THR G 481 35.76 24.44 5.32
N HIS G 482 36.46 25.50 4.92
CA HIS G 482 37.40 25.47 3.81
C HIS G 482 38.89 25.45 4.18
N LEU G 483 39.17 25.33 5.46
CA LEU G 483 40.54 25.04 5.91
C LEU G 483 40.95 23.66 5.40
N SER G 484 42.16 23.57 4.89
CA SER G 484 42.75 22.26 4.53
C SER G 484 42.81 21.29 5.74
N PRO G 485 42.56 19.99 5.51
CA PRO G 485 42.76 18.95 6.55
C PRO G 485 44.21 18.80 7.03
N LYS G 486 45.14 19.21 6.20
CA LYS G 486 46.57 19.32 6.56
C LYS G 486 46.83 20.28 7.73
N PHE G 487 45.90 21.20 7.95
CA PHE G 487 46.05 22.25 8.99
C PHE G 487 45.43 21.80 10.32
N THR G 488 46.23 21.89 11.37
CA THR G 488 45.83 21.44 12.72
C THR G 488 46.07 22.50 13.78
N GLY G 489 46.36 23.71 13.33
CA GLY G 489 46.77 24.78 14.24
C GLY G 489 45.66 25.74 14.60
N ALA G 490 46.08 26.91 15.07
CA ALA G 490 45.14 27.92 15.57
C ALA G 490 44.58 28.78 14.42
N HIS G 491 43.28 28.99 14.44
CA HIS G 491 42.64 29.85 13.44
C HIS G 491 41.94 31.03 14.12
N ILE G 492 42.41 32.23 13.77
CA ILE G 492 41.89 33.47 14.33
C ILE G 492 41.16 34.24 13.25
N HIS G 493 39.84 34.32 13.37
CA HIS G 493 39.02 35.15 12.46
C HIS G 493 38.70 36.50 13.09
N VAL G 494 39.09 37.55 12.41
CA VAL G 494 38.94 38.91 12.88
C VAL G 494 37.94 39.64 11.98
N ASP G 495 36.77 39.92 12.54
CA ASP G 495 35.74 40.71 11.85
C ASP G 495 35.89 42.19 12.29
N LEU G 496 36.40 43.00 11.37
CA LEU G 496 36.69 44.43 11.63
C LEU G 496 35.85 45.36 10.75
N ALA G 497 34.61 44.94 10.52
CA ALA G 497 33.69 45.71 9.65
C ALA G 497 33.63 47.22 10.03
N TYR G 498 33.37 47.47 11.30
CA TYR G 498 33.23 48.87 11.81
C TYR G 498 34.52 49.56 12.30
N PRO G 499 35.43 48.82 12.97
CA PRO G 499 36.62 49.49 13.50
C PRO G 499 37.58 50.10 12.46
N VAL G 500 37.44 49.68 11.22
CA VAL G 500 38.28 50.24 10.12
C VAL G 500 37.89 51.65 9.65
N PHE G 501 36.81 52.19 10.15
CA PHE G 501 36.43 53.55 9.80
C PHE G 501 35.71 54.29 10.92
N ASN G 502 35.70 55.59 10.81
CA ASN G 502 34.85 56.44 11.63
C ASN G 502 34.27 57.54 10.75
N SER G 503 33.64 58.55 11.34
CA SER G 503 33.00 59.62 10.56
C SER G 503 34.00 60.50 9.75
N ASN G 504 35.28 60.46 10.12
CA ASN G 504 36.36 61.11 9.31
C ASN G 504 37.00 60.22 8.24
N GLY G 505 36.59 58.98 8.15
CA GLY G 505 37.14 58.07 7.14
C GLY G 505 37.90 56.91 7.78
N ALA G 506 38.83 56.35 7.04
CA ALA G 506 39.58 55.18 7.51
C ALA G 506 40.33 55.48 8.82
N THR G 507 40.44 54.46 9.64
CA THR G 507 41.21 54.53 10.91
C THR G 507 42.60 53.89 10.82
N GLY G 508 42.83 53.08 9.79
CA GLY G 508 44.07 52.30 9.71
C GLY G 508 44.18 51.21 10.79
N PHE G 509 43.05 50.77 11.27
CA PHE G 509 42.93 49.69 12.26
C PHE G 509 43.38 48.36 11.67
N GLY G 510 44.23 47.68 12.40
CA GLY G 510 44.63 46.27 12.07
C GLY G 510 46.12 45.96 12.05
N PRO G 511 46.90 46.77 11.34
CA PRO G 511 48.34 46.54 11.27
C PRO G 511 49.06 46.53 12.62
N ALA G 512 48.79 47.52 13.46
CA ALA G 512 49.46 47.60 14.77
C ALA G 512 49.06 46.43 15.67
N LEU G 513 47.79 46.06 15.58
CA LEU G 513 47.27 44.86 16.26
C LEU G 513 48.17 43.65 15.93
N LEU G 514 48.40 43.46 14.64
CA LEU G 514 49.26 42.35 14.13
C LEU G 514 50.71 42.43 14.62
N THR G 515 51.27 43.61 14.52
CA THR G 515 52.64 43.87 14.98
C THR G 515 52.82 43.47 16.44
N GLU G 516 51.91 43.95 17.27
CA GLU G 516 51.89 43.61 18.71
C GLU G 516 51.68 42.11 18.97
N TYR G 517 50.77 41.51 18.22
CA TYR G 517 50.56 40.04 18.31
C TYR G 517 51.87 39.26 18.00
N PHE G 518 52.51 39.61 16.89
CA PHE G 518 53.77 38.96 16.43
C PHE G 518 54.92 39.12 17.42
N ARG G 519 54.98 40.32 17.97
CA ARG G 519 55.97 40.72 19.00
C ARG G 519 55.96 39.79 20.23
N LYS G 520 54.78 39.29 20.60
CA LYS G 520 54.58 38.44 21.81
C LYS G 520 54.54 36.93 21.57
N LEU G 521 54.82 36.51 20.35
N LEU G 521 54.82 36.51 20.35
CA LEU G 521 54.70 35.09 19.99
CA LEU G 521 54.70 35.09 19.99
C LEU G 521 55.76 34.17 20.64
C LEU G 521 55.75 34.16 20.64
N THR H 3 28.41 47.27 -32.14
CA THR H 3 27.78 46.59 -33.32
C THR H 3 26.34 46.16 -32.98
N LEU H 4 25.40 46.87 -33.59
CA LEU H 4 23.95 46.54 -33.49
C LEU H 4 23.53 45.62 -34.62
N PRO H 5 22.43 44.87 -34.44
CA PRO H 5 21.86 44.15 -35.59
C PRO H 5 21.44 45.12 -36.74
N LYS H 6 21.61 44.65 -37.99
CA LYS H 6 21.30 45.44 -39.22
C LYS H 6 19.86 45.99 -39.24
N ALA H 7 18.90 45.18 -38.80
CA ALA H 7 17.46 45.61 -38.69
C ALA H 7 17.22 46.74 -37.67
N GLU H 8 17.96 46.71 -36.57
CA GLU H 8 17.86 47.76 -35.52
C GLU H 8 18.47 49.07 -36.02
N ALA H 9 19.62 48.95 -36.68
CA ALA H 9 20.32 50.15 -37.27
C ALA H 9 19.48 50.85 -38.35
N LYS H 10 18.83 50.07 -39.20
CA LYS H 10 17.89 50.66 -40.22
C LYS H 10 16.71 51.40 -39.55
N GLU H 11 16.15 50.78 -38.54
CA GLU H 11 15.07 51.40 -37.71
C GLU H 11 15.52 52.73 -37.03
N LEU H 12 16.74 52.73 -36.50
CA LEU H 12 17.33 53.94 -35.90
C LEU H 12 17.51 55.08 -36.94
N SER H 13 18.06 54.75 -38.10
CA SER H 13 18.27 55.74 -39.20
C SER H 13 16.96 56.35 -39.65
N ALA H 14 15.97 55.49 -39.80
CA ALA H 14 14.62 55.95 -40.20
C ALA H 14 13.99 56.87 -39.13
N PHE H 15 14.21 56.51 -37.87
CA PHE H 15 13.71 57.35 -36.75
C PHE H 15 14.40 58.70 -36.73
N VAL H 16 15.70 58.69 -36.94
CA VAL H 16 16.50 59.95 -37.03
C VAL H 16 15.92 60.87 -38.11
N GLN H 17 15.75 60.30 -39.29
CA GLN H 17 15.19 61.05 -40.45
C GLN H 17 13.80 61.63 -40.12
N SER H 18 12.94 60.80 -39.49
CA SER H 18 11.58 61.25 -39.03
C SER H 18 11.64 62.48 -38.12
N CYS H 19 12.66 62.55 -37.28
CA CYS H 19 12.85 63.73 -36.40
C CYS H 19 13.42 64.94 -37.14
N VAL H 20 14.45 64.68 -37.94
CA VAL H 20 15.11 65.76 -38.74
C VAL H 20 14.16 66.44 -39.77
N GLU H 21 13.28 65.64 -40.36
CA GLU H 21 12.31 66.13 -41.37
C GLU H 21 10.91 66.41 -40.77
N TYR H 22 10.81 66.43 -39.44
CA TYR H 22 9.50 66.61 -38.78
C TYR H 22 8.86 67.94 -39.22
N LYS H 23 7.62 67.83 -39.64
CA LYS H 23 6.80 68.99 -40.01
C LYS H 23 5.51 68.99 -39.18
N THR H 24 5.09 70.17 -38.75
CA THR H 24 3.88 70.26 -37.89
C THR H 24 2.58 69.93 -38.63
N ASN H 25 1.61 69.43 -37.87
CA ASN H 25 0.23 69.23 -38.35
C ASN H 25 -0.67 70.50 -38.24
N VAL H 26 -0.14 71.57 -37.69
CA VAL H 26 -0.92 72.77 -37.37
C VAL H 26 -0.58 73.95 -38.30
N CYS H 27 -1.61 74.64 -38.75
CA CYS H 27 -1.41 75.94 -39.43
C CYS H 27 -2.35 76.98 -38.84
N PHE H 28 -2.00 78.23 -39.06
CA PHE H 28 -2.68 79.36 -38.38
C PHE H 28 -3.20 80.37 -39.39
N THR H 29 -4.40 80.88 -39.09
CA THR H 29 -5.00 81.94 -39.90
C THR H 29 -5.99 82.71 -39.03
N ASP H 30 -6.83 83.48 -39.69
CA ASP H 30 -7.83 84.31 -38.99
C ASP H 30 -9.16 84.29 -39.73
N VAL H 31 -10.20 84.78 -39.06
CA VAL H 31 -11.60 84.64 -39.54
C VAL H 31 -11.79 85.21 -40.98
N ALA H 32 -11.30 86.43 -41.19
CA ALA H 32 -11.48 87.12 -42.50
C ALA H 32 -10.73 86.40 -43.61
N ALA H 33 -9.50 86.01 -43.32
CA ALA H 33 -8.68 85.23 -44.30
C ALA H 33 -9.32 83.86 -44.61
N TYR H 34 -9.95 83.28 -43.60
CA TYR H 34 -10.65 81.96 -43.72
C TYR H 34 -11.94 82.09 -44.56
N GLU H 35 -12.73 83.13 -44.25
CA GLU H 35 -13.95 83.49 -45.06
C GLU H 35 -13.58 83.67 -46.53
N SER H 36 -12.49 84.37 -46.74
CA SER H 36 -11.97 84.69 -48.09
C SER H 36 -11.43 83.47 -48.86
N ASN H 37 -10.66 82.64 -48.19
CA ASN H 37 -10.04 81.44 -48.85
C ASN H 37 -10.95 80.22 -48.98
N GLN H 38 -11.83 80.05 -48.02
CA GLN H 38 -12.72 78.85 -47.96
C GLN H 38 -14.20 79.11 -48.21
N LYS H 39 -14.58 80.37 -48.24
CA LYS H 39 -15.92 80.81 -48.73
C LYS H 39 -17.08 80.15 -47.96
N GLY H 40 -16.87 79.94 -46.66
CA GLY H 40 -17.90 79.33 -45.77
C GLY H 40 -18.03 77.82 -45.85
N VAL H 41 -17.06 77.19 -46.51
CA VAL H 41 -17.02 75.71 -46.58
C VAL H 41 -16.00 75.17 -45.54
N LEU H 42 -16.50 74.38 -44.61
CA LEU H 42 -15.68 73.82 -43.54
C LEU H 42 -14.72 72.80 -44.12
N SER H 43 -13.59 72.65 -43.44
CA SER H 43 -12.49 71.77 -43.92
C SER H 43 -12.88 70.30 -43.82
N SER H 44 -13.76 69.99 -42.89
CA SER H 44 -14.19 68.62 -42.65
C SER H 44 -15.50 68.56 -41.88
N GLY H 45 -15.90 67.35 -41.50
CA GLY H 45 -17.13 67.11 -40.71
C GLY H 45 -17.03 67.42 -39.23
N LEU H 46 -15.92 68.00 -38.82
CA LEU H 46 -15.75 68.43 -37.41
C LEU H 46 -15.23 69.85 -37.35
N ALA H 47 -15.87 70.63 -36.50
CA ALA H 47 -15.37 71.99 -36.16
C ALA H 47 -15.36 72.19 -34.65
N VAL H 48 -14.39 72.96 -34.20
CA VAL H 48 -14.23 73.22 -32.78
C VAL H 48 -14.30 74.70 -32.49
N LEU H 49 -15.04 75.01 -31.45
CA LEU H 49 -15.18 76.39 -30.99
C LEU H 49 -14.78 76.50 -29.51
N VAL H 50 -13.74 77.30 -29.26
CA VAL H 50 -13.17 77.44 -27.90
C VAL H 50 -13.01 78.90 -27.46
N GLY H 51 -13.60 79.20 -26.32
CA GLY H 51 -13.44 80.52 -25.72
C GLY H 51 -14.03 80.59 -24.32
N THR H 52 -13.90 81.77 -23.72
CA THR H 52 -14.47 82.01 -22.38
C THR H 52 -15.97 82.15 -22.47
N HIS H 53 -16.62 82.11 -21.31
CA HIS H 53 -18.08 82.33 -21.18
C HIS H 53 -18.54 83.61 -21.88
N LYS H 54 -17.81 84.69 -21.58
CA LYS H 54 -18.06 86.01 -22.22
C LYS H 54 -17.76 86.00 -23.73
N GLN H 55 -16.61 85.47 -24.10
CA GLN H 55 -16.20 85.44 -25.55
C GLN H 55 -17.20 84.67 -26.44
N LEU H 56 -17.70 83.57 -25.89
CA LEU H 56 -18.68 82.70 -26.59
C LEU H 56 -20.03 83.40 -26.86
N ARG H 57 -20.30 84.45 -26.10
CA ARG H 57 -21.53 85.26 -26.23
C ARG H 57 -21.35 86.59 -26.95
N ASP H 58 -20.15 86.81 -27.47
CA ASP H 58 -19.87 87.97 -28.31
C ASP H 58 -20.73 87.83 -29.60
N PRO H 59 -21.33 88.94 -30.07
CA PRO H 59 -22.12 88.89 -31.33
C PRO H 59 -21.36 88.42 -32.56
N ALA H 60 -20.07 88.68 -32.58
CA ALA H 60 -19.19 88.21 -33.69
C ALA H 60 -19.22 86.67 -33.88
N VAL H 61 -19.50 85.95 -32.79
CA VAL H 61 -19.61 84.47 -32.81
C VAL H 61 -20.73 84.02 -33.76
N GLN H 62 -21.80 84.81 -33.81
CA GLN H 62 -22.95 84.51 -34.70
C GLN H 62 -22.63 84.60 -36.21
N ARG H 63 -21.58 85.31 -36.56
CA ARG H 63 -21.11 85.42 -37.98
C ARG H 63 -20.20 84.28 -38.41
N LEU H 64 -19.88 83.39 -37.48
CA LEU H 64 -19.10 82.18 -37.82
C LEU H 64 -19.95 81.21 -38.67
N PRO H 65 -19.33 80.62 -39.71
CA PRO H 65 -20.04 79.86 -40.76
C PRO H 65 -20.83 78.65 -40.30
N PHE H 66 -20.48 78.12 -39.15
CA PHE H 66 -21.18 76.93 -38.58
C PHE H 66 -22.29 77.30 -37.59
N TYR H 67 -22.43 78.58 -37.29
CA TYR H 67 -23.32 79.00 -36.19
C TYR H 67 -24.75 78.77 -36.56
N ASN H 68 -25.50 78.26 -35.61
CA ASN H 68 -26.97 78.08 -35.75
C ASN H 68 -27.61 77.90 -34.36
N PRO H 69 -28.94 77.73 -34.26
CA PRO H 69 -29.57 77.66 -32.92
C PRO H 69 -29.13 76.51 -32.03
N ALA H 70 -28.70 75.43 -32.65
CA ALA H 70 -28.14 74.26 -31.90
C ALA H 70 -26.78 74.60 -31.23
N VAL H 71 -25.94 75.30 -31.98
CA VAL H 71 -24.64 75.77 -31.50
C VAL H 71 -24.86 76.78 -30.36
N ALA H 72 -25.86 77.62 -30.53
CA ALA H 72 -26.26 78.60 -29.46
C ALA H 72 -26.68 77.86 -28.20
N GLU H 73 -27.42 76.78 -28.38
CA GLU H 73 -27.81 75.92 -27.23
C GLU H 73 -26.60 75.20 -26.59
N ALA H 74 -25.66 74.78 -27.43
CA ALA H 74 -24.39 74.16 -26.94
C ALA H 74 -23.63 75.13 -26.00
N ILE H 75 -23.60 76.39 -26.42
CA ILE H 75 -22.96 77.47 -25.64
C ILE H 75 -23.65 77.62 -24.27
N GLU H 76 -24.96 77.44 -24.25
CA GLU H 76 -25.75 77.51 -22.98
C GLU H 76 -25.54 76.32 -22.07
N ARG H 77 -25.38 75.16 -22.66
CA ARG H 77 -25.29 73.89 -21.87
C ARG H 77 -23.87 73.44 -21.46
N VAL H 78 -22.88 73.96 -22.15
CA VAL H 78 -21.48 73.58 -21.90
C VAL H 78 -21.06 74.00 -20.49
N LYS H 79 -20.33 73.13 -19.82
CA LYS H 79 -19.79 73.44 -18.48
C LYS H 79 -18.43 74.11 -18.58
N GLU H 80 -18.12 74.97 -17.62
CA GLU H 80 -16.78 75.59 -17.52
C GLU H 80 -15.73 74.48 -17.42
N GLY H 81 -14.74 74.56 -18.29
CA GLY H 81 -13.70 73.50 -18.41
C GLY H 81 -14.11 72.26 -19.17
N GLY H 82 -15.31 72.25 -19.70
CA GLY H 82 -15.86 71.08 -20.39
C GLY H 82 -16.22 71.39 -21.84
N THR H 83 -16.66 70.34 -22.52
CA THR H 83 -17.07 70.43 -23.93
C THR H 83 -18.51 69.99 -24.09
N TYR H 84 -19.07 70.37 -25.23
CA TYR H 84 -20.47 70.03 -25.59
C TYR H 84 -20.61 70.04 -27.11
N GLY H 85 -21.06 68.92 -27.64
CA GLY H 85 -21.11 68.70 -29.09
C GLY H 85 -22.52 68.70 -29.64
N VAL H 86 -22.67 69.27 -30.82
CA VAL H 86 -23.95 69.24 -31.56
C VAL H 86 -23.76 68.98 -33.05
N LEU H 87 -24.76 68.31 -33.64
CA LEU H 87 -24.78 68.10 -35.11
C LEU H 87 -25.48 69.25 -35.81
N VAL H 88 -24.88 69.70 -36.89
CA VAL H 88 -25.48 70.71 -37.78
C VAL H 88 -25.70 70.06 -39.14
N GLU H 89 -26.96 69.98 -39.53
CA GLU H 89 -27.36 69.35 -40.82
C GLU H 89 -27.18 70.29 -42.01
N GLY H 90 -26.71 69.69 -43.11
CA GLY H 90 -26.57 70.40 -44.42
C GLY H 90 -25.66 71.61 -44.40
N LEU H 91 -24.56 71.48 -43.68
CA LEU H 91 -23.54 72.54 -43.62
C LEU H 91 -22.42 72.16 -44.58
N ALA H 92 -22.11 73.07 -45.48
CA ALA H 92 -21.11 72.82 -46.52
C ALA H 92 -19.75 72.48 -45.89
N ASN H 93 -19.17 71.37 -46.35
CA ASN H 93 -17.82 70.96 -45.90
C ASN H 93 -17.10 70.15 -46.96
N ALA H 94 -15.77 70.24 -46.93
CA ALA H 94 -14.92 69.61 -47.97
C ALA H 94 -14.92 68.08 -47.96
N ALA H 95 -15.32 67.50 -46.84
CA ALA H 95 -15.43 66.00 -46.74
C ALA H 95 -16.76 65.48 -47.29
N GLY H 96 -17.66 66.39 -47.60
CA GLY H 96 -19.01 66.02 -48.09
C GLY H 96 -19.85 65.25 -47.08
N SER H 97 -19.60 65.51 -45.81
CA SER H 97 -20.33 64.87 -44.72
C SER H 97 -21.73 65.50 -44.60
N LYS H 98 -22.73 64.66 -44.37
CA LYS H 98 -24.15 65.10 -44.29
C LYS H 98 -24.38 66.02 -43.09
N PHE H 99 -23.83 65.60 -41.96
CA PHE H 99 -23.83 66.39 -40.73
C PHE H 99 -22.42 66.85 -40.39
N VAL H 100 -22.33 68.07 -39.88
CA VAL H 100 -21.09 68.56 -39.31
C VAL H 100 -21.23 68.53 -37.81
N ARG H 101 -20.23 67.99 -37.13
CA ARG H 101 -20.19 68.00 -35.65
C ARG H 101 -19.47 69.25 -35.20
N VAL H 102 -20.14 70.04 -34.39
CA VAL H 102 -19.56 71.26 -33.80
C VAL H 102 -19.40 71.04 -32.30
N VAL H 103 -18.14 71.09 -31.83
CA VAL H 103 -17.82 70.93 -30.41
C VAL H 103 -17.42 72.25 -29.82
N VAL H 104 -18.21 72.68 -28.85
CA VAL H 104 -17.95 73.93 -28.11
C VAL H 104 -17.18 73.60 -26.84
N GLY H 105 -16.20 74.43 -26.53
CA GLY H 105 -15.43 74.28 -25.27
C GLY H 105 -15.29 75.60 -24.53
N GLU H 106 -15.60 75.58 -23.25
CA GLU H 106 -15.54 76.78 -22.41
C GLU H 106 -14.26 76.84 -21.54
N VAL H 107 -13.51 77.91 -21.75
CA VAL H 107 -12.28 78.22 -21.03
C VAL H 107 -12.58 79.12 -19.81
N PRO H 108 -12.05 78.79 -18.63
CA PRO H 108 -12.27 79.63 -17.46
C PRO H 108 -11.55 80.95 -17.60
N THR H 109 -12.06 81.96 -16.90
CA THR H 109 -11.34 83.26 -16.81
C THR H 109 -10.47 83.30 -15.55
N LYS H 110 -10.83 82.51 -14.54
CA LYS H 110 -10.07 82.40 -13.26
C LYS H 110 -8.62 82.10 -13.59
N ALA H 111 -7.73 82.92 -13.07
CA ALA H 111 -6.29 82.77 -13.29
C ALA H 111 -5.55 83.52 -12.19
N SER H 112 -4.71 82.80 -11.45
CA SER H 112 -3.96 83.38 -10.34
C SER H 112 -2.82 84.21 -10.93
N ARG H 113 -2.22 85.05 -10.10
CA ARG H 113 -1.06 85.89 -10.50
C ARG H 113 0.16 85.11 -11.00
N ASN H 114 0.21 83.81 -10.72
CA ASN H 114 1.33 82.95 -11.15
C ASN H 114 0.98 82.11 -12.38
N ASN H 115 -0.15 82.43 -13.00
CA ASN H 115 -0.63 81.70 -14.18
C ASN H 115 -0.76 82.59 -15.43
N CYS H 116 -0.89 81.93 -16.57
CA CYS H 116 -1.16 82.59 -17.85
C CYS H 116 -2.65 82.92 -17.88
N PRO H 117 -3.02 84.24 -17.93
CA PRO H 117 -4.45 84.68 -17.95
C PRO H 117 -5.36 83.99 -18.98
N ALA H 118 -4.75 83.60 -20.10
CA ALA H 118 -5.50 82.96 -21.20
C ALA H 118 -5.78 81.47 -20.97
N ARG H 119 -5.22 80.94 -19.90
CA ARG H 119 -5.43 79.53 -19.48
C ARG H 119 -5.27 78.52 -20.63
N PRO H 120 -4.11 78.55 -21.32
CA PRO H 120 -3.86 77.62 -22.41
C PRO H 120 -3.84 76.16 -21.98
N ASP H 121 -3.60 75.92 -20.69
CA ASP H 121 -3.77 74.56 -20.11
C ASP H 121 -5.15 73.97 -20.42
N VAL H 122 -6.19 74.78 -20.28
CA VAL H 122 -7.56 74.30 -20.52
C VAL H 122 -7.85 74.21 -22.02
N VAL H 123 -7.33 75.17 -22.74
CA VAL H 123 -7.43 75.17 -24.21
C VAL H 123 -6.93 73.82 -24.75
N THR H 124 -5.75 73.44 -24.31
CA THR H 124 -5.17 72.13 -24.71
C THR H 124 -6.13 70.94 -24.42
N ALA H 125 -6.65 70.90 -23.21
CA ALA H 125 -7.55 69.80 -22.80
C ALA H 125 -8.87 69.79 -23.58
N LEU H 126 -9.40 70.98 -23.85
CA LEU H 126 -10.66 71.13 -24.62
C LEU H 126 -10.53 70.63 -26.07
N VAL H 127 -9.48 71.06 -26.72
CA VAL H 127 -9.26 70.64 -28.09
C VAL H 127 -8.96 69.13 -28.13
N THR H 128 -8.20 68.65 -27.17
CA THR H 128 -7.87 67.20 -27.06
C THR H 128 -9.17 66.39 -27.01
N ALA H 129 -10.05 66.79 -26.12
CA ALA H 129 -11.36 66.11 -25.92
C ALA H 129 -12.22 66.17 -27.20
N ALA H 130 -12.21 67.33 -27.84
CA ALA H 130 -12.99 67.53 -29.09
C ALA H 130 -12.46 66.67 -30.23
N LEU H 131 -11.14 66.55 -30.32
CA LEU H 131 -10.50 65.74 -31.39
C LEU H 131 -10.69 64.23 -31.22
N ASP H 132 -11.12 63.83 -30.04
CA ASP H 132 -11.46 62.42 -29.76
C ASP H 132 -12.76 62.01 -30.49
N GLU H 133 -13.51 63.00 -30.93
CA GLU H 133 -14.75 62.78 -31.75
C GLU H 133 -14.50 62.77 -33.27
N VAL H 134 -13.25 62.60 -33.66
CA VAL H 134 -12.88 62.58 -35.09
C VAL H 134 -13.28 61.22 -35.67
N LYS H 135 -14.01 61.27 -36.79
CA LYS H 135 -14.51 60.04 -37.49
C LYS H 135 -13.40 59.38 -38.31
N GLU H 136 -12.96 60.07 -39.34
CA GLU H 136 -11.97 59.54 -40.31
C GLU H 136 -10.51 59.96 -39.96
N PRO H 137 -9.51 59.34 -40.64
CA PRO H 137 -8.11 59.73 -40.53
C PRO H 137 -7.83 60.87 -41.51
N ASN H 138 -6.62 61.41 -41.53
CA ASN H 138 -6.15 62.46 -42.46
C ASN H 138 -7.15 63.60 -42.88
N THR H 139 -8.03 63.98 -41.95
CA THR H 139 -8.91 65.16 -42.14
C THR H 139 -8.25 66.39 -41.57
N THR H 140 -8.76 67.53 -42.01
CA THR H 140 -8.36 68.83 -41.48
C THR H 140 -9.51 69.33 -40.59
N VAL H 141 -9.17 69.69 -39.36
CA VAL H 141 -10.18 70.16 -38.39
C VAL H 141 -10.00 71.65 -38.18
N ASP H 142 -11.07 72.39 -38.38
CA ASP H 142 -11.05 73.85 -38.15
C ASP H 142 -11.27 74.11 -36.67
N VAL H 143 -10.32 74.80 -36.08
CA VAL H 143 -10.36 75.12 -34.63
C VAL H 143 -10.46 76.62 -34.47
N PHE H 144 -11.66 77.07 -34.14
CA PHE H 144 -11.94 78.52 -34.02
C PHE H 144 -11.70 78.88 -32.59
N VAL H 145 -10.75 79.76 -32.38
CA VAL H 145 -10.41 80.20 -31.02
C VAL H 145 -10.80 81.67 -30.89
N LEU H 146 -11.48 81.99 -29.81
CA LEU H 146 -11.96 83.37 -29.54
C LEU H 146 -10.93 84.29 -28.85
N SER H 147 -9.87 83.70 -28.35
CA SER H 147 -8.76 84.46 -27.73
C SER H 147 -7.80 84.95 -28.81
N ASN H 148 -7.19 86.10 -28.56
CA ASN H 148 -6.09 86.65 -29.41
C ASN H 148 -4.68 86.51 -28.79
N ALA H 149 -4.57 85.70 -27.74
CA ALA H 149 -3.26 85.45 -27.09
C ALA H 149 -2.52 84.41 -27.89
N VAL H 150 -1.94 84.86 -29.01
CA VAL H 150 -1.56 83.94 -30.11
C VAL H 150 -0.42 82.97 -29.78
N LEU H 151 0.56 83.43 -29.03
CA LEU H 151 1.70 82.55 -28.68
C LEU H 151 1.26 81.40 -27.77
N PRO H 152 0.58 81.72 -26.65
CA PRO H 152 0.22 80.61 -25.75
C PRO H 152 -0.76 79.63 -26.40
N ILE H 153 -1.68 80.16 -27.19
CA ILE H 153 -2.64 79.30 -27.90
C ILE H 153 -1.92 78.42 -28.94
N ALA H 154 -0.95 78.99 -29.64
CA ALA H 154 -0.19 78.20 -30.68
C ALA H 154 0.48 76.97 -30.09
N ALA H 155 1.16 77.20 -28.99
CA ALA H 155 1.80 76.12 -28.24
C ALA H 155 0.79 75.14 -27.62
N ALA H 156 -0.31 75.68 -27.10
CA ALA H 156 -1.38 74.85 -26.46
C ALA H 156 -2.01 73.85 -27.43
N VAL H 157 -2.27 74.32 -28.63
CA VAL H 157 -2.83 73.50 -29.71
C VAL H 157 -1.79 72.53 -30.29
N ALA H 158 -0.56 72.98 -30.43
CA ALA H 158 0.54 72.08 -30.83
C ALA H 158 0.68 70.87 -29.92
N ARG H 159 0.44 71.12 -28.65
CA ARG H 159 0.50 70.12 -27.51
C ARG H 159 -0.62 69.13 -27.48
N CYS H 160 -1.73 69.52 -28.07
CA CYS H 160 -3.00 68.83 -27.78
C CYS H 160 -3.19 67.63 -28.67
N GLY H 161 -4.20 66.84 -28.34
CA GLY H 161 -4.61 65.71 -29.15
C GLY H 161 -3.61 64.57 -29.16
N LYS H 162 -3.75 63.68 -30.13
CA LYS H 162 -2.85 62.51 -30.29
C LYS H 162 -1.45 62.95 -30.70
N HIS H 163 -0.47 62.21 -30.23
CA HIS H 163 0.94 62.62 -30.34
C HIS H 163 1.50 62.14 -31.65
N ASN H 164 2.36 62.95 -32.23
CA ASN H 164 3.01 62.59 -33.50
C ASN H 164 3.89 61.33 -33.40
N PHE H 165 4.45 61.11 -32.23
CA PHE H 165 5.10 59.82 -31.96
C PHE H 165 4.05 58.73 -31.68
N SER H 166 4.16 57.66 -32.43
CA SER H 166 3.33 56.46 -32.17
C SER H 166 3.97 55.16 -32.66
N ALA H 167 3.74 54.10 -31.91
CA ALA H 167 4.10 52.74 -32.31
C ALA H 167 2.87 51.83 -32.49
N LYS H 168 1.68 52.42 -32.42
CA LYS H 168 0.43 51.64 -32.57
C LYS H 168 0.18 51.27 -34.05
N ASP H 169 -0.45 50.12 -34.23
CA ASP H 169 -1.08 49.72 -35.53
C ASP H 169 -0.14 49.86 -36.74
N GLY H 170 1.05 49.28 -36.63
CA GLY H 170 2.02 49.24 -37.73
C GLY H 170 2.84 50.49 -37.94
N ALA H 171 2.63 51.51 -37.11
CA ALA H 171 3.38 52.80 -37.23
C ALA H 171 4.91 52.66 -37.12
N ALA H 172 5.35 51.59 -36.46
CA ALA H 172 6.81 51.24 -36.41
C ALA H 172 7.46 51.07 -37.79
N ALA H 173 6.67 50.57 -38.74
CA ALA H 173 7.12 50.46 -40.16
C ALA H 173 7.15 51.81 -40.91
N ALA H 174 6.50 52.80 -40.34
CA ALA H 174 6.48 54.19 -40.90
C ALA H 174 7.30 55.17 -40.07
N ALA H 175 8.41 54.65 -39.54
CA ALA H 175 9.35 55.44 -38.72
C ALA H 175 8.68 56.09 -37.48
N TYR H 176 7.67 55.43 -36.96
CA TYR H 176 6.95 55.86 -35.73
C TYR H 176 6.27 57.23 -35.88
N ASN H 177 5.90 57.55 -37.11
CA ASN H 177 5.04 58.71 -37.41
C ASN H 177 3.60 58.26 -37.27
N SER H 178 2.87 58.90 -36.38
CA SER H 178 1.47 58.51 -36.12
C SER H 178 0.63 58.74 -37.36
N GLY H 179 -0.26 57.80 -37.62
CA GLY H 179 -1.29 57.97 -38.68
C GLY H 179 -2.63 58.48 -38.14
N LYS H 180 -2.66 58.71 -36.84
CA LYS H 180 -3.89 59.12 -36.09
C LYS H 180 -4.01 60.61 -35.78
N VAL H 181 -3.05 61.37 -36.25
CA VAL H 181 -3.02 62.82 -36.01
C VAL H 181 -3.85 63.54 -37.08
N SER H 182 -4.70 64.46 -36.63
CA SER H 182 -5.49 65.31 -37.53
C SER H 182 -4.72 66.58 -37.87
N ARG H 183 -4.78 67.00 -39.13
CA ARG H 183 -4.31 68.35 -39.50
C ARG H 183 -5.25 69.34 -38.77
N LEU H 184 -4.69 70.37 -38.18
CA LEU H 184 -5.47 71.38 -37.43
C LEU H 184 -5.29 72.77 -37.98
N GLN H 185 -6.39 73.38 -38.40
CA GLN H 185 -6.39 74.80 -38.81
C GLN H 185 -6.94 75.68 -37.72
N VAL H 186 -6.04 76.40 -37.10
CA VAL H 186 -6.38 77.32 -36.01
C VAL H 186 -6.80 78.66 -36.61
N VAL H 187 -7.99 79.07 -36.26
CA VAL H 187 -8.58 80.32 -36.79
C VAL H 187 -8.78 81.36 -35.68
N PHE H 188 -7.88 82.34 -35.64
CA PHE H 188 -7.96 83.43 -34.66
C PHE H 188 -9.02 84.44 -35.09
N PRO H 189 -9.55 85.23 -34.13
CA PRO H 189 -10.51 86.30 -34.51
C PRO H 189 -9.91 87.36 -35.42
N GLU H 190 -8.70 87.79 -35.09
CA GLU H 190 -7.99 88.83 -35.87
C GLU H 190 -6.70 88.28 -36.46
N PRO H 191 -6.15 88.94 -37.50
CA PRO H 191 -4.83 88.55 -37.97
C PRO H 191 -3.83 88.53 -36.82
N PRO H 192 -3.07 87.43 -36.67
CA PRO H 192 -2.27 87.29 -35.46
C PRO H 192 -1.15 88.33 -35.39
N ALA H 193 -0.95 88.86 -34.19
CA ALA H 193 0.17 89.82 -33.94
C ALA H 193 1.56 89.24 -34.30
N ILE H 194 1.66 87.92 -34.23
CA ILE H 194 2.85 87.17 -34.64
C ILE H 194 2.49 86.49 -35.94
N PRO H 195 3.32 86.61 -36.97
CA PRO H 195 2.94 86.02 -38.26
C PRO H 195 2.69 84.52 -38.20
N PRO H 196 1.73 84.01 -39.00
CA PRO H 196 1.43 82.58 -39.02
C PRO H 196 2.64 81.65 -39.20
N LYS H 197 3.58 82.04 -40.06
CA LYS H 197 4.77 81.21 -40.38
C LYS H 197 5.70 81.09 -39.14
N ASP H 198 5.74 82.15 -38.36
CA ASP H 198 6.46 82.17 -37.07
C ASP H 198 5.76 81.30 -36.01
N LEU H 199 4.43 81.39 -35.95
CA LEU H 199 3.66 80.53 -35.04
C LEU H 199 3.83 79.06 -35.41
N GLU H 200 3.91 78.79 -36.70
CA GLU H 200 4.17 77.40 -37.19
C GLU H 200 5.50 76.86 -36.70
N ALA H 201 6.52 77.70 -36.74
CA ALA H 201 7.85 77.31 -36.30
C ALA H 201 7.84 76.95 -34.81
N VAL H 202 7.12 77.75 -34.04
CA VAL H 202 6.93 77.53 -32.59
C VAL H 202 6.20 76.19 -32.32
N ALA H 203 5.10 76.00 -33.01
CA ALA H 203 4.31 74.75 -32.89
C ALA H 203 5.13 73.52 -33.27
N THR H 204 5.94 73.68 -34.30
CA THR H 204 6.84 72.63 -34.79
C THR H 204 7.85 72.24 -33.71
N SER H 205 8.43 73.24 -33.07
CA SER H 205 9.42 73.02 -32.01
C SER H 205 8.79 72.37 -30.76
N THR H 206 7.58 72.78 -30.41
CA THR H 206 6.82 72.15 -29.32
C THR H 206 6.61 70.66 -29.61
N GLN H 207 6.22 70.38 -30.83
CA GLN H 207 5.90 69.01 -31.21
C GLN H 207 7.12 68.12 -31.41
N LEU H 208 8.19 68.68 -31.93
CA LEU H 208 9.47 67.95 -32.09
C LEU H 208 10.04 67.60 -30.71
N CYS H 209 9.98 68.58 -29.82
CA CYS H 209 10.35 68.39 -28.42
C CYS H 209 9.56 67.21 -27.82
N GLN H 210 8.25 67.24 -28.08
CA GLN H 210 7.33 66.21 -27.60
C GLN H 210 7.67 64.84 -28.16
N ARG H 211 8.01 64.83 -29.43
CA ARG H 211 8.48 63.62 -30.11
C ARG H 211 9.74 63.00 -29.49
N LEU H 212 10.72 63.85 -29.26
CA LEU H 212 11.99 63.40 -28.67
C LEU H 212 11.77 62.82 -27.26
N VAL H 213 10.90 63.47 -26.51
CA VAL H 213 10.63 63.09 -25.10
C VAL H 213 9.80 61.81 -24.99
N ASP H 214 8.80 61.74 -25.84
CA ASP H 214 7.93 60.54 -25.95
C ASP H 214 8.67 59.30 -26.40
N ALA H 215 9.67 59.49 -27.23
CA ALA H 215 10.36 58.35 -27.86
C ALA H 215 11.01 57.44 -26.81
N PRO H 216 10.85 56.12 -26.94
CA PRO H 216 11.49 55.22 -26.03
C PRO H 216 13.00 55.23 -26.22
N PRO H 217 13.76 54.86 -25.17
CA PRO H 217 15.21 54.94 -25.27
C PRO H 217 15.86 53.95 -26.22
N ASN H 218 15.14 52.92 -26.63
CA ASN H 218 15.68 52.05 -27.71
C ASN H 218 15.74 52.80 -29.05
N LEU H 219 15.00 53.90 -29.18
CA LEU H 219 15.00 54.76 -30.40
C LEU H 219 15.77 56.06 -30.25
N LEU H 220 15.48 56.76 -29.17
CA LEU H 220 16.23 57.96 -28.84
C LEU H 220 17.37 57.60 -27.88
N THR H 221 18.53 57.43 -28.47
CA THR H 221 19.79 57.18 -27.75
C THR H 221 20.71 58.38 -27.79
N THR H 222 21.85 58.25 -27.13
CA THR H 222 22.85 59.34 -27.16
C THR H 222 23.30 59.57 -28.61
N ALA H 223 23.39 58.48 -29.34
CA ALA H 223 23.85 58.50 -30.73
C ALA H 223 22.81 59.11 -31.66
N THR H 224 21.57 58.64 -31.56
CA THR H 224 20.49 59.15 -32.45
C THR H 224 20.12 60.61 -32.15
N PHE H 225 20.18 61.00 -30.88
CA PHE H 225 19.95 62.40 -30.51
C PHE H 225 21.05 63.26 -31.19
N THR H 226 22.29 62.80 -31.10
CA THR H 226 23.45 63.50 -31.73
C THR H 226 23.25 63.64 -33.26
N GLU H 227 22.88 62.53 -33.89
CA GLU H 227 22.63 62.51 -35.36
C GLU H 227 21.53 63.47 -35.77
N ILE H 228 20.50 63.56 -34.95
CA ILE H 228 19.38 64.49 -35.17
C ILE H 228 19.86 65.93 -35.14
N ALA H 229 20.65 66.24 -34.14
CA ALA H 229 21.27 67.59 -34.02
C ALA H 229 22.16 67.90 -35.24
N GLN H 230 22.93 66.92 -35.67
CA GLN H 230 23.82 67.06 -36.89
C GLN H 230 23.03 67.25 -38.18
N GLY H 231 21.96 66.49 -38.32
CA GLY H 231 21.03 66.66 -39.45
C GLY H 231 20.47 68.10 -39.54
N TYR H 232 20.02 68.65 -38.41
CA TYR H 232 19.46 70.02 -38.37
C TYR H 232 20.56 71.06 -38.64
N ALA H 233 21.76 70.76 -38.19
CA ALA H 233 22.94 71.63 -38.46
C ALA H 233 23.25 71.74 -39.97
N LYS H 234 23.27 70.61 -40.66
CA LYS H 234 23.45 70.58 -42.13
C LYS H 234 22.33 71.39 -42.80
N ALA H 235 21.08 71.09 -42.44
CA ALA H 235 19.89 71.71 -43.09
C ALA H 235 19.75 73.22 -42.85
N LEU H 236 20.04 73.67 -41.64
CA LEU H 236 19.86 75.10 -41.26
C LEU H 236 21.15 75.92 -41.25
N GLY H 237 22.27 75.24 -41.36
CA GLY H 237 23.60 75.90 -41.47
C GLY H 237 24.09 76.53 -40.20
N PHE H 238 23.99 75.79 -39.11
CA PHE H 238 24.65 76.22 -37.84
C PHE H 238 25.78 75.25 -37.52
N ASP H 239 26.69 75.67 -36.65
CA ASP H 239 27.86 74.85 -36.27
C ASP H 239 27.51 73.82 -35.22
N VAL H 240 28.18 72.68 -35.32
CA VAL H 240 28.02 71.58 -34.34
C VAL H 240 29.39 71.01 -33.95
N ASP H 241 29.60 70.92 -32.65
CA ASP H 241 30.81 70.37 -32.05
C ASP H 241 30.40 69.19 -31.17
N VAL H 242 31.07 68.07 -31.35
CA VAL H 242 30.75 66.84 -30.64
C VAL H 242 32.00 66.28 -29.97
N ILE H 243 31.93 66.12 -28.66
CA ILE H 243 32.98 65.44 -27.89
C ILE H 243 32.39 64.13 -27.43
N CYS H 244 32.94 63.05 -27.94
CA CYS H 244 32.35 61.69 -27.87
C CYS H 244 33.16 60.74 -26.98
N GLY H 245 32.47 60.02 -26.10
CA GLY H 245 33.02 58.82 -25.41
C GLY H 245 34.31 59.01 -24.62
N ASP H 246 35.32 58.22 -24.97
CA ASP H 246 36.61 58.29 -24.26
C ASP H 246 37.35 59.64 -24.39
N ASP H 247 37.08 60.37 -25.47
CA ASP H 247 37.63 61.75 -25.63
C ASP H 247 37.17 62.69 -24.50
N LEU H 248 36.00 62.42 -23.96
CA LEU H 248 35.49 63.19 -22.79
C LEU H 248 36.42 63.03 -21.59
N CYS H 249 36.84 61.79 -21.37
CA CYS H 249 37.83 61.49 -20.31
C CYS H 249 39.21 62.12 -20.58
N GLU H 250 39.71 61.94 -21.80
CA GLU H 250 41.03 62.51 -22.19
C GLU H 250 41.07 64.04 -22.07
N ARG H 251 39.95 64.67 -22.30
CA ARG H 251 39.85 66.16 -22.26
C ARG H 251 39.38 66.72 -20.94
N GLY H 252 39.29 65.86 -19.92
CA GLY H 252 38.99 66.28 -18.52
C GLY H 252 37.50 66.43 -18.15
N TYR H 253 36.61 66.01 -19.03
CA TYR H 253 35.17 66.04 -18.75
C TYR H 253 34.75 64.81 -17.93
N GLY H 254 35.25 64.77 -16.70
CA GLY H 254 35.08 63.58 -15.82
C GLY H 254 33.65 63.30 -15.36
N GLY H 255 32.87 64.36 -15.27
CA GLY H 255 31.50 64.27 -14.80
C GLY H 255 30.62 63.52 -15.80
N ILE H 256 30.47 64.11 -16.97
CA ILE H 256 29.65 63.47 -18.01
C ILE H 256 30.21 62.11 -18.45
N TYR H 257 31.53 62.03 -18.52
CA TYR H 257 32.17 60.74 -18.87
C TYR H 257 31.78 59.66 -17.85
N SER H 258 31.94 59.97 -16.57
CA SER H 258 31.71 58.96 -15.49
C SER H 258 30.25 58.51 -15.42
N VAL H 259 29.35 59.45 -15.59
CA VAL H 259 27.90 59.12 -15.59
C VAL H 259 27.56 58.17 -16.73
N GLY H 260 28.07 58.46 -17.92
CA GLY H 260 27.66 57.78 -19.17
C GLY H 260 28.42 56.53 -19.59
N LYS H 261 29.54 56.28 -18.94
CA LYS H 261 30.51 55.26 -19.44
C LYS H 261 30.08 53.82 -19.37
N ALA H 262 29.09 53.55 -18.53
CA ALA H 262 28.61 52.16 -18.37
C ALA H 262 27.72 51.74 -19.50
N ALA H 263 27.17 52.72 -20.20
CA ALA H 263 26.14 52.48 -21.20
C ALA H 263 26.69 51.83 -22.47
N PHE H 264 25.77 51.21 -23.18
CA PHE H 264 26.05 50.61 -24.49
C PHE H 264 26.46 51.69 -25.51
N GLU H 265 25.73 52.79 -25.50
CA GLU H 265 26.05 53.96 -26.35
C GLU H 265 26.77 55.00 -25.53
N ALA H 266 27.89 55.46 -26.07
CA ALA H 266 28.80 56.38 -25.35
C ALA H 266 28.12 57.73 -25.06
N PRO H 267 28.55 58.40 -23.99
CA PRO H 267 28.10 59.76 -23.77
C PRO H 267 28.71 60.79 -24.75
N ARG H 268 28.05 61.91 -24.88
CA ARG H 268 28.47 62.97 -25.79
C ARG H 268 28.15 64.33 -25.23
N LEU H 269 29.10 65.22 -25.35
CA LEU H 269 28.88 66.64 -25.13
C LEU H 269 28.75 67.31 -26.52
N VAL H 270 27.55 67.74 -26.82
CA VAL H 270 27.20 68.27 -28.14
C VAL H 270 26.93 69.75 -28.00
N THR H 271 27.74 70.56 -28.64
CA THR H 271 27.55 72.01 -28.60
C THR H 271 27.18 72.58 -30.01
N LEU H 272 26.08 73.32 -30.04
CA LEU H 272 25.55 73.97 -31.26
C LEU H 272 25.72 75.48 -31.12
N LEU H 273 26.13 76.12 -32.23
CA LEU H 273 26.40 77.58 -32.24
C LEU H 273 25.61 78.29 -33.32
N TYR H 274 24.99 79.39 -32.91
CA TYR H 274 24.24 80.26 -33.82
C TYR H 274 24.60 81.69 -33.51
N THR H 275 25.04 82.38 -34.56
CA THR H 275 25.38 83.83 -34.47
C THR H 275 24.53 84.56 -35.50
N PRO H 276 23.70 85.52 -35.05
CA PRO H 276 22.79 86.17 -35.99
C PRO H 276 23.56 87.12 -36.91
N LYS H 277 22.94 87.47 -38.04
CA LYS H 277 23.56 88.41 -39.04
C LYS H 277 23.87 89.80 -38.45
N GLY H 278 22.98 90.32 -37.63
CA GLY H 278 23.20 91.65 -37.06
C GLY H 278 24.10 91.60 -35.83
N THR H 279 24.15 92.73 -35.12
CA THR H 279 24.68 92.75 -33.75
C THR H 279 23.69 92.13 -32.80
N PRO H 280 24.14 91.21 -31.94
CA PRO H 280 23.21 90.52 -31.05
C PRO H 280 22.84 91.31 -29.80
N VAL H 281 21.59 91.15 -29.38
CA VAL H 281 21.08 91.87 -28.17
C VAL H 281 21.68 91.31 -26.87
N LYS H 282 22.00 90.02 -26.90
CA LYS H 282 22.62 89.28 -25.77
C LYS H 282 23.35 88.05 -26.29
N LYS H 283 24.35 87.64 -25.52
CA LYS H 283 24.97 86.31 -25.72
C LYS H 283 24.47 85.36 -24.63
N VAL H 284 23.84 84.29 -25.06
CA VAL H 284 23.18 83.36 -24.15
C VAL H 284 23.68 81.96 -24.43
N SER H 285 24.10 81.29 -23.37
CA SER H 285 24.49 79.87 -23.43
C SER H 285 23.41 78.99 -22.79
N LEU H 286 22.87 78.09 -23.60
CA LEU H 286 21.91 77.10 -23.13
C LEU H 286 22.63 75.79 -22.81
N VAL H 287 22.20 75.15 -21.73
CA VAL H 287 22.74 73.86 -21.33
C VAL H 287 21.59 72.95 -20.91
N GLY H 288 21.51 71.78 -21.51
CA GLY H 288 20.42 70.85 -21.22
C GLY H 288 20.84 69.46 -20.74
N LYS H 289 20.12 68.98 -19.73
CA LYS H 289 20.30 67.62 -19.19
C LYS H 289 19.71 66.65 -20.21
N GLY H 290 20.58 65.89 -20.86
CA GLY H 290 20.16 64.91 -21.86
C GLY H 290 20.34 63.47 -21.43
N ILE H 291 19.75 63.14 -20.30
CA ILE H 291 19.82 61.77 -19.79
C ILE H 291 18.72 60.98 -20.52
N VAL H 292 19.18 60.31 -21.57
CA VAL H 292 18.36 59.51 -22.49
C VAL H 292 17.57 58.42 -21.75
N TYR H 293 18.16 57.87 -20.72
CA TYR H 293 17.47 57.00 -19.74
C TYR H 293 18.23 56.98 -18.41
N ASP H 294 17.47 57.19 -17.33
CA ASP H 294 17.99 57.30 -15.95
C ASP H 294 17.50 56.03 -15.23
N CYS H 295 18.30 54.98 -15.28
CA CYS H 295 18.00 53.77 -14.46
C CYS H 295 18.40 53.96 -12.98
N GLY H 296 19.18 54.99 -12.72
CA GLY H 296 19.72 55.30 -11.38
C GLY H 296 21.19 54.94 -11.21
N GLY H 297 21.70 54.16 -12.15
CA GLY H 297 23.03 53.57 -12.04
C GLY H 297 23.04 52.52 -10.93
N LEU H 298 24.18 52.40 -10.26
CA LEU H 298 24.32 51.44 -9.15
C LEU H 298 23.28 51.69 -8.04
N ALA H 299 22.90 52.98 -7.89
CA ALA H 299 21.74 53.37 -7.03
C ALA H 299 20.46 53.15 -7.83
N LEU H 300 20.20 51.88 -8.10
CA LEU H 300 19.14 51.44 -9.00
C LEU H 300 17.76 51.85 -8.50
N LYS H 301 17.01 52.46 -9.40
CA LYS H 301 15.63 52.82 -9.10
C LYS H 301 14.77 51.56 -9.02
N PRO H 302 13.81 51.53 -8.07
CA PRO H 302 12.75 50.52 -8.18
C PRO H 302 11.93 50.74 -9.46
N ALA H 303 11.29 49.69 -9.91
CA ALA H 303 10.59 49.67 -11.24
C ALA H 303 9.51 50.74 -11.40
N ASP H 304 8.72 50.94 -10.35
CA ASP H 304 7.69 52.03 -10.30
C ASP H 304 8.28 53.40 -10.66
N TYR H 305 9.46 53.66 -10.10
CA TYR H 305 10.16 54.95 -10.27
C TYR H 305 10.95 55.04 -11.57
N MET H 306 11.28 53.89 -12.13
CA MET H 306 12.12 53.83 -13.36
C MET H 306 11.29 54.01 -14.62
N LYS H 307 10.01 53.69 -14.52
CA LYS H 307 9.05 53.98 -15.61
C LYS H 307 9.04 55.50 -15.89
N LEU H 308 8.94 55.83 -17.17
CA LEU H 308 8.96 57.24 -17.66
C LEU H 308 10.30 57.98 -17.53
N MET H 309 11.36 57.24 -17.25
CA MET H 309 12.72 57.85 -17.14
C MET H 309 13.34 58.12 -18.51
N LYS H 310 12.66 57.69 -19.55
CA LYS H 310 12.92 58.18 -20.93
C LYS H 310 12.68 59.68 -21.09
N HIS H 311 11.85 60.24 -20.22
CA HIS H 311 11.64 61.69 -20.13
C HIS H 311 12.80 62.48 -19.52
N ASP H 312 13.84 61.80 -19.04
CA ASP H 312 14.96 62.45 -18.34
C ASP H 312 15.89 63.28 -19.28
N MET H 313 15.55 63.32 -20.55
CA MET H 313 16.26 64.16 -21.55
C MET H 313 15.39 65.35 -21.97
N GLY H 314 14.35 65.63 -21.19
CA GLY H 314 13.41 66.71 -21.52
C GLY H 314 14.01 68.09 -21.54
N GLY H 315 15.01 68.29 -20.73
CA GLY H 315 15.75 69.56 -20.66
C GLY H 315 16.63 69.80 -21.90
N ALA H 316 17.28 68.74 -22.36
CA ALA H 316 18.06 68.79 -23.61
C ALA H 316 17.17 68.99 -24.84
N ALA H 317 16.03 68.33 -24.83
CA ALA H 317 15.03 68.52 -25.91
C ALA H 317 14.53 70.00 -25.95
N ALA H 318 14.23 70.53 -24.78
CA ALA H 318 13.66 71.88 -24.65
C ALA H 318 14.60 72.93 -25.19
N VAL H 319 15.82 72.80 -24.74
CA VAL H 319 16.92 73.70 -25.08
C VAL H 319 17.27 73.55 -26.60
N PHE H 320 17.26 72.33 -27.07
CA PHE H 320 17.56 72.02 -28.48
C PHE H 320 16.53 72.65 -29.41
N CYS H 321 15.26 72.46 -29.05
CA CYS H 321 14.16 72.96 -29.87
C CYS H 321 13.96 74.49 -29.73
N GLY H 322 14.32 75.05 -28.59
CA GLY H 322 14.32 76.52 -28.41
C GLY H 322 15.37 77.16 -29.32
N PHE H 323 16.52 76.50 -29.35
CA PHE H 323 17.63 76.86 -30.27
C PHE H 323 17.19 76.80 -31.75
N LEU H 324 16.53 75.72 -32.14
CA LEU H 324 16.02 75.57 -33.51
C LEU H 324 15.09 76.70 -33.88
N THR H 325 14.18 77.02 -32.98
CA THR H 325 13.22 78.09 -33.22
C THR H 325 13.95 79.41 -33.44
N ALA H 326 14.95 79.67 -32.62
CA ALA H 326 15.75 80.92 -32.73
C ALA H 326 16.45 81.03 -34.11
N VAL H 327 16.94 79.91 -34.60
CA VAL H 327 17.60 79.85 -35.90
C VAL H 327 16.57 80.02 -37.03
N ARG H 328 15.47 79.29 -36.95
CA ARG H 328 14.40 79.39 -37.97
C ARG H 328 13.76 80.78 -38.06
N LEU H 329 13.56 81.43 -36.93
CA LEU H 329 13.00 82.80 -36.87
C LEU H 329 14.06 83.91 -36.89
N GLN H 330 15.32 83.50 -36.95
CA GLN H 330 16.46 84.46 -37.00
C GLN H 330 16.38 85.46 -35.87
N GLN H 331 16.13 84.95 -34.68
CA GLN H 331 16.06 85.82 -33.50
C GLN H 331 17.44 86.43 -33.26
N PRO H 332 17.50 87.71 -32.85
CA PRO H 332 18.79 88.43 -32.77
C PRO H 332 19.56 88.17 -31.49
N VAL H 333 19.67 86.91 -31.14
CA VAL H 333 20.41 86.48 -29.93
C VAL H 333 21.53 85.55 -30.39
N GLN H 334 22.71 85.79 -29.89
CA GLN H 334 23.81 84.87 -30.12
C GLN H 334 23.68 83.71 -29.11
N LEU H 335 23.68 82.50 -29.62
CA LEU H 335 23.40 81.31 -28.82
C LEU H 335 24.47 80.25 -28.93
N SER H 336 24.77 79.66 -27.79
CA SER H 336 25.30 78.29 -27.75
C SER H 336 24.22 77.39 -27.12
N CYS H 337 24.20 76.15 -27.54
CA CYS H 337 23.31 75.14 -26.99
C CYS H 337 24.13 73.86 -26.76
N THR H 338 24.38 73.56 -25.49
CA THR H 338 25.20 72.40 -25.10
C THR H 338 24.25 71.28 -24.57
N LEU H 339 24.25 70.17 -25.27
CA LEU H 339 23.48 69.01 -24.88
C LEU H 339 24.37 68.03 -24.13
N CYS H 340 24.01 67.76 -22.88
CA CYS H 340 24.77 66.82 -22.01
C CYS H 340 24.13 65.44 -22.11
N LEU H 341 24.63 64.67 -23.05
CA LEU H 341 24.00 63.41 -23.44
C LEU H 341 24.67 62.19 -22.85
N ALA H 342 23.89 61.43 -22.10
CA ALA H 342 24.36 60.20 -21.50
C ALA H 342 23.19 59.32 -21.13
N GLU H 343 23.45 58.02 -21.09
CA GLU H 343 22.54 57.09 -20.43
C GLU H 343 23.17 56.74 -19.10
N ASN H 344 22.38 56.86 -18.05
CA ASN H 344 22.78 56.45 -16.68
C ASN H 344 22.43 54.96 -16.50
N ALA H 345 23.40 54.14 -16.82
CA ALA H 345 23.21 52.68 -16.95
C ALA H 345 23.91 51.93 -15.82
N ILE H 346 23.53 50.66 -15.72
CA ILE H 346 24.05 49.79 -14.66
C ILE H 346 24.84 48.67 -15.30
N GLY H 347 26.06 48.48 -14.82
CA GLY H 347 26.94 47.41 -15.31
C GLY H 347 28.33 47.45 -14.70
N PRO H 348 29.27 46.67 -15.26
CA PRO H 348 30.61 46.58 -14.69
C PRO H 348 31.41 47.87 -14.76
N LYS H 349 31.10 48.72 -15.71
CA LYS H 349 31.82 50.03 -15.87
C LYS H 349 31.12 51.22 -15.14
N SER H 350 30.02 50.91 -14.47
CA SER H 350 29.25 51.91 -13.70
C SER H 350 30.11 52.70 -12.75
N TYR H 351 29.92 54.00 -12.78
CA TYR H 351 30.49 54.84 -11.75
C TYR H 351 29.79 54.49 -10.41
N ARG H 352 30.55 54.60 -9.34
CA ARG H 352 30.12 54.06 -8.06
C ARG H 352 29.74 55.07 -7.05
N ASN H 353 28.93 54.61 -6.13
CA ASN H 353 28.67 55.32 -4.86
C ASN H 353 29.92 55.19 -3.97
N ASP H 354 30.78 56.20 -4.03
CA ASP H 354 32.15 56.27 -3.40
C ASP H 354 33.20 56.80 -4.36
N ASP H 355 32.94 56.67 -5.66
CA ASP H 355 33.91 57.15 -6.67
C ASP H 355 34.07 58.67 -6.53
N ILE H 356 35.27 59.13 -6.85
CA ILE H 356 35.62 60.55 -6.81
C ILE H 356 35.90 60.98 -8.23
N ILE H 357 35.17 61.98 -8.65
CA ILE H 357 35.20 62.49 -10.02
C ILE H 357 35.99 63.79 -10.07
N VAL H 358 36.86 63.88 -11.07
CA VAL H 358 37.53 65.16 -11.40
C VAL H 358 36.71 65.83 -12.49
N MET H 359 35.97 66.85 -12.11
CA MET H 359 35.14 67.58 -13.08
C MET H 359 36.00 68.41 -14.02
N LYS H 360 35.42 68.81 -15.11
CA LYS H 360 36.10 69.73 -16.07
C LYS H 360 36.53 71.01 -15.39
N SER H 361 35.73 71.48 -14.45
CA SER H 361 36.04 72.68 -13.66
C SER H 361 37.30 72.58 -12.79
N GLY H 362 37.83 71.37 -12.67
CA GLY H 362 38.98 71.10 -11.75
C GLY H 362 38.57 70.69 -10.34
N LYS H 363 37.30 70.91 -10.01
CA LYS H 363 36.76 70.51 -8.71
C LYS H 363 36.42 69.05 -8.64
N THR H 364 36.67 68.48 -7.47
CA THR H 364 36.43 67.03 -7.24
C THR H 364 35.09 66.82 -6.57
N VAL H 365 34.41 65.79 -7.02
CA VAL H 365 33.09 65.41 -6.54
C VAL H 365 33.06 63.96 -6.05
N GLU H 366 32.71 63.80 -4.79
CA GLU H 366 32.51 62.49 -4.20
C GLU H 366 31.08 62.07 -4.50
N VAL H 367 30.94 60.93 -5.16
CA VAL H 367 29.62 60.41 -5.53
C VAL H 367 29.02 59.65 -4.37
N ILE H 368 28.02 60.24 -3.75
CA ILE H 368 27.25 59.64 -2.66
C ILE H 368 26.14 58.74 -3.21
N ASN H 369 25.55 59.20 -4.29
CA ASN H 369 24.42 58.57 -4.94
C ASN H 369 24.45 58.78 -6.46
N THR H 370 24.59 57.70 -7.18
CA THR H 370 24.74 57.73 -8.63
C THR H 370 23.47 58.18 -9.37
N ASP H 371 22.36 58.20 -8.66
CA ASP H 371 21.05 58.59 -9.23
C ASP H 371 20.79 60.11 -9.22
N ALA H 372 21.70 60.81 -8.56
CA ALA H 372 21.87 62.28 -8.67
C ALA H 372 22.95 62.60 -9.74
N GLU H 373 22.67 62.13 -10.93
CA GLU H 373 23.57 62.14 -12.09
C GLU H 373 23.45 63.42 -12.93
N GLY H 374 22.27 63.99 -12.92
CA GLY H 374 21.98 65.17 -13.70
C GLY H 374 22.82 66.39 -13.35
N ARG H 375 22.93 66.67 -12.05
CA ARG H 375 23.72 67.81 -11.59
C ARG H 375 25.18 67.66 -12.02
N ILE H 376 25.63 66.43 -12.08
CA ILE H 376 27.01 66.15 -12.48
C ILE H 376 27.24 66.47 -13.97
N VAL H 377 26.39 65.91 -14.83
CA VAL H 377 26.57 66.16 -16.28
C VAL H 377 26.42 67.67 -16.59
N LEU H 378 25.50 68.32 -15.88
CA LEU H 378 25.25 69.76 -16.02
C LEU H 378 26.41 70.61 -15.55
N GLY H 379 27.08 70.12 -14.52
CA GLY H 379 28.31 70.79 -14.03
C GLY H 379 29.36 70.92 -15.12
N ASP H 380 29.59 69.82 -15.82
CA ASP H 380 30.52 69.82 -16.97
C ASP H 380 29.98 70.69 -18.13
N GLY H 381 28.68 70.60 -18.35
CA GLY H 381 27.99 71.42 -19.38
C GLY H 381 28.14 72.92 -19.19
N VAL H 382 27.87 73.39 -17.97
CA VAL H 382 27.95 74.84 -17.69
C VAL H 382 29.39 75.36 -17.68
N PHE H 383 30.33 74.51 -17.27
CA PHE H 383 31.75 74.91 -17.30
C PHE H 383 32.20 75.03 -18.75
N HIS H 384 31.78 74.07 -19.55
CA HIS H 384 32.04 74.11 -20.98
C HIS H 384 31.54 75.42 -21.58
N ALA H 385 30.29 75.71 -21.30
CA ALA H 385 29.64 76.91 -21.87
C ALA H 385 30.32 78.20 -21.42
N THR H 386 30.78 78.22 -20.18
CA THR H 386 31.32 79.46 -19.58
C THR H 386 32.83 79.62 -19.68
N ASN H 387 33.50 78.57 -20.11
CA ASN H 387 34.99 78.57 -20.20
C ASN H 387 35.58 78.22 -21.56
N GLU H 388 34.90 77.38 -22.30
CA GLU H 388 35.50 76.70 -23.46
C GLU H 388 35.07 77.20 -24.85
N LEU H 389 34.13 78.12 -24.89
CA LEU H 389 33.61 78.62 -26.17
C LEU H 389 34.40 79.84 -26.66
N SER H 390 34.11 80.24 -27.90
CA SER H 390 34.76 81.42 -28.51
C SER H 390 34.25 82.77 -27.97
N PHE H 391 33.18 82.72 -27.23
CA PHE H 391 32.70 83.91 -26.47
C PHE H 391 32.40 83.53 -25.02
N THR H 392 32.19 84.54 -24.20
CA THR H 392 31.70 84.37 -22.82
C THR H 392 30.24 84.84 -22.77
N PRO H 393 29.31 83.99 -22.27
CA PRO H 393 27.90 84.38 -22.29
C PRO H 393 27.55 85.38 -21.22
N ASP H 394 26.54 86.16 -21.52
CA ASP H 394 25.97 87.13 -20.58
C ASP H 394 25.02 86.43 -19.64
N VAL H 395 24.39 85.40 -20.18
CA VAL H 395 23.36 84.62 -19.47
C VAL H 395 23.55 83.16 -19.77
N VAL H 396 23.50 82.36 -18.73
CA VAL H 396 23.52 80.89 -18.86
C VAL H 396 22.18 80.40 -18.39
N ILE H 397 21.55 79.62 -19.24
CA ILE H 397 20.28 78.98 -18.90
C ILE H 397 20.47 77.48 -18.94
N ASP H 398 20.30 76.83 -17.81
CA ASP H 398 20.31 75.35 -17.86
C ASP H 398 18.91 74.83 -17.61
N MET H 399 18.52 73.86 -18.39
CA MET H 399 17.20 73.26 -18.23
C MET H 399 17.35 71.78 -18.02
N ALA H 400 16.64 71.27 -17.05
CA ALA H 400 16.84 69.87 -16.63
C ALA H 400 15.65 69.28 -15.89
N THR H 401 15.34 68.03 -16.21
CA THR H 401 14.38 67.24 -15.44
C THR H 401 15.15 66.70 -14.23
N LEU H 402 15.36 67.55 -13.26
CA LEU H 402 16.43 67.32 -12.27
C LEU H 402 16.06 66.60 -10.97
N THR H 403 14.98 66.99 -10.34
CA THR H 403 14.61 66.49 -8.99
C THR H 403 13.16 66.17 -8.83
N GLY H 404 12.90 65.14 -8.03
CA GLY H 404 11.54 64.87 -7.49
C GLY H 404 11.01 65.99 -6.58
N ALA H 405 11.93 66.60 -5.85
CA ALA H 405 11.62 67.77 -5.00
C ALA H 405 10.89 68.88 -5.76
N GLN H 406 11.20 69.01 -7.03
CA GLN H 406 10.53 70.03 -7.91
C GLN H 406 9.01 69.94 -7.92
N GLY H 407 8.52 68.72 -8.03
CA GLY H 407 7.07 68.47 -8.05
C GLY H 407 6.42 68.82 -6.72
N ILE H 408 7.07 68.38 -5.66
CA ILE H 408 6.64 68.68 -4.28
C ILE H 408 6.62 70.20 -4.02
N ALA H 409 7.62 70.88 -4.54
CA ALA H 409 7.80 72.33 -4.29
C ALA H 409 6.87 73.20 -5.14
N THR H 410 6.95 73.06 -6.44
CA THR H 410 6.24 73.94 -7.39
C THR H 410 5.21 73.26 -8.30
N GLY H 411 5.16 71.93 -8.25
CA GLY H 411 4.05 71.20 -8.85
C GLY H 411 4.24 70.79 -10.27
N ARG H 412 3.16 70.27 -10.83
CA ARG H 412 3.20 69.69 -12.20
C ARG H 412 3.16 70.63 -13.38
N HIS H 413 2.73 71.85 -13.13
CA HIS H 413 2.58 72.86 -14.22
C HIS H 413 3.59 73.99 -14.18
N HIS H 414 4.36 74.07 -13.12
CA HIS H 414 5.31 75.19 -12.92
C HIS H 414 6.72 74.67 -12.74
N ALA H 415 7.58 74.99 -13.69
CA ALA H 415 9.00 74.68 -13.55
C ALA H 415 9.57 75.51 -12.42
N GLY H 416 10.48 74.91 -11.66
CA GLY H 416 11.17 75.62 -10.59
C GLY H 416 12.35 76.43 -11.09
N LEU H 417 12.46 77.67 -10.62
CA LEU H 417 13.58 78.57 -11.02
C LEU H 417 14.49 78.88 -9.86
N TYR H 418 15.74 78.56 -10.07
CA TYR H 418 16.82 78.89 -9.15
C TYR H 418 17.75 79.87 -9.89
N VAL H 419 17.81 81.11 -9.42
CA VAL H 419 18.39 82.20 -10.23
C VAL H 419 19.21 83.13 -9.36
N ASN H 420 20.42 83.41 -9.83
CA ASN H 420 21.37 84.28 -9.07
C ASN H 420 21.08 85.79 -9.09
N GLU H 421 20.18 86.21 -9.96
CA GLU H 421 19.79 87.64 -10.07
C GLU H 421 18.29 87.82 -10.10
N GLU H 422 17.80 88.79 -9.33
CA GLU H 422 16.36 89.11 -9.31
C GLU H 422 15.82 89.43 -10.73
N GLY H 423 16.57 90.23 -11.49
CA GLY H 423 16.12 90.74 -12.81
C GLY H 423 15.89 89.65 -13.85
N ALA H 424 16.84 88.74 -13.93
CA ALA H 424 16.76 87.58 -14.86
C ALA H 424 15.64 86.61 -14.48
N GLU H 425 15.44 86.48 -13.20
CA GLU H 425 14.34 85.69 -12.64
C GLU H 425 12.96 86.24 -13.03
N ALA H 426 12.78 87.52 -12.78
CA ALA H 426 11.52 88.23 -13.11
C ALA H 426 11.19 88.12 -14.58
N ALA H 427 12.23 88.23 -15.40
CA ALA H 427 12.07 88.15 -16.87
C ALA H 427 11.70 86.75 -17.35
N MET H 428 12.30 85.73 -16.76
CA MET H 428 11.91 84.34 -17.08
C MET H 428 10.47 84.04 -16.60
N LEU H 429 10.11 84.53 -15.43
CA LEU H 429 8.71 84.40 -14.91
C LEU H 429 7.70 85.02 -15.86
N ARG H 430 8.00 86.23 -16.29
CA ARG H 430 7.14 86.94 -17.28
C ARG H 430 7.00 86.14 -18.58
N ALA H 431 8.11 85.62 -19.05
CA ALA H 431 8.13 84.78 -20.25
C ALA H 431 7.26 83.50 -20.10
N GLY H 432 7.30 82.94 -18.91
CA GLY H 432 6.43 81.79 -18.56
C GLY H 432 4.94 82.11 -18.58
N ARG H 433 4.61 83.26 -18.05
CA ARG H 433 3.20 83.72 -18.04
C ARG H 433 2.67 84.09 -19.42
N GLU H 434 3.55 84.61 -20.25
CA GLU H 434 3.16 85.03 -21.63
C GLU H 434 3.06 83.85 -22.52
N SER H 435 4.00 82.94 -22.36
CA SER H 435 4.07 81.71 -23.20
C SER H 435 3.07 80.64 -22.81
N GLY H 436 2.61 80.70 -21.57
CA GLY H 436 1.82 79.57 -20.97
C GLY H 436 2.67 78.46 -20.34
N GLU H 437 3.97 78.47 -20.60
CA GLU H 437 4.94 77.51 -20.03
C GLU H 437 5.48 78.10 -18.71
N THR H 438 4.60 78.07 -17.73
CA THR H 438 4.76 78.74 -16.47
C THR H 438 5.86 78.17 -15.56
N CYS H 439 6.38 79.07 -14.76
CA CYS H 439 7.51 78.84 -13.85
C CYS H 439 7.21 79.44 -12.50
N PHE H 440 7.97 79.04 -11.51
CA PHE H 440 7.86 79.63 -10.16
C PHE H 440 9.22 79.55 -9.46
N PRO H 441 9.62 80.60 -8.71
CA PRO H 441 10.93 80.53 -8.10
C PRO H 441 11.05 79.58 -6.94
N VAL H 442 12.23 79.02 -6.81
CA VAL H 442 12.62 78.34 -5.58
C VAL H 442 13.68 79.16 -4.86
N LEU H 443 13.83 78.89 -3.57
CA LEU H 443 14.78 79.59 -2.70
C LEU H 443 16.18 79.66 -3.31
N TYR H 444 16.67 80.88 -3.43
CA TYR H 444 18.10 81.15 -3.73
C TYR H 444 18.77 81.63 -2.45
N CYS H 445 19.63 80.79 -1.91
CA CYS H 445 20.34 81.09 -0.65
C CYS H 445 21.61 80.19 -0.52
N PRO H 446 22.63 80.48 -1.35
CA PRO H 446 23.86 79.67 -1.43
C PRO H 446 24.57 79.41 -0.09
N GLU H 447 24.57 80.39 0.78
CA GLU H 447 25.14 80.23 2.12
C GLU H 447 24.49 79.08 2.90
N TYR H 448 23.21 78.80 2.66
CA TYR H 448 22.53 77.65 3.33
C TYR H 448 22.60 76.35 2.57
N HIS H 449 22.86 76.43 1.28
CA HIS H 449 22.95 75.21 0.42
C HIS H 449 24.32 74.56 0.50
N GLU H 450 25.33 75.41 0.52
CA GLU H 450 26.75 75.02 0.51
C GLU H 450 27.14 73.92 1.55
N PRO H 451 26.71 74.04 2.83
CA PRO H 451 27.12 73.06 3.84
C PRO H 451 26.53 71.67 3.65
N GLU H 452 25.48 71.56 2.85
CA GLU H 452 24.86 70.25 2.57
C GLU H 452 25.75 69.34 1.72
N PHE H 453 26.76 69.92 1.06
CA PHE H 453 27.64 69.18 0.17
C PHE H 453 29.08 68.99 0.70
N LYS H 454 29.26 69.12 2.00
CA LYS H 454 30.56 68.91 2.63
C LYS H 454 31.04 67.45 2.45
N SER H 455 32.30 67.32 2.07
CA SER H 455 32.96 66.02 1.86
C SER H 455 34.27 65.90 2.65
N ASN H 456 34.52 64.71 3.13
CA ASN H 456 35.78 64.44 3.86
C ASN H 456 37.02 64.53 2.98
N HIS H 457 36.91 63.99 1.78
CA HIS H 457 38.07 63.79 0.89
C HIS H 457 38.06 64.51 -0.45
N ALA H 458 36.90 64.91 -0.90
CA ALA H 458 36.75 65.67 -2.16
C ALA H 458 36.27 67.08 -1.86
N ASP H 459 36.27 67.93 -2.89
CA ASP H 459 35.81 69.34 -2.71
C ASP H 459 34.36 69.40 -2.30
N MET H 460 33.60 68.47 -2.81
CA MET H 460 32.17 68.39 -2.52
C MET H 460 31.61 66.98 -2.78
N THR H 461 30.43 66.73 -2.23
CA THR H 461 29.64 65.54 -2.58
C THR H 461 28.68 65.95 -3.68
N ASN H 462 27.96 64.97 -4.20
CA ASN H 462 26.85 65.20 -5.16
C ASN H 462 25.46 65.09 -4.60
N LEU H 463 25.36 64.98 -3.30
CA LEU H 463 24.06 64.76 -2.66
C LEU H 463 24.01 65.49 -1.33
N MET H 464 22.88 66.12 -1.09
CA MET H 464 22.63 66.80 0.19
C MET H 464 22.65 65.77 1.33
N GLU H 465 23.34 66.14 2.38
CA GLU H 465 23.36 65.39 3.63
C GLU H 465 21.95 65.25 4.23
N ARG H 466 21.21 66.35 4.21
CA ARG H 466 19.82 66.41 4.70
C ARG H 466 18.92 66.74 3.53
N ARG H 467 18.17 65.75 3.08
CA ARG H 467 17.31 65.82 1.87
C ARG H 467 16.18 66.86 2.02
N ASP H 468 15.82 67.14 3.25
CA ASP H 468 14.70 68.07 3.55
C ASP H 468 15.14 69.54 3.80
N ASN H 469 16.12 69.99 3.03
CA ASN H 469 16.71 71.36 3.15
C ASN H 469 16.83 72.07 1.81
N ALA H 470 15.67 72.25 1.18
CA ALA H 470 15.52 72.97 -0.10
C ALA H 470 16.18 72.19 -1.24
N GLY H 471 15.50 71.12 -1.60
CA GLY H 471 16.03 70.13 -2.54
C GLY H 471 16.12 70.56 -3.99
N VAL H 472 15.23 71.45 -4.40
CA VAL H 472 15.32 72.02 -5.77
C VAL H 472 16.51 72.99 -5.85
N SER H 473 16.63 73.76 -4.80
CA SER H 473 17.67 74.80 -4.70
C SER H 473 19.09 74.21 -4.61
N CYS H 474 19.24 73.20 -3.78
CA CYS H 474 20.59 72.58 -3.56
C CYS H 474 21.16 71.96 -4.82
N ALA H 475 20.31 71.37 -5.63
CA ALA H 475 20.75 70.81 -6.92
C ALA H 475 21.22 71.92 -7.86
N GLY H 476 20.48 73.01 -7.83
CA GLY H 476 20.89 74.21 -8.54
C GLY H 476 22.23 74.73 -8.06
N TYR H 477 22.36 74.83 -6.75
CA TYR H 477 23.62 75.29 -6.14
C TYR H 477 24.82 74.47 -6.62
N PHE H 478 24.65 73.16 -6.62
CA PHE H 478 25.73 72.24 -7.03
C PHE H 478 26.27 72.63 -8.40
N ILE H 479 25.35 72.85 -9.31
CA ILE H 479 25.66 73.21 -10.70
C ILE H 479 26.46 74.52 -10.76
N THR H 480 26.05 75.48 -9.96
CA THR H 480 26.74 76.78 -9.95
C THR H 480 28.22 76.70 -9.51
N THR H 481 28.55 75.73 -8.66
CA THR H 481 29.94 75.56 -8.21
C THR H 481 30.92 75.23 -9.34
N HIS H 482 30.37 74.79 -10.47
CA HIS H 482 31.16 74.47 -11.66
C HIS H 482 31.12 75.52 -12.78
N LEU H 483 30.47 76.64 -12.52
CA LEU H 483 30.58 77.82 -13.42
C LEU H 483 32.04 78.32 -13.45
N SER H 484 32.53 78.63 -14.64
CA SER H 484 33.87 79.25 -14.77
C SER H 484 33.94 80.59 -14.02
N PRO H 485 35.08 80.88 -13.35
CA PRO H 485 35.34 82.22 -12.78
C PRO H 485 35.32 83.39 -13.81
N LYS H 486 35.59 83.06 -15.07
CA LYS H 486 35.44 84.01 -16.20
C LYS H 486 34.02 84.55 -16.37
N PHE H 487 33.06 83.82 -15.84
CA PHE H 487 31.64 84.16 -15.97
C PHE H 487 31.17 85.03 -14.79
N THR H 488 30.58 86.17 -15.12
CA THR H 488 30.07 87.13 -14.10
C THR H 488 28.62 87.53 -14.31
N GLY H 489 27.94 86.81 -15.19
CA GLY H 489 26.56 87.17 -15.60
C GLY H 489 25.46 86.42 -14.88
N ALA H 490 24.28 86.42 -15.50
CA ALA H 490 23.06 85.83 -14.90
C ALA H 490 22.95 84.34 -15.18
N HIS H 491 22.65 83.59 -14.13
CA HIS H 491 22.50 82.13 -14.27
C HIS H 491 21.11 81.73 -13.87
N ILE H 492 20.42 81.16 -14.84
CA ILE H 492 19.04 80.71 -14.66
C ILE H 492 18.97 79.18 -14.72
N HIS H 493 18.68 78.59 -13.59
CA HIS H 493 18.46 77.11 -13.51
C HIS H 493 16.98 76.79 -13.53
N VAL H 494 16.59 76.01 -14.52
CA VAL H 494 15.18 75.65 -14.73
C VAL H 494 14.99 74.16 -14.48
N ASP H 495 14.28 73.86 -13.42
CA ASP H 495 13.99 72.45 -13.05
C ASP H 495 12.59 72.16 -13.57
N LEU H 496 12.53 71.38 -14.63
CA LEU H 496 11.26 71.05 -15.30
C LEU H 496 10.94 69.54 -15.26
N ALA H 497 11.26 68.92 -14.14
CA ALA H 497 11.04 67.47 -13.95
C ALA H 497 9.62 67.04 -14.30
N TYR H 498 8.65 67.70 -13.72
CA TYR H 498 7.24 67.35 -13.95
C TYR H 498 6.51 68.05 -15.12
N PRO H 499 6.79 69.34 -15.36
CA PRO H 499 6.07 70.02 -16.46
C PRO H 499 6.29 69.46 -17.87
N VAL H 500 7.34 68.68 -18.05
CA VAL H 500 7.63 68.05 -19.37
C VAL H 500 6.72 66.87 -19.73
N PHE H 501 5.87 66.44 -18.84
CA PHE H 501 4.96 65.35 -19.15
C PHE H 501 3.63 65.47 -18.40
N ASN H 502 2.62 64.83 -18.94
CA ASN H 502 1.37 64.58 -18.23
C ASN H 502 0.95 63.14 -18.48
N SER H 503 -0.26 62.79 -18.11
CA SER H 503 -0.71 61.38 -18.21
C SER H 503 -0.87 60.88 -19.66
N ASN H 504 -0.92 61.81 -20.60
CA ASN H 504 -0.84 61.44 -22.04
C ASN H 504 0.59 61.38 -22.65
N GLY H 505 1.61 61.70 -21.85
CA GLY H 505 2.99 61.69 -22.36
C GLY H 505 3.58 63.07 -22.38
N ALA H 506 4.56 63.27 -23.27
CA ALA H 506 5.31 64.54 -23.29
C ALA H 506 4.41 65.74 -23.60
N THR H 507 4.75 66.87 -23.00
CA THR H 507 4.02 68.14 -23.22
C THR H 507 4.72 69.07 -24.21
N GLY H 508 6.00 68.82 -24.48
CA GLY H 508 6.84 69.75 -25.25
C GLY H 508 7.12 71.09 -24.54
N PHE H 509 7.08 71.05 -23.23
CA PHE H 509 7.34 72.22 -22.37
C PHE H 509 8.80 72.62 -22.48
N GLY H 510 9.01 73.91 -22.69
CA GLY H 510 10.34 74.53 -22.62
C GLY H 510 10.71 75.44 -23.80
N PRO H 511 10.55 74.95 -25.03
CA PRO H 511 10.97 75.71 -26.21
C PRO H 511 10.28 77.07 -26.35
N ALA H 512 8.97 77.08 -26.17
CA ALA H 512 8.20 78.33 -26.26
C ALA H 512 8.54 79.32 -25.15
N LEU H 513 8.79 78.78 -23.97
CA LEU H 513 9.29 79.59 -22.85
C LEU H 513 10.52 80.36 -23.30
N LEU H 514 11.45 79.64 -23.91
CA LEU H 514 12.75 80.23 -24.35
C LEU H 514 12.58 81.27 -25.45
N THR H 515 11.77 80.91 -26.43
CA THR H 515 11.44 81.84 -27.53
C THR H 515 10.91 83.17 -26.99
N GLU H 516 9.93 83.09 -26.10
CA GLU H 516 9.37 84.28 -25.46
C GLU H 516 10.42 85.06 -24.65
N TYR H 517 11.28 84.34 -23.95
CA TYR H 517 12.34 84.98 -23.16
C TYR H 517 13.28 85.79 -24.05
N PHE H 518 13.71 85.13 -25.11
CA PHE H 518 14.65 85.74 -26.11
C PHE H 518 14.03 86.97 -26.80
N ARG H 519 12.75 86.84 -27.10
CA ARG H 519 11.93 87.91 -27.72
C ARG H 519 11.94 89.22 -26.92
N LYS H 520 12.02 89.11 -25.61
CA LYS H 520 11.96 90.27 -24.69
C LYS H 520 13.31 90.79 -24.17
N LEU H 521 14.39 90.24 -24.69
CA LEU H 521 15.73 90.59 -24.17
C LEU H 521 16.18 92.04 -24.51
N THR I 3 33.57 33.60 -24.91
CA THR I 3 34.74 32.75 -24.52
C THR I 3 34.73 32.45 -23.01
N LEU I 4 34.41 31.21 -22.68
CA LEU I 4 34.43 30.69 -21.29
C LEU I 4 35.78 30.07 -20.98
N PRO I 5 36.15 30.00 -19.69
CA PRO I 5 37.34 29.23 -19.34
C PRO I 5 37.20 27.74 -19.76
N LYS I 6 38.31 27.13 -20.16
CA LYS I 6 38.34 25.71 -20.62
C LYS I 6 37.72 24.74 -19.58
N ALA I 7 38.04 24.95 -18.31
CA ALA I 7 37.51 24.09 -17.21
C ALA I 7 35.98 24.17 -17.07
N GLU I 8 35.45 25.38 -17.27
CA GLU I 8 33.97 25.60 -17.22
C GLU I 8 33.27 24.95 -18.43
N ALA I 9 33.86 25.11 -19.60
CA ALA I 9 33.34 24.46 -20.86
C ALA I 9 33.31 22.90 -20.78
N LYS I 10 34.36 22.31 -20.24
CA LYS I 10 34.41 20.84 -20.00
C LYS I 10 33.29 20.40 -19.05
N GLU I 11 33.10 21.17 -17.99
CA GLU I 11 32.02 20.91 -17.00
C GLU I 11 30.63 21.00 -17.63
N LEU I 12 30.43 22.01 -18.47
CA LEU I 12 29.16 22.17 -19.20
C LEU I 12 28.88 21.01 -20.19
N SER I 13 29.89 20.60 -20.94
CA SER I 13 29.77 19.40 -21.85
C SER I 13 29.41 18.13 -21.13
N ALA I 14 30.06 17.92 -20.00
CA ALA I 14 29.79 16.73 -19.19
C ALA I 14 28.37 16.78 -18.63
N PHE I 15 27.94 17.96 -18.24
CA PHE I 15 26.57 18.13 -17.68
C PHE I 15 25.52 17.87 -18.77
N VAL I 16 25.81 18.37 -19.96
CA VAL I 16 24.93 18.13 -21.14
C VAL I 16 24.76 16.62 -21.36
N GLN I 17 25.87 15.94 -21.44
CA GLN I 17 25.90 14.49 -21.62
C GLN I 17 25.09 13.77 -20.53
N SER I 18 25.29 14.18 -19.29
CA SER I 18 24.52 13.59 -18.14
C SER I 18 23.02 13.70 -18.34
N CYS I 19 22.59 14.79 -18.95
CA CYS I 19 21.12 15.02 -19.19
C CYS I 19 20.63 14.20 -20.41
N VAL I 20 21.41 14.24 -21.48
CA VAL I 20 21.10 13.47 -22.70
C VAL I 20 21.04 11.96 -22.48
N GLU I 21 21.92 11.46 -21.62
CA GLU I 21 22.03 10.00 -21.34
C GLU I 21 21.29 9.57 -20.08
N TYR I 22 20.50 10.49 -19.52
CA TYR I 22 19.85 10.22 -18.23
C TYR I 22 19.00 8.97 -18.33
N LYS I 23 19.20 8.09 -17.38
CA LYS I 23 18.38 6.86 -17.21
C LYS I 23 17.78 6.85 -15.80
N THR I 24 16.54 6.41 -15.72
CA THR I 24 15.83 6.36 -14.43
C THR I 24 16.36 5.31 -13.48
N ASN I 25 16.20 5.59 -12.20
CA ASN I 25 16.53 4.63 -11.12
C ASN I 25 15.38 3.68 -10.77
N VAL I 26 14.24 3.88 -11.41
CA VAL I 26 13.00 3.17 -11.07
C VAL I 26 12.65 2.10 -12.12
N CYS I 27 12.27 0.92 -11.65
CA CYS I 27 11.64 -0.10 -12.52
C CYS I 27 10.36 -0.61 -11.87
N PHE I 28 9.52 -1.18 -12.70
CA PHE I 28 8.15 -1.56 -12.31
C PHE I 28 7.85 -3.04 -12.58
N THR I 29 7.14 -3.65 -11.65
CA THR I 29 6.69 -5.02 -11.79
C THR I 29 5.46 -5.25 -10.92
N ASP I 30 5.13 -6.53 -10.71
CA ASP I 30 3.93 -6.90 -9.89
C ASP I 30 4.23 -8.09 -8.99
N VAL I 31 3.34 -8.32 -8.04
CA VAL I 31 3.61 -9.30 -6.96
C VAL I 31 3.94 -10.71 -7.51
N ALA I 32 3.14 -11.18 -8.45
CA ALA I 32 3.34 -12.56 -9.00
C ALA I 32 4.66 -12.67 -9.79
N ALA I 33 4.94 -11.68 -10.62
CA ALA I 33 6.22 -11.63 -11.37
C ALA I 33 7.43 -11.54 -10.43
N TYR I 34 7.24 -10.84 -9.31
CA TYR I 34 8.31 -10.66 -8.28
C TYR I 34 8.55 -11.97 -7.52
N GLU I 35 7.46 -12.60 -7.09
CA GLU I 35 7.52 -13.96 -6.45
C GLU I 35 8.29 -14.93 -7.35
N SER I 36 7.97 -14.87 -8.63
CA SER I 36 8.53 -15.79 -9.66
C SER I 36 10.00 -15.52 -9.98
N ASN I 37 10.35 -14.25 -10.12
CA ASN I 37 11.76 -13.86 -10.42
C ASN I 37 12.73 -13.85 -9.22
N GLN I 38 12.22 -13.53 -8.06
CA GLN I 38 13.08 -13.35 -6.83
C GLN I 38 12.88 -14.38 -5.75
N LYS I 39 11.83 -15.18 -5.90
CA LYS I 39 11.61 -16.41 -5.07
C LYS I 39 11.56 -16.12 -3.55
N GLY I 40 11.01 -14.95 -3.20
CA GLY I 40 10.91 -14.53 -1.78
C GLY I 40 12.19 -13.94 -1.17
N VAL I 41 13.19 -13.67 -2.00
CA VAL I 41 14.44 -13.01 -1.57
C VAL I 41 14.29 -11.51 -1.85
N LEU I 42 14.36 -10.72 -0.79
CA LEU I 42 14.30 -9.22 -0.93
C LEU I 42 15.54 -8.73 -1.61
N SER I 43 15.37 -7.63 -2.31
CA SER I 43 16.47 -7.01 -3.07
C SER I 43 17.56 -6.46 -2.16
N SER I 44 17.18 -6.06 -0.96
CA SER I 44 18.11 -5.40 0.00
C SER I 44 17.57 -5.47 1.40
N GLY I 45 18.29 -4.82 2.31
CA GLY I 45 17.91 -4.74 3.74
C GLY I 45 16.81 -3.75 4.09
N LEU I 46 16.18 -3.19 3.08
CA LEU I 46 15.03 -2.29 3.27
C LEU I 46 13.91 -2.67 2.33
N ALA I 47 12.72 -2.72 2.89
CA ALA I 47 11.49 -2.83 2.09
C ALA I 47 10.44 -1.82 2.54
N VAL I 48 9.65 -1.37 1.59
CA VAL I 48 8.64 -0.35 1.86
C VAL I 48 7.25 -0.86 1.47
N LEU I 49 6.32 -0.62 2.35
CA LEU I 49 4.91 -0.99 2.14
C LEU I 49 4.00 0.21 2.30
N VAL I 50 3.33 0.57 1.21
CA VAL I 50 2.46 1.76 1.16
C VAL I 50 1.07 1.48 0.65
N GLY I 51 0.10 1.88 1.43
CA GLY I 51 -1.30 1.79 1.02
C GLY I 51 -2.23 2.48 1.98
N THR I 52 -3.51 2.44 1.66
CA THR I 52 -4.55 3.01 2.55
C THR I 52 -4.75 2.11 3.77
N HIS I 53 -5.44 2.66 4.76
CA HIS I 53 -5.82 1.94 6.02
C HIS I 53 -6.49 0.59 5.67
N LYS I 54 -7.44 0.66 4.76
CA LYS I 54 -8.15 -0.50 4.30
C LYS I 54 -7.25 -1.45 3.52
N GLN I 55 -6.49 -0.92 2.57
CA GLN I 55 -5.62 -1.76 1.70
C GLN I 55 -4.59 -2.54 2.53
N LEU I 56 -4.08 -1.89 3.56
CA LEU I 56 -3.05 -2.48 4.45
C LEU I 56 -3.58 -3.68 5.26
N ARG I 57 -4.90 -3.75 5.39
CA ARG I 57 -5.60 -4.83 6.14
C ARG I 57 -6.25 -5.87 5.24
N ASP I 58 -6.01 -5.73 3.94
CA ASP I 58 -6.40 -6.79 2.97
C ASP I 58 -5.62 -8.09 3.29
N PRO I 59 -6.30 -9.27 3.23
CA PRO I 59 -5.62 -10.54 3.53
C PRO I 59 -4.44 -10.84 2.60
N ALA I 60 -4.51 -10.32 1.37
CA ALA I 60 -3.40 -10.48 0.38
C ALA I 60 -2.06 -9.92 0.90
N VAL I 61 -2.14 -8.94 1.78
CA VAL I 61 -0.94 -8.32 2.40
C VAL I 61 -0.14 -9.37 3.18
N GLN I 62 -0.85 -10.29 3.81
CA GLN I 62 -0.20 -11.38 4.60
C GLN I 62 0.62 -12.37 3.77
N ARG I 63 0.36 -12.43 2.47
CA ARG I 63 1.13 -13.28 1.54
C ARG I 63 2.43 -12.61 1.05
N LEU I 64 2.65 -11.34 1.42
CA LEU I 64 3.88 -10.64 1.02
C LEU I 64 5.07 -11.25 1.78
N PRO I 65 6.22 -11.42 1.11
CA PRO I 65 7.37 -12.19 1.63
C PRO I 65 8.01 -11.67 2.91
N PHE I 66 7.82 -10.41 3.22
CA PHE I 66 8.37 -9.79 4.45
C PHE I 66 7.37 -9.74 5.60
N TYR I 67 6.13 -10.15 5.36
CA TYR I 67 5.07 -10.03 6.38
C TYR I 67 5.34 -10.95 7.57
N ASN I 68 5.13 -10.40 8.75
CA ASN I 68 5.21 -11.15 10.01
C ASN I 68 4.47 -10.37 11.13
N PRO I 69 4.44 -10.89 12.37
CA PRO I 69 3.66 -10.19 13.41
C PRO I 69 4.12 -8.75 13.75
N ALA I 70 5.39 -8.47 13.54
CA ALA I 70 5.94 -7.13 13.76
C ALA I 70 5.40 -6.13 12.73
N VAL I 71 5.35 -6.59 11.48
CA VAL I 71 4.82 -5.80 10.36
C VAL I 71 3.33 -5.55 10.58
N ALA I 72 2.66 -6.56 11.07
CA ALA I 72 1.22 -6.41 11.45
C ALA I 72 1.03 -5.32 12.51
N GLU I 73 1.93 -5.33 13.49
CA GLU I 73 1.92 -4.30 14.57
C GLU I 73 2.25 -2.90 14.01
N ALA I 74 3.17 -2.86 13.06
CA ALA I 74 3.49 -1.60 12.34
C ALA I 74 2.24 -1.00 11.67
N ILE I 75 1.47 -1.86 11.04
CA ILE I 75 0.21 -1.48 10.40
C ILE I 75 -0.79 -0.91 11.41
N GLU I 76 -0.78 -1.45 12.61
CA GLU I 76 -1.64 -0.95 13.71
C GLU I 76 -1.17 0.40 14.29
N ARG I 77 0.13 0.59 14.38
CA ARG I 77 0.71 1.80 15.05
C ARG I 77 0.96 3.01 14.13
N VAL I 78 1.02 2.76 12.83
CA VAL I 78 1.31 3.82 11.85
C VAL I 78 0.18 4.86 11.84
N LYS I 79 0.56 6.12 11.75
CA LYS I 79 -0.42 7.23 11.65
C LYS I 79 -0.76 7.51 10.21
N GLU I 80 -1.99 7.94 9.98
CA GLU I 80 -2.42 8.40 8.63
C GLU I 80 -1.46 9.52 8.15
N GLY I 81 -0.91 9.34 6.97
CA GLY I 81 0.10 10.27 6.39
C GLY I 81 1.50 10.08 6.92
N GLY I 82 1.69 9.11 7.79
CA GLY I 82 2.99 8.88 8.44
C GLY I 82 3.56 7.50 8.12
N THR I 83 4.76 7.27 8.61
CA THR I 83 5.45 5.99 8.43
C THR I 83 5.78 5.37 9.80
N TYR I 84 6.07 4.07 9.75
CA TYR I 84 6.43 3.27 10.95
C TYR I 84 7.29 2.08 10.53
N GLY I 85 8.45 1.98 11.14
CA GLY I 85 9.47 1.01 10.74
C GLY I 85 9.66 -0.09 11.77
N VAL I 86 9.84 -1.31 11.28
CA VAL I 86 10.18 -2.49 12.13
C VAL I 86 11.28 -3.39 11.52
N LEU I 87 12.07 -3.98 12.40
CA LEU I 87 13.10 -4.93 11.98
C LEU I 87 12.52 -6.33 11.91
N VAL I 88 12.86 -7.03 10.84
CA VAL I 88 12.50 -8.46 10.68
C VAL I 88 13.81 -9.26 10.62
N GLU I 89 14.00 -10.13 11.61
CA GLU I 89 15.22 -10.94 11.72
C GLU I 89 15.18 -12.17 10.79
N GLY I 90 16.33 -12.45 10.19
CA GLY I 90 16.56 -13.66 9.36
C GLY I 90 15.68 -13.78 8.13
N LEU I 91 15.43 -12.64 7.50
CA LEU I 91 14.64 -12.59 6.29
C LEU I 91 15.62 -12.57 5.14
N ALA I 92 15.44 -13.50 4.22
CA ALA I 92 16.34 -13.62 3.06
C ALA I 92 16.37 -12.34 2.22
N ASN I 93 17.57 -11.86 1.94
CA ASN I 93 17.76 -10.69 1.10
C ASN I 93 19.10 -10.71 0.40
N ALA I 94 19.15 -10.08 -0.75
CA ALA I 94 20.35 -10.12 -1.64
C ALA I 94 21.56 -9.37 -1.10
N ALA I 95 21.35 -8.46 -0.15
CA ALA I 95 22.47 -7.76 0.51
C ALA I 95 23.10 -8.56 1.66
N GLY I 96 22.48 -9.67 2.01
CA GLY I 96 22.95 -10.52 3.13
C GLY I 96 22.90 -9.82 4.49
N SER I 97 21.97 -8.89 4.63
CA SER I 97 21.76 -8.18 5.89
C SER I 97 21.07 -9.08 6.90
N LYS I 98 21.51 -9.01 8.15
CA LYS I 98 20.96 -9.87 9.22
C LYS I 98 19.50 -9.54 9.49
N PHE I 99 19.23 -8.26 9.55
CA PHE I 99 17.86 -7.76 9.74
C PHE I 99 17.44 -7.06 8.48
N VAL I 100 16.17 -7.20 8.15
CA VAL I 100 15.55 -6.38 7.12
C VAL I 100 14.66 -5.35 7.81
N ARG I 101 14.80 -4.10 7.37
CA ARG I 101 13.94 -3.02 7.87
C ARG I 101 12.73 -2.93 6.95
N VAL I 102 11.56 -2.99 7.55
CA VAL I 102 10.31 -2.84 6.80
C VAL I 102 9.63 -1.56 7.28
N VAL I 103 9.41 -0.66 6.35
CA VAL I 103 8.75 0.61 6.63
C VAL I 103 7.38 0.61 6.00
N VAL I 104 6.39 0.75 6.87
CA VAL I 104 4.99 0.86 6.47
C VAL I 104 4.59 2.34 6.39
N GLY I 105 3.83 2.67 5.36
CA GLY I 105 3.29 4.03 5.20
C GLY I 105 1.81 4.02 4.87
N GLU I 106 1.04 4.81 5.59
CA GLU I 106 -0.43 4.90 5.38
C GLU I 106 -0.86 6.12 4.58
N VAL I 107 -1.53 5.85 3.48
CA VAL I 107 -2.06 6.85 2.55
C VAL I 107 -3.51 7.17 2.92
N PRO I 108 -3.87 8.45 3.03
CA PRO I 108 -5.26 8.79 3.30
C PRO I 108 -6.17 8.42 2.15
N THR I 109 -7.43 8.29 2.47
CA THR I 109 -8.47 8.00 1.47
C THR I 109 -9.23 9.31 1.12
N LYS I 110 -9.21 10.26 2.05
CA LYS I 110 -9.77 11.63 1.85
C LYS I 110 -9.18 12.25 0.58
N ALA I 111 -10.05 12.67 -0.30
CA ALA I 111 -9.65 13.32 -1.56
C ALA I 111 -10.83 14.14 -2.10
N SER I 112 -10.60 15.43 -2.30
CA SER I 112 -11.65 16.36 -2.78
C SER I 112 -11.85 16.12 -4.25
N ARG I 113 -12.94 16.65 -4.77
CA ARG I 113 -13.27 16.53 -6.20
C ARG I 113 -12.23 17.14 -7.16
N ASN I 114 -11.34 17.95 -6.62
CA ASN I 114 -10.26 18.58 -7.45
C ASN I 114 -8.92 17.89 -7.31
N ASN I 115 -8.92 16.75 -6.64
CA ASN I 115 -7.68 16.04 -6.38
C ASN I 115 -7.68 14.67 -7.05
N CYS I 116 -6.51 14.07 -7.08
CA CYS I 116 -6.32 12.66 -7.53
C CYS I 116 -6.70 11.71 -6.37
N PRO I 117 -7.75 10.84 -6.56
CA PRO I 117 -8.27 9.93 -5.49
C PRO I 117 -7.21 9.04 -4.85
N ALA I 118 -6.17 8.73 -5.62
CA ALA I 118 -5.07 7.88 -5.12
C ALA I 118 -4.03 8.61 -4.28
N ARG I 119 -4.18 9.93 -4.19
CA ARG I 119 -3.33 10.78 -3.32
C ARG I 119 -1.85 10.47 -3.49
N PRO I 120 -1.36 10.51 -4.74
CA PRO I 120 0.07 10.32 -4.99
C PRO I 120 1.01 11.33 -4.28
N ASP I 121 0.48 12.50 -3.96
CA ASP I 121 1.22 13.49 -3.13
C ASP I 121 1.72 12.86 -1.84
N VAL I 122 0.89 12.07 -1.19
CA VAL I 122 1.29 11.43 0.09
C VAL I 122 2.19 10.24 -0.19
N VAL I 123 1.90 9.52 -1.27
CA VAL I 123 2.76 8.39 -1.68
C VAL I 123 4.22 8.84 -1.80
N THR I 124 4.41 9.92 -2.54
CA THR I 124 5.74 10.54 -2.66
C THR I 124 6.39 10.77 -1.30
N ALA I 125 5.65 11.40 -0.40
CA ALA I 125 6.24 11.83 0.91
C ALA I 125 6.57 10.62 1.75
N LEU I 126 5.73 9.61 1.66
CA LEU I 126 5.93 8.36 2.44
C LEU I 126 7.18 7.63 2.00
N VAL I 127 7.32 7.49 0.71
CA VAL I 127 8.49 6.75 0.18
C VAL I 127 9.78 7.57 0.45
N THR I 128 9.66 8.89 0.30
CA THR I 128 10.79 9.80 0.61
C THR I 128 11.28 9.56 2.04
N ALA I 129 10.35 9.56 2.96
CA ALA I 129 10.67 9.37 4.39
C ALA I 129 11.28 7.99 4.68
N ALA I 130 10.71 6.99 4.02
CA ALA I 130 11.21 5.58 4.16
C ALA I 130 12.62 5.41 3.60
N LEU I 131 12.88 6.05 2.48
CA LEU I 131 14.25 5.98 1.87
C LEU I 131 15.35 6.69 2.67
N ASP I 132 14.94 7.53 3.61
CA ASP I 132 15.88 8.21 4.50
C ASP I 132 16.51 7.22 5.50
N GLU I 133 15.89 6.05 5.61
CA GLU I 133 16.38 4.94 6.47
C GLU I 133 17.26 3.94 5.70
N VAL I 134 17.76 4.35 4.54
CA VAL I 134 18.69 3.54 3.74
C VAL I 134 20.10 3.53 4.39
N LYS I 135 20.63 2.33 4.59
CA LYS I 135 21.95 2.11 5.21
C LYS I 135 23.09 2.38 4.21
N GLU I 136 23.17 1.53 3.20
CA GLU I 136 24.27 1.53 2.19
C GLU I 136 23.90 2.31 0.90
N PRO I 137 24.90 2.59 0.04
CA PRO I 137 24.67 3.21 -1.27
C PRO I 137 24.38 2.10 -2.29
N ASN I 138 24.06 2.44 -3.51
CA ASN I 138 23.78 1.45 -4.61
C ASN I 138 22.98 0.17 -4.33
N THR I 139 22.07 0.24 -3.38
CA THR I 139 21.14 -0.86 -3.13
C THR I 139 19.90 -0.69 -3.98
N THR I 140 19.17 -1.78 -4.13
CA THR I 140 17.83 -1.78 -4.73
C THR I 140 16.78 -1.94 -3.61
N VAL I 141 15.79 -1.06 -3.61
CA VAL I 141 14.77 -1.06 -2.56
C VAL I 141 13.46 -1.49 -3.16
N ASP I 142 12.87 -2.50 -2.56
CA ASP I 142 11.59 -2.98 -3.01
C ASP I 142 10.51 -2.12 -2.40
N VAL I 143 9.70 -1.55 -3.26
CA VAL I 143 8.58 -0.70 -2.83
C VAL I 143 7.26 -1.33 -3.24
N PHE I 144 6.58 -1.88 -2.25
CA PHE I 144 5.32 -2.58 -2.47
C PHE I 144 4.20 -1.60 -2.32
N VAL I 145 3.47 -1.37 -3.39
CA VAL I 145 2.35 -0.43 -3.36
C VAL I 145 1.05 -1.18 -3.53
N LEU I 146 0.09 -0.89 -2.66
CA LEU I 146 -1.20 -1.58 -2.65
C LEU I 146 -2.24 -1.01 -3.61
N SER I 147 -1.96 0.15 -4.15
CA SER I 147 -2.82 0.80 -5.15
C SER I 147 -2.51 0.25 -6.53
N ASN I 148 -3.52 0.24 -7.39
CA ASN I 148 -3.35 -0.08 -8.84
C ASN I 148 -3.49 1.11 -9.78
N ALA I 149 -3.43 2.29 -9.20
CA ALA I 149 -3.44 3.54 -10.01
C ALA I 149 -2.02 3.82 -10.56
N VAL I 150 -1.69 3.09 -11.60
CA VAL I 150 -0.26 2.92 -12.00
C VAL I 150 0.43 4.19 -12.50
N LEU I 151 -0.27 5.00 -13.28
CA LEU I 151 0.35 6.24 -13.82
C LEU I 151 0.70 7.23 -12.68
N PRO I 152 -0.27 7.58 -11.84
CA PRO I 152 0.07 8.55 -10.80
C PRO I 152 1.11 8.03 -9.82
N ILE I 153 1.03 6.75 -9.49
CA ILE I 153 2.06 6.15 -8.60
C ILE I 153 3.43 6.17 -9.27
N ALA I 154 3.49 5.89 -10.56
CA ALA I 154 4.80 5.88 -11.28
C ALA I 154 5.51 7.22 -11.15
N ALA I 155 4.77 8.27 -11.42
CA ALA I 155 5.29 9.63 -11.36
C ALA I 155 5.60 10.02 -9.93
N ALA I 156 4.76 9.59 -9.00
CA ALA I 156 4.93 9.91 -7.55
C ALA I 156 6.23 9.36 -6.97
N VAL I 157 6.53 8.11 -7.34
CA VAL I 157 7.79 7.41 -6.95
C VAL I 157 9.01 7.94 -7.70
N ALA I 158 8.85 8.25 -8.96
CA ALA I 158 9.91 8.94 -9.72
C ALA I 158 10.37 10.26 -9.04
N ARG I 159 9.39 10.96 -8.49
CA ARG I 159 9.55 12.29 -7.79
C ARG I 159 10.20 12.20 -6.44
N CYS I 160 10.14 11.03 -5.85
CA CYS I 160 10.38 10.91 -4.42
C CYS I 160 11.85 10.68 -4.13
N GLY I 161 12.20 10.82 -2.85
CA GLY I 161 13.55 10.58 -2.37
C GLY I 161 14.57 11.61 -2.80
N LYS I 162 15.83 11.22 -2.71
CA LYS I 162 16.94 12.08 -3.12
C LYS I 162 16.96 12.27 -4.62
N HIS I 163 17.36 13.47 -5.00
CA HIS I 163 17.26 13.91 -6.39
C HIS I 163 18.47 13.47 -7.14
N ASN I 164 18.25 13.13 -8.42
CA ASN I 164 19.37 12.68 -9.29
C ASN I 164 20.40 13.78 -9.52
N PHE I 165 19.94 15.03 -9.51
CA PHE I 165 20.89 16.17 -9.51
C PHE I 165 21.51 16.35 -8.12
N SER I 166 22.83 16.31 -8.06
CA SER I 166 23.56 16.62 -6.79
C SER I 166 24.95 17.17 -7.03
N ALA I 167 25.32 18.11 -6.17
CA ALA I 167 26.69 18.66 -6.12
C ALA I 167 27.39 18.35 -4.79
N LYS I 168 26.77 17.50 -4.00
CA LYS I 168 27.34 17.11 -2.70
C LYS I 168 28.48 16.12 -2.86
N ASP I 169 29.45 16.22 -1.96
CA ASP I 169 30.48 15.14 -1.76
C ASP I 169 31.17 14.67 -3.04
N GLY I 170 31.69 15.62 -3.80
CA GLY I 170 32.47 15.33 -5.01
C GLY I 170 31.67 15.00 -6.27
N ALA I 171 30.35 15.01 -6.18
CA ALA I 171 29.46 14.70 -7.33
C ALA I 171 29.67 15.61 -8.52
N ALA I 172 30.17 16.80 -8.29
CA ALA I 172 30.56 17.74 -9.40
C ALA I 172 31.56 17.13 -10.39
N ALA I 173 32.42 16.28 -9.87
CA ALA I 173 33.40 15.56 -10.71
C ALA I 173 32.77 14.39 -11.50
N ALA I 174 31.58 13.99 -11.10
CA ALA I 174 30.81 12.94 -11.81
C ALA I 174 29.62 13.51 -12.57
N ALA I 175 29.81 14.68 -13.14
CA ALA I 175 28.79 15.40 -13.92
C ALA I 175 27.46 15.62 -13.16
N TYR I 176 27.58 15.77 -11.86
CA TYR I 176 26.45 16.15 -10.97
C TYR I 176 25.39 15.08 -10.94
N ASN I 177 25.82 13.84 -11.15
CA ASN I 177 24.96 12.65 -10.98
C ASN I 177 25.08 12.22 -9.53
N SER I 178 23.97 12.18 -8.84
CA SER I 178 24.01 11.85 -7.41
C SER I 178 24.46 10.41 -7.21
N GLY I 179 25.30 10.21 -6.22
CA GLY I 179 25.68 8.83 -5.78
C GLY I 179 24.81 8.30 -4.64
N LYS I 180 23.86 9.12 -4.21
CA LYS I 180 23.00 8.86 -3.03
C LYS I 180 21.61 8.33 -3.37
N VAL I 181 21.35 8.13 -4.65
CA VAL I 181 20.05 7.67 -5.11
C VAL I 181 20.02 6.14 -5.04
N SER I 182 18.94 5.61 -4.49
CA SER I 182 18.71 4.17 -4.46
C SER I 182 17.91 3.70 -5.71
N ARG I 183 18.30 2.54 -6.25
CA ARG I 183 17.49 1.90 -7.31
C ARG I 183 16.18 1.49 -6.60
N LEU I 184 15.05 1.76 -7.23
CA LEU I 184 13.74 1.46 -6.64
C LEU I 184 12.97 0.47 -7.53
N GLN I 185 12.59 -0.66 -6.95
CA GLN I 185 11.69 -1.60 -7.61
C GLN I 185 10.26 -1.49 -7.07
N VAL I 186 9.41 -0.92 -7.90
CA VAL I 186 8.00 -0.71 -7.53
C VAL I 186 7.21 -1.97 -7.88
N VAL I 187 6.54 -2.51 -6.88
CA VAL I 187 5.83 -3.78 -7.00
C VAL I 187 4.31 -3.58 -6.80
N PHE I 188 3.59 -3.54 -7.93
CA PHE I 188 2.13 -3.36 -7.92
C PHE I 188 1.44 -4.66 -7.52
N PRO I 189 0.18 -4.60 -7.03
CA PRO I 189 -0.54 -5.84 -6.71
C PRO I 189 -0.82 -6.71 -7.95
N GLU I 190 -1.18 -6.08 -9.05
CA GLU I 190 -1.50 -6.75 -10.31
C GLU I 190 -0.58 -6.28 -11.42
N PRO I 191 -0.46 -7.09 -12.50
CA PRO I 191 0.28 -6.58 -13.68
C PRO I 191 -0.27 -5.23 -14.13
N PRO I 192 0.62 -4.25 -14.33
CA PRO I 192 0.10 -2.90 -14.52
C PRO I 192 -0.66 -2.76 -15.85
N ALA I 193 -1.78 -2.03 -15.81
CA ALA I 193 -2.58 -1.74 -17.03
C ALA I 193 -1.77 -1.04 -18.12
N ILE I 194 -0.74 -0.32 -17.70
CA ILE I 194 0.22 0.31 -18.60
C ILE I 194 1.49 -0.52 -18.50
N PRO I 195 2.06 -0.91 -19.63
CA PRO I 195 3.27 -1.74 -19.54
C PRO I 195 4.40 -1.12 -18.73
N PRO I 196 5.16 -1.94 -17.99
CA PRO I 196 6.35 -1.46 -17.24
C PRO I 196 7.34 -0.56 -18.02
N LYS I 197 7.61 -0.89 -19.28
CA LYS I 197 8.58 -0.11 -20.09
C LYS I 197 8.06 1.32 -20.35
N ASP I 198 6.75 1.42 -20.49
CA ASP I 198 6.04 2.71 -20.70
C ASP I 198 6.07 3.54 -19.41
N LEU I 199 5.82 2.88 -18.30
CA LEU I 199 5.90 3.52 -17.00
C LEU I 199 7.31 4.03 -16.75
N GLU I 200 8.30 3.26 -17.19
CA GLU I 200 9.71 3.67 -17.08
C GLU I 200 10.01 4.94 -17.85
N ALA I 201 9.49 5.02 -19.05
CA ALA I 201 9.69 6.22 -19.87
C ALA I 201 9.10 7.47 -19.18
N VAL I 202 7.94 7.30 -18.59
CA VAL I 202 7.22 8.37 -17.83
C VAL I 202 8.04 8.83 -16.61
N ALA I 203 8.49 7.86 -15.83
CA ALA I 203 9.36 8.12 -14.68
C ALA I 203 10.63 8.84 -15.09
N THR I 204 11.19 8.42 -16.21
CA THR I 204 12.44 9.00 -16.77
C THR I 204 12.23 10.47 -17.10
N SER I 205 11.11 10.75 -17.74
CA SER I 205 10.76 12.13 -18.12
C SER I 205 10.47 13.04 -16.89
N THR I 206 9.79 12.50 -15.89
CA THR I 206 9.60 13.19 -14.63
C THR I 206 10.96 13.58 -13.98
N GLN I 207 11.87 12.61 -13.96
CA GLN I 207 13.16 12.81 -13.32
C GLN I 207 14.11 13.70 -14.13
N LEU I 208 14.06 13.60 -15.45
CA LEU I 208 14.88 14.48 -16.30
C LEU I 208 14.42 15.93 -16.15
N CYS I 209 13.12 16.10 -16.15
CA CYS I 209 12.47 17.38 -15.91
C CYS I 209 12.93 17.99 -14.58
N GLN I 210 12.90 17.16 -13.57
CA GLN I 210 13.40 17.49 -12.25
C GLN I 210 14.89 17.90 -12.27
N ARG I 211 15.68 17.16 -13.02
CA ARG I 211 17.11 17.43 -13.18
C ARG I 211 17.39 18.81 -13.80
N LEU I 212 16.66 19.09 -14.86
CA LEU I 212 16.79 20.35 -15.58
C LEU I 212 16.40 21.55 -14.68
N VAL I 213 15.36 21.36 -13.89
CA VAL I 213 14.83 22.41 -13.04
C VAL I 213 15.73 22.64 -11.81
N ASP I 214 16.20 21.55 -11.22
CA ASP I 214 17.11 21.60 -10.05
C ASP I 214 18.43 22.22 -10.39
N ALA I 215 18.85 22.05 -11.62
CA ALA I 215 20.22 22.47 -12.02
C ALA I 215 20.37 23.98 -11.87
N PRO I 216 21.50 24.41 -11.33
CA PRO I 216 21.73 25.83 -11.20
C PRO I 216 21.98 26.46 -12.56
N PRO I 217 21.74 27.76 -12.70
CA PRO I 217 21.93 28.40 -13.99
C PRO I 217 23.36 28.50 -14.52
N ASN I 218 24.37 28.32 -13.68
CA ASN I 218 25.73 28.19 -14.17
C ASN I 218 25.92 26.88 -14.99
N LEU I 219 25.02 25.90 -14.79
CA LEU I 219 25.05 24.63 -15.54
C LEU I 219 23.99 24.53 -16.67
N LEU I 220 22.76 24.83 -16.30
CA LEU I 220 21.69 24.90 -17.28
C LEU I 220 21.52 26.33 -17.80
N THR I 221 22.14 26.57 -18.94
CA THR I 221 22.09 27.83 -19.64
C THR I 221 21.24 27.72 -20.91
N THR I 222 21.07 28.83 -21.61
CA THR I 222 20.32 28.81 -22.84
C THR I 222 21.04 27.86 -23.82
N ALA I 223 22.36 27.87 -23.75
CA ALA I 223 23.22 27.07 -24.65
C ALA I 223 23.16 25.61 -24.33
N THR I 224 23.32 25.26 -23.06
CA THR I 224 23.32 23.85 -22.67
C THR I 224 21.94 23.20 -22.79
N PHE I 225 20.91 23.97 -22.52
CA PHE I 225 19.52 23.48 -22.70
C PHE I 225 19.33 23.13 -24.20
N THR I 226 19.78 24.04 -25.06
CA THR I 226 19.72 23.84 -26.51
C THR I 226 20.49 22.56 -26.92
N GLU I 227 21.72 22.44 -26.44
CA GLU I 227 22.56 21.24 -26.75
C GLU I 227 21.90 19.94 -26.31
N ILE I 228 21.24 20.00 -25.16
CA ILE I 228 20.50 18.84 -24.63
C ILE I 228 19.39 18.43 -25.57
N ALA I 229 18.64 19.40 -26.03
CA ALA I 229 17.57 19.18 -26.98
C ALA I 229 18.11 18.59 -28.29
N GLN I 230 19.23 19.13 -28.75
CA GLN I 230 19.91 18.61 -29.98
C GLN I 230 20.38 17.17 -29.83
N GLY I 231 20.92 16.86 -28.65
CA GLY I 231 21.40 15.51 -28.34
C GLY I 231 20.29 14.48 -28.40
N TYR I 232 19.16 14.80 -27.80
CA TYR I 232 17.97 13.94 -27.85
C TYR I 232 17.42 13.82 -29.32
N ALA I 233 17.50 14.89 -30.07
CA ALA I 233 17.07 14.89 -31.46
C ALA I 233 17.90 13.90 -32.31
N LYS I 234 19.22 13.96 -32.15
CA LYS I 234 20.15 12.99 -32.82
C LYS I 234 19.76 11.57 -32.43
N ALA I 235 19.66 11.32 -31.14
CA ALA I 235 19.41 9.95 -30.63
C ALA I 235 18.05 9.38 -31.03
N LEU I 236 17.02 10.19 -30.97
CA LEU I 236 15.63 9.70 -31.17
C LEU I 236 15.09 9.99 -32.57
N GLY I 237 15.82 10.80 -33.32
CA GLY I 237 15.50 11.08 -34.73
C GLY I 237 14.28 11.98 -34.95
N PHE I 238 14.21 13.06 -34.18
CA PHE I 238 13.19 14.11 -34.42
C PHE I 238 13.90 15.36 -34.90
N ASP I 239 13.15 16.23 -35.53
CA ASP I 239 13.72 17.46 -36.13
CA ASP I 239 13.72 17.47 -36.12
C ASP I 239 13.90 18.57 -35.08
N VAL I 240 14.92 19.40 -35.29
CA VAL I 240 15.23 20.50 -34.39
C VAL I 240 15.58 21.71 -35.22
N ASP I 241 14.90 22.81 -34.89
CA ASP I 241 15.13 24.13 -35.49
C ASP I 241 15.52 25.12 -34.39
N VAL I 242 16.61 25.82 -34.62
CA VAL I 242 17.16 26.77 -33.66
C VAL I 242 17.33 28.14 -34.30
N ILE I 243 16.68 29.14 -33.72
CA ILE I 243 16.90 30.55 -34.08
C ILE I 243 17.63 31.24 -32.92
N CYS I 244 18.85 31.66 -33.16
CA CYS I 244 19.84 32.00 -32.13
C CYS I 244 20.19 33.49 -32.17
N GLY I 245 20.19 34.11 -31.01
CA GLY I 245 20.81 35.45 -30.78
C GLY I 245 20.32 36.57 -31.69
N ASP I 246 21.26 37.20 -32.38
CA ASP I 246 20.95 38.35 -33.26
C ASP I 246 20.02 37.99 -34.43
N ASP I 247 20.02 36.73 -34.85
CA ASP I 247 19.07 36.24 -35.89
C ASP I 247 17.60 36.40 -35.45
N LEU I 248 17.37 36.30 -34.14
CA LEU I 248 16.02 36.56 -33.59
C LEU I 248 15.56 37.99 -33.92
N CYS I 249 16.46 38.93 -33.73
CA CYS I 249 16.19 40.35 -34.06
C CYS I 249 15.97 40.55 -35.58
N GLU I 250 16.88 39.99 -36.38
CA GLU I 250 16.81 40.10 -37.88
C GLU I 250 15.49 39.52 -38.42
N ARG I 251 15.00 38.47 -37.77
CA ARG I 251 13.78 37.77 -38.21
C ARG I 251 12.48 38.23 -37.54
N GLY I 252 12.57 39.33 -36.78
CA GLY I 252 11.39 40.00 -36.20
C GLY I 252 10.89 39.45 -34.86
N TYR I 253 11.65 38.55 -34.25
CA TYR I 253 11.32 38.02 -32.93
C TYR I 253 11.79 38.99 -31.83
N GLY I 254 11.19 40.18 -31.81
CA GLY I 254 11.59 41.29 -30.90
C GLY I 254 11.39 41.02 -29.41
N GLY I 255 10.43 40.17 -29.10
CA GLY I 255 10.06 39.88 -27.72
C GLY I 255 11.13 39.05 -27.04
N ILE I 256 11.33 37.84 -27.54
CA ILE I 256 12.38 36.98 -26.97
C ILE I 256 13.78 37.58 -27.13
N TYR I 257 14.03 38.25 -28.24
CA TYR I 257 15.34 38.90 -28.43
C TYR I 257 15.58 39.96 -27.32
N SER I 258 14.60 40.84 -27.11
CA SER I 258 14.76 41.97 -26.16
C SER I 258 14.92 41.49 -24.71
N VAL I 259 14.17 40.48 -24.34
CA VAL I 259 14.26 39.90 -22.99
C VAL I 259 15.68 39.34 -22.75
N GLY I 260 16.19 38.59 -23.73
CA GLY I 260 17.43 37.80 -23.57
C GLY I 260 18.73 38.45 -23.92
N LYS I 261 18.68 39.59 -24.58
CA LYS I 261 19.91 40.18 -25.20
C LYS I 261 20.98 40.71 -24.24
N ALA I 262 20.60 40.96 -23.00
CA ALA I 262 21.57 41.49 -22.00
C ALA I 262 22.48 40.41 -21.47
N ALA I 263 22.04 39.17 -21.64
CA ALA I 263 22.70 38.01 -21.02
C ALA I 263 24.02 37.65 -21.69
N PHE I 264 24.85 36.96 -20.92
CA PHE I 264 26.12 36.42 -21.42
C PHE I 264 25.85 35.43 -22.57
N GLU I 265 24.89 34.54 -22.35
CA GLU I 265 24.51 33.51 -23.31
C GLU I 265 23.27 33.99 -24.04
N ALA I 266 23.34 33.96 -25.38
CA ALA I 266 22.27 34.50 -26.23
C ALA I 266 20.96 33.74 -26.07
N PRO I 267 19.84 34.42 -26.28
CA PRO I 267 18.57 33.73 -26.32
C PRO I 267 18.38 32.86 -27.58
N ARG I 268 17.47 31.91 -27.47
CA ARG I 268 17.21 30.96 -28.54
C ARG I 268 15.76 30.55 -28.55
N LEU I 269 15.21 30.50 -29.75
CA LEU I 269 13.89 29.91 -29.99
C LEU I 269 14.14 28.53 -30.64
N VAL I 270 13.85 27.51 -29.88
CA VAL I 270 14.19 26.12 -30.24
C VAL I 270 12.90 25.37 -30.49
N THR I 271 12.70 24.94 -31.72
CA THR I 271 11.48 24.19 -32.06
C THR I 271 11.80 22.74 -32.47
N LEU I 272 11.09 21.84 -31.82
CA LEU I 272 11.24 20.40 -32.04
C LEU I 272 9.98 19.89 -32.71
N LEU I 273 10.15 19.00 -33.68
CA LEU I 273 9.00 18.40 -34.46
C LEU I 273 8.98 16.89 -34.41
N TYR I 274 7.81 16.36 -34.12
CA TYR I 274 7.57 14.92 -34.14
C TYR I 274 6.28 14.68 -34.89
N THR I 275 6.37 13.82 -35.89
CA THR I 275 5.20 13.37 -36.66
C THR I 275 5.15 11.85 -36.55
N PRO I 276 4.04 11.30 -35.99
CA PRO I 276 3.95 9.85 -35.84
C PRO I 276 3.80 9.12 -37.18
N LYS I 277 4.10 7.83 -37.13
CA LYS I 277 3.89 6.89 -38.25
C LYS I 277 2.37 6.81 -38.35
N GLY I 278 1.85 6.90 -39.55
CA GLY I 278 0.36 6.83 -39.72
C GLY I 278 -0.34 8.13 -39.31
N THR I 279 -1.67 8.11 -39.32
CA THR I 279 -2.52 9.34 -39.24
C THR I 279 -2.71 9.84 -37.75
N PRO I 280 -2.40 11.12 -37.48
CA PRO I 280 -2.42 11.60 -36.09
C PRO I 280 -3.83 11.93 -35.61
N VAL I 281 -4.07 11.69 -34.33
CA VAL I 281 -5.40 11.99 -33.72
C VAL I 281 -5.66 13.50 -33.55
N LYS I 282 -4.57 14.24 -33.40
CA LYS I 282 -4.59 15.73 -33.30
C LYS I 282 -3.21 16.31 -33.62
N LYS I 283 -3.20 17.55 -34.06
CA LYS I 283 -1.96 18.33 -34.15
C LYS I 283 -1.88 19.33 -32.96
N VAL I 284 -0.85 19.19 -32.15
CA VAL I 284 -0.69 19.96 -30.90
C VAL I 284 0.66 20.67 -30.90
N SER I 285 0.61 21.98 -30.66
CA SER I 285 1.84 22.79 -30.53
C SER I 285 2.08 23.14 -29.06
N LEU I 286 3.20 22.69 -28.55
CA LEU I 286 3.63 23.00 -27.19
C LEU I 286 4.56 24.19 -27.18
N VAL I 287 4.38 25.08 -26.20
CA VAL I 287 5.25 26.28 -26.06
C VAL I 287 5.61 26.42 -24.61
N GLY I 288 6.88 26.49 -24.32
CA GLY I 288 7.36 26.55 -22.91
C GLY I 288 8.23 27.76 -22.59
N LYS I 289 7.93 28.37 -21.46
CA LYS I 289 8.73 29.50 -20.92
C LYS I 289 10.03 28.89 -20.41
N GLY I 290 11.10 29.21 -21.10
CA GLY I 290 12.46 28.73 -20.73
C GLY I 290 13.36 29.83 -20.22
N ILE I 291 12.90 30.50 -19.19
CA ILE I 291 13.71 31.55 -18.55
C ILE I 291 14.63 30.83 -17.59
N VAL I 292 15.81 30.65 -18.10
CA VAL I 292 16.90 29.91 -17.44
C VAL I 292 17.31 30.54 -16.07
N TYR I 293 17.20 31.86 -16.02
CA TYR I 293 17.25 32.60 -14.76
C TYR I 293 16.53 33.95 -14.95
N ASP I 294 15.65 34.26 -14.00
CA ASP I 294 14.86 35.50 -13.96
C ASP I 294 15.43 36.35 -12.82
N CYS I 295 16.39 37.20 -13.12
CA CYS I 295 16.86 38.23 -12.12
C CYS I 295 15.89 39.42 -12.01
N GLY I 296 14.98 39.50 -12.97
CA GLY I 296 14.01 40.60 -13.10
C GLY I 296 14.36 41.63 -14.18
N GLY I 297 15.59 41.56 -14.67
CA GLY I 297 16.14 42.61 -15.52
C GLY I 297 16.37 43.91 -14.75
N LEU I 298 16.22 45.03 -15.43
CA LEU I 298 16.32 46.36 -14.79
C LEU I 298 15.35 46.53 -13.59
N ALA I 299 14.20 45.87 -13.69
CA ALA I 299 13.25 45.72 -12.55
C ALA I 299 13.75 44.59 -11.66
N LEU I 300 14.90 44.87 -11.06
CA LEU I 300 15.65 43.87 -10.30
C LEU I 300 14.86 43.34 -9.10
N LYS I 301 14.78 42.03 -9.01
CA LYS I 301 14.23 41.38 -7.84
C LYS I 301 15.11 41.56 -6.60
N PRO I 302 14.49 41.75 -5.42
CA PRO I 302 15.26 41.64 -4.18
C PRO I 302 15.72 40.21 -4.00
N ALA I 303 16.79 40.05 -3.22
CA ALA I 303 17.50 38.75 -3.11
C ALA I 303 16.61 37.60 -2.66
N ASP I 304 15.76 37.87 -1.67
CA ASP I 304 14.75 36.88 -1.17
C ASP I 304 13.90 36.28 -2.30
N TYR I 305 13.49 37.15 -3.20
CA TYR I 305 12.63 36.79 -4.34
C TYR I 305 13.39 36.19 -5.51
N MET I 306 14.69 36.47 -5.57
CA MET I 306 15.53 36.03 -6.72
C MET I 306 16.02 34.61 -6.54
N LYS I 307 16.08 34.20 -5.29
CA LYS I 307 16.42 32.83 -4.96
C LYS I 307 15.37 31.90 -5.63
N LEU I 308 15.85 30.76 -6.10
CA LEU I 308 15.00 29.74 -6.80
C LEU I 308 14.42 30.19 -8.16
N MET I 309 14.95 31.26 -8.71
CA MET I 309 14.55 31.71 -10.05
C MET I 309 15.19 30.88 -11.17
N LYS I 310 16.10 29.98 -10.80
CA LYS I 310 16.55 28.88 -11.70
C LYS I 310 15.39 27.97 -12.14
N HIS I 311 14.34 27.94 -11.32
CA HIS I 311 13.13 27.19 -11.63
C HIS I 311 12.27 27.84 -12.72
N ASP I 312 12.65 29.02 -13.20
CA ASP I 312 11.82 29.80 -14.13
C ASP I 312 11.79 29.21 -15.53
N MET I 313 12.47 28.10 -15.70
CA MET I 313 12.46 27.35 -16.98
C MET I 313 11.64 26.06 -16.87
N GLY I 314 10.86 25.97 -15.79
CA GLY I 314 10.10 24.74 -15.47
C GLY I 314 9.06 24.39 -16.51
N GLY I 315 8.53 25.40 -17.18
CA GLY I 315 7.55 25.22 -18.25
C GLY I 315 8.17 24.67 -19.52
N ALA I 316 9.35 25.16 -19.85
CA ALA I 316 10.15 24.60 -20.97
C ALA I 316 10.57 23.15 -20.70
N ALA I 317 10.96 22.88 -19.47
CA ALA I 317 11.36 21.51 -19.09
C ALA I 317 10.19 20.54 -19.21
N ALA I 318 9.06 20.98 -18.73
CA ALA I 318 7.82 20.17 -18.71
C ALA I 318 7.36 19.77 -20.12
N VAL I 319 7.32 20.78 -20.95
CA VAL I 319 6.94 20.68 -22.34
C VAL I 319 7.99 19.83 -23.13
N PHE I 320 9.26 20.04 -22.84
CA PHE I 320 10.35 19.29 -23.48
C PHE I 320 10.27 17.80 -23.16
N CYS I 321 10.09 17.50 -21.88
CA CYS I 321 10.03 16.12 -21.41
C CYS I 321 8.72 15.40 -21.77
N GLY I 322 7.63 16.14 -21.85
CA GLY I 322 6.35 15.60 -22.34
C GLY I 322 6.46 15.21 -23.82
N PHE I 323 7.12 16.06 -24.57
CA PHE I 323 7.51 15.76 -25.96
C PHE I 323 8.38 14.49 -26.09
N LEU I 324 9.42 14.39 -25.26
CA LEU I 324 10.28 13.19 -25.26
C LEU I 324 9.45 11.93 -25.01
N THR I 325 8.56 11.99 -24.03
CA THR I 325 7.77 10.82 -23.66
C THR I 325 6.91 10.40 -24.85
N ALA I 326 6.34 11.38 -25.52
CA ALA I 326 5.51 11.12 -26.71
C ALA I 326 6.31 10.43 -27.83
N VAL I 327 7.55 10.86 -28.03
CA VAL I 327 8.42 10.26 -29.03
C VAL I 327 8.81 8.85 -28.60
N ARG I 328 9.21 8.70 -27.36
CA ARG I 328 9.65 7.36 -26.87
C ARG I 328 8.52 6.31 -26.89
N LEU I 329 7.31 6.74 -26.52
CA LEU I 329 6.13 5.85 -26.52
C LEU I 329 5.39 5.84 -27.88
N GLN I 330 5.89 6.60 -28.84
CA GLN I 330 5.28 6.73 -30.15
C GLN I 330 3.78 7.03 -30.06
N GLN I 331 3.45 8.02 -29.24
CA GLN I 331 2.04 8.44 -29.08
C GLN I 331 1.57 9.02 -30.41
N PRO I 332 0.31 8.74 -30.79
CA PRO I 332 -0.19 9.12 -32.12
C PRO I 332 -0.66 10.58 -32.24
N VAL I 333 0.17 11.48 -31.74
CA VAL I 333 -0.12 12.92 -31.80
C VAL I 333 0.99 13.56 -32.56
N GLN I 334 0.64 14.43 -33.51
CA GLN I 334 1.64 15.25 -34.18
C GLN I 334 1.97 16.46 -33.26
N LEU I 335 3.26 16.65 -32.98
CA LEU I 335 3.71 17.65 -32.00
C LEU I 335 4.76 18.59 -32.52
N SER I 336 4.59 19.85 -32.14
CA SER I 336 5.72 20.80 -32.13
C SER I 336 5.96 21.16 -30.69
N CYS I 337 7.21 21.44 -30.38
CA CYS I 337 7.60 21.85 -29.02
C CYS I 337 8.56 23.01 -29.15
N THR I 338 8.08 24.19 -28.83
CA THR I 338 8.87 25.42 -28.94
C THR I 338 9.35 25.87 -27.56
N LEU I 339 10.66 25.89 -27.41
CA LEU I 339 11.29 26.31 -26.17
C LEU I 339 11.71 27.77 -26.32
N CYS I 340 11.17 28.61 -25.45
CA CYS I 340 11.49 30.06 -25.43
C CYS I 340 12.60 30.30 -24.42
N LEU I 341 13.83 30.24 -24.90
CA LEU I 341 15.02 30.21 -24.02
C LEU I 341 15.70 31.55 -23.94
N ALA I 342 15.78 32.06 -22.73
CA ALA I 342 16.49 33.31 -22.48
C ALA I 342 16.86 33.41 -21.01
N GLU I 343 17.88 34.19 -20.73
CA GLU I 343 18.15 34.63 -19.36
C GLU I 343 17.72 36.08 -19.29
N ASN I 344 16.94 36.39 -18.25
CA ASN I 344 16.53 37.77 -17.98
C ASN I 344 17.57 38.40 -17.09
N ALA I 345 18.52 39.05 -17.74
CA ALA I 345 19.74 39.53 -17.09
C ALA I 345 19.77 41.05 -16.98
N ILE I 346 20.70 41.53 -16.19
CA ILE I 346 20.81 42.96 -15.95
C ILE I 346 22.19 43.41 -16.44
N GLY I 347 22.17 44.49 -17.21
CA GLY I 347 23.42 45.05 -17.75
C GLY I 347 23.18 46.16 -18.74
N PRO I 348 24.24 46.63 -19.41
CA PRO I 348 24.10 47.74 -20.34
C PRO I 348 23.15 47.51 -21.53
N LYS I 349 22.98 46.24 -21.92
CA LYS I 349 22.11 45.91 -23.06
C LYS I 349 20.70 45.54 -22.66
N SER I 350 20.44 45.62 -21.36
CA SER I 350 19.10 45.33 -20.79
C SER I 350 18.00 46.09 -21.48
N TYR I 351 16.95 45.37 -21.82
CA TYR I 351 15.73 46.01 -22.26
C TYR I 351 15.13 46.78 -21.08
N ARG I 352 14.48 47.89 -21.38
CA ARG I 352 14.16 48.86 -20.36
C ARG I 352 12.70 48.95 -20.05
N ASN I 353 12.44 49.46 -18.85
CA ASN I 353 11.11 49.88 -18.43
C ASN I 353 10.86 51.23 -19.14
N ASP I 354 10.19 51.15 -20.28
CA ASP I 354 9.90 52.27 -21.27
C ASP I 354 10.15 51.85 -22.70
N ASP I 355 10.97 50.84 -22.89
CA ASP I 355 11.27 50.38 -24.25
C ASP I 355 9.99 49.88 -24.90
N ILE I 356 9.94 50.02 -26.20
CA ILE I 356 8.80 49.52 -27.01
C ILE I 356 9.32 48.43 -27.94
N ILE I 357 8.68 47.28 -27.82
CA ILE I 357 9.08 46.06 -28.54
C ILE I 357 8.16 45.83 -29.72
N VAL I 358 8.74 45.49 -30.85
CA VAL I 358 7.98 44.98 -32.01
C VAL I 358 7.99 43.46 -31.96
N MET I 359 6.87 42.88 -31.56
CA MET I 359 6.75 41.44 -31.44
C MET I 359 6.68 40.79 -32.83
N LYS I 360 6.95 39.49 -32.86
CA LYS I 360 6.88 38.74 -34.11
C LYS I 360 5.50 38.87 -34.73
N SER I 361 4.50 38.93 -33.88
CA SER I 361 3.08 39.11 -34.31
C SER I 361 2.79 40.42 -35.03
N GLY I 362 3.74 41.34 -35.01
CA GLY I 362 3.56 42.69 -35.58
C GLY I 362 2.99 43.70 -34.58
N LYS I 363 2.48 43.20 -33.48
CA LYS I 363 2.01 44.06 -32.38
C LYS I 363 3.16 44.64 -31.54
N THR I 364 2.95 45.88 -31.12
CA THR I 364 3.93 46.59 -30.30
C THR I 364 3.56 46.49 -28.81
N VAL I 365 4.59 46.33 -28.01
CA VAL I 365 4.47 46.18 -26.56
C VAL I 365 5.34 47.23 -25.87
N GLU I 366 4.69 48.07 -25.07
CA GLU I 366 5.38 48.98 -24.17
C GLU I 366 5.74 48.24 -22.88
N VAL I 367 7.03 48.21 -22.59
CA VAL I 367 7.52 47.48 -21.38
C VAL I 367 7.40 48.38 -20.15
N ILE I 368 6.45 48.05 -19.31
CA ILE I 368 6.21 48.75 -18.02
C ILE I 368 7.13 48.22 -16.93
N ASN I 369 7.33 46.92 -16.99
CA ASN I 369 8.12 46.19 -16.00
C ASN I 369 8.83 44.99 -16.65
N THR I 370 10.15 45.02 -16.62
CA THR I 370 11.00 44.01 -17.29
C THR I 370 10.92 42.65 -16.64
N ASP I 371 10.36 42.60 -15.45
CA ASP I 371 10.24 41.33 -14.68
C ASP I 371 9.02 40.50 -15.02
N ALA I 372 8.18 41.13 -15.82
CA ALA I 372 7.06 40.46 -16.55
C ALA I 372 7.52 40.07 -17.98
N GLU I 373 8.58 39.27 -17.98
CA GLU I 373 9.35 38.86 -19.19
C GLU I 373 8.80 37.61 -19.85
N GLY I 374 8.19 36.77 -19.05
CA GLY I 374 7.68 35.48 -19.49
C GLY I 374 6.58 35.60 -20.55
N ARG I 375 5.62 36.47 -20.28
CA ARG I 375 4.51 36.66 -21.22
C ARG I 375 5.03 37.16 -22.57
N ILE I 376 6.10 37.92 -22.52
CA ILE I 376 6.72 38.46 -23.74
C ILE I 376 7.35 37.34 -24.56
N VAL I 377 8.17 36.53 -23.94
CA VAL I 377 8.86 35.44 -24.69
C VAL I 377 7.84 34.43 -25.22
N LEU I 378 6.81 34.19 -24.42
CA LEU I 378 5.71 33.29 -24.81
C LEU I 378 4.87 33.85 -25.96
N GLY I 379 4.74 35.15 -26.00
CA GLY I 379 4.02 35.81 -27.11
C GLY I 379 4.65 35.50 -28.44
N ASP I 380 5.98 35.61 -28.48
CA ASP I 380 6.75 35.23 -29.69
C ASP I 380 6.64 33.71 -29.97
N GLY I 381 6.70 32.93 -28.91
CA GLY I 381 6.60 31.45 -28.98
C GLY I 381 5.30 31.00 -29.64
N VAL I 382 4.18 31.52 -29.14
CA VAL I 382 2.85 31.07 -29.60
C VAL I 382 2.59 31.56 -31.01
N PHE I 383 3.13 32.72 -31.36
CA PHE I 383 2.98 33.22 -32.75
C PHE I 383 3.79 32.35 -33.71
N HIS I 384 5.00 32.02 -33.28
CA HIS I 384 5.83 31.06 -34.02
C HIS I 384 5.08 29.76 -34.28
N ALA I 385 4.54 29.21 -33.22
CA ALA I 385 3.82 27.89 -33.31
C ALA I 385 2.60 27.95 -34.22
N THR I 386 1.89 29.08 -34.18
CA THR I 386 0.60 29.22 -34.87
C THR I 386 0.70 29.85 -36.27
N ASN I 387 1.86 30.38 -36.60
CA ASN I 387 2.07 31.05 -37.90
C ASN I 387 3.23 30.54 -38.75
N GLU I 388 4.27 30.02 -38.12
CA GLU I 388 5.56 29.79 -38.83
C GLU I 388 5.90 28.33 -39.14
N LEU I 389 5.09 27.41 -38.68
CA LEU I 389 5.37 25.97 -38.87
C LEU I 389 4.75 25.43 -40.16
N SER I 390 5.14 24.21 -40.50
CA SER I 390 4.61 23.54 -41.74
C SER I 390 3.17 23.03 -41.60
N PHE I 391 2.67 23.03 -40.37
CA PHE I 391 1.23 22.79 -40.11
C PHE I 391 0.66 23.87 -39.19
N THR I 392 -0.66 23.89 -39.12
CA THR I 392 -1.40 24.74 -38.15
C THR I 392 -1.96 23.83 -37.05
N PRO I 393 -1.64 24.12 -35.77
CA PRO I 393 -2.10 23.21 -34.73
C PRO I 393 -3.58 23.35 -34.47
N ASP I 394 -4.14 22.26 -33.97
CA ASP I 394 -5.52 22.21 -33.48
C ASP I 394 -5.60 22.75 -32.07
N VAL I 395 -4.54 22.52 -31.34
CA VAL I 395 -4.44 22.88 -29.92
C VAL I 395 -3.06 23.46 -29.67
N VAL I 396 -3.03 24.58 -28.96
CA VAL I 396 -1.77 25.17 -28.47
C VAL I 396 -1.80 25.05 -26.96
N ILE I 397 -0.74 24.46 -26.41
CA ILE I 397 -0.56 24.38 -24.96
C ILE I 397 0.69 25.14 -24.61
N ASP I 398 0.54 26.21 -23.83
CA ASP I 398 1.76 26.86 -23.31
C ASP I 398 1.88 26.58 -21.82
N MET I 399 3.08 26.27 -21.40
CA MET I 399 3.33 25.97 -19.98
C MET I 399 4.41 26.91 -19.49
N ALA I 400 4.17 27.51 -18.34
CA ALA I 400 5.07 28.56 -17.85
C ALA I 400 4.97 28.74 -16.35
N THR I 401 6.14 28.93 -15.73
CA THR I 401 6.23 29.39 -14.34
C THR I 401 6.03 30.91 -14.37
N LEU I 402 4.80 31.32 -14.53
CA LEU I 402 4.53 32.70 -15.01
C LEU I 402 4.30 33.80 -13.97
N THR I 403 3.48 33.52 -12.96
CA THR I 403 3.06 34.57 -11.98
C THR I 403 3.05 34.12 -10.54
N GLY I 404 3.37 35.05 -9.66
CA GLY I 404 3.19 34.89 -8.20
C GLY I 404 1.71 34.76 -7.84
N ALA I 405 0.88 35.43 -8.62
CA ALA I 405 -0.59 35.35 -8.49
C ALA I 405 -1.11 33.90 -8.54
N GLN I 406 -0.43 33.05 -9.29
CA GLN I 406 -0.82 31.64 -9.41
C GLN I 406 -0.88 30.90 -8.09
N GLY I 407 0.13 31.12 -7.26
CA GLY I 407 0.15 30.52 -5.91
C GLY I 407 -0.98 31.01 -5.02
N ILE I 408 -1.18 32.30 -5.05
CA ILE I 408 -2.26 32.97 -4.28
C ILE I 408 -3.64 32.45 -4.72
N ALA I 409 -3.76 32.27 -6.02
CA ALA I 409 -5.04 31.85 -6.64
C ALA I 409 -5.36 30.34 -6.46
N THR I 410 -4.48 29.49 -6.96
CA THR I 410 -4.71 28.01 -6.99
C THR I 410 -3.73 27.17 -6.16
N GLY I 411 -2.72 27.79 -5.60
CA GLY I 411 -1.90 27.14 -4.59
C GLY I 411 -0.71 26.38 -5.11
N ARG I 412 -0.07 25.67 -4.20
CA ARG I 412 1.20 24.99 -4.52
C ARG I 412 1.10 23.68 -5.22
N HIS I 413 -0.06 23.07 -5.21
CA HIS I 413 -0.26 21.72 -5.85
C HIS I 413 -1.11 21.71 -7.10
N HIS I 414 -1.71 22.83 -7.42
CA HIS I 414 -2.57 22.93 -8.60
C HIS I 414 -2.08 24.02 -9.52
N ALA I 415 -1.71 23.62 -10.73
CA ALA I 415 -1.40 24.59 -11.79
C ALA I 415 -2.68 25.33 -12.19
N GLY I 416 -2.55 26.60 -12.50
CA GLY I 416 -3.70 27.38 -12.97
C GLY I 416 -3.92 27.21 -14.44
N LEU I 417 -5.18 27.05 -14.83
CA LEU I 417 -5.55 26.93 -16.27
C LEU I 417 -6.38 28.09 -16.79
N TYR I 418 -5.88 28.73 -17.83
CA TYR I 418 -6.58 29.77 -18.54
C TYR I 418 -6.81 29.28 -19.94
N VAL I 419 -8.07 29.04 -20.28
CA VAL I 419 -8.43 28.26 -21.48
C VAL I 419 -9.60 28.89 -22.22
N ASN I 420 -9.44 29.01 -23.53
CA ASN I 420 -10.47 29.62 -24.38
C ASN I 420 -11.70 28.73 -24.72
N GLU I 421 -11.62 27.44 -24.44
CA GLU I 421 -12.75 26.50 -24.65
C GLU I 421 -13.04 25.63 -23.45
N GLU I 422 -14.33 25.50 -23.10
CA GLU I 422 -14.76 24.66 -21.93
C GLU I 422 -14.26 23.20 -22.10
N GLY I 423 -14.34 22.67 -23.32
CA GLY I 423 -14.01 21.23 -23.60
C GLY I 423 -12.55 20.84 -23.39
N ALA I 424 -11.67 21.70 -23.90
CA ALA I 424 -10.23 21.52 -23.73
C ALA I 424 -9.83 21.66 -22.26
N GLU I 425 -10.51 22.55 -21.57
CA GLU I 425 -10.26 22.79 -20.15
C GLU I 425 -10.64 21.58 -19.32
N ALA I 426 -11.83 21.08 -19.54
CA ALA I 426 -12.35 19.86 -18.83
C ALA I 426 -11.45 18.65 -19.05
N ALA I 427 -10.94 18.53 -20.27
CA ALA I 427 -9.98 17.43 -20.62
C ALA I 427 -8.62 17.56 -19.93
N MET I 428 -8.11 18.78 -19.84
CA MET I 428 -6.84 19.01 -19.12
C MET I 428 -7.02 18.76 -17.62
N LEU I 429 -8.16 19.17 -17.09
CA LEU I 429 -8.49 18.92 -15.67
C LEU I 429 -8.55 17.45 -15.35
N ARG I 430 -9.25 16.71 -16.23
CA ARG I 430 -9.33 15.21 -16.12
C ARG I 430 -7.93 14.57 -16.16
N ALA I 431 -7.09 15.06 -17.06
CA ALA I 431 -5.70 14.58 -17.17
C ALA I 431 -4.88 14.84 -15.93
N GLY I 432 -5.13 15.99 -15.31
CA GLY I 432 -4.48 16.32 -14.01
C GLY I 432 -4.87 15.40 -12.88
N ARG I 433 -6.15 15.10 -12.81
CA ARG I 433 -6.69 14.19 -11.74
C ARG I 433 -6.27 12.74 -11.93
N GLU I 434 -6.12 12.33 -13.18
CA GLU I 434 -5.65 10.95 -13.48
C GLU I 434 -4.16 10.81 -13.27
N SER I 435 -3.42 11.84 -13.70
CA SER I 435 -1.93 11.84 -13.63
C SER I 435 -1.40 12.15 -12.23
N GLY I 436 -2.22 12.80 -11.41
CA GLY I 436 -1.75 13.32 -10.09
C GLY I 436 -1.15 14.72 -10.19
N GLU I 437 -0.88 15.16 -11.41
CA GLU I 437 -0.33 16.52 -11.70
C GLU I 437 -1.51 17.48 -11.89
N THR I 438 -2.13 17.77 -10.75
CA THR I 438 -3.43 18.45 -10.69
C THR I 438 -3.38 19.92 -11.12
N CYS I 439 -4.52 20.35 -11.66
CA CYS I 439 -4.74 21.66 -12.21
C CYS I 439 -6.05 22.23 -11.70
N PHE I 440 -6.23 23.52 -11.87
CA PHE I 440 -7.50 24.17 -11.50
C PHE I 440 -7.70 25.38 -12.38
N PRO I 441 -8.94 25.63 -12.83
CA PRO I 441 -9.10 26.79 -13.70
C PRO I 441 -9.02 28.17 -13.02
N VAL I 442 -8.51 29.12 -13.79
CA VAL I 442 -8.62 30.53 -13.44
C VAL I 442 -9.56 31.24 -14.42
N LEU I 443 -10.08 32.38 -13.99
CA LEU I 443 -11.09 33.12 -14.75
C LEU I 443 -10.66 33.32 -16.20
N TYR I 444 -11.51 32.92 -17.12
CA TYR I 444 -11.40 33.31 -18.53
C TYR I 444 -12.47 34.35 -18.85
N CYS I 445 -12.02 35.58 -19.08
CA CYS I 445 -12.92 36.73 -19.35
C CYS I 445 -12.17 37.86 -20.07
N PRO I 446 -11.82 37.65 -21.34
CA PRO I 446 -10.98 38.57 -22.10
C PRO I 446 -11.47 40.00 -22.11
N GLU I 447 -12.77 40.16 -22.15
CA GLU I 447 -13.36 41.53 -22.14
C GLU I 447 -12.97 42.33 -20.87
N TYR I 448 -12.75 41.64 -19.77
CA TYR I 448 -12.28 42.30 -18.54
C TYR I 448 -10.76 42.39 -18.39
N HIS I 449 -10.02 41.54 -19.09
CA HIS I 449 -8.53 41.54 -19.02
C HIS I 449 -7.92 42.58 -19.93
N GLU I 450 -8.52 42.70 -21.08
CA GLU I 450 -8.06 43.61 -22.16
C GLU I 450 -7.76 45.06 -21.73
N PRO I 451 -8.64 45.71 -20.95
CA PRO I 451 -8.39 47.13 -20.57
C PRO I 451 -7.20 47.35 -19.64
N GLU I 452 -6.75 46.28 -19.00
CA GLU I 452 -5.61 46.37 -18.07
C GLU I 452 -4.30 46.62 -18.78
N PHE I 453 -4.29 46.41 -20.08
CA PHE I 453 -3.06 46.56 -20.90
C PHE I 453 -3.08 47.75 -21.85
N LYS I 454 -3.92 48.74 -21.59
CA LYS I 454 -3.98 49.95 -22.44
C LYS I 454 -2.67 50.76 -22.36
N SER I 455 -2.21 51.21 -23.50
CA SER I 455 -0.97 51.98 -23.67
C SER I 455 -1.18 53.26 -24.46
N ASN I 456 -0.44 54.30 -24.06
CA ASN I 456 -0.48 55.61 -24.76
C ASN I 456 0.09 55.54 -26.16
N HIS I 457 1.20 54.82 -26.30
CA HIS I 457 1.99 54.87 -27.54
C HIS I 457 2.14 53.57 -28.31
N ALA I 458 1.91 52.46 -27.65
CA ALA I 458 2.05 51.14 -28.28
C ALA I 458 0.70 50.44 -28.28
N ASP I 459 0.63 49.29 -28.95
CA ASP I 459 -0.64 48.52 -28.99
C ASP I 459 -1.09 48.05 -27.63
N MET I 460 -0.11 47.72 -26.81
CA MET I 460 -0.35 47.25 -25.44
C MET I 460 0.87 47.43 -24.53
N THR I 461 0.62 47.37 -23.24
CA THR I 461 1.69 47.26 -22.26
C THR I 461 1.91 45.77 -21.99
N ASN I 462 2.96 45.48 -21.22
CA ASN I 462 3.18 44.12 -20.68
C ASN I 462 2.79 43.89 -19.21
N LEU I 463 2.10 44.85 -18.63
CA LEU I 463 1.76 44.76 -17.19
C LEU I 463 0.40 45.35 -16.94
N MET I 464 -0.36 44.66 -16.12
CA MET I 464 -1.69 45.15 -15.71
C MET I 464 -1.53 46.45 -14.94
N GLU I 465 -2.36 47.38 -15.31
CA GLU I 465 -2.51 48.65 -14.60
C GLU I 465 -2.89 48.41 -13.12
N ARG I 466 -3.83 47.51 -12.90
CA ARG I 466 -4.32 47.14 -11.56
C ARG I 466 -3.98 45.70 -11.32
N ARG I 467 -3.00 45.47 -10.46
CA ARG I 467 -2.45 44.12 -10.20
C ARG I 467 -3.50 43.20 -9.55
N ASP I 468 -4.48 43.79 -8.89
CA ASP I 468 -5.54 43.01 -8.17
C ASP I 468 -6.82 42.77 -9.02
N ASN I 469 -6.63 42.49 -10.29
CA ASN I 469 -7.74 42.21 -11.24
C ASN I 469 -7.54 40.93 -12.09
N ALA I 470 -7.44 39.81 -11.41
CA ALA I 470 -7.26 38.45 -12.02
C ALA I 470 -5.88 38.29 -12.68
N GLY I 471 -4.88 38.18 -11.82
CA GLY I 471 -3.47 38.24 -12.24
C GLY I 471 -2.94 37.03 -12.99
N VAL I 472 -3.50 35.88 -12.71
CA VAL I 472 -3.16 34.67 -13.49
C VAL I 472 -3.77 34.78 -14.89
N SER I 473 -5.01 35.23 -14.92
CA SER I 473 -5.77 35.35 -16.17
C SER I 473 -5.21 36.38 -17.13
N CYS I 474 -4.88 37.54 -16.60
CA CYS I 474 -4.38 38.65 -17.45
C CYS I 474 -3.08 38.33 -18.15
N ALA I 475 -2.19 37.61 -17.49
CA ALA I 475 -0.94 37.17 -18.10
C ALA I 475 -1.24 36.17 -19.25
N GLY I 476 -2.20 35.33 -19.01
CA GLY I 476 -2.71 34.44 -20.07
C GLY I 476 -3.25 35.24 -21.23
N TYR I 477 -4.11 36.21 -20.91
CA TYR I 477 -4.71 37.07 -21.97
C TYR I 477 -3.64 37.68 -22.86
N PHE I 478 -2.60 38.24 -22.21
CA PHE I 478 -1.52 38.94 -22.94
C PHE I 478 -0.96 38.02 -24.06
N ILE I 479 -0.70 36.79 -23.67
CA ILE I 479 -0.15 35.77 -24.56
C ILE I 479 -1.08 35.51 -25.76
N THR I 480 -2.37 35.44 -25.49
CA THR I 480 -3.37 35.20 -26.56
C THR I 480 -3.40 36.30 -27.62
N THR I 481 -3.05 37.52 -27.25
CA THR I 481 -3.05 38.63 -28.22
C THR I 481 -2.05 38.42 -29.34
N HIS I 482 -1.11 37.52 -29.12
CA HIS I 482 -0.03 37.24 -30.11
C HIS I 482 -0.23 35.91 -30.87
N LEU I 483 -1.35 35.27 -30.63
CA LEU I 483 -1.75 34.11 -31.45
C LEU I 483 -1.99 34.58 -32.88
N SER I 484 -1.50 33.81 -33.84
CA SER I 484 -1.76 34.10 -35.28
C SER I 484 -3.26 34.07 -35.56
N PRO I 485 -3.75 34.98 -36.42
CA PRO I 485 -5.14 34.92 -36.93
C PRO I 485 -5.48 33.63 -37.72
N LYS I 486 -4.46 33.01 -38.29
CA LYS I 486 -4.58 31.65 -38.90
C LYS I 486 -5.07 30.57 -37.92
N PHE I 487 -4.89 30.81 -36.63
CA PHE I 487 -5.24 29.83 -35.58
C PHE I 487 -6.67 30.04 -35.08
N THR I 488 -7.44 28.97 -35.10
CA THR I 488 -8.86 29.00 -34.67
C THR I 488 -9.22 27.93 -33.67
N GLY I 489 -8.22 27.27 -33.14
CA GLY I 489 -8.43 26.12 -32.25
C GLY I 489 -8.37 26.44 -30.77
N ALA I 490 -8.15 25.40 -29.98
CA ALA I 490 -8.14 25.50 -28.51
C ALA I 490 -6.78 25.97 -27.98
N HIS I 491 -6.81 26.92 -27.07
CA HIS I 491 -5.57 27.40 -26.42
C HIS I 491 -5.63 27.16 -24.94
N ILE I 492 -4.68 26.37 -24.47
CA ILE I 492 -4.58 26.02 -23.05
C ILE I 492 -3.33 26.65 -22.45
N HIS I 493 -3.52 27.63 -21.57
CA HIS I 493 -2.41 28.25 -20.84
C HIS I 493 -2.31 27.61 -19.47
N VAL I 494 -1.14 27.07 -19.18
CA VAL I 494 -0.86 26.38 -17.88
C VAL I 494 0.18 27.15 -17.07
N ASP I 495 -0.27 27.72 -15.97
CA ASP I 495 0.61 28.50 -15.10
C ASP I 495 1.01 27.58 -13.98
N LEU I 496 2.26 27.15 -14.01
CA LEU I 496 2.76 26.16 -13.02
C LEU I 496 3.91 26.72 -12.15
N ALA I 497 3.78 27.98 -11.79
CA ALA I 497 4.82 28.71 -11.02
C ALA I 497 5.23 27.95 -9.79
N TYR I 498 4.26 27.55 -9.02
CA TYR I 498 4.52 26.83 -7.73
C TYR I 498 4.56 25.30 -7.78
N PRO I 499 3.70 24.66 -8.58
CA PRO I 499 3.73 23.16 -8.63
C PRO I 499 4.99 22.50 -9.14
N VAL I 500 5.85 23.27 -9.82
CA VAL I 500 7.18 22.75 -10.26
C VAL I 500 8.23 22.58 -9.17
N PHE I 501 7.96 23.01 -7.95
CA PHE I 501 8.94 22.84 -6.86
C PHE I 501 8.30 22.68 -5.50
N ASN I 502 9.05 22.09 -4.59
CA ASN I 502 8.69 22.08 -3.17
C ASN I 502 9.97 22.33 -2.36
N SER I 503 9.93 22.14 -1.05
CA SER I 503 11.08 22.52 -0.20
C SER I 503 12.30 21.64 -0.45
N ASN I 504 12.09 20.48 -1.04
CA ASN I 504 13.22 19.62 -1.51
C ASN I 504 13.76 19.91 -2.93
N GLY I 505 13.14 20.82 -3.65
CA GLY I 505 13.59 21.17 -4.98
C GLY I 505 12.53 20.84 -6.02
N ALA I 506 12.97 20.61 -7.26
CA ALA I 506 12.05 20.39 -8.37
C ALA I 506 11.19 19.14 -8.16
N THR I 507 9.96 19.23 -8.67
CA THR I 507 8.99 18.13 -8.57
C THR I 507 8.87 17.33 -9.88
N GLY I 508 9.36 17.88 -10.96
CA GLY I 508 9.17 17.31 -12.29
C GLY I 508 7.72 17.35 -12.76
N PHE I 509 6.96 18.29 -12.25
CA PHE I 509 5.54 18.50 -12.59
C PHE I 509 5.43 18.95 -14.02
N GLY I 510 4.53 18.30 -14.75
CA GLY I 510 4.15 18.74 -16.13
C GLY I 510 4.15 17.65 -17.21
N PRO I 511 5.24 16.91 -17.35
CA PRO I 511 5.35 15.90 -18.41
C PRO I 511 4.26 14.83 -18.34
N ALA I 512 4.02 14.29 -17.16
CA ALA I 512 3.00 13.24 -17.00
C ALA I 512 1.59 13.76 -17.27
N LEU I 513 1.35 14.99 -16.86
CA LEU I 513 0.09 15.69 -17.19
C LEU I 513 -0.14 15.64 -18.70
N LEU I 514 0.90 16.01 -19.44
CA LEU I 514 0.84 16.05 -20.91
C LEU I 514 0.60 14.65 -21.51
N THR I 515 1.36 13.70 -21.01
CA THR I 515 1.26 12.30 -21.48
C THR I 515 -0.17 11.81 -21.34
N GLU I 516 -0.74 12.02 -20.16
CA GLU I 516 -2.14 11.64 -19.88
C GLU I 516 -3.14 12.40 -20.78
N TYR I 517 -2.89 13.67 -20.99
CA TYR I 517 -3.75 14.49 -21.88
C TYR I 517 -3.75 13.92 -23.32
N PHE I 518 -2.55 13.66 -23.83
CA PHE I 518 -2.37 13.12 -25.19
C PHE I 518 -3.02 11.75 -25.38
N ARG I 519 -2.87 10.95 -24.36
CA ARG I 519 -3.42 9.59 -24.25
C ARG I 519 -4.95 9.56 -24.49
N LYS I 520 -5.63 10.61 -24.04
CA LYS I 520 -7.12 10.69 -24.08
C LYS I 520 -7.68 11.49 -25.23
N LEU I 521 -6.84 11.92 -26.15
CA LEU I 521 -7.28 12.82 -27.23
C LEU I 521 -8.20 12.11 -28.25
N THR J 3 -13.05 -54.42 -19.95
CA THR J 3 -14.02 -54.01 -21.01
C THR J 3 -13.31 -53.82 -22.35
N LEU J 4 -13.55 -54.74 -23.26
CA LEU J 4 -13.05 -54.65 -24.66
C LEU J 4 -14.08 -53.98 -25.55
N PRO J 5 -13.64 -53.42 -26.69
CA PRO J 5 -14.61 -52.97 -27.67
C PRO J 5 -15.50 -54.12 -28.18
N LYS J 6 -16.77 -53.81 -28.47
CA LYS J 6 -17.77 -54.80 -28.94
C LYS J 6 -17.29 -55.61 -30.18
N ALA J 7 -16.67 -54.92 -31.12
CA ALA J 7 -16.15 -55.57 -32.37
C ALA J 7 -15.01 -56.57 -32.10
N GLU J 8 -14.16 -56.24 -31.13
CA GLU J 8 -13.07 -57.16 -30.71
C GLU J 8 -13.62 -58.39 -29.98
N ALA J 9 -14.59 -58.19 -29.10
CA ALA J 9 -15.27 -59.31 -28.37
C ALA J 9 -16.00 -60.30 -29.33
N LYS J 10 -16.70 -59.78 -30.34
CA LYS J 10 -17.35 -60.63 -31.38
C LYS J 10 -16.31 -61.47 -32.14
N GLU J 11 -15.21 -60.83 -32.49
CA GLU J 11 -14.09 -61.52 -33.16
C GLU J 11 -13.50 -62.66 -32.30
N LEU J 12 -13.34 -62.39 -31.02
CA LEU J 12 -12.80 -63.38 -30.07
C LEU J 12 -13.74 -64.59 -29.91
N SER J 13 -15.03 -64.33 -29.78
CA SER J 13 -16.06 -65.40 -29.73
C SER J 13 -16.06 -66.27 -30.96
N ALA J 14 -15.99 -65.64 -32.10
CA ALA J 14 -15.97 -66.36 -33.39
C ALA J 14 -14.70 -67.20 -33.52
N PHE J 15 -13.59 -66.65 -33.04
CA PHE J 15 -12.33 -67.40 -33.04
C PHE J 15 -12.40 -68.62 -32.11
N VAL J 16 -13.00 -68.40 -30.94
CA VAL J 16 -13.19 -69.50 -29.94
C VAL J 16 -13.97 -70.66 -30.57
N GLN J 17 -15.09 -70.30 -31.18
CA GLN J 17 -15.94 -71.26 -31.89
C GLN J 17 -15.17 -72.02 -33.00
N SER J 18 -14.37 -71.30 -33.79
CA SER J 18 -13.52 -71.90 -34.85
C SER J 18 -12.58 -72.97 -34.29
N CYS J 19 -12.09 -72.75 -33.09
CA CYS J 19 -11.18 -73.74 -32.43
C CYS J 19 -11.94 -74.93 -31.83
N VAL J 20 -13.02 -74.63 -31.13
CA VAL J 20 -13.91 -75.66 -30.53
C VAL J 20 -14.54 -76.63 -31.58
N GLU J 21 -14.89 -76.09 -32.73
CA GLU J 21 -15.54 -76.86 -33.82
CA GLU J 21 -15.54 -76.86 -33.82
C GLU J 21 -14.56 -77.28 -34.90
N TYR J 22 -13.27 -77.10 -34.64
CA TYR J 22 -12.24 -77.44 -35.65
C TYR J 22 -12.39 -78.90 -36.10
N LYS J 23 -12.45 -79.08 -37.42
CA LYS J 23 -12.46 -80.41 -38.07
C LYS J 23 -11.29 -80.51 -39.10
N THR J 24 -10.64 -81.67 -39.13
CA THR J 24 -9.44 -81.85 -39.98
C THR J 24 -9.78 -81.87 -41.47
N ASN J 25 -8.80 -81.47 -42.25
CA ASN J 25 -8.89 -81.56 -43.74
C ASN J 25 -8.41 -82.94 -44.31
N VAL J 26 -7.93 -83.81 -43.43
CA VAL J 26 -7.28 -85.05 -43.82
C VAL J 26 -8.19 -86.27 -43.54
N CYS J 27 -8.27 -87.17 -44.50
CA CYS J 27 -8.85 -88.51 -44.25
C CYS J 27 -7.90 -89.61 -44.76
N PHE J 28 -8.10 -90.81 -44.23
CA PHE J 28 -7.17 -91.91 -44.47
C PHE J 28 -7.88 -93.13 -45.04
N THR J 29 -7.20 -93.78 -45.97
CA THR J 29 -7.67 -95.04 -46.53
C THR J 29 -6.48 -95.84 -47.06
N ASP J 30 -6.77 -96.85 -47.88
CA ASP J 30 -5.73 -97.72 -48.45
C ASP J 30 -6.02 -98.04 -49.92
N VAL J 31 -5.04 -98.60 -50.60
CA VAL J 31 -5.08 -98.75 -52.07
C VAL J 31 -6.32 -99.56 -52.54
N ALA J 32 -6.55 -100.72 -51.90
CA ALA J 32 -7.68 -101.61 -52.27
C ALA J 32 -9.04 -100.94 -52.02
N ALA J 33 -9.19 -100.33 -50.87
CA ALA J 33 -10.43 -99.57 -50.54
C ALA J 33 -10.66 -98.38 -51.51
N TYR J 34 -9.57 -97.77 -51.94
CA TYR J 34 -9.58 -96.62 -52.90
C TYR J 34 -9.98 -97.09 -54.30
N GLU J 35 -9.35 -98.19 -54.75
CA GLU J 35 -9.69 -98.86 -56.06
C GLU J 35 -11.20 -99.19 -56.08
N SER J 36 -11.67 -99.70 -54.96
CA SER J 36 -13.08 -100.14 -54.81
C SER J 36 -14.09 -98.97 -54.75
N ASN J 37 -13.77 -97.93 -54.00
CA ASN J 37 -14.67 -96.77 -53.85
C ASN J 37 -14.63 -95.75 -54.98
N GLN J 38 -13.47 -95.60 -55.59
CA GLN J 38 -13.25 -94.55 -56.64
C GLN J 38 -13.05 -95.10 -58.06
N LYS J 39 -12.85 -96.41 -58.16
CA LYS J 39 -12.85 -97.11 -59.47
C LYS J 39 -11.81 -96.58 -60.48
N GLY J 40 -10.66 -96.16 -59.95
CA GLY J 40 -9.56 -95.60 -60.78
C GLY J 40 -9.74 -94.14 -61.22
N VAL J 41 -10.73 -93.46 -60.65
CA VAL J 41 -10.98 -92.01 -60.92
C VAL J 41 -10.31 -91.20 -59.81
N LEU J 42 -9.33 -90.39 -60.19
CA LEU J 42 -8.63 -89.53 -59.22
C LEU J 42 -9.59 -88.49 -58.68
N SER J 43 -9.32 -88.07 -57.45
CA SER J 43 -10.15 -87.07 -56.77
C SER J 43 -10.07 -85.67 -57.44
N SER J 44 -8.94 -85.38 -58.06
CA SER J 44 -8.69 -84.07 -58.66
C SER J 44 -7.59 -84.13 -59.69
N GLY J 45 -7.23 -82.98 -60.21
CA GLY J 45 -6.13 -82.84 -61.20
C GLY J 45 -4.73 -82.91 -60.64
N LEU J 46 -4.61 -83.20 -59.36
CA LEU J 46 -3.30 -83.37 -58.71
C LEU J 46 -3.28 -84.69 -57.93
N ALA J 47 -2.20 -85.42 -58.11
CA ALA J 47 -1.87 -86.58 -57.26
C ALA J 47 -0.43 -86.56 -56.79
N VAL J 48 -0.22 -87.07 -55.60
CA VAL J 48 1.11 -87.07 -54.97
C VAL J 48 1.55 -88.49 -54.64
N LEU J 49 2.79 -88.77 -54.98
CA LEU J 49 3.39 -90.07 -54.70
C LEU J 49 4.69 -89.91 -53.90
N VAL J 50 4.68 -90.46 -52.70
CA VAL J 50 5.80 -90.27 -51.74
C VAL J 50 6.31 -91.58 -51.16
N GLY J 51 7.60 -91.81 -51.33
CA GLY J 51 8.25 -92.99 -50.78
C GLY J 51 9.76 -92.95 -50.92
N THR J 52 10.41 -93.97 -50.39
CA THR J 52 11.86 -94.11 -50.52
C THR J 52 12.25 -94.50 -51.95
N HIS J 53 13.53 -94.35 -52.26
CA HIS J 53 14.12 -94.78 -53.54
C HIS J 53 13.69 -96.23 -53.89
N LYS J 54 13.86 -97.11 -52.92
CA LYS J 54 13.48 -98.52 -53.05
C LYS J 54 11.94 -98.69 -53.21
N GLN J 55 11.17 -98.03 -52.34
CA GLN J 55 9.70 -98.18 -52.35
C GLN J 55 9.06 -97.71 -53.67
N LEU J 56 9.63 -96.66 -54.22
CA LEU J 56 9.21 -96.10 -55.51
C LEU J 56 9.43 -97.05 -56.72
N ARG J 57 10.35 -97.99 -56.56
CA ARG J 57 10.68 -98.98 -57.61
C ARG J 57 10.05 -100.34 -57.39
N ASP J 58 9.22 -100.44 -56.36
CA ASP J 58 8.46 -101.67 -56.08
C ASP J 58 7.49 -101.87 -57.28
N PRO J 59 7.35 -103.12 -57.76
CA PRO J 59 6.40 -103.37 -58.86
C PRO J 59 4.94 -102.96 -58.56
N ALA J 60 4.55 -103.03 -57.30
CA ALA J 60 3.19 -102.62 -56.88
C ALA J 60 2.86 -101.16 -57.24
N VAL J 61 3.90 -100.33 -57.34
CA VAL J 61 3.74 -98.91 -57.74
C VAL J 61 3.13 -98.81 -59.16
N GLN J 62 3.47 -99.75 -60.01
CA GLN J 62 2.97 -99.78 -61.40
C GLN J 62 1.46 -100.03 -61.51
N ARG J 63 0.88 -100.58 -60.47
CA ARG J 63 -0.58 -100.84 -60.41
C ARG J 63 -1.38 -99.64 -59.93
N LEU J 64 -0.69 -98.59 -59.54
CA LEU J 64 -1.37 -97.37 -59.11
C LEU J 64 -2.03 -96.72 -60.33
N PRO J 65 -3.25 -96.18 -60.17
CA PRO J 65 -4.10 -95.72 -61.27
C PRO J 65 -3.54 -94.60 -62.13
N PHE J 66 -2.60 -93.85 -61.61
CA PHE J 66 -1.94 -92.72 -62.35
C PHE J 66 -0.62 -93.12 -63.04
N TYR J 67 -0.18 -94.34 -62.82
CA TYR J 67 1.17 -94.73 -63.26
C TYR J 67 1.22 -94.79 -64.78
N ASN J 68 2.31 -94.29 -65.32
CA ASN J 68 2.63 -94.42 -66.76
C ASN J 68 4.14 -94.15 -66.99
N PRO J 69 4.60 -94.18 -68.25
CA PRO J 69 6.04 -93.99 -68.47
C PRO J 69 6.63 -92.65 -68.02
N ALA J 70 5.81 -91.62 -68.01
CA ALA J 70 6.24 -90.28 -67.55
C ALA J 70 6.51 -90.27 -66.01
N VAL J 71 5.60 -90.91 -65.29
CA VAL J 71 5.72 -91.09 -63.86
C VAL J 71 6.96 -91.93 -63.54
N ALA J 72 7.19 -92.94 -64.34
CA ALA J 72 8.44 -93.76 -64.24
C ALA J 72 9.69 -92.93 -64.41
N GLU J 73 9.66 -92.06 -65.39
CA GLU J 73 10.77 -91.07 -65.62
C GLU J 73 10.92 -90.05 -64.44
N ALA J 74 9.80 -89.63 -63.87
CA ALA J 74 9.79 -88.77 -62.68
C ALA J 74 10.53 -89.43 -61.51
N ILE J 75 10.26 -90.72 -61.33
CA ILE J 75 10.93 -91.54 -60.31
C ILE J 75 12.46 -91.59 -60.54
N GLU J 76 12.87 -91.63 -61.79
CA GLU J 76 14.30 -91.62 -62.15
C GLU J 76 14.98 -90.28 -61.92
N ARG J 77 14.26 -89.21 -62.16
CA ARG J 77 14.84 -87.85 -62.16
C ARG J 77 14.77 -87.13 -60.81
N VAL J 78 13.87 -87.59 -59.96
CA VAL J 78 13.65 -86.95 -58.65
C VAL J 78 14.92 -87.08 -57.80
N LYS J 79 15.24 -86.01 -57.09
CA LYS J 79 16.38 -86.03 -56.15
C LYS J 79 15.91 -86.48 -54.77
N GLU J 80 16.81 -87.14 -54.06
CA GLU J 80 16.57 -87.50 -52.64
C GLU J 80 16.23 -86.21 -51.85
N GLY J 81 15.12 -86.25 -51.15
CA GLY J 81 14.60 -85.09 -50.39
C GLY J 81 13.86 -84.07 -51.21
N GLY J 82 13.75 -84.34 -52.50
CA GLY J 82 13.13 -83.38 -53.46
C GLY J 82 11.89 -83.95 -54.13
N THR J 83 11.26 -83.11 -54.93
CA THR J 83 10.07 -83.48 -55.70
C THR J 83 10.33 -83.30 -57.21
N TYR J 84 9.45 -83.93 -57.98
CA TYR J 84 9.47 -83.90 -59.46
C TYR J 84 8.09 -84.18 -60.02
N GLY J 85 7.62 -83.24 -60.81
CA GLY J 85 6.25 -83.25 -61.32
C GLY J 85 6.17 -83.59 -62.82
N VAL J 86 5.15 -84.36 -63.17
CA VAL J 86 4.81 -84.65 -64.59
C VAL J 86 3.32 -84.61 -64.87
N LEU J 87 3.00 -84.23 -66.10
CA LEU J 87 1.60 -84.25 -66.59
C LEU J 87 1.26 -85.59 -67.20
N VAL J 88 0.10 -86.09 -66.84
CA VAL J 88 -0.49 -87.32 -67.43
C VAL J 88 -1.77 -87.00 -68.17
N GLU J 89 -1.77 -87.21 -69.48
CA GLU J 89 -2.90 -86.84 -70.34
C GLU J 89 -4.00 -87.91 -70.32
N GLY J 90 -5.23 -87.42 -70.33
CA GLY J 90 -6.44 -88.28 -70.41
C GLY J 90 -6.58 -89.30 -69.29
N LEU J 91 -6.28 -88.86 -68.10
CA LEU J 91 -6.45 -89.67 -66.92
C LEU J 91 -7.75 -89.23 -66.25
N ALA J 92 -8.60 -90.20 -65.98
CA ALA J 92 -9.90 -89.94 -65.36
C ALA J 92 -9.76 -89.28 -63.98
N ASN J 93 -10.47 -88.19 -63.79
CA ASN J 93 -10.49 -87.49 -62.50
C ASN J 93 -11.78 -86.72 -62.29
N ALA J 94 -12.13 -86.54 -61.02
CA ALA J 94 -13.44 -85.93 -60.65
C ALA J 94 -13.56 -84.47 -60.99
N ALA J 95 -12.44 -83.81 -61.17
CA ALA J 95 -12.42 -82.36 -61.54
C ALA J 95 -12.59 -82.15 -63.04
N GLY J 96 -12.57 -83.24 -63.78
CA GLY J 96 -12.65 -83.21 -65.26
C GLY J 96 -11.50 -82.49 -65.96
N SER J 97 -10.36 -82.51 -65.32
CA SER J 97 -9.16 -81.84 -65.84
C SER J 97 -8.60 -82.69 -66.97
N LYS J 98 -8.15 -82.03 -68.03
CA LYS J 98 -7.59 -82.72 -69.21
C LYS J 98 -6.29 -83.45 -68.88
N PHE J 99 -5.43 -82.75 -68.16
CA PHE J 99 -4.17 -83.32 -67.66
C PHE J 99 -4.26 -83.48 -66.16
N VAL J 100 -3.70 -84.57 -65.68
CA VAL J 100 -3.47 -84.74 -64.21
C VAL J 100 -1.99 -84.48 -63.94
N ARG J 101 -1.72 -83.67 -62.93
CA ARG J 101 -0.35 -83.45 -62.48
C ARG J 101 -0.03 -84.51 -61.41
N VAL J 102 1.05 -85.23 -61.65
CA VAL J 102 1.57 -86.20 -60.67
C VAL J 102 2.91 -85.72 -60.14
N VAL J 103 2.96 -85.50 -58.85
CA VAL J 103 4.21 -85.09 -58.17
C VAL J 103 4.78 -86.24 -57.36
N VAL J 104 5.98 -86.64 -57.73
CA VAL J 104 6.74 -87.66 -57.03
C VAL J 104 7.70 -87.00 -56.03
N GLY J 105 7.78 -87.61 -54.85
CA GLY J 105 8.71 -87.17 -53.79
C GLY J 105 9.49 -88.34 -53.17
N GLU J 106 10.80 -88.18 -53.12
CA GLU J 106 11.69 -89.20 -52.59
C GLU J 106 12.10 -88.91 -51.15
N VAL J 107 11.77 -89.87 -50.31
CA VAL J 107 12.13 -89.87 -48.89
C VAL J 107 13.47 -90.60 -48.68
N PRO J 108 14.42 -89.99 -47.94
CA PRO J 108 15.65 -90.71 -47.60
C PRO J 108 15.41 -91.96 -46.73
N THR J 109 16.33 -92.90 -46.81
CA THR J 109 16.35 -94.06 -45.86
C THR J 109 17.28 -93.82 -44.69
N LYS J 110 18.27 -92.97 -44.88
CA LYS J 110 19.20 -92.57 -43.82
C LYS J 110 18.39 -92.13 -42.61
N ALA J 111 18.69 -92.75 -41.48
CA ALA J 111 18.03 -92.42 -40.20
C ALA J 111 18.90 -92.88 -39.04
N SER J 112 19.32 -91.95 -38.20
CA SER J 112 20.21 -92.23 -37.06
C SER J 112 19.38 -92.95 -36.00
N ARG J 113 20.06 -93.56 -35.06
CA ARG J 113 19.41 -94.22 -33.90
C ARG J 113 18.51 -93.30 -33.02
N ASN J 114 18.67 -92.00 -33.17
CA ASN J 114 17.83 -91.02 -32.44
C ASN J 114 16.68 -90.44 -33.24
N ASN J 115 16.45 -91.01 -34.40
CA ASN J 115 15.43 -90.52 -35.34
C ASN J 115 14.36 -91.57 -35.62
N CYS J 116 13.28 -91.11 -36.19
CA CYS J 116 12.21 -91.96 -36.67
C CYS J 116 12.65 -92.54 -38.03
N PRO J 117 12.81 -93.88 -38.13
CA PRO J 117 13.23 -94.55 -39.40
C PRO J 117 12.44 -94.18 -40.69
N ALA J 118 11.17 -93.88 -40.50
CA ALA J 118 10.29 -93.48 -41.61
C ALA J 118 10.44 -91.99 -42.08
N ARG J 119 11.23 -91.22 -41.36
CA ARG J 119 11.62 -89.84 -41.73
C ARG J 119 10.42 -89.00 -42.12
N PRO J 120 9.42 -88.95 -41.23
CA PRO J 120 8.23 -88.14 -41.46
C PRO J 120 8.51 -86.64 -41.62
N ASP J 121 9.61 -86.18 -41.07
CA ASP J 121 10.09 -84.80 -41.33
C ASP J 121 10.18 -84.49 -42.85
N VAL J 122 10.69 -85.42 -43.62
CA VAL J 122 10.84 -85.21 -45.07
C VAL J 122 9.49 -85.40 -45.76
N VAL J 123 8.72 -86.35 -45.27
CA VAL J 123 7.37 -86.58 -45.79
C VAL J 123 6.58 -85.26 -45.77
N THR J 124 6.60 -84.62 -44.62
CA THR J 124 5.93 -83.32 -44.45
C THR J 124 6.39 -82.30 -45.50
N ALA J 125 7.69 -82.17 -45.65
CA ALA J 125 8.26 -81.17 -46.59
C ALA J 125 7.90 -81.48 -48.06
N LEU J 126 7.90 -82.77 -48.40
CA LEU J 126 7.55 -83.24 -49.77
C LEU J 126 6.11 -82.97 -50.16
N VAL J 127 5.21 -83.28 -49.27
CA VAL J 127 3.80 -83.04 -49.51
C VAL J 127 3.51 -81.53 -49.53
N THR J 128 4.15 -80.79 -48.64
CA THR J 128 4.04 -79.32 -48.63
C THR J 128 4.39 -78.75 -50.01
N ALA J 129 5.54 -79.16 -50.51
CA ALA J 129 6.05 -78.68 -51.81
C ALA J 129 5.14 -79.07 -52.98
N ALA J 130 4.66 -80.29 -52.93
CA ALA J 130 3.68 -80.81 -53.95
C ALA J 130 2.34 -80.07 -53.93
N LEU J 131 1.84 -79.77 -52.75
CA LEU J 131 0.59 -78.98 -52.62
C LEU J 131 0.67 -77.51 -53.08
N ASP J 132 1.88 -77.02 -53.25
CA ASP J 132 2.12 -75.65 -53.77
C ASP J 132 1.80 -75.58 -55.27
N GLU J 133 1.68 -76.75 -55.89
CA GLU J 133 1.24 -76.88 -57.32
C GLU J 133 -0.27 -77.08 -57.50
N VAL J 134 -1.04 -76.76 -56.47
CA VAL J 134 -2.51 -76.85 -56.52
C VAL J 134 -3.06 -75.66 -57.35
N LYS J 135 -3.92 -75.99 -58.32
CA LYS J 135 -4.54 -75.01 -59.22
C LYS J 135 -5.72 -74.28 -58.51
N GLU J 136 -6.77 -75.03 -58.23
CA GLU J 136 -8.05 -74.50 -57.68
C GLU J 136 -8.13 -74.63 -56.13
N PRO J 137 -9.15 -74.03 -55.50
CA PRO J 137 -9.21 -73.94 -54.01
C PRO J 137 -9.63 -75.17 -53.16
N ASN J 138 -10.87 -75.58 -53.38
CA ASN J 138 -11.57 -76.64 -52.56
C ASN J 138 -11.52 -78.01 -53.21
N THR J 139 -10.34 -78.40 -53.67
CA THR J 139 -10.14 -79.73 -54.27
C THR J 139 -9.70 -80.74 -53.21
N THR J 140 -9.86 -82.01 -53.57
CA THR J 140 -9.36 -83.12 -52.79
C THR J 140 -8.13 -83.65 -53.50
N VAL J 141 -7.04 -83.76 -52.77
CA VAL J 141 -5.75 -84.25 -53.35
C VAL J 141 -5.45 -85.65 -52.81
N ASP J 142 -5.27 -86.58 -53.74
CA ASP J 142 -4.91 -87.96 -53.38
C ASP J 142 -3.43 -88.05 -53.12
N VAL J 143 -3.07 -88.46 -51.90
CA VAL J 143 -1.66 -88.55 -51.48
C VAL J 143 -1.35 -90.03 -51.22
N PHE J 144 -0.61 -90.61 -52.14
CA PHE J 144 -0.26 -92.03 -52.08
C PHE J 144 1.04 -92.15 -51.39
N VAL J 145 1.03 -92.83 -50.26
CA VAL J 145 2.27 -92.99 -49.46
C VAL J 145 2.64 -94.45 -49.50
N LEU J 146 3.90 -94.72 -49.77
CA LEU J 146 4.42 -96.10 -49.89
C LEU J 146 4.87 -96.73 -48.56
N SER J 147 4.97 -95.92 -47.53
CA SER J 147 5.28 -96.39 -46.18
C SER J 147 3.99 -96.90 -45.51
N ASN J 148 4.15 -97.90 -44.65
CA ASN J 148 3.06 -98.32 -43.70
C ASN J 148 3.22 -97.87 -42.23
N ALA J 149 4.12 -96.93 -42.01
CA ALA J 149 4.29 -96.35 -40.65
C ALA J 149 3.19 -95.31 -40.40
N VAL J 150 2.01 -95.81 -40.08
CA VAL J 150 0.77 -95.00 -40.18
C VAL J 150 0.64 -93.81 -39.23
N LEU J 151 1.09 -93.99 -37.99
CA LEU J 151 1.01 -92.90 -36.99
C LEU J 151 1.93 -91.73 -37.36
N PRO J 152 3.23 -91.98 -37.58
CA PRO J 152 4.08 -90.86 -37.95
C PRO J 152 3.66 -90.16 -39.27
N ILE J 153 3.24 -90.95 -40.24
CA ILE J 153 2.77 -90.36 -41.52
C ILE J 153 1.49 -89.54 -41.32
N ALA J 154 0.60 -90.03 -40.49
CA ALA J 154 -0.65 -89.28 -40.21
C ALA J 154 -0.38 -87.86 -39.70
N ALA J 155 0.48 -87.81 -38.69
CA ALA J 155 0.87 -86.54 -38.06
C ALA J 155 1.70 -85.68 -39.05
N ALA J 156 2.55 -86.32 -39.84
CA ALA J 156 3.40 -85.63 -40.82
C ALA J 156 2.58 -84.89 -41.88
N VAL J 157 1.54 -85.56 -42.36
CA VAL J 157 0.60 -84.99 -43.36
C VAL J 157 -0.35 -83.96 -42.76
N ALA J 158 -0.81 -84.22 -41.55
CA ALA J 158 -1.59 -83.21 -40.80
C ALA J 158 -0.84 -81.85 -40.66
N ARG J 159 0.46 -81.96 -40.48
CA ARG J 159 1.41 -80.84 -40.30
C ARG J 159 1.69 -80.05 -41.55
N CYS J 160 1.49 -80.68 -42.67
CA CYS J 160 2.07 -80.20 -43.93
C CYS J 160 1.15 -79.21 -44.60
N GLY J 161 1.70 -78.57 -45.62
CA GLY J 161 0.94 -77.64 -46.47
C GLY J 161 0.54 -76.37 -45.75
N LYS J 162 -0.42 -75.68 -46.33
CA LYS J 162 -0.93 -74.42 -45.77
C LYS J 162 -1.67 -74.67 -44.48
N HIS J 163 -1.53 -73.72 -43.58
CA HIS J 163 -2.01 -73.86 -42.22
C HIS J 163 -3.47 -73.48 -42.15
N ASN J 164 -4.22 -74.19 -41.32
CA ASN J 164 -5.65 -73.90 -41.11
C ASN J 164 -5.91 -72.50 -40.53
N PHE J 165 -4.98 -72.03 -39.72
CA PHE J 165 -5.01 -70.63 -39.29
C PHE J 165 -4.53 -69.68 -40.42
N SER J 166 -5.37 -68.73 -40.77
CA SER J 166 -4.99 -67.69 -41.73
C SER J 166 -5.75 -66.39 -41.53
N ALA J 167 -5.05 -65.30 -41.74
CA ALA J 167 -5.64 -63.95 -41.79
C ALA J 167 -5.53 -63.30 -43.19
N LYS J 168 -5.07 -64.08 -44.16
CA LYS J 168 -4.91 -63.58 -45.52
C LYS J 168 -6.27 -63.45 -46.25
N ASP J 169 -6.35 -62.48 -47.14
CA ASP J 169 -7.44 -62.36 -48.11
C ASP J 169 -8.85 -62.50 -47.53
N GLY J 170 -9.14 -61.71 -46.51
CA GLY J 170 -10.50 -61.65 -45.92
C GLY J 170 -10.84 -62.77 -44.96
N ALA J 171 -9.90 -63.68 -44.72
CA ALA J 171 -10.11 -64.80 -43.78
C ALA J 171 -10.46 -64.37 -42.35
N ALA J 172 -10.05 -63.17 -41.97
CA ALA J 172 -10.45 -62.60 -40.66
C ALA J 172 -12.00 -62.54 -40.45
N ALA J 173 -12.72 -62.36 -41.56
CA ALA J 173 -14.20 -62.32 -41.56
C ALA J 173 -14.81 -63.72 -41.48
N ALA J 174 -14.01 -64.73 -41.74
CA ALA J 174 -14.43 -66.13 -41.61
C ALA J 174 -13.80 -66.83 -40.38
N ALA J 175 -13.63 -66.06 -39.31
CA ALA J 175 -13.04 -66.54 -38.02
C ALA J 175 -11.61 -67.12 -38.17
N TYR J 176 -10.87 -66.59 -39.12
CA TYR J 176 -9.45 -66.97 -39.39
C TYR J 176 -9.27 -68.46 -39.81
N ASN J 177 -10.31 -69.00 -40.44
CA ASN J 177 -10.26 -70.31 -41.09
C ASN J 177 -9.77 -70.12 -42.49
N SER J 178 -8.67 -70.77 -42.82
CA SER J 178 -8.06 -70.57 -44.13
C SER J 178 -8.98 -71.12 -45.21
N GLY J 179 -9.05 -70.39 -46.30
CA GLY J 179 -9.75 -70.86 -47.53
C GLY J 179 -8.81 -71.48 -48.55
N LYS J 180 -7.55 -71.53 -48.19
CA LYS J 180 -6.46 -72.04 -49.05
C LYS J 180 -6.03 -73.51 -48.83
N VAL J 181 -6.68 -74.16 -47.89
CA VAL J 181 -6.31 -75.53 -47.48
C VAL J 181 -7.01 -76.51 -48.42
N SER J 182 -6.25 -77.48 -48.92
CA SER J 182 -6.81 -78.59 -49.71
C SER J 182 -7.24 -79.75 -48.82
N ARG J 183 -8.37 -80.36 -49.14
CA ARG J 183 -8.76 -81.66 -48.52
C ARG J 183 -7.70 -82.70 -49.03
N LEU J 184 -7.19 -83.50 -48.12
CA LEU J 184 -6.13 -84.48 -48.44
C LEU J 184 -6.60 -85.90 -48.12
N GLN J 185 -6.62 -86.73 -49.15
CA GLN J 185 -6.89 -88.18 -48.97
C GLN J 185 -5.58 -88.99 -49.01
N VAL J 186 -5.19 -89.44 -47.83
CA VAL J 186 -3.96 -90.21 -47.65
C VAL J 186 -4.29 -91.68 -47.94
N VAL J 187 -3.57 -92.23 -48.89
CA VAL J 187 -3.78 -93.62 -49.34
C VAL J 187 -2.57 -94.51 -49.03
N PHE J 188 -2.72 -95.30 -47.97
CA PHE J 188 -1.68 -96.25 -47.54
C PHE J 188 -1.66 -97.47 -48.43
N PRO J 189 -0.51 -98.17 -48.51
CA PRO J 189 -0.47 -99.42 -49.31
C PRO J 189 -1.43 -100.51 -48.79
N GLU J 190 -1.48 -100.66 -47.48
CA GLU J 190 -2.33 -101.67 -46.82
C GLU J 190 -3.33 -100.98 -45.91
N PRO J 191 -4.41 -101.70 -45.52
CA PRO J 191 -5.29 -101.16 -44.48
C PRO J 191 -4.49 -100.82 -43.23
N PRO J 192 -4.69 -99.59 -42.69
CA PRO J 192 -3.80 -99.13 -41.63
C PRO J 192 -3.99 -99.94 -40.35
N ALA J 193 -2.88 -100.26 -39.70
CA ALA J 193 -2.89 -100.99 -38.41
C ALA J 193 -3.71 -100.25 -37.34
N ILE J 194 -3.77 -98.94 -37.49
CA ILE J 194 -4.59 -98.06 -36.64
C ILE J 194 -5.78 -97.66 -37.50
N PRO J 195 -7.02 -97.77 -36.97
CA PRO J 195 -8.17 -97.44 -37.81
C PRO J 195 -8.15 -96.01 -38.34
N PRO J 196 -8.63 -95.77 -39.58
CA PRO J 196 -8.73 -94.44 -40.15
C PRO J 196 -9.37 -93.35 -39.26
N LYS J 197 -10.43 -93.69 -38.53
CA LYS J 197 -11.14 -92.70 -37.65
C LYS J 197 -10.25 -92.25 -36.46
N ASP J 198 -9.43 -93.18 -35.98
CA ASP J 198 -8.41 -92.89 -34.95
C ASP J 198 -7.27 -92.00 -35.47
N LEU J 199 -6.81 -92.32 -36.67
CA LEU J 199 -5.79 -91.50 -37.34
C LEU J 199 -6.31 -90.07 -37.59
N GLU J 200 -7.58 -89.98 -37.93
CA GLU J 200 -8.24 -88.68 -38.08
C GLU J 200 -8.22 -87.85 -36.80
N ALA J 201 -8.52 -88.49 -35.68
CA ALA J 201 -8.50 -87.83 -34.36
C ALA J 201 -7.11 -87.27 -34.01
N VAL J 202 -6.10 -88.07 -34.33
CA VAL J 202 -4.68 -87.67 -34.20
C VAL J 202 -4.31 -86.46 -35.07
N ALA J 203 -4.67 -86.54 -36.34
CA ALA J 203 -4.45 -85.46 -37.29
C ALA J 203 -5.16 -84.16 -36.89
N THR J 204 -6.36 -84.33 -36.35
CA THR J 204 -7.18 -83.22 -35.85
C THR J 204 -6.49 -82.53 -34.68
N SER J 205 -5.97 -83.31 -33.78
CA SER J 205 -5.24 -82.78 -32.62
C SER J 205 -3.93 -82.05 -33.00
N THR J 206 -3.23 -82.61 -33.97
CA THR J 206 -2.01 -81.99 -34.47
C THR J 206 -2.34 -80.60 -35.04
N GLN J 207 -3.43 -80.55 -35.79
CA GLN J 207 -3.81 -79.35 -36.49
C GLN J 207 -4.42 -78.29 -35.58
N LEU J 208 -5.18 -78.75 -34.60
CA LEU J 208 -5.73 -77.85 -33.60
C LEU J 208 -4.60 -77.21 -32.77
N CYS J 209 -3.67 -78.05 -32.37
CA CYS J 209 -2.47 -77.60 -31.66
C CYS J 209 -1.75 -76.51 -32.49
N GLN J 210 -1.59 -76.80 -33.77
CA GLN J 210 -0.97 -75.88 -34.70
C GLN J 210 -1.72 -74.55 -34.80
N ARG J 211 -3.03 -74.66 -34.83
CA ARG J 211 -3.92 -73.50 -34.85
C ARG J 211 -3.74 -72.58 -33.61
N LEU J 212 -3.71 -73.21 -32.45
CA LEU J 212 -3.57 -72.50 -31.17
C LEU J 212 -2.22 -71.79 -31.07
N VAL J 213 -1.20 -72.44 -31.58
CA VAL J 213 0.17 -71.93 -31.55
C VAL J 213 0.40 -70.80 -32.59
N ASP J 214 -0.10 -71.00 -33.78
CA ASP J 214 -0.03 -70.01 -34.86
C ASP J 214 -0.78 -68.73 -34.54
N ALA J 215 -1.85 -68.85 -33.78
CA ALA J 215 -2.75 -67.73 -33.55
C ALA J 215 -2.04 -66.60 -32.81
N PRO J 216 -2.23 -65.35 -33.26
CA PRO J 216 -1.61 -64.25 -32.61
C PRO J 216 -2.22 -64.03 -31.22
N PRO J 217 -1.46 -63.44 -30.30
CA PRO J 217 -1.98 -63.24 -28.96
C PRO J 217 -3.18 -62.29 -28.80
N ASN J 218 -3.44 -61.45 -29.80
CA ASN J 218 -4.69 -60.66 -29.77
C ASN J 218 -5.93 -61.57 -29.92
N LEU J 219 -5.74 -62.79 -30.42
CA LEU J 219 -6.82 -63.79 -30.56
C LEU J 219 -6.80 -64.89 -29.51
N LEU J 220 -5.63 -65.49 -29.35
CA LEU J 220 -5.44 -66.48 -28.34
C LEU J 220 -4.88 -65.85 -27.07
N THR J 221 -5.80 -65.56 -26.19
CA THR J 221 -5.52 -64.97 -24.86
C THR J 221 -5.69 -65.99 -23.75
N THR J 222 -5.42 -65.59 -22.53
CA THR J 222 -5.67 -66.48 -21.38
C THR J 222 -7.16 -66.80 -21.27
N ALA J 223 -7.98 -65.81 -21.60
CA ALA J 223 -9.45 -65.96 -21.59
C ALA J 223 -9.98 -66.87 -22.71
N THR J 224 -9.56 -66.61 -23.93
CA THR J 224 -10.04 -67.42 -25.06
C THR J 224 -9.55 -68.88 -25.01
N PHE J 225 -8.33 -69.07 -24.54
CA PHE J 225 -7.79 -70.42 -24.39
C PHE J 225 -8.66 -71.16 -23.38
N THR J 226 -8.98 -70.49 -22.29
CA THR J 226 -9.87 -71.04 -21.24
C THR J 226 -11.25 -71.40 -21.83
N GLU J 227 -11.86 -70.48 -22.55
CA GLU J 227 -13.19 -70.71 -23.18
C GLU J 227 -13.18 -71.90 -24.17
N ILE J 228 -12.09 -72.02 -24.90
CA ILE J 228 -11.88 -73.17 -25.83
C ILE J 228 -11.87 -74.51 -25.06
N ALA J 229 -11.14 -74.55 -23.98
CA ALA J 229 -11.10 -75.71 -23.11
C ALA J 229 -12.50 -76.03 -22.56
N GLN J 230 -13.22 -75.00 -22.15
CA GLN J 230 -14.61 -75.14 -21.61
C GLN J 230 -15.57 -75.69 -22.66
N GLY J 231 -15.44 -75.18 -23.88
CA GLY J 231 -16.27 -75.63 -25.02
C GLY J 231 -16.08 -77.12 -25.29
N TYR J 232 -14.83 -77.56 -25.27
CA TYR J 232 -14.51 -78.99 -25.50
C TYR J 232 -15.02 -79.86 -24.33
N ALA J 233 -14.94 -79.31 -23.14
CA ALA J 233 -15.45 -79.99 -21.95
C ALA J 233 -16.97 -80.24 -22.05
N LYS J 234 -17.72 -79.21 -22.44
CA LYS J 234 -19.18 -79.35 -22.69
C LYS J 234 -19.43 -80.44 -23.74
N ALA J 235 -18.75 -80.32 -24.86
CA ALA J 235 -18.99 -81.22 -26.02
C ALA J 235 -18.63 -82.67 -25.77
N LEU J 236 -17.53 -82.88 -25.09
CA LEU J 236 -16.98 -84.26 -24.88
C LEU J 236 -17.30 -84.85 -23.52
N GLY J 237 -17.78 -84.01 -22.62
CA GLY J 237 -18.20 -84.45 -21.28
C GLY J 237 -17.05 -84.82 -20.35
N PHE J 238 -16.04 -83.97 -20.29
CA PHE J 238 -15.00 -84.08 -19.24
C PHE J 238 -15.09 -82.88 -18.29
N ASP J 239 -14.50 -83.03 -17.11
CA ASP J 239 -14.58 -81.98 -16.06
C ASP J 239 -13.56 -80.89 -16.28
N VAL J 240 -13.94 -79.68 -15.90
CA VAL J 240 -13.08 -78.53 -16.02
C VAL J 240 -13.15 -77.72 -14.74
N ASP J 241 -11.97 -77.43 -14.21
CA ASP J 241 -11.79 -76.58 -13.02
C ASP J 241 -10.94 -75.36 -13.42
N VAL J 242 -11.42 -74.18 -13.08
CA VAL J 242 -10.73 -72.92 -13.40
C VAL J 242 -10.49 -72.09 -12.15
N ILE J 243 -9.22 -71.80 -11.88
CA ILE J 243 -8.86 -70.83 -10.83
C ILE J 243 -8.34 -69.56 -11.52
N CYS J 244 -9.08 -68.49 -11.34
CA CYS J 244 -8.96 -67.25 -12.14
C CYS J 244 -8.43 -66.08 -11.30
N GLY J 245 -7.45 -65.37 -11.84
CA GLY J 245 -7.06 -63.99 -11.41
C GLY J 245 -6.69 -63.87 -9.95
N ASP J 246 -7.39 -62.98 -9.26
CA ASP J 246 -7.09 -62.72 -7.82
C ASP J 246 -7.31 -63.93 -6.91
N ASP J 247 -8.19 -64.84 -7.32
CA ASP J 247 -8.38 -66.13 -6.58
C ASP J 247 -7.12 -66.98 -6.50
N LEU J 248 -6.28 -66.84 -7.51
CA LEU J 248 -4.96 -67.50 -7.50
C LEU J 248 -4.10 -67.02 -6.33
N CYS J 249 -4.10 -65.72 -6.12
CA CYS J 249 -3.40 -65.10 -4.95
C CYS J 249 -4.02 -65.54 -3.62
N GLU J 250 -5.35 -65.47 -3.53
CA GLU J 250 -6.08 -65.84 -2.27
C GLU J 250 -5.85 -67.31 -1.89
N ARG J 251 -5.71 -68.15 -2.90
CA ARG J 251 -5.51 -69.60 -2.70
C ARG J 251 -4.04 -70.04 -2.65
N GLY J 252 -3.12 -69.08 -2.61
CA GLY J 252 -1.66 -69.36 -2.44
C GLY J 252 -0.85 -69.69 -3.69
N TYR J 253 -1.46 -69.54 -4.85
CA TYR J 253 -0.76 -69.78 -6.14
C TYR J 253 0.05 -68.53 -6.56
N GLY J 254 1.04 -68.19 -5.75
CA GLY J 254 1.85 -66.96 -5.91
C GLY J 254 2.71 -66.88 -7.19
N GLY J 255 3.10 -68.04 -7.69
CA GLY J 255 3.94 -68.13 -8.86
C GLY J 255 3.20 -67.71 -10.12
N ILE J 256 2.18 -68.46 -10.46
CA ILE J 256 1.35 -68.10 -11.64
C ILE J 256 0.65 -66.73 -11.52
N TYR J 257 0.19 -66.42 -10.31
CA TYR J 257 -0.43 -65.11 -10.06
C TYR J 257 0.56 -63.97 -10.35
N SER J 258 1.75 -64.06 -9.79
CA SER J 258 2.75 -62.99 -9.92
C SER J 258 3.20 -62.79 -11.38
N VAL J 259 3.39 -63.88 -12.08
CA VAL J 259 3.81 -63.84 -13.50
C VAL J 259 2.75 -63.15 -14.36
N GLY J 260 1.50 -63.52 -14.14
CA GLY J 260 0.36 -63.05 -14.97
C GLY J 260 -0.39 -61.78 -14.59
N LYS J 261 -0.15 -61.27 -13.41
CA LYS J 261 -0.97 -60.17 -12.87
C LYS J 261 -0.86 -58.79 -13.55
N ALA J 262 0.23 -58.56 -14.26
CA ALA J 262 0.43 -57.29 -14.97
C ALA J 262 -0.43 -57.18 -16.24
N ALA J 263 -0.90 -58.31 -16.72
CA ALA J 263 -1.55 -58.40 -18.03
C ALA J 263 -2.97 -57.86 -17.99
N PHE J 264 -3.43 -57.52 -19.18
CA PHE J 264 -4.82 -57.07 -19.39
C PHE J 264 -5.79 -58.20 -19.04
N GLU J 265 -5.49 -59.40 -19.52
CA GLU J 265 -6.32 -60.58 -19.24
C GLU J 265 -5.67 -61.35 -18.10
N ALA J 266 -6.47 -61.69 -17.11
CA ALA J 266 -5.97 -62.34 -15.87
C ALA J 266 -5.44 -63.76 -16.12
N PRO J 267 -4.53 -64.21 -15.26
CA PRO J 267 -4.00 -65.54 -15.40
C PRO J 267 -4.99 -66.55 -14.90
N ARG J 268 -4.83 -67.76 -15.36
CA ARG J 268 -5.75 -68.85 -15.00
C ARG J 268 -5.02 -70.17 -14.88
N LEU J 269 -5.36 -70.91 -13.83
CA LEU J 269 -4.94 -72.31 -13.71
C LEU J 269 -6.15 -73.14 -14.08
N VAL J 270 -6.06 -73.81 -15.21
CA VAL J 270 -7.17 -74.57 -15.80
C VAL J 270 -6.86 -76.06 -15.77
N THR J 271 -7.66 -76.81 -15.03
CA THR J 271 -7.42 -78.24 -14.87
C THR J 271 -8.59 -79.03 -15.46
N LEU J 272 -8.23 -79.93 -16.35
CA LEU J 272 -9.18 -80.82 -17.02
C LEU J 272 -8.98 -82.24 -16.50
N LEU J 273 -10.08 -82.94 -16.30
CA LEU J 273 -10.08 -84.34 -15.77
C LEU J 273 -10.81 -85.30 -16.69
N TYR J 274 -10.15 -86.41 -16.95
CA TYR J 274 -10.74 -87.52 -17.71
C TYR J 274 -10.44 -88.81 -16.98
N THR J 275 -11.50 -89.55 -16.70
CA THR J 275 -11.41 -90.87 -16.09
C THR J 275 -12.07 -91.86 -17.05
N PRO J 276 -11.32 -92.86 -17.55
CA PRO J 276 -11.90 -93.82 -18.48
C PRO J 276 -12.93 -94.74 -17.80
N LYS J 277 -13.79 -95.33 -18.62
CA LYS J 277 -14.85 -96.25 -18.14
C LYS J 277 -14.29 -97.46 -17.38
N GLY J 278 -13.21 -98.03 -17.88
CA GLY J 278 -12.63 -99.21 -17.24
C GLY J 278 -11.73 -98.85 -16.07
N THR J 279 -11.02 -99.86 -15.57
CA THR J 279 -9.86 -99.67 -14.63
C THR J 279 -8.64 -99.13 -15.46
N PRO J 280 -8.02 -98.02 -15.00
CA PRO J 280 -6.98 -97.36 -15.83
C PRO J 280 -5.61 -97.99 -15.69
N VAL J 281 -4.86 -98.00 -16.77
CA VAL J 281 -3.49 -98.63 -16.79
C VAL J 281 -2.47 -97.80 -16.02
N LYS J 282 -2.70 -96.49 -15.99
CA LYS J 282 -1.88 -95.51 -15.23
C LYS J 282 -2.69 -94.26 -14.93
N LYS J 283 -2.29 -93.58 -13.86
CA LYS J 283 -2.76 -92.22 -13.58
C LYS J 283 -1.64 -91.22 -13.95
N VAL J 284 -1.95 -90.36 -14.89
CA VAL J 284 -0.96 -89.44 -15.46
C VAL J 284 -1.47 -88.00 -15.36
N SER J 285 -0.64 -87.13 -14.82
CA SER J 285 -0.94 -85.69 -14.73
C SER J 285 -0.10 -84.96 -15.75
N LEU J 286 -0.77 -84.30 -16.67
CA LEU J 286 -0.12 -83.39 -17.62
C LEU J 286 -0.13 -81.95 -17.10
N VAL J 287 0.96 -81.26 -17.33
CA VAL J 287 1.10 -79.84 -16.94
C VAL J 287 1.76 -79.09 -18.09
N GLY J 288 1.10 -78.04 -18.58
CA GLY J 288 1.61 -77.27 -19.74
C GLY J 288 1.83 -75.80 -19.49
N LYS J 289 2.97 -75.31 -19.96
CA LYS J 289 3.33 -73.87 -19.92
C LYS J 289 2.45 -73.18 -20.95
N GLY J 290 1.51 -72.41 -20.47
CA GLY J 290 0.60 -71.66 -21.34
C GLY J 290 0.86 -70.17 -21.32
N ILE J 291 2.08 -69.79 -21.63
CA ILE J 291 2.45 -68.37 -21.71
C ILE J 291 2.02 -67.92 -23.09
N VAL J 292 0.86 -67.33 -23.07
CA VAL J 292 0.17 -66.81 -24.24
C VAL J 292 0.98 -65.75 -25.05
N TYR J 293 1.75 -64.98 -24.31
CA TYR J 293 2.80 -64.12 -24.87
C TYR J 293 3.85 -63.81 -23.78
N ASP J 294 5.11 -63.96 -24.15
CA ASP J 294 6.29 -63.77 -23.27
C ASP J 294 6.99 -62.53 -23.80
N CYS J 295 6.60 -61.36 -23.29
CA CYS J 295 7.38 -60.12 -23.57
C CYS J 295 8.66 -60.01 -22.71
N GLY J 296 8.75 -60.87 -21.68
CA GLY J 296 9.89 -60.89 -20.75
C GLY J 296 9.59 -60.31 -19.38
N GLY J 297 8.48 -59.63 -19.31
CA GLY J 297 8.17 -58.76 -18.18
C GLY J 297 9.12 -57.55 -18.10
N LEU J 298 9.42 -57.14 -16.89
CA LEU J 298 10.37 -56.05 -16.64
C LEU J 298 11.74 -56.33 -17.27
N ALA J 299 12.12 -57.60 -17.32
CA ALA J 299 13.30 -58.05 -18.07
C ALA J 299 12.93 -58.18 -19.56
N LEU J 300 12.63 -57.05 -20.13
CA LEU J 300 12.05 -56.92 -21.46
C LEU J 300 12.96 -57.51 -22.54
N LYS J 301 12.39 -58.35 -23.36
CA LYS J 301 13.10 -58.88 -24.52
C LYS J 301 13.32 -57.83 -25.59
N PRO J 302 14.48 -57.84 -26.24
CA PRO J 302 14.62 -57.01 -27.45
C PRO J 302 13.67 -57.54 -28.52
N ALA J 303 13.34 -56.67 -29.45
CA ALA J 303 12.31 -56.98 -30.47
C ALA J 303 12.56 -58.24 -31.31
N ASP J 304 13.81 -58.42 -31.74
CA ASP J 304 14.26 -59.65 -32.46
C ASP J 304 13.87 -60.94 -31.72
N TYR J 305 14.08 -60.92 -30.42
CA TYR J 305 13.80 -62.06 -29.53
C TYR J 305 12.34 -62.19 -29.14
N MET J 306 11.60 -61.10 -29.20
CA MET J 306 10.19 -61.05 -28.77
C MET J 306 9.25 -61.57 -29.88
N LYS J 307 9.69 -61.44 -31.13
CA LYS J 307 8.93 -62.00 -32.26
C LYS J 307 8.81 -63.54 -32.06
N LEU J 308 7.65 -64.05 -32.43
CA LEU J 308 7.29 -65.51 -32.26
C LEU J 308 7.13 -65.97 -30.79
N MET J 309 7.03 -65.03 -29.86
CA MET J 309 6.75 -65.37 -28.44
C MET J 309 5.27 -65.71 -28.18
N LYS J 310 4.43 -65.53 -29.19
CA LYS J 310 3.08 -66.17 -29.24
C LYS J 310 3.12 -67.73 -29.21
N HIS J 311 4.23 -68.28 -29.62
CA HIS J 311 4.49 -69.75 -29.51
C HIS J 311 4.78 -70.23 -28.09
N ASP J 312 4.87 -69.31 -27.12
CA ASP J 312 5.28 -69.66 -25.74
C ASP J 312 4.20 -70.43 -24.98
N MET J 313 3.09 -70.67 -25.64
CA MET J 313 2.00 -71.49 -25.09
C MET J 313 1.93 -72.88 -25.78
N GLY J 314 3.01 -73.23 -26.47
CA GLY J 314 3.08 -74.48 -27.24
C GLY J 314 3.01 -75.75 -26.40
N GLY J 315 3.50 -75.66 -25.18
CA GLY J 315 3.42 -76.76 -24.23
C GLY J 315 2.01 -77.01 -23.70
N ALA J 316 1.30 -75.93 -23.41
CA ALA J 316 -0.13 -75.99 -23.01
C ALA J 316 -1.00 -76.53 -24.16
N ALA J 317 -0.70 -76.10 -25.37
CA ALA J 317 -1.44 -76.59 -26.54
C ALA J 317 -1.21 -78.11 -26.72
N ALA J 318 0.04 -78.51 -26.58
CA ALA J 318 0.46 -79.90 -26.79
C ALA J 318 -0.25 -80.87 -25.84
N VAL J 319 -0.19 -80.47 -24.62
CA VAL J 319 -0.79 -81.18 -23.49
C VAL J 319 -2.34 -81.18 -23.61
N PHE J 320 -2.89 -80.05 -23.99
CA PHE J 320 -4.34 -79.92 -24.17
C PHE J 320 -4.88 -80.85 -25.28
N CYS J 321 -4.19 -80.84 -26.40
CA CYS J 321 -4.60 -81.62 -27.56
C CYS J 321 -4.29 -83.12 -27.43
N GLY J 322 -3.25 -83.44 -26.68
CA GLY J 322 -2.98 -84.83 -26.30
C GLY J 322 -4.09 -85.39 -25.42
N PHE J 323 -4.53 -84.56 -24.50
CA PHE J 323 -5.70 -84.84 -23.64
C PHE J 323 -6.97 -85.08 -24.47
N LEU J 324 -7.23 -84.21 -25.42
CA LEU J 324 -8.40 -84.33 -26.30
C LEU J 324 -8.38 -85.65 -27.06
N THR J 325 -7.24 -85.99 -27.59
CA THR J 325 -7.10 -87.22 -28.36
C THR J 325 -7.42 -88.41 -27.45
N ALA J 326 -6.91 -88.39 -26.23
CA ALA J 326 -7.16 -89.48 -25.26
C ALA J 326 -8.64 -89.66 -24.96
N VAL J 327 -9.35 -88.54 -24.85
CA VAL J 327 -10.80 -88.56 -24.61
C VAL J 327 -11.53 -89.09 -25.84
N ARG J 328 -11.18 -88.56 -27.00
CA ARG J 328 -11.85 -88.96 -28.24
C ARG J 328 -11.67 -90.44 -28.58
N LEU J 329 -10.47 -90.94 -28.34
CA LEU J 329 -10.14 -92.38 -28.59
C LEU J 329 -10.41 -93.27 -27.39
N GLN J 330 -10.90 -92.67 -26.32
CA GLN J 330 -11.21 -93.39 -25.06
C GLN J 330 -9.99 -94.23 -24.62
N GLN J 331 -8.81 -93.62 -24.64
CA GLN J 331 -7.59 -94.31 -24.19
C GLN J 331 -7.72 -94.64 -22.71
N PRO J 332 -7.27 -95.83 -22.28
CA PRO J 332 -7.48 -96.29 -20.89
C PRO J 332 -6.51 -95.73 -19.86
N VAL J 333 -6.31 -94.43 -19.93
CA VAL J 333 -5.42 -93.74 -19.00
C VAL J 333 -6.27 -92.70 -18.26
N GLN J 334 -6.10 -92.65 -16.96
CA GLN J 334 -6.72 -91.59 -16.16
C GLN J 334 -5.81 -90.36 -16.26
N LEU J 335 -6.40 -89.24 -16.67
CA LEU J 335 -5.64 -88.01 -16.94
C LEU J 335 -6.13 -86.79 -16.20
N SER J 336 -5.17 -86.01 -15.73
CA SER J 336 -5.41 -84.58 -15.45
C SER J 336 -4.58 -83.81 -16.47
N CYS J 337 -5.07 -82.64 -16.82
CA CYS J 337 -4.35 -81.73 -17.73
C CYS J 337 -4.46 -80.30 -17.21
N THR J 338 -3.36 -79.81 -16.67
CA THR J 338 -3.33 -78.51 -16.01
C THR J 338 -2.65 -77.49 -16.95
N LEU J 339 -3.41 -76.50 -17.37
CA LEU J 339 -2.91 -75.43 -18.24
C LEU J 339 -2.55 -74.23 -17.38
N CYS J 340 -1.29 -73.88 -17.44
CA CYS J 340 -0.75 -72.75 -16.68
C CYS J 340 -0.79 -71.54 -17.60
N LEU J 341 -1.90 -70.83 -17.55
CA LEU J 341 -2.18 -69.74 -18.49
C LEU J 341 -1.89 -68.35 -17.91
N ALA J 342 -0.99 -67.65 -18.58
CA ALA J 342 -0.67 -66.28 -18.22
C ALA J 342 -0.02 -65.56 -19.40
N GLU J 343 -0.17 -64.24 -19.41
CA GLU J 343 0.64 -63.39 -20.28
C GLU J 343 1.70 -62.77 -19.39
N ASN J 344 2.95 -62.88 -19.82
CA ASN J 344 4.08 -62.23 -19.15
C ASN J 344 4.21 -60.83 -19.73
N ALA J 345 3.54 -59.91 -19.07
CA ALA J 345 3.37 -58.54 -19.57
C ALA J 345 4.21 -57.52 -18.76
N ILE J 346 4.30 -56.33 -19.31
CA ILE J 346 5.06 -55.24 -18.71
C ILE J 346 4.11 -54.10 -18.37
N GLY J 347 4.21 -53.64 -17.15
CA GLY J 347 3.38 -52.52 -16.68
C GLY J 347 3.54 -52.28 -15.20
N PRO J 348 2.66 -51.45 -14.63
CA PRO J 348 2.84 -51.02 -13.24
C PRO J 348 2.68 -52.15 -12.24
N LYS J 349 1.94 -53.17 -12.62
CA LYS J 349 1.70 -54.34 -11.70
C LYS J 349 2.66 -55.52 -11.94
N SER J 350 3.60 -55.30 -12.84
CA SER J 350 4.64 -56.28 -13.16
C SER J 350 5.34 -56.78 -11.92
N TYR J 351 5.47 -58.07 -11.81
CA TYR J 351 6.37 -58.65 -10.82
C TYR J 351 7.81 -58.27 -11.20
N ARG J 352 8.64 -58.15 -10.19
CA ARG J 352 9.92 -57.48 -10.34
C ARG J 352 11.10 -58.40 -10.22
N ASN J 353 12.19 -57.95 -10.81
CA ASN J 353 13.54 -58.51 -10.58
C ASN J 353 14.01 -58.04 -9.20
N ASP J 354 13.76 -58.88 -8.20
CA ASP J 354 13.92 -58.62 -6.72
C ASP J 354 12.72 -59.07 -5.87
N ASP J 355 11.56 -59.17 -6.48
CA ASP J 355 10.37 -59.63 -5.76
C ASP J 355 10.58 -61.07 -5.27
N ILE J 356 9.97 -61.36 -4.13
CA ILE J 356 10.02 -62.68 -3.53
C ILE J 356 8.62 -63.27 -3.56
N ILE J 357 8.52 -64.42 -4.18
CA ILE J 357 7.24 -65.11 -4.40
C ILE J 357 7.07 -66.25 -3.42
N VAL J 358 5.87 -66.35 -2.87
CA VAL J 358 5.46 -67.53 -2.08
C VAL J 358 4.70 -68.47 -3.00
N MET J 359 5.37 -69.52 -3.39
CA MET J 359 4.77 -70.52 -4.31
C MET J 359 3.71 -71.34 -3.58
N LYS J 360 2.86 -71.98 -4.35
CA LYS J 360 1.82 -72.85 -3.80
C LYS J 360 2.44 -73.94 -2.94
N SER J 361 3.60 -74.42 -3.35
CA SER J 361 4.37 -75.40 -2.59
C SER J 361 4.83 -74.94 -1.19
N GLY J 362 4.68 -73.66 -0.89
CA GLY J 362 5.17 -73.08 0.38
C GLY J 362 6.60 -72.58 0.29
N LYS J 363 7.31 -72.98 -0.77
CA LYS J 363 8.69 -72.51 -1.01
C LYS J 363 8.73 -71.10 -1.61
N THR J 364 9.71 -70.35 -1.17
CA THR J 364 9.89 -68.96 -1.60
C THR J 364 10.92 -68.90 -2.72
N VAL J 365 10.60 -68.04 -3.68
CA VAL J 365 11.42 -67.84 -4.85
C VAL J 365 11.77 -66.35 -4.99
N GLU J 366 13.06 -66.09 -5.00
CA GLU J 366 13.59 -64.76 -5.34
C GLU J 366 13.68 -64.64 -6.87
N VAL J 367 12.99 -63.64 -7.40
CA VAL J 367 12.98 -63.41 -8.84
C VAL J 367 14.22 -62.60 -9.24
N ILE J 368 15.18 -63.27 -9.85
CA ILE J 368 16.38 -62.67 -10.43
C ILE J 368 16.09 -62.04 -11.80
N ASN J 369 15.27 -62.74 -12.55
CA ASN J 369 14.94 -62.39 -13.94
C ASN J 369 13.51 -62.80 -14.27
N THR J 370 12.68 -61.81 -14.54
CA THR J 370 11.25 -62.03 -14.82
C THR J 370 10.97 -62.80 -16.12
N ASP J 371 12.00 -62.92 -16.96
CA ASP J 371 11.86 -63.61 -18.28
C ASP J 371 12.03 -65.11 -18.21
N ALA J 372 12.43 -65.53 -17.03
CA ALA J 372 12.43 -66.96 -16.60
C ALA J 372 11.15 -67.27 -15.83
N GLU J 373 10.04 -67.01 -16.53
CA GLU J 373 8.68 -67.04 -15.99
C GLU J 373 8.06 -68.43 -16.03
N GLY J 374 8.50 -69.19 -17.02
CA GLY J 374 7.87 -70.47 -17.33
C GLY J 374 8.05 -71.50 -16.20
N ARG J 375 9.27 -71.54 -15.68
CA ARG J 375 9.57 -72.47 -14.58
C ARG J 375 8.71 -72.12 -13.37
N ILE J 376 8.43 -70.85 -13.21
CA ILE J 376 7.62 -70.38 -12.06
C ILE J 376 6.17 -70.86 -12.20
N VAL J 377 5.55 -70.63 -13.34
CA VAL J 377 4.14 -71.01 -13.51
C VAL J 377 4.00 -72.53 -13.46
N LEU J 378 4.98 -73.22 -14.02
CA LEU J 378 5.03 -74.70 -13.98
C LEU J 378 5.24 -75.25 -12.58
N GLY J 379 5.98 -74.53 -11.76
CA GLY J 379 6.17 -74.91 -10.36
C GLY J 379 4.82 -75.02 -9.63
N ASP J 380 3.99 -74.02 -9.84
CA ASP J 380 2.62 -74.02 -9.28
C ASP J 380 1.76 -75.13 -9.91
N GLY J 381 1.91 -75.29 -11.22
CA GLY J 381 1.18 -76.32 -11.97
C GLY J 381 1.45 -77.72 -11.49
N VAL J 382 2.72 -78.07 -11.32
CA VAL J 382 3.09 -79.43 -10.88
C VAL J 382 2.71 -79.68 -9.41
N PHE J 383 2.76 -78.65 -8.59
CA PHE J 383 2.33 -78.79 -7.16
C PHE J 383 0.84 -79.01 -7.11
N HIS J 384 0.12 -78.25 -7.92
CA HIS J 384 -1.31 -78.45 -8.08
C HIS J 384 -1.63 -79.93 -8.45
N ALA J 385 -0.98 -80.39 -9.50
CA ALA J 385 -1.21 -81.75 -10.03
C ALA J 385 -0.89 -82.85 -9.01
N THR J 386 0.16 -82.63 -8.23
CA THR J 386 0.68 -83.65 -7.30
C THR J 386 0.12 -83.56 -5.88
N ASN J 387 -0.56 -82.48 -5.58
CA ASN J 387 -1.08 -82.23 -4.21
C ASN J 387 -2.57 -81.97 -4.08
N GLU J 388 -3.16 -81.40 -5.11
CA GLU J 388 -4.51 -80.78 -4.99
C GLU J 388 -5.64 -81.51 -5.68
N LEU J 389 -5.31 -82.57 -6.38
CA LEU J 389 -6.34 -83.33 -7.13
C LEU J 389 -6.91 -84.46 -6.27
N SER J 390 -7.98 -85.05 -6.79
CA SER J 390 -8.69 -86.17 -6.10
C SER J 390 -7.92 -87.51 -6.18
N PHE J 391 -6.88 -87.55 -7.01
CA PHE J 391 -5.92 -88.67 -7.03
C PHE J 391 -4.49 -88.15 -7.01
N THR J 392 -3.58 -89.07 -6.76
CA THR J 392 -2.13 -88.81 -6.86
C THR J 392 -1.62 -89.50 -8.13
N PRO J 393 -1.00 -88.74 -9.05
CA PRO J 393 -0.54 -89.38 -10.27
C PRO J 393 0.65 -90.30 -10.08
N ASP J 394 0.72 -91.28 -10.96
CA ASP J 394 1.88 -92.19 -11.08
C ASP J 394 3.01 -91.54 -11.87
N VAL J 395 2.61 -90.70 -12.80
CA VAL J 395 3.51 -89.99 -13.70
C VAL J 395 3.04 -88.55 -13.88
N VAL J 396 3.99 -87.64 -13.80
CA VAL J 396 3.76 -86.23 -14.13
C VAL J 396 4.58 -85.90 -15.36
N ILE J 397 3.91 -85.35 -16.35
CA ILE J 397 4.55 -84.92 -17.58
C ILE J 397 4.32 -83.44 -17.73
N ASP J 398 5.39 -82.67 -17.68
CA ASP J 398 5.22 -81.26 -17.98
C ASP J 398 5.84 -80.98 -19.35
N MET J 399 5.13 -80.20 -20.13
CA MET J 399 5.60 -79.80 -21.44
C MET J 399 5.64 -78.27 -21.53
N ALA J 400 6.74 -77.77 -22.04
CA ALA J 400 6.97 -76.32 -22.04
C ALA J 400 7.97 -75.89 -23.09
N THR J 401 7.68 -74.76 -23.71
CA THR J 401 8.63 -74.03 -24.53
C THR J 401 9.53 -73.20 -23.62
N LEU J 402 10.46 -73.87 -22.96
CA LEU J 402 11.05 -73.33 -21.74
C LEU J 402 12.35 -72.51 -21.85
N THR J 403 13.32 -73.02 -22.59
CA THR J 403 14.62 -72.40 -22.69
C THR J 403 15.20 -72.29 -24.09
N GLY J 404 15.96 -71.23 -24.32
CA GLY J 404 16.85 -71.10 -25.48
C GLY J 404 17.96 -72.13 -25.51
N ALA J 405 18.41 -72.51 -24.33
CA ALA J 405 19.39 -73.58 -24.16
C ALA J 405 18.98 -74.91 -24.86
N GLN J 406 17.68 -75.16 -24.90
CA GLN J 406 17.13 -76.38 -25.53
C GLN J 406 17.56 -76.55 -26.97
N GLY J 407 17.51 -75.45 -27.72
CA GLY J 407 17.93 -75.46 -29.12
C GLY J 407 19.40 -75.72 -29.30
N ILE J 408 20.18 -75.04 -28.48
CA ILE J 408 21.64 -75.23 -28.43
C ILE J 408 22.03 -76.67 -28.08
N ALA J 409 21.29 -77.23 -27.14
CA ALA J 409 21.58 -78.59 -26.62
C ALA J 409 21.15 -79.73 -27.55
N THR J 410 19.86 -79.74 -27.85
CA THR J 410 19.24 -80.86 -28.63
C THR J 410 18.67 -80.50 -30.00
N GLY J 411 18.65 -79.22 -30.30
CA GLY J 411 18.29 -78.77 -31.65
C GLY J 411 16.82 -78.56 -31.94
N ARG J 412 16.56 -78.32 -33.20
CA ARG J 412 15.21 -77.90 -33.65
C ARG J 412 14.18 -78.98 -33.82
N HIS J 413 14.64 -80.22 -33.89
CA HIS J 413 13.75 -81.38 -34.14
C HIS J 413 13.55 -82.29 -32.96
N HIS J 414 14.34 -82.09 -31.92
CA HIS J 414 14.35 -82.98 -30.77
C HIS J 414 14.06 -82.19 -29.51
N ALA J 415 12.93 -82.50 -28.88
CA ALA J 415 12.58 -81.93 -27.57
C ALA J 415 13.54 -82.52 -26.50
N GLY J 416 13.94 -81.70 -25.57
CA GLY J 416 14.87 -82.12 -24.51
C GLY J 416 14.11 -82.79 -23.40
N LEU J 417 14.61 -83.93 -22.93
CA LEU J 417 13.98 -84.66 -21.82
C LEU J 417 14.82 -84.66 -20.54
N TYR J 418 14.22 -84.16 -19.47
CA TYR J 418 14.83 -84.16 -18.16
C TYR J 418 13.93 -85.04 -17.32
N VAL J 419 14.46 -86.20 -16.91
CA VAL J 419 13.62 -87.26 -16.33
C VAL J 419 14.26 -87.89 -15.12
N ASN J 420 13.48 -88.02 -14.06
CA ASN J 420 13.99 -88.60 -12.79
C ASN J 420 14.16 -90.15 -12.76
N GLU J 421 13.62 -90.85 -13.75
CA GLU J 421 13.75 -92.32 -13.87
C GLU J 421 14.15 -92.78 -15.24
N GLU J 422 15.12 -93.69 -15.29
CA GLU J 422 15.62 -94.22 -16.56
C GLU J 422 14.47 -94.83 -17.42
N GLY J 423 13.57 -95.56 -16.76
CA GLY J 423 12.48 -96.33 -17.44
C GLY J 423 11.45 -95.46 -18.17
N ALA J 424 11.02 -94.42 -17.48
CA ALA J 424 10.09 -93.43 -18.05
C ALA J 424 10.74 -92.66 -19.22
N GLU J 425 12.02 -92.40 -19.07
CA GLU J 425 12.80 -91.69 -20.08
C GLU J 425 12.88 -92.51 -21.37
N ALA J 426 13.28 -93.75 -21.21
CA ALA J 426 13.38 -94.68 -22.34
C ALA J 426 12.05 -94.83 -23.08
N ALA J 427 10.99 -94.91 -22.31
CA ALA J 427 9.62 -95.04 -22.89
C ALA J 427 9.19 -93.78 -23.67
N MET J 428 9.53 -92.60 -23.16
CA MET J 428 9.21 -91.36 -23.87
C MET J 428 10.05 -91.24 -25.13
N LEU J 429 11.31 -91.63 -25.04
CA LEU J 429 12.21 -91.68 -26.24
C LEU J 429 11.66 -92.58 -27.34
N ARG J 430 11.23 -93.76 -26.94
CA ARG J 430 10.61 -94.75 -27.85
C ARG J 430 9.35 -94.17 -28.50
N ALA J 431 8.52 -93.53 -27.68
CA ALA J 431 7.30 -92.86 -28.19
C ALA J 431 7.60 -91.75 -29.24
N GLY J 432 8.67 -91.02 -28.99
CA GLY J 432 9.17 -90.01 -29.93
C GLY J 432 9.61 -90.59 -31.26
N ARG J 433 10.33 -91.70 -31.19
CA ARG J 433 10.82 -92.39 -32.43
C ARG J 433 9.70 -93.06 -33.23
N GLU J 434 8.68 -93.51 -32.53
CA GLU J 434 7.51 -94.14 -33.18
C GLU J 434 6.56 -93.10 -33.76
N SER J 435 6.35 -92.03 -33.01
CA SER J 435 5.44 -90.94 -33.40
C SER J 435 6.05 -90.00 -34.46
N GLY J 436 7.36 -89.96 -34.52
CA GLY J 436 8.07 -88.92 -35.32
C GLY J 436 8.35 -87.61 -34.59
N GLU J 437 7.72 -87.45 -33.43
CA GLU J 437 7.87 -86.27 -32.57
C GLU J 437 9.02 -86.55 -31.58
N THR J 438 10.22 -86.52 -32.15
CA THR J 438 11.42 -87.02 -31.52
C THR J 438 11.89 -86.17 -30.35
N CYS J 439 12.56 -86.87 -29.46
CA CYS J 439 13.09 -86.34 -28.20
C CYS J 439 14.52 -86.77 -28.00
N PHE J 440 15.22 -86.10 -27.08
CA PHE J 440 16.57 -86.53 -26.69
C PHE J 440 16.80 -86.13 -25.25
N PRO J 441 17.48 -86.98 -24.47
CA PRO J 441 17.69 -86.59 -23.09
C PRO J 441 18.69 -85.47 -22.85
N VAL J 442 18.41 -84.70 -21.82
CA VAL J 442 19.44 -83.81 -21.24
C VAL J 442 19.89 -84.36 -19.89
N LEU J 443 21.06 -83.89 -19.46
CA LEU J 443 21.66 -84.29 -18.18
C LEU J 443 20.66 -84.21 -17.03
N TYR J 444 20.47 -85.34 -16.35
CA TYR J 444 19.79 -85.38 -15.04
C TYR J 444 20.86 -85.55 -13.94
N CYS J 445 21.07 -84.52 -13.18
CA CYS J 445 22.07 -84.51 -12.08
C CYS J 445 21.74 -83.43 -11.02
N PRO J 446 20.65 -83.61 -10.27
CA PRO J 446 20.16 -82.64 -9.29
C PRO J 446 21.20 -82.09 -8.32
N GLU J 447 22.13 -82.95 -7.90
CA GLU J 447 23.22 -82.50 -7.00
C GLU J 447 24.07 -81.37 -7.62
N TYR J 448 24.18 -81.35 -8.94
CA TYR J 448 24.92 -80.28 -9.64
C TYR J 448 24.06 -79.09 -10.05
N HIS J 449 22.77 -79.29 -10.14
CA HIS J 449 21.83 -78.20 -10.51
C HIS J 449 21.45 -77.33 -9.33
N GLU J 450 21.25 -77.99 -8.21
CA GLU J 450 20.80 -77.36 -6.95
C GLU J 450 21.59 -76.09 -6.49
N PRO J 451 22.93 -76.10 -6.55
CA PRO J 451 23.71 -74.93 -6.09
C PRO J 451 23.59 -73.69 -6.96
N GLU J 452 23.11 -73.87 -8.18
CA GLU J 452 22.92 -72.73 -9.10
C GLU J 452 21.80 -71.80 -8.68
N PHE J 453 20.95 -72.26 -7.79
CA PHE J 453 19.75 -71.50 -7.37
C PHE J 453 19.81 -70.99 -5.93
N LYS J 454 21.00 -70.92 -5.37
CA LYS J 454 21.17 -70.42 -3.97
C LYS J 454 20.74 -68.94 -3.90
N SER J 455 19.99 -68.63 -2.85
CA SER J 455 19.50 -67.28 -2.55
C SER J 455 19.88 -66.84 -1.14
N ASN J 456 20.16 -65.55 -1.01
CA ASN J 456 20.46 -64.94 0.29
C ASN J 456 19.26 -64.92 1.24
N HIS J 457 18.10 -64.58 0.69
CA HIS J 457 16.90 -64.33 1.52
C HIS J 457 15.67 -65.24 1.32
N ALA J 458 15.62 -65.91 0.18
CA ALA J 458 14.53 -66.85 -0.12
C ALA J 458 15.07 -68.28 -0.20
N ASP J 459 14.17 -69.25 -0.31
CA ASP J 459 14.59 -70.69 -0.44
C ASP J 459 15.42 -70.92 -1.67
N MET J 460 15.07 -70.20 -2.73
CA MET J 460 15.77 -70.33 -4.02
C MET J 460 15.58 -69.09 -4.90
N THR J 461 16.42 -68.98 -5.90
CA THR J 461 16.24 -68.02 -6.98
C THR J 461 15.53 -68.73 -8.12
N ASN J 462 15.16 -67.96 -9.15
CA ASN J 462 14.57 -68.51 -10.37
C ASN J 462 15.51 -68.57 -11.56
N LEU J 463 16.77 -68.30 -11.32
CA LEU J 463 17.75 -68.23 -12.41
C LEU J 463 19.07 -68.74 -11.96
N MET J 464 19.71 -69.50 -12.83
CA MET J 464 21.03 -70.04 -12.55
C MET J 464 22.01 -68.88 -12.41
N GLU J 465 22.84 -69.01 -11.40
CA GLU J 465 23.99 -68.12 -11.21
C GLU J 465 24.97 -68.15 -12.43
N ARG J 466 25.27 -69.35 -12.89
CA ARG J 466 26.16 -69.58 -14.03
C ARG J 466 25.33 -70.21 -15.15
N ARG J 467 25.06 -69.42 -16.19
CA ARG J 467 24.18 -69.78 -17.30
C ARG J 467 24.72 -70.97 -18.10
N ASP J 468 26.02 -71.16 -18.05
CA ASP J 468 26.70 -72.21 -18.82
C ASP J 468 26.92 -73.54 -18.06
N ASN J 469 25.93 -73.92 -17.26
CA ASN J 469 25.99 -75.13 -16.42
C ASN J 469 24.75 -76.00 -16.52
N ALA J 470 24.50 -76.46 -17.74
CA ALA J 470 23.35 -77.35 -18.09
C ALA J 470 22.03 -76.62 -17.94
N GLY J 471 21.80 -75.74 -18.89
CA GLY J 471 20.65 -74.81 -18.86
C GLY J 471 19.28 -75.43 -19.07
N VAL J 472 19.23 -76.50 -19.83
CA VAL J 472 17.94 -77.22 -20.03
C VAL J 472 17.59 -77.98 -18.74
N SER J 473 18.61 -78.61 -18.19
CA SER J 473 18.48 -79.40 -16.97
C SER J 473 18.13 -78.58 -15.71
N CYS J 474 18.80 -77.46 -15.53
CA CYS J 474 18.55 -76.60 -14.35
C CYS J 474 17.12 -76.05 -14.29
N ALA J 475 16.55 -75.73 -15.44
CA ALA J 475 15.15 -75.25 -15.49
C ALA J 475 14.21 -76.39 -15.09
N GLY J 476 14.53 -77.58 -15.57
CA GLY J 476 13.82 -78.80 -15.13
C GLY J 476 13.93 -79.01 -13.63
N TYR J 477 15.15 -78.92 -13.13
CA TYR J 477 15.41 -79.04 -11.66
C TYR J 477 14.52 -78.10 -10.85
N PHE J 478 14.46 -76.84 -11.28
CA PHE J 478 13.67 -75.81 -10.56
C PHE J 478 12.23 -76.28 -10.34
N ILE J 479 11.66 -76.79 -11.41
CA ILE J 479 10.29 -77.27 -11.42
C ILE J 479 10.10 -78.41 -10.43
N THR J 480 11.05 -79.31 -10.39
CA THR J 480 10.98 -80.48 -9.49
C THR J 480 10.97 -80.09 -7.99
N THR J 481 11.61 -78.97 -7.67
CA THR J 481 11.62 -78.50 -6.24
C THR J 481 10.20 -78.20 -5.71
N HIS J 482 9.24 -78.03 -6.62
CA HIS J 482 7.84 -77.72 -6.25
C HIS J 482 6.87 -78.89 -6.41
N LEU J 483 7.40 -80.07 -6.70
CA LEU J 483 6.62 -81.31 -6.63
C LEU J 483 6.21 -81.54 -5.18
N SER J 484 4.96 -81.91 -4.99
CA SER J 484 4.48 -82.33 -3.64
C SER J 484 5.29 -83.51 -3.08
N PRO J 485 5.58 -83.53 -1.77
CA PRO J 485 6.18 -84.72 -1.11
C PRO J 485 5.32 -85.98 -1.19
N LYS J 486 4.02 -85.80 -1.35
CA LYS J 486 3.06 -86.90 -1.60
C LYS J 486 3.38 -87.71 -2.87
N PHE J 487 4.12 -87.10 -3.78
CA PHE J 487 4.41 -87.67 -5.06
C PHE J 487 5.74 -88.43 -5.02
N THR J 488 5.69 -89.67 -5.46
CA THR J 488 6.87 -90.57 -5.46
C THR J 488 7.13 -91.25 -6.80
N GLY J 489 6.43 -90.79 -7.81
CA GLY J 489 6.46 -91.42 -9.13
C GLY J 489 7.41 -90.75 -10.12
N ALA J 490 7.18 -91.05 -11.38
CA ALA J 490 8.06 -90.61 -12.48
C ALA J 490 7.71 -89.19 -12.96
N HIS J 491 8.72 -88.38 -13.11
CA HIS J 491 8.54 -87.00 -13.58
C HIS J 491 9.29 -86.79 -14.88
N ILE J 492 8.54 -86.46 -15.91
CA ILE J 492 9.08 -86.27 -17.24
C ILE J 492 8.91 -84.82 -17.66
N HIS J 493 10.03 -84.10 -17.73
CA HIS J 493 10.03 -82.71 -18.18
C HIS J 493 10.42 -82.70 -19.64
N VAL J 494 9.53 -82.13 -20.44
CA VAL J 494 9.72 -82.01 -21.92
C VAL J 494 9.89 -80.54 -22.34
N ASP J 495 11.11 -80.21 -22.72
CA ASP J 495 11.45 -78.85 -23.19
C ASP J 495 11.33 -78.89 -24.72
N LEU J 496 10.29 -78.28 -25.23
CA LEU J 496 10.01 -78.26 -26.68
C LEU J 496 10.02 -76.84 -27.29
N ALA J 497 10.94 -76.02 -26.79
CA ALA J 497 11.06 -74.61 -27.22
C ALA J 497 11.08 -74.48 -28.75
N TYR J 498 11.96 -75.24 -29.37
CA TYR J 498 12.16 -75.16 -30.83
C TYR J 498 11.31 -76.12 -31.68
N PRO J 499 11.07 -77.35 -31.21
CA PRO J 499 10.32 -78.29 -32.06
C PRO J 499 8.87 -77.92 -32.35
N VAL J 500 8.32 -76.99 -31.57
CA VAL J 500 6.94 -76.51 -31.81
C VAL J 500 6.75 -75.59 -33.01
N PHE J 501 7.82 -75.19 -33.64
CA PHE J 501 7.72 -74.29 -34.81
C PHE J 501 8.81 -74.52 -35.82
N ASN J 502 8.54 -74.12 -37.02
CA ASN J 502 9.57 -74.00 -38.07
C ASN J 502 9.34 -72.68 -38.83
N SER J 503 10.01 -72.50 -39.94
CA SER J 503 9.93 -71.23 -40.69
C SER J 503 8.54 -70.96 -41.32
N ASN J 504 7.72 -72.01 -41.45
CA ASN J 504 6.30 -71.85 -41.84
C ASN J 504 5.30 -71.63 -40.69
N GLY J 505 5.77 -71.66 -39.46
CA GLY J 505 4.90 -71.50 -38.30
C GLY J 505 4.83 -72.75 -37.46
N ALA J 506 3.75 -72.88 -36.74
CA ALA J 506 3.61 -73.99 -35.76
C ALA J 506 3.67 -75.37 -36.45
N THR J 507 4.22 -76.32 -35.75
CA THR J 507 4.33 -77.71 -36.21
C THR J 507 3.26 -78.64 -35.63
N GLY J 508 2.61 -78.22 -34.56
CA GLY J 508 1.68 -79.08 -33.81
C GLY J 508 2.40 -80.24 -33.09
N PHE J 509 3.65 -80.04 -32.75
CA PHE J 509 4.49 -81.02 -32.05
C PHE J 509 3.98 -81.19 -30.63
N GLY J 510 3.85 -82.44 -30.24
CA GLY J 510 3.57 -82.81 -28.84
C GLY J 510 2.41 -83.78 -28.61
N PRO J 511 1.22 -83.49 -29.16
CA PRO J 511 0.05 -84.34 -28.96
C PRO J 511 0.24 -85.81 -29.41
N ALA J 512 0.79 -86.02 -30.58
CA ALA J 512 1.03 -87.39 -31.10
C ALA J 512 2.07 -88.14 -30.26
N LEU J 513 3.08 -87.41 -29.82
CA LEU J 513 4.04 -87.95 -28.85
C LEU J 513 3.32 -88.54 -27.67
N LEU J 514 2.40 -87.77 -27.12
CA LEU J 514 1.66 -88.18 -25.91
C LEU J 514 0.77 -89.39 -26.17
N THR J 515 0.07 -89.33 -27.29
CA THR J 515 -0.82 -90.41 -27.72
C THR J 515 -0.08 -91.74 -27.83
N GLU J 516 1.05 -91.73 -28.53
CA GLU J 516 1.96 -92.88 -28.60
C GLU J 516 2.50 -93.34 -27.21
N TYR J 517 2.87 -92.39 -26.37
CA TYR J 517 3.33 -92.73 -25.01
C TYR J 517 2.24 -93.46 -24.21
N PHE J 518 1.04 -92.91 -24.25
CA PHE J 518 -0.11 -93.48 -23.54
C PHE J 518 -0.47 -94.89 -24.03
N ARG J 519 -0.40 -95.02 -25.34
CA ARG J 519 -0.69 -96.28 -26.06
C ARG J 519 0.15 -97.46 -25.55
N LYS J 520 1.37 -97.15 -25.12
CA LYS J 520 2.37 -98.19 -24.70
C LYS J 520 2.50 -98.39 -23.20
N LEU J 521 1.64 -97.75 -22.44
N LEU J 521 1.64 -97.75 -22.44
CA LEU J 521 1.76 -97.77 -20.96
CA LEU J 521 1.76 -97.77 -20.97
C LEU J 521 1.42 -99.13 -20.35
C LEU J 521 1.40 -99.13 -20.36
N THR K 3 -8.88 -39.24 -15.86
CA THR K 3 -8.93 -38.14 -14.83
C THR K 3 -7.51 -37.66 -14.51
N LEU K 4 -7.21 -36.46 -14.98
CA LEU K 4 -5.94 -35.76 -14.66
C LEU K 4 -6.10 -34.87 -13.42
N PRO K 5 -4.98 -34.57 -12.71
CA PRO K 5 -5.07 -33.53 -11.67
C PRO K 5 -5.54 -32.18 -12.22
N LYS K 6 -6.32 -31.46 -11.41
CA LYS K 6 -6.88 -30.14 -11.77
C LYS K 6 -5.81 -29.15 -12.28
N ALA K 7 -4.66 -29.13 -11.63
CA ALA K 7 -3.53 -28.21 -11.99
C ALA K 7 -2.96 -28.52 -13.38
N GLU K 8 -2.90 -29.80 -13.69
CA GLU K 8 -2.40 -30.28 -15.02
C GLU K 8 -3.38 -29.92 -16.12
N ALA K 9 -4.67 -30.15 -15.86
CA ALA K 9 -5.75 -29.80 -16.84
C ALA K 9 -5.80 -28.28 -17.15
N LYS K 10 -5.63 -27.44 -16.14
CA LYS K 10 -5.56 -25.96 -16.34
C LYS K 10 -4.36 -25.58 -17.21
N GLU K 11 -3.24 -26.20 -16.93
CA GLU K 11 -2.00 -26.01 -17.73
C GLU K 11 -2.20 -26.42 -19.22
N LEU K 12 -2.88 -27.54 -19.43
CA LEU K 12 -3.17 -28.04 -20.78
C LEU K 12 -4.09 -27.09 -21.56
N SER K 13 -5.14 -26.62 -20.91
CA SER K 13 -6.07 -25.64 -21.52
C SER K 13 -5.37 -24.37 -21.93
N ALA K 14 -4.52 -23.90 -21.04
CA ALA K 14 -3.79 -22.65 -21.33
C ALA K 14 -2.82 -22.85 -22.49
N PHE K 15 -2.22 -24.04 -22.54
CA PHE K 15 -1.29 -24.38 -23.64
C PHE K 15 -2.03 -24.48 -24.98
N VAL K 16 -3.19 -25.08 -24.93
CA VAL K 16 -4.07 -25.14 -26.11
C VAL K 16 -4.37 -23.72 -26.66
N GLN K 17 -4.82 -22.86 -25.75
CA GLN K 17 -5.13 -21.47 -26.09
C GLN K 17 -3.90 -20.75 -26.70
N SER K 18 -2.73 -20.95 -26.11
CA SER K 18 -1.47 -20.36 -26.62
C SER K 18 -1.21 -20.75 -28.07
N CYS K 19 -1.57 -21.98 -28.42
CA CYS K 19 -1.36 -22.49 -29.82
C CYS K 19 -2.43 -21.96 -30.79
N VAL K 20 -3.68 -22.01 -30.33
CA VAL K 20 -4.83 -21.48 -31.11
C VAL K 20 -4.74 -19.96 -31.41
N GLU K 21 -4.23 -19.20 -30.46
CA GLU K 21 -4.12 -17.73 -30.60
C GLU K 21 -2.71 -17.28 -31.00
N TYR K 22 -1.86 -18.23 -31.38
CA TYR K 22 -0.47 -17.90 -31.74
C TYR K 22 -0.40 -16.84 -32.86
N LYS K 23 0.37 -15.80 -32.60
CA LYS K 23 0.66 -14.74 -33.60
C LYS K 23 2.16 -14.60 -33.77
N THR K 24 2.58 -14.38 -35.01
CA THR K 24 4.01 -14.30 -35.32
C THR K 24 4.68 -13.03 -34.75
N ASN K 25 5.97 -13.16 -34.52
CA ASN K 25 6.82 -12.04 -34.13
C ASN K 25 7.42 -11.26 -35.33
N VAL K 26 7.15 -11.74 -36.53
CA VAL K 26 7.78 -11.22 -37.76
C VAL K 26 6.81 -10.41 -38.62
N CYS K 27 7.28 -9.28 -39.13
CA CYS K 27 6.56 -8.53 -40.17
C CYS K 27 7.51 -8.19 -41.31
N PHE K 28 6.93 -7.87 -42.45
CA PHE K 28 7.70 -7.69 -43.69
C PHE K 28 7.39 -6.37 -44.41
N THR K 29 8.43 -5.78 -44.95
CA THR K 29 8.32 -4.54 -45.71
C THR K 29 9.50 -4.43 -46.69
N ASP K 30 9.69 -3.23 -47.22
CA ASP K 30 10.80 -2.95 -48.17
C ASP K 30 11.47 -1.60 -47.87
N VAL K 31 12.63 -1.37 -48.48
CA VAL K 31 13.49 -0.23 -48.16
C VAL K 31 12.77 1.14 -48.32
N ALA K 32 12.07 1.31 -49.45
CA ALA K 32 11.34 2.56 -49.74
C ALA K 32 10.19 2.80 -48.77
N ALA K 33 9.42 1.76 -48.54
CA ALA K 33 8.32 1.84 -47.52
C ALA K 33 8.84 2.11 -46.08
N TYR K 34 10.00 1.56 -45.78
CA TYR K 34 10.68 1.75 -44.48
C TYR K 34 11.19 3.19 -44.33
N GLU K 35 11.85 3.68 -45.38
CA GLU K 35 12.35 5.08 -45.43
C GLU K 35 11.18 6.04 -45.22
N SER K 36 10.07 5.73 -45.87
CA SER K 36 8.85 6.55 -45.81
C SER K 36 8.13 6.52 -44.46
N ASN K 37 8.01 5.35 -43.87
CA ASN K 37 7.32 5.19 -42.56
C ASN K 37 8.15 5.53 -41.32
N GLN K 38 9.44 5.27 -41.40
CA GLN K 38 10.37 5.42 -40.24
C GLN K 38 11.40 6.54 -40.37
N LYS K 39 11.52 7.08 -41.57
CA LYS K 39 12.22 8.37 -41.82
C LYS K 39 13.71 8.31 -41.40
N GLY K 40 14.31 7.13 -41.55
CA GLY K 40 15.72 6.90 -41.15
C GLY K 40 15.99 6.59 -39.67
N VAL K 41 14.93 6.38 -38.92
CA VAL K 41 15.07 6.10 -37.48
C VAL K 41 14.92 4.58 -37.33
N LEU K 42 15.98 3.96 -36.81
CA LEU K 42 15.98 2.52 -36.55
C LEU K 42 14.95 2.17 -35.49
N SER K 43 14.42 0.96 -35.59
CA SER K 43 13.43 0.44 -34.61
C SER K 43 14.01 0.21 -33.19
N SER K 44 15.30 -0.07 -33.12
CA SER K 44 15.98 -0.34 -31.83
C SER K 44 17.49 -0.18 -31.95
N GLY K 45 18.20 -0.54 -30.89
CA GLY K 45 19.67 -0.45 -30.83
C GLY K 45 20.42 -1.56 -31.55
N LEU K 46 19.69 -2.39 -32.27
CA LEU K 46 20.29 -3.47 -33.06
C LEU K 46 19.72 -3.46 -34.48
N ALA K 47 20.61 -3.52 -35.45
CA ALA K 47 20.23 -3.75 -36.85
C ALA K 47 21.06 -4.87 -37.48
N VAL K 48 20.43 -5.60 -38.39
CA VAL K 48 21.08 -6.74 -39.04
C VAL K 48 21.09 -6.59 -40.55
N LEU K 49 22.25 -6.86 -41.11
CA LEU K 49 22.43 -6.76 -42.56
C LEU K 49 22.94 -8.10 -43.11
N VAL K 50 22.14 -8.69 -43.98
CA VAL K 50 22.43 -10.04 -44.52
C VAL K 50 22.36 -10.11 -46.03
N GLY K 51 23.44 -10.57 -46.63
CA GLY K 51 23.50 -10.76 -48.09
C GLY K 51 24.76 -11.47 -48.54
N THR K 52 24.83 -11.71 -49.83
CA THR K 52 26.02 -12.32 -50.44
C THR K 52 27.18 -11.33 -50.51
N HIS K 53 28.37 -11.87 -50.75
CA HIS K 53 29.60 -11.06 -50.91
C HIS K 53 29.37 -9.92 -51.91
N LYS K 54 28.81 -10.29 -53.06
CA LYS K 54 28.48 -9.32 -54.14
C LYS K 54 27.37 -8.36 -53.72
N GLN K 55 26.29 -8.89 -53.15
CA GLN K 55 25.16 -8.01 -52.73
C GLN K 55 25.58 -6.93 -51.69
N LEU K 56 26.46 -7.34 -50.78
CA LEU K 56 26.96 -6.47 -49.68
C LEU K 56 27.81 -5.29 -50.19
N ARG K 57 28.32 -5.46 -51.40
CA ARG K 57 29.13 -4.41 -52.10
C ARG K 57 28.38 -3.60 -53.18
N ASP K 58 27.08 -3.85 -53.29
CA ASP K 58 26.21 -3.07 -54.18
C ASP K 58 26.18 -1.63 -53.66
N PRO K 59 26.23 -0.64 -54.55
CA PRO K 59 26.19 0.78 -54.12
C PRO K 59 24.91 1.15 -53.35
N ALA K 60 23.81 0.48 -53.66
CA ALA K 60 22.53 0.68 -52.92
C ALA K 60 22.63 0.45 -51.38
N VAL K 61 23.58 -0.39 -50.99
CA VAL K 61 23.86 -0.67 -49.56
C VAL K 61 24.27 0.60 -48.81
N GLN K 62 24.99 1.46 -49.50
CA GLN K 62 25.47 2.73 -48.92
C GLN K 62 24.36 3.71 -48.58
N ARG K 63 23.22 3.54 -49.20
CA ARG K 63 22.03 4.39 -48.93
C ARG K 63 21.18 3.89 -47.76
N LEU K 64 21.56 2.77 -47.20
CA LEU K 64 20.88 2.26 -45.99
C LEU K 64 21.21 3.18 -44.80
N PRO K 65 20.20 3.44 -43.96
CA PRO K 65 20.29 4.46 -42.90
C PRO K 65 21.34 4.25 -41.84
N PHE K 66 21.80 3.01 -41.64
CA PHE K 66 22.85 2.69 -40.65
C PHE K 66 24.26 2.63 -41.23
N TYR K 67 24.36 2.81 -42.53
CA TYR K 67 25.66 2.66 -43.20
C TYR K 67 26.63 3.74 -42.79
N ASN K 68 27.87 3.32 -42.56
CA ASN K 68 29.00 4.25 -42.31
C ASN K 68 30.34 3.52 -42.53
N PRO K 69 31.49 4.20 -42.35
CA PRO K 69 32.76 3.51 -42.61
C PRO K 69 33.05 2.25 -41.76
N ALA K 70 32.49 2.21 -40.56
CA ALA K 70 32.65 1.03 -39.67
C ALA K 70 31.89 -0.23 -40.23
N VAL K 71 30.70 0.02 -40.72
CA VAL K 71 29.87 -0.99 -41.38
C VAL K 71 30.55 -1.47 -42.66
N ALA K 72 31.15 -0.53 -43.37
CA ALA K 72 31.94 -0.86 -44.58
C ALA K 72 33.10 -1.80 -44.22
N GLU K 73 33.74 -1.50 -43.12
CA GLU K 73 34.83 -2.35 -42.62
C GLU K 73 34.32 -3.73 -42.19
N ALA K 74 33.14 -3.75 -41.58
CA ALA K 74 32.49 -5.01 -41.17
C ALA K 74 32.30 -5.92 -42.40
N ILE K 75 31.86 -5.32 -43.48
CA ILE K 75 31.65 -6.02 -44.75
C ILE K 75 32.97 -6.63 -45.26
N GLU K 76 34.06 -5.92 -45.05
CA GLU K 76 35.41 -6.41 -45.46
C GLU K 76 35.92 -7.55 -44.58
N ARG K 77 35.60 -7.50 -43.30
CA ARG K 77 36.16 -8.45 -42.31
C ARG K 77 35.31 -9.72 -42.07
N VAL K 78 34.04 -9.65 -42.43
CA VAL K 78 33.11 -10.76 -42.18
C VAL K 78 33.52 -11.96 -43.02
N LYS K 79 33.43 -13.14 -42.40
CA LYS K 79 33.74 -14.40 -43.12
C LYS K 79 32.49 -14.95 -43.79
N GLU K 80 32.68 -15.62 -44.90
CA GLU K 80 31.57 -16.33 -45.59
C GLU K 80 30.91 -17.33 -44.60
N GLY K 81 29.60 -17.23 -44.46
CA GLY K 81 28.84 -18.01 -43.47
C GLY K 81 28.89 -17.51 -42.03
N GLY K 82 29.57 -16.40 -41.82
CA GLY K 82 29.78 -15.84 -40.46
C GLY K 82 29.17 -14.47 -40.31
N THR K 83 29.28 -13.95 -39.11
CA THR K 83 28.82 -12.61 -38.78
C THR K 83 29.97 -11.74 -38.27
N TYR K 84 29.71 -10.43 -38.28
CA TYR K 84 30.66 -9.42 -37.77
C TYR K 84 29.88 -8.19 -37.31
N GLY K 85 30.07 -7.82 -36.06
CA GLY K 85 29.34 -6.70 -35.42
C GLY K 85 30.17 -5.45 -35.16
N VAL K 86 29.54 -4.31 -35.37
CA VAL K 86 30.17 -2.98 -35.09
C VAL K 86 29.18 -2.05 -34.40
N LEU K 87 29.73 -1.17 -33.55
CA LEU K 87 28.95 -0.06 -32.97
C LEU K 87 28.99 1.19 -33.82
N VAL K 88 27.82 1.79 -33.95
CA VAL K 88 27.64 3.06 -34.67
C VAL K 88 27.14 4.07 -33.67
N GLU K 89 27.94 5.12 -33.47
CA GLU K 89 27.61 6.19 -32.54
C GLU K 89 26.67 7.25 -33.13
N GLY K 90 25.76 7.69 -32.29
CA GLY K 90 24.81 8.79 -32.63
C GLY K 90 23.96 8.51 -33.88
N LEU K 91 23.46 7.29 -33.97
CA LEU K 91 22.48 6.92 -35.00
C LEU K 91 21.08 6.90 -34.42
N ALA K 92 20.19 7.61 -35.08
CA ALA K 92 18.81 7.77 -34.59
C ALA K 92 18.09 6.42 -34.49
N ASN K 93 17.48 6.17 -33.35
CA ASN K 93 16.71 4.94 -33.13
C ASN K 93 15.62 5.15 -32.10
N ALA K 94 14.57 4.37 -32.21
CA ALA K 94 13.37 4.49 -31.35
C ALA K 94 13.60 4.14 -29.86
N ALA K 95 14.65 3.39 -29.59
CA ALA K 95 14.99 3.00 -28.20
C ALA K 95 15.83 4.08 -27.49
N GLY K 96 16.24 5.09 -28.26
CA GLY K 96 17.09 6.19 -27.74
C GLY K 96 18.48 5.76 -27.30
N SER K 97 18.95 4.67 -27.87
CA SER K 97 20.25 4.09 -27.47
C SER K 97 21.35 5.01 -28.05
N LYS K 98 22.41 5.23 -27.27
CA LYS K 98 23.55 6.08 -27.70
C LYS K 98 24.32 5.43 -28.86
N PHE K 99 24.57 4.14 -28.74
CA PHE K 99 25.18 3.33 -29.82
C PHE K 99 24.19 2.35 -30.42
N VAL K 100 24.23 2.20 -31.73
CA VAL K 100 23.49 1.15 -32.40
C VAL K 100 24.49 0.07 -32.76
N ARG K 101 24.13 -1.18 -32.47
CA ARG K 101 24.93 -2.32 -32.92
C ARG K 101 24.44 -2.79 -34.32
N VAL K 102 25.36 -2.86 -35.25
CA VAL K 102 25.06 -3.34 -36.60
C VAL K 102 25.82 -4.63 -36.80
N VAL K 103 25.07 -5.68 -37.06
CA VAL K 103 25.65 -7.00 -37.35
C VAL K 103 25.49 -7.37 -38.80
N VAL K 104 26.62 -7.56 -39.46
CA VAL K 104 26.65 -7.96 -40.87
C VAL K 104 26.82 -9.50 -40.95
N GLY K 105 26.11 -10.10 -41.89
CA GLY K 105 26.22 -11.56 -42.16
C GLY K 105 26.35 -11.85 -43.62
N GLU K 106 27.36 -12.62 -43.97
CA GLU K 106 27.63 -13.01 -45.38
C GLU K 106 27.06 -14.43 -45.73
N VAL K 107 26.18 -14.43 -46.72
CA VAL K 107 25.56 -15.62 -47.29
C VAL K 107 26.38 -16.14 -48.48
N PRO K 108 26.72 -17.44 -48.50
CA PRO K 108 27.41 -18.00 -49.67
C PRO K 108 26.56 -17.95 -50.95
N THR K 109 27.24 -17.94 -52.08
CA THR K 109 26.53 -18.08 -53.40
C THR K 109 26.53 -19.54 -53.87
N LYS K 110 27.48 -20.32 -53.37
CA LYS K 110 27.57 -21.75 -53.71
C LYS K 110 26.26 -22.43 -53.37
N ALA K 111 25.71 -23.11 -54.35
CA ALA K 111 24.44 -23.82 -54.21
C ALA K 111 24.34 -24.89 -55.28
N SER K 112 24.23 -26.14 -54.86
CA SER K 112 24.15 -27.28 -55.80
C SER K 112 22.78 -27.26 -56.45
N ARG K 113 22.66 -28.02 -57.53
CA ARG K 113 21.34 -28.18 -58.26
C ARG K 113 20.17 -28.74 -57.41
N ASN K 114 20.49 -29.32 -56.26
CA ASN K 114 19.47 -29.85 -55.34
C ASN K 114 19.15 -28.94 -54.17
N ASN K 115 19.67 -27.72 -54.24
CA ASN K 115 19.51 -26.75 -53.15
C ASN K 115 18.76 -25.50 -53.61
N CYS K 116 18.31 -24.73 -52.63
CA CYS K 116 17.73 -23.41 -52.86
C CYS K 116 18.87 -22.41 -53.10
N PRO K 117 18.94 -21.81 -54.31
CA PRO K 117 20.04 -20.87 -54.68
C PRO K 117 20.26 -19.73 -53.68
N ALA K 118 19.19 -19.34 -53.02
CA ALA K 118 19.27 -18.23 -52.03
C ALA K 118 19.84 -18.63 -50.66
N ARG K 119 20.09 -19.92 -50.51
CA ARG K 119 20.71 -20.47 -49.29
C ARG K 119 20.08 -19.96 -47.98
N PRO K 120 18.75 -20.12 -47.86
CA PRO K 120 18.04 -19.67 -46.64
C PRO K 120 18.49 -20.40 -45.37
N ASP K 121 19.04 -21.61 -45.52
CA ASP K 121 19.70 -22.30 -44.41
C ASP K 121 20.75 -21.43 -43.70
N VAL K 122 21.56 -20.72 -44.47
CA VAL K 122 22.59 -19.81 -43.90
C VAL K 122 21.96 -18.50 -43.36
N VAL K 123 20.99 -17.99 -44.10
CA VAL K 123 20.23 -16.82 -43.65
C VAL K 123 19.72 -17.04 -42.21
N THR K 124 19.08 -18.17 -41.99
CA THR K 124 18.58 -18.55 -40.65
C THR K 124 19.67 -18.51 -39.60
N ALA K 125 20.78 -19.16 -39.90
CA ALA K 125 21.90 -19.22 -38.92
C ALA K 125 22.52 -17.84 -38.63
N LEU K 126 22.60 -17.01 -39.65
CA LEU K 126 23.16 -15.65 -39.50
C LEU K 126 22.31 -14.76 -38.61
N VAL K 127 21.03 -14.78 -38.86
CA VAL K 127 20.10 -13.93 -38.09
C VAL K 127 20.03 -14.45 -36.66
N THR K 128 20.04 -15.78 -36.52
CA THR K 128 20.08 -16.40 -35.18
C THR K 128 21.27 -15.84 -34.37
N ALA K 129 22.44 -15.90 -34.99
CA ALA K 129 23.71 -15.48 -34.32
C ALA K 129 23.70 -13.96 -33.99
N ALA K 130 23.17 -13.18 -34.91
CA ALA K 130 22.99 -11.73 -34.70
C ALA K 130 22.02 -11.41 -33.58
N LEU K 131 20.93 -12.14 -33.50
CA LEU K 131 19.91 -11.92 -32.43
C LEU K 131 20.36 -12.34 -31.02
N ASP K 132 21.46 -13.09 -30.96
CA ASP K 132 22.10 -13.43 -29.68
C ASP K 132 22.78 -12.20 -29.02
N GLU K 133 23.00 -11.15 -29.80
CA GLU K 133 23.54 -9.86 -29.30
C GLU K 133 22.48 -8.84 -28.87
N VAL K 134 21.26 -9.32 -28.64
CA VAL K 134 20.15 -8.45 -28.24
C VAL K 134 20.35 -8.09 -26.76
N LYS K 135 20.29 -6.80 -26.46
CA LYS K 135 20.45 -6.28 -25.08
C LYS K 135 19.17 -6.49 -24.25
N GLU K 136 18.11 -5.78 -24.65
CA GLU K 136 16.84 -5.75 -23.89
C GLU K 136 15.81 -6.77 -24.43
N PRO K 137 14.72 -7.01 -23.68
CA PRO K 137 13.61 -7.83 -24.14
C PRO K 137 12.65 -6.94 -24.97
N ASN K 138 11.60 -7.52 -25.53
CA ASN K 138 10.51 -6.81 -26.27
C ASN K 138 10.91 -5.62 -27.21
N THR K 139 12.09 -5.71 -27.81
CA THR K 139 12.52 -4.73 -28.84
C THR K 139 12.11 -5.23 -30.20
N THR K 140 12.10 -4.31 -31.16
CA THR K 140 11.93 -4.63 -32.57
C THR K 140 13.30 -4.51 -33.26
N VAL K 141 13.69 -5.56 -33.98
CA VAL K 141 14.99 -5.60 -34.67
C VAL K 141 14.78 -5.51 -36.18
N ASP K 142 15.43 -4.54 -36.80
CA ASP K 142 15.34 -4.33 -38.23
C ASP K 142 16.34 -5.30 -38.87
N VAL K 143 15.82 -6.13 -39.76
CA VAL K 143 16.65 -7.13 -40.47
C VAL K 143 16.62 -6.81 -41.96
N PHE K 144 17.70 -6.24 -42.43
CA PHE K 144 17.80 -5.80 -43.82
C PHE K 144 18.38 -6.96 -44.62
N VAL K 145 17.61 -7.45 -45.57
CA VAL K 145 18.05 -8.58 -46.39
C VAL K 145 18.23 -8.07 -47.80
N LEU K 146 19.36 -8.40 -48.38
CA LEU K 146 19.71 -7.96 -49.76
C LEU K 146 19.15 -8.88 -50.90
N SER K 147 18.66 -10.05 -50.54
CA SER K 147 18.00 -10.97 -51.47
C SER K 147 16.54 -10.56 -51.67
N ASN K 148 16.01 -10.81 -52.87
CA ASN K 148 14.57 -10.70 -53.19
C ASN K 148 13.83 -12.05 -53.31
N ALA K 149 14.46 -13.11 -52.85
CA ALA K 149 13.79 -14.41 -52.78
C ALA K 149 12.88 -14.47 -51.53
N VAL K 150 11.72 -13.87 -51.66
CA VAL K 150 10.89 -13.54 -50.49
C VAL K 150 10.30 -14.71 -49.69
N LEU K 151 9.82 -15.73 -50.39
CA LEU K 151 9.23 -16.89 -49.71
C LEU K 151 10.29 -17.63 -48.87
N PRO K 152 11.43 -18.00 -49.46
CA PRO K 152 12.39 -18.75 -48.66
C PRO K 152 12.97 -17.96 -47.51
N ILE K 153 13.20 -16.66 -47.76
CA ILE K 153 13.68 -15.77 -46.67
C ILE K 153 12.63 -15.63 -45.55
N ALA K 154 11.37 -15.49 -45.92
CA ALA K 154 10.30 -15.35 -44.92
C ALA K 154 10.31 -16.51 -43.93
N ALA K 155 10.38 -17.72 -44.49
CA ALA K 155 10.38 -18.95 -43.69
C ALA K 155 11.68 -19.12 -42.92
N ALA K 156 12.77 -18.72 -43.55
CA ALA K 156 14.10 -18.75 -42.92
C ALA K 156 14.20 -17.89 -41.64
N VAL K 157 13.63 -16.70 -41.73
CA VAL K 157 13.61 -15.74 -40.60
C VAL K 157 12.59 -16.14 -39.54
N ALA K 158 11.46 -16.64 -39.96
CA ALA K 158 10.47 -17.23 -39.03
C ALA K 158 11.07 -18.35 -38.12
N ARG K 159 11.96 -19.12 -38.74
CA ARG K 159 12.69 -20.27 -38.12
C ARG K 159 13.76 -19.89 -37.15
N CYS K 160 14.25 -18.67 -37.30
CA CYS K 160 15.53 -18.30 -36.69
C CYS K 160 15.33 -17.80 -35.27
N GLY K 161 16.45 -17.69 -34.59
CA GLY K 161 16.49 -17.10 -33.25
C GLY K 161 15.90 -18.00 -32.20
N LYS K 162 15.60 -17.39 -31.07
CA LYS K 162 14.93 -18.10 -29.97
C LYS K 162 13.52 -18.50 -30.31
N HIS K 163 13.14 -19.65 -29.77
CA HIS K 163 11.87 -20.30 -30.16
C HIS K 163 10.73 -19.78 -29.31
N ASN K 164 9.57 -19.66 -29.92
CA ASN K 164 8.38 -19.13 -29.23
C ASN K 164 7.95 -20.07 -28.08
N PHE K 165 8.17 -21.36 -28.25
CA PHE K 165 7.99 -22.29 -27.14
C PHE K 165 9.16 -22.20 -26.14
N SER K 166 8.82 -21.96 -24.90
CA SER K 166 9.82 -21.94 -23.81
C SER K 166 9.22 -22.29 -22.46
N ALA K 167 10.02 -22.99 -21.68
CA ALA K 167 9.73 -23.24 -20.24
C ALA K 167 10.74 -22.61 -19.29
N LYS K 168 11.61 -21.78 -19.83
CA LYS K 168 12.65 -21.14 -19.01
C LYS K 168 12.08 -19.99 -18.19
N ASP K 169 12.70 -19.76 -17.03
CA ASP K 169 12.49 -18.51 -16.23
C ASP K 169 11.02 -18.12 -16.00
N GLY K 170 10.23 -19.06 -15.52
CA GLY K 170 8.81 -18.83 -15.19
C GLY K 170 7.82 -18.84 -16.36
N ALA K 171 8.31 -19.06 -17.58
CA ALA K 171 7.44 -19.08 -18.80
C ALA K 171 6.33 -20.12 -18.77
N ALA K 172 6.51 -21.16 -17.97
CA ALA K 172 5.41 -22.15 -17.69
C ALA K 172 4.10 -21.51 -17.13
N ALA K 173 4.27 -20.44 -16.39
CA ALA K 173 3.12 -19.67 -15.84
C ALA K 173 2.46 -18.76 -16.89
N ALA K 174 3.17 -18.54 -17.97
CA ALA K 174 2.65 -17.74 -19.12
C ALA K 174 2.31 -18.64 -20.32
N ALA K 175 1.82 -19.84 -20.02
CA ALA K 175 1.41 -20.83 -21.06
C ALA K 175 2.55 -21.22 -22.04
N TYR K 176 3.77 -21.17 -21.54
CA TYR K 176 4.97 -21.54 -22.30
C TYR K 176 5.22 -20.66 -23.54
N ASN K 177 4.78 -19.43 -23.45
CA ASN K 177 5.11 -18.39 -24.43
C ASN K 177 6.42 -17.77 -24.01
N SER K 178 7.42 -17.83 -24.87
CA SER K 178 8.74 -17.26 -24.54
C SER K 178 8.66 -15.76 -24.37
N GLY K 179 9.37 -15.26 -23.36
CA GLY K 179 9.54 -13.79 -23.16
C GLY K 179 10.84 -13.26 -23.75
N LYS K 180 11.58 -14.17 -24.36
CA LYS K 180 12.93 -13.91 -24.93
C LYS K 180 12.98 -13.66 -26.44
N VAL K 181 11.83 -13.67 -27.06
CA VAL K 181 11.73 -13.52 -28.53
C VAL K 181 11.67 -12.02 -28.87
N SER K 182 12.49 -11.62 -29.84
CA SER K 182 12.44 -10.26 -30.40
C SER K 182 11.43 -10.13 -31.56
N ARG K 183 10.68 -9.03 -31.60
CA ARG K 183 9.89 -8.67 -32.80
C ARG K 183 10.94 -8.39 -33.94
N LEU K 184 10.69 -8.94 -35.12
CA LEU K 184 11.63 -8.81 -36.27
C LEU K 184 10.96 -8.15 -37.48
N GLN K 185 11.54 -7.04 -37.92
CA GLN K 185 11.08 -6.34 -39.14
C GLN K 185 12.03 -6.62 -40.26
N VAL K 186 11.54 -7.46 -41.17
CA VAL K 186 12.33 -7.87 -42.34
C VAL K 186 12.14 -6.85 -43.44
N VAL K 187 13.24 -6.31 -43.89
CA VAL K 187 13.22 -5.24 -44.89
C VAL K 187 13.87 -5.70 -46.19
N PHE K 188 13.03 -6.00 -47.17
CA PHE K 188 13.50 -6.43 -48.51
C PHE K 188 13.96 -5.22 -49.35
N PRO K 189 14.81 -5.45 -50.37
CA PRO K 189 15.24 -4.33 -51.22
C PRO K 189 14.09 -3.71 -52.03
N GLU K 190 13.23 -4.56 -52.55
CA GLU K 190 12.06 -4.14 -53.34
C GLU K 190 10.77 -4.61 -52.70
N PRO K 191 9.63 -4.00 -53.09
CA PRO K 191 8.36 -4.47 -52.57
C PRO K 191 8.20 -5.95 -52.91
N PRO K 192 7.79 -6.76 -51.93
CA PRO K 192 7.88 -8.20 -52.13
C PRO K 192 6.85 -8.66 -53.16
N ALA K 193 7.28 -9.57 -54.02
CA ALA K 193 6.41 -10.17 -55.06
C ALA K 193 5.19 -10.86 -54.45
N ILE K 194 5.35 -11.31 -53.22
CA ILE K 194 4.25 -11.86 -52.41
C ILE K 194 3.88 -10.80 -51.35
N PRO K 195 2.59 -10.47 -51.20
CA PRO K 195 2.25 -9.42 -50.27
C PRO K 195 2.70 -9.71 -48.82
N PRO K 196 3.08 -8.67 -48.07
CA PRO K 196 3.54 -8.82 -46.68
C PRO K 196 2.60 -9.62 -45.78
N LYS K 197 1.30 -9.42 -45.93
CA LYS K 197 0.30 -10.10 -45.08
C LYS K 197 0.29 -11.61 -45.33
N ASP K 198 0.54 -11.96 -46.58
CA ASP K 198 0.68 -13.38 -47.01
C ASP K 198 1.97 -14.03 -46.50
N LEU K 199 3.06 -13.30 -46.60
CA LEU K 199 4.33 -13.72 -45.99
C LEU K 199 4.18 -13.91 -44.47
N GLU K 200 3.40 -13.05 -43.83
CA GLU K 200 3.12 -13.17 -42.38
C GLU K 200 2.42 -14.47 -42.04
N ALA K 201 1.42 -14.81 -42.85
CA ALA K 201 0.65 -16.05 -42.64
C ALA K 201 1.55 -17.29 -42.76
N VAL K 202 2.47 -17.24 -43.71
CA VAL K 202 3.49 -18.28 -43.91
C VAL K 202 4.42 -18.41 -42.69
N ALA K 203 4.96 -17.27 -42.26
CA ALA K 203 5.85 -17.21 -41.10
C ALA K 203 5.15 -17.74 -39.84
N THR K 204 3.88 -17.38 -39.72
CA THR K 204 3.03 -17.79 -38.59
C THR K 204 2.88 -19.32 -38.56
N SER K 205 2.65 -19.90 -39.72
CA SER K 205 2.54 -21.37 -39.87
C SER K 205 3.83 -22.13 -39.61
N THR K 206 4.94 -21.58 -40.08
CA THR K 206 6.26 -22.12 -39.77
C THR K 206 6.47 -22.15 -38.24
N GLN K 207 6.13 -21.05 -37.58
CA GLN K 207 6.39 -20.92 -36.14
C GLN K 207 5.44 -21.75 -35.28
N LEU K 208 4.20 -21.83 -35.71
CA LEU K 208 3.19 -22.65 -35.01
C LEU K 208 3.55 -24.14 -35.11
N CYS K 209 3.95 -24.53 -36.30
CA CYS K 209 4.51 -25.86 -36.57
C CYS K 209 5.69 -26.16 -35.62
N GLN K 210 6.59 -25.19 -35.53
CA GLN K 210 7.75 -25.26 -34.63
C GLN K 210 7.32 -25.41 -33.16
N ARG K 211 6.31 -24.66 -32.79
CA ARG K 211 5.76 -24.71 -31.43
C ARG K 211 5.20 -26.09 -31.05
N LEU K 212 4.41 -26.63 -31.96
CA LEU K 212 3.80 -27.97 -31.80
C LEU K 212 4.84 -29.11 -31.69
N VAL K 213 5.88 -29.00 -32.48
CA VAL K 213 6.97 -29.96 -32.50
C VAL K 213 7.92 -29.84 -31.28
N ASP K 214 8.26 -28.62 -30.93
CA ASP K 214 9.10 -28.33 -29.73
C ASP K 214 8.43 -28.78 -28.44
N ALA K 215 7.12 -28.71 -28.41
CA ALA K 215 6.38 -28.90 -27.15
C ALA K 215 6.60 -30.32 -26.63
N PRO K 216 6.85 -30.46 -25.33
CA PRO K 216 7.00 -31.79 -24.77
C PRO K 216 5.67 -32.54 -24.79
N PRO K 217 5.72 -33.88 -24.80
CA PRO K 217 4.50 -34.64 -24.86
C PRO K 217 3.57 -34.55 -23.65
N ASN K 218 4.07 -34.06 -22.51
CA ASN K 218 3.16 -33.80 -21.39
C ASN K 218 2.21 -32.65 -21.72
N LEU K 219 2.57 -31.83 -22.70
CA LEU K 219 1.74 -30.69 -23.14
C LEU K 219 1.00 -30.93 -24.44
N LEU K 220 1.75 -31.40 -25.42
CA LEU K 220 1.14 -31.76 -26.71
C LEU K 220 0.82 -33.27 -26.74
N THR K 221 -0.43 -33.55 -26.40
CA THR K 221 -0.97 -34.90 -26.38
C THR K 221 -1.93 -35.11 -27.56
N THR K 222 -2.47 -36.31 -27.68
CA THR K 222 -3.46 -36.60 -28.74
C THR K 222 -4.70 -35.74 -28.53
N ALA K 223 -5.02 -35.51 -27.27
CA ALA K 223 -6.18 -34.69 -26.86
C ALA K 223 -5.96 -33.20 -27.13
N THR K 224 -4.84 -32.67 -26.68
CA THR K 224 -4.57 -31.20 -26.87
C THR K 224 -4.36 -30.84 -28.35
N PHE K 225 -3.73 -31.75 -29.09
CA PHE K 225 -3.51 -31.52 -30.56
C PHE K 225 -4.90 -31.44 -31.22
N THR K 226 -5.77 -32.35 -30.82
CA THR K 226 -7.15 -32.36 -31.30
C THR K 226 -7.88 -31.02 -30.97
N GLU K 227 -7.81 -30.62 -29.73
CA GLU K 227 -8.46 -29.36 -29.26
C GLU K 227 -7.95 -28.14 -30.02
N ILE K 228 -6.66 -28.15 -30.31
CA ILE K 228 -6.01 -27.07 -31.10
C ILE K 228 -6.59 -26.99 -32.52
N ALA K 229 -6.74 -28.14 -33.14
CA ALA K 229 -7.38 -28.23 -34.45
C ALA K 229 -8.83 -27.78 -34.45
N GLN K 230 -9.56 -28.18 -33.42
CA GLN K 230 -10.95 -27.73 -33.20
C GLN K 230 -11.05 -26.23 -33.01
N GLY K 231 -10.15 -25.68 -32.21
CA GLY K 231 -10.12 -24.22 -31.97
C GLY K 231 -9.95 -23.43 -33.27
N TYR K 232 -9.02 -23.89 -34.11
CA TYR K 232 -8.74 -23.25 -35.43
C TYR K 232 -9.95 -23.41 -36.39
N ALA K 233 -10.63 -24.54 -36.27
CA ALA K 233 -11.85 -24.81 -37.04
C ALA K 233 -12.98 -23.81 -36.68
N LYS K 234 -13.20 -23.58 -35.38
CA LYS K 234 -14.20 -22.58 -34.90
C LYS K 234 -13.82 -21.19 -35.42
N ALA K 235 -12.57 -20.81 -35.24
CA ALA K 235 -12.10 -19.45 -35.61
C ALA K 235 -12.13 -19.16 -37.13
N LEU K 236 -11.72 -20.13 -37.92
CA LEU K 236 -11.54 -19.92 -39.38
C LEU K 236 -12.70 -20.45 -40.21
N GLY K 237 -13.55 -21.22 -39.57
CA GLY K 237 -14.76 -21.75 -40.21
C GLY K 237 -14.54 -22.87 -41.22
N PHE K 238 -13.74 -23.84 -40.84
CA PHE K 238 -13.58 -25.09 -41.64
C PHE K 238 -14.14 -26.26 -40.86
N ASP K 239 -14.44 -27.34 -41.56
CA ASP K 239 -15.06 -28.53 -40.92
C ASP K 239 -14.02 -29.42 -40.25
N VAL K 240 -14.43 -30.04 -39.15
CA VAL K 240 -13.58 -30.94 -38.38
C VAL K 240 -14.36 -32.20 -37.97
N ASP K 241 -13.75 -33.33 -38.29
CA ASP K 241 -14.32 -34.68 -38.00
C ASP K 241 -13.32 -35.41 -37.14
N VAL K 242 -13.80 -35.93 -36.04
CA VAL K 242 -12.96 -36.63 -35.07
C VAL K 242 -13.50 -38.03 -34.82
N ILE K 243 -12.67 -39.02 -35.08
CA ILE K 243 -12.95 -40.43 -34.66
C ILE K 243 -12.00 -40.80 -33.51
N CYS K 244 -12.56 -41.06 -32.33
CA CYS K 244 -11.85 -41.09 -31.06
C CYS K 244 -11.86 -42.49 -30.46
N GLY K 245 -10.69 -42.93 -30.02
CA GLY K 245 -10.55 -44.09 -29.12
C GLY K 245 -11.20 -45.37 -29.59
N ASP K 246 -12.06 -45.92 -28.76
CA ASP K 246 -12.70 -47.22 -29.06
C ASP K 246 -13.56 -47.18 -30.34
N ASP K 247 -14.07 -46.01 -30.71
CA ASP K 247 -14.82 -45.85 -31.98
C ASP K 247 -13.97 -46.17 -33.19
N LEU K 248 -12.67 -45.94 -33.08
CA LEU K 248 -11.72 -46.36 -34.13
C LEU K 248 -11.80 -47.89 -34.36
N CYS K 249 -11.82 -48.64 -33.27
CA CYS K 249 -11.94 -50.10 -33.32
C CYS K 249 -13.30 -50.54 -33.90
N GLU K 250 -14.37 -49.94 -33.39
CA GLU K 250 -15.75 -50.28 -33.84
C GLU K 250 -15.95 -50.00 -35.34
N ARG K 251 -15.30 -48.98 -35.83
CA ARG K 251 -15.40 -48.59 -37.24
C ARG K 251 -14.36 -49.22 -38.20
N GLY K 252 -13.56 -50.15 -37.67
CA GLY K 252 -12.54 -50.90 -38.49
C GLY K 252 -11.16 -50.26 -38.71
N TYR K 253 -10.88 -49.17 -38.01
CA TYR K 253 -9.56 -48.53 -38.06
C TYR K 253 -8.57 -49.22 -37.13
N GLY K 254 -8.28 -50.48 -37.45
CA GLY K 254 -7.45 -51.38 -36.56
C GLY K 254 -5.98 -50.98 -36.41
N GLY K 255 -5.45 -50.30 -37.42
CA GLY K 255 -4.07 -49.85 -37.43
C GLY K 255 -3.84 -48.74 -36.38
N ILE K 256 -4.48 -47.60 -36.58
CA ILE K 256 -4.34 -46.47 -35.63
C ILE K 256 -4.84 -46.82 -34.21
N TYR K 257 -5.91 -47.59 -34.15
CA TYR K 257 -6.41 -48.06 -32.84
C TYR K 257 -5.37 -48.92 -32.09
N SER K 258 -4.82 -49.90 -32.77
CA SER K 258 -3.85 -50.81 -32.16
C SER K 258 -2.56 -50.10 -31.68
N VAL K 259 -2.06 -49.20 -32.51
CA VAL K 259 -0.85 -48.43 -32.17
C VAL K 259 -1.06 -47.61 -30.92
N GLY K 260 -2.20 -46.94 -30.87
CA GLY K 260 -2.51 -45.94 -29.80
C GLY K 260 -3.22 -46.39 -28.53
N LYS K 261 -3.72 -47.61 -28.53
CA LYS K 261 -4.60 -48.08 -27.43
C LYS K 261 -3.95 -48.30 -26.04
N ALA K 262 -2.64 -48.44 -26.01
CA ALA K 262 -1.93 -48.63 -24.73
C ALA K 262 -1.80 -47.32 -23.94
N ALA K 263 -1.92 -46.21 -24.66
CA ALA K 263 -1.62 -44.88 -24.08
C ALA K 263 -2.68 -44.41 -23.09
N PHE K 264 -2.25 -43.48 -22.25
CA PHE K 264 -3.15 -42.79 -21.33
C PHE K 264 -4.24 -42.01 -22.09
N GLU K 265 -3.81 -41.28 -23.11
CA GLU K 265 -4.74 -40.49 -23.96
C GLU K 265 -5.02 -41.28 -25.24
N ALA K 266 -6.30 -41.42 -25.56
CA ALA K 266 -6.76 -42.25 -26.66
C ALA K 266 -6.30 -41.72 -28.02
N PRO K 267 -6.19 -42.60 -29.01
CA PRO K 267 -5.83 -42.17 -30.34
C PRO K 267 -7.02 -41.55 -31.04
N ARG K 268 -6.72 -40.77 -32.05
CA ARG K 268 -7.74 -40.04 -32.79
C ARG K 268 -7.36 -39.92 -34.22
N LEU K 269 -8.34 -40.14 -35.07
CA LEU K 269 -8.25 -39.79 -36.48
C LEU K 269 -9.04 -38.48 -36.68
N VAL K 270 -8.31 -37.41 -36.98
CA VAL K 270 -8.89 -36.07 -37.07
C VAL K 270 -8.80 -35.61 -38.51
N THR K 271 -9.95 -35.38 -39.12
CA THR K 271 -9.98 -34.92 -40.50
C THR K 271 -10.58 -33.51 -40.63
N LEU K 272 -9.83 -32.66 -41.29
CA LEU K 272 -10.21 -31.25 -41.53
C LEU K 272 -10.53 -31.08 -43.01
N LEU K 273 -11.57 -30.32 -43.30
CA LEU K 273 -12.01 -30.05 -44.71
C LEU K 273 -12.09 -28.58 -45.04
N TYR K 274 -11.51 -28.22 -46.17
CA TYR K 274 -11.55 -26.86 -46.71
C TYR K 274 -11.90 -26.94 -48.19
N THR K 275 -12.97 -26.24 -48.55
CA THR K 275 -13.39 -26.11 -49.95
C THR K 275 -13.42 -24.64 -50.34
N PRO K 276 -12.65 -24.22 -51.36
CA PRO K 276 -12.55 -22.80 -51.69
C PRO K 276 -13.84 -22.33 -52.37
N LYS K 277 -14.06 -21.03 -52.34
CA LYS K 277 -15.25 -20.41 -52.96
C LYS K 277 -15.18 -20.62 -54.48
N GLY K 278 -16.31 -21.01 -55.07
CA GLY K 278 -16.50 -21.04 -56.55
C GLY K 278 -16.37 -22.31 -57.35
N THR K 279 -15.72 -22.12 -58.47
CA THR K 279 -15.58 -23.20 -59.43
C THR K 279 -14.71 -24.28 -58.74
N PRO K 280 -14.91 -25.53 -59.16
CA PRO K 280 -14.11 -26.65 -58.64
C PRO K 280 -12.68 -26.67 -59.21
N VAL K 281 -11.73 -27.05 -58.35
CA VAL K 281 -10.27 -26.97 -58.52
C VAL K 281 -9.49 -28.28 -58.23
N LYS K 282 -8.16 -28.24 -58.30
CA LYS K 282 -7.40 -29.46 -57.82
C LYS K 282 -7.89 -29.95 -56.43
N LYS K 283 -8.11 -31.25 -56.26
CA LYS K 283 -8.47 -31.86 -54.94
C LYS K 283 -7.28 -32.66 -54.34
N VAL K 284 -6.83 -32.23 -53.17
CA VAL K 284 -5.64 -32.77 -52.51
C VAL K 284 -6.00 -33.23 -51.11
N SER K 285 -5.63 -34.46 -50.80
CA SER K 285 -5.75 -35.02 -49.45
C SER K 285 -4.40 -35.11 -48.75
N LEU K 286 -4.29 -34.45 -47.63
CA LEU K 286 -3.08 -34.49 -46.80
C LEU K 286 -3.29 -35.50 -45.68
N VAL K 287 -2.23 -36.21 -45.38
CA VAL K 287 -2.23 -37.21 -44.29
C VAL K 287 -0.94 -37.10 -43.52
N GLY K 288 -1.05 -36.88 -42.22
CA GLY K 288 0.15 -36.68 -41.38
C GLY K 288 0.30 -37.67 -40.23
N LYS K 289 1.52 -38.14 -40.05
CA LYS K 289 1.90 -39.00 -38.92
C LYS K 289 1.93 -38.10 -37.69
N GLY K 290 0.98 -38.31 -36.82
CA GLY K 290 0.90 -37.57 -35.54
C GLY K 290 1.20 -38.44 -34.33
N ILE K 291 2.38 -39.05 -34.34
CA ILE K 291 2.84 -39.80 -33.19
C ILE K 291 3.42 -38.78 -32.16
N VAL K 292 2.55 -38.43 -31.23
CA VAL K 292 2.82 -37.43 -30.12
C VAL K 292 4.07 -37.82 -29.29
N TYR K 293 4.28 -39.12 -29.14
CA TYR K 293 5.52 -39.68 -28.60
C TYR K 293 5.66 -41.13 -29.03
N ASP K 294 6.85 -41.46 -29.49
CA ASP K 294 7.22 -42.79 -30.00
C ASP K 294 8.22 -43.41 -29.00
N CYS K 295 7.71 -44.12 -28.00
CA CYS K 295 8.60 -44.89 -27.10
C CYS K 295 9.10 -46.18 -27.72
N GLY K 296 8.44 -46.58 -28.81
CA GLY K 296 8.73 -47.84 -29.51
C GLY K 296 7.69 -48.93 -29.28
N GLY K 297 6.85 -48.69 -28.29
CA GLY K 297 5.92 -49.73 -27.78
C GLY K 297 6.73 -50.87 -27.12
N LEU K 298 6.24 -52.09 -27.26
CA LEU K 298 6.91 -53.25 -26.70
C LEU K 298 8.33 -53.44 -27.23
N ALA K 299 8.54 -53.02 -28.48
CA ALA K 299 9.88 -52.88 -29.07
C ALA K 299 10.52 -51.56 -28.59
N LEU K 300 10.77 -51.52 -27.29
CA LEU K 300 11.17 -50.33 -26.58
C LEU K 300 12.50 -49.80 -27.09
N LYS K 301 12.50 -48.51 -27.38
CA LYS K 301 13.73 -47.83 -27.73
C LYS K 301 14.64 -47.73 -26.51
N PRO K 302 15.95 -47.90 -26.72
CA PRO K 302 16.91 -47.40 -25.69
C PRO K 302 16.80 -45.87 -25.50
N ALA K 303 17.21 -45.41 -24.34
CA ALA K 303 17.03 -43.99 -23.90
C ALA K 303 17.63 -42.96 -24.84
N ASP K 304 18.85 -43.24 -25.29
CA ASP K 304 19.55 -42.39 -26.31
C ASP K 304 18.66 -42.13 -27.55
N TYR K 305 17.99 -43.17 -28.01
CA TYR K 305 17.13 -43.13 -29.21
C TYR K 305 15.73 -42.58 -28.93
N MET K 306 15.31 -42.65 -27.68
CA MET K 306 13.96 -42.22 -27.29
C MET K 306 13.89 -40.71 -27.09
N LYS K 307 15.04 -40.11 -26.79
CA LYS K 307 15.12 -38.63 -26.65
C LYS K 307 14.71 -38.02 -28.00
N LEU K 308 14.00 -36.91 -27.92
CA LEU K 308 13.51 -36.16 -29.12
C LEU K 308 12.41 -36.89 -29.93
N MET K 309 11.83 -37.93 -29.36
CA MET K 309 10.70 -38.65 -30.01
C MET K 309 9.36 -37.89 -29.87
N LYS K 310 9.38 -36.78 -29.15
CA LYS K 310 8.31 -35.77 -29.17
C LYS K 310 8.16 -35.14 -30.56
N HIS K 311 9.25 -35.17 -31.32
CA HIS K 311 9.25 -34.70 -32.71
C HIS K 311 8.51 -35.63 -33.69
N ASP K 312 8.02 -36.78 -33.21
CA ASP K 312 7.44 -37.81 -34.09
C ASP K 312 6.07 -37.44 -34.62
N MET K 313 5.60 -36.25 -34.24
CA MET K 313 4.35 -35.70 -34.76
C MET K 313 4.61 -34.56 -35.76
N GLY K 314 5.84 -34.45 -36.22
CA GLY K 314 6.27 -33.37 -37.12
C GLY K 314 5.54 -33.36 -38.46
N GLY K 315 5.13 -34.51 -38.91
CA GLY K 315 4.40 -34.67 -40.17
C GLY K 315 2.97 -34.21 -40.06
N ALA K 316 2.35 -34.51 -38.93
CA ALA K 316 1.00 -34.00 -38.62
C ALA K 316 0.99 -32.46 -38.43
N ALA K 317 2.01 -31.96 -37.76
CA ALA K 317 2.13 -30.51 -37.59
C ALA K 317 2.27 -29.82 -38.98
N ALA K 318 3.12 -30.39 -39.82
CA ALA K 318 3.48 -29.82 -41.13
C ALA K 318 2.25 -29.68 -42.04
N VAL K 319 1.55 -30.75 -42.06
CA VAL K 319 0.33 -30.92 -42.82
C VAL K 319 -0.81 -30.02 -42.24
N PHE K 320 -0.88 -29.97 -40.93
CA PHE K 320 -1.89 -29.13 -40.24
C PHE K 320 -1.68 -27.66 -40.54
N CYS K 321 -0.44 -27.24 -40.44
CA CYS K 321 -0.09 -25.82 -40.63
C CYS K 321 -0.12 -25.40 -42.10
N GLY K 322 0.17 -26.33 -42.99
CA GLY K 322 0.07 -26.10 -44.43
C GLY K 322 -1.39 -25.87 -44.78
N PHE K 323 -2.24 -26.68 -44.19
CA PHE K 323 -3.71 -26.56 -44.28
C PHE K 323 -4.21 -25.19 -43.77
N LEU K 324 -3.73 -24.79 -42.60
CA LEU K 324 -4.07 -23.45 -42.05
C LEU K 324 -3.69 -22.32 -42.99
N THR K 325 -2.48 -22.39 -43.51
CA THR K 325 -1.98 -21.35 -44.47
C THR K 325 -2.89 -21.26 -45.72
N ALA K 326 -3.29 -22.41 -46.21
CA ALA K 326 -4.21 -22.48 -47.37
C ALA K 326 -5.56 -21.85 -47.08
N VAL K 327 -6.07 -22.07 -45.89
CA VAL K 327 -7.36 -21.47 -45.48
C VAL K 327 -7.19 -19.94 -45.26
N ARG K 328 -6.15 -19.55 -44.56
CA ARG K 328 -5.89 -18.09 -44.31
C ARG K 328 -5.67 -17.28 -45.60
N LEU K 329 -4.95 -17.86 -46.55
CA LEU K 329 -4.65 -17.21 -47.85
C LEU K 329 -5.68 -17.52 -48.90
N GLN K 330 -6.67 -18.32 -48.53
CA GLN K 330 -7.75 -18.72 -49.46
C GLN K 330 -7.18 -19.27 -50.79
N GLN K 331 -6.21 -20.15 -50.65
CA GLN K 331 -5.61 -20.80 -51.82
C GLN K 331 -6.70 -21.63 -52.53
N PRO K 332 -6.72 -21.61 -53.88
CA PRO K 332 -7.78 -22.28 -54.64
C PRO K 332 -7.61 -23.81 -54.82
N VAL K 333 -7.33 -24.46 -53.72
CA VAL K 333 -7.19 -25.92 -53.67
C VAL K 333 -8.21 -26.44 -52.71
N GLN K 334 -8.93 -27.48 -53.12
CA GLN K 334 -9.79 -28.22 -52.19
C GLN K 334 -8.92 -29.20 -51.40
N LEU K 335 -9.02 -29.11 -50.07
CA LEU K 335 -8.15 -29.90 -49.15
C LEU K 335 -8.92 -30.72 -48.15
N SER K 336 -8.41 -31.92 -47.92
CA SER K 336 -8.63 -32.65 -46.66
C SER K 336 -7.29 -32.76 -45.97
N CYS K 337 -7.34 -32.79 -44.66
CA CYS K 337 -6.15 -32.93 -43.84
C CYS K 337 -6.49 -33.91 -42.72
N THR K 338 -5.90 -35.08 -42.82
CA THR K 338 -6.12 -36.14 -41.86
C THR K 338 -4.92 -36.31 -40.92
N LEU K 339 -5.16 -36.11 -39.65
CA LEU K 339 -4.13 -36.21 -38.63
C LEU K 339 -4.27 -37.56 -37.97
N CYS K 340 -3.20 -38.33 -38.06
CA CYS K 340 -3.16 -39.67 -37.45
C CYS K 340 -2.51 -39.58 -36.08
N LEU K 341 -3.34 -39.39 -35.06
CA LEU K 341 -2.87 -39.03 -33.72
C LEU K 341 -2.88 -40.21 -32.79
N ALA K 342 -1.69 -40.52 -32.28
CA ALA K 342 -1.55 -41.58 -31.30
C ALA K 342 -0.23 -41.42 -30.52
N GLU K 343 -0.22 -41.94 -29.32
CA GLU K 343 1.01 -42.13 -28.59
C GLU K 343 1.33 -43.63 -28.68
N ASN K 344 2.53 -43.93 -29.10
CA ASN K 344 3.07 -45.30 -29.12
C ASN K 344 3.67 -45.61 -27.74
N ALA K 345 2.81 -46.15 -26.89
CA ALA K 345 3.10 -46.32 -25.45
C ALA K 345 3.31 -47.80 -25.10
N ILE K 346 3.87 -48.00 -23.93
CA ILE K 346 4.21 -49.35 -23.44
C ILE K 346 3.35 -49.62 -22.20
N GLY K 347 2.68 -50.76 -22.22
CA GLY K 347 1.89 -51.18 -21.07
C GLY K 347 1.13 -52.47 -21.34
N PRO K 348 0.21 -52.82 -20.44
CA PRO K 348 -0.57 -54.05 -20.61
C PRO K 348 -1.46 -54.13 -21.85
N LYS K 349 -1.90 -52.98 -22.34
CA LYS K 349 -2.78 -52.94 -23.56
C LYS K 349 -1.97 -52.79 -24.87
N SER K 350 -0.66 -52.74 -24.75
CA SER K 350 0.26 -52.61 -25.90
C SER K 350 -0.02 -53.65 -26.99
N TYR K 351 -0.09 -53.19 -28.22
CA TYR K 351 -0.08 -54.08 -29.36
C TYR K 351 1.29 -54.75 -29.43
N ARG K 352 1.28 -55.99 -29.89
CA ARG K 352 2.45 -56.86 -29.71
C ARG K 352 3.19 -57.16 -30.98
N ASN K 353 4.43 -57.51 -30.80
CA ASN K 353 5.28 -58.11 -31.85
C ASN K 353 4.80 -59.55 -32.01
N ASP K 354 3.90 -59.75 -32.96
CA ASP K 354 3.13 -61.02 -33.27
C ASP K 354 1.66 -60.77 -33.52
N ASP K 355 1.13 -59.68 -32.99
CA ASP K 355 -0.28 -59.34 -33.20
C ASP K 355 -0.55 -59.16 -34.68
N ILE K 356 -1.78 -59.49 -35.05
CA ILE K 356 -2.25 -59.34 -36.44
C ILE K 356 -3.38 -58.32 -36.44
N ILE K 357 -3.18 -57.29 -37.22
CA ILE K 357 -4.06 -56.13 -37.30
C ILE K 357 -4.93 -56.22 -38.56
N VAL K 358 -6.21 -55.97 -38.40
CA VAL K 358 -7.14 -55.77 -39.52
C VAL K 358 -7.23 -54.26 -39.80
N MET K 359 -6.56 -53.84 -40.85
CA MET K 359 -6.52 -52.42 -41.23
C MET K 359 -7.86 -52.00 -41.79
N LYS K 360 -8.09 -50.71 -41.81
CA LYS K 360 -9.33 -50.15 -42.40
C LYS K 360 -9.49 -50.60 -43.86
N SER K 361 -8.38 -50.72 -44.56
CA SER K 361 -8.35 -51.20 -45.96
C SER K 361 -8.83 -52.63 -46.16
N GLY K 362 -9.00 -53.37 -45.07
CA GLY K 362 -9.40 -54.80 -45.12
C GLY K 362 -8.20 -55.75 -45.16
N LYS K 363 -7.04 -55.21 -45.42
CA LYS K 363 -5.79 -55.96 -45.40
C LYS K 363 -5.24 -56.19 -43.99
N THR K 364 -4.66 -57.35 -43.82
CA THR K 364 -4.14 -57.78 -42.52
C THR K 364 -2.64 -57.58 -42.48
N VAL K 365 -2.19 -57.16 -41.33
CA VAL K 365 -0.79 -56.80 -41.07
C VAL K 365 -0.30 -57.55 -39.85
N GLU K 366 0.72 -58.34 -40.07
CA GLU K 366 1.45 -59.01 -39.00
C GLU K 366 2.51 -58.06 -38.44
N VAL K 367 2.41 -57.77 -37.15
CA VAL K 367 3.33 -56.82 -36.52
C VAL K 367 4.61 -57.57 -36.13
N ILE K 368 5.68 -57.29 -36.87
CA ILE K 368 7.02 -57.80 -36.58
C ILE K 368 7.74 -56.96 -35.51
N ASN K 369 7.51 -55.66 -35.61
CA ASN K 369 8.15 -54.67 -34.76
C ASN K 369 7.22 -53.49 -34.50
N THR K 370 6.87 -53.29 -33.24
CA THR K 370 5.91 -52.24 -32.82
C THR K 370 6.44 -50.82 -32.98
N ASP K 371 7.75 -50.72 -33.21
CA ASP K 371 8.42 -49.42 -33.38
C ASP K 371 8.40 -48.88 -34.81
N ALA K 372 7.91 -49.72 -35.69
CA ALA K 372 7.47 -49.37 -37.05
C ALA K 372 5.95 -49.10 -37.07
N GLU K 373 5.57 -48.13 -36.28
CA GLU K 373 4.17 -47.77 -35.98
C GLU K 373 3.60 -46.75 -36.95
N GLY K 374 4.48 -45.94 -37.49
CA GLY K 374 4.09 -44.83 -38.33
C GLY K 374 3.39 -45.27 -39.62
N ARG K 375 4.00 -46.24 -40.28
CA ARG K 375 3.48 -46.77 -41.52
C ARG K 375 2.10 -47.38 -41.31
N ILE K 376 1.89 -47.93 -40.13
CA ILE K 376 0.59 -48.47 -39.76
C ILE K 376 -0.48 -47.36 -39.62
N VAL K 377 -0.22 -46.34 -38.83
CA VAL K 377 -1.24 -45.29 -38.62
C VAL K 377 -1.52 -44.58 -39.95
N LEU K 378 -0.48 -44.40 -40.74
CA LEU K 378 -0.61 -43.76 -42.06
C LEU K 378 -1.41 -44.60 -43.03
N GLY K 379 -1.30 -45.90 -42.90
CA GLY K 379 -2.06 -46.84 -43.75
C GLY K 379 -3.56 -46.61 -43.60
N ASP K 380 -3.98 -46.47 -42.36
CA ASP K 380 -5.39 -46.14 -42.02
C ASP K 380 -5.74 -44.73 -42.48
N GLY K 381 -4.79 -43.81 -42.30
CA GLY K 381 -4.97 -42.43 -42.74
C GLY K 381 -5.25 -42.30 -44.25
N VAL K 382 -4.39 -42.90 -45.06
CA VAL K 382 -4.49 -42.77 -46.50
C VAL K 382 -5.73 -43.50 -47.05
N PHE K 383 -6.13 -44.58 -46.39
CA PHE K 383 -7.33 -45.31 -46.80
C PHE K 383 -8.54 -44.44 -46.49
N HIS K 384 -8.52 -43.85 -45.31
CA HIS K 384 -9.57 -42.87 -44.91
C HIS K 384 -9.70 -41.76 -45.97
N ALA K 385 -8.58 -41.18 -46.33
CA ALA K 385 -8.56 -40.04 -47.29
C ALA K 385 -9.06 -40.43 -48.69
N THR K 386 -8.73 -41.64 -49.09
CA THR K 386 -8.99 -42.12 -50.46
C THR K 386 -10.26 -42.92 -50.61
N ASN K 387 -10.87 -43.29 -49.50
CA ASN K 387 -12.14 -44.08 -49.52
C ASN K 387 -13.35 -43.49 -48.79
N GLU K 388 -13.11 -42.69 -47.76
CA GLU K 388 -14.18 -42.34 -46.78
C GLU K 388 -14.71 -40.92 -46.83
N LEU K 389 -14.11 -40.10 -47.67
CA LEU K 389 -14.49 -38.69 -47.75
C LEU K 389 -15.57 -38.47 -48.80
N SER K 390 -16.14 -37.28 -48.81
CA SER K 390 -17.21 -36.90 -49.78
C SER K 390 -16.68 -36.69 -51.20
N PHE K 391 -15.38 -36.60 -51.33
CA PHE K 391 -14.71 -36.53 -52.66
C PHE K 391 -13.57 -37.55 -52.71
N THR K 392 -13.09 -37.78 -53.92
CA THR K 392 -11.90 -38.55 -54.16
C THR K 392 -10.76 -37.62 -54.58
N PRO K 393 -9.60 -37.68 -53.89
CA PRO K 393 -8.57 -36.72 -54.21
C PRO K 393 -7.85 -37.07 -55.49
N ASP K 394 -7.31 -36.03 -56.11
CA ASP K 394 -6.44 -36.16 -57.29
C ASP K 394 -5.02 -36.51 -56.86
N VAL K 395 -4.66 -36.03 -55.68
CA VAL K 395 -3.34 -36.15 -55.13
C VAL K 395 -3.46 -36.44 -53.66
N VAL K 396 -2.68 -37.40 -53.20
CA VAL K 396 -2.52 -37.67 -51.76
C VAL K 396 -1.10 -37.38 -51.40
N ILE K 397 -0.96 -36.58 -50.36
CA ILE K 397 0.36 -36.25 -49.83
C ILE K 397 0.40 -36.71 -48.39
N ASP K 398 1.29 -37.62 -48.09
CA ASP K 398 1.50 -37.99 -46.70
C ASP K 398 2.85 -37.51 -46.22
N MET K 399 2.88 -36.95 -45.03
CA MET K 399 4.11 -36.42 -44.47
C MET K 399 4.33 -37.07 -43.12
N ALA K 400 5.54 -37.50 -42.89
CA ALA K 400 5.85 -38.29 -41.72
C ALA K 400 7.29 -38.31 -41.35
N THR K 401 7.54 -38.24 -40.06
CA THR K 401 8.90 -38.44 -39.50
C THR K 401 9.08 -39.96 -39.37
N LEU K 402 9.32 -40.61 -40.49
CA LEU K 402 9.06 -42.06 -40.61
C LEU K 402 10.20 -43.02 -40.32
N THR K 403 11.37 -42.76 -40.85
CA THR K 403 12.50 -43.68 -40.75
C THR K 403 13.84 -43.02 -40.45
N GLY K 404 14.66 -43.74 -39.70
CA GLY K 404 16.10 -43.45 -39.56
C GLY K 404 16.88 -43.55 -40.87
N ALA K 405 16.44 -44.46 -41.73
CA ALA K 405 16.99 -44.63 -43.07
C ALA K 405 16.97 -43.32 -43.91
N GLN K 406 15.98 -42.49 -43.66
CA GLN K 406 15.87 -41.15 -44.32
C GLN K 406 17.11 -40.28 -44.16
N GLY K 407 17.63 -40.22 -42.95
CA GLY K 407 18.83 -39.42 -42.66
C GLY K 407 20.06 -39.97 -43.38
N ILE K 408 20.20 -41.26 -43.29
CA ILE K 408 21.28 -41.99 -43.96
C ILE K 408 21.22 -41.79 -45.50
N ALA K 409 20.03 -41.80 -46.02
CA ALA K 409 19.80 -41.70 -47.49
C ALA K 409 19.93 -40.27 -48.04
N THR K 410 19.12 -39.36 -47.50
CA THR K 410 19.02 -37.98 -48.04
C THR K 410 19.46 -36.87 -47.08
N GLY K 411 19.74 -37.23 -45.86
CA GLY K 411 20.40 -36.31 -44.90
C GLY K 411 19.48 -35.41 -44.12
N ARG K 412 20.11 -34.48 -43.43
CA ARG K 412 19.38 -33.65 -42.45
C ARG K 412 18.61 -32.47 -42.99
N HIS K 413 18.92 -32.06 -44.21
CA HIS K 413 18.26 -30.91 -44.83
C HIS K 413 17.29 -31.23 -45.95
N HIS K 414 17.26 -32.49 -46.38
CA HIS K 414 16.42 -32.90 -47.52
C HIS K 414 15.48 -34.02 -47.14
N ALA K 415 14.20 -33.73 -47.23
CA ALA K 415 13.19 -34.75 -46.98
C ALA K 415 13.22 -35.74 -48.13
N GLY K 416 13.00 -37.02 -47.83
CA GLY K 416 12.97 -38.05 -48.85
C GLY K 416 11.62 -38.16 -49.49
N LEU K 417 11.61 -38.26 -50.82
CA LEU K 417 10.34 -38.36 -51.61
C LEU K 417 10.20 -39.70 -52.30
N TYR K 418 9.12 -40.38 -51.97
CA TYR K 418 8.74 -41.61 -52.60
C TYR K 418 7.43 -41.33 -53.32
N VAL K 419 7.50 -41.36 -54.65
CA VAL K 419 6.39 -40.83 -55.48
C VAL K 419 6.07 -41.75 -56.67
N ASN K 420 4.79 -42.03 -56.85
CA ASN K 420 4.34 -42.95 -57.93
C ASN K 420 4.31 -42.35 -59.35
N GLU K 421 4.45 -41.04 -59.46
CA GLU K 421 4.50 -40.34 -60.78
C GLU K 421 5.65 -39.39 -60.90
N GLU K 422 6.34 -39.43 -62.03
CA GLU K 422 7.48 -38.53 -62.28
C GLU K 422 7.07 -37.03 -62.14
N GLY K 423 5.91 -36.69 -62.68
CA GLY K 423 5.43 -35.28 -62.74
C GLY K 423 5.21 -34.64 -61.36
N ALA K 424 4.55 -35.39 -60.50
CA ALA K 424 4.23 -34.94 -59.14
C ALA K 424 5.49 -34.81 -58.34
N GLU K 425 6.43 -35.72 -58.60
CA GLU K 425 7.74 -35.72 -57.96
C GLU K 425 8.54 -34.45 -58.32
N ALA K 426 8.64 -34.20 -59.60
CA ALA K 426 9.34 -33.02 -60.11
C ALA K 426 8.77 -31.70 -59.51
N ALA K 427 7.46 -31.66 -59.41
CA ALA K 427 6.75 -30.49 -58.90
C ALA K 427 7.03 -30.29 -57.40
N MET K 428 7.05 -31.37 -56.64
CA MET K 428 7.37 -31.28 -55.22
C MET K 428 8.84 -30.87 -55.03
N LEU K 429 9.72 -31.42 -55.85
CA LEU K 429 11.15 -31.00 -55.83
C LEU K 429 11.33 -29.49 -56.09
N ARG K 430 10.64 -29.02 -57.12
CA ARG K 430 10.63 -27.59 -57.51
C ARG K 430 10.12 -26.73 -56.34
N ALA K 431 9.05 -27.19 -55.71
CA ALA K 431 8.48 -26.50 -54.53
C ALA K 431 9.44 -26.45 -53.33
N GLY K 432 10.19 -27.51 -53.16
CA GLY K 432 11.29 -27.54 -52.16
C GLY K 432 12.42 -26.55 -52.42
N ARG K 433 12.84 -26.45 -53.68
CA ARG K 433 13.92 -25.54 -54.07
C ARG K 433 13.51 -24.06 -54.01
N GLU K 434 12.24 -23.81 -54.29
CA GLU K 434 11.69 -22.45 -54.22
C GLU K 434 11.42 -22.01 -52.79
N SER K 435 10.88 -22.93 -52.00
CA SER K 435 10.53 -22.68 -50.60
C SER K 435 11.74 -22.67 -49.66
N GLY K 436 12.82 -23.33 -50.08
CA GLY K 436 13.99 -23.63 -49.17
C GLY K 436 13.84 -24.91 -48.35
N GLU K 437 12.62 -25.44 -48.31
CA GLU K 437 12.31 -26.70 -47.57
C GLU K 437 12.54 -27.86 -48.52
N THR K 438 13.82 -28.08 -48.74
CA THR K 438 14.31 -28.95 -49.81
C THR K 438 13.97 -30.43 -49.58
N CYS K 439 13.83 -31.11 -50.70
CA CYS K 439 13.53 -32.52 -50.79
C CYS K 439 14.50 -33.23 -51.76
N PHE K 440 14.52 -34.54 -51.72
CA PHE K 440 15.27 -35.35 -52.68
C PHE K 440 14.58 -36.71 -52.86
N PRO K 441 14.53 -37.23 -54.10
CA PRO K 441 13.86 -38.50 -54.26
C PRO K 441 14.59 -39.70 -53.69
N VAL K 442 13.80 -40.63 -53.24
CA VAL K 442 14.28 -42.00 -52.99
C VAL K 442 13.69 -42.96 -54.00
N LEU K 443 14.37 -44.10 -54.14
CA LEU K 443 13.99 -45.13 -55.13
C LEU K 443 12.51 -45.49 -55.07
N TYR K 444 11.85 -45.38 -56.21
CA TYR K 444 10.50 -45.89 -56.41
C TYR K 444 10.59 -47.15 -57.30
N CYS K 445 10.34 -48.30 -56.69
CA CYS K 445 10.46 -49.60 -57.39
C CYS K 445 9.66 -50.69 -56.66
N PRO K 446 8.31 -50.58 -56.68
CA PRO K 446 7.42 -51.44 -55.92
C PRO K 446 7.66 -52.95 -56.11
N GLU K 447 8.03 -53.35 -57.31
CA GLU K 447 8.35 -54.75 -57.58
C GLU K 447 9.54 -55.29 -56.73
N TYR K 448 10.44 -54.42 -56.35
CA TYR K 448 11.53 -54.81 -55.41
C TYR K 448 11.20 -54.62 -53.91
N HIS K 449 10.25 -53.78 -53.60
CA HIS K 449 9.88 -53.49 -52.19
C HIS K 449 8.93 -54.53 -51.66
N GLU K 450 8.04 -54.93 -52.52
CA GLU K 450 6.93 -55.87 -52.18
C GLU K 450 7.34 -57.17 -51.49
N PRO K 451 8.39 -57.83 -51.99
CA PRO K 451 8.83 -59.10 -51.34
C PRO K 451 9.39 -58.97 -49.93
N GLU K 452 9.78 -57.77 -49.54
CA GLU K 452 10.30 -57.54 -48.17
C GLU K 452 9.25 -57.69 -47.07
N PHE K 453 7.99 -57.67 -47.46
CA PHE K 453 6.88 -57.69 -46.50
C PHE K 453 6.07 -58.98 -46.49
N LYS K 454 6.64 -60.05 -47.03
CA LYS K 454 5.94 -61.36 -47.11
C LYS K 454 5.70 -61.90 -45.70
N SER K 455 4.49 -62.39 -45.49
CA SER K 455 4.05 -62.94 -44.21
C SER K 455 3.46 -64.34 -44.36
N ASN K 456 3.70 -65.16 -43.35
CA ASN K 456 3.15 -66.51 -43.29
C ASN K 456 1.64 -66.56 -43.17
N HIS K 457 1.13 -65.74 -42.28
CA HIS K 457 -0.29 -65.80 -41.89
C HIS K 457 -1.17 -64.60 -42.21
N ALA K 458 -0.56 -63.46 -42.46
CA ALA K 458 -1.30 -62.24 -42.79
C ALA K 458 -0.97 -61.81 -44.21
N ASP K 459 -1.68 -60.79 -44.69
CA ASP K 459 -1.41 -60.27 -46.07
C ASP K 459 -0.02 -59.73 -46.20
N MET K 460 0.46 -59.13 -45.11
CA MET K 460 1.79 -58.50 -45.08
C MET K 460 2.30 -58.36 -43.65
N THR K 461 3.60 -58.15 -43.55
CA THR K 461 4.23 -57.72 -42.28
C THR K 461 4.32 -56.19 -42.31
N ASN K 462 4.73 -55.60 -41.18
CA ASN K 462 5.02 -54.16 -41.11
C ASN K 462 6.49 -53.80 -41.13
N LEU K 463 7.34 -54.78 -41.41
CA LEU K 463 8.78 -54.55 -41.35
C LEU K 463 9.47 -55.32 -42.44
N MET K 464 10.41 -54.66 -43.09
CA MET K 464 11.26 -55.32 -44.10
C MET K 464 12.05 -56.48 -43.45
N GLU K 465 12.04 -57.59 -44.16
CA GLU K 465 12.87 -58.75 -43.84
C GLU K 465 14.37 -58.41 -43.85
N ARG K 466 14.80 -57.69 -44.87
CA ARG K 466 16.17 -57.22 -45.02
C ARG K 466 16.17 -55.68 -44.94
N ARG K 467 16.67 -55.17 -43.83
CA ARG K 467 16.68 -53.73 -43.51
C ARG K 467 17.52 -52.91 -44.51
N ASP K 468 18.48 -53.57 -45.16
CA ASP K 468 19.41 -52.90 -46.09
C ASP K 468 18.97 -53.00 -47.56
N ASN K 469 17.68 -52.84 -47.80
CA ASN K 469 17.11 -52.91 -49.16
C ASN K 469 16.13 -51.75 -49.47
N ALA K 470 16.67 -50.54 -49.41
CA ALA K 470 15.91 -49.28 -49.68
C ALA K 470 14.85 -49.04 -48.58
N GLY K 471 15.37 -48.67 -47.41
CA GLY K 471 14.53 -48.49 -46.21
C GLY K 471 13.55 -47.32 -46.19
N VAL K 472 13.88 -46.27 -46.90
CA VAL K 472 12.93 -45.13 -47.02
C VAL K 472 11.80 -45.52 -47.95
N SER K 473 12.19 -46.16 -49.03
CA SER K 473 11.25 -46.58 -50.10
C SER K 473 10.26 -47.64 -49.63
N CYS K 474 10.75 -48.62 -48.89
CA CYS K 474 9.88 -49.73 -48.43
C CYS K 474 8.79 -49.27 -47.47
N ALA K 475 9.11 -48.32 -46.62
CA ALA K 475 8.10 -47.78 -45.71
C ALA K 475 7.01 -47.07 -46.53
N GLY K 476 7.46 -46.36 -47.54
CA GLY K 476 6.54 -45.70 -48.46
C GLY K 476 5.66 -46.71 -49.16
N TYR K 477 6.29 -47.74 -49.67
CA TYR K 477 5.56 -48.86 -50.31
C TYR K 477 4.44 -49.42 -49.42
N PHE K 478 4.79 -49.70 -48.16
CA PHE K 478 3.81 -50.26 -47.19
C PHE K 478 2.53 -49.42 -47.16
N ILE K 479 2.73 -48.12 -47.05
CA ILE K 479 1.60 -47.17 -46.99
C ILE K 479 0.72 -47.26 -48.26
N THR K 480 1.36 -47.36 -49.41
CA THR K 480 0.64 -47.44 -50.69
C THR K 480 -0.25 -48.70 -50.86
N THR K 481 0.11 -49.78 -50.17
CA THR K 481 -0.75 -50.98 -50.15
C THR K 481 -2.13 -50.75 -49.52
N HIS K 482 -2.26 -49.70 -48.74
CA HIS K 482 -3.56 -49.35 -48.10
C HIS K 482 -4.35 -48.19 -48.77
N LEU K 483 -3.86 -47.75 -49.92
CA LEU K 483 -4.63 -46.80 -50.76
C LEU K 483 -5.85 -47.48 -51.28
N SER K 484 -6.98 -46.79 -51.22
CA SER K 484 -8.25 -47.31 -51.80
C SER K 484 -8.10 -47.58 -53.30
N PRO K 485 -8.68 -48.68 -53.81
CA PRO K 485 -8.75 -48.93 -55.27
C PRO K 485 -9.52 -47.84 -56.06
N LYS K 486 -10.40 -47.11 -55.37
CA LYS K 486 -11.07 -45.91 -55.92
C LYS K 486 -10.10 -44.80 -56.35
N PHE K 487 -8.90 -44.83 -55.77
CA PHE K 487 -7.88 -43.80 -56.03
C PHE K 487 -6.97 -44.19 -57.20
N THR K 488 -6.86 -43.29 -58.15
CA THR K 488 -6.04 -43.50 -59.37
C THR K 488 -5.06 -42.37 -59.65
N GLY K 489 -4.86 -41.50 -58.67
CA GLY K 489 -4.04 -40.28 -58.87
C GLY K 489 -2.62 -40.38 -58.36
N ALA K 490 -2.04 -39.22 -58.14
CA ALA K 490 -0.64 -39.10 -57.69
C ALA K 490 -0.50 -39.25 -56.17
N HIS K 491 0.46 -40.06 -55.77
CA HIS K 491 0.74 -40.26 -54.33
C HIS K 491 2.15 -39.80 -54.04
N ILE K 492 2.25 -38.81 -53.16
CA ILE K 492 3.53 -38.25 -52.73
C ILE K 492 3.80 -38.56 -51.28
N HIS K 493 4.79 -39.41 -51.03
CA HIS K 493 5.22 -39.71 -49.65
C HIS K 493 6.43 -38.91 -49.30
N VAL K 494 6.31 -38.15 -48.23
CA VAL K 494 7.39 -37.25 -47.74
C VAL K 494 7.89 -37.72 -46.39
N ASP K 495 9.10 -38.21 -46.40
CA ASP K 495 9.77 -38.67 -45.18
C ASP K 495 10.65 -37.49 -44.70
N LEU K 496 10.21 -36.87 -43.62
CA LEU K 496 10.92 -35.69 -43.06
C LEU K 496 11.45 -35.94 -41.63
N ALA K 497 11.93 -37.15 -41.40
CA ALA K 497 12.42 -37.56 -40.06
C ALA K 497 13.42 -36.57 -39.48
N TYR K 498 14.43 -36.25 -40.25
CA TYR K 498 15.51 -35.32 -39.83
C TYR K 498 15.32 -33.82 -40.11
N PRO K 499 14.75 -33.46 -41.27
CA PRO K 499 14.58 -32.02 -41.55
C PRO K 499 13.67 -31.22 -40.60
N VAL K 500 12.84 -31.90 -39.84
CA VAL K 500 11.96 -31.24 -38.86
C VAL K 500 12.66 -30.70 -37.59
N PHE K 501 13.92 -31.01 -37.43
CA PHE K 501 14.65 -30.52 -36.26
C PHE K 501 16.12 -30.27 -36.55
N ASN K 502 16.70 -29.44 -35.72
CA ASN K 502 18.16 -29.30 -35.67
C ASN K 502 18.58 -29.23 -34.20
N SER K 503 19.83 -28.90 -33.93
CA SER K 503 20.34 -28.92 -32.54
C SER K 503 19.68 -27.86 -31.62
N ASN K 504 19.05 -26.86 -32.20
CA ASN K 504 18.21 -25.91 -31.43
C ASN K 504 16.73 -26.31 -31.22
N GLY K 505 16.33 -27.42 -31.80
CA GLY K 505 14.96 -27.84 -31.72
C GLY K 505 14.25 -27.84 -33.06
N ALA K 506 12.94 -27.70 -33.02
CA ALA K 506 12.12 -27.81 -34.25
C ALA K 506 12.50 -26.72 -35.28
N THR K 507 12.39 -27.08 -36.53
CA THR K 507 12.63 -26.16 -37.65
C THR K 507 11.36 -25.57 -38.26
N GLY K 508 10.21 -26.18 -37.97
CA GLY K 508 8.94 -25.83 -38.66
C GLY K 508 8.89 -26.22 -40.15
N PHE K 509 9.68 -27.22 -40.51
CA PHE K 509 9.80 -27.69 -41.90
C PHE K 509 8.50 -28.37 -42.30
N GLY K 510 8.03 -27.99 -43.48
CA GLY K 510 6.90 -28.69 -44.15
C GLY K 510 5.75 -27.81 -44.66
N PRO K 511 5.21 -26.94 -43.82
CA PRO K 511 4.15 -26.05 -44.23
C PRO K 511 4.46 -25.21 -45.46
N ALA K 512 5.60 -24.55 -45.46
CA ALA K 512 5.97 -23.66 -46.61
C ALA K 512 6.15 -24.46 -47.90
N LEU K 513 6.71 -25.65 -47.73
CA LEU K 513 6.85 -26.61 -48.85
C LEU K 513 5.48 -26.85 -49.51
N LEU K 514 4.51 -27.14 -48.68
CA LEU K 514 3.11 -27.34 -49.12
C LEU K 514 2.48 -26.10 -49.79
N THR K 515 2.62 -24.96 -49.14
CA THR K 515 2.13 -23.69 -49.67
C THR K 515 2.65 -23.45 -51.09
N GLU K 516 3.96 -23.57 -51.24
CA GLU K 516 4.62 -23.42 -52.55
C GLU K 516 4.13 -24.47 -53.59
N TYR K 517 3.97 -25.70 -53.14
CA TYR K 517 3.44 -26.77 -54.01
C TYR K 517 2.01 -26.45 -54.51
N PHE K 518 1.13 -26.07 -53.59
CA PHE K 518 -0.26 -25.65 -53.91
C PHE K 518 -0.35 -24.46 -54.85
N ARG K 519 0.52 -23.52 -54.59
CA ARG K 519 0.66 -22.31 -55.41
C ARG K 519 0.86 -22.60 -56.92
N LYS K 520 1.60 -23.66 -57.22
CA LYS K 520 2.05 -24.00 -58.59
C LYS K 520 1.20 -25.07 -59.27
N LEU K 521 0.10 -25.44 -58.66
CA LEU K 521 -0.75 -26.52 -59.18
C LEU K 521 -1.54 -26.18 -60.48
N THR L 3 -6.84 -51.44 -5.25
CA THR L 3 -7.43 -52.66 -4.61
C THR L 3 -6.49 -53.86 -4.79
N LEU L 4 -5.85 -54.25 -3.69
CA LEU L 4 -5.00 -55.48 -3.63
C LEU L 4 -5.83 -56.69 -3.18
N PRO L 5 -5.38 -57.93 -3.52
CA PRO L 5 -6.00 -59.11 -2.92
C PRO L 5 -5.88 -59.13 -1.38
N LYS L 6 -6.91 -59.66 -0.74
CA LYS L 6 -7.01 -59.68 0.75
C LYS L 6 -5.79 -60.32 1.41
N ALA L 7 -5.32 -61.40 0.81
CA ALA L 7 -4.13 -62.14 1.31
C ALA L 7 -2.83 -61.32 1.25
N GLU L 8 -2.70 -60.52 0.18
CA GLU L 8 -1.53 -59.62 0.01
C GLU L 8 -1.57 -58.46 1.01
N ALA L 9 -2.75 -57.88 1.19
CA ALA L 9 -2.96 -56.80 2.21
C ALA L 9 -2.67 -57.23 3.67
N LYS L 10 -3.10 -58.45 4.03
CA LYS L 10 -2.77 -59.04 5.40
C LYS L 10 -1.25 -59.21 5.56
N GLU L 11 -0.61 -59.70 4.51
CA GLU L 11 0.86 -59.87 4.50
C GLU L 11 1.61 -58.53 4.66
N LEU L 12 1.11 -57.52 3.97
CA LEU L 12 1.69 -56.16 4.07
C LEU L 12 1.55 -55.54 5.47
N SER L 13 0.37 -55.67 6.06
CA SER L 13 0.11 -55.22 7.47
C SER L 13 1.00 -55.90 8.49
N ALA L 14 1.14 -57.20 8.33
CA ALA L 14 2.03 -57.97 9.21
C ALA L 14 3.50 -57.55 9.04
N PHE L 15 3.89 -57.31 7.80
CA PHE L 15 5.29 -56.84 7.51
C PHE L 15 5.56 -55.45 8.09
N VAL L 16 4.57 -54.58 7.97
CA VAL L 16 4.63 -53.25 8.62
C VAL L 16 4.88 -53.37 10.12
N GLN L 17 4.02 -54.15 10.77
CA GLN L 17 4.10 -54.39 12.22
C GLN L 17 5.48 -54.96 12.62
N SER L 18 5.98 -55.90 11.85
CA SER L 18 7.37 -56.46 12.05
C SER L 18 8.45 -55.38 12.06
N CYS L 19 8.28 -54.38 11.22
CA CYS L 19 9.27 -53.26 11.15
C CYS L 19 9.10 -52.26 12.29
N VAL L 20 7.85 -51.90 12.54
CA VAL L 20 7.50 -50.97 13.67
C VAL L 20 7.89 -51.50 15.06
N GLU L 21 7.73 -52.79 15.25
CA GLU L 21 8.04 -53.45 16.55
C GLU L 21 9.42 -54.12 16.57
N TYR L 22 10.24 -53.85 15.55
CA TYR L 22 11.56 -54.48 15.46
C TYR L 22 12.39 -54.22 16.72
N LYS L 23 12.90 -55.31 17.29
CA LYS L 23 13.84 -55.24 18.45
C LYS L 23 15.15 -55.98 18.08
N THR L 24 16.26 -55.40 18.49
CA THR L 24 17.57 -55.96 18.13
C THR L 24 17.84 -57.29 18.83
N ASN L 25 18.68 -58.09 18.18
CA ASN L 25 19.19 -59.36 18.75
C ASN L 25 20.46 -59.17 19.58
N VAL L 26 20.98 -57.94 19.62
CA VAL L 26 22.29 -57.65 20.24
C VAL L 26 22.12 -56.90 21.59
N CYS L 27 22.90 -57.33 22.58
CA CYS L 27 23.05 -56.56 23.83
C CYS L 27 24.53 -56.40 24.15
N PHE L 28 24.82 -55.41 24.97
CA PHE L 28 26.21 -55.02 25.28
C PHE L 28 26.50 -55.02 26.78
N THR L 29 27.70 -55.44 27.10
CA THR L 29 28.19 -55.43 28.46
C THR L 29 29.72 -55.44 28.44
N ASP L 30 30.31 -55.74 29.60
CA ASP L 30 31.78 -55.74 29.74
C ASP L 30 32.22 -56.93 30.58
N VAL L 31 33.52 -57.20 30.57
CA VAL L 31 34.07 -58.41 31.20
C VAL L 31 33.69 -58.54 32.70
N ALA L 32 33.87 -57.47 33.45
CA ALA L 32 33.63 -57.52 34.93
C ALA L 32 32.13 -57.76 35.20
N ALA L 33 31.29 -57.04 34.48
CA ALA L 33 29.82 -57.18 34.64
C ALA L 33 29.35 -58.58 34.24
N TYR L 34 30.04 -59.15 33.25
CA TYR L 34 29.75 -60.52 32.75
C TYR L 34 30.18 -61.60 33.77
N GLU L 35 31.39 -61.43 34.28
CA GLU L 35 31.92 -62.31 35.39
C GLU L 35 30.94 -62.29 36.56
N SER L 36 30.48 -61.11 36.90
CA SER L 36 29.56 -60.88 38.04
C SER L 36 28.15 -61.45 37.84
N ASN L 37 27.59 -61.24 36.66
CA ASN L 37 26.21 -61.73 36.35
C ASN L 37 26.12 -63.20 35.94
N GLN L 38 27.15 -63.71 35.29
CA GLN L 38 27.14 -65.12 34.73
C GLN L 38 28.09 -66.11 35.42
N LYS L 39 28.97 -65.58 36.25
CA LYS L 39 29.80 -66.40 37.18
C LYS L 39 30.66 -67.44 36.47
N GLY L 40 31.14 -67.08 35.29
CA GLY L 40 31.97 -67.99 34.45
C GLY L 40 31.22 -69.07 33.66
N VAL L 41 29.89 -68.95 33.62
CA VAL L 41 29.04 -69.86 32.83
C VAL L 41 28.74 -69.17 31.47
N LEU L 42 29.20 -69.80 30.39
CA LEU L 42 28.97 -69.29 29.03
C LEU L 42 27.48 -69.36 28.72
N SER L 43 27.04 -68.45 27.89
CA SER L 43 25.63 -68.38 27.48
C SER L 43 25.19 -69.60 26.63
N SER L 44 26.13 -70.19 25.91
CA SER L 44 25.84 -71.30 24.99
C SER L 44 27.11 -72.08 24.65
N GLY L 45 26.95 -73.04 23.72
CA GLY L 45 28.07 -73.87 23.22
C GLY L 45 28.99 -73.24 22.20
N LEU L 46 28.80 -71.95 21.97
CA LEU L 46 29.70 -71.18 21.09
C LEU L 46 30.12 -69.86 21.73
N ALA L 47 31.42 -69.59 21.65
CA ALA L 47 31.98 -68.30 22.08
C ALA L 47 32.93 -67.77 21.03
N VAL L 48 32.94 -66.45 20.91
CA VAL L 48 33.77 -65.79 19.90
C VAL L 48 34.73 -64.82 20.55
N LEU L 49 35.96 -64.88 20.07
CA LEU L 49 36.99 -63.97 20.56
C LEU L 49 37.63 -63.22 19.39
N VAL L 50 37.47 -61.90 19.38
CA VAL L 50 37.98 -61.04 18.27
C VAL L 50 38.85 -59.88 18.70
N GLY L 51 40.02 -59.80 18.11
CA GLY L 51 40.93 -58.70 18.39
C GLY L 51 42.13 -58.72 17.48
N THR L 52 43.00 -57.72 17.66
CA THR L 52 44.26 -57.64 16.90
C THR L 52 45.24 -58.67 17.39
N HIS L 53 46.27 -58.89 16.59
CA HIS L 53 47.42 -59.77 16.94
C HIS L 53 47.96 -59.45 18.34
N LYS L 54 48.18 -58.17 18.58
CA LYS L 54 48.67 -57.69 19.87
C LYS L 54 47.64 -57.86 20.98
N GLN L 55 46.40 -57.45 20.72
CA GLN L 55 45.33 -57.55 21.75
C GLN L 55 45.10 -58.99 22.22
N LEU L 56 45.18 -59.92 21.27
CA LEU L 56 44.96 -61.38 21.54
C LEU L 56 46.05 -61.97 22.47
N ARG L 57 47.18 -61.31 22.54
CA ARG L 57 48.35 -61.74 23.37
C ARG L 57 48.49 -60.94 24.67
N ASP L 58 47.53 -60.08 24.92
CA ASP L 58 47.45 -59.35 26.21
C ASP L 58 47.23 -60.39 27.33
N PRO L 59 47.92 -60.24 28.46
CA PRO L 59 47.72 -61.18 29.58
C PRO L 59 46.27 -61.27 30.08
N ALA L 60 45.54 -60.17 29.97
CA ALA L 60 44.11 -60.12 30.40
C ALA L 60 43.23 -61.14 29.67
N VAL L 61 43.65 -61.51 28.47
CA VAL L 61 42.96 -62.55 27.66
C VAL L 61 42.93 -63.91 28.40
N GLN L 62 44.01 -64.20 29.11
CA GLN L 62 44.11 -65.45 29.90
C GLN L 62 43.11 -65.56 31.07
N ARG L 63 42.59 -64.44 31.52
CA ARG L 63 41.58 -64.39 32.60
C ARG L 63 40.14 -64.60 32.05
N LEU L 64 40.00 -64.70 30.73
CA LEU L 64 38.67 -64.97 30.13
C LEU L 64 38.25 -66.43 30.45
N PRO L 65 36.95 -66.63 30.80
CA PRO L 65 36.43 -67.89 31.32
C PRO L 65 36.58 -69.11 30.43
N PHE L 66 36.74 -68.90 29.13
CA PHE L 66 36.91 -70.02 28.16
C PHE L 66 38.38 -70.31 27.81
N TYR L 67 39.28 -69.51 28.35
CA TYR L 67 40.70 -69.62 27.93
C TYR L 67 41.29 -70.93 28.42
N ASN L 68 42.05 -71.54 27.55
CA ASN L 68 42.86 -72.74 27.89
C ASN L 68 43.96 -72.95 26.83
N PRO L 69 44.79 -73.98 26.96
CA PRO L 69 45.92 -74.12 26.01
C PRO L 69 45.52 -74.27 24.54
N ALA L 70 44.33 -74.81 24.31
CA ALA L 70 43.82 -75.00 22.91
C ALA L 70 43.47 -73.63 22.27
N VAL L 71 42.85 -72.78 23.07
CA VAL L 71 42.54 -71.40 22.69
C VAL L 71 43.83 -70.63 22.43
N ALA L 72 44.81 -70.87 23.26
CA ALA L 72 46.16 -70.25 23.07
C ALA L 72 46.76 -70.65 21.71
N GLU L 73 46.59 -71.94 21.39
CA GLU L 73 47.07 -72.49 20.11
C GLU L 73 46.27 -71.90 18.92
N ALA L 74 44.98 -71.72 19.14
CA ALA L 74 44.11 -71.04 18.13
C ALA L 74 44.63 -69.62 17.80
N ILE L 75 45.01 -68.90 18.85
CA ILE L 75 45.61 -67.56 18.70
C ILE L 75 46.90 -67.61 17.88
N GLU L 76 47.68 -68.67 18.05
CA GLU L 76 48.94 -68.84 17.28
C GLU L 76 48.72 -69.21 15.80
N ARG L 77 47.67 -69.98 15.55
CA ARG L 77 47.40 -70.53 14.19
C ARG L 77 46.50 -69.68 13.29
N VAL L 78 45.73 -68.81 13.91
CA VAL L 78 44.76 -67.96 13.18
C VAL L 78 45.52 -67.02 12.23
N LYS L 79 44.97 -66.86 11.04
CA LYS L 79 45.53 -65.93 10.03
C LYS L 79 44.92 -64.55 10.20
N GLU L 80 45.69 -63.53 9.88
CA GLU L 80 45.20 -62.14 9.89
C GLU L 80 44.00 -62.05 8.94
N GLY L 81 42.91 -61.51 9.44
CA GLY L 81 41.64 -61.44 8.68
C GLY L 81 40.84 -62.73 8.64
N GLY L 82 41.34 -63.74 9.31
CA GLY L 82 40.69 -65.07 9.31
C GLY L 82 40.26 -65.52 10.70
N THR L 83 39.63 -66.68 10.72
CA THR L 83 39.16 -67.30 11.98
C THR L 83 39.77 -68.68 12.17
N TYR L 84 39.68 -69.15 13.40
CA TYR L 84 40.22 -70.47 13.80
C TYR L 84 39.48 -70.96 15.04
N GLY L 85 38.90 -72.15 14.90
CA GLY L 85 38.00 -72.71 15.93
C GLY L 85 38.59 -73.91 16.67
N VAL L 86 38.34 -73.95 17.97
CA VAL L 86 38.76 -75.08 18.84
C VAL L 86 37.65 -75.50 19.81
N LEU L 87 37.61 -76.80 20.10
CA LEU L 87 36.69 -77.34 21.12
C LEU L 87 37.34 -77.30 22.50
N VAL L 88 36.56 -76.86 23.47
CA VAL L 88 36.96 -76.89 24.88
C VAL L 88 36.01 -77.83 25.62
N GLU L 89 36.58 -78.91 26.17
CA GLU L 89 35.78 -79.91 26.89
C GLU L 89 35.47 -79.48 28.33
N GLY L 90 34.23 -79.78 28.74
CA GLY L 90 33.78 -79.61 30.15
C GLY L 90 33.79 -78.18 30.65
N LEU L 91 33.42 -77.28 29.76
CA LEU L 91 33.34 -75.86 30.10
C LEU L 91 31.88 -75.56 30.37
N ALA L 92 31.64 -74.99 31.53
CA ALA L 92 30.28 -74.69 31.97
C ALA L 92 29.59 -73.74 30.98
N ASN L 93 28.39 -74.13 30.57
CA ASN L 93 27.55 -73.29 29.69
C ASN L 93 26.06 -73.58 29.85
N ALA L 94 25.26 -72.58 29.58
CA ALA L 94 23.81 -72.62 29.87
C ALA L 94 23.05 -73.55 28.98
N ALA L 95 23.62 -73.90 27.85
CA ALA L 95 22.99 -74.89 26.93
C ALA L 95 23.26 -76.33 27.34
N GLY L 96 24.13 -76.52 28.31
CA GLY L 96 24.54 -77.88 28.76
C GLY L 96 25.25 -78.71 27.70
N SER L 97 25.94 -78.02 26.81
CA SER L 97 26.72 -78.67 25.76
C SER L 97 28.00 -79.25 26.35
N LYS L 98 28.37 -80.43 25.90
CA LYS L 98 29.57 -81.15 26.43
C LYS L 98 30.85 -80.41 26.10
N PHE L 99 30.91 -79.99 24.84
CA PHE L 99 32.02 -79.20 24.34
C PHE L 99 31.54 -77.80 24.05
N VAL L 100 32.38 -76.82 24.34
CA VAL L 100 32.16 -75.45 23.88
C VAL L 100 33.10 -75.20 22.70
N ARG L 101 32.55 -74.62 21.64
CA ARG L 101 33.37 -74.22 20.49
C ARG L 101 33.79 -72.77 20.71
N VAL L 102 35.09 -72.54 20.64
CA VAL L 102 35.64 -71.19 20.75
C VAL L 102 36.27 -70.81 19.42
N VAL L 103 35.75 -69.74 18.82
CA VAL L 103 36.26 -69.25 17.54
C VAL L 103 37.00 -67.94 17.72
N VAL L 104 38.27 -67.98 17.37
CA VAL L 104 39.15 -66.83 17.47
C VAL L 104 39.24 -66.14 16.12
N GLY L 105 39.20 -64.82 16.14
CA GLY L 105 39.32 -64.00 14.90
C GLY L 105 40.30 -62.87 15.04
N GLU L 106 41.24 -62.78 14.10
CA GLU L 106 42.30 -61.75 14.13
C GLU L 106 41.96 -60.57 13.20
N VAL L 107 41.91 -59.40 13.82
CA VAL L 107 41.66 -58.11 13.17
C VAL L 107 43.00 -57.46 12.78
N PRO L 108 43.15 -56.97 11.53
CA PRO L 108 44.37 -56.26 11.18
C PRO L 108 44.51 -54.93 11.91
N THR L 109 45.75 -54.47 12.04
CA THR L 109 46.00 -53.11 12.59
C THR L 109 46.17 -52.10 11.44
N LYS L 110 46.57 -52.60 10.26
CA LYS L 110 46.73 -51.74 9.04
C LYS L 110 45.43 -50.97 8.82
N ALA L 111 45.55 -49.66 8.72
CA ALA L 111 44.41 -48.78 8.48
C ALA L 111 44.91 -47.47 7.92
N SER L 112 44.44 -47.11 6.72
CA SER L 112 44.88 -45.89 6.02
C SER L 112 44.22 -44.70 6.69
N ARG L 113 44.72 -43.52 6.39
CA ARG L 113 44.16 -42.25 6.96
C ARG L 113 42.68 -41.98 6.61
N ASN L 114 42.15 -42.71 5.64
CA ASN L 114 40.73 -42.58 5.24
C ASN L 114 39.84 -43.67 5.77
N ASN L 115 40.39 -44.45 6.70
CA ASN L 115 39.68 -45.59 7.27
C ASN L 115 39.50 -45.44 8.79
N CYS L 116 38.62 -46.27 9.32
CA CYS L 116 38.44 -46.41 10.77
C CYS L 116 39.58 -47.29 11.30
N PRO L 117 40.44 -46.75 12.20
CA PRO L 117 41.56 -47.50 12.80
C PRO L 117 41.21 -48.86 13.42
N ALA L 118 40.00 -48.96 13.94
CA ALA L 118 39.53 -50.21 14.57
C ALA L 118 39.07 -51.30 13.58
N ARG L 119 39.03 -50.95 12.30
CA ARG L 119 38.72 -51.89 11.18
C ARG L 119 37.48 -52.72 11.46
N PRO L 120 36.36 -52.05 11.79
CA PRO L 120 35.10 -52.75 12.03
C PRO L 120 34.60 -53.56 10.83
N ASP L 121 35.03 -53.20 9.64
CA ASP L 121 34.76 -54.02 8.41
C ASP L 121 35.21 -55.48 8.61
N VAL L 122 36.37 -55.68 9.20
CA VAL L 122 36.87 -57.05 9.42
C VAL L 122 36.19 -57.70 10.62
N VAL L 123 35.92 -56.90 11.64
CA VAL L 123 35.15 -57.37 12.82
C VAL L 123 33.83 -58.02 12.35
N THR L 124 33.10 -57.30 11.53
CA THR L 124 31.85 -57.82 10.94
C THR L 124 32.06 -59.19 10.26
N ALA L 125 33.06 -59.26 9.39
CA ALA L 125 33.30 -60.51 8.60
C ALA L 125 33.73 -61.69 9.49
N LEU L 126 34.52 -61.38 10.52
CA LEU L 126 34.97 -62.41 11.49
C LEU L 126 33.81 -63.00 12.27
N VAL L 127 32.96 -62.14 12.79
CA VAL L 127 31.83 -62.61 13.62
C VAL L 127 30.82 -63.36 12.73
N THR L 128 30.61 -62.84 11.52
CA THR L 128 29.76 -63.53 10.53
C THR L 128 30.23 -64.97 10.27
N ALA L 129 31.50 -65.12 9.99
CA ALA L 129 32.12 -66.44 9.79
C ALA L 129 31.99 -67.37 11.02
N ALA L 130 32.24 -66.81 12.19
CA ALA L 130 32.13 -67.56 13.45
C ALA L 130 30.70 -68.03 13.71
N LEU L 131 29.73 -67.15 13.44
CA LEU L 131 28.30 -67.50 13.66
C LEU L 131 27.75 -68.54 12.68
N ASP L 132 28.50 -68.81 11.63
CA ASP L 132 28.18 -69.89 10.69
C ASP L 132 28.41 -71.28 11.32
N GLU L 133 29.15 -71.31 12.42
CA GLU L 133 29.37 -72.55 13.21
C GLU L 133 28.35 -72.77 14.36
N VAL L 134 27.22 -72.08 14.29
CA VAL L 134 26.16 -72.21 15.29
C VAL L 134 25.40 -73.53 15.08
N LYS L 135 25.28 -74.30 16.15
CA LYS L 135 24.60 -75.63 16.13
C LYS L 135 23.07 -75.48 16.14
N GLU L 136 22.57 -74.97 17.26
CA GLU L 136 21.12 -74.85 17.51
C GLU L 136 20.54 -73.46 17.16
N PRO L 137 19.20 -73.32 17.11
CA PRO L 137 18.52 -72.04 16.92
C PRO L 137 18.33 -71.38 18.30
N ASN L 138 17.83 -70.16 18.35
CA ASN L 138 17.59 -69.41 19.62
C ASN L 138 18.60 -69.50 20.79
N THR L 139 19.87 -69.65 20.46
CA THR L 139 20.94 -69.56 21.46
C THR L 139 21.43 -68.12 21.59
N THR L 140 22.10 -67.86 22.69
CA THR L 140 22.80 -66.62 22.93
C THR L 140 24.30 -66.90 22.75
N VAL L 141 24.96 -66.12 21.91
CA VAL L 141 26.40 -66.29 21.64
C VAL L 141 27.18 -65.14 22.28
N ASP L 142 28.14 -65.51 23.11
CA ASP L 142 29.00 -64.53 23.76
C ASP L 142 30.09 -64.14 22.79
N VAL L 143 30.15 -62.84 22.51
CA VAL L 143 31.17 -62.30 21.60
C VAL L 143 32.08 -61.36 22.38
N PHE L 144 33.28 -61.85 22.63
CA PHE L 144 34.26 -61.10 23.41
C PHE L 144 35.10 -60.32 22.44
N VAL L 145 35.06 -59.01 22.59
CA VAL L 145 35.83 -58.12 21.71
C VAL L 145 36.90 -57.44 22.54
N LEU L 146 38.12 -57.43 22.02
CA LEU L 146 39.27 -56.83 22.72
C LEU L 146 39.48 -55.33 22.47
N SER L 147 38.76 -54.80 21.49
CA SER L 147 38.76 -53.34 21.21
C SER L 147 37.76 -52.60 22.11
N ASN L 148 38.10 -51.36 22.46
CA ASN L 148 37.17 -50.46 23.20
C ASN L 148 36.52 -49.37 22.34
N ALA L 149 36.62 -49.53 21.03
CA ALA L 149 36.02 -48.57 20.09
C ALA L 149 34.54 -48.88 19.94
N VAL L 150 33.77 -48.49 20.93
CA VAL L 150 32.43 -49.10 21.18
C VAL L 150 31.39 -48.84 20.10
N LEU L 151 31.38 -47.62 19.57
CA LEU L 151 30.40 -47.25 18.54
C LEU L 151 30.62 -48.02 17.22
N PRO L 152 31.83 -47.95 16.63
CA PRO L 152 32.05 -48.75 15.44
C PRO L 152 31.84 -50.28 15.61
N ILE L 153 32.25 -50.82 16.74
CA ILE L 153 32.03 -52.26 17.01
C ILE L 153 30.55 -52.58 17.18
N ALA L 154 29.81 -51.70 17.83
CA ALA L 154 28.35 -51.93 18.01
C ALA L 154 27.63 -52.09 16.67
N ALA L 155 27.91 -51.16 15.78
CA ALA L 155 27.33 -51.16 14.43
C ALA L 155 27.84 -52.35 13.60
N ALA L 156 29.13 -52.66 13.76
CA ALA L 156 29.79 -53.78 13.03
C ALA L 156 29.15 -55.13 13.35
N VAL L 157 28.88 -55.34 14.62
CA VAL L 157 28.21 -56.57 15.10
C VAL L 157 26.72 -56.60 14.76
N ALA L 158 26.07 -55.46 14.86
CA ALA L 158 24.65 -55.35 14.43
C ALA L 158 24.46 -55.79 12.95
N ARG L 159 25.46 -55.47 12.14
CA ARG L 159 25.54 -55.76 10.67
C ARG L 159 25.80 -57.19 10.33
N CYS L 160 26.39 -57.91 11.26
CA CYS L 160 27.05 -59.16 10.93
C CYS L 160 26.05 -60.30 10.96
N GLY L 161 26.48 -61.44 10.47
CA GLY L 161 25.73 -62.70 10.56
C GLY L 161 24.52 -62.75 9.65
N LYS L 162 23.61 -63.67 9.95
CA LYS L 162 22.34 -63.77 9.25
C LYS L 162 21.44 -62.58 9.51
N HIS L 163 20.69 -62.22 8.48
CA HIS L 163 19.92 -60.99 8.48
C HIS L 163 18.55 -61.25 9.11
N ASN L 164 18.05 -60.25 9.81
CA ASN L 164 16.73 -60.35 10.46
C ASN L 164 15.60 -60.52 9.44
N PHE L 165 15.78 -59.93 8.27
CA PHE L 165 14.85 -60.19 7.16
C PHE L 165 15.13 -61.56 6.53
N SER L 166 14.11 -62.39 6.49
CA SER L 166 14.19 -63.72 5.81
C SER L 166 12.84 -64.24 5.30
N ALA L 167 12.90 -64.87 4.14
CA ALA L 167 11.73 -65.57 3.55
C ALA L 167 11.98 -67.09 3.44
N LYS L 168 13.08 -67.53 4.02
CA LYS L 168 13.42 -68.96 3.98
C LYS L 168 12.56 -69.76 4.95
N ASP L 169 12.29 -71.00 4.56
CA ASP L 169 11.77 -72.06 5.47
C ASP L 169 10.53 -71.64 6.28
N GLY L 170 9.53 -71.11 5.58
CA GLY L 170 8.26 -70.72 6.18
C GLY L 170 8.24 -69.38 6.91
N ALA L 171 9.36 -68.69 6.96
CA ALA L 171 9.45 -67.34 7.59
C ALA L 171 8.44 -66.29 7.07
N ALA L 172 7.99 -66.45 5.84
CA ALA L 172 6.91 -65.61 5.27
C ALA L 172 5.61 -65.62 6.11
N ALA L 173 5.35 -66.75 6.75
CA ALA L 173 4.19 -66.89 7.68
C ALA L 173 4.43 -66.24 9.05
N ALA L 174 5.68 -65.93 9.34
CA ALA L 174 6.07 -65.19 10.57
C ALA L 174 6.49 -63.74 10.28
N ALA L 175 5.83 -63.13 9.31
CA ALA L 175 6.07 -61.72 8.91
C ALA L 175 7.52 -61.45 8.48
N TYR L 176 8.15 -62.46 7.93
CA TYR L 176 9.53 -62.38 7.38
C TYR L 176 10.56 -62.04 8.43
N ASN L 177 10.27 -62.45 9.67
CA ASN L 177 11.25 -62.40 10.77
C ASN L 177 12.05 -63.70 10.73
N SER L 178 13.36 -63.58 10.61
CA SER L 178 14.20 -64.76 10.51
C SER L 178 14.17 -65.55 11.82
N GLY L 179 14.11 -66.87 11.68
CA GLY L 179 14.25 -67.79 12.84
C GLY L 179 15.68 -68.30 13.02
N LYS L 180 16.56 -67.83 12.17
CA LYS L 180 17.98 -68.25 12.11
C LYS L 180 18.99 -67.33 12.80
N VAL L 181 18.49 -66.27 13.38
CA VAL L 181 19.34 -65.25 13.98
C VAL L 181 19.65 -65.66 15.41
N SER L 182 20.91 -65.57 15.77
CA SER L 182 21.34 -65.82 17.14
C SER L 182 21.28 -64.50 17.97
N ARG L 183 20.83 -64.59 19.22
CA ARG L 183 21.01 -63.49 20.20
C ARG L 183 22.54 -63.37 20.42
N LEU L 184 23.05 -62.13 20.40
CA LEU L 184 24.49 -61.88 20.54
C LEU L 184 24.77 -61.00 21.75
N GLN L 185 25.58 -61.50 22.66
CA GLN L 185 26.05 -60.70 23.79
C GLN L 185 27.46 -60.25 23.56
N VAL L 186 27.59 -58.97 23.29
CA VAL L 186 28.90 -58.35 23.05
C VAL L 186 29.51 -57.95 24.40
N VAL L 187 30.72 -58.46 24.63
CA VAL L 187 31.44 -58.25 25.86
C VAL L 187 32.70 -57.44 25.62
N PHE L 188 32.63 -56.16 25.98
CA PHE L 188 33.83 -55.25 25.89
C PHE L 188 34.80 -55.49 27.04
N PRO L 189 36.09 -55.11 26.85
CA PRO L 189 37.05 -55.22 27.97
C PRO L 189 36.69 -54.34 29.18
N GLU L 190 36.27 -53.12 28.89
CA GLU L 190 35.92 -52.13 29.94
C GLU L 190 34.47 -51.69 29.79
N PRO L 191 33.89 -51.12 30.85
CA PRO L 191 32.54 -50.59 30.72
C PRO L 191 32.52 -49.59 29.58
N PRO L 192 31.54 -49.72 28.65
CA PRO L 192 31.61 -48.90 27.45
C PRO L 192 31.43 -47.39 27.74
N ALA L 193 32.22 -46.58 27.06
CA ALA L 193 32.14 -45.10 27.19
C ALA L 193 30.74 -44.57 26.82
N ILE L 194 30.05 -45.33 25.98
CA ILE L 194 28.65 -45.04 25.62
C ILE L 194 27.82 -46.10 26.35
N PRO L 195 26.74 -45.69 27.02
CA PRO L 195 25.96 -46.68 27.78
C PRO L 195 25.38 -47.81 26.92
N PRO L 196 25.30 -49.04 27.46
CA PRO L 196 24.78 -50.18 26.73
C PRO L 196 23.42 -49.96 26.08
N LYS L 197 22.52 -49.27 26.77
CA LYS L 197 21.15 -49.02 26.26
C LYS L 197 21.17 -48.12 24.99
N ASP L 198 22.12 -47.19 24.99
CA ASP L 198 22.38 -46.32 23.82
C ASP L 198 22.99 -47.09 22.63
N LEU L 199 23.96 -47.95 22.95
CA LEU L 199 24.55 -48.83 21.92
C LEU L 199 23.46 -49.74 21.31
N GLU L 200 22.55 -50.19 22.14
CA GLU L 200 21.40 -51.02 21.67
C GLU L 200 20.54 -50.29 20.67
N ALA L 201 20.26 -49.03 20.97
CA ALA L 201 19.43 -48.20 20.07
C ALA L 201 20.10 -48.04 18.69
N VAL L 202 21.41 -47.86 18.72
CA VAL L 202 22.25 -47.74 17.51
C VAL L 202 22.21 -49.04 16.68
N ALA L 203 22.44 -50.13 17.36
CA ALA L 203 22.38 -51.46 16.72
C ALA L 203 21.01 -51.72 16.11
N THR L 204 19.98 -51.31 16.83
CA THR L 204 18.57 -51.48 16.42
C THR L 204 18.31 -50.74 15.15
N SER L 205 18.81 -49.53 15.11
CA SER L 205 18.67 -48.68 13.90
C SER L 205 19.44 -49.25 12.70
N THR L 206 20.65 -49.76 12.93
CA THR L 206 21.42 -50.37 11.89
C THR L 206 20.64 -51.53 11.30
N GLN L 207 20.05 -52.31 12.15
CA GLN L 207 19.36 -53.55 11.72
C GLN L 207 18.01 -53.31 11.11
N LEU L 208 17.31 -52.32 11.62
CA LEU L 208 16.04 -51.89 11.01
C LEU L 208 16.29 -51.37 9.57
N CYS L 209 17.31 -50.53 9.46
CA CYS L 209 17.75 -49.99 8.18
C CYS L 209 18.02 -51.15 7.20
N GLN L 210 18.78 -52.11 7.70
CA GLN L 210 19.09 -53.31 6.95
C GLN L 210 17.83 -54.07 6.51
N ARG L 211 16.87 -54.15 7.42
CA ARG L 211 15.58 -54.83 7.15
C ARG L 211 14.81 -54.16 6.02
N LEU L 212 14.73 -52.86 6.10
CA LEU L 212 14.01 -52.04 5.10
C LEU L 212 14.66 -52.15 3.70
N VAL L 213 15.97 -52.19 3.68
CA VAL L 213 16.73 -52.28 2.44
C VAL L 213 16.68 -53.69 1.82
N ASP L 214 16.82 -54.70 2.67
CA ASP L 214 16.76 -56.11 2.24
C ASP L 214 15.40 -56.46 1.69
N ALA L 215 14.38 -55.83 2.21
CA ALA L 215 13.00 -56.24 1.89
C ALA L 215 12.69 -56.05 0.41
N PRO L 216 12.02 -57.04 -0.21
CA PRO L 216 11.71 -56.91 -1.60
C PRO L 216 10.62 -55.86 -1.78
N PRO L 217 10.50 -55.32 -2.98
CA PRO L 217 9.55 -54.24 -3.19
C PRO L 217 8.10 -54.64 -3.15
N ASN L 218 7.82 -55.94 -3.25
CA ASN L 218 6.43 -56.40 -3.05
C ASN L 218 6.00 -56.25 -1.57
N LEU L 219 6.97 -56.12 -0.67
CA LEU L 219 6.71 -55.86 0.77
C LEU L 219 6.94 -54.41 1.22
N LEU L 220 8.10 -53.89 0.87
CA LEU L 220 8.40 -52.49 1.13
C LEU L 220 8.02 -51.60 -0.09
N THR L 221 6.82 -51.05 -0.01
CA THR L 221 6.28 -50.15 -0.99
C THR L 221 6.28 -48.70 -0.48
N THR L 222 5.84 -47.78 -1.33
CA THR L 222 5.71 -46.37 -0.88
C THR L 222 4.70 -46.28 0.27
N ALA L 223 3.67 -47.09 0.18
CA ALA L 223 2.59 -47.16 1.20
C ALA L 223 3.05 -47.77 2.53
N THR L 224 3.70 -48.92 2.47
CA THR L 224 4.16 -49.60 3.70
C THR L 224 5.28 -48.84 4.39
N PHE L 225 6.17 -48.24 3.61
CA PHE L 225 7.25 -47.41 4.17
C PHE L 225 6.62 -46.22 4.96
N THR L 226 5.63 -45.62 4.34
CA THR L 226 4.86 -44.54 4.99
C THR L 226 4.19 -45.02 6.31
N GLU L 227 3.50 -46.15 6.24
CA GLU L 227 2.82 -46.72 7.44
C GLU L 227 3.80 -47.03 8.57
N ILE L 228 4.97 -47.50 8.20
CA ILE L 228 6.04 -47.77 9.16
C ILE L 228 6.47 -46.49 9.86
N ALA L 229 6.67 -45.44 9.08
CA ALA L 229 7.03 -44.12 9.64
C ALA L 229 5.93 -43.61 10.60
N GLN L 230 4.68 -43.77 10.17
CA GLN L 230 3.51 -43.37 10.98
C GLN L 230 3.42 -44.15 12.29
N GLY L 231 3.68 -45.44 12.20
CA GLY L 231 3.71 -46.31 13.40
C GLY L 231 4.73 -45.83 14.44
N TYR L 232 5.93 -45.52 13.96
CA TYR L 232 7.02 -45.03 14.84
C TYR L 232 6.69 -43.64 15.43
N ALA L 233 6.00 -42.85 14.64
CA ALA L 233 5.51 -41.52 15.09
C ALA L 233 4.52 -41.63 16.25
N LYS L 234 3.55 -42.51 16.12
CA LYS L 234 2.59 -42.81 17.21
C LYS L 234 3.36 -43.26 18.46
N ALA L 235 4.23 -44.25 18.29
CA ALA L 235 4.92 -44.89 19.43
C ALA L 235 5.92 -43.97 20.16
N LEU L 236 6.66 -43.18 19.41
CA LEU L 236 7.69 -42.29 19.98
C LEU L 236 7.27 -40.84 20.16
N GLY L 237 6.14 -40.49 19.59
CA GLY L 237 5.55 -39.14 19.77
C GLY L 237 6.27 -38.02 19.03
N PHE L 238 6.57 -38.27 17.77
CA PHE L 238 7.07 -37.19 16.86
C PHE L 238 6.02 -36.92 15.80
N ASP L 239 6.12 -35.75 15.20
CA ASP L 239 5.15 -35.32 14.17
CA ASP L 239 5.14 -35.31 14.16
C ASP L 239 5.45 -35.94 12.79
N VAL L 240 4.39 -36.20 12.06
CA VAL L 240 4.50 -36.76 10.71
C VAL L 240 3.54 -36.01 9.79
N ASP L 241 4.09 -35.59 8.67
CA ASP L 241 3.35 -34.92 7.59
C ASP L 241 3.51 -35.76 6.32
N VAL L 242 2.41 -36.03 5.66
CA VAL L 242 2.40 -36.83 4.45
C VAL L 242 1.68 -36.07 3.32
N ILE L 243 2.39 -35.86 2.23
CA ILE L 243 1.79 -35.36 0.99
C ILE L 243 1.76 -36.51 -0.01
N CYS L 244 0.56 -36.92 -0.38
CA CYS L 244 0.30 -38.21 -1.09
C CYS L 244 -0.23 -37.99 -2.52
N GLY L 245 0.35 -38.73 -3.46
CA GLY L 245 -0.21 -38.90 -4.83
C GLY L 245 -0.52 -37.62 -5.61
N ASP L 246 -1.76 -37.48 -6.04
CA ASP L 246 -2.20 -36.32 -6.84
C ASP L 246 -2.07 -34.97 -6.11
N ASP L 247 -2.13 -34.99 -4.79
CA ASP L 247 -1.87 -33.76 -3.98
C ASP L 247 -0.46 -33.19 -4.22
N LEU L 248 0.49 -34.06 -4.52
CA LEU L 248 1.85 -33.62 -4.87
C LEU L 248 1.81 -32.73 -6.12
N CYS L 249 1.04 -33.16 -7.11
CA CYS L 249 0.85 -32.38 -8.36
C CYS L 249 0.13 -31.04 -8.08
N GLU L 250 -0.97 -31.11 -7.34
CA GLU L 250 -1.77 -29.88 -6.99
C GLU L 250 -0.94 -28.84 -6.22
N ARG L 251 -0.04 -29.32 -5.39
CA ARG L 251 0.82 -28.45 -4.53
C ARG L 251 2.19 -28.09 -5.14
N GLY L 252 2.39 -28.45 -6.41
CA GLY L 252 3.58 -28.01 -7.20
C GLY L 252 4.81 -28.88 -7.10
N TYR L 253 4.68 -30.04 -6.48
CA TYR L 253 5.80 -30.98 -6.34
C TYR L 253 5.89 -31.86 -7.60
N GLY L 254 6.20 -31.21 -8.71
CA GLY L 254 6.23 -31.85 -10.04
C GLY L 254 7.31 -32.93 -10.26
N GLY L 255 8.40 -32.77 -9.52
CA GLY L 255 9.52 -33.71 -9.62
C GLY L 255 9.19 -35.10 -9.06
N ILE L 256 8.93 -35.15 -7.77
CA ILE L 256 8.53 -36.41 -7.15
C ILE L 256 7.20 -36.98 -7.72
N TYR L 257 6.25 -36.10 -8.01
CA TYR L 257 4.99 -36.55 -8.63
C TYR L 257 5.26 -37.27 -10.00
N SER L 258 6.04 -36.62 -10.86
CA SER L 258 6.28 -37.14 -12.23
C SER L 258 7.04 -38.47 -12.21
N VAL L 259 8.02 -38.57 -11.34
CA VAL L 259 8.80 -39.79 -11.19
C VAL L 259 7.90 -40.97 -10.78
N GLY L 260 7.05 -40.72 -9.79
CA GLY L 260 6.25 -41.78 -9.12
C GLY L 260 4.90 -42.13 -9.68
N LYS L 261 4.38 -41.30 -10.57
CA LYS L 261 2.97 -41.40 -10.99
C LYS L 261 2.57 -42.62 -11.81
N ALA L 262 3.55 -43.26 -12.42
CA ALA L 262 3.27 -44.46 -13.25
C ALA L 262 3.00 -45.70 -12.40
N ALA L 263 3.46 -45.66 -11.16
CA ALA L 263 3.44 -46.83 -10.28
C ALA L 263 2.04 -47.17 -9.78
N PHE L 264 1.93 -48.41 -9.38
CA PHE L 264 0.71 -48.92 -8.74
C PHE L 264 0.41 -48.20 -7.42
N GLU L 265 1.44 -48.04 -6.61
CA GLU L 265 1.35 -47.30 -5.34
C GLU L 265 1.85 -45.88 -5.55
N ALA L 266 1.06 -44.91 -5.11
CA ALA L 266 1.33 -43.47 -5.32
C ALA L 266 2.59 -43.00 -4.58
N PRO L 267 3.25 -41.98 -5.11
CA PRO L 267 4.39 -41.40 -4.43
C PRO L 267 3.97 -40.57 -3.24
N ARG L 268 4.89 -40.38 -2.34
CA ARG L 268 4.63 -39.65 -1.10
C ARG L 268 5.86 -38.89 -0.68
N LEU L 269 5.61 -37.69 -0.26
CA LEU L 269 6.64 -36.87 0.45
C LEU L 269 6.28 -36.90 1.94
N VAL L 270 7.11 -37.56 2.70
CA VAL L 270 6.84 -37.82 4.13
C VAL L 270 7.85 -37.06 4.94
N THR L 271 7.36 -36.11 5.73
CA THR L 271 8.24 -35.31 6.60
C THR L 271 7.99 -35.59 8.08
N LEU L 272 9.06 -35.90 8.77
CA LEU L 272 9.04 -36.19 10.21
C LEU L 272 9.76 -35.06 10.96
N LEU L 273 9.21 -34.67 12.10
CA LEU L 273 9.76 -33.55 12.92
C LEU L 273 10.05 -33.99 14.34
N TYR L 274 11.23 -33.67 14.79
CA TYR L 274 11.63 -33.86 16.17
C TYR L 274 12.29 -32.59 16.70
N THR L 275 11.77 -32.11 17.81
CA THR L 275 12.33 -30.93 18.53
C THR L 275 12.69 -31.36 19.94
N PRO L 276 13.97 -31.26 20.33
CA PRO L 276 14.37 -31.71 21.66
C PRO L 276 13.85 -30.80 22.76
N LYS L 277 13.82 -31.35 23.96
CA LYS L 277 13.50 -30.61 25.20
C LYS L 277 14.67 -29.66 25.36
N GLY L 278 14.38 -28.41 25.63
CA GLY L 278 15.48 -27.43 25.82
C GLY L 278 16.08 -26.98 24.48
N THR L 279 17.16 -26.21 24.55
CA THR L 279 17.69 -25.44 23.40
C THR L 279 18.60 -26.34 22.49
N PRO L 280 18.30 -26.40 21.18
CA PRO L 280 19.06 -27.29 20.30
C PRO L 280 20.42 -26.73 19.87
N VAL L 281 21.40 -27.62 19.73
CA VAL L 281 22.76 -27.23 19.29
C VAL L 281 22.82 -26.81 17.80
N LYS L 282 21.93 -27.41 17.00
CA LYS L 282 21.78 -27.11 15.56
C LYS L 282 20.40 -27.52 15.05
N LYS L 283 19.96 -26.85 14.00
CA LYS L 283 18.77 -27.29 13.26
C LYS L 283 19.24 -27.97 11.96
N VAL L 284 18.88 -29.22 11.83
CA VAL L 284 19.35 -30.06 10.70
C VAL L 284 18.15 -30.66 9.99
N SER L 285 18.15 -30.52 8.67
CA SER L 285 17.14 -31.14 7.82
C SER L 285 17.76 -32.31 7.07
N LEU L 286 17.21 -33.49 7.27
CA LEU L 286 17.59 -34.69 6.52
C LEU L 286 16.63 -34.94 5.34
N VAL L 287 17.19 -35.34 4.22
CA VAL L 287 16.41 -35.66 3.01
C VAL L 287 16.93 -36.95 2.41
N GLY L 288 16.04 -37.92 2.22
CA GLY L 288 16.45 -39.24 1.72
C GLY L 288 15.74 -39.69 0.43
N LYS L 289 16.54 -40.22 -0.50
CA LYS L 289 16.03 -40.83 -1.75
C LYS L 289 15.37 -42.15 -1.38
N GLY L 290 14.06 -42.17 -1.49
CA GLY L 290 13.27 -43.37 -1.18
C GLY L 290 12.66 -44.01 -2.42
N ILE L 291 13.53 -44.35 -3.36
CA ILE L 291 13.08 -45.05 -4.58
C ILE L 291 13.00 -46.55 -4.25
N VAL L 292 11.81 -46.91 -3.93
CA VAL L 292 11.42 -48.23 -3.45
C VAL L 292 11.74 -49.37 -4.47
N TYR L 293 11.63 -49.01 -5.74
CA TYR L 293 12.23 -49.81 -6.84
C TYR L 293 12.47 -48.89 -8.07
N ASP L 294 13.69 -49.02 -8.62
CA ASP L 294 14.18 -48.24 -9.75
C ASP L 294 14.25 -49.22 -10.93
N CYS L 295 13.16 -49.32 -11.70
CA CYS L 295 13.20 -50.08 -12.98
C CYS L 295 13.85 -49.28 -14.13
N GLY L 296 14.04 -47.98 -13.91
CA GLY L 296 14.57 -47.06 -14.89
C GLY L 296 13.51 -46.18 -15.56
N GLY L 297 12.25 -46.52 -15.36
CA GLY L 297 11.15 -45.92 -16.10
C GLY L 297 11.23 -46.31 -17.58
N LEU L 298 10.78 -45.41 -18.44
CA LEU L 298 10.85 -45.62 -19.89
C LEU L 298 12.30 -45.91 -20.38
N ALA L 299 13.29 -45.34 -19.68
CA ALA L 299 14.72 -45.66 -19.87
C ALA L 299 15.03 -46.93 -19.11
N LEU L 300 14.42 -48.01 -19.57
CA LEU L 300 14.37 -49.30 -18.85
C LEU L 300 15.75 -49.91 -18.68
N LYS L 301 16.06 -50.26 -17.46
CA LYS L 301 17.31 -50.97 -17.17
C LYS L 301 17.29 -52.36 -17.75
N PRO L 302 18.43 -52.82 -18.30
CA PRO L 302 18.54 -54.28 -18.58
C PRO L 302 18.47 -55.08 -17.27
N ALA L 303 18.05 -56.33 -17.37
CA ALA L 303 17.77 -57.18 -16.20
C ALA L 303 18.94 -57.32 -15.20
N ASP L 304 20.15 -57.50 -15.73
CA ASP L 304 21.40 -57.53 -14.92
C ASP L 304 21.53 -56.31 -13.98
N TYR L 305 21.20 -55.14 -14.52
CA TYR L 305 21.29 -53.86 -13.80
C TYR L 305 20.09 -53.57 -12.91
N MET L 306 18.97 -54.21 -13.20
CA MET L 306 17.70 -53.98 -12.47
C MET L 306 17.64 -54.79 -11.18
N LYS L 307 18.37 -55.88 -11.15
CA LYS L 307 18.52 -56.67 -9.94
C LYS L 307 19.11 -55.80 -8.83
N LEU L 308 18.62 -56.00 -7.61
CA LEU L 308 19.07 -55.23 -6.40
C LEU L 308 18.67 -53.74 -6.42
N MET L 309 17.76 -53.36 -7.31
CA MET L 309 17.24 -51.99 -7.34
C MET L 309 16.17 -51.74 -6.23
N LYS L 310 15.81 -52.78 -5.51
CA LYS L 310 15.13 -52.66 -4.21
C LYS L 310 15.97 -51.90 -3.13
N HIS L 311 17.28 -51.89 -3.34
CA HIS L 311 18.20 -51.10 -2.49
C HIS L 311 18.19 -49.59 -2.76
N ASP L 312 17.41 -49.16 -3.76
CA ASP L 312 17.40 -47.75 -4.18
C ASP L 312 16.67 -46.82 -3.19
N MET L 313 16.19 -47.40 -2.11
CA MET L 313 15.61 -46.62 -0.99
C MET L 313 16.53 -46.58 0.22
N GLY L 314 17.78 -46.94 0.01
CA GLY L 314 18.78 -47.03 1.10
C GLY L 314 19.07 -45.70 1.80
N GLY L 315 18.96 -44.63 1.06
CA GLY L 315 19.17 -43.27 1.57
C GLY L 315 18.03 -42.85 2.49
N ALA L 316 16.82 -43.19 2.08
CA ALA L 316 15.61 -42.93 2.91
C ALA L 316 15.60 -43.76 4.19
N ALA L 317 16.03 -45.00 4.08
CA ALA L 317 16.17 -45.85 5.24
C ALA L 317 17.19 -45.29 6.24
N ALA L 318 18.33 -44.87 5.70
CA ALA L 318 19.47 -44.38 6.50
C ALA L 318 19.11 -43.12 7.34
N VAL L 319 18.48 -42.22 6.65
CA VAL L 319 18.01 -40.95 7.15
C VAL L 319 16.83 -41.18 8.15
N PHE L 320 15.94 -42.08 7.78
CA PHE L 320 14.82 -42.46 8.69
C PHE L 320 15.30 -43.08 10.02
N CYS L 321 16.24 -44.00 9.93
CA CYS L 321 16.75 -44.69 11.11
C CYS L 321 17.69 -43.81 11.95
N GLY L 322 18.39 -42.89 11.31
CA GLY L 322 19.26 -41.92 12.02
C GLY L 322 18.41 -40.97 12.83
N PHE L 323 17.30 -40.59 12.24
CA PHE L 323 16.22 -39.81 12.92
C PHE L 323 15.64 -40.56 14.12
N LEU L 324 15.29 -41.83 13.93
CA LEU L 324 14.79 -42.68 15.04
C LEU L 324 15.78 -42.73 16.21
N THR L 325 17.05 -42.93 15.89
CA THR L 325 18.09 -43.02 16.92
C THR L 325 18.15 -41.69 17.70
N ALA L 326 18.08 -40.58 16.99
CA ALA L 326 18.13 -39.26 17.63
C ALA L 326 16.96 -39.06 18.61
N VAL L 327 15.79 -39.54 18.21
CA VAL L 327 14.59 -39.45 19.06
C VAL L 327 14.74 -40.36 20.28
N ARG L 328 15.17 -41.59 20.04
CA ARG L 328 15.30 -42.58 21.14
C ARG L 328 16.36 -42.18 22.18
N LEU L 329 17.46 -41.64 21.71
CA LEU L 329 18.54 -41.15 22.57
C LEU L 329 18.38 -39.68 23.03
N GLN L 330 17.31 -39.05 22.58
CA GLN L 330 17.02 -37.63 22.88
C GLN L 330 18.24 -36.75 22.60
N GLN L 331 18.82 -36.94 21.43
CA GLN L 331 19.99 -36.13 21.02
C GLN L 331 19.52 -34.67 20.89
N PRO L 332 20.37 -33.71 21.31
CA PRO L 332 19.93 -32.28 21.36
C PRO L 332 19.98 -31.53 20.03
N VAL L 333 19.48 -32.19 18.99
CA VAL L 333 19.47 -31.61 17.63
C VAL L 333 18.03 -31.52 17.20
N GLN L 334 17.65 -30.36 16.68
CA GLN L 334 16.33 -30.21 16.08
C GLN L 334 16.40 -30.77 14.66
N LEU L 335 15.51 -31.71 14.36
CA LEU L 335 15.54 -32.48 13.08
C LEU L 335 14.26 -32.43 12.31
N SER L 336 14.42 -32.29 11.01
CA SER L 336 13.37 -32.73 10.06
C SER L 336 13.96 -33.90 9.27
N CYS L 337 13.10 -34.79 8.86
CA CYS L 337 13.49 -35.93 8.04
C CYS L 337 12.45 -36.11 6.95
N THR L 338 12.84 -35.78 5.74
CA THR L 338 11.94 -35.84 4.59
C THR L 338 12.28 -37.07 3.72
N LEU L 339 11.32 -37.96 3.61
CA LEU L 339 11.47 -39.19 2.80
C LEU L 339 10.82 -38.99 1.44
N CYS L 340 11.63 -39.12 0.41
CA CYS L 340 11.16 -38.89 -0.99
C CYS L 340 10.81 -40.25 -1.58
N LEU L 341 9.56 -40.64 -1.40
CA LEU L 341 9.10 -42.02 -1.66
C LEU L 341 8.37 -42.15 -2.99
N ALA L 342 8.94 -42.96 -3.86
CA ALA L 342 8.33 -43.25 -5.14
C ALA L 342 8.87 -44.56 -5.70
N GLU L 343 8.08 -45.16 -6.55
CA GLU L 343 8.57 -46.26 -7.40
C GLU L 343 8.73 -45.70 -8.79
N ASN L 344 9.91 -45.91 -9.37
CA ASN L 344 10.18 -45.51 -10.74
C ASN L 344 9.76 -46.64 -11.68
N ALA L 345 8.52 -46.56 -12.11
CA ALA L 345 7.83 -47.66 -12.80
C ALA L 345 7.62 -47.35 -14.27
N ILE L 346 7.27 -48.39 -15.00
CA ILE L 346 7.09 -48.28 -16.45
C ILE L 346 5.65 -48.60 -16.80
N GLY L 347 5.06 -47.73 -17.57
CA GLY L 347 3.67 -47.91 -18.01
C GLY L 347 3.13 -46.75 -18.78
N PRO L 348 1.81 -46.73 -19.01
CA PRO L 348 1.17 -45.63 -19.77
C PRO L 348 1.27 -44.24 -19.16
N LYS L 349 1.40 -44.16 -17.84
CA LYS L 349 1.54 -42.83 -17.15
C LYS L 349 2.97 -42.40 -16.88
N SER L 350 3.91 -43.20 -17.36
CA SER L 350 5.36 -42.94 -17.19
C SER L 350 5.74 -41.55 -17.67
N TYR L 351 6.49 -40.86 -16.85
CA TYR L 351 7.10 -39.61 -17.29
C TYR L 351 8.13 -39.99 -18.38
N ARG L 352 8.31 -39.09 -19.32
CA ARG L 352 9.03 -39.41 -20.52
C ARG L 352 10.35 -38.76 -20.66
N ASN L 353 11.18 -39.39 -21.48
CA ASN L 353 12.42 -38.82 -21.99
C ASN L 353 12.04 -37.75 -23.06
N ASP L 354 11.98 -36.50 -22.61
CA ASP L 354 11.44 -35.29 -23.36
C ASP L 354 10.44 -34.48 -22.57
N ASP L 355 9.80 -35.09 -21.58
CA ASP L 355 8.89 -34.35 -20.70
C ASP L 355 9.65 -33.20 -20.00
N ILE L 356 8.92 -32.13 -19.76
CA ILE L 356 9.42 -31.00 -18.97
C ILE L 356 8.66 -30.90 -17.67
N ILE L 357 9.41 -30.94 -16.60
CA ILE L 357 8.88 -30.92 -15.25
C ILE L 357 8.98 -29.51 -14.64
N VAL L 358 7.91 -29.09 -13.99
CA VAL L 358 7.94 -27.88 -13.13
C VAL L 358 8.18 -28.33 -11.70
N MET L 359 9.39 -28.12 -11.24
CA MET L 359 9.78 -28.53 -9.86
C MET L 359 9.14 -27.62 -8.84
N LYS L 360 9.11 -28.09 -7.62
CA LYS L 360 8.58 -27.27 -6.50
C LYS L 360 9.32 -25.94 -6.38
N SER L 361 10.61 -25.98 -6.64
CA SER L 361 11.47 -24.79 -6.66
C SER L 361 11.07 -23.73 -7.70
N GLY L 362 10.17 -24.08 -8.61
CA GLY L 362 9.79 -23.19 -9.73
C GLY L 362 10.64 -23.36 -10.99
N LYS L 363 11.78 -23.99 -10.82
CA LYS L 363 12.68 -24.31 -11.94
C LYS L 363 12.17 -25.49 -12.78
N THR L 364 12.39 -25.37 -14.08
CA THR L 364 11.95 -26.39 -15.04
C THR L 364 13.10 -27.31 -15.42
N VAL L 365 12.75 -28.58 -15.53
CA VAL L 365 13.70 -29.66 -15.81
C VAL L 365 13.26 -30.46 -17.02
N GLU L 366 14.10 -30.46 -18.04
CA GLU L 366 13.92 -31.29 -19.22
C GLU L 366 14.48 -32.70 -18.91
N VAL L 367 13.61 -33.69 -19.00
CA VAL L 367 14.00 -35.07 -18.69
C VAL L 367 14.66 -35.69 -19.92
N ILE L 368 15.96 -35.83 -19.86
CA ILE L 368 16.76 -36.50 -20.88
C ILE L 368 16.72 -38.02 -20.71
N ASN L 369 16.74 -38.44 -19.46
CA ASN L 369 16.79 -39.86 -19.09
C ASN L 369 16.03 -40.10 -17.77
N THR L 370 14.98 -40.90 -17.86
CA THR L 370 14.07 -41.17 -16.73
C THR L 370 14.70 -42.00 -15.63
N ASP L 371 15.84 -42.60 -15.92
CA ASP L 371 16.57 -43.41 -14.96
C ASP L 371 17.48 -42.62 -14.02
N ALA L 372 17.59 -41.32 -14.32
CA ALA L 372 18.19 -40.29 -13.43
C ALA L 372 17.09 -39.59 -12.64
N GLU L 373 16.36 -40.42 -11.92
CA GLU L 373 15.12 -40.07 -11.19
C GLU L 373 15.39 -39.57 -9.78
N GLY L 374 16.48 -40.03 -9.21
CA GLY L 374 16.82 -39.73 -7.82
C GLY L 374 17.10 -38.25 -7.55
N ARG L 375 17.89 -37.66 -8.43
CA ARG L 375 18.21 -36.22 -8.31
C ARG L 375 16.93 -35.38 -8.41
N ILE L 376 15.97 -35.86 -9.18
CA ILE L 376 14.70 -35.15 -9.35
C ILE L 376 13.86 -35.20 -8.05
N VAL L 377 13.68 -36.38 -7.47
CA VAL L 377 12.86 -36.49 -6.25
C VAL L 377 13.54 -35.75 -5.09
N LEU L 378 14.86 -35.83 -5.05
CA LEU L 378 15.67 -35.09 -4.06
C LEU L 378 15.58 -33.57 -4.21
N GLY L 379 15.46 -33.12 -5.45
CA GLY L 379 15.32 -31.67 -5.75
C GLY L 379 14.09 -31.11 -5.06
N ASP L 380 13.00 -31.84 -5.18
CA ASP L 380 11.76 -31.47 -4.47
C ASP L 380 11.91 -31.58 -2.93
N GLY L 381 12.58 -32.64 -2.52
CA GLY L 381 12.83 -32.89 -1.09
C GLY L 381 13.59 -31.76 -0.41
N VAL L 382 14.70 -31.36 -1.01
CA VAL L 382 15.56 -30.31 -0.40
C VAL L 382 14.90 -28.92 -0.46
N PHE L 383 14.09 -28.68 -1.48
CA PHE L 383 13.33 -27.42 -1.54
C PHE L 383 12.28 -27.41 -0.43
N HIS L 384 11.60 -28.54 -0.28
CA HIS L 384 10.65 -28.71 0.82
C HIS L 384 11.32 -28.39 2.20
N ALA L 385 12.46 -29.02 2.43
CA ALA L 385 13.19 -28.87 3.71
C ALA L 385 13.64 -27.44 3.96
N THR L 386 14.04 -26.77 2.90
CA THR L 386 14.65 -25.41 2.98
C THR L 386 13.67 -24.25 2.80
N ASN L 387 12.46 -24.54 2.35
CA ASN L 387 11.43 -23.52 2.10
C ASN L 387 10.11 -23.68 2.81
N GLU L 388 9.72 -24.90 3.10
CA GLU L 388 8.31 -25.20 3.49
C GLU L 388 8.07 -25.58 4.96
N LEU L 389 9.13 -25.70 5.72
CA LEU L 389 9.01 -26.06 7.14
C LEU L 389 8.85 -24.84 8.06
N SER L 390 8.54 -25.12 9.32
CA SER L 390 8.34 -24.07 10.36
C SER L 390 9.66 -23.46 10.85
N PHE L 391 10.76 -24.07 10.48
CA PHE L 391 12.09 -23.47 10.69
C PHE L 391 12.94 -23.58 9.42
N THR L 392 14.06 -22.87 9.44
CA THR L 392 15.06 -22.92 8.36
C THR L 392 16.25 -23.66 8.92
N PRO L 393 16.66 -24.75 8.27
CA PRO L 393 17.79 -25.48 8.80
C PRO L 393 19.13 -24.77 8.64
N ASP L 394 20.02 -25.09 9.55
CA ASP L 394 21.45 -24.65 9.49
C ASP L 394 22.25 -25.54 8.57
N VAL L 395 21.83 -26.80 8.52
CA VAL L 395 22.48 -27.85 7.72
C VAL L 395 21.43 -28.71 7.05
N VAL L 396 21.65 -28.97 5.77
CA VAL L 396 20.83 -29.94 5.01
C VAL L 396 21.73 -31.11 4.66
N ILE L 397 21.27 -32.30 5.04
CA ILE L 397 21.98 -33.54 4.68
C ILE L 397 21.07 -34.35 3.80
N ASP L 398 21.47 -34.57 2.56
CA ASP L 398 20.70 -35.53 1.74
C ASP L 398 21.50 -36.80 1.55
N MET L 399 20.82 -37.91 1.66
CA MET L 399 21.46 -39.20 1.50
C MET L 399 20.74 -39.98 0.42
N ALA L 400 21.51 -40.59 -0.46
CA ALA L 400 20.92 -41.23 -1.65
C ALA L 400 21.81 -42.25 -2.30
N THR L 401 21.20 -43.36 -2.70
CA THR L 401 21.86 -44.38 -3.56
C THR L 401 21.79 -43.87 -4.99
N LEU L 402 22.63 -42.91 -5.30
CA LEU L 402 22.36 -42.01 -6.43
C LEU L 402 22.96 -42.39 -7.78
N THR L 403 24.24 -42.73 -7.80
CA THR L 403 24.96 -42.95 -9.05
C THR L 403 25.84 -44.19 -9.03
N GLY L 404 25.95 -44.82 -10.21
CA GLY L 404 27.00 -45.81 -10.49
C GLY L 404 28.43 -45.24 -10.44
N ALA L 405 28.55 -43.97 -10.83
CA ALA L 405 29.81 -43.24 -10.75
C ALA L 405 30.42 -43.24 -9.32
N GLN L 406 29.57 -43.30 -8.32
CA GLN L 406 30.01 -43.35 -6.92
C GLN L 406 30.96 -44.53 -6.63
N GLY L 407 30.59 -45.70 -7.12
CA GLY L 407 31.43 -46.90 -6.94
C GLY L 407 32.78 -46.83 -7.65
N ILE L 408 32.74 -46.36 -8.87
CA ILE L 408 33.94 -46.09 -9.66
C ILE L 408 34.86 -45.06 -8.98
N ALA L 409 34.25 -44.03 -8.41
CA ALA L 409 34.99 -42.92 -7.79
C ALA L 409 35.59 -43.28 -6.41
N THR L 410 34.72 -43.62 -5.49
CA THR L 410 35.10 -43.81 -4.07
C THR L 410 34.95 -45.25 -3.54
N GLY L 411 34.37 -46.11 -4.35
CA GLY L 411 34.35 -47.54 -4.05
C GLY L 411 33.20 -48.05 -3.21
N ARG L 412 33.33 -49.29 -2.81
CA ARG L 412 32.24 -49.98 -2.10
C ARG L 412 32.08 -49.72 -0.62
N HIS L 413 33.11 -49.20 0.00
CA HIS L 413 33.10 -48.96 1.47
C HIS L 413 33.04 -47.51 1.86
N HIS L 414 33.20 -46.62 0.89
CA HIS L 414 33.24 -45.16 1.16
C HIS L 414 32.12 -44.46 0.40
N ALA L 415 31.18 -43.91 1.12
CA ALA L 415 30.17 -43.02 0.53
C ALA L 415 30.87 -41.74 0.00
N GLY L 416 30.40 -41.26 -1.14
CA GLY L 416 30.94 -40.03 -1.72
C GLY L 416 30.29 -38.81 -1.08
N LEU L 417 31.10 -37.83 -0.75
CA LEU L 417 30.61 -36.55 -0.17
C LEU L 417 30.80 -35.34 -1.09
N TYR L 418 29.70 -34.70 -1.41
CA TYR L 418 29.68 -33.49 -2.19
C TYR L 418 29.15 -32.40 -1.28
N VAL L 419 30.01 -31.47 -0.90
CA VAL L 419 29.72 -30.54 0.23
C VAL L 419 30.14 -29.11 -0.09
N ASN L 420 29.24 -28.18 0.18
CA ASN L 420 29.49 -26.74 -0.16
C ASN L 420 30.41 -25.98 0.82
N GLU L 421 30.71 -26.58 1.96
CA GLU L 421 31.63 -25.98 2.96
C GLU L 421 32.69 -26.96 3.43
N GLU L 422 33.94 -26.50 3.51
CA GLU L 422 35.07 -27.34 3.98
C GLU L 422 34.79 -27.89 5.37
N GLY L 423 34.25 -27.06 6.25
CA GLY L 423 34.06 -27.40 7.69
C GLY L 423 33.09 -28.55 7.92
N ALA L 424 31.96 -28.46 7.24
CA ALA L 424 30.89 -29.49 7.33
C ALA L 424 31.36 -30.80 6.73
N GLU L 425 32.16 -30.68 5.69
CA GLU L 425 32.78 -31.85 5.04
C GLU L 425 33.74 -32.58 5.98
N ALA L 426 34.65 -31.83 6.55
CA ALA L 426 35.66 -32.38 7.52
C ALA L 426 34.98 -33.08 8.71
N ALA L 427 33.92 -32.47 9.19
CA ALA L 427 33.13 -33.03 10.31
C ALA L 427 32.42 -34.36 9.92
N MET L 428 31.86 -34.41 8.73
CA MET L 428 31.20 -35.66 8.24
C MET L 428 32.23 -36.77 7.99
N LEU L 429 33.39 -36.38 7.44
CA LEU L 429 34.55 -37.33 7.30
C LEU L 429 34.99 -37.91 8.65
N ARG L 430 35.13 -37.04 9.63
CA ARG L 430 35.51 -37.45 11.03
C ARG L 430 34.44 -38.43 11.58
N ALA L 431 33.20 -38.09 11.38
CA ALA L 431 32.07 -38.94 11.84
C ALA L 431 32.05 -40.34 11.15
N GLY L 432 32.43 -40.37 9.89
CA GLY L 432 32.64 -41.63 9.17
C GLY L 432 33.77 -42.49 9.69
N ARG L 433 34.89 -41.85 10.01
CA ARG L 433 36.10 -42.54 10.53
C ARG L 433 35.88 -43.05 12.01
N GLU L 434 35.07 -42.33 12.76
CA GLU L 434 34.72 -42.73 14.17
C GLU L 434 33.67 -43.82 14.19
N SER L 435 32.68 -43.68 13.32
CA SER L 435 31.52 -44.62 13.26
C SER L 435 31.87 -45.91 12.54
N GLY L 436 32.89 -45.88 11.71
CA GLY L 436 33.18 -47.00 10.77
C GLY L 436 32.42 -46.92 9.42
N GLU L 437 31.44 -46.05 9.34
CA GLU L 437 30.64 -45.82 8.13
C GLU L 437 31.30 -44.74 7.31
N THR L 438 32.40 -45.14 6.72
CA THR L 438 33.37 -44.24 6.12
C THR L 438 32.87 -43.54 4.85
N CYS L 439 33.41 -42.35 4.67
CA CYS L 439 33.09 -41.46 3.57
C CYS L 439 34.37 -40.95 2.89
N PHE L 440 34.22 -40.40 1.71
CA PHE L 440 35.34 -39.74 1.04
C PHE L 440 34.80 -38.63 0.13
N PRO L 441 35.50 -37.48 0.06
CA PRO L 441 34.94 -36.40 -0.75
C PRO L 441 35.05 -36.63 -2.24
N VAL L 442 34.05 -36.13 -2.94
CA VAL L 442 34.15 -35.94 -4.38
C VAL L 442 34.26 -34.45 -4.71
N LEU L 443 34.76 -34.18 -5.90
CA LEU L 443 35.00 -32.81 -6.38
C LEU L 443 33.77 -31.91 -6.17
N TYR L 444 33.98 -30.80 -5.47
CA TYR L 444 33.01 -29.69 -5.40
C TYR L 444 33.53 -28.53 -6.28
N CYS L 445 32.86 -28.30 -7.38
CA CYS L 445 33.25 -27.26 -8.36
C CYS L 445 32.06 -26.88 -9.26
N PRO L 446 31.05 -26.22 -8.68
CA PRO L 446 29.81 -25.88 -9.37
C PRO L 446 29.99 -25.20 -10.73
N GLU L 447 30.98 -24.33 -10.84
CA GLU L 447 31.27 -23.66 -12.12
C GLU L 447 31.54 -24.67 -13.27
N TYR L 448 32.12 -25.81 -12.94
CA TYR L 448 32.37 -26.86 -13.95
C TYR L 448 31.24 -27.86 -14.13
N HIS L 449 30.37 -27.96 -13.13
CA HIS L 449 29.20 -28.87 -13.20
C HIS L 449 28.04 -28.27 -13.94
N GLU L 450 27.85 -27.00 -13.72
CA GLU L 450 26.70 -26.23 -14.26
C GLU L 450 26.47 -26.36 -15.81
N PRO L 451 27.54 -26.29 -16.63
CA PRO L 451 27.36 -26.35 -18.09
C PRO L 451 26.93 -27.73 -18.62
N GLU L 452 27.08 -28.77 -17.81
CA GLU L 452 26.66 -30.10 -18.20
C GLU L 452 25.15 -30.26 -18.30
N PHE L 453 24.42 -29.33 -17.71
CA PHE L 453 22.96 -29.43 -17.64
C PHE L 453 22.21 -28.44 -18.53
N LYS L 454 22.90 -27.88 -19.49
CA LYS L 454 22.28 -26.84 -20.38
C LYS L 454 21.17 -27.45 -21.20
N SER L 455 20.06 -26.75 -21.24
CA SER L 455 18.85 -27.16 -22.00
C SER L 455 18.38 -26.06 -22.99
N ASN L 456 17.86 -26.51 -24.11
CA ASN L 456 17.29 -25.62 -25.12
C ASN L 456 16.02 -24.91 -24.66
N HIS L 457 15.15 -25.65 -23.99
CA HIS L 457 13.79 -25.16 -23.68
C HIS L 457 13.42 -25.03 -22.21
N ALA L 458 14.15 -25.72 -21.36
CA ALA L 458 13.90 -25.65 -19.90
C ALA L 458 15.08 -25.01 -19.20
N ASP L 459 14.94 -24.73 -17.92
CA ASP L 459 16.06 -24.14 -17.13
C ASP L 459 17.26 -25.04 -17.08
N MET L 460 16.99 -26.34 -17.05
CA MET L 460 18.05 -27.37 -17.01
C MET L 460 17.56 -28.73 -17.53
N THR L 461 18.51 -29.59 -17.87
CA THR L 461 18.25 -31.01 -18.06
C THR L 461 18.47 -31.73 -16.72
N ASN L 462 18.13 -33.03 -16.70
CA ASN L 462 18.44 -33.92 -15.57
C ASN L 462 19.60 -34.87 -15.78
N LEU L 463 20.37 -34.64 -16.84
CA LEU L 463 21.48 -35.55 -17.17
C LEU L 463 22.63 -34.81 -17.78
N MET L 464 23.82 -35.16 -17.35
CA MET L 464 25.03 -34.54 -17.86
C MET L 464 25.14 -34.89 -19.36
N GLU L 465 25.49 -33.88 -20.11
CA GLU L 465 25.82 -33.99 -21.52
C GLU L 465 27.01 -34.95 -21.75
N ARG L 466 28.03 -34.78 -20.93
CA ARG L 466 29.25 -35.60 -20.96
C ARG L 466 29.35 -36.37 -19.64
N ARG L 467 29.10 -37.68 -19.72
CA ARG L 467 29.01 -38.57 -18.55
C ARG L 467 30.36 -38.67 -17.81
N ASP L 468 31.43 -38.41 -18.53
CA ASP L 468 32.81 -38.52 -17.97
C ASP L 468 33.39 -37.19 -17.42
N ASN L 469 32.55 -36.41 -16.74
CA ASN L 469 32.91 -35.11 -16.17
C ASN L 469 32.43 -34.93 -14.73
N ALA L 470 32.92 -35.81 -13.88
CA ALA L 470 32.65 -35.78 -12.42
C ALA L 470 31.20 -36.14 -12.16
N GLY L 471 30.89 -37.41 -12.35
CA GLY L 471 29.51 -37.93 -12.30
C GLY L 471 28.86 -37.99 -10.95
N VAL L 472 29.66 -38.14 -9.90
CA VAL L 472 29.10 -38.05 -8.53
C VAL L 472 28.77 -36.60 -8.19
N SER L 473 29.68 -35.73 -8.56
CA SER L 473 29.58 -34.29 -8.27
C SER L 473 28.44 -33.58 -9.00
N CYS L 474 28.29 -33.92 -10.27
CA CYS L 474 27.21 -33.30 -11.11
C CYS L 474 25.80 -33.63 -10.62
N ALA L 475 25.59 -34.85 -10.14
CA ALA L 475 24.29 -35.22 -9.57
C ALA L 475 24.01 -34.46 -8.28
N GLY L 476 25.05 -34.31 -7.49
CA GLY L 476 24.99 -33.40 -6.32
C GLY L 476 24.64 -31.97 -6.72
N TYR L 477 25.36 -31.46 -7.72
CA TYR L 477 25.12 -30.08 -8.20
C TYR L 477 23.64 -29.88 -8.55
N PHE L 478 23.08 -30.85 -9.27
CA PHE L 478 21.67 -30.75 -9.77
C PHE L 478 20.73 -30.51 -8.61
N ILE L 479 20.94 -31.28 -7.57
CA ILE L 479 20.14 -31.16 -6.34
C ILE L 479 20.25 -29.75 -5.73
N THR L 480 21.45 -29.21 -5.72
CA THR L 480 21.68 -27.86 -5.10
C THR L 480 20.95 -26.73 -5.83
N THR L 481 20.70 -26.91 -7.13
CA THR L 481 19.96 -25.90 -7.90
C THR L 481 18.52 -25.72 -7.42
N HIS L 482 18.02 -26.70 -6.67
CA HIS L 482 16.66 -26.66 -6.07
C HIS L 482 16.60 -26.35 -4.56
N LEU L 483 17.73 -26.02 -3.98
CA LEU L 483 17.75 -25.40 -2.63
C LEU L 483 17.04 -24.06 -2.67
N SER L 484 16.20 -23.81 -1.68
CA SER L 484 15.58 -22.47 -1.50
C SER L 484 16.67 -21.38 -1.36
N PRO L 485 16.46 -20.21 -1.99
CA PRO L 485 17.26 -19.01 -1.68
C PRO L 485 17.27 -18.53 -0.22
N LYS L 486 16.21 -18.85 0.51
CA LYS L 486 16.14 -18.64 1.98
C LYS L 486 17.27 -19.35 2.75
N PHE L 487 17.84 -20.38 2.12
CA PHE L 487 18.85 -21.23 2.78
C PHE L 487 20.25 -20.72 2.47
N THR L 488 21.01 -20.49 3.54
CA THR L 488 22.39 -19.99 3.42
C THR L 488 23.42 -20.84 4.16
N GLY L 489 23.01 -22.03 4.57
CA GLY L 489 23.85 -22.88 5.44
C GLY L 489 24.62 -23.96 4.69
N ALA L 490 25.07 -24.95 5.47
CA ALA L 490 25.87 -26.05 4.92
C ALA L 490 25.01 -27.13 4.27
N HIS L 491 25.42 -27.56 3.11
CA HIS L 491 24.70 -28.67 2.37
C HIS L 491 25.62 -29.84 2.13
N ILE L 492 25.25 -30.96 2.73
CA ILE L 492 26.05 -32.19 2.65
C ILE L 492 25.28 -33.23 1.83
N HIS L 493 25.80 -33.51 0.65
CA HIS L 493 25.25 -34.59 -0.20
C HIS L 493 26.06 -35.87 -0.02
N VAL L 494 25.37 -36.92 0.36
CA VAL L 494 25.99 -38.23 0.62
C VAL L 494 25.49 -39.24 -0.41
N ASP L 495 26.39 -39.63 -1.28
CA ASP L 495 26.08 -40.67 -2.30
C ASP L 495 26.56 -42.03 -1.74
N LEU L 496 25.61 -42.85 -1.35
CA LEU L 496 25.91 -44.15 -0.73
C LEU L 496 25.39 -45.34 -1.57
N ALA L 497 25.50 -45.20 -2.87
CA ALA L 497 24.99 -46.23 -3.83
C ALA L 497 25.50 -47.63 -3.49
N TYR L 498 26.79 -47.75 -3.31
CA TYR L 498 27.43 -49.05 -3.02
C TYR L 498 27.59 -49.43 -1.53
N PRO L 499 27.88 -48.47 -0.64
CA PRO L 499 28.10 -48.85 0.76
C PRO L 499 26.88 -49.41 1.50
N VAL L 500 25.69 -49.20 0.94
CA VAL L 500 24.45 -49.75 1.52
C VAL L 500 24.24 -51.27 1.34
N PHE L 501 25.10 -51.92 0.58
CA PHE L 501 24.98 -53.36 0.39
C PHE L 501 26.32 -54.06 0.19
N ASN L 502 26.32 -55.34 0.44
CA ASN L 502 27.42 -56.21 0.03
C ASN L 502 26.81 -57.51 -0.52
N SER L 503 27.63 -58.53 -0.74
CA SER L 503 27.16 -59.79 -1.37
C SER L 503 26.17 -60.57 -0.50
N ASN L 504 26.14 -60.27 0.80
CA ASN L 504 25.09 -60.82 1.70
C ASN L 504 23.79 -60.01 1.80
N GLY L 505 23.74 -58.87 1.15
CA GLY L 505 22.58 -57.99 1.23
C GLY L 505 22.88 -56.67 1.91
N ALA L 506 21.85 -56.06 2.46
CA ALA L 506 21.99 -54.72 3.04
C ALA L 506 23.01 -54.69 4.19
N THR L 507 23.71 -53.58 4.29
CA THR L 507 24.67 -53.33 5.37
C THR L 507 24.13 -52.49 6.53
N GLY L 508 23.03 -51.81 6.31
CA GLY L 508 22.51 -50.79 7.26
C GLY L 508 23.39 -49.54 7.42
N PHE L 509 24.14 -49.23 6.39
CA PHE L 509 25.07 -48.11 6.36
C PHE L 509 24.27 -46.83 6.36
N GLY L 510 24.66 -45.92 7.24
CA GLY L 510 24.13 -44.52 7.24
C GLY L 510 23.67 -43.97 8.58
N PRO L 511 22.83 -44.75 9.30
CA PRO L 511 22.29 -44.26 10.56
C PRO L 511 23.36 -43.95 11.62
N ALA L 512 24.32 -44.83 11.77
CA ALA L 512 25.39 -44.61 12.75
C ALA L 512 26.26 -43.41 12.39
N LEU L 513 26.49 -43.27 11.10
CA LEU L 513 27.23 -42.10 10.58
C LEU L 513 26.56 -40.83 11.10
N LEU L 514 25.26 -40.78 10.94
CA LEU L 514 24.47 -39.62 11.35
C LEU L 514 24.53 -39.38 12.85
N THR L 515 24.34 -40.46 13.59
CA THR L 515 24.36 -40.40 15.07
C THR L 515 25.68 -39.78 15.54
N GLU L 516 26.77 -40.30 15.01
CA GLU L 516 28.10 -39.78 15.32
C GLU L 516 28.28 -38.30 14.90
N TYR L 517 27.78 -37.97 13.73
CA TYR L 517 27.83 -36.57 13.27
C TYR L 517 27.09 -35.62 14.22
N PHE L 518 25.87 -36.00 14.58
CA PHE L 518 25.02 -35.23 15.52
C PHE L 518 25.66 -35.06 16.91
N ARG L 519 26.27 -36.14 17.36
CA ARG L 519 26.99 -36.22 18.64
C ARG L 519 28.07 -35.15 18.79
N LYS L 520 28.72 -34.82 17.68
CA LYS L 520 29.87 -33.87 17.67
C LYS L 520 29.54 -32.45 17.25
N LEU L 521 28.27 -32.15 17.10
CA LEU L 521 27.86 -30.83 16.60
C LEU L 521 28.15 -29.71 17.62
C BCT M . -35.79 -63.65 16.24
O1 BCT M . -34.63 -63.34 16.66
O2 BCT M . -35.97 -64.42 15.28
O3 BCT M . -36.89 -63.17 16.79
MN MN N . -33.65 -59.40 17.93
MN MN O . -32.29 -61.70 19.46
C BCT P . -25.35 -37.75 31.51
O1 BCT P . -24.72 -38.55 32.20
O2 BCT P . -24.95 -37.36 30.39
O3 BCT P . -26.48 -37.31 32.03
MN MN Q . -26.66 -38.05 26.64
MN MN R . -25.01 -35.40 27.01
C BCT S . -1.39 68.31 8.09
O1 BCT S . -1.14 68.12 9.32
O2 BCT S . -2.42 68.77 7.60
O3 BCT S . -0.47 67.95 7.23
MN MN T . 0.16 64.73 11.00
MN MN U . 0.96 67.43 12.31
C BCT V . -36.54 -35.34 1.75
O1 BCT V . -36.01 -34.25 1.49
O2 BCT V . -36.04 -36.48 1.50
O3 BCT V . -37.72 -35.26 2.33
MN MN W . -35.60 -39.63 4.34
MN MN X . -35.77 -40.43 1.35
C BCT Y . 14.16 47.18 25.52
O1 BCT Y . 14.77 47.94 26.31
O2 BCT Y . 13.04 46.70 25.74
O3 BCT Y . 14.70 46.87 24.35
MN MN Z . 10.01 46.39 22.99
MN MN AA . 10.21 44.08 25.04
C BCT BA . -9.97 37.74 7.29
O1 BCT BA . -10.42 38.90 7.44
O2 BCT BA . -10.34 36.79 7.95
O3 BCT BA . -9.03 37.44 6.43
MN MN CA . -8.65 42.52 8.09
MN MN DA . -11.53 42.69 7.01
C BCT EA . 30.17 38.10 3.69
O1 BCT EA . 30.81 39.00 3.09
O2 BCT EA . 30.41 36.89 3.65
O3 BCT EA . 29.17 38.46 4.45
MN MN FA . 28.57 41.92 0.73
MN MN GA . 31.47 42.65 1.65
C BCT HA . 20.10 64.86 -10.28
O1 BCT HA . 21.06 65.62 -10.14
O2 BCT HA . 19.93 64.12 -11.29
O3 BCT HA . 19.22 64.80 -9.27
MN MN IA . 18.75 60.15 -11.38
MN MN JA . 17.89 61.98 -13.84
C BCT KA . 5.60 37.24 -16.62
O1 BCT KA . 5.07 37.43 -15.42
O2 BCT KA . 6.66 36.62 -16.67
O3 BCT KA . 5.05 37.70 -17.62
MN MN LA . 9.98 37.83 -14.07
MN MN MA . 9.86 34.87 -14.86
C BCT NA . 11.55 -70.02 -18.18
O1 BCT NA . 12.69 -69.84 -18.80
O2 BCT NA . 10.49 -69.51 -18.69
O3 BCT NA . 11.58 -70.67 -17.12
MN MN OA . 10.61 -65.84 -20.75
MN MN PA . 8.71 -68.07 -21.81
C BCT QA . 7.47 -46.47 -39.01
O1 BCT QA . 7.14 -45.76 -37.99
O2 BCT QA . 6.66 -47.07 -39.75
O3 BCT QA . 8.74 -46.64 -39.34
MN MN RA . 8.75 -45.98 -34.13
MN MN SA . 7.76 -43.15 -35.08
C BCT TA . 19.64 -40.30 -10.30
O1 BCT TA . 19.47 -39.08 -10.27
O2 BCT TA . 18.75 -41.10 -9.93
O3 BCT TA . 20.80 -40.75 -10.75
MN MN UA . 17.65 -44.65 -11.84
MN MN VA . 17.75 -44.73 -8.67
#